data_7LIV
#
_entry.id   7LIV
#
_cell.length_a   1.00
_cell.length_b   1.00
_cell.length_c   1.00
_cell.angle_alpha   90.00
_cell.angle_beta   90.00
_cell.angle_gamma   90.00
#
_symmetry.space_group_name_H-M   'P 1'
#
loop_
_entity.id
_entity.type
_entity.pdbx_description
1 polymer 'Major capsid protein'
2 polymer 'Tegument protein pp150'
3 polymer 'Small capsomere-interacting protein'
4 polymer 'Triplex capsid protein 1'
5 polymer 'Triplex capsid protein 2'
#
loop_
_entity_poly.entity_id
_entity_poly.type
_entity_poly.pdbx_seq_one_letter_code
_entity_poly.pdbx_strand_id
1 'polypeptide(L)'
;MENWSALELLPKVGIPTDFLTHVKTSAGEEMFEALRIYYGDDPERYNIHFEAIFGTFCNRLEWVYFLTSGLAAAAHAIKF
HDLNKLTTGKMLFHVQVPRVASGAGLPTSRQTTIMVTKYSEKSPITIPFELSAACLTYLRETFEGTILDKILNVEAMHTV
LRALKNTADAMERGLIHSFLQTLLRKAPPYFVVQTLVENATLARQALNRIQRSNILQSFKAKMLATLFLLNRTRDRDYVL
KFLTRLAEAATDSILDNPTTYTTSSGAKISGVMVSTANVMQIIMSLLSSHITKETVSAPATYGNFVLSPENAVTAISYHS
ILADFNSYKAHLTSGQPHLPNDSLSQAGAHSLTPLSMDVIRLGEKTVIMENLRRVYKNTDTKDPLERNVDLTFFFPVGLY
LPEDRGYTTVESKVKLNDTVRNALPTTAYLLNRDRAVQKIDFVDALKTLCHPVLHEPAPCLQTFTERGPPSEPAMQRLLE
CRFQQEPMGGAARRIPHFYRVRREVPRTVNEMKQDFVVTDFYKVGNITLYTELHPFFDFTHCQENSETVALCTPRIVIGN
LPDGLAPGPFHELRTWEIMEHMRLRPPPDYEETLRLFKTTVTSPNYPELCYLVDVLVHGNVDAFLLIRTFVARCIVNMFH
TRQLLVFAHSYALVTLIAEHLADGALPPQLLFHYRNLVAVLRLVTRISALPGLNNGQLAEEPLSAYVNALHDHRLWPPFV
THLPRNMEGVQVVADRQPLNPANIEARHHGVSDVPRLGAMDADEPLFVDDYRATDDEWTLQKVFYLCLMPAMTNNRACGL
GLNLKTLLVDLFYRPAFLLMPAATAVSTSGTTSKESTSGVTPEDSIAAQRQAVGEMLTELVEDVATDAHTPLLQACRELF
LAVQFVGEHVKVLEVRAPLDHAQRQGLPDFISRQHVLYNGCCVVTAPKTLIEYSLPVPFHRFYSNPTICAALSDDIKRYV
TEFPHYHRHDGGFPLPTAFAHEYHNWLRSPFSRYSATCPNVLHSVMTLAAMLYKISPVSLVLQTKAHIHPGFALTAVRTD
TFEVDMLLYSGKSCTSVIINNPIVTKEERDISTTYHVTQNINTVDMGLGYTSNTCVAYVNRVRTDMGVRVQDLFRVFPMN
VYRHDEVDRWIRHAAGVERPQLLDTETISMLTFGSMSERNAAATVHGQKAACELILTPVTMDVNYFKIPNNPRGRASCML
AVDPYDTEAATKAIYDHREADAQTFAATHNPWASQAGCLSDVLYNTRHRERLGYNSKFYSPCAQYFNTEEIIAANKTLFK
TIDEYLLRAKDCIRGDTDTQYVCVEGTEQLIENPCRLTQEALPILSTTTLALMETKLKGGAGAFATSETHFGNYVVGEII
PLQQSMLFNS
;
J,A,C
2 'polypeptide(L)'
;MSLQFIGLQRRDVVALVNFLRHLTQKPDVDLEAHPKILKKCGEKRLHRRTVLFNELMLWLGYYRELRFHNPDLSSVLEEF
EVRCVAVARRGYTYPFGDRGKARDHLAVLDRTEFDTDVRHDAEIVERALVSAVILAKMSVRETLVTAIGQTEPIAFVHLK
DTEVQRIEENLEGVRRNMFCVKPLDLNLDRHANTALVNAVNKLVYTGRLIMNVRRSWEELERKCLARIQERCKLLVKELR
MCLSFDSNYCRNILKHAVENGDSADTLLELLIEDFDIYVDSFPQS
;
5,6,4
3 'polypeptide(L)' MSNTAPGPTVANKRDEKHRHVVNVVLELPTEISEATHPVLATMLSKYTRMSSLFNDKCAFKLDLLRMVAVSRTRR Z,D,E
4 'polypeptide(L)'
;MDARAVAKRPRDPADEDNELVTALKAKREVNTISVRYLYHADHQALTARFFVPEGLVEFEAQPGALLIRMETGCDSPRHL
YISLYLLGIRASNVSASTRCLLESVYTASAARAALQWLDLGPHLLHRRLETLGCVKTVSLGITSLLTCVMRGYLYNTLKT
EVFALMIPKDMYLTWEETRGRLQYVYLIIVYDYDGPETRPGIYVLTSSIAHWQTLVDVARGKFARERCSFVNRRITRPRQ
IPLCTGVIQKLGWCLADDIHTSFLVHKELKLSVVRLDNFSVELGDFREFV
;
p
5 'polypeptide(L)'
;MAAMEANIFCTFDHKLSIADVGKLTKLVAAVVPIPQRLHLIKHYQLGLHQFVDHTRGYVRLRGLLRNMTLTLMRRVEGNQ
ILLHVPTHGLLYTVLNTGPVTWEKGDALCVLPPLFHGPLARENLLTLGQWELVLPWIVPMPLALEINQRLLIMGLFSLDR
SYEEVKAAVQQLQTITFRDATFTIPDPVIDQHLLIDMKTACLSMSMVANLASELTMTYVRKLALEDSSMLLVKCQELLMR
LDRERSVGEPRTPARPQHVSPDDEIARLSALFVMLRQLDDLIREQVVFTVCDVSPDNKSATCIFKG
;
q,r
#
# COMPACT_ATOMS: atom_id res chain seq x y z
N MET A 1 57.66 -13.49 21.64
CA MET A 1 57.92 -12.70 22.83
C MET A 1 59.19 -11.89 22.66
N GLU A 2 59.87 -11.61 23.76
CA GLU A 2 61.05 -10.74 23.77
C GLU A 2 62.30 -11.60 23.75
N ASN A 3 63.04 -11.52 22.65
CA ASN A 3 64.27 -12.30 22.48
C ASN A 3 65.30 -11.91 23.52
N TRP A 4 65.47 -12.78 24.51
CA TRP A 4 66.56 -12.61 25.47
C TRP A 4 67.78 -13.26 24.88
N SER A 5 68.86 -13.34 25.65
CA SER A 5 70.10 -14.00 25.24
C SER A 5 70.80 -13.19 24.16
N ALA A 6 70.11 -12.26 23.54
CA ALA A 6 70.81 -11.18 22.86
C ALA A 6 71.23 -10.13 23.86
N LEU A 7 70.54 -10.10 25.00
CA LEU A 7 70.91 -9.21 26.08
C LEU A 7 72.11 -9.71 26.87
N GLU A 8 72.30 -11.03 26.94
CA GLU A 8 73.40 -11.58 27.71
C GLU A 8 74.70 -11.66 26.92
N LEU A 9 74.69 -11.30 25.64
CA LEU A 9 75.90 -11.28 24.85
C LEU A 9 76.27 -9.89 24.38
N LEU A 10 75.31 -9.12 23.90
CA LEU A 10 75.60 -7.79 23.37
C LEU A 10 76.06 -6.90 24.51
N PRO A 11 77.31 -6.45 24.51
CA PRO A 11 77.86 -5.73 25.66
C PRO A 11 76.98 -4.57 26.09
N LYS A 12 76.43 -4.66 27.29
CA LYS A 12 75.50 -3.66 27.80
C LYS A 12 76.23 -2.60 28.60
N VAL A 13 75.64 -1.39 28.66
CA VAL A 13 76.36 -0.22 29.15
C VAL A 13 76.79 -0.40 30.60
N GLY A 14 75.87 -0.80 31.48
CA GLY A 14 76.20 -0.95 32.88
C GLY A 14 75.96 0.33 33.65
N ILE A 15 75.06 0.31 34.62
CA ILE A 15 74.71 1.52 35.36
C ILE A 15 74.30 1.16 36.78
N PRO A 16 74.76 1.89 37.80
CA PRO A 16 74.22 1.69 39.15
C PRO A 16 72.70 1.79 39.19
N THR A 17 72.05 0.69 39.52
CA THR A 17 70.61 0.59 39.52
C THR A 17 70.03 1.10 40.83
N ASP A 18 68.71 1.28 40.84
CA ASP A 18 68.00 1.67 42.05
C ASP A 18 66.55 1.27 41.93
N PHE A 19 66.10 0.39 42.82
CA PHE A 19 64.68 0.08 42.96
C PHE A 19 64.41 -0.13 44.45
N LEU A 20 63.47 0.63 45.00
CA LEU A 20 63.12 0.43 46.41
C LEU A 20 62.67 -1.02 46.55
N THR A 21 62.77 -1.56 47.77
CA THR A 21 62.37 -2.94 48.04
C THR A 21 63.01 -3.97 47.09
N HIS A 22 64.30 -3.84 46.87
CA HIS A 22 65.10 -4.75 46.03
C HIS A 22 64.64 -4.96 44.57
N VAL A 23 65.15 -6.05 43.99
CA VAL A 23 64.87 -6.44 42.60
C VAL A 23 63.85 -7.55 42.48
N LYS A 24 63.96 -8.59 43.31
CA LYS A 24 63.11 -9.75 43.09
C LYS A 24 61.65 -9.44 43.35
N THR A 25 61.34 -8.54 44.28
CA THR A 25 59.94 -8.24 44.53
C THR A 25 59.29 -7.47 43.39
N SER A 26 59.95 -6.44 42.86
CA SER A 26 59.38 -5.74 41.72
C SER A 26 59.47 -6.56 40.43
N ALA A 27 60.33 -7.56 40.39
CA ALA A 27 60.28 -8.55 39.32
C ALA A 27 59.28 -9.65 39.61
N GLY A 28 58.68 -9.64 40.79
CA GLY A 28 57.64 -10.57 41.14
C GLY A 28 56.28 -9.89 41.13
N GLU A 29 56.24 -8.62 41.49
CA GLU A 29 55.01 -7.85 41.43
C GLU A 29 54.78 -7.20 40.07
N GLU A 30 55.47 -7.66 39.05
CA GLU A 30 55.29 -7.22 37.67
C GLU A 30 55.36 -5.69 37.58
N MET A 31 56.53 -5.16 37.91
CA MET A 31 56.77 -3.74 37.73
C MET A 31 57.08 -3.42 36.28
N PHE A 32 57.69 -4.35 35.57
CA PHE A 32 58.10 -4.17 34.19
C PHE A 32 57.23 -5.02 33.29
N GLU A 33 57.11 -4.60 32.03
CA GLU A 33 56.24 -5.30 31.10
C GLU A 33 56.66 -6.75 30.92
N ALA A 34 57.88 -6.97 30.44
CA ALA A 34 58.42 -8.30 30.21
C ALA A 34 59.57 -8.57 31.15
N LEU A 35 59.72 -9.83 31.57
CA LEU A 35 60.79 -10.18 32.49
C LEU A 35 61.00 -11.68 32.50
N ARG A 36 62.17 -12.10 33.00
CA ARG A 36 62.53 -13.50 33.08
C ARG A 36 63.70 -13.67 34.04
N ILE A 37 63.58 -14.59 34.97
CA ILE A 37 64.65 -14.88 35.92
C ILE A 37 65.02 -16.35 35.82
N TYR A 38 66.31 -16.64 35.81
CA TYR A 38 66.82 -18.00 35.77
C TYR A 38 67.87 -18.18 36.84
N TYR A 39 67.97 -19.39 37.40
CA TYR A 39 68.76 -19.57 38.61
C TYR A 39 70.15 -20.15 38.35
N GLY A 40 70.27 -21.16 37.53
CA GLY A 40 71.57 -21.79 37.45
C GLY A 40 72.43 -21.03 36.47
N ASP A 41 72.78 -21.67 35.37
CA ASP A 41 73.35 -20.95 34.25
C ASP A 41 72.79 -21.55 32.97
N ASP A 42 71.74 -20.93 32.46
CA ASP A 42 71.08 -21.36 31.24
C ASP A 42 72.07 -21.40 30.09
N PRO A 43 72.23 -22.53 29.43
CA PRO A 43 73.13 -22.55 28.28
C PRO A 43 72.46 -21.93 27.08
N GLU A 44 71.31 -21.31 27.34
CA GLU A 44 70.57 -20.62 26.29
C GLU A 44 71.36 -19.45 25.72
N ARG A 45 72.20 -18.80 26.53
CA ARG A 45 73.03 -17.73 26.00
C ARG A 45 74.11 -18.27 25.08
N TYR A 46 74.55 -19.51 25.31
CA TYR A 46 75.69 -20.04 24.58
C TYR A 46 75.30 -20.56 23.21
N ASN A 47 74.05 -21.01 23.05
CA ASN A 47 73.60 -21.45 21.74
C ASN A 47 73.36 -20.25 20.85
N ILE A 48 73.97 -20.26 19.66
CA ILE A 48 73.76 -19.16 18.73
C ILE A 48 73.31 -19.72 17.39
N HIS A 49 72.01 -19.80 17.17
CA HIS A 49 71.53 -20.17 15.85
C HIS A 49 71.27 -18.94 15.03
N PHE A 50 71.47 -19.06 13.72
CA PHE A 50 71.15 -18.02 12.76
C PHE A 50 70.62 -18.68 11.51
N GLU A 51 69.72 -18.00 10.83
CA GLU A 51 69.12 -18.52 9.61
C GLU A 51 69.64 -17.71 8.43
N ALA A 52 70.41 -18.34 7.57
CA ALA A 52 71.23 -17.62 6.62
C ALA A 52 70.45 -17.38 5.35
N ILE A 53 70.41 -16.13 4.90
CA ILE A 53 69.81 -15.76 3.64
C ILE A 53 70.94 -15.53 2.65
N PHE A 54 71.08 -16.44 1.70
CA PHE A 54 71.99 -16.22 0.60
C PHE A 54 71.39 -15.17 -0.34
N GLY A 55 72.14 -14.81 -1.37
CA GLY A 55 71.84 -13.59 -2.11
C GLY A 55 70.44 -13.60 -2.71
N THR A 56 69.83 -12.42 -2.75
CA THR A 56 68.57 -12.21 -3.45
C THR A 56 68.82 -12.18 -4.96
N PHE A 57 67.82 -12.62 -5.73
CA PHE A 57 67.98 -12.80 -7.16
C PHE A 57 66.84 -12.13 -7.91
N CYS A 58 67.17 -11.45 -9.00
CA CYS A 58 66.19 -10.77 -9.84
C CYS A 58 66.24 -11.31 -11.26
N ASN A 59 65.08 -11.37 -11.90
CA ASN A 59 65.00 -11.71 -13.32
C ASN A 59 65.50 -10.57 -14.17
N ARG A 60 66.26 -10.90 -15.21
CA ARG A 60 66.81 -9.92 -16.14
C ARG A 60 66.02 -9.97 -17.44
N LEU A 61 65.30 -8.89 -17.76
CA LEU A 61 64.43 -8.89 -18.92
C LEU A 61 65.25 -8.79 -20.21
N GLU A 62 64.65 -9.28 -21.29
CA GLU A 62 65.26 -9.24 -22.62
C GLU A 62 64.35 -8.46 -23.55
N TRP A 63 64.91 -7.43 -24.21
CA TRP A 63 64.13 -6.63 -25.13
C TRP A 63 64.05 -7.28 -26.50
N VAL A 64 62.95 -7.03 -27.20
CA VAL A 64 62.77 -7.44 -28.59
C VAL A 64 62.30 -6.23 -29.38
N TYR A 65 62.59 -6.25 -30.68
CA TYR A 65 62.21 -5.16 -31.56
C TYR A 65 61.47 -5.73 -32.76
N PHE A 66 60.63 -4.88 -33.37
CA PHE A 66 59.86 -5.31 -34.53
C PHE A 66 60.74 -5.43 -35.77
N LEU A 67 61.52 -4.39 -36.05
CA LEU A 67 62.30 -4.36 -37.29
C LEU A 67 63.40 -5.42 -37.29
N THR A 68 63.95 -5.75 -36.13
CA THR A 68 64.97 -6.79 -36.07
C THR A 68 64.41 -8.17 -36.38
N SER A 69 63.15 -8.40 -36.03
CA SER A 69 62.54 -9.71 -36.23
C SER A 69 62.50 -10.06 -37.71
N GLY A 70 62.45 -11.36 -37.98
CA GLY A 70 62.36 -11.77 -39.37
C GLY A 70 61.01 -11.55 -39.98
N LEU A 71 59.95 -11.54 -39.18
CA LEU A 71 58.62 -11.27 -39.67
C LEU A 71 58.52 -9.92 -40.32
N ALA A 72 59.40 -8.98 -39.95
CA ALA A 72 59.40 -7.67 -40.58
C ALA A 72 59.63 -7.75 -42.08
N ALA A 73 60.13 -8.88 -42.59
CA ALA A 73 60.29 -9.00 -44.03
C ALA A 73 58.97 -8.89 -44.77
N ALA A 74 57.85 -9.17 -44.09
CA ALA A 74 56.56 -9.06 -44.74
C ALA A 74 56.07 -7.62 -44.81
N ALA A 75 56.36 -6.80 -43.80
CA ALA A 75 55.81 -5.47 -43.69
C ALA A 75 56.61 -4.45 -44.47
N HIS A 76 56.01 -3.28 -44.66
CA HIS A 76 56.65 -2.15 -45.33
C HIS A 76 56.41 -0.90 -44.48
N ALA A 77 56.75 -0.99 -43.20
CA ALA A 77 56.34 0.01 -42.22
C ALA A 77 56.78 1.41 -42.59
N ILE A 78 55.88 2.38 -42.40
CA ILE A 78 56.05 3.76 -42.84
C ILE A 78 55.43 4.67 -41.78
N LYS A 79 56.24 5.53 -41.16
CA LYS A 79 55.65 6.49 -40.25
C LYS A 79 54.77 7.48 -40.99
N PHE A 80 53.64 7.83 -40.39
CA PHE A 80 52.75 8.86 -40.92
C PHE A 80 52.19 9.63 -39.73
N HIS A 81 52.61 10.87 -39.56
CA HIS A 81 52.28 11.61 -38.34
C HIS A 81 50.82 12.00 -38.30
N ASP A 82 50.17 12.14 -39.45
CA ASP A 82 48.75 12.47 -39.50
C ASP A 82 47.88 11.23 -39.66
N LEU A 83 48.30 10.10 -39.10
CA LEU A 83 47.51 8.88 -39.26
C LEU A 83 46.11 9.04 -38.67
N ASN A 84 45.96 9.75 -37.55
CA ASN A 84 44.63 9.88 -36.97
C ASN A 84 43.81 10.92 -37.70
N LYS A 85 44.33 11.43 -38.81
CA LYS A 85 43.62 12.43 -39.59
C LYS A 85 43.05 11.81 -40.86
N LEU A 86 43.78 10.88 -41.45
CA LEU A 86 43.33 10.20 -42.67
C LEU A 86 42.33 9.10 -42.36
N THR A 87 41.24 9.06 -43.12
CA THR A 87 40.21 8.06 -42.93
C THR A 87 40.62 6.72 -43.49
N THR A 88 40.97 6.68 -44.77
CA THR A 88 41.40 5.48 -45.46
C THR A 88 42.34 5.85 -46.58
N GLY A 89 43.06 4.86 -47.06
CA GLY A 89 43.93 5.04 -48.19
C GLY A 89 43.47 4.12 -49.29
N LYS A 90 43.46 4.60 -50.53
CA LYS A 90 42.99 3.82 -51.65
C LYS A 90 44.09 3.71 -52.71
N MET A 91 44.19 2.54 -53.33
CA MET A 91 45.09 2.30 -54.43
C MET A 91 44.28 1.79 -55.61
N LEU A 92 44.43 2.42 -56.78
CA LEU A 92 43.57 2.18 -57.93
C LEU A 92 44.36 1.60 -59.09
N PHE A 93 43.89 0.48 -59.62
CA PHE A 93 44.60 -0.23 -60.69
C PHE A 93 43.76 -0.21 -61.96
N HIS A 94 44.41 0.01 -63.09
CA HIS A 94 43.76 0.09 -64.40
C HIS A 94 44.52 -0.79 -65.38
N VAL A 95 44.12 -2.05 -65.52
CA VAL A 95 44.82 -2.99 -66.39
C VAL A 95 43.95 -3.35 -67.58
N GLN A 96 44.39 -2.95 -68.77
CA GLN A 96 43.74 -3.37 -70.00
C GLN A 96 44.28 -4.73 -70.44
N VAL A 97 43.44 -5.50 -71.12
CA VAL A 97 43.63 -6.94 -71.31
C VAL A 97 44.12 -7.21 -72.72
N PRO A 98 45.06 -8.13 -72.92
CA PRO A 98 45.41 -8.53 -74.29
C PRO A 98 44.33 -9.42 -74.88
N ARG A 99 44.18 -9.35 -76.21
CA ARG A 99 43.22 -10.18 -76.92
C ARG A 99 43.83 -10.73 -78.20
N VAL A 100 43.66 -12.04 -78.42
CA VAL A 100 44.17 -12.70 -79.60
C VAL A 100 43.20 -12.50 -80.77
N ALA A 101 43.74 -12.42 -81.98
CA ALA A 101 42.94 -12.17 -83.17
C ALA A 101 42.09 -13.38 -83.52
N SER A 102 40.86 -13.12 -83.95
CA SER A 102 39.91 -14.19 -84.20
C SER A 102 39.92 -14.63 -85.65
N GLY A 103 39.41 -15.84 -85.88
CA GLY A 103 39.41 -16.44 -87.19
C GLY A 103 38.15 -16.14 -87.98
N ALA A 104 38.12 -16.66 -89.20
CA ALA A 104 36.99 -16.42 -90.08
C ALA A 104 35.76 -17.19 -89.61
N GLY A 105 34.63 -16.50 -89.55
CA GLY A 105 33.39 -17.08 -89.08
C GLY A 105 33.22 -17.12 -87.57
N LEU A 106 34.17 -16.59 -86.81
CA LEU A 106 34.13 -16.59 -85.36
C LEU A 106 34.02 -15.17 -84.86
N PRO A 107 33.22 -14.92 -83.82
CA PRO A 107 33.07 -13.56 -83.31
C PRO A 107 34.34 -13.07 -82.64
N THR A 108 34.70 -11.81 -82.88
CA THR A 108 35.96 -11.25 -82.41
C THR A 108 35.84 -10.76 -80.96
N SER A 109 36.98 -10.39 -80.40
CA SER A 109 37.11 -10.02 -78.99
C SER A 109 37.18 -8.51 -78.87
N ARG A 110 36.22 -7.91 -78.18
CA ARG A 110 36.32 -6.49 -77.83
C ARG A 110 37.22 -6.33 -76.60
N GLN A 111 38.07 -5.30 -76.64
CA GLN A 111 38.98 -5.08 -75.53
C GLN A 111 38.18 -4.77 -74.27
N THR A 112 38.79 -5.00 -73.12
CA THR A 112 38.08 -4.89 -71.84
C THR A 112 38.98 -4.20 -70.82
N THR A 113 38.77 -2.91 -70.60
CA THR A 113 39.48 -2.24 -69.51
C THR A 113 38.90 -2.64 -68.17
N ILE A 114 39.76 -2.85 -67.18
CA ILE A 114 39.34 -3.28 -65.86
C ILE A 114 39.95 -2.35 -64.83
N MET A 115 39.19 -2.03 -63.80
CA MET A 115 39.68 -1.18 -62.73
C MET A 115 39.29 -1.75 -61.38
N VAL A 116 40.21 -1.67 -60.42
CA VAL A 116 40.02 -2.24 -59.09
C VAL A 116 40.62 -1.30 -58.06
N THR A 117 40.34 -1.57 -56.79
CA THR A 117 40.72 -0.67 -55.72
C THR A 117 41.00 -1.45 -54.45
N LYS A 118 42.17 -1.18 -53.84
CA LYS A 118 42.47 -1.68 -52.49
C LYS A 118 42.25 -0.59 -51.44
N TYR A 119 42.08 -1.01 -50.19
CA TYR A 119 41.76 -0.10 -49.10
C TYR A 119 42.60 -0.40 -47.85
N SER A 120 42.84 0.62 -47.04
CA SER A 120 43.54 0.43 -45.78
C SER A 120 42.59 -0.06 -44.70
N GLU A 121 43.13 -0.78 -43.73
CA GLU A 121 42.34 -1.27 -42.61
C GLU A 121 42.99 -0.80 -41.32
N LYS A 122 42.17 -0.32 -40.40
CA LYS A 122 42.62 0.34 -39.18
C LYS A 122 42.64 -0.65 -38.01
N SER A 123 43.69 -0.57 -37.17
CA SER A 123 43.91 -1.53 -36.10
C SER A 123 44.87 -1.05 -35.02
N PRO A 124 44.47 -0.12 -34.15
CA PRO A 124 45.42 0.43 -33.16
C PRO A 124 45.54 -0.45 -31.92
N ILE A 125 46.55 -0.13 -31.09
CA ILE A 125 46.85 -0.90 -29.89
C ILE A 125 47.03 0.00 -28.67
N THR A 126 46.93 -0.60 -27.49
CA THR A 126 46.88 0.12 -26.23
C THR A 126 47.55 -0.70 -25.13
N ILE A 127 48.37 -0.05 -24.31
CA ILE A 127 49.03 -0.73 -23.19
C ILE A 127 49.05 0.11 -21.93
N PRO A 128 48.42 -0.31 -20.85
CA PRO A 128 48.38 0.50 -19.62
C PRO A 128 49.48 0.15 -18.63
N PHE A 129 50.14 1.13 -18.03
CA PHE A 129 50.96 0.87 -16.86
C PHE A 129 50.60 1.87 -15.78
N GLU A 130 50.61 1.44 -14.53
CA GLU A 130 50.05 2.22 -13.44
C GLU A 130 51.08 2.50 -12.38
N LEU A 131 51.02 3.69 -11.79
CA LEU A 131 51.93 4.08 -10.73
C LEU A 131 51.15 4.44 -9.48
N SER A 132 51.46 3.76 -8.39
CA SER A 132 50.76 4.00 -7.14
C SER A 132 51.09 5.38 -6.61
N ALA A 133 50.11 6.01 -5.96
CA ALA A 133 50.34 7.37 -5.46
C ALA A 133 51.52 7.42 -4.50
N ALA A 134 51.78 6.32 -3.80
CA ALA A 134 52.99 6.26 -2.99
C ALA A 134 54.24 6.39 -3.84
N CYS A 135 54.27 5.76 -5.01
CA CYS A 135 55.46 5.86 -5.84
C CYS A 135 55.68 7.28 -6.33
N LEU A 136 54.58 8.01 -6.60
CA LEU A 136 54.71 9.38 -7.10
C LEU A 136 55.02 10.36 -5.98
N THR A 137 54.53 10.11 -4.76
CA THR A 137 54.74 11.09 -3.71
C THR A 137 56.19 11.15 -3.25
N TYR A 138 56.90 10.02 -3.26
CA TYR A 138 58.32 10.04 -2.96
C TYR A 138 59.14 10.44 -4.17
N LEU A 139 58.58 10.31 -5.37
CA LEU A 139 59.32 10.66 -6.58
C LEU A 139 59.63 12.15 -6.63
N ARG A 140 58.75 12.98 -6.08
CA ARG A 140 58.90 14.43 -6.14
C ARG A 140 59.17 15.01 -4.75
N GLU A 141 58.32 14.68 -3.77
CA GLU A 141 58.47 15.23 -2.43
C GLU A 141 59.58 14.51 -1.66
N THR A 142 60.31 15.28 -0.87
CA THR A 142 61.40 14.76 -0.06
C THR A 142 61.20 15.22 1.37
N PHE A 143 61.36 14.31 2.30
CA PHE A 143 61.14 14.64 3.69
C PHE A 143 62.51 14.87 4.33
N GLU A 144 62.60 14.93 5.65
CA GLU A 144 63.89 15.18 6.25
C GLU A 144 64.88 14.14 5.76
N GLY A 145 65.96 14.60 5.14
CA GLY A 145 66.81 13.69 4.41
C GLY A 145 67.52 12.77 5.36
N THR A 146 67.02 11.53 5.39
CA THR A 146 67.42 10.51 6.33
C THR A 146 67.76 9.27 5.55
N ILE A 147 68.91 8.68 5.89
CA ILE A 147 69.42 7.47 5.28
C ILE A 147 68.30 6.47 5.01
N LEU A 148 67.23 6.53 5.79
CA LEU A 148 66.07 5.70 5.50
C LEU A 148 65.23 6.28 4.37
N ASP A 149 65.17 7.61 4.25
CA ASP A 149 64.31 8.21 3.24
C ASP A 149 64.97 8.32 1.89
N LYS A 150 66.30 8.53 1.85
CA LYS A 150 67.00 8.52 0.58
C LYS A 150 66.78 7.18 -0.12
N ILE A 151 66.63 6.11 0.66
CA ILE A 151 66.30 4.81 0.10
C ILE A 151 65.00 4.89 -0.69
N LEU A 152 63.94 5.39 -0.06
CA LEU A 152 62.65 5.42 -0.75
C LEU A 152 62.68 6.38 -1.93
N ASN A 153 63.40 7.48 -1.82
CA ASN A 153 63.47 8.41 -2.93
C ASN A 153 64.16 7.79 -4.13
N VAL A 154 65.12 6.89 -3.90
CA VAL A 154 65.73 6.19 -5.02
C VAL A 154 64.81 5.10 -5.53
N GLU A 155 64.12 4.41 -4.62
CA GLU A 155 63.33 3.27 -5.03
C GLU A 155 62.14 3.68 -5.89
N ALA A 156 61.54 4.83 -5.60
CA ALA A 156 60.46 5.30 -6.47
C ALA A 156 60.94 5.53 -7.89
N MET A 157 62.13 6.10 -8.06
CA MET A 157 62.63 6.35 -9.41
C MET A 157 62.98 5.04 -10.11
N HIS A 158 63.56 4.08 -9.39
CA HIS A 158 63.82 2.80 -10.05
C HIS A 158 62.52 2.12 -10.46
N THR A 159 61.47 2.28 -9.67
CA THR A 159 60.17 1.72 -10.05
C THR A 159 59.62 2.38 -11.30
N VAL A 160 59.82 3.68 -11.44
CA VAL A 160 59.35 4.34 -12.64
C VAL A 160 60.14 3.88 -13.85
N LEU A 161 61.46 3.72 -13.72
CA LEU A 161 62.24 3.27 -14.87
C LEU A 161 61.87 1.84 -15.26
N ARG A 162 61.56 0.98 -14.29
CA ARG A 162 61.07 -0.36 -14.63
C ARG A 162 59.74 -0.29 -15.35
N ALA A 163 58.81 0.50 -14.82
CA ALA A 163 57.48 0.63 -15.40
C ALA A 163 57.50 1.30 -16.76
N LEU A 164 58.60 1.93 -17.14
CA LEU A 164 58.75 2.53 -18.46
C LEU A 164 59.43 1.59 -19.44
N LYS A 165 60.56 0.99 -19.05
CA LYS A 165 61.23 0.06 -19.95
C LYS A 165 60.34 -1.12 -20.29
N ASN A 166 59.61 -1.65 -19.30
CA ASN A 166 58.74 -2.77 -19.61
C ASN A 166 57.59 -2.40 -20.52
N THR A 167 57.08 -1.17 -20.45
CA THR A 167 55.97 -0.81 -21.32
C THR A 167 56.46 -0.51 -22.73
N ALA A 168 57.64 0.08 -22.88
CA ALA A 168 58.20 0.20 -24.23
C ALA A 168 58.38 -1.16 -24.89
N ASP A 169 58.97 -2.11 -24.15
CA ASP A 169 59.13 -3.44 -24.70
C ASP A 169 57.79 -4.08 -25.04
N ALA A 170 56.80 -3.92 -24.16
CA ALA A 170 55.49 -4.49 -24.43
C ALA A 170 54.87 -3.88 -25.66
N MET A 171 55.18 -2.62 -25.95
CA MET A 171 54.63 -1.97 -27.13
C MET A 171 55.24 -2.55 -28.40
N GLU A 172 56.55 -2.79 -28.41
CA GLU A 172 57.12 -3.48 -29.56
C GLU A 172 56.53 -4.87 -29.74
N ARG A 173 56.35 -5.61 -28.65
CA ARG A 173 55.73 -6.93 -28.78
C ARG A 173 54.30 -6.81 -29.27
N GLY A 174 53.60 -5.74 -28.92
CA GLY A 174 52.24 -5.58 -29.40
C GLY A 174 52.21 -5.26 -30.87
N LEU A 175 53.21 -4.52 -31.36
CA LEU A 175 53.30 -4.31 -32.78
C LEU A 175 53.50 -5.62 -33.53
N ILE A 176 54.38 -6.49 -33.01
CA ILE A 176 54.55 -7.80 -33.62
C ILE A 176 53.24 -8.58 -33.58
N HIS A 177 52.58 -8.56 -32.43
CA HIS A 177 51.36 -9.32 -32.24
C HIS A 177 50.28 -8.90 -33.22
N SER A 178 50.08 -7.60 -33.38
CA SER A 178 49.03 -7.10 -34.25
C SER A 178 49.39 -7.30 -35.71
N PHE A 179 50.66 -7.11 -36.07
CA PHE A 179 51.02 -7.35 -37.45
C PHE A 179 50.90 -8.82 -37.81
N LEU A 180 51.02 -9.72 -36.84
CA LEU A 180 50.79 -11.12 -37.16
C LEU A 180 49.31 -11.42 -37.21
N GLN A 181 48.53 -10.81 -36.32
CA GLN A 181 47.08 -10.94 -36.39
C GLN A 181 46.55 -10.50 -37.74
N THR A 182 47.16 -9.48 -38.33
CA THR A 182 46.72 -9.02 -39.65
C THR A 182 46.97 -10.06 -40.72
N LEU A 183 48.17 -10.62 -40.78
CA LEU A 183 48.46 -11.64 -41.78
C LEU A 183 47.59 -12.87 -41.59
N LEU A 184 47.27 -13.22 -40.35
CA LEU A 184 46.43 -14.40 -40.15
C LEU A 184 45.03 -14.18 -40.71
N ARG A 185 44.53 -12.95 -40.66
CA ARG A 185 43.23 -12.69 -41.26
C ARG A 185 43.31 -12.52 -42.76
N LYS A 186 44.49 -12.25 -43.30
CA LYS A 186 44.67 -12.09 -44.73
C LYS A 186 45.36 -13.29 -45.35
N ALA A 187 45.16 -14.48 -44.80
CA ALA A 187 45.88 -15.69 -45.21
C ALA A 187 44.93 -16.84 -45.46
N PRO A 188 44.56 -17.07 -46.71
CA PRO A 188 43.68 -18.19 -47.02
C PRO A 188 44.38 -19.51 -46.77
N PRO A 189 43.67 -20.50 -46.25
CA PRO A 189 44.29 -21.79 -45.94
C PRO A 189 44.82 -22.47 -47.19
N TYR A 190 45.54 -23.57 -46.99
CA TYR A 190 46.29 -24.17 -48.07
C TYR A 190 45.37 -24.65 -49.19
N PHE A 191 44.25 -25.29 -48.85
CA PHE A 191 43.47 -25.91 -49.91
C PHE A 191 42.81 -24.91 -50.84
N VAL A 192 42.40 -23.75 -50.32
CA VAL A 192 41.84 -22.73 -51.19
C VAL A 192 42.89 -22.28 -52.20
N VAL A 193 44.08 -21.95 -51.71
CA VAL A 193 45.13 -21.43 -52.59
C VAL A 193 45.55 -22.49 -53.59
N GLN A 194 45.62 -23.74 -53.17
CA GLN A 194 46.05 -24.78 -54.09
C GLN A 194 45.01 -25.00 -55.18
N THR A 195 43.74 -24.99 -54.82
CA THR A 195 42.71 -25.11 -55.84
C THR A 195 42.82 -23.96 -56.83
N LEU A 196 43.05 -22.75 -56.34
CA LEU A 196 43.13 -21.61 -57.24
C LEU A 196 44.37 -21.67 -58.13
N VAL A 197 45.50 -22.17 -57.61
CA VAL A 197 46.72 -22.23 -58.38
C VAL A 197 46.76 -23.39 -59.34
N GLU A 198 45.89 -24.37 -59.16
CA GLU A 198 45.82 -25.50 -60.08
C GLU A 198 44.71 -25.35 -61.12
N ASN A 199 43.65 -24.62 -60.81
CA ASN A 199 42.53 -24.44 -61.71
C ASN A 199 42.48 -23.05 -62.34
N ALA A 200 43.62 -22.37 -62.44
CA ALA A 200 43.58 -20.99 -62.89
C ALA A 200 43.29 -20.87 -64.37
N THR A 201 43.88 -21.74 -65.20
CA THR A 201 43.83 -21.55 -66.65
C THR A 201 42.41 -21.66 -67.18
N LEU A 202 41.61 -22.58 -66.63
CA LEU A 202 40.30 -22.81 -67.22
C LEU A 202 39.34 -21.66 -66.97
N ALA A 203 39.52 -20.91 -65.89
CA ALA A 203 38.58 -19.87 -65.47
C ALA A 203 38.92 -18.54 -66.15
N ARG A 204 38.60 -18.46 -67.45
CA ARG A 204 38.95 -17.26 -68.20
C ARG A 204 37.93 -16.13 -68.02
N GLN A 205 36.69 -16.47 -67.67
CA GLN A 205 35.69 -15.48 -67.29
C GLN A 205 35.21 -15.79 -65.87
N ALA A 206 34.24 -15.01 -65.39
CA ALA A 206 33.55 -15.39 -64.16
C ALA A 206 32.93 -16.78 -64.35
N LEU A 207 33.19 -17.66 -63.39
CA LEU A 207 33.10 -19.09 -63.68
C LEU A 207 31.67 -19.55 -63.91
N ASN A 208 31.53 -20.48 -64.85
CA ASN A 208 30.27 -21.13 -65.15
C ASN A 208 29.83 -21.98 -63.96
N ARG A 209 28.58 -22.45 -64.04
CA ARG A 209 28.02 -23.27 -62.98
C ARG A 209 28.91 -24.46 -62.64
N ILE A 210 29.47 -25.10 -63.67
CA ILE A 210 30.23 -26.33 -63.48
C ILE A 210 31.60 -26.05 -62.88
N GLN A 211 32.17 -24.88 -63.16
CA GLN A 211 33.50 -24.57 -62.64
C GLN A 211 33.48 -24.50 -61.12
N ARG A 212 32.39 -23.98 -60.55
CA ARG A 212 32.26 -23.98 -59.10
C ARG A 212 32.16 -25.39 -58.55
N SER A 213 31.56 -26.32 -59.29
CA SER A 213 31.50 -27.70 -58.82
C SER A 213 32.88 -28.31 -58.80
N ASN A 214 33.70 -28.02 -59.81
CA ASN A 214 35.07 -28.52 -59.81
C ASN A 214 35.89 -27.90 -58.69
N ILE A 215 35.71 -26.60 -58.44
CA ILE A 215 36.41 -25.93 -57.35
C ILE A 215 36.00 -26.52 -56.01
N LEU A 216 34.71 -26.78 -55.83
CA LEU A 216 34.22 -27.36 -54.58
C LEU A 216 34.77 -28.75 -54.37
N GLN A 217 34.79 -29.58 -55.41
CA GLN A 217 35.38 -30.90 -55.29
C GLN A 217 36.84 -30.80 -54.89
N SER A 218 37.55 -29.85 -55.46
CA SER A 218 38.95 -29.70 -55.08
C SER A 218 39.09 -29.26 -53.63
N PHE A 219 38.24 -28.35 -53.15
CA PHE A 219 38.34 -27.97 -51.73
C PHE A 219 38.16 -29.19 -50.85
N LYS A 220 37.12 -29.96 -51.10
CA LYS A 220 36.82 -31.11 -50.25
C LYS A 220 37.90 -32.16 -50.34
N ALA A 221 38.54 -32.31 -51.51
CA ALA A 221 39.60 -33.32 -51.61
C ALA A 221 40.85 -32.87 -50.88
N LYS A 222 41.26 -31.61 -51.08
CA LYS A 222 42.50 -31.15 -50.49
C LYS A 222 42.40 -31.08 -48.97
N MET A 223 41.22 -30.77 -48.44
CA MET A 223 41.10 -30.62 -46.99
C MET A 223 41.43 -31.92 -46.26
N LEU A 224 40.97 -33.05 -46.77
CA LEU A 224 41.08 -34.31 -46.04
C LEU A 224 42.44 -34.98 -46.18
N ALA A 225 43.21 -34.61 -47.19
CA ALA A 225 44.55 -35.15 -47.36
C ALA A 225 45.62 -34.16 -46.93
N THR A 226 45.22 -32.94 -46.56
CA THR A 226 46.17 -31.94 -46.10
C THR A 226 45.86 -31.39 -44.72
N LEU A 227 45.09 -32.09 -43.90
CA LEU A 227 44.61 -31.48 -42.66
C LEU A 227 45.73 -31.33 -41.64
N PHE A 228 46.51 -32.36 -41.40
CA PHE A 228 47.72 -32.23 -40.61
C PHE A 228 48.81 -32.96 -41.38
N LEU A 229 49.94 -32.31 -41.59
CA LEU A 229 50.96 -32.86 -42.47
C LEU A 229 52.12 -33.46 -41.67
N LEU A 230 52.69 -32.72 -40.73
CA LEU A 230 53.77 -33.31 -39.96
C LEU A 230 53.28 -34.49 -39.13
N ASN A 231 51.98 -34.58 -38.89
CA ASN A 231 51.50 -35.75 -38.17
C ASN A 231 51.48 -36.99 -39.04
N ARG A 232 51.15 -36.86 -40.32
CA ARG A 232 51.03 -38.05 -41.14
C ARG A 232 52.32 -38.39 -41.88
N THR A 233 52.69 -37.58 -42.85
CA THR A 233 53.91 -37.83 -43.58
C THR A 233 55.08 -37.13 -42.92
N ARG A 234 56.23 -37.80 -42.94
CA ARG A 234 57.49 -37.14 -42.67
C ARG A 234 58.50 -37.46 -43.76
N ASP A 235 58.02 -37.79 -44.95
CA ASP A 235 58.90 -37.93 -46.10
C ASP A 235 59.62 -36.63 -46.36
N ARG A 236 60.92 -36.71 -46.62
CA ARG A 236 61.68 -35.51 -46.90
C ARG A 236 61.26 -34.88 -48.22
N ASP A 237 61.13 -35.68 -49.29
CA ASP A 237 60.76 -35.16 -50.59
C ASP A 237 59.32 -34.66 -50.61
N TYR A 238 58.47 -35.13 -49.71
CA TYR A 238 57.10 -34.65 -49.72
C TYR A 238 56.96 -33.35 -48.92
N VAL A 239 57.58 -33.26 -47.75
CA VAL A 239 57.50 -32.00 -47.03
C VAL A 239 58.22 -30.89 -47.79
N LEU A 240 59.34 -31.20 -48.43
CA LEU A 240 59.98 -30.20 -49.26
C LEU A 240 59.08 -29.77 -50.40
N LYS A 241 58.45 -30.74 -51.06
CA LYS A 241 57.55 -30.42 -52.15
C LYS A 241 56.35 -29.62 -51.68
N PHE A 242 55.88 -29.89 -50.47
CA PHE A 242 54.74 -29.16 -49.94
C PHE A 242 55.09 -27.73 -49.59
N LEU A 243 56.26 -27.49 -48.99
CA LEU A 243 56.59 -26.11 -48.68
C LEU A 243 56.94 -25.33 -49.94
N THR A 244 57.66 -25.94 -50.88
CA THR A 244 57.93 -25.25 -52.13
C THR A 244 56.64 -24.98 -52.89
N ARG A 245 55.62 -25.83 -52.72
CA ARG A 245 54.32 -25.57 -53.32
C ARG A 245 53.62 -24.42 -52.61
N LEU A 246 53.82 -24.30 -51.30
CA LEU A 246 53.23 -23.20 -50.55
C LEU A 246 53.76 -21.85 -51.03
N ALA A 247 55.08 -21.75 -51.23
CA ALA A 247 55.63 -20.50 -51.75
C ALA A 247 55.30 -20.31 -53.22
N GLU A 248 55.20 -21.39 -54.00
CA GLU A 248 54.82 -21.21 -55.40
C GLU A 248 53.41 -20.70 -55.55
N ALA A 249 52.56 -20.96 -54.55
CA ALA A 249 51.15 -20.60 -54.65
C ALA A 249 50.86 -19.15 -54.29
N ALA A 250 51.80 -18.44 -53.68
CA ALA A 250 51.55 -17.09 -53.21
C ALA A 250 51.96 -16.07 -54.27
N THR A 251 51.03 -15.19 -54.61
CA THR A 251 51.25 -14.22 -55.67
C THR A 251 52.23 -13.13 -55.25
N ASP A 252 52.88 -12.53 -56.24
CA ASP A 252 53.86 -11.49 -56.00
C ASP A 252 53.20 -10.24 -55.45
N SER A 253 53.98 -9.47 -54.69
CA SER A 253 53.53 -8.19 -54.16
C SER A 253 53.66 -7.09 -55.20
N ILE A 254 52.98 -5.97 -54.94
CA ILE A 254 52.96 -4.87 -55.90
C ILE A 254 54.34 -4.26 -56.07
N LEU A 255 55.03 -3.96 -54.97
CA LEU A 255 56.31 -3.27 -55.08
C LEU A 255 57.38 -4.03 -54.31
N ASP A 256 58.55 -4.14 -54.93
CA ASP A 256 59.68 -4.83 -54.34
C ASP A 256 60.93 -4.00 -54.60
N ASN A 257 61.49 -3.46 -53.52
CA ASN A 257 62.71 -2.67 -53.64
C ASN A 257 63.90 -3.61 -53.57
N PRO A 258 64.63 -3.82 -54.67
CA PRO A 258 65.68 -4.85 -54.66
C PRO A 258 66.71 -4.65 -53.57
N THR A 259 66.80 -3.46 -52.99
CA THR A 259 67.79 -3.21 -51.96
C THR A 259 67.40 -3.84 -50.62
N THR A 260 66.13 -3.71 -50.23
CA THR A 260 65.73 -4.17 -48.90
C THR A 260 65.67 -5.69 -48.86
N TYR A 261 66.15 -6.25 -47.74
CA TYR A 261 66.17 -7.69 -47.53
C TYR A 261 66.91 -8.41 -48.65
N THR A 262 68.07 -7.88 -49.01
CA THR A 262 68.98 -8.53 -49.93
C THR A 262 69.99 -9.32 -49.12
N THR A 263 70.07 -10.62 -49.38
CA THR A 263 71.05 -11.45 -48.73
C THR A 263 72.44 -11.09 -49.23
N SER A 264 73.43 -11.19 -48.36
CA SER A 264 74.80 -11.05 -48.80
C SER A 264 75.08 -12.12 -49.85
N SER A 265 75.99 -11.81 -50.76
CA SER A 265 76.25 -12.64 -51.93
C SER A 265 75.05 -12.67 -52.87
N GLY A 266 74.28 -11.59 -52.89
CA GLY A 266 73.37 -11.30 -53.97
C GLY A 266 72.06 -12.05 -53.97
N ALA A 267 71.87 -13.01 -53.09
CA ALA A 267 70.59 -13.70 -53.02
C ALA A 267 69.50 -12.70 -52.67
N LYS A 268 68.28 -12.98 -53.11
CA LYS A 268 67.15 -12.07 -52.88
C LYS A 268 66.03 -12.81 -52.17
N ILE A 269 65.59 -12.27 -51.03
CA ILE A 269 64.57 -12.92 -50.22
C ILE A 269 63.18 -12.64 -50.80
N SER A 270 62.33 -13.67 -50.79
CA SER A 270 60.94 -13.53 -51.21
C SER A 270 60.03 -14.17 -50.16
N GLY A 271 59.63 -13.37 -49.18
CA GLY A 271 58.70 -13.83 -48.17
C GLY A 271 59.38 -14.38 -46.93
N VAL A 272 58.54 -14.77 -45.98
CA VAL A 272 58.99 -15.29 -44.70
C VAL A 272 57.90 -16.20 -44.18
N MET A 273 58.28 -17.25 -43.47
CA MET A 273 57.30 -18.18 -42.93
C MET A 273 57.57 -18.40 -41.45
N VAL A 274 56.49 -18.51 -40.70
CA VAL A 274 56.55 -18.48 -39.25
C VAL A 274 55.71 -19.62 -38.70
N SER A 275 56.15 -20.17 -37.56
CA SER A 275 55.42 -21.23 -36.88
C SER A 275 55.94 -21.35 -35.46
N THR A 276 55.34 -22.28 -34.72
CA THR A 276 55.79 -22.60 -33.38
C THR A 276 57.16 -23.24 -33.42
N ALA A 277 57.89 -23.12 -32.31
CA ALA A 277 59.25 -23.65 -32.29
C ALA A 277 59.27 -25.16 -32.48
N ASN A 278 58.25 -25.87 -32.00
CA ASN A 278 58.28 -27.32 -32.14
C ASN A 278 57.96 -27.77 -33.56
N VAL A 279 57.48 -26.88 -34.41
CA VAL A 279 57.36 -27.20 -35.83
C VAL A 279 58.66 -26.87 -36.57
N MET A 280 59.25 -25.71 -36.29
CA MET A 280 60.49 -25.38 -36.97
C MET A 280 61.62 -26.29 -36.57
N GLN A 281 61.64 -26.75 -35.32
CA GLN A 281 62.64 -27.72 -34.89
C GLN A 281 62.47 -29.04 -35.64
N ILE A 282 61.26 -29.33 -36.12
CA ILE A 282 61.04 -30.51 -36.95
C ILE A 282 61.56 -30.26 -38.37
N ILE A 283 61.29 -29.07 -38.92
CA ILE A 283 61.71 -28.81 -40.28
C ILE A 283 63.22 -28.67 -40.38
N MET A 284 63.86 -28.10 -39.36
CA MET A 284 65.33 -28.03 -39.36
C MET A 284 65.91 -29.42 -39.50
N SER A 285 65.21 -30.43 -39.02
CA SER A 285 65.67 -31.79 -39.17
C SER A 285 65.32 -32.35 -40.55
N LEU A 286 64.08 -32.17 -41.01
CA LEU A 286 63.74 -32.68 -42.32
C LEU A 286 64.47 -31.96 -43.44
N LEU A 287 64.77 -30.67 -43.25
CA LEU A 287 65.33 -29.85 -44.31
C LEU A 287 66.64 -29.22 -43.90
N SER A 288 67.49 -29.97 -43.20
CA SER A 288 68.78 -29.41 -42.82
C SER A 288 69.63 -29.10 -44.04
N SER A 289 69.41 -29.82 -45.13
CA SER A 289 70.25 -29.61 -46.30
C SER A 289 69.97 -28.28 -46.98
N HIS A 290 68.75 -27.75 -46.82
CA HIS A 290 68.36 -26.52 -47.50
C HIS A 290 68.51 -25.28 -46.62
N ILE A 291 68.40 -25.42 -45.31
CA ILE A 291 68.56 -24.27 -44.42
C ILE A 291 70.00 -23.81 -44.45
N THR A 292 70.21 -22.51 -44.62
CA THR A 292 71.54 -21.92 -44.65
C THR A 292 71.48 -20.57 -43.96
N LYS A 293 72.00 -20.49 -42.74
CA LYS A 293 71.97 -19.25 -41.99
C LYS A 293 72.82 -18.20 -42.67
N GLU A 294 72.27 -17.00 -42.83
CA GLU A 294 72.90 -15.95 -43.61
C GLU A 294 72.61 -14.60 -43.00
N THR A 295 73.25 -13.56 -43.53
CA THR A 295 73.17 -12.21 -42.99
C THR A 295 72.30 -11.35 -43.88
N VAL A 296 71.02 -11.22 -43.52
CA VAL A 296 70.10 -10.39 -44.28
C VAL A 296 70.37 -8.92 -43.99
N SER A 297 70.26 -8.09 -45.03
CA SER A 297 70.46 -6.64 -44.89
C SER A 297 69.11 -5.93 -44.78
N ALA A 298 68.49 -6.05 -43.62
CA ALA A 298 67.16 -5.50 -43.44
C ALA A 298 67.21 -4.01 -43.11
N PRO A 299 66.19 -3.24 -43.50
CA PRO A 299 66.23 -1.80 -43.26
C PRO A 299 66.20 -1.50 -41.77
N ALA A 300 66.85 -0.39 -41.41
CA ALA A 300 67.10 -0.10 -40.00
C ALA A 300 66.09 0.85 -39.39
N THR A 301 65.24 1.49 -40.18
CA THR A 301 64.41 2.56 -39.64
C THR A 301 63.10 2.63 -40.41
N TYR A 302 62.06 3.06 -39.71
CA TYR A 302 60.76 3.25 -40.34
C TYR A 302 60.82 4.34 -41.39
N GLY A 303 59.96 4.22 -42.39
CA GLY A 303 59.84 5.25 -43.39
C GLY A 303 59.00 6.39 -42.89
N ASN A 304 58.98 7.48 -43.65
CA ASN A 304 58.16 8.61 -43.29
C ASN A 304 57.56 9.21 -44.54
N PHE A 305 56.35 9.72 -44.41
CA PHE A 305 55.55 10.17 -45.53
C PHE A 305 54.98 11.55 -45.20
N VAL A 306 55.74 12.60 -45.52
CA VAL A 306 55.33 13.97 -45.23
C VAL A 306 54.23 14.40 -46.18
N LEU A 307 53.30 15.21 -45.67
CA LEU A 307 52.28 15.81 -46.54
C LEU A 307 52.83 17.01 -47.30
N SER A 308 52.31 17.20 -48.50
CA SER A 308 52.67 18.33 -49.34
C SER A 308 51.89 19.57 -48.91
N PRO A 309 52.47 20.76 -49.07
CA PRO A 309 51.70 21.98 -48.82
C PRO A 309 50.51 22.14 -49.76
N GLU A 310 50.59 21.57 -50.96
CA GLU A 310 49.42 21.53 -51.82
C GLU A 310 48.36 20.58 -51.27
N ASN A 311 48.78 19.48 -50.64
CA ASN A 311 47.83 18.55 -50.06
C ASN A 311 47.00 19.20 -48.98
N ALA A 312 47.56 20.18 -48.26
CA ALA A 312 46.83 20.82 -47.19
C ALA A 312 45.57 21.51 -47.70
N VAL A 313 45.57 21.97 -48.93
CA VAL A 313 44.40 22.65 -49.48
C VAL A 313 43.31 21.63 -49.80
N THR A 314 43.65 20.58 -50.54
CA THR A 314 42.62 19.61 -50.92
C THR A 314 42.17 18.78 -49.73
N ALA A 315 42.97 18.74 -48.66
CA ALA A 315 42.49 18.09 -47.45
C ALA A 315 41.41 18.89 -46.77
N ILE A 316 41.43 20.22 -46.94
CA ILE A 316 40.48 21.10 -46.30
C ILE A 316 39.23 21.27 -47.14
N SER A 317 39.40 21.69 -48.39
CA SER A 317 38.26 21.93 -49.25
C SER A 317 37.63 20.64 -49.78
N TYR A 318 38.41 19.57 -49.95
CA TYR A 318 37.87 18.36 -50.55
C TYR A 318 37.98 17.10 -49.71
N HIS A 319 38.57 17.17 -48.53
CA HIS A 319 38.72 16.00 -47.65
C HIS A 319 39.40 14.85 -48.37
N SER A 320 40.42 15.16 -49.16
CA SER A 320 41.03 14.15 -49.99
C SER A 320 42.47 14.54 -50.28
N ILE A 321 43.31 13.53 -50.46
CA ILE A 321 44.75 13.68 -50.65
C ILE A 321 45.15 12.68 -51.72
N LEU A 322 45.68 13.20 -52.83
CA LEU A 322 46.20 12.38 -53.90
C LEU A 322 47.72 12.57 -53.80
N ALA A 323 48.40 11.53 -53.32
CA ALA A 323 49.87 11.54 -53.11
C ALA A 323 50.67 12.20 -54.23
N ASP A 324 51.64 13.02 -53.86
CA ASP A 324 52.44 13.72 -54.87
C ASP A 324 51.56 14.53 -55.82
N PHE A 325 50.78 15.44 -55.24
CA PHE A 325 49.97 16.33 -56.07
C PHE A 325 50.83 17.24 -56.91
N ASN A 326 52.05 17.53 -56.46
CA ASN A 326 52.96 18.33 -57.27
C ASN A 326 53.48 17.55 -58.46
N SER A 327 53.48 16.23 -58.40
CA SER A 327 54.01 15.42 -59.49
C SER A 327 52.99 15.25 -60.61
N TYR A 328 51.72 15.05 -60.27
CA TYR A 328 50.71 14.91 -61.30
C TYR A 328 50.53 16.19 -62.10
N LYS A 329 50.70 17.35 -61.47
CA LYS A 329 50.61 18.60 -62.22
C LYS A 329 51.72 18.70 -63.26
N ALA A 330 52.91 18.22 -62.94
CA ALA A 330 53.99 18.31 -63.89
C ALA A 330 53.84 17.26 -64.98
N HIS A 331 53.29 16.10 -64.65
CA HIS A 331 53.15 15.07 -65.67
C HIS A 331 52.00 15.37 -66.62
N LEU A 332 50.89 15.92 -66.12
CA LEU A 332 49.84 16.37 -67.03
C LEU A 332 50.28 17.57 -67.85
N THR A 333 51.16 18.41 -67.31
CA THR A 333 51.73 19.49 -68.10
C THR A 333 52.65 18.94 -69.18
N SER A 334 53.41 17.90 -68.86
CA SER A 334 54.34 17.32 -69.82
C SER A 334 53.71 16.26 -70.70
N GLY A 335 52.50 15.83 -70.41
CA GLY A 335 51.83 14.80 -71.18
C GLY A 335 52.33 13.41 -70.94
N GLN A 336 53.30 13.22 -70.05
CA GLN A 336 53.89 11.92 -69.84
C GLN A 336 52.96 11.02 -69.04
N PRO A 337 52.63 9.84 -69.53
CA PRO A 337 51.63 8.99 -68.86
C PRO A 337 52.14 8.24 -67.64
N HIS A 338 53.42 7.88 -67.62
CA HIS A 338 53.92 7.00 -66.57
C HIS A 338 54.62 7.76 -65.45
N LEU A 339 54.43 7.30 -64.21
CA LEU A 339 55.12 7.80 -63.04
C LEU A 339 56.25 6.86 -62.68
N PRO A 340 57.43 7.35 -62.29
CA PRO A 340 58.49 6.41 -61.87
C PRO A 340 58.17 5.63 -60.61
N ASN A 341 57.42 6.20 -59.66
CA ASN A 341 57.06 5.50 -58.43
C ASN A 341 55.79 6.12 -57.87
N ASP A 342 55.03 5.33 -57.09
CA ASP A 342 53.71 5.76 -56.64
C ASP A 342 53.74 6.02 -55.14
N SER A 343 54.77 6.72 -54.69
CA SER A 343 54.89 7.34 -53.38
C SER A 343 54.95 6.35 -52.23
N LEU A 344 54.38 5.16 -52.41
CA LEU A 344 54.43 4.19 -51.32
C LEU A 344 55.77 3.48 -51.29
N SER A 345 56.34 3.20 -52.46
CA SER A 345 57.73 2.79 -52.49
C SER A 345 58.64 3.98 -52.26
N GLN A 346 58.10 5.19 -52.39
CA GLN A 346 58.94 6.38 -52.38
C GLN A 346 59.35 6.76 -50.97
N ALA A 347 58.65 6.26 -49.97
CA ALA A 347 58.85 6.68 -48.59
C ALA A 347 59.73 5.70 -47.84
N GLY A 348 60.86 6.20 -47.35
CA GLY A 348 61.58 5.58 -46.27
C GLY A 348 62.38 4.35 -46.64
N ALA A 349 62.93 3.75 -45.58
CA ALA A 349 63.77 2.55 -45.64
C ALA A 349 65.09 2.83 -46.36
N HIS A 350 65.64 4.02 -46.14
CA HIS A 350 66.90 4.38 -46.78
C HIS A 350 68.08 3.66 -46.14
N SER A 351 68.09 3.57 -44.82
CA SER A 351 69.18 2.94 -44.09
C SER A 351 69.05 1.42 -44.15
N LEU A 352 70.13 0.74 -43.81
CA LEU A 352 70.15 -0.71 -43.77
C LEU A 352 71.04 -1.18 -42.64
N THR A 353 70.72 -2.35 -42.08
CA THR A 353 71.58 -2.99 -41.10
C THR A 353 71.56 -4.49 -41.30
N PRO A 354 72.68 -5.15 -41.05
CA PRO A 354 72.69 -6.61 -41.15
C PRO A 354 72.10 -7.27 -39.92
N LEU A 355 71.52 -8.45 -40.14
CA LEU A 355 70.97 -9.26 -39.05
C LEU A 355 70.89 -10.70 -39.52
N SER A 356 71.23 -11.64 -38.63
CA SER A 356 71.32 -13.03 -39.01
C SER A 356 69.94 -13.68 -39.05
N MET A 357 69.72 -14.50 -40.08
CA MET A 357 68.45 -15.19 -40.25
C MET A 357 68.74 -16.57 -40.79
N ASP A 358 67.76 -17.45 -40.74
CA ASP A 358 67.79 -18.73 -41.43
C ASP A 358 66.98 -18.62 -42.70
N VAL A 359 67.47 -19.23 -43.78
CA VAL A 359 66.77 -19.18 -45.05
C VAL A 359 66.78 -20.58 -45.65
N ILE A 360 65.87 -20.80 -46.60
CA ILE A 360 65.78 -22.06 -47.31
C ILE A 360 65.61 -21.79 -48.79
N ARG A 361 66.17 -22.69 -49.58
CA ARG A 361 65.94 -22.71 -51.03
C ARG A 361 64.68 -23.52 -51.27
N LEU A 362 63.73 -22.92 -51.97
CA LEU A 362 62.48 -23.57 -52.31
C LEU A 362 62.36 -23.54 -53.83
N GLY A 363 63.45 -23.92 -54.51
CA GLY A 363 63.56 -23.76 -55.94
C GLY A 363 63.69 -22.31 -56.39
N GLU A 364 64.81 -21.70 -56.00
CA GLU A 364 65.19 -20.33 -56.37
C GLU A 364 64.31 -19.29 -55.68
N LYS A 365 63.32 -19.73 -54.91
CA LYS A 365 62.81 -18.88 -53.85
C LYS A 365 63.73 -19.01 -52.64
N THR A 366 63.96 -17.92 -51.91
CA THR A 366 64.82 -17.96 -50.73
C THR A 366 63.98 -17.52 -49.54
N VAL A 367 63.20 -18.46 -49.02
CA VAL A 367 62.25 -18.15 -47.98
C VAL A 367 62.97 -18.01 -46.64
N ILE A 368 62.65 -16.97 -45.91
CA ILE A 368 63.15 -16.85 -44.55
C ILE A 368 62.36 -17.78 -43.63
N MET A 369 63.03 -18.36 -42.65
CA MET A 369 62.40 -19.18 -41.64
C MET A 369 62.55 -18.50 -40.30
N GLU A 370 61.44 -18.29 -39.60
CA GLU A 370 61.53 -17.57 -38.34
C GLU A 370 60.49 -18.07 -37.36
N ASN A 371 60.97 -18.41 -36.17
CA ASN A 371 60.10 -18.69 -35.03
C ASN A 371 59.77 -17.38 -34.33
N LEU A 372 58.64 -17.36 -33.63
CA LEU A 372 58.26 -16.19 -32.85
C LEU A 372 58.10 -16.49 -31.37
N ARG A 373 58.45 -17.70 -30.91
CA ARG A 373 58.24 -18.05 -29.51
C ARG A 373 59.00 -17.14 -28.57
N ARG A 374 60.17 -16.69 -28.97
CA ARG A 374 60.99 -15.81 -28.14
C ARG A 374 60.24 -14.57 -27.70
N VAL A 375 59.28 -14.09 -28.49
CA VAL A 375 58.54 -12.88 -28.14
C VAL A 375 57.32 -13.18 -27.27
N TYR A 376 57.03 -14.45 -26.99
CA TYR A 376 55.87 -14.80 -26.19
C TYR A 376 56.22 -15.53 -24.89
N LYS A 377 57.48 -15.57 -24.51
CA LYS A 377 57.84 -16.24 -23.27
C LYS A 377 57.29 -15.49 -22.07
N ASN A 378 56.72 -16.22 -21.12
CA ASN A 378 56.37 -15.73 -19.80
C ASN A 378 55.29 -14.67 -19.81
N THR A 379 54.82 -14.25 -20.98
CA THR A 379 53.69 -13.33 -21.03
C THR A 379 52.39 -14.09 -20.84
N ASP A 380 51.30 -13.34 -20.74
CA ASP A 380 49.99 -13.96 -20.58
C ASP A 380 49.19 -14.01 -21.87
N THR A 381 49.75 -13.62 -23.01
CA THR A 381 49.03 -13.63 -24.28
C THR A 381 49.40 -14.86 -25.08
N LYS A 382 48.38 -15.58 -25.54
CA LYS A 382 48.59 -16.81 -26.27
C LYS A 382 49.22 -16.55 -27.64
N ASP A 383 50.05 -17.47 -28.08
CA ASP A 383 50.65 -17.37 -29.41
C ASP A 383 49.56 -17.40 -30.48
N PRO A 384 49.56 -16.47 -31.43
CA PRO A 384 48.52 -16.51 -32.47
C PRO A 384 48.68 -17.67 -33.43
N LEU A 385 49.89 -18.19 -33.59
CA LEU A 385 50.07 -19.34 -34.47
C LEU A 385 49.48 -20.61 -33.86
N GLU A 386 49.65 -20.80 -32.55
CA GLU A 386 49.02 -21.93 -31.89
C GLU A 386 47.52 -21.74 -31.87
N ARG A 387 46.77 -22.75 -32.31
CA ARG A 387 45.34 -22.61 -32.51
C ARG A 387 44.67 -23.87 -32.04
N ASN A 388 43.34 -23.88 -32.15
CA ASN A 388 42.58 -25.11 -32.04
C ASN A 388 41.63 -25.18 -33.21
N VAL A 389 41.28 -26.39 -33.60
CA VAL A 389 40.49 -26.64 -34.79
C VAL A 389 39.35 -27.57 -34.42
N ASP A 390 38.13 -27.13 -34.64
CA ASP A 390 36.95 -27.97 -34.45
C ASP A 390 36.68 -28.80 -35.69
N LEU A 391 36.20 -30.03 -35.47
CA LEU A 391 35.81 -30.92 -36.56
C LEU A 391 34.54 -31.64 -36.11
N THR A 392 33.43 -31.43 -36.83
CA THR A 392 32.20 -32.13 -36.51
C THR A 392 32.21 -33.56 -37.05
N PHE A 393 31.74 -34.50 -36.24
CA PHE A 393 31.60 -35.89 -36.64
C PHE A 393 30.14 -36.30 -36.52
N PHE A 394 29.78 -37.42 -37.12
CA PHE A 394 28.38 -37.82 -37.03
C PHE A 394 28.28 -39.32 -37.30
N PHE A 395 27.40 -39.99 -36.57
CA PHE A 395 27.35 -41.44 -36.61
C PHE A 395 25.93 -41.98 -36.38
N PRO A 396 25.54 -43.03 -37.09
CA PRO A 396 24.22 -43.64 -36.83
C PRO A 396 24.21 -44.35 -35.49
N VAL A 397 23.00 -44.53 -34.96
CA VAL A 397 22.78 -45.46 -33.86
C VAL A 397 21.36 -45.96 -33.95
N GLY A 398 21.20 -47.28 -33.97
CA GLY A 398 19.88 -47.86 -34.04
C GLY A 398 19.27 -47.95 -35.43
N LEU A 399 20.06 -48.08 -36.47
CA LEU A 399 19.50 -48.14 -37.82
C LEU A 399 18.86 -49.51 -38.02
N TYR A 400 18.46 -49.81 -39.25
CA TYR A 400 17.89 -51.12 -39.56
C TYR A 400 18.20 -51.42 -41.02
N LEU A 401 19.24 -52.21 -41.24
CA LEU A 401 19.64 -52.53 -42.58
C LEU A 401 18.70 -53.58 -43.17
N PRO A 402 18.31 -53.43 -44.44
CA PRO A 402 17.27 -54.30 -44.99
C PRO A 402 17.64 -55.76 -44.89
N GLU A 403 16.64 -56.57 -44.52
CA GLU A 403 16.81 -58.01 -44.59
C GLU A 403 16.57 -58.52 -46.01
N ASP A 404 15.80 -57.79 -46.82
CA ASP A 404 15.54 -58.22 -48.19
C ASP A 404 16.86 -58.33 -48.92
N ARG A 405 17.55 -57.21 -49.03
CA ARG A 405 18.88 -57.20 -49.63
C ARG A 405 19.94 -57.35 -48.53
N GLY A 406 19.79 -58.39 -47.72
CA GLY A 406 20.74 -58.64 -46.67
C GLY A 406 21.96 -59.34 -47.19
N TYR A 407 23.09 -59.11 -46.55
CA TYR A 407 24.35 -59.63 -47.08
C TYR A 407 25.40 -59.57 -45.99
N THR A 408 26.51 -60.25 -46.22
CA THR A 408 27.44 -60.54 -45.14
C THR A 408 28.84 -60.79 -45.67
N THR A 409 29.68 -59.77 -45.58
CA THR A 409 31.09 -59.87 -45.86
C THR A 409 31.79 -60.70 -44.78
N VAL A 410 32.43 -59.99 -43.85
CA VAL A 410 33.42 -60.52 -42.89
C VAL A 410 33.15 -61.88 -42.26
N GLU A 411 31.96 -62.46 -42.46
CA GLU A 411 31.52 -63.60 -41.66
C GLU A 411 32.60 -64.65 -41.42
N SER A 412 33.63 -64.72 -42.25
CA SER A 412 34.67 -65.69 -41.94
C SER A 412 35.38 -65.34 -40.64
N LYS A 413 35.51 -64.06 -40.29
CA LYS A 413 36.15 -63.70 -39.03
C LYS A 413 35.23 -63.86 -37.83
N VAL A 414 34.16 -63.06 -37.76
CA VAL A 414 33.28 -63.07 -36.60
C VAL A 414 32.22 -64.15 -36.74
N LYS A 415 31.68 -64.57 -35.60
CA LYS A 415 30.50 -65.43 -35.55
C LYS A 415 29.69 -65.05 -34.33
N LEU A 416 28.65 -64.26 -34.52
CA LEU A 416 27.83 -63.84 -33.39
C LEU A 416 26.88 -64.94 -32.98
N ASN A 417 26.54 -64.96 -31.69
CA ASN A 417 25.57 -65.92 -31.19
C ASN A 417 24.19 -65.61 -31.75
N ASP A 418 23.43 -66.66 -32.05
CA ASP A 418 22.08 -66.50 -32.60
C ASP A 418 21.13 -66.01 -31.51
N THR A 419 20.71 -64.74 -31.63
CA THR A 419 19.85 -64.13 -30.62
C THR A 419 19.29 -62.85 -31.21
N VAL A 420 18.10 -62.45 -30.75
CA VAL A 420 17.44 -61.28 -31.32
C VAL A 420 18.18 -60.00 -30.97
N ARG A 421 18.85 -59.95 -29.82
CA ARG A 421 19.64 -58.76 -29.53
C ARG A 421 20.83 -58.66 -30.47
N ASN A 422 21.43 -59.79 -30.85
CA ASN A 422 22.43 -59.78 -31.90
C ASN A 422 21.84 -59.42 -33.25
N ALA A 423 20.52 -59.54 -33.42
CA ALA A 423 19.90 -59.30 -34.72
C ALA A 423 19.70 -57.81 -34.99
N LEU A 424 18.94 -57.16 -34.15
CA LEU A 424 18.68 -55.74 -34.33
C LEU A 424 19.74 -54.90 -33.63
N PRO A 425 20.27 -53.87 -34.27
CA PRO A 425 21.15 -52.95 -33.55
C PRO A 425 20.37 -52.03 -32.63
N THR A 426 20.88 -51.91 -31.40
CA THR A 426 20.24 -51.10 -30.37
C THR A 426 21.26 -50.13 -29.79
N THR A 427 22.52 -50.52 -29.80
CA THR A 427 23.61 -49.77 -29.18
C THR A 427 24.57 -49.29 -30.25
N ALA A 428 25.63 -48.61 -29.83
CA ALA A 428 26.71 -48.25 -30.74
C ALA A 428 28.00 -48.17 -29.94
N TYR A 429 29.11 -48.45 -30.62
CA TYR A 429 30.39 -48.53 -29.95
C TYR A 429 31.42 -47.69 -30.68
N LEU A 430 32.19 -46.93 -29.90
CA LEU A 430 33.23 -46.04 -30.39
C LEU A 430 34.42 -46.11 -29.45
N LEU A 431 35.32 -45.14 -29.53
CA LEU A 431 36.48 -45.16 -28.67
C LEU A 431 36.78 -43.76 -28.14
N ASN A 432 37.39 -43.73 -26.96
CA ASN A 432 37.63 -42.52 -26.19
C ASN A 432 38.77 -41.71 -26.78
N ARG A 433 39.21 -40.70 -26.05
CA ARG A 433 40.38 -39.96 -26.48
C ARG A 433 41.57 -40.88 -26.64
N ASP A 434 41.99 -41.50 -25.56
CA ASP A 434 42.80 -42.70 -25.64
C ASP A 434 41.89 -43.86 -25.99
N ARG A 435 42.37 -44.75 -26.85
CA ARG A 435 41.51 -45.79 -27.39
C ARG A 435 40.92 -46.62 -26.29
N ALA A 436 39.60 -46.67 -26.24
CA ALA A 436 38.93 -47.45 -25.20
C ALA A 436 37.50 -47.65 -25.63
N VAL A 437 37.02 -48.88 -25.48
CA VAL A 437 35.69 -49.20 -25.96
C VAL A 437 34.67 -48.41 -25.16
N GLN A 438 33.76 -47.77 -25.85
CA GLN A 438 32.77 -46.90 -25.25
C GLN A 438 31.44 -47.11 -25.95
N LYS A 439 30.35 -47.03 -25.20
CA LYS A 439 29.08 -47.53 -25.68
C LYS A 439 28.00 -46.49 -25.43
N ILE A 440 26.98 -46.50 -26.31
CA ILE A 440 25.85 -45.58 -26.17
C ILE A 440 24.57 -46.36 -26.39
N ASP A 441 23.78 -46.55 -25.34
CA ASP A 441 22.47 -47.17 -25.43
C ASP A 441 21.41 -46.10 -25.58
N PHE A 442 20.16 -46.52 -25.71
CA PHE A 442 19.10 -45.52 -25.77
C PHE A 442 18.87 -44.84 -24.42
N VAL A 443 19.16 -45.51 -23.31
CA VAL A 443 18.94 -44.87 -22.00
C VAL A 443 19.74 -43.60 -21.90
N ASP A 444 20.96 -43.60 -22.44
CA ASP A 444 21.78 -42.40 -22.35
C ASP A 444 21.13 -41.21 -23.02
N ALA A 445 20.29 -41.43 -24.03
CA ALA A 445 19.64 -40.34 -24.73
C ALA A 445 18.41 -39.82 -24.00
N LEU A 446 18.05 -40.40 -22.87
CA LEU A 446 16.77 -40.07 -22.24
C LEU A 446 16.66 -38.60 -21.88
N LYS A 447 17.79 -37.93 -21.68
CA LYS A 447 17.73 -36.52 -21.29
C LYS A 447 17.33 -35.62 -22.45
N THR A 448 17.28 -36.13 -23.67
CA THR A 448 16.83 -35.33 -24.78
C THR A 448 15.64 -35.93 -25.51
N LEU A 449 15.45 -37.24 -25.46
CA LEU A 449 14.26 -37.83 -26.08
C LEU A 449 13.00 -37.46 -25.30
N CYS A 450 13.14 -37.10 -24.04
CA CYS A 450 12.00 -36.91 -23.17
C CYS A 450 11.63 -35.44 -22.96
N HIS A 451 12.37 -34.51 -23.55
CA HIS A 451 12.09 -33.11 -23.32
C HIS A 451 10.82 -32.69 -24.05
N PRO A 452 9.95 -31.91 -23.42
CA PRO A 452 8.70 -31.54 -24.07
C PRO A 452 8.88 -30.95 -25.45
N VAL A 453 9.96 -30.21 -25.71
CA VAL A 453 10.09 -29.59 -27.02
C VAL A 453 10.17 -30.64 -28.10
N LEU A 454 10.51 -31.88 -27.74
CA LEU A 454 10.42 -32.96 -28.69
C LEU A 454 8.99 -33.41 -28.93
N HIS A 455 8.10 -33.19 -27.96
CA HIS A 455 6.77 -33.75 -28.02
C HIS A 455 5.65 -32.74 -28.24
N GLU A 456 5.96 -31.46 -28.48
CA GLU A 456 4.92 -30.49 -28.80
C GLU A 456 5.14 -29.92 -30.19
N PRO A 457 4.22 -30.10 -31.13
CA PRO A 457 4.41 -29.62 -32.49
C PRO A 457 3.81 -28.26 -32.81
N ALA A 458 3.40 -27.49 -31.81
CA ALA A 458 2.93 -26.13 -32.09
C ALA A 458 3.96 -25.30 -32.85
N PRO A 459 5.25 -25.33 -32.52
CA PRO A 459 6.22 -24.62 -33.37
C PRO A 459 6.28 -25.16 -34.79
N CYS A 460 6.03 -26.44 -34.98
CA CYS A 460 6.09 -27.04 -36.31
C CYS A 460 4.85 -26.70 -37.13
N LEU A 461 3.71 -26.55 -36.47
CA LEU A 461 2.46 -26.28 -37.18
C LEU A 461 2.46 -24.87 -37.75
N GLN A 462 3.07 -23.91 -37.06
CA GLN A 462 3.19 -22.57 -37.62
C GLN A 462 3.95 -22.59 -38.94
N THR A 463 5.11 -23.25 -38.94
CA THR A 463 5.91 -23.28 -40.16
C THR A 463 5.23 -24.10 -41.25
N PHE A 464 4.39 -25.06 -40.87
CA PHE A 464 3.69 -25.84 -41.87
C PHE A 464 2.51 -25.08 -42.48
N THR A 465 1.78 -24.33 -41.65
CA THR A 465 0.65 -23.55 -42.12
C THR A 465 1.08 -22.29 -42.85
N GLU A 466 2.25 -21.75 -42.50
CA GLU A 466 2.67 -20.48 -43.08
C GLU A 466 2.84 -20.59 -44.59
N ARG A 467 3.52 -21.65 -45.04
CA ARG A 467 3.69 -21.83 -46.47
C ARG A 467 2.36 -22.20 -47.14
N GLY A 468 1.58 -23.05 -46.51
CA GLY A 468 0.27 -23.40 -47.02
C GLY A 468 0.35 -24.49 -48.06
N PRO A 469 -0.74 -24.66 -48.82
CA PRO A 469 -0.76 -25.71 -49.82
C PRO A 469 0.21 -25.43 -50.93
N PRO A 470 0.72 -26.46 -51.59
CA PRO A 470 1.62 -26.26 -52.72
C PRO A 470 0.87 -25.74 -53.94
N SER A 471 1.58 -24.98 -54.77
CA SER A 471 0.97 -24.44 -55.97
C SER A 471 1.02 -25.40 -57.15
N GLU A 472 1.76 -26.50 -57.05
CA GLU A 472 1.93 -27.38 -58.19
C GLU A 472 0.64 -28.11 -58.49
N PRO A 473 0.29 -28.31 -59.76
CA PRO A 473 -0.89 -29.13 -60.08
C PRO A 473 -0.72 -30.57 -59.66
N ALA A 474 0.50 -31.10 -59.72
CA ALA A 474 0.71 -32.50 -59.41
C ALA A 474 0.47 -32.81 -57.94
N MET A 475 0.64 -31.84 -57.06
CA MET A 475 0.31 -32.02 -55.65
C MET A 475 -1.18 -31.90 -55.39
N GLN A 476 -1.96 -31.45 -56.37
CA GLN A 476 -3.35 -31.11 -56.10
C GLN A 476 -4.18 -32.33 -55.76
N ARG A 477 -3.90 -33.47 -56.39
CA ARG A 477 -4.61 -34.69 -56.03
C ARG A 477 -4.40 -35.03 -54.57
N LEU A 478 -3.28 -34.62 -54.02
CA LEU A 478 -2.95 -34.83 -52.62
C LEU A 478 -3.70 -33.87 -51.71
N LEU A 479 -4.13 -32.75 -52.27
CA LEU A 479 -4.57 -31.63 -51.46
C LEU A 479 -5.96 -31.85 -50.90
N GLU A 480 -6.90 -32.30 -51.72
CA GLU A 480 -8.31 -32.20 -51.43
C GLU A 480 -8.84 -33.48 -50.81
N CYS A 481 -9.38 -33.36 -49.60
CA CYS A 481 -10.20 -34.38 -48.95
C CYS A 481 -10.94 -33.66 -47.84
N ARG A 482 -12.23 -33.96 -47.72
CA ARG A 482 -13.13 -33.14 -46.92
C ARG A 482 -13.63 -33.96 -45.73
N PHE A 483 -12.93 -33.86 -44.60
CA PHE A 483 -13.42 -34.49 -43.39
C PHE A 483 -14.60 -33.71 -42.85
N GLN A 484 -15.68 -34.45 -42.59
CA GLN A 484 -16.97 -33.84 -42.33
C GLN A 484 -17.63 -34.54 -41.18
N GLN A 485 -17.86 -33.81 -40.09
CA GLN A 485 -18.43 -34.40 -38.91
C GLN A 485 -19.92 -34.66 -39.11
N GLU A 486 -20.38 -35.83 -38.70
CA GLU A 486 -21.74 -36.21 -38.96
C GLU A 486 -22.34 -36.79 -37.69
N PRO A 487 -23.61 -36.50 -37.40
CA PRO A 487 -24.25 -37.05 -36.19
C PRO A 487 -24.49 -38.54 -36.32
N MET A 488 -24.38 -39.24 -35.19
CA MET A 488 -24.50 -40.70 -35.13
C MET A 488 -25.93 -41.19 -34.98
N GLY A 489 -26.94 -40.33 -35.10
CA GLY A 489 -28.30 -40.78 -34.90
C GLY A 489 -28.72 -41.86 -35.88
N GLY A 490 -28.61 -41.60 -37.17
CA GLY A 490 -29.18 -42.54 -38.10
C GLY A 490 -28.16 -43.37 -38.83
N ALA A 491 -26.97 -43.54 -38.25
CA ALA A 491 -25.84 -44.04 -39.01
C ALA A 491 -26.11 -45.44 -39.55
N ALA A 492 -26.48 -46.38 -38.69
CA ALA A 492 -26.66 -47.75 -39.15
C ALA A 492 -27.77 -47.85 -40.21
N ARG A 493 -28.83 -47.06 -40.05
CA ARG A 493 -29.91 -47.09 -41.03
C ARG A 493 -29.51 -46.40 -42.32
N ARG A 494 -28.91 -45.22 -42.23
CA ARG A 494 -28.60 -44.45 -43.42
C ARG A 494 -27.27 -44.84 -44.05
N ILE A 495 -26.67 -45.96 -43.60
CA ILE A 495 -25.38 -46.36 -44.14
C ILE A 495 -25.46 -46.76 -45.61
N PRO A 496 -26.54 -47.35 -46.13
CA PRO A 496 -26.59 -47.51 -47.59
C PRO A 496 -26.90 -46.22 -48.32
N HIS A 497 -27.53 -45.26 -47.65
CA HIS A 497 -27.81 -43.98 -48.30
C HIS A 497 -26.54 -43.34 -48.81
N PHE A 498 -25.40 -43.62 -48.17
CA PHE A 498 -24.13 -43.13 -48.69
C PHE A 498 -23.80 -43.77 -50.02
N TYR A 499 -23.98 -45.09 -50.14
CA TYR A 499 -23.50 -45.77 -51.31
C TYR A 499 -24.42 -45.61 -52.51
N ARG A 500 -25.50 -44.85 -52.39
CA ARG A 500 -26.33 -44.60 -53.56
C ARG A 500 -25.64 -43.66 -54.53
N VAL A 501 -24.93 -42.66 -54.02
CA VAL A 501 -24.17 -41.79 -54.89
C VAL A 501 -23.01 -42.55 -55.52
N ARG A 502 -22.82 -42.38 -56.81
CA ARG A 502 -21.75 -43.05 -57.54
C ARG A 502 -20.51 -42.18 -57.66
N ARG A 503 -20.37 -41.16 -56.84
CA ARG A 503 -19.18 -40.33 -56.88
C ARG A 503 -18.00 -41.04 -56.25
N GLU A 504 -16.86 -40.98 -56.92
CA GLU A 504 -15.63 -41.54 -56.38
C GLU A 504 -15.12 -40.66 -55.24
N VAL A 505 -14.41 -41.26 -54.30
CA VAL A 505 -14.09 -40.66 -53.02
C VAL A 505 -12.60 -40.31 -53.00
N PRO A 506 -12.22 -39.09 -52.66
CA PRO A 506 -10.79 -38.73 -52.65
C PRO A 506 -10.06 -39.34 -51.47
N ARG A 507 -8.85 -39.83 -51.72
CA ARG A 507 -8.10 -40.53 -50.70
C ARG A 507 -7.44 -39.55 -49.74
N THR A 508 -6.92 -40.10 -48.65
CA THR A 508 -6.17 -39.31 -47.69
C THR A 508 -4.72 -39.24 -48.09
N VAL A 509 -3.95 -38.43 -47.35
CA VAL A 509 -2.53 -38.30 -47.64
C VAL A 509 -1.77 -39.53 -47.17
N ASN A 510 -1.92 -39.90 -45.90
CA ASN A 510 -1.18 -41.06 -45.40
C ASN A 510 -1.68 -42.36 -45.98
N GLU A 511 -2.88 -42.36 -46.57
CA GLU A 511 -3.29 -43.54 -47.32
C GLU A 511 -2.46 -43.70 -48.57
N MET A 512 -2.24 -42.61 -49.31
CA MET A 512 -1.31 -42.65 -50.42
C MET A 512 0.11 -42.92 -49.96
N LYS A 513 0.47 -42.46 -48.78
CA LYS A 513 1.87 -42.46 -48.34
C LYS A 513 2.41 -43.87 -48.17
N GLN A 514 1.55 -44.87 -48.08
CA GLN A 514 1.99 -46.21 -47.73
C GLN A 514 2.53 -46.99 -48.91
N ASP A 515 2.05 -46.69 -50.12
CA ASP A 515 2.33 -47.56 -51.26
C ASP A 515 3.79 -47.52 -51.71
N PHE A 516 4.53 -46.47 -51.37
CA PHE A 516 5.95 -46.42 -51.70
C PHE A 516 6.73 -47.44 -50.88
N VAL A 517 7.59 -48.19 -51.55
CA VAL A 517 8.52 -49.09 -50.87
C VAL A 517 9.51 -48.25 -50.08
N VAL A 518 10.23 -48.89 -49.15
CA VAL A 518 11.09 -48.11 -48.27
C VAL A 518 12.24 -47.47 -49.04
N THR A 519 12.68 -48.08 -50.13
CA THR A 519 13.80 -47.52 -50.88
C THR A 519 13.37 -46.41 -51.80
N ASP A 520 12.08 -46.32 -52.10
CA ASP A 520 11.54 -45.26 -52.93
C ASP A 520 10.92 -44.14 -52.13
N PHE A 521 10.62 -44.37 -50.85
CA PHE A 521 9.95 -43.36 -50.04
C PHE A 521 10.73 -42.07 -50.01
N TYR A 522 12.05 -42.13 -50.04
CA TYR A 522 12.85 -40.91 -49.97
C TYR A 522 13.05 -40.25 -51.32
N LYS A 523 12.81 -40.95 -52.43
CA LYS A 523 13.13 -40.37 -53.72
C LYS A 523 12.18 -39.22 -54.03
N VAL A 524 12.61 -38.36 -54.95
CA VAL A 524 11.92 -37.12 -55.24
C VAL A 524 10.50 -37.36 -55.75
N GLY A 525 10.21 -38.56 -56.24
CA GLY A 525 8.89 -38.82 -56.78
C GLY A 525 7.80 -38.87 -55.74
N ASN A 526 8.17 -39.07 -54.48
CA ASN A 526 7.19 -39.09 -53.41
C ASN A 526 6.62 -37.69 -53.22
N ILE A 527 5.32 -37.54 -53.47
CA ILE A 527 4.72 -36.20 -53.44
C ILE A 527 4.20 -35.86 -52.06
N THR A 528 4.23 -36.79 -51.13
CA THR A 528 3.75 -36.55 -49.77
C THR A 528 4.88 -36.21 -48.81
N LEU A 529 6.06 -35.89 -49.32
CA LEU A 529 7.24 -35.75 -48.47
C LEU A 529 7.08 -34.59 -47.50
N TYR A 530 6.44 -33.51 -47.91
CA TYR A 530 6.31 -32.37 -47.03
C TYR A 530 5.34 -32.64 -45.88
N THR A 531 4.64 -33.78 -45.92
CA THR A 531 3.79 -34.17 -44.82
C THR A 531 4.60 -34.73 -43.65
N GLU A 532 5.76 -35.32 -43.92
CA GLU A 532 6.53 -36.01 -42.90
C GLU A 532 7.43 -35.03 -42.13
N LEU A 533 6.78 -34.07 -41.47
CA LEU A 533 7.52 -33.09 -40.69
C LEU A 533 7.97 -33.64 -39.34
N HIS A 534 7.31 -34.65 -38.83
CA HIS A 534 7.49 -35.00 -37.42
C HIS A 534 7.07 -36.44 -37.22
N PRO A 535 7.89 -37.28 -36.60
CA PRO A 535 7.49 -38.68 -36.42
C PRO A 535 6.27 -38.86 -35.56
N PHE A 536 6.06 -37.99 -34.59
CA PHE A 536 5.02 -38.22 -33.62
C PHE A 536 3.68 -37.59 -33.98
N PHE A 537 3.61 -36.81 -35.07
CA PHE A 537 2.41 -36.02 -35.36
C PHE A 537 2.21 -36.00 -36.88
N ASP A 538 1.16 -36.65 -37.36
CA ASP A 538 0.86 -36.64 -38.77
C ASP A 538 0.15 -35.34 -39.17
N PHE A 539 0.50 -34.84 -40.35
CA PHE A 539 -0.04 -33.59 -40.89
C PHE A 539 -0.83 -33.86 -42.14
N THR A 540 -1.67 -32.89 -42.53
CA THR A 540 -2.38 -32.95 -43.79
C THR A 540 -3.04 -31.60 -44.04
N HIS A 541 -3.62 -31.45 -45.22
CA HIS A 541 -4.41 -30.27 -45.57
C HIS A 541 -5.83 -30.74 -45.84
N CYS A 542 -6.62 -30.85 -44.78
CA CYS A 542 -8.01 -31.21 -44.93
C CYS A 542 -8.73 -30.08 -45.64
N GLN A 543 -9.87 -30.39 -46.21
CA GLN A 543 -10.67 -29.41 -46.95
C GLN A 543 -11.87 -29.03 -46.09
N GLU A 544 -11.81 -27.85 -45.51
CA GLU A 544 -12.98 -27.30 -44.83
C GLU A 544 -13.81 -26.51 -45.83
N ASN A 545 -14.74 -25.68 -45.34
CA ASN A 545 -15.73 -25.03 -46.19
C ASN A 545 -15.04 -23.98 -47.06
N SER A 546 -14.65 -24.40 -48.27
CA SER A 546 -13.87 -23.58 -49.20
C SER A 546 -12.54 -23.16 -48.58
N GLU A 547 -11.93 -24.08 -47.83
CA GLU A 547 -10.67 -23.83 -47.17
C GLU A 547 -9.81 -25.07 -47.21
N THR A 548 -8.49 -24.86 -47.20
CA THR A 548 -7.52 -25.94 -47.09
C THR A 548 -6.74 -25.79 -45.79
N VAL A 549 -7.44 -25.75 -44.67
CA VAL A 549 -6.79 -25.59 -43.38
C VAL A 549 -5.94 -26.80 -43.07
N ALA A 550 -4.73 -26.56 -42.56
CA ALA A 550 -3.83 -27.65 -42.21
C ALA A 550 -4.29 -28.34 -40.93
N LEU A 551 -3.90 -29.60 -40.77
CA LEU A 551 -4.39 -30.42 -39.67
C LEU A 551 -3.27 -31.31 -39.14
N CYS A 552 -2.60 -30.84 -38.09
CA CYS A 552 -1.69 -31.69 -37.35
C CYS A 552 -2.47 -32.58 -36.40
N THR A 553 -2.04 -33.81 -36.26
CA THR A 553 -2.72 -34.72 -35.34
C THR A 553 -1.75 -35.79 -34.86
N PRO A 554 -1.68 -36.06 -33.56
CA PRO A 554 -0.69 -37.01 -33.07
C PRO A 554 -0.92 -38.39 -33.64
N ARG A 555 0.17 -39.07 -33.94
CA ARG A 555 0.14 -40.52 -33.98
C ARG A 555 0.20 -41.00 -32.55
N ILE A 556 -0.45 -42.11 -32.27
CA ILE A 556 -0.59 -42.53 -30.89
C ILE A 556 0.27 -43.77 -30.70
N VAL A 557 0.02 -44.78 -31.52
CA VAL A 557 0.76 -46.03 -31.41
C VAL A 557 1.98 -45.99 -32.33
N ILE A 558 2.99 -46.80 -31.99
CA ILE A 558 4.24 -46.74 -32.74
C ILE A 558 4.06 -47.18 -34.17
N GLY A 559 2.96 -47.83 -34.51
CA GLY A 559 2.80 -48.39 -35.82
C GLY A 559 2.23 -47.49 -36.87
N ASN A 560 1.76 -46.29 -36.50
CA ASN A 560 1.20 -45.39 -37.49
C ASN A 560 2.26 -44.78 -38.39
N LEU A 561 3.54 -44.94 -38.04
CA LEU A 561 4.59 -44.48 -38.92
C LEU A 561 4.43 -45.17 -40.27
N PRO A 562 4.63 -44.46 -41.38
CA PRO A 562 4.33 -45.04 -42.67
C PRO A 562 5.21 -46.25 -42.93
N ASP A 563 4.64 -47.24 -43.61
CA ASP A 563 5.37 -48.47 -43.86
C ASP A 563 6.71 -48.23 -44.51
N GLY A 564 6.88 -47.11 -45.22
CA GLY A 564 8.19 -46.78 -45.75
C GLY A 564 9.22 -46.42 -44.70
N LEU A 565 8.79 -45.88 -43.57
CA LEU A 565 9.71 -45.48 -42.50
C LEU A 565 9.86 -46.52 -41.41
N ALA A 566 8.97 -47.48 -41.32
CA ALA A 566 9.11 -48.65 -40.47
C ALA A 566 8.54 -49.81 -41.25
N PRO A 567 9.37 -50.51 -42.02
CA PRO A 567 8.86 -51.56 -42.88
C PRO A 567 8.19 -52.66 -42.07
N GLY A 568 7.22 -53.32 -42.68
CA GLY A 568 6.55 -54.45 -42.08
C GLY A 568 7.47 -55.53 -41.51
N PRO A 569 8.60 -55.81 -42.15
CA PRO A 569 9.59 -56.68 -41.48
C PRO A 569 10.14 -56.09 -40.20
N PHE A 570 10.26 -54.77 -40.11
CA PHE A 570 10.88 -54.17 -38.94
C PHE A 570 10.05 -54.37 -37.69
N HIS A 571 8.72 -54.25 -37.80
CA HIS A 571 7.88 -54.46 -36.64
C HIS A 571 7.90 -55.91 -36.19
N GLU A 572 8.09 -56.85 -37.11
CA GLU A 572 8.19 -58.24 -36.69
C GLU A 572 9.52 -58.52 -36.01
N LEU A 573 10.61 -57.97 -36.53
CA LEU A 573 11.88 -58.13 -35.85
C LEU A 573 11.87 -57.44 -34.49
N ARG A 574 11.07 -56.38 -34.36
CA ARG A 574 10.96 -55.68 -33.09
C ARG A 574 10.12 -56.47 -32.10
N THR A 575 9.09 -57.17 -32.59
CA THR A 575 8.35 -58.05 -31.70
C THR A 575 9.20 -59.21 -31.23
N TRP A 576 10.11 -59.69 -32.08
CA TRP A 576 11.01 -60.73 -31.61
C TRP A 576 11.92 -60.21 -30.51
N GLU A 577 12.27 -58.93 -30.52
CA GLU A 577 13.03 -58.38 -29.40
C GLU A 577 12.24 -58.47 -28.12
N ILE A 578 10.95 -58.18 -28.17
CA ILE A 578 10.14 -58.17 -26.95
C ILE A 578 9.90 -59.59 -26.46
N MET A 579 9.63 -60.52 -27.37
CA MET A 579 9.46 -61.91 -26.95
C MET A 579 10.76 -62.50 -26.43
N GLU A 580 11.90 -62.07 -26.96
CA GLU A 580 13.18 -62.49 -26.39
C GLU A 580 13.37 -61.90 -25.01
N HIS A 581 12.88 -60.68 -24.80
CA HIS A 581 13.04 -60.05 -23.50
C HIS A 581 12.15 -60.69 -22.45
N MET A 582 10.99 -61.18 -22.86
CA MET A 582 10.02 -61.81 -21.97
C MET A 582 10.25 -63.30 -21.78
N ARG A 583 11.37 -63.83 -22.27
CA ARG A 583 11.68 -65.26 -22.18
C ARG A 583 10.61 -66.09 -22.88
N LEU A 584 10.30 -65.72 -24.12
CA LEU A 584 9.42 -66.50 -24.98
C LEU A 584 10.04 -66.79 -26.34
N ARG A 585 11.36 -66.88 -26.42
CA ARG A 585 12.01 -66.97 -27.73
C ARG A 585 11.49 -68.14 -28.55
N PRO A 586 11.44 -69.37 -28.06
CA PRO A 586 10.57 -70.36 -28.69
C PRO A 586 9.15 -70.18 -28.21
N PRO A 587 8.26 -69.68 -29.06
CA PRO A 587 6.92 -69.36 -28.60
C PRO A 587 6.14 -70.65 -28.31
N PRO A 588 5.17 -70.57 -27.41
CA PRO A 588 4.36 -71.76 -27.12
C PRO A 588 3.60 -72.24 -28.35
N ASP A 589 3.33 -73.55 -28.37
CA ASP A 589 2.78 -74.20 -29.56
C ASP A 589 1.26 -74.11 -29.53
N TYR A 590 0.75 -73.01 -30.05
CA TYR A 590 -0.69 -72.81 -30.20
C TYR A 590 -1.15 -72.89 -31.64
N GLU A 591 -0.26 -73.28 -32.56
CA GLU A 591 -0.60 -73.19 -33.97
C GLU A 591 -1.64 -74.22 -34.37
N GLU A 592 -1.74 -75.34 -33.65
CA GLU A 592 -2.77 -76.31 -33.99
C GLU A 592 -4.16 -75.74 -33.79
N THR A 593 -4.31 -74.79 -32.88
CA THR A 593 -5.57 -74.09 -32.69
C THR A 593 -5.80 -73.07 -33.79
N LEU A 594 -4.77 -72.30 -34.13
CA LEU A 594 -4.93 -71.22 -35.09
C LEU A 594 -5.12 -71.74 -36.51
N ARG A 595 -4.63 -72.92 -36.85
CA ARG A 595 -4.97 -73.47 -38.16
C ARG A 595 -6.46 -73.74 -38.25
N LEU A 596 -7.02 -74.39 -37.24
CA LEU A 596 -8.46 -74.61 -37.21
C LEU A 596 -9.23 -73.31 -37.14
N PHE A 597 -8.65 -72.29 -36.51
CA PHE A 597 -9.34 -71.01 -36.37
C PHE A 597 -9.34 -70.20 -37.66
N LYS A 598 -8.21 -70.14 -38.37
CA LYS A 598 -8.23 -69.50 -39.67
C LYS A 598 -9.12 -70.28 -40.63
N THR A 599 -9.25 -71.59 -40.41
CA THR A 599 -10.12 -72.37 -41.28
C THR A 599 -11.59 -72.10 -41.00
N THR A 600 -11.98 -72.01 -39.73
CA THR A 600 -13.38 -71.73 -39.44
C THR A 600 -13.75 -70.30 -39.73
N VAL A 601 -12.81 -69.39 -39.60
CA VAL A 601 -13.10 -67.97 -39.76
C VAL A 601 -13.04 -67.53 -41.21
N THR A 602 -12.42 -68.31 -42.08
CA THR A 602 -12.42 -68.05 -43.52
C THR A 602 -13.49 -68.82 -44.26
N SER A 603 -14.06 -69.84 -43.65
CA SER A 603 -14.95 -70.72 -44.40
C SER A 603 -16.28 -70.03 -44.64
N PRO A 604 -16.75 -69.95 -45.88
CA PRO A 604 -18.05 -69.35 -46.14
C PRO A 604 -19.22 -70.13 -45.61
N ASN A 605 -19.14 -71.46 -45.59
CA ASN A 605 -20.22 -72.30 -45.08
C ASN A 605 -20.39 -72.18 -43.58
N TYR A 606 -19.89 -71.10 -42.99
CA TYR A 606 -20.02 -70.85 -41.58
C TYR A 606 -21.50 -70.71 -41.22
N PRO A 607 -21.97 -71.35 -40.16
CA PRO A 607 -23.41 -71.39 -39.91
C PRO A 607 -23.97 -70.02 -39.56
N GLU A 608 -25.09 -69.70 -40.19
CA GLU A 608 -25.73 -68.42 -39.96
C GLU A 608 -26.45 -68.36 -38.63
N LEU A 609 -26.75 -69.52 -38.04
CA LEU A 609 -27.34 -69.55 -36.72
C LEU A 609 -26.39 -69.02 -35.67
N CYS A 610 -25.09 -69.17 -35.87
CA CYS A 610 -24.13 -68.70 -34.89
C CYS A 610 -24.27 -67.22 -34.63
N TYR A 611 -24.61 -66.45 -35.66
CA TYR A 611 -24.78 -65.01 -35.49
C TYR A 611 -26.02 -64.69 -34.67
N LEU A 612 -27.13 -65.38 -34.93
CA LEU A 612 -28.37 -65.06 -34.23
C LEU A 612 -28.25 -65.31 -32.74
N VAL A 613 -27.57 -66.37 -32.34
CA VAL A 613 -27.34 -66.62 -30.93
C VAL A 613 -26.38 -65.60 -30.35
N ASP A 614 -25.43 -65.12 -31.14
CA ASP A 614 -24.56 -64.07 -30.66
C ASP A 614 -25.32 -62.77 -30.45
N VAL A 615 -26.45 -62.61 -31.14
CA VAL A 615 -27.25 -61.41 -30.93
C VAL A 615 -28.11 -61.57 -29.71
N LEU A 616 -28.73 -62.74 -29.53
CA LEU A 616 -29.61 -62.94 -28.39
C LEU A 616 -28.84 -62.97 -27.07
N VAL A 617 -27.68 -63.60 -27.05
CA VAL A 617 -26.95 -63.78 -25.78
C VAL A 617 -26.38 -62.47 -25.28
N HIS A 618 -25.96 -61.59 -26.19
CA HIS A 618 -25.45 -60.27 -25.86
C HIS A 618 -24.21 -60.31 -24.98
N GLY A 619 -23.60 -61.46 -24.80
CA GLY A 619 -22.53 -61.59 -23.84
C GLY A 619 -22.98 -61.85 -22.42
N ASN A 620 -24.28 -62.03 -22.20
CA ASN A 620 -24.76 -62.30 -20.86
C ASN A 620 -24.30 -63.67 -20.37
N VAL A 621 -24.06 -63.78 -19.07
CA VAL A 621 -23.76 -65.09 -18.50
C VAL A 621 -25.04 -65.91 -18.37
N ASP A 622 -26.06 -65.34 -17.74
CA ASP A 622 -27.27 -66.12 -17.51
C ASP A 622 -28.05 -66.35 -18.79
N ALA A 623 -27.97 -65.44 -19.76
CA ALA A 623 -28.60 -65.70 -21.04
C ALA A 623 -27.92 -66.84 -21.76
N PHE A 624 -26.61 -66.99 -21.58
CA PHE A 624 -25.94 -68.15 -22.14
C PHE A 624 -26.34 -69.41 -21.41
N LEU A 625 -26.51 -69.34 -20.09
CA LEU A 625 -26.76 -70.55 -19.31
C LEU A 625 -28.06 -71.23 -19.71
N LEU A 626 -28.96 -70.51 -20.37
CA LEU A 626 -30.16 -71.14 -20.92
C LEU A 626 -29.84 -71.99 -22.14
N ILE A 627 -28.98 -71.47 -23.02
CA ILE A 627 -28.71 -72.11 -24.30
C ILE A 627 -27.60 -73.13 -24.20
N ARG A 628 -27.02 -73.30 -23.01
CA ARG A 628 -25.83 -74.13 -22.90
C ARG A 628 -26.04 -75.53 -23.44
N THR A 629 -27.15 -76.17 -23.09
CA THR A 629 -27.40 -77.51 -23.58
C THR A 629 -27.72 -77.53 -25.06
N PHE A 630 -28.06 -76.38 -25.65
CA PHE A 630 -28.28 -76.28 -27.08
C PHE A 630 -26.99 -75.97 -27.83
N VAL A 631 -26.22 -74.99 -27.36
CA VAL A 631 -24.96 -74.66 -28.01
C VAL A 631 -23.99 -75.83 -27.88
N ALA A 632 -24.10 -76.62 -26.82
CA ALA A 632 -23.29 -77.83 -26.70
C ALA A 632 -23.53 -78.77 -27.87
N ARG A 633 -24.79 -78.92 -28.29
CA ARG A 633 -25.08 -79.77 -29.44
C ARG A 633 -24.84 -79.07 -30.75
N CYS A 634 -24.77 -77.75 -30.76
CA CYS A 634 -24.40 -77.06 -32.00
C CYS A 634 -22.94 -77.34 -32.31
N ILE A 635 -22.07 -77.14 -31.32
CA ILE A 635 -20.63 -77.18 -31.55
C ILE A 635 -20.15 -78.54 -32.03
N VAL A 636 -20.58 -79.62 -31.37
CA VAL A 636 -20.06 -80.91 -31.77
C VAL A 636 -20.75 -81.39 -33.05
N ASN A 637 -22.06 -81.15 -33.17
CA ASN A 637 -22.73 -81.53 -34.41
C ASN A 637 -22.12 -80.83 -35.62
N MET A 638 -21.56 -79.64 -35.41
CA MET A 638 -20.91 -78.96 -36.52
C MET A 638 -19.51 -79.48 -36.76
N PHE A 639 -18.67 -79.52 -35.72
CA PHE A 639 -17.32 -80.03 -35.89
C PHE A 639 -17.31 -81.43 -36.49
N HIS A 640 -18.31 -82.25 -36.15
CA HIS A 640 -18.41 -83.56 -36.76
C HIS A 640 -18.78 -83.46 -38.24
N THR A 641 -19.59 -82.48 -38.62
CA THR A 641 -20.10 -82.41 -39.98
C THR A 641 -19.26 -81.52 -40.87
N ARG A 642 -19.18 -80.23 -40.54
CA ARG A 642 -18.20 -79.34 -41.12
C ARG A 642 -17.01 -79.24 -40.18
N GLN A 643 -15.82 -79.43 -40.69
CA GLN A 643 -14.68 -79.49 -39.79
C GLN A 643 -14.33 -78.16 -39.15
N LEU A 644 -15.14 -77.13 -39.33
CA LEU A 644 -14.85 -75.84 -38.73
C LEU A 644 -15.29 -75.75 -37.27
N LEU A 645 -14.50 -75.02 -36.50
CA LEU A 645 -14.88 -74.61 -35.15
C LEU A 645 -15.97 -73.55 -35.23
N VAL A 646 -16.92 -73.61 -34.30
CA VAL A 646 -18.07 -72.72 -34.36
C VAL A 646 -18.04 -71.75 -33.18
N PHE A 647 -18.78 -70.65 -33.34
CA PHE A 647 -18.87 -69.59 -32.36
C PHE A 647 -17.53 -68.90 -32.14
N ALA A 648 -16.67 -68.94 -33.15
CA ALA A 648 -15.36 -68.32 -33.05
C ALA A 648 -15.36 -66.85 -33.41
N HIS A 649 -16.41 -66.37 -34.09
CA HIS A 649 -16.45 -64.97 -34.50
C HIS A 649 -16.63 -64.02 -33.32
N SER A 650 -17.12 -64.49 -32.18
CA SER A 650 -17.49 -63.61 -31.09
C SER A 650 -16.64 -63.88 -29.86
N TYR A 651 -16.02 -62.84 -29.32
CA TYR A 651 -15.29 -62.98 -28.07
C TYR A 651 -16.23 -63.30 -26.92
N ALA A 652 -17.42 -62.72 -26.94
CA ALA A 652 -18.36 -62.95 -25.85
C ALA A 652 -18.72 -64.42 -25.72
N LEU A 653 -18.98 -65.10 -26.84
CA LEU A 653 -19.28 -66.52 -26.76
C LEU A 653 -18.03 -67.35 -26.57
N VAL A 654 -16.94 -67.02 -27.25
CA VAL A 654 -15.75 -67.86 -27.16
C VAL A 654 -15.19 -67.86 -25.75
N THR A 655 -15.52 -66.86 -24.94
CA THR A 655 -15.08 -66.91 -23.56
C THR A 655 -16.02 -67.73 -22.68
N LEU A 656 -17.33 -67.63 -22.91
CA LEU A 656 -18.26 -68.44 -22.14
C LEU A 656 -18.10 -69.92 -22.45
N ILE A 657 -17.75 -70.28 -23.70
CA ILE A 657 -17.56 -71.69 -24.02
C ILE A 657 -16.37 -72.25 -23.24
N ALA A 658 -15.31 -71.47 -23.09
CA ALA A 658 -14.09 -71.94 -22.42
C ALA A 658 -14.20 -71.91 -20.91
N GLU A 659 -15.25 -71.31 -20.36
CA GLU A 659 -15.47 -71.30 -18.91
C GLU A 659 -16.66 -72.16 -18.53
N HIS A 660 -17.84 -71.91 -19.11
CA HIS A 660 -19.04 -72.61 -18.67
C HIS A 660 -19.08 -74.04 -19.19
N LEU A 661 -18.84 -74.23 -20.48
CA LEU A 661 -18.97 -75.57 -21.06
C LEU A 661 -17.80 -76.48 -20.72
N ALA A 662 -16.94 -76.08 -19.80
CA ALA A 662 -15.81 -76.93 -19.43
C ALA A 662 -16.26 -78.16 -18.64
N ASP A 663 -17.26 -78.01 -17.78
CA ASP A 663 -17.63 -79.10 -16.87
C ASP A 663 -17.96 -80.37 -17.63
N GLY A 664 -18.67 -80.25 -18.73
CA GLY A 664 -19.11 -81.38 -19.51
C GLY A 664 -19.67 -80.86 -20.81
N ALA A 665 -20.38 -81.74 -21.51
CA ALA A 665 -21.16 -81.40 -22.70
C ALA A 665 -20.29 -80.92 -23.84
N LEU A 666 -18.98 -80.96 -23.68
CA LEU A 666 -18.05 -80.72 -24.76
C LEU A 666 -16.95 -81.75 -24.63
N PRO A 667 -16.72 -82.60 -25.64
CA PRO A 667 -15.61 -83.52 -25.56
C PRO A 667 -14.31 -82.74 -25.39
N PRO A 668 -13.40 -83.22 -24.53
CA PRO A 668 -12.25 -82.38 -24.17
C PRO A 668 -11.51 -81.79 -25.35
N GLN A 669 -11.45 -82.53 -26.46
CA GLN A 669 -10.79 -82.03 -27.65
C GLN A 669 -11.42 -80.73 -28.13
N LEU A 670 -12.74 -80.67 -28.19
CA LEU A 670 -13.39 -79.45 -28.66
C LEU A 670 -13.19 -78.31 -27.68
N LEU A 671 -13.05 -78.62 -26.39
CA LEU A 671 -12.83 -77.57 -25.40
C LEU A 671 -11.45 -76.96 -25.54
N PHE A 672 -10.45 -77.79 -25.81
CA PHE A 672 -9.09 -77.30 -25.74
C PHE A 672 -8.82 -76.22 -26.77
N HIS A 673 -9.54 -76.23 -27.89
CA HIS A 673 -9.32 -75.18 -28.88
C HIS A 673 -9.76 -73.82 -28.37
N TYR A 674 -10.90 -73.76 -27.67
CA TYR A 674 -11.31 -72.51 -27.06
C TYR A 674 -10.37 -72.12 -25.94
N ARG A 675 -9.96 -73.09 -25.13
CA ARG A 675 -9.04 -72.77 -24.04
C ARG A 675 -7.72 -72.24 -24.59
N ASN A 676 -7.29 -72.74 -25.74
CA ASN A 676 -6.06 -72.23 -26.35
C ASN A 676 -6.26 -70.87 -27.00
N LEU A 677 -7.47 -70.56 -27.48
CA LEU A 677 -7.69 -69.19 -27.94
C LEU A 677 -7.58 -68.21 -26.77
N VAL A 678 -8.20 -68.54 -25.65
CA VAL A 678 -8.09 -67.65 -24.50
C VAL A 678 -6.64 -67.61 -24.01
N ALA A 679 -5.91 -68.71 -24.15
CA ALA A 679 -4.50 -68.67 -23.78
C ALA A 679 -3.67 -67.81 -24.73
N VAL A 680 -4.04 -67.75 -26.00
CA VAL A 680 -3.37 -66.81 -26.91
C VAL A 680 -3.62 -65.38 -26.48
N LEU A 681 -4.85 -65.08 -26.11
CA LEU A 681 -5.14 -63.74 -25.59
C LEU A 681 -4.28 -63.44 -24.38
N ARG A 682 -4.07 -64.45 -23.52
CA ARG A 682 -3.20 -64.25 -22.37
C ARG A 682 -1.74 -64.05 -22.77
N LEU A 683 -1.26 -64.77 -23.79
CA LEU A 683 0.11 -64.56 -24.25
C LEU A 683 0.30 -63.13 -24.73
N VAL A 684 -0.68 -62.61 -25.46
CA VAL A 684 -0.56 -61.27 -26.01
C VAL A 684 -0.59 -60.23 -24.90
N THR A 685 -1.45 -60.42 -23.90
CA THR A 685 -1.41 -59.47 -22.79
C THR A 685 -0.14 -59.61 -21.97
N ARG A 686 0.52 -60.77 -22.03
CA ARG A 686 1.82 -60.89 -21.39
C ARG A 686 2.88 -60.10 -22.14
N ILE A 687 2.75 -60.01 -23.46
CA ILE A 687 3.76 -59.29 -24.24
C ILE A 687 3.50 -57.79 -24.26
N SER A 688 2.24 -57.38 -24.10
CA SER A 688 1.90 -55.97 -24.23
C SER A 688 2.38 -55.12 -23.06
N ALA A 689 2.45 -55.69 -21.86
CA ALA A 689 2.52 -54.88 -20.66
C ALA A 689 3.93 -54.49 -20.24
N LEU A 690 4.96 -55.17 -20.74
CA LEU A 690 6.29 -55.09 -20.13
C LEU A 690 6.14 -55.31 -18.64
N PRO A 691 5.71 -56.50 -18.20
CA PRO A 691 5.35 -56.68 -16.80
C PRO A 691 6.49 -56.44 -15.83
N GLY A 692 7.72 -56.30 -16.31
CA GLY A 692 8.81 -56.10 -15.36
C GLY A 692 9.00 -54.68 -14.89
N LEU A 693 8.64 -53.69 -15.70
CA LEU A 693 8.88 -52.30 -15.39
C LEU A 693 7.63 -51.55 -14.96
N ASN A 694 6.46 -52.09 -15.25
CA ASN A 694 5.22 -51.43 -14.88
C ASN A 694 4.96 -51.64 -13.40
N ASN A 695 4.84 -50.54 -12.67
CA ASN A 695 4.40 -50.56 -11.29
C ASN A 695 3.93 -49.17 -10.96
N GLY A 696 3.29 -49.02 -9.82
CA GLY A 696 2.78 -47.72 -9.46
C GLY A 696 1.75 -47.26 -10.47
N GLN A 697 1.75 -45.96 -10.74
CA GLN A 697 0.71 -45.35 -11.57
C GLN A 697 1.04 -43.88 -11.77
N LEU A 698 0.58 -43.27 -12.84
CA LEU A 698 0.68 -41.82 -12.96
C LEU A 698 -0.69 -41.17 -12.82
N ALA A 699 -0.82 -40.44 -11.70
CA ALA A 699 -2.04 -39.69 -11.39
C ALA A 699 -3.13 -40.63 -10.94
N GLU A 700 -3.59 -41.46 -11.87
CA GLU A 700 -4.64 -42.40 -11.58
C GLU A 700 -4.63 -43.52 -12.62
N GLU A 701 -3.63 -43.54 -13.48
CA GLU A 701 -3.62 -44.61 -14.48
C GLU A 701 -2.45 -45.56 -14.25
N PRO A 702 -2.66 -46.86 -14.36
CA PRO A 702 -1.56 -47.79 -14.16
C PRO A 702 -0.48 -47.61 -15.21
N LEU A 703 0.76 -47.91 -14.82
CA LEU A 703 1.89 -47.61 -15.68
C LEU A 703 1.82 -48.35 -16.99
N SER A 704 1.18 -49.53 -17.01
CA SER A 704 1.09 -50.27 -18.26
C SER A 704 0.13 -49.63 -19.23
N ALA A 705 -0.74 -48.73 -18.76
CA ALA A 705 -1.64 -48.04 -19.69
C ALA A 705 -0.88 -47.11 -20.61
N TYR A 706 0.28 -46.61 -20.17
CA TYR A 706 1.08 -45.75 -21.04
C TYR A 706 1.94 -46.56 -22.00
N VAL A 707 2.43 -47.71 -21.57
CA VAL A 707 3.40 -48.43 -22.39
C VAL A 707 2.75 -48.93 -23.66
N ASN A 708 1.48 -49.31 -23.62
CA ASN A 708 0.84 -49.88 -24.80
C ASN A 708 -0.61 -49.47 -24.84
N ALA A 709 -1.02 -48.83 -25.93
CA ALA A 709 -2.37 -48.30 -26.05
C ALA A 709 -3.41 -49.39 -25.99
N LEU A 710 -2.99 -50.65 -26.07
CA LEU A 710 -3.91 -51.76 -25.95
C LEU A 710 -4.40 -51.96 -24.51
N HIS A 711 -3.71 -51.39 -23.53
CA HIS A 711 -4.16 -51.50 -22.16
C HIS A 711 -5.06 -50.34 -21.72
N ASP A 712 -4.77 -49.12 -22.13
CA ASP A 712 -5.48 -47.98 -21.56
C ASP A 712 -6.94 -48.00 -21.96
N HIS A 713 -7.77 -47.28 -21.19
CA HIS A 713 -9.21 -47.40 -21.38
C HIS A 713 -9.74 -46.56 -22.53
N ARG A 714 -9.00 -45.55 -23.00
CA ARG A 714 -9.53 -44.74 -24.09
C ARG A 714 -9.68 -45.54 -25.36
N LEU A 715 -8.88 -46.58 -25.54
CA LEU A 715 -9.06 -47.49 -26.66
C LEU A 715 -10.17 -48.47 -26.34
N TRP A 716 -11.01 -48.76 -27.34
CA TRP A 716 -12.15 -49.67 -27.20
C TRP A 716 -12.11 -50.71 -28.30
N PRO A 717 -12.64 -51.91 -28.04
CA PRO A 717 -12.76 -52.90 -29.10
C PRO A 717 -13.72 -52.40 -30.17
N PRO A 718 -13.55 -52.84 -31.42
CA PRO A 718 -14.52 -52.47 -32.45
C PRO A 718 -15.94 -52.82 -32.10
N PHE A 719 -16.18 -53.90 -31.35
CA PHE A 719 -17.52 -54.26 -30.92
C PHE A 719 -17.62 -54.15 -29.41
N VAL A 720 -18.81 -53.80 -28.94
CA VAL A 720 -19.04 -53.48 -27.54
C VAL A 720 -20.30 -54.21 -27.10
N THR A 721 -20.21 -54.96 -25.99
CA THR A 721 -21.38 -55.57 -25.39
C THR A 721 -21.55 -55.27 -23.92
N HIS A 722 -20.58 -54.63 -23.29
CA HIS A 722 -20.73 -54.12 -21.94
C HIS A 722 -19.85 -52.89 -21.84
N LEU A 723 -20.34 -51.87 -21.14
CA LEU A 723 -19.57 -50.65 -21.07
C LEU A 723 -18.40 -50.83 -20.11
N PRO A 724 -17.30 -50.13 -20.35
CA PRO A 724 -16.15 -50.24 -19.45
C PRO A 724 -16.51 -49.71 -18.07
N ARG A 725 -15.92 -50.30 -17.04
CA ARG A 725 -16.25 -49.88 -15.69
C ARG A 725 -15.80 -48.46 -15.42
N ASN A 726 -14.81 -47.98 -16.14
CA ASN A 726 -14.30 -46.64 -15.91
C ASN A 726 -14.25 -45.86 -17.21
N MET A 727 -14.42 -44.55 -17.08
CA MET A 727 -14.16 -43.61 -18.15
C MET A 727 -13.92 -42.25 -17.52
N GLU A 728 -12.89 -41.57 -18.00
CA GLU A 728 -12.59 -40.24 -17.48
C GLU A 728 -12.81 -39.21 -18.57
N GLY A 729 -12.15 -39.39 -19.69
CA GLY A 729 -12.45 -38.48 -20.77
C GLY A 729 -13.54 -38.96 -21.71
N VAL A 730 -13.86 -40.24 -21.64
CA VAL A 730 -14.73 -40.82 -22.66
C VAL A 730 -16.11 -40.19 -22.60
N GLN A 731 -16.64 -39.83 -23.77
CA GLN A 731 -17.97 -39.29 -23.90
C GLN A 731 -18.63 -40.04 -25.07
N VAL A 732 -19.32 -41.13 -24.75
CA VAL A 732 -20.11 -41.82 -25.76
C VAL A 732 -21.16 -40.88 -26.29
N VAL A 733 -21.46 -40.97 -27.60
CA VAL A 733 -22.56 -40.22 -28.19
C VAL A 733 -23.42 -41.17 -28.99
N ALA A 734 -24.72 -40.84 -29.09
CA ALA A 734 -25.63 -41.61 -29.91
C ALA A 734 -26.50 -40.75 -30.83
N ASP A 735 -26.73 -39.49 -30.50
CA ASP A 735 -27.41 -38.60 -31.44
C ASP A 735 -26.57 -37.40 -31.85
N ARG A 736 -26.21 -36.55 -30.89
CA ARG A 736 -25.40 -35.36 -31.17
C ARG A 736 -24.74 -34.79 -29.92
N GLN A 737 -25.10 -35.27 -28.74
CA GLN A 737 -24.61 -34.74 -27.48
C GLN A 737 -24.09 -35.90 -26.66
N PRO A 738 -22.99 -35.70 -25.94
CA PRO A 738 -22.38 -36.83 -25.24
C PRO A 738 -23.36 -37.51 -24.31
N LEU A 739 -23.30 -38.83 -24.30
CA LEU A 739 -24.15 -39.65 -23.45
C LEU A 739 -23.67 -39.66 -22.00
N ASN A 740 -22.78 -38.74 -21.65
CA ASN A 740 -22.17 -38.71 -20.32
C ASN A 740 -23.16 -38.83 -19.17
N PRO A 741 -24.36 -38.25 -19.21
CA PRO A 741 -25.33 -38.50 -18.14
C PRO A 741 -25.52 -39.99 -17.95
N ALA A 742 -25.39 -40.43 -16.71
CA ALA A 742 -25.81 -41.77 -16.37
C ALA A 742 -27.31 -41.86 -16.31
N ASN A 743 -27.98 -40.75 -16.58
CA ASN A 743 -29.42 -40.74 -16.63
C ASN A 743 -29.94 -41.39 -17.89
N ILE A 744 -29.14 -41.40 -18.95
CA ILE A 744 -29.63 -41.91 -20.23
C ILE A 744 -29.39 -43.41 -20.39
N GLU A 745 -28.75 -44.06 -19.43
CA GLU A 745 -28.49 -45.49 -19.52
C GLU A 745 -29.21 -46.27 -18.43
N ALA A 746 -30.10 -47.20 -18.81
CA ALA A 746 -30.66 -48.20 -17.90
C ALA A 746 -31.46 -49.23 -18.69
N ARG A 747 -31.53 -50.46 -18.15
CA ARG A 747 -32.17 -51.57 -18.86
C ARG A 747 -32.61 -52.63 -17.85
N HIS A 748 -33.56 -53.47 -18.27
CA HIS A 748 -34.12 -54.55 -17.46
C HIS A 748 -34.35 -55.79 -18.32
N HIS A 749 -34.12 -56.97 -17.72
CA HIS A 749 -34.08 -58.23 -18.45
C HIS A 749 -35.14 -59.15 -17.90
N GLY A 750 -35.61 -60.05 -18.75
CA GLY A 750 -36.52 -61.10 -18.30
C GLY A 750 -37.86 -60.62 -17.82
N VAL A 751 -38.16 -59.33 -17.95
CA VAL A 751 -39.39 -58.72 -17.45
C VAL A 751 -40.03 -57.97 -18.60
N SER A 752 -41.35 -57.87 -18.57
CA SER A 752 -42.05 -57.16 -19.63
C SER A 752 -41.63 -55.70 -19.65
N ASP A 753 -41.00 -55.30 -20.75
CA ASP A 753 -40.73 -53.90 -21.05
C ASP A 753 -41.21 -53.64 -22.47
N VAL A 754 -42.51 -53.39 -22.60
CA VAL A 754 -43.04 -52.87 -23.86
C VAL A 754 -42.44 -51.51 -24.20
N PRO A 755 -42.25 -50.58 -23.25
CA PRO A 755 -41.65 -49.29 -23.63
C PRO A 755 -40.29 -49.42 -24.28
N ARG A 756 -39.38 -50.22 -23.73
CA ARG A 756 -38.06 -50.36 -24.33
C ARG A 756 -38.13 -51.06 -25.69
N LEU A 757 -38.98 -52.07 -25.81
CA LEU A 757 -39.16 -52.72 -27.10
C LEU A 757 -39.76 -51.76 -28.11
N GLY A 758 -40.51 -50.77 -27.65
CA GLY A 758 -40.89 -49.69 -28.53
C GLY A 758 -39.71 -48.80 -28.87
N ALA A 759 -38.77 -48.67 -27.94
CA ALA A 759 -37.63 -47.79 -28.14
C ALA A 759 -36.61 -48.36 -29.11
N MET A 760 -36.77 -49.60 -29.56
CA MET A 760 -35.97 -50.07 -30.67
C MET A 760 -36.01 -49.05 -31.77
N ASP A 761 -34.88 -48.84 -32.44
CA ASP A 761 -34.69 -47.87 -33.50
C ASP A 761 -34.61 -46.44 -32.96
N ALA A 762 -34.64 -46.24 -31.65
CA ALA A 762 -34.52 -44.92 -31.05
C ALA A 762 -33.14 -44.77 -30.44
N ASP A 763 -32.40 -43.77 -30.90
CA ASP A 763 -30.99 -43.66 -30.54
C ASP A 763 -30.80 -43.32 -29.07
N GLU A 764 -31.72 -42.49 -28.55
CA GLU A 764 -31.72 -41.97 -27.17
C GLU A 764 -31.18 -42.91 -26.10
N PRO A 765 -31.99 -43.14 -25.04
CA PRO A 765 -31.70 -44.05 -23.91
C PRO A 765 -31.26 -45.33 -24.57
N LEU A 766 -30.05 -45.82 -24.29
CA LEU A 766 -29.62 -46.97 -25.09
C LEU A 766 -29.90 -48.30 -24.41
N PHE A 767 -30.29 -48.29 -23.13
CA PHE A 767 -30.67 -49.53 -22.45
C PHE A 767 -29.52 -50.50 -22.44
N VAL A 768 -28.48 -50.18 -21.69
CA VAL A 768 -27.29 -51.00 -21.59
C VAL A 768 -27.42 -51.90 -20.37
N ASP A 769 -27.05 -53.16 -20.55
CA ASP A 769 -27.14 -54.15 -19.49
C ASP A 769 -26.35 -53.74 -18.27
N ASP A 770 -26.86 -54.14 -17.11
CA ASP A 770 -26.35 -53.72 -15.80
C ASP A 770 -24.83 -53.79 -15.66
N TYR A 771 -24.26 -54.96 -15.90
CA TYR A 771 -22.91 -55.29 -15.46
C TYR A 771 -21.85 -54.72 -16.39
N ARG A 772 -20.86 -54.04 -15.82
CA ARG A 772 -19.83 -53.37 -16.60
C ARG A 772 -18.59 -54.24 -16.79
N ALA A 773 -17.88 -54.02 -17.89
CA ALA A 773 -16.72 -54.84 -18.21
C ALA A 773 -15.55 -54.55 -17.29
N THR A 774 -14.96 -55.61 -16.74
CA THR A 774 -13.78 -55.47 -15.89
C THR A 774 -12.57 -55.12 -16.74
N ASP A 775 -11.62 -54.42 -16.13
CA ASP A 775 -10.55 -53.80 -16.91
C ASP A 775 -9.72 -54.85 -17.64
N ASP A 776 -9.41 -55.97 -17.00
CA ASP A 776 -8.53 -56.94 -17.63
C ASP A 776 -9.20 -57.62 -18.82
N GLU A 777 -10.49 -57.93 -18.71
CA GLU A 777 -11.21 -58.48 -19.86
C GLU A 777 -11.52 -57.39 -20.88
N TRP A 778 -11.64 -56.15 -20.41
CA TRP A 778 -11.71 -55.05 -21.36
C TRP A 778 -10.48 -55.02 -22.22
N THR A 779 -9.33 -55.35 -21.64
CA THR A 779 -8.14 -55.51 -22.47
C THR A 779 -8.28 -56.67 -23.44
N LEU A 780 -8.90 -57.77 -23.01
CA LEU A 780 -8.98 -58.94 -23.87
C LEU A 780 -9.88 -58.71 -25.07
N GLN A 781 -10.94 -57.94 -24.90
CA GLN A 781 -11.77 -57.64 -26.05
C GLN A 781 -10.97 -56.89 -27.10
N LYS A 782 -10.07 -56.02 -26.67
CA LYS A 782 -9.19 -55.34 -27.60
C LYS A 782 -8.10 -56.26 -28.15
N VAL A 783 -7.69 -57.25 -27.38
CA VAL A 783 -6.71 -58.18 -27.89
C VAL A 783 -7.33 -59.06 -28.98
N PHE A 784 -8.58 -59.45 -28.80
CA PHE A 784 -9.24 -60.33 -29.75
C PHE A 784 -9.72 -59.55 -30.96
N TYR A 785 -10.67 -58.63 -30.75
CA TYR A 785 -11.36 -57.99 -31.86
C TYR A 785 -10.43 -57.14 -32.71
N LEU A 786 -9.30 -56.76 -32.18
CA LEU A 786 -8.46 -55.76 -32.83
C LEU A 786 -7.13 -56.30 -33.31
N CYS A 787 -6.64 -57.40 -32.73
CA CYS A 787 -5.42 -58.03 -33.20
C CYS A 787 -5.66 -59.45 -33.67
N LEU A 788 -6.30 -60.27 -32.83
CA LEU A 788 -6.48 -61.67 -33.19
C LEU A 788 -7.38 -61.82 -34.42
N MET A 789 -8.58 -61.26 -34.36
CA MET A 789 -9.52 -61.47 -35.45
C MET A 789 -9.05 -60.87 -36.77
N PRO A 790 -8.59 -59.62 -36.84
CA PRO A 790 -8.16 -59.10 -38.15
C PRO A 790 -6.94 -59.83 -38.71
N ALA A 791 -5.99 -60.20 -37.87
CA ALA A 791 -4.83 -60.90 -38.38
C ALA A 791 -5.16 -62.32 -38.80
N MET A 792 -6.19 -62.92 -38.19
CA MET A 792 -6.59 -64.27 -38.56
C MET A 792 -7.63 -64.30 -39.66
N THR A 793 -8.17 -63.14 -40.06
CA THR A 793 -9.07 -63.05 -41.20
C THR A 793 -8.49 -62.27 -42.36
N ASN A 794 -7.42 -61.51 -42.16
CA ASN A 794 -6.92 -60.59 -43.16
C ASN A 794 -8.01 -59.61 -43.63
N ASN A 795 -8.61 -58.91 -42.68
CA ASN A 795 -9.58 -57.84 -42.95
C ASN A 795 -10.75 -58.28 -43.81
N ARG A 796 -11.08 -59.57 -43.81
CA ARG A 796 -12.21 -60.04 -44.60
C ARG A 796 -13.53 -60.02 -43.84
N ALA A 797 -13.54 -59.63 -42.57
CA ALA A 797 -14.76 -59.64 -41.79
C ALA A 797 -15.58 -58.38 -42.00
N CYS A 798 -16.78 -58.36 -41.43
CA CYS A 798 -17.57 -57.15 -41.38
C CYS A 798 -18.32 -57.13 -40.06
N GLY A 799 -19.12 -56.09 -39.86
CA GLY A 799 -19.91 -55.94 -38.65
C GLY A 799 -21.31 -55.49 -39.01
N LEU A 800 -22.30 -56.34 -38.73
CA LEU A 800 -23.68 -56.01 -39.06
C LEU A 800 -24.64 -56.14 -37.89
N GLY A 801 -25.93 -55.92 -38.19
CA GLY A 801 -27.00 -55.99 -37.22
C GLY A 801 -28.23 -56.64 -37.81
N LEU A 802 -29.04 -57.23 -36.94
CA LEU A 802 -30.24 -57.93 -37.35
C LEU A 802 -31.47 -57.22 -36.77
N ASN A 803 -32.46 -56.96 -37.61
CA ASN A 803 -33.72 -56.35 -37.18
C ASN A 803 -34.45 -57.38 -36.34
N LEU A 804 -34.22 -57.34 -35.03
CA LEU A 804 -34.83 -58.32 -34.14
C LEU A 804 -36.34 -58.16 -34.09
N LYS A 805 -36.83 -56.93 -34.13
CA LYS A 805 -38.26 -56.69 -33.96
C LYS A 805 -39.08 -57.38 -35.05
N THR A 806 -38.61 -57.32 -36.29
CA THR A 806 -39.29 -57.98 -37.39
C THR A 806 -38.84 -59.43 -37.56
N LEU A 807 -37.79 -59.84 -36.85
CA LEU A 807 -37.23 -61.18 -37.04
C LEU A 807 -37.85 -62.18 -36.08
N LEU A 808 -37.80 -61.89 -34.80
CA LEU A 808 -38.26 -62.86 -33.82
C LEU A 808 -39.75 -63.13 -33.96
N VAL A 809 -40.55 -62.07 -34.12
CA VAL A 809 -41.96 -62.25 -34.34
C VAL A 809 -42.21 -63.01 -35.63
N ASP A 810 -41.22 -63.03 -36.54
CA ASP A 810 -41.38 -63.73 -37.80
C ASP A 810 -41.04 -65.22 -37.67
N LEU A 811 -39.91 -65.57 -37.06
CA LEU A 811 -39.61 -66.97 -36.81
C LEU A 811 -40.55 -67.56 -35.77
N PHE A 812 -40.63 -66.90 -34.62
CA PHE A 812 -41.46 -67.31 -33.49
C PHE A 812 -42.79 -66.60 -33.59
N TYR A 813 -43.57 -66.60 -32.51
CA TYR A 813 -44.99 -66.27 -32.59
C TYR A 813 -45.66 -67.24 -33.54
N ARG A 814 -45.52 -68.51 -33.23
CA ARG A 814 -46.29 -69.56 -33.84
C ARG A 814 -46.96 -70.36 -32.74
N PRO A 815 -48.16 -70.88 -32.97
CA PRO A 815 -48.82 -71.68 -31.93
C PRO A 815 -47.91 -72.70 -31.28
N ALA A 816 -46.87 -73.12 -31.99
CA ALA A 816 -45.95 -74.12 -31.47
C ALA A 816 -45.21 -73.62 -30.23
N PHE A 817 -44.93 -72.32 -30.16
CA PHE A 817 -44.15 -71.75 -29.07
C PHE A 817 -45.00 -71.04 -28.03
N LEU A 818 -46.13 -70.48 -28.45
CA LEU A 818 -47.06 -69.87 -27.51
C LEU A 818 -47.69 -70.90 -26.59
N LEU A 819 -48.27 -71.94 -27.16
CA LEU A 819 -48.85 -73.05 -26.40
C LEU A 819 -47.77 -74.10 -26.27
N MET A 820 -46.88 -73.89 -25.31
CA MET A 820 -45.74 -74.75 -25.13
C MET A 820 -46.00 -75.64 -23.93
N PRO A 821 -46.03 -76.95 -24.10
CA PRO A 821 -46.31 -77.85 -22.97
C PRO A 821 -45.27 -77.72 -21.88
N ALA A 822 -45.66 -78.11 -20.67
CA ALA A 822 -44.72 -78.18 -19.56
C ALA A 822 -43.82 -79.41 -19.70
N SER A 845 -44.47 -86.49 -35.58
CA SER A 845 -43.76 -86.96 -36.77
C SER A 845 -42.46 -86.22 -36.95
N ILE A 846 -41.85 -86.40 -38.12
CA ILE A 846 -40.65 -85.64 -38.47
C ILE A 846 -40.94 -84.57 -39.52
N ALA A 847 -41.85 -84.84 -40.45
CA ALA A 847 -42.27 -83.82 -41.40
C ALA A 847 -43.33 -82.92 -40.80
N ALA A 848 -44.12 -83.45 -39.87
CA ALA A 848 -45.17 -82.65 -39.27
C ALA A 848 -44.61 -81.48 -38.47
N GLN A 849 -43.52 -81.71 -37.72
CA GLN A 849 -42.99 -80.63 -36.89
C GLN A 849 -42.17 -79.62 -37.69
N ARG A 850 -41.77 -79.96 -38.92
CA ARG A 850 -41.23 -78.93 -39.80
C ARG A 850 -42.23 -77.80 -39.99
N GLN A 851 -43.49 -78.14 -40.20
CA GLN A 851 -44.52 -77.13 -40.41
C GLN A 851 -44.75 -76.32 -39.15
N ALA A 852 -44.54 -76.91 -37.99
CA ALA A 852 -44.83 -76.19 -36.75
C ALA A 852 -43.83 -75.06 -36.53
N VAL A 853 -42.56 -75.27 -36.87
CA VAL A 853 -41.53 -74.29 -36.58
C VAL A 853 -41.31 -73.29 -37.72
N GLY A 854 -41.91 -73.51 -38.87
CA GLY A 854 -41.85 -72.56 -39.94
C GLY A 854 -40.71 -72.83 -40.92
N GLU A 855 -40.97 -72.43 -42.18
CA GLU A 855 -40.00 -72.64 -43.24
C GLU A 855 -38.75 -71.81 -42.99
N MET A 856 -38.89 -70.67 -42.32
CA MET A 856 -37.74 -69.81 -42.06
C MET A 856 -36.83 -70.39 -40.99
N LEU A 857 -37.41 -70.97 -39.93
CA LEU A 857 -36.62 -71.51 -38.83
C LEU A 857 -36.12 -72.92 -39.10
N THR A 858 -36.82 -73.66 -39.97
CA THR A 858 -36.38 -75.00 -40.31
C THR A 858 -35.04 -74.97 -41.02
N GLU A 859 -34.80 -73.96 -41.85
CA GLU A 859 -33.51 -73.88 -42.53
C GLU A 859 -32.38 -73.64 -41.55
N LEU A 860 -32.67 -73.14 -40.36
CA LEU A 860 -31.64 -72.81 -39.39
C LEU A 860 -31.36 -73.93 -38.39
N VAL A 861 -32.40 -74.53 -37.80
CA VAL A 861 -32.09 -75.50 -36.76
C VAL A 861 -31.97 -76.93 -37.29
N GLU A 862 -32.36 -77.19 -38.54
CA GLU A 862 -32.57 -78.58 -38.93
C GLU A 862 -31.31 -79.43 -38.85
N ASP A 863 -30.29 -79.15 -39.67
CA ASP A 863 -29.06 -79.92 -39.60
C ASP A 863 -28.14 -79.41 -38.50
N VAL A 864 -28.16 -78.11 -38.24
CA VAL A 864 -27.10 -77.48 -37.46
C VAL A 864 -27.09 -77.97 -36.03
N ALA A 865 -28.25 -78.02 -35.38
CA ALA A 865 -28.24 -78.45 -33.99
C ALA A 865 -29.45 -79.30 -33.67
N THR A 866 -29.31 -80.61 -33.86
CA THR A 866 -30.29 -81.57 -33.43
C THR A 866 -29.59 -82.92 -33.38
N ASP A 867 -29.72 -83.61 -32.25
CA ASP A 867 -29.25 -84.98 -32.20
C ASP A 867 -30.26 -85.85 -32.93
N ALA A 868 -29.82 -87.02 -33.36
CA ALA A 868 -30.80 -87.99 -33.78
C ALA A 868 -31.77 -88.28 -32.64
N HIS A 869 -31.31 -88.13 -31.40
CA HIS A 869 -32.17 -88.40 -30.25
C HIS A 869 -33.10 -87.22 -29.93
N THR A 870 -32.70 -85.99 -30.26
CA THR A 870 -33.56 -84.84 -29.98
C THR A 870 -34.30 -84.42 -31.24
N PRO A 871 -35.62 -84.46 -31.25
CA PRO A 871 -36.36 -83.98 -32.42
C PRO A 871 -36.16 -82.48 -32.61
N LEU A 872 -36.70 -82.00 -33.73
CA LEU A 872 -36.50 -80.60 -34.11
C LEU A 872 -37.07 -79.64 -33.06
N LEU A 873 -38.27 -79.89 -32.57
CA LEU A 873 -38.89 -78.95 -31.64
C LEU A 873 -38.14 -78.86 -30.33
N GLN A 874 -37.69 -79.99 -29.80
CA GLN A 874 -36.93 -79.97 -28.56
C GLN A 874 -35.67 -79.15 -28.71
N ALA A 875 -35.21 -78.96 -29.95
CA ALA A 875 -34.01 -78.19 -30.21
C ALA A 875 -34.34 -76.70 -30.39
N CYS A 876 -35.34 -76.37 -31.19
CA CYS A 876 -35.61 -74.96 -31.45
C CYS A 876 -36.27 -74.27 -30.27
N ARG A 877 -37.05 -74.99 -29.46
CA ARG A 877 -37.61 -74.38 -28.27
C ARG A 877 -36.51 -73.94 -27.31
N GLU A 878 -35.37 -74.63 -27.33
CA GLU A 878 -34.22 -74.15 -26.58
C GLU A 878 -33.79 -72.76 -27.02
N LEU A 879 -33.90 -72.45 -28.31
CA LEU A 879 -33.63 -71.09 -28.76
C LEU A 879 -34.65 -70.12 -28.22
N PHE A 880 -35.91 -70.54 -28.14
CA PHE A 880 -36.98 -69.64 -27.75
C PHE A 880 -36.77 -69.09 -26.35
N LEU A 881 -36.04 -69.81 -25.50
CA LEU A 881 -35.85 -69.37 -24.13
C LEU A 881 -34.92 -68.18 -24.03
N ALA A 882 -34.12 -67.89 -25.05
CA ALA A 882 -33.29 -66.70 -25.00
C ALA A 882 -34.03 -65.43 -25.39
N VAL A 883 -35.26 -65.55 -25.90
CA VAL A 883 -35.98 -64.38 -26.41
C VAL A 883 -36.17 -63.34 -25.31
N GLN A 884 -36.15 -63.76 -24.05
CA GLN A 884 -36.33 -62.82 -22.97
C GLN A 884 -35.17 -61.84 -22.81
N PHE A 885 -34.05 -62.07 -23.49
CA PHE A 885 -32.88 -61.21 -23.37
C PHE A 885 -32.71 -60.27 -24.54
N VAL A 886 -33.73 -60.10 -25.38
CA VAL A 886 -33.56 -59.34 -26.60
C VAL A 886 -33.28 -57.88 -26.28
N GLY A 887 -32.29 -57.32 -26.96
CA GLY A 887 -31.94 -55.93 -26.75
C GLY A 887 -32.30 -55.09 -27.94
N GLU A 888 -31.76 -53.88 -27.99
CA GLU A 888 -32.05 -52.96 -29.06
C GLU A 888 -31.48 -53.46 -30.38
N HIS A 889 -31.78 -52.71 -31.44
CA HIS A 889 -31.16 -52.97 -32.74
C HIS A 889 -29.71 -52.54 -32.74
N VAL A 890 -29.05 -52.78 -33.87
CA VAL A 890 -27.70 -52.28 -34.08
C VAL A 890 -27.67 -50.77 -34.03
N LYS A 891 -26.69 -50.21 -33.33
CA LYS A 891 -26.41 -48.79 -33.42
C LYS A 891 -24.93 -48.53 -33.16
N VAL A 892 -24.32 -47.68 -34.00
CA VAL A 892 -22.92 -47.32 -33.84
C VAL A 892 -22.76 -46.20 -32.83
N LEU A 893 -21.65 -46.20 -32.09
CA LEU A 893 -21.37 -45.25 -31.04
C LEU A 893 -20.04 -44.57 -31.29
N GLU A 894 -19.99 -43.27 -31.03
CA GLU A 894 -18.75 -42.50 -31.02
C GLU A 894 -18.21 -42.43 -29.62
N VAL A 895 -16.88 -42.44 -29.51
CA VAL A 895 -16.18 -42.45 -28.24
C VAL A 895 -15.15 -41.33 -28.32
N ARG A 896 -15.51 -40.13 -27.87
CA ARG A 896 -14.63 -38.98 -28.00
C ARG A 896 -13.77 -38.86 -26.75
N ALA A 897 -12.67 -39.60 -26.76
CA ALA A 897 -11.78 -39.62 -25.60
C ALA A 897 -10.53 -38.82 -25.90
N PRO A 898 -10.25 -37.75 -25.17
CA PRO A 898 -8.97 -37.06 -25.34
C PRO A 898 -7.83 -37.84 -24.71
N LEU A 899 -6.65 -37.71 -25.30
CA LEU A 899 -5.50 -38.51 -24.90
C LEU A 899 -5.05 -38.19 -23.48
N ASP A 900 -4.29 -39.12 -22.90
CA ASP A 900 -3.86 -39.01 -21.51
C ASP A 900 -2.85 -37.88 -21.34
N HIS A 901 -2.56 -37.58 -20.08
CA HIS A 901 -1.80 -36.37 -19.77
C HIS A 901 -0.34 -36.50 -20.18
N ALA A 902 0.14 -37.72 -20.42
CA ALA A 902 1.45 -37.84 -21.00
C ALA A 902 1.48 -37.31 -22.43
N GLN A 903 0.42 -37.54 -23.20
CA GLN A 903 0.42 -37.25 -24.63
C GLN A 903 -0.31 -35.98 -24.99
N ARG A 904 -1.09 -35.40 -24.09
CA ARG A 904 -1.79 -34.17 -24.41
C ARG A 904 -0.97 -32.93 -24.10
N GLN A 905 0.34 -33.09 -23.93
CA GLN A 905 1.23 -31.93 -23.86
C GLN A 905 1.18 -31.11 -25.13
N GLY A 906 1.57 -31.71 -26.27
CA GLY A 906 1.32 -31.06 -27.54
C GLY A 906 -0.08 -31.36 -28.04
N LEU A 907 -0.73 -30.32 -28.56
CA LEU A 907 -2.14 -30.39 -28.96
C LEU A 907 -3.05 -30.78 -27.80
N PRO A 908 -3.31 -29.87 -26.87
CA PRO A 908 -4.27 -30.19 -25.80
C PRO A 908 -5.70 -30.31 -26.28
N ASP A 909 -6.04 -29.67 -27.40
CA ASP A 909 -7.42 -29.69 -27.88
C ASP A 909 -7.77 -30.93 -28.71
N PHE A 910 -6.81 -31.83 -28.95
CA PHE A 910 -7.09 -33.00 -29.74
C PHE A 910 -8.10 -33.90 -29.04
N ILE A 911 -9.08 -34.40 -29.80
CA ILE A 911 -10.12 -35.28 -29.28
C ILE A 911 -10.30 -36.45 -30.23
N SER A 912 -10.14 -37.67 -29.71
CA SER A 912 -9.97 -38.87 -30.52
C SER A 912 -11.32 -39.50 -30.80
N ARG A 913 -11.76 -39.44 -32.06
CA ARG A 913 -13.01 -40.07 -32.43
C ARG A 913 -12.86 -41.58 -32.51
N GLN A 914 -13.91 -42.30 -32.11
CA GLN A 914 -14.00 -43.73 -32.27
C GLN A 914 -15.34 -44.05 -32.88
N HIS A 915 -15.51 -45.29 -33.34
CA HIS A 915 -16.81 -45.65 -33.89
C HIS A 915 -17.19 -47.09 -33.57
N VAL A 916 -17.19 -47.45 -32.28
CA VAL A 916 -17.48 -48.83 -31.92
C VAL A 916 -18.91 -49.20 -32.28
N LEU A 917 -19.18 -50.50 -32.38
CA LEU A 917 -20.47 -51.01 -32.84
C LEU A 917 -21.16 -51.68 -31.66
N TYR A 918 -22.01 -50.94 -30.97
CA TYR A 918 -22.80 -51.54 -29.92
C TYR A 918 -23.83 -52.49 -30.52
N ASN A 919 -23.98 -53.64 -29.89
CA ASN A 919 -25.12 -54.51 -30.16
C ASN A 919 -25.11 -55.03 -31.60
N GLY A 920 -23.98 -55.56 -32.01
CA GLY A 920 -23.85 -56.15 -33.34
C GLY A 920 -22.98 -57.39 -33.26
N CYS A 921 -22.93 -58.13 -34.36
CA CYS A 921 -22.08 -59.31 -34.45
C CYS A 921 -21.09 -59.15 -35.59
N CYS A 922 -19.88 -59.68 -35.40
CA CYS A 922 -18.93 -59.79 -36.48
C CYS A 922 -19.44 -60.80 -37.49
N VAL A 923 -19.06 -60.64 -38.74
CA VAL A 923 -19.60 -61.45 -39.83
C VAL A 923 -18.47 -61.97 -40.69
N VAL A 924 -18.39 -63.29 -40.77
CA VAL A 924 -17.48 -63.97 -41.68
C VAL A 924 -18.11 -64.13 -43.06
N THR A 925 -19.44 -64.24 -43.13
CA THR A 925 -20.10 -64.33 -44.42
C THR A 925 -21.54 -63.83 -44.34
N ALA A 926 -22.08 -63.48 -45.50
CA ALA A 926 -23.42 -62.96 -45.58
C ALA A 926 -24.43 -64.02 -45.16
N PRO A 927 -25.38 -63.69 -44.29
CA PRO A 927 -26.40 -64.67 -43.92
C PRO A 927 -27.34 -64.97 -45.09
N LYS A 928 -27.43 -66.24 -45.46
CA LYS A 928 -28.24 -66.63 -46.61
C LYS A 928 -29.74 -66.53 -46.30
N THR A 929 -30.15 -66.93 -45.10
CA THR A 929 -31.56 -66.92 -44.75
C THR A 929 -31.99 -65.69 -43.97
N LEU A 930 -31.10 -65.11 -43.17
CA LEU A 930 -31.40 -63.87 -42.48
C LEU A 930 -31.11 -62.67 -43.35
N ILE A 931 -30.98 -62.88 -44.66
CA ILE A 931 -30.64 -61.80 -45.58
C ILE A 931 -31.73 -60.75 -45.60
N GLU A 932 -32.98 -61.15 -45.33
CA GLU A 932 -34.10 -60.23 -45.41
C GLU A 932 -34.09 -59.22 -44.27
N TYR A 933 -33.49 -59.56 -43.14
CA TYR A 933 -33.47 -58.69 -41.97
C TYR A 933 -32.07 -58.18 -41.64
N SER A 934 -31.06 -58.53 -42.43
CA SER A 934 -29.69 -58.15 -42.10
C SER A 934 -29.42 -56.69 -42.47
N LEU A 935 -28.40 -56.13 -41.84
CA LEU A 935 -28.03 -54.73 -42.01
C LEU A 935 -26.52 -54.62 -41.95
N PRO A 936 -25.86 -54.65 -43.10
CA PRO A 936 -24.41 -54.51 -43.12
C PRO A 936 -24.00 -53.11 -42.69
N VAL A 937 -22.99 -53.04 -41.85
CA VAL A 937 -22.55 -51.75 -41.33
C VAL A 937 -21.03 -51.74 -41.26
N PRO A 938 -20.35 -51.45 -42.37
CA PRO A 938 -18.90 -51.31 -42.32
C PRO A 938 -18.50 -50.00 -41.68
N PHE A 939 -17.70 -50.07 -40.63
CA PHE A 939 -17.36 -48.88 -39.89
C PHE A 939 -15.87 -48.73 -39.66
N HIS A 940 -15.16 -49.85 -39.54
CA HIS A 940 -13.79 -49.82 -39.09
C HIS A 940 -12.79 -49.87 -40.24
N ARG A 941 -11.53 -49.68 -39.87
CA ARG A 941 -10.42 -49.89 -40.81
C ARG A 941 -10.39 -51.33 -41.29
N PHE A 942 -10.51 -52.29 -40.37
CA PHE A 942 -10.91 -53.65 -40.70
C PHE A 942 -12.43 -53.69 -40.73
N TYR A 943 -12.99 -54.90 -40.75
CA TYR A 943 -14.43 -55.08 -40.56
C TYR A 943 -15.20 -54.19 -41.53
N SER A 944 -14.66 -54.03 -42.73
CA SER A 944 -15.23 -53.18 -43.74
C SER A 944 -15.16 -53.88 -45.10
N ASN A 945 -15.56 -55.15 -45.13
CA ASN A 945 -15.29 -55.99 -46.29
C ASN A 945 -16.27 -55.68 -47.40
N PRO A 946 -15.80 -55.29 -48.59
CA PRO A 946 -16.75 -55.00 -49.69
C PRO A 946 -17.65 -56.15 -50.06
N THR A 947 -17.19 -57.40 -50.02
CA THR A 947 -18.02 -58.49 -50.52
C THR A 947 -19.20 -58.76 -49.59
N ILE A 948 -18.92 -58.93 -48.29
CA ILE A 948 -19.98 -59.19 -47.30
C ILE A 948 -20.98 -58.04 -47.28
N CYS A 949 -20.51 -56.81 -47.37
CA CYS A 949 -21.41 -55.67 -47.39
C CYS A 949 -22.17 -55.58 -48.70
N ALA A 950 -21.55 -55.96 -49.80
CA ALA A 950 -22.20 -55.93 -51.09
C ALA A 950 -23.21 -57.04 -51.24
N ALA A 951 -23.00 -58.14 -50.52
CA ALA A 951 -23.94 -59.25 -50.58
C ALA A 951 -25.24 -58.96 -49.85
N LEU A 952 -25.34 -57.83 -49.16
CA LEU A 952 -26.52 -57.50 -48.37
C LEU A 952 -27.30 -56.32 -48.91
N SER A 953 -26.81 -55.63 -49.92
CA SER A 953 -27.58 -54.49 -50.44
C SER A 953 -27.26 -54.25 -51.90
N ASP A 954 -28.29 -53.97 -52.69
CA ASP A 954 -28.04 -53.41 -54.01
C ASP A 954 -27.40 -52.04 -53.91
N ASP A 955 -27.64 -51.32 -52.81
CA ASP A 955 -27.06 -49.98 -52.69
C ASP A 955 -25.55 -50.03 -52.63
N ILE A 956 -24.97 -51.05 -52.01
CA ILE A 956 -23.52 -51.19 -52.03
C ILE A 956 -23.05 -52.04 -53.20
N LYS A 957 -23.87 -52.95 -53.71
CA LYS A 957 -23.45 -53.72 -54.87
C LYS A 957 -23.35 -52.85 -56.10
N ARG A 958 -24.29 -51.92 -56.29
CA ARG A 958 -24.17 -50.95 -57.36
C ARG A 958 -22.90 -50.13 -57.19
N TYR A 959 -22.57 -49.77 -55.96
CA TYR A 959 -21.41 -48.95 -55.72
C TYR A 959 -20.11 -49.68 -56.02
N VAL A 960 -20.05 -50.97 -55.72
CA VAL A 960 -18.83 -51.72 -55.99
C VAL A 960 -18.74 -52.11 -57.45
N THR A 961 -19.87 -52.45 -58.08
CA THR A 961 -19.85 -52.77 -59.49
C THR A 961 -19.52 -51.54 -60.32
N GLU A 962 -19.88 -50.35 -59.85
CA GLU A 962 -19.49 -49.15 -60.57
C GLU A 962 -18.03 -48.78 -60.34
N PHE A 963 -17.43 -49.25 -59.24
CA PHE A 963 -16.03 -49.00 -58.93
C PHE A 963 -15.39 -50.30 -58.48
N PRO A 964 -14.87 -51.09 -59.41
CA PRO A 964 -14.24 -52.36 -59.02
C PRO A 964 -13.07 -52.17 -58.08
N HIS A 965 -12.35 -51.05 -58.17
CA HIS A 965 -11.19 -50.88 -57.33
C HIS A 965 -11.53 -50.57 -55.88
N TYR A 966 -12.79 -50.32 -55.57
CA TYR A 966 -13.24 -50.28 -54.19
C TYR A 966 -13.58 -51.65 -53.65
N HIS A 967 -13.25 -52.69 -54.40
CA HIS A 967 -13.39 -54.04 -53.90
C HIS A 967 -12.22 -54.44 -53.02
N ARG A 968 -11.25 -53.55 -52.83
CA ARG A 968 -10.04 -53.89 -52.09
C ARG A 968 -10.35 -54.22 -50.63
N HIS A 969 -9.63 -55.21 -50.11
CA HIS A 969 -9.56 -55.46 -48.67
C HIS A 969 -8.44 -54.69 -47.99
N ASP A 970 -7.31 -54.48 -48.68
CA ASP A 970 -6.15 -53.86 -48.06
C ASP A 970 -6.45 -52.41 -47.68
N GLY A 971 -6.48 -51.53 -48.67
CA GLY A 971 -6.93 -50.17 -48.43
C GLY A 971 -8.42 -50.10 -48.64
N GLY A 972 -9.16 -49.87 -47.56
CA GLY A 972 -10.59 -50.10 -47.60
C GLY A 972 -11.29 -49.18 -48.57
N PHE A 973 -12.42 -49.63 -49.06
CA PHE A 973 -13.26 -48.75 -49.81
C PHE A 973 -13.88 -47.75 -48.83
N PRO A 974 -14.18 -46.54 -49.28
CA PRO A 974 -14.48 -45.47 -48.34
C PRO A 974 -15.67 -45.81 -47.45
N LEU A 975 -15.43 -45.74 -46.15
CA LEU A 975 -16.51 -45.85 -45.20
C LEU A 975 -17.33 -44.56 -45.26
N PRO A 976 -18.56 -44.58 -44.78
CA PRO A 976 -19.37 -43.37 -44.79
C PRO A 976 -18.65 -42.20 -44.18
N THR A 977 -18.98 -41.00 -44.66
CA THR A 977 -18.36 -39.79 -44.13
C THR A 977 -18.56 -39.70 -42.63
N ALA A 978 -19.51 -40.45 -42.08
CA ALA A 978 -19.66 -40.50 -40.64
C ALA A 978 -18.44 -41.13 -39.98
N PHE A 979 -18.08 -42.33 -40.40
CA PHE A 979 -17.00 -43.08 -39.76
C PHE A 979 -15.66 -42.88 -40.44
N ALA A 980 -15.63 -42.19 -41.57
CA ALA A 980 -14.38 -41.89 -42.26
C ALA A 980 -13.76 -40.61 -41.68
N HIS A 981 -13.17 -40.77 -40.50
CA HIS A 981 -12.34 -39.74 -39.88
C HIS A 981 -11.01 -40.39 -39.58
N GLU A 982 -10.14 -40.40 -40.59
CA GLU A 982 -8.98 -41.25 -40.53
C GLU A 982 -7.97 -40.77 -39.51
N TYR A 983 -7.76 -39.45 -39.42
CA TYR A 983 -6.68 -38.93 -38.59
C TYR A 983 -7.02 -39.01 -37.11
N HIS A 984 -8.29 -38.94 -36.74
CA HIS A 984 -8.60 -39.02 -35.32
C HIS A 984 -8.65 -40.45 -34.82
N ASN A 985 -8.84 -41.43 -35.69
CA ASN A 985 -8.88 -42.81 -35.25
C ASN A 985 -7.53 -43.25 -34.71
N TRP A 986 -7.56 -44.14 -33.73
CA TRP A 986 -6.32 -44.60 -33.11
C TRP A 986 -5.48 -45.44 -34.06
N LEU A 987 -6.10 -46.17 -34.98
CA LEU A 987 -5.40 -47.11 -35.86
C LEU A 987 -5.54 -46.69 -37.31
N ARG A 988 -4.48 -46.12 -37.88
CA ARG A 988 -4.58 -45.60 -39.23
C ARG A 988 -4.12 -46.60 -40.29
N SER A 989 -3.94 -46.13 -41.51
CA SER A 989 -3.80 -47.02 -42.66
C SER A 989 -2.64 -48.01 -42.54
N PRO A 990 -1.56 -47.74 -41.82
CA PRO A 990 -0.60 -48.82 -41.61
C PRO A 990 -1.20 -50.10 -41.04
N PHE A 991 -2.23 -50.03 -40.22
CA PHE A 991 -2.70 -51.26 -39.60
C PHE A 991 -3.40 -52.17 -40.60
N SER A 992 -4.32 -51.65 -41.39
CA SER A 992 -4.92 -52.49 -42.41
C SER A 992 -3.96 -52.72 -43.57
N ARG A 993 -2.94 -51.89 -43.70
CA ARG A 993 -1.93 -52.13 -44.72
C ARG A 993 -1.07 -53.32 -44.36
N TYR A 994 -0.85 -53.54 -43.07
CA TYR A 994 -0.07 -54.70 -42.65
C TYR A 994 -0.94 -55.94 -42.53
N SER A 995 -2.13 -55.78 -41.94
CA SER A 995 -2.98 -56.93 -41.67
C SER A 995 -3.45 -57.60 -42.94
N ALA A 996 -3.52 -56.87 -44.05
CA ALA A 996 -4.15 -57.42 -45.24
C ALA A 996 -3.31 -58.48 -45.91
N THR A 997 -1.98 -58.43 -45.77
CA THR A 997 -1.12 -59.45 -46.35
C THR A 997 -0.45 -60.32 -45.30
N CYS A 998 -0.62 -60.03 -44.03
CA CYS A 998 0.13 -60.73 -42.99
C CYS A 998 -0.28 -62.20 -42.93
N PRO A 999 0.67 -63.11 -42.79
CA PRO A 999 0.32 -64.53 -42.75
C PRO A 999 -0.39 -64.87 -41.46
N ASN A 1000 -1.23 -65.90 -41.53
CA ASN A 1000 -2.07 -66.28 -40.40
C ASN A 1000 -1.27 -67.15 -39.42
N VAL A 1001 -0.31 -66.50 -38.77
CA VAL A 1001 0.59 -67.14 -37.83
C VAL A 1001 0.54 -66.37 -36.52
N LEU A 1002 0.78 -67.06 -35.42
CA LEU A 1002 0.65 -66.44 -34.10
C LEU A 1002 1.59 -65.24 -33.97
N HIS A 1003 2.81 -65.35 -34.50
CA HIS A 1003 3.69 -64.20 -34.43
C HIS A 1003 3.11 -63.01 -35.15
N SER A 1004 2.38 -63.23 -36.24
CA SER A 1004 1.75 -62.11 -36.91
C SER A 1004 0.50 -61.62 -36.19
N VAL A 1005 0.05 -62.34 -35.17
CA VAL A 1005 -0.96 -61.79 -34.28
C VAL A 1005 -0.30 -60.97 -33.18
N MET A 1006 0.85 -61.43 -32.69
CA MET A 1006 1.58 -60.70 -31.67
C MET A 1006 2.09 -59.38 -32.22
N THR A 1007 2.57 -59.37 -33.46
CA THR A 1007 3.18 -58.17 -34.00
C THR A 1007 2.22 -57.00 -34.03
N LEU A 1008 0.92 -57.22 -34.09
CA LEU A 1008 0.00 -56.10 -33.94
C LEU A 1008 0.03 -55.54 -32.53
N ALA A 1009 0.17 -56.41 -31.53
CA ALA A 1009 0.28 -55.93 -30.17
C ALA A 1009 1.53 -55.08 -29.99
N ALA A 1010 2.62 -55.44 -30.65
CA ALA A 1010 3.81 -54.60 -30.62
C ALA A 1010 3.62 -53.35 -31.49
N MET A 1011 2.79 -53.43 -32.51
CA MET A 1011 2.43 -52.25 -33.29
C MET A 1011 1.54 -51.30 -32.51
N LEU A 1012 1.10 -51.69 -31.33
CA LEU A 1012 0.26 -50.81 -30.53
C LEU A 1012 1.00 -50.00 -29.49
N TYR A 1013 2.31 -50.16 -29.33
CA TYR A 1013 3.03 -49.45 -28.28
C TYR A 1013 2.95 -47.94 -28.49
N LYS A 1014 2.65 -47.20 -27.42
CA LYS A 1014 2.43 -45.77 -27.53
C LYS A 1014 3.75 -45.02 -27.68
N ILE A 1015 3.69 -43.86 -28.34
CA ILE A 1015 4.83 -42.95 -28.43
C ILE A 1015 4.73 -41.87 -27.36
N SER A 1016 4.02 -42.17 -26.28
CA SER A 1016 4.01 -41.26 -25.14
C SER A 1016 5.43 -41.14 -24.60
N PRO A 1017 5.83 -39.97 -24.11
CA PRO A 1017 7.19 -39.83 -23.56
C PRO A 1017 7.44 -40.73 -22.37
N VAL A 1018 6.44 -40.96 -21.51
CA VAL A 1018 6.63 -41.94 -20.46
C VAL A 1018 6.70 -43.33 -21.04
N SER A 1019 6.00 -43.58 -22.13
CA SER A 1019 6.18 -44.85 -22.81
C SER A 1019 7.58 -44.98 -23.36
N LEU A 1020 8.12 -43.89 -23.91
CA LEU A 1020 9.47 -43.94 -24.46
C LEU A 1020 10.50 -44.20 -23.38
N VAL A 1021 10.38 -43.50 -22.25
CA VAL A 1021 11.30 -43.70 -21.14
C VAL A 1021 11.16 -45.09 -20.56
N LEU A 1022 9.95 -45.61 -20.53
CA LEU A 1022 9.72 -46.94 -19.97
C LEU A 1022 10.26 -48.03 -20.87
N GLN A 1023 9.99 -47.91 -22.16
CA GLN A 1023 10.40 -48.92 -23.13
C GLN A 1023 11.89 -48.86 -23.40
N THR A 1024 12.52 -47.71 -23.15
CA THR A 1024 13.96 -47.60 -23.30
C THR A 1024 14.71 -48.32 -22.20
N LYS A 1025 14.17 -48.31 -20.98
CA LYS A 1025 14.86 -48.96 -19.87
C LYS A 1025 14.90 -50.47 -20.03
N ALA A 1026 14.00 -51.04 -20.82
CA ALA A 1026 14.04 -52.47 -21.07
C ALA A 1026 15.02 -52.84 -22.16
N HIS A 1027 15.65 -51.86 -22.80
CA HIS A 1027 16.55 -52.04 -23.94
C HIS A 1027 15.79 -52.50 -25.17
N ILE A 1028 14.49 -52.18 -25.25
CA ILE A 1028 13.75 -52.37 -26.49
C ILE A 1028 14.08 -51.25 -27.45
N HIS A 1029 13.83 -51.47 -28.73
CA HIS A 1029 14.13 -50.50 -29.76
C HIS A 1029 12.85 -49.80 -30.18
N PRO A 1030 12.69 -48.51 -29.92
CA PRO A 1030 11.53 -47.78 -30.44
C PRO A 1030 11.70 -47.51 -31.93
N GLY A 1031 10.62 -47.01 -32.54
CA GLY A 1031 10.56 -46.92 -34.00
C GLY A 1031 11.65 -46.08 -34.64
N PHE A 1032 12.08 -45.01 -33.99
CA PHE A 1032 13.02 -44.11 -34.62
C PHE A 1032 14.47 -44.53 -34.39
N ALA A 1033 15.37 -43.92 -35.15
CA ALA A 1033 16.82 -44.04 -34.95
C ALA A 1033 17.42 -42.70 -34.59
N LEU A 1034 18.68 -42.74 -34.14
CA LEU A 1034 19.42 -41.55 -33.73
C LEU A 1034 20.66 -41.36 -34.60
N THR A 1035 21.03 -40.10 -34.83
CA THR A 1035 22.17 -39.76 -35.67
C THR A 1035 23.05 -38.69 -35.02
N ALA A 1036 23.45 -38.94 -33.78
CA ALA A 1036 24.22 -37.98 -33.01
C ALA A 1036 25.40 -37.41 -33.78
N VAL A 1037 25.53 -36.08 -33.76
CA VAL A 1037 26.74 -35.42 -34.23
C VAL A 1037 27.50 -34.92 -33.02
N ARG A 1038 28.79 -34.68 -33.20
CA ARG A 1038 29.67 -34.40 -32.07
C ARG A 1038 30.90 -33.66 -32.57
N THR A 1039 31.07 -32.41 -32.15
CA THR A 1039 32.25 -31.66 -32.53
C THR A 1039 33.42 -31.99 -31.61
N ASP A 1040 34.63 -31.97 -32.17
CA ASP A 1040 35.84 -32.30 -31.44
C ASP A 1040 36.90 -31.24 -31.70
N THR A 1041 37.52 -30.76 -30.62
CA THR A 1041 38.51 -29.70 -30.70
C THR A 1041 39.92 -30.26 -30.59
N PHE A 1042 40.81 -29.81 -31.47
CA PHE A 1042 42.19 -30.27 -31.50
C PHE A 1042 43.10 -29.06 -31.32
N GLU A 1043 43.92 -29.06 -30.27
CA GLU A 1043 45.00 -28.09 -30.19
C GLU A 1043 46.04 -28.39 -31.27
N VAL A 1044 46.62 -27.35 -31.86
CA VAL A 1044 47.30 -27.52 -33.14
C VAL A 1044 48.33 -26.41 -33.33
N ASP A 1045 49.41 -26.74 -34.04
CA ASP A 1045 50.36 -25.74 -34.54
C ASP A 1045 50.13 -25.50 -36.03
N MET A 1046 50.48 -24.30 -36.46
CA MET A 1046 50.04 -23.74 -37.73
C MET A 1046 51.19 -22.97 -38.35
N LEU A 1047 51.43 -23.13 -39.64
CA LEU A 1047 52.60 -22.48 -40.25
C LEU A 1047 52.11 -21.48 -41.28
N LEU A 1048 52.31 -20.21 -40.99
CA LEU A 1048 51.93 -19.14 -41.90
C LEU A 1048 53.06 -18.85 -42.86
N TYR A 1049 52.72 -18.35 -44.04
CA TYR A 1049 53.72 -17.88 -45.00
C TYR A 1049 53.22 -16.60 -45.62
N SER A 1050 54.10 -15.61 -45.73
CA SER A 1050 53.67 -14.33 -46.28
C SER A 1050 54.84 -13.68 -46.99
N GLY A 1051 54.55 -13.09 -48.14
CA GLY A 1051 55.58 -12.61 -49.04
C GLY A 1051 56.20 -11.29 -48.63
N LYS A 1052 57.26 -10.92 -49.34
CA LYS A 1052 57.93 -9.68 -49.03
C LYS A 1052 57.07 -8.49 -49.40
N SER A 1053 56.97 -7.53 -48.48
CA SER A 1053 56.19 -6.32 -48.67
C SER A 1053 54.77 -6.66 -49.13
N CYS A 1054 54.15 -7.61 -48.44
CA CYS A 1054 52.76 -7.91 -48.71
C CYS A 1054 51.86 -6.79 -48.22
N THR A 1055 52.29 -6.05 -47.22
CA THR A 1055 51.47 -4.99 -46.67
C THR A 1055 52.39 -3.90 -46.14
N SER A 1056 51.94 -2.66 -46.29
CA SER A 1056 52.57 -1.58 -45.56
C SER A 1056 51.85 -1.38 -44.24
N VAL A 1057 52.60 -1.01 -43.21
CA VAL A 1057 51.97 -0.74 -41.94
C VAL A 1057 52.36 0.66 -41.49
N ILE A 1058 51.54 1.64 -41.85
CA ILE A 1058 51.78 3.01 -41.45
C ILE A 1058 51.53 3.15 -39.95
N ILE A 1059 52.36 3.96 -39.28
CA ILE A 1059 52.25 4.17 -37.84
C ILE A 1059 52.47 5.64 -37.55
N ASN A 1060 51.94 6.09 -36.41
CA ASN A 1060 52.27 7.38 -35.84
C ASN A 1060 53.01 7.18 -34.53
N ASN A 1061 53.41 8.28 -33.92
CA ASN A 1061 54.01 8.20 -32.60
C ASN A 1061 52.95 7.85 -31.54
N PRO A 1062 53.28 7.02 -30.57
CA PRO A 1062 52.31 6.68 -29.54
C PRO A 1062 52.03 7.86 -28.62
N ILE A 1063 50.80 7.94 -28.12
CA ILE A 1063 50.42 9.01 -27.22
C ILE A 1063 50.03 8.42 -25.88
N VAL A 1064 50.23 9.21 -24.84
CA VAL A 1064 50.15 8.74 -23.47
C VAL A 1064 49.01 9.50 -22.79
N THR A 1065 47.87 8.83 -22.65
CA THR A 1065 46.78 9.42 -21.88
C THR A 1065 46.92 9.04 -20.41
N LYS A 1066 46.44 9.91 -19.53
CA LYS A 1066 46.69 9.79 -18.11
C LYS A 1066 45.42 9.96 -17.29
N GLU A 1067 45.27 9.14 -16.27
CA GLU A 1067 44.12 9.27 -15.37
C GLU A 1067 44.63 9.23 -13.95
N GLU A 1068 43.84 9.80 -13.03
CA GLU A 1068 44.21 9.84 -11.62
C GLU A 1068 43.17 9.14 -10.76
N ARG A 1069 43.56 8.02 -10.16
CA ARG A 1069 42.66 7.25 -9.31
C ARG A 1069 42.91 7.53 -7.83
N ASP A 1070 43.13 8.81 -7.52
CA ASP A 1070 43.37 9.25 -6.15
C ASP A 1070 44.46 8.42 -5.45
N ILE A 1071 44.47 7.12 -5.74
CA ILE A 1071 45.46 6.22 -5.13
C ILE A 1071 46.58 5.98 -6.11
N SER A 1072 46.35 6.25 -7.40
CA SER A 1072 47.31 5.92 -8.42
C SER A 1072 46.97 6.63 -9.72
N THR A 1073 47.95 6.68 -10.60
CA THR A 1073 47.79 7.19 -11.95
C THR A 1073 48.12 6.07 -12.94
N THR A 1074 47.11 5.54 -13.61
CA THR A 1074 47.39 4.68 -14.75
C THR A 1074 47.56 5.54 -15.99
N TYR A 1075 48.52 5.16 -16.83
CA TYR A 1075 48.67 5.78 -18.13
C TYR A 1075 48.45 4.72 -19.19
N HIS A 1076 47.94 5.14 -20.33
CA HIS A 1076 47.80 4.25 -21.45
C HIS A 1076 48.61 4.85 -22.58
N VAL A 1077 49.19 3.98 -23.41
CA VAL A 1077 49.99 4.46 -24.53
C VAL A 1077 49.43 3.84 -25.80
N THR A 1078 48.56 4.57 -26.47
CA THR A 1078 47.96 4.05 -27.66
C THR A 1078 48.91 4.25 -28.84
N GLN A 1079 48.79 3.38 -29.83
CA GLN A 1079 49.52 3.49 -31.07
C GLN A 1079 48.57 3.17 -32.20
N ASN A 1080 48.71 3.87 -33.32
CA ASN A 1080 47.77 3.77 -34.42
C ASN A 1080 48.45 3.08 -35.59
N ILE A 1081 47.75 2.14 -36.22
CA ILE A 1081 48.32 1.43 -37.35
C ILE A 1081 47.25 1.20 -38.40
N ASN A 1082 47.64 1.33 -39.67
CA ASN A 1082 46.79 1.00 -40.80
C ASN A 1082 47.58 0.07 -41.71
N THR A 1083 46.96 -1.01 -42.17
CA THR A 1083 47.66 -2.01 -42.98
C THR A 1083 47.04 -2.08 -44.37
N VAL A 1084 47.51 -1.23 -45.27
CA VAL A 1084 47.15 -1.40 -46.67
C VAL A 1084 47.78 -2.70 -47.16
N ASP A 1085 47.03 -3.44 -47.98
CA ASP A 1085 47.65 -4.58 -48.63
C ASP A 1085 48.33 -4.13 -49.91
N MET A 1086 49.39 -4.84 -50.28
CA MET A 1086 50.18 -4.47 -51.43
C MET A 1086 50.39 -5.72 -52.28
N GLY A 1087 49.29 -6.41 -52.54
CA GLY A 1087 49.31 -7.56 -53.39
C GLY A 1087 47.93 -7.81 -53.95
N LEU A 1088 47.88 -8.12 -55.25
CA LEU A 1088 46.62 -8.26 -55.96
C LEU A 1088 45.96 -9.59 -55.62
N GLY A 1089 46.68 -10.68 -55.82
CA GLY A 1089 46.21 -11.96 -55.34
C GLY A 1089 46.36 -12.10 -53.84
N TYR A 1090 46.14 -13.32 -53.36
CA TYR A 1090 46.52 -13.63 -51.99
C TYR A 1090 48.03 -13.79 -51.90
N THR A 1091 48.69 -12.87 -51.20
CA THR A 1091 50.15 -12.94 -51.08
C THR A 1091 50.59 -13.78 -49.90
N SER A 1092 49.68 -14.35 -49.14
CA SER A 1092 50.02 -15.23 -48.03
C SER A 1092 49.25 -16.52 -48.18
N ASN A 1093 49.65 -17.53 -47.42
CA ASN A 1093 48.79 -18.67 -47.20
C ASN A 1093 49.19 -19.36 -45.90
N THR A 1094 48.49 -20.43 -45.60
CA THR A 1094 48.59 -21.05 -44.30
C THR A 1094 48.34 -22.52 -44.47
N CYS A 1095 48.98 -23.33 -43.64
CA CYS A 1095 48.52 -24.69 -43.47
C CYS A 1095 48.62 -25.06 -42.00
N VAL A 1096 47.62 -25.82 -41.54
CA VAL A 1096 47.69 -26.42 -40.23
C VAL A 1096 48.70 -27.55 -40.28
N ALA A 1097 49.74 -27.46 -39.45
CA ALA A 1097 50.90 -28.32 -39.62
C ALA A 1097 50.74 -29.53 -38.72
N TYR A 1098 50.67 -29.35 -37.40
CA TYR A 1098 50.89 -30.47 -36.49
C TYR A 1098 49.84 -30.45 -35.39
N VAL A 1099 49.18 -31.59 -35.17
CA VAL A 1099 48.22 -31.74 -34.08
C VAL A 1099 48.96 -32.37 -32.91
N ASN A 1100 48.98 -31.67 -31.77
CA ASN A 1100 49.62 -32.25 -30.59
C ASN A 1100 48.68 -33.18 -29.86
N ARG A 1101 47.45 -32.73 -29.59
CA ARG A 1101 46.60 -33.44 -28.66
C ARG A 1101 45.15 -33.11 -28.94
N VAL A 1102 44.26 -33.89 -28.34
CA VAL A 1102 42.82 -33.67 -28.40
C VAL A 1102 42.41 -33.07 -27.07
N ARG A 1103 41.76 -31.92 -27.10
CA ARG A 1103 41.19 -31.38 -25.88
C ARG A 1103 39.89 -32.08 -25.51
N THR A 1104 39.04 -32.32 -26.50
CA THR A 1104 37.70 -32.84 -26.25
C THR A 1104 37.74 -34.28 -25.79
N ASP A 1105 36.77 -34.65 -24.95
CA ASP A 1105 36.68 -36.00 -24.40
C ASP A 1105 36.59 -37.06 -25.49
N MET A 1106 35.93 -36.74 -26.60
CA MET A 1106 35.50 -37.76 -27.57
C MET A 1106 34.59 -38.79 -26.93
N GLY A 1107 33.91 -38.43 -25.85
CA GLY A 1107 32.89 -39.27 -25.26
C GLY A 1107 31.58 -39.06 -25.95
N VAL A 1108 30.52 -39.67 -25.41
CA VAL A 1108 29.23 -39.45 -26.03
C VAL A 1108 28.41 -38.51 -25.16
N ARG A 1109 27.87 -39.00 -24.03
CA ARG A 1109 27.28 -38.13 -23.02
C ARG A 1109 26.32 -37.13 -23.64
N VAL A 1110 25.20 -37.59 -24.21
CA VAL A 1110 24.41 -36.75 -25.10
C VAL A 1110 23.87 -35.52 -24.37
N GLN A 1111 23.78 -34.43 -25.11
CA GLN A 1111 23.49 -33.14 -24.50
C GLN A 1111 22.09 -33.12 -23.89
N ASP A 1112 22.00 -32.59 -22.68
CA ASP A 1112 20.74 -32.58 -21.94
C ASP A 1112 19.94 -31.36 -22.35
N LEU A 1113 18.82 -31.57 -23.04
CA LEU A 1113 17.98 -30.45 -23.41
C LEU A 1113 17.25 -29.86 -22.19
N PHE A 1114 17.26 -30.55 -21.06
CA PHE A 1114 16.64 -29.99 -19.87
C PHE A 1114 17.38 -28.77 -19.37
N ARG A 1115 18.66 -28.65 -19.69
CA ARG A 1115 19.40 -27.44 -19.34
C ARG A 1115 19.51 -26.44 -20.47
N VAL A 1116 19.34 -26.88 -21.72
CA VAL A 1116 19.25 -25.92 -22.82
C VAL A 1116 17.95 -25.14 -22.75
N PHE A 1117 16.83 -25.81 -22.49
CA PHE A 1117 15.51 -25.18 -22.38
C PHE A 1117 14.98 -25.42 -20.99
N PRO A 1118 15.51 -24.73 -19.99
CA PRO A 1118 15.02 -24.94 -18.63
C PRO A 1118 13.59 -24.46 -18.46
N MET A 1119 13.16 -23.50 -19.28
CA MET A 1119 11.83 -22.92 -19.13
C MET A 1119 10.72 -23.94 -19.36
N ASN A 1120 10.91 -24.88 -20.28
CA ASN A 1120 9.84 -25.80 -20.63
C ASN A 1120 9.60 -26.82 -19.53
N VAL A 1121 8.33 -27.05 -19.23
CA VAL A 1121 7.89 -28.08 -18.30
C VAL A 1121 6.58 -28.63 -18.81
N TYR A 1122 6.32 -29.90 -18.51
CA TYR A 1122 5.06 -30.52 -18.88
C TYR A 1122 3.91 -29.85 -18.15
N ARG A 1123 2.77 -29.72 -18.84
CA ARG A 1123 1.64 -29.01 -18.25
C ARG A 1123 1.15 -29.73 -17.01
N HIS A 1124 1.04 -31.05 -17.08
CA HIS A 1124 0.64 -31.81 -15.91
C HIS A 1124 1.76 -31.81 -14.89
N ASP A 1125 1.38 -31.91 -13.61
CA ASP A 1125 2.39 -31.85 -12.58
C ASP A 1125 3.02 -33.21 -12.31
N GLU A 1126 2.18 -34.24 -12.11
CA GLU A 1126 2.70 -35.55 -11.75
C GLU A 1126 3.52 -36.17 -12.88
N VAL A 1127 3.09 -35.97 -14.12
CA VAL A 1127 3.87 -36.47 -15.25
C VAL A 1127 5.23 -35.81 -15.26
N ASP A 1128 5.29 -34.52 -14.92
CA ASP A 1128 6.57 -33.83 -14.87
C ASP A 1128 7.44 -34.34 -13.74
N ARG A 1129 6.85 -34.65 -12.57
CA ARG A 1129 7.65 -35.23 -11.50
C ARG A 1129 8.25 -36.56 -11.94
N TRP A 1130 7.45 -37.41 -12.56
CA TRP A 1130 7.92 -38.75 -12.89
C TRP A 1130 8.92 -38.71 -14.05
N ILE A 1131 8.81 -37.73 -14.95
CA ILE A 1131 9.79 -37.61 -16.03
C ILE A 1131 11.12 -37.10 -15.50
N ARG A 1132 11.07 -36.08 -14.64
CA ARG A 1132 12.31 -35.55 -14.09
C ARG A 1132 13.03 -36.59 -13.24
N HIS A 1133 12.29 -37.36 -12.45
CA HIS A 1133 12.92 -38.38 -11.61
C HIS A 1133 13.47 -39.53 -12.44
N ALA A 1134 12.90 -39.77 -13.62
CA ALA A 1134 13.38 -40.88 -14.44
C ALA A 1134 14.58 -40.48 -15.29
N ALA A 1135 14.47 -39.39 -16.03
CA ALA A 1135 15.58 -38.94 -16.86
C ALA A 1135 16.74 -38.40 -16.05
N GLY A 1136 16.52 -38.09 -14.76
CA GLY A 1136 17.61 -37.77 -13.87
C GLY A 1136 17.93 -36.30 -13.68
N VAL A 1137 17.12 -35.40 -14.20
CA VAL A 1137 17.28 -33.96 -14.00
C VAL A 1137 16.06 -33.46 -13.24
N GLU A 1138 16.27 -32.59 -12.25
CA GLU A 1138 15.13 -32.19 -11.44
C GLU A 1138 15.26 -30.74 -11.00
N ARG A 1139 14.09 -30.10 -10.84
CA ARG A 1139 13.85 -28.79 -10.22
C ARG A 1139 14.67 -27.62 -10.79
N PRO A 1140 14.75 -27.45 -12.10
CA PRO A 1140 15.48 -26.27 -12.60
C PRO A 1140 14.58 -25.04 -12.66
N GLN A 1141 14.31 -24.48 -11.49
CA GLN A 1141 13.35 -23.38 -11.35
C GLN A 1141 14.08 -22.11 -10.98
N LEU A 1142 13.91 -21.10 -11.84
CA LEU A 1142 14.62 -19.84 -11.69
C LEU A 1142 13.62 -18.72 -11.64
N LEU A 1143 13.83 -17.79 -10.72
CA LEU A 1143 12.96 -16.63 -10.54
C LEU A 1143 12.77 -15.88 -11.87
N ASP A 1144 11.62 -15.23 -12.03
CA ASP A 1144 11.26 -14.66 -13.31
C ASP A 1144 12.20 -13.53 -13.73
N THR A 1145 12.81 -12.86 -12.75
CA THR A 1145 13.84 -11.88 -13.05
C THR A 1145 15.05 -12.55 -13.68
N GLU A 1146 15.36 -13.77 -13.23
CA GLU A 1146 16.50 -14.49 -13.78
C GLU A 1146 16.18 -15.17 -15.10
N THR A 1147 14.95 -15.62 -15.32
CA THR A 1147 14.62 -16.18 -16.61
C THR A 1147 14.71 -15.12 -17.69
N ILE A 1148 14.31 -13.90 -17.37
CA ILE A 1148 14.34 -12.80 -18.34
C ILE A 1148 15.77 -12.52 -18.75
N SER A 1149 16.70 -12.61 -17.78
CA SER A 1149 18.11 -12.44 -18.07
C SER A 1149 18.69 -13.64 -18.79
N MET A 1150 18.22 -14.84 -18.49
CA MET A 1150 18.74 -16.02 -19.17
C MET A 1150 18.31 -16.05 -20.62
N LEU A 1151 17.14 -15.47 -20.92
CA LEU A 1151 16.64 -15.39 -22.29
C LEU A 1151 17.64 -14.70 -23.22
N THR A 1152 18.50 -13.84 -22.66
CA THR A 1152 19.59 -13.21 -23.41
C THR A 1152 20.94 -13.82 -23.07
N PHE A 1153 21.41 -13.57 -21.85
CA PHE A 1153 22.79 -13.89 -21.50
C PHE A 1153 23.06 -15.40 -21.42
N GLY A 1154 22.04 -16.20 -21.14
CA GLY A 1154 22.22 -17.63 -21.05
C GLY A 1154 23.16 -18.14 -19.99
N SER A 1155 22.80 -18.00 -18.72
CA SER A 1155 23.68 -18.35 -17.62
C SER A 1155 24.26 -19.75 -17.80
N MET A 1156 25.43 -19.95 -17.22
CA MET A 1156 26.17 -21.21 -17.32
C MET A 1156 25.66 -22.19 -16.27
N SER A 1157 24.44 -22.66 -16.49
CA SER A 1157 23.74 -23.46 -15.49
C SER A 1157 24.14 -24.93 -15.60
N GLU A 1158 25.42 -25.19 -15.31
CA GLU A 1158 25.91 -26.55 -15.23
C GLU A 1158 27.15 -26.60 -14.32
N ARG A 1159 26.99 -27.19 -13.15
CA ARG A 1159 28.14 -27.46 -12.30
C ARG A 1159 29.01 -28.54 -12.94
N ASN A 1160 30.31 -28.30 -12.95
CA ASN A 1160 31.20 -29.24 -13.61
C ASN A 1160 31.46 -30.46 -12.73
N ALA A 1161 31.96 -31.51 -13.36
CA ALA A 1161 32.20 -32.78 -12.68
C ALA A 1161 33.18 -32.59 -11.53
N ALA A 1162 33.10 -33.48 -10.54
CA ALA A 1162 34.03 -33.40 -9.43
C ALA A 1162 35.46 -33.67 -9.87
N ALA A 1163 35.65 -34.46 -10.93
CA ALA A 1163 36.98 -34.79 -11.44
C ALA A 1163 36.87 -35.19 -12.91
N THR A 1164 37.44 -34.38 -13.81
CA THR A 1164 37.42 -34.67 -15.24
C THR A 1164 38.77 -35.22 -15.66
N VAL A 1165 38.80 -36.51 -16.00
CA VAL A 1165 40.04 -37.12 -16.45
C VAL A 1165 40.25 -37.01 -17.95
N HIS A 1166 39.23 -36.63 -18.71
CA HIS A 1166 39.40 -36.59 -20.15
C HIS A 1166 39.40 -35.17 -20.71
N GLY A 1167 38.37 -34.40 -20.47
CA GLY A 1167 38.38 -33.02 -20.89
C GLY A 1167 36.98 -32.58 -21.28
N GLN A 1168 36.91 -31.60 -22.17
CA GLN A 1168 35.63 -31.11 -22.63
C GLN A 1168 34.90 -32.19 -23.40
N LYS A 1169 33.57 -32.19 -23.34
CA LYS A 1169 32.77 -33.21 -24.00
C LYS A 1169 31.55 -32.56 -24.65
N ALA A 1170 31.03 -33.22 -25.69
CA ALA A 1170 29.76 -32.79 -26.29
C ALA A 1170 29.24 -33.88 -27.21
N ALA A 1171 27.93 -33.88 -27.42
CA ALA A 1171 27.27 -34.68 -28.45
C ALA A 1171 25.92 -34.05 -28.74
N CYS A 1172 25.35 -34.40 -29.88
CA CYS A 1172 24.05 -33.84 -30.24
C CYS A 1172 23.08 -34.95 -30.61
N GLU A 1173 21.95 -34.62 -31.21
CA GLU A 1173 20.89 -35.61 -31.33
C GLU A 1173 19.92 -35.22 -32.43
N LEU A 1174 19.68 -36.13 -33.38
CA LEU A 1174 18.75 -35.88 -34.49
C LEU A 1174 17.88 -37.10 -34.67
N ILE A 1175 16.63 -37.03 -34.19
CA ILE A 1175 15.69 -38.14 -34.41
C ILE A 1175 15.57 -38.41 -35.90
N LEU A 1176 15.48 -39.69 -36.25
CA LEU A 1176 15.73 -40.14 -37.62
C LEU A 1176 14.86 -41.33 -37.97
N THR A 1177 14.70 -41.55 -39.25
CA THR A 1177 14.05 -42.77 -39.69
C THR A 1177 15.04 -43.93 -39.61
N PRO A 1178 14.60 -45.11 -39.20
CA PRO A 1178 15.52 -46.25 -39.22
C PRO A 1178 15.94 -46.68 -40.60
N VAL A 1179 15.08 -46.54 -41.62
CA VAL A 1179 15.39 -47.06 -42.94
C VAL A 1179 16.46 -46.26 -43.65
N THR A 1180 16.95 -45.18 -43.04
CA THR A 1180 17.90 -44.30 -43.71
C THR A 1180 19.05 -45.11 -44.29
N MET A 1181 19.36 -44.88 -45.56
CA MET A 1181 20.52 -45.54 -46.13
C MET A 1181 21.77 -45.00 -45.47
N ASP A 1182 22.64 -45.91 -45.04
CA ASP A 1182 23.91 -45.46 -44.51
C ASP A 1182 25.06 -45.62 -45.50
N VAL A 1183 25.00 -46.62 -46.37
CA VAL A 1183 26.09 -46.86 -47.32
C VAL A 1183 26.38 -45.59 -48.10
N ASN A 1184 25.37 -44.99 -48.71
CA ASN A 1184 25.57 -43.77 -49.46
C ASN A 1184 25.67 -42.58 -48.54
N TYR A 1185 25.37 -42.73 -47.25
CA TYR A 1185 25.22 -41.58 -46.40
C TYR A 1185 26.08 -41.55 -45.16
N PHE A 1186 26.34 -42.68 -44.52
CA PHE A 1186 27.08 -42.64 -43.27
C PHE A 1186 28.51 -43.10 -43.41
N LYS A 1187 28.85 -43.81 -44.48
CA LYS A 1187 30.23 -44.20 -44.68
C LYS A 1187 31.11 -43.02 -45.06
N ILE A 1188 30.57 -42.10 -45.86
CA ILE A 1188 31.37 -41.02 -46.44
C ILE A 1188 30.97 -39.73 -45.75
N PRO A 1189 31.84 -38.71 -45.75
CA PRO A 1189 31.44 -37.44 -45.15
C PRO A 1189 30.29 -36.81 -45.91
N ASN A 1190 29.31 -36.30 -45.16
CA ASN A 1190 28.07 -35.82 -45.74
C ASN A 1190 27.36 -34.98 -44.69
N ASN A 1191 26.28 -34.32 -45.11
CA ASN A 1191 25.54 -33.47 -44.20
C ASN A 1191 24.70 -34.31 -43.24
N PRO A 1192 24.69 -34.01 -41.95
CA PRO A 1192 23.77 -34.72 -41.04
C PRO A 1192 22.32 -34.34 -41.22
N ARG A 1193 22.03 -33.16 -41.77
CA ARG A 1193 20.64 -32.72 -41.91
C ARG A 1193 19.82 -33.65 -42.79
N GLY A 1194 20.46 -34.40 -43.67
CA GLY A 1194 19.76 -35.18 -44.66
C GLY A 1194 19.63 -34.54 -46.02
N ARG A 1195 20.31 -33.41 -46.26
CA ARG A 1195 20.26 -32.77 -47.56
C ARG A 1195 21.45 -31.82 -47.69
N ALA A 1196 22.10 -31.84 -48.85
CA ALA A 1196 23.27 -31.00 -49.05
C ALA A 1196 22.90 -29.53 -49.05
N SER A 1197 23.78 -28.71 -48.48
CA SER A 1197 23.60 -27.27 -48.42
C SER A 1197 24.92 -26.53 -48.63
N CYS A 1198 25.72 -26.97 -49.61
CA CYS A 1198 27.04 -26.39 -49.85
C CYS A 1198 26.89 -25.14 -50.69
N MET A 1199 26.76 -23.99 -50.05
CA MET A 1199 26.35 -22.78 -50.75
C MET A 1199 27.32 -22.36 -51.85
N LEU A 1200 28.52 -22.94 -51.90
CA LEU A 1200 29.37 -22.66 -53.04
C LEU A 1200 28.76 -23.18 -54.33
N ALA A 1201 27.96 -24.25 -54.25
CA ALA A 1201 27.36 -24.81 -55.45
C ALA A 1201 26.32 -23.88 -56.06
N VAL A 1202 25.58 -23.15 -55.23
CA VAL A 1202 24.50 -22.29 -55.72
C VAL A 1202 25.09 -21.03 -56.33
N ASP A 1203 24.36 -20.46 -57.27
CA ASP A 1203 24.78 -19.22 -57.91
C ASP A 1203 24.86 -18.09 -56.88
N PRO A 1204 25.87 -17.25 -56.93
CA PRO A 1204 26.03 -16.22 -55.90
C PRO A 1204 24.90 -15.22 -55.91
N TYR A 1205 24.52 -14.77 -54.72
CA TYR A 1205 23.49 -13.75 -54.55
C TYR A 1205 22.18 -14.16 -55.22
N ASP A 1206 21.83 -15.43 -55.08
CA ASP A 1206 20.58 -15.95 -55.63
C ASP A 1206 19.83 -16.66 -54.51
N THR A 1207 19.09 -15.89 -53.72
CA THR A 1207 18.38 -16.45 -52.59
C THR A 1207 17.18 -17.27 -53.02
N GLU A 1208 16.51 -16.86 -54.10
CA GLU A 1208 15.31 -17.58 -54.53
C GLU A 1208 15.64 -18.98 -55.00
N ALA A 1209 16.86 -19.23 -55.44
CA ALA A 1209 17.31 -20.57 -55.78
C ALA A 1209 18.08 -21.25 -54.66
N ALA A 1210 18.75 -20.48 -53.80
CA ALA A 1210 19.43 -21.10 -52.67
C ALA A 1210 18.45 -21.71 -51.69
N THR A 1211 17.32 -21.06 -51.45
CA THR A 1211 16.34 -21.66 -50.55
C THR A 1211 15.59 -22.81 -51.19
N LYS A 1212 15.56 -22.91 -52.51
CA LYS A 1212 15.04 -24.10 -53.15
C LYS A 1212 16.02 -25.25 -53.05
N ALA A 1213 17.30 -24.95 -52.90
CA ALA A 1213 18.30 -26.00 -52.77
C ALA A 1213 18.25 -26.68 -51.42
N ILE A 1214 17.96 -25.93 -50.36
CA ILE A 1214 18.13 -26.44 -49.01
C ILE A 1214 16.80 -26.81 -48.35
N TYR A 1215 15.67 -26.40 -48.92
CA TYR A 1215 14.38 -26.65 -48.33
C TYR A 1215 13.45 -27.48 -49.19
N ASP A 1216 13.22 -27.08 -50.44
CA ASP A 1216 12.21 -27.71 -51.28
C ASP A 1216 12.59 -29.13 -51.62
N HIS A 1217 11.59 -29.97 -51.85
CA HIS A 1217 11.81 -31.39 -52.07
C HIS A 1217 11.41 -31.89 -53.44
N ARG A 1218 10.57 -31.17 -54.17
CA ARG A 1218 10.29 -31.59 -55.54
C ARG A 1218 11.52 -31.40 -56.42
N GLU A 1219 12.36 -30.43 -56.08
CA GLU A 1219 13.63 -30.31 -56.77
C GLU A 1219 14.62 -31.34 -56.24
N ALA A 1220 15.28 -32.02 -57.17
CA ALA A 1220 16.17 -33.12 -56.80
C ALA A 1220 17.35 -32.61 -56.00
N ASP A 1221 17.96 -33.51 -55.26
CA ASP A 1221 19.03 -33.14 -54.36
C ASP A 1221 20.37 -33.01 -55.09
N ALA A 1222 21.35 -32.48 -54.38
CA ALA A 1222 22.76 -32.46 -54.77
C ALA A 1222 23.37 -33.85 -54.63
N GLN A 1223 24.33 -33.98 -53.71
CA GLN A 1223 25.29 -35.11 -53.62
C GLN A 1223 24.64 -36.44 -53.96
N THR A 1224 23.66 -36.93 -53.19
CA THR A 1224 22.81 -38.03 -53.66
C THR A 1224 21.49 -37.47 -54.17
N PHE A 1225 21.01 -38.00 -55.29
CA PHE A 1225 19.97 -37.30 -56.02
C PHE A 1225 18.56 -37.62 -55.53
N ALA A 1226 18.41 -38.46 -54.52
CA ALA A 1226 17.11 -38.61 -53.85
C ALA A 1226 16.76 -37.34 -53.10
N ALA A 1227 15.46 -37.07 -52.94
CA ALA A 1227 15.03 -35.78 -52.43
C ALA A 1227 15.54 -35.51 -51.03
N THR A 1228 15.44 -36.49 -50.14
CA THR A 1228 15.71 -36.24 -48.73
C THR A 1228 15.98 -37.55 -48.02
N HIS A 1229 17.20 -37.71 -47.51
CA HIS A 1229 17.52 -38.98 -46.85
C HIS A 1229 16.88 -39.08 -45.48
N ASN A 1230 16.70 -37.97 -44.79
CA ASN A 1230 15.93 -37.97 -43.55
C ASN A 1230 14.91 -36.86 -43.51
N PRO A 1231 13.61 -37.14 -43.67
CA PRO A 1231 12.67 -36.03 -43.76
C PRO A 1231 12.47 -35.31 -42.45
N TRP A 1232 12.54 -35.99 -41.32
CA TRP A 1232 12.29 -35.33 -40.04
C TRP A 1232 13.37 -34.33 -39.67
N ALA A 1233 14.41 -34.19 -40.48
CA ALA A 1233 15.39 -33.12 -40.30
C ALA A 1233 15.57 -32.24 -41.52
N SER A 1234 15.17 -32.70 -42.71
CA SER A 1234 15.42 -31.99 -43.94
C SER A 1234 14.34 -30.96 -44.30
N GLN A 1235 13.07 -31.24 -44.02
CA GLN A 1235 12.01 -30.32 -44.39
C GLN A 1235 12.13 -29.04 -43.58
N ALA A 1236 11.64 -27.93 -44.12
CA ALA A 1236 11.57 -26.72 -43.33
C ALA A 1236 10.43 -26.81 -42.33
N GLY A 1237 10.75 -26.67 -41.05
CA GLY A 1237 9.78 -26.88 -40.02
C GLY A 1237 9.67 -28.31 -39.52
N CYS A 1238 10.61 -29.16 -39.93
CA CYS A 1238 10.59 -30.56 -39.50
C CYS A 1238 10.62 -30.67 -37.99
N LEU A 1239 11.25 -31.71 -37.48
CA LEU A 1239 11.35 -31.93 -36.05
C LEU A 1239 12.71 -31.50 -35.52
N SER A 1240 13.68 -31.40 -36.42
CA SER A 1240 15.03 -31.00 -36.05
C SER A 1240 15.28 -29.53 -36.37
N ASP A 1241 14.70 -29.06 -37.46
CA ASP A 1241 14.87 -27.68 -37.88
C ASP A 1241 14.44 -26.74 -36.76
N VAL A 1242 13.20 -26.87 -36.30
CA VAL A 1242 12.75 -26.02 -35.20
C VAL A 1242 13.56 -26.28 -33.95
N LEU A 1243 14.24 -27.41 -33.88
CA LEU A 1243 14.93 -27.81 -32.67
C LEU A 1243 16.39 -27.37 -32.64
N TYR A 1244 17.00 -27.06 -33.79
CA TYR A 1244 18.37 -26.55 -33.74
C TYR A 1244 18.56 -25.24 -34.49
N ASN A 1245 17.73 -24.95 -35.49
CA ASN A 1245 17.81 -23.65 -36.12
C ASN A 1245 17.64 -22.58 -35.06
N THR A 1246 18.64 -21.71 -34.93
CA THR A 1246 18.56 -20.67 -33.91
C THR A 1246 17.39 -19.73 -34.14
N ARG A 1247 16.99 -19.53 -35.40
CA ARG A 1247 15.87 -18.64 -35.66
C ARG A 1247 14.58 -19.18 -35.06
N HIS A 1248 14.40 -20.50 -35.06
CA HIS A 1248 13.26 -21.08 -34.36
C HIS A 1248 13.56 -21.23 -32.88
N ARG A 1249 14.81 -21.48 -32.55
CA ARG A 1249 15.18 -21.74 -31.17
C ARG A 1249 14.96 -20.51 -30.31
N GLU A 1250 15.14 -19.32 -30.88
CA GLU A 1250 14.98 -18.09 -30.10
C GLU A 1250 13.54 -17.86 -29.68
N ARG A 1251 12.55 -18.33 -30.46
CA ARG A 1251 11.16 -18.15 -30.07
C ARG A 1251 10.87 -18.85 -28.75
N LEU A 1252 11.42 -20.05 -28.59
CA LEU A 1252 11.42 -20.76 -27.33
C LEU A 1252 12.54 -20.22 -26.47
N GLY A 1253 12.32 -20.26 -25.16
CA GLY A 1253 13.37 -19.84 -24.24
C GLY A 1253 14.46 -20.88 -24.21
N TYR A 1254 15.69 -20.44 -24.33
CA TYR A 1254 16.78 -21.39 -24.37
C TYR A 1254 18.01 -20.67 -23.89
N ASN A 1255 18.88 -21.44 -23.24
CA ASN A 1255 20.12 -20.94 -22.67
C ASN A 1255 21.19 -20.86 -23.77
N SER A 1256 21.71 -19.66 -24.01
CA SER A 1256 22.52 -19.42 -25.21
C SER A 1256 23.99 -19.74 -25.03
N LYS A 1257 24.53 -19.75 -23.81
CA LYS A 1257 25.95 -20.02 -23.64
C LYS A 1257 26.27 -21.48 -23.88
N PHE A 1258 25.30 -22.36 -23.73
CA PHE A 1258 25.52 -23.74 -24.12
C PHE A 1258 25.83 -23.81 -25.61
N TYR A 1259 26.83 -24.60 -25.96
CA TYR A 1259 27.29 -24.69 -27.34
C TYR A 1259 26.63 -25.87 -28.02
N SER A 1260 26.17 -25.66 -29.24
CA SER A 1260 25.44 -26.67 -29.99
C SER A 1260 26.16 -27.01 -31.27
N PRO A 1261 26.72 -28.22 -31.41
CA PRO A 1261 27.46 -28.54 -32.64
C PRO A 1261 26.60 -28.63 -33.88
N CYS A 1262 25.40 -29.16 -33.77
CA CYS A 1262 24.59 -29.41 -34.96
C CYS A 1262 24.08 -28.11 -35.57
N ALA A 1263 23.95 -27.05 -34.78
CA ALA A 1263 23.23 -25.87 -35.22
C ALA A 1263 23.86 -25.21 -36.43
N GLN A 1264 25.17 -25.39 -36.64
CA GLN A 1264 25.80 -24.79 -37.82
C GLN A 1264 25.19 -25.29 -39.12
N TYR A 1265 24.63 -26.51 -39.12
CA TYR A 1265 23.97 -27.03 -40.30
C TYR A 1265 22.56 -26.51 -40.44
N PHE A 1266 21.94 -26.10 -39.34
CA PHE A 1266 20.53 -25.72 -39.33
C PHE A 1266 20.33 -24.22 -39.22
N ASN A 1267 21.39 -23.45 -38.95
CA ASN A 1267 21.28 -21.99 -39.01
C ASN A 1267 21.11 -21.59 -40.46
N THR A 1268 19.93 -21.93 -40.98
CA THR A 1268 19.69 -21.77 -42.40
C THR A 1268 19.54 -20.31 -42.82
N GLU A 1269 18.88 -19.49 -42.01
CA GLU A 1269 18.68 -18.11 -42.44
C GLU A 1269 20.00 -17.38 -42.58
N GLU A 1270 21.02 -17.81 -41.86
CA GLU A 1270 22.35 -17.25 -42.08
C GLU A 1270 22.97 -17.80 -43.34
N ILE A 1271 22.90 -19.12 -43.54
CA ILE A 1271 23.60 -19.72 -44.68
C ILE A 1271 22.93 -19.35 -45.99
N ILE A 1272 21.66 -18.95 -45.97
CA ILE A 1272 21.01 -18.45 -47.17
C ILE A 1272 21.58 -17.09 -47.55
N ALA A 1273 21.98 -16.31 -46.55
CA ALA A 1273 22.60 -15.01 -46.81
C ALA A 1273 24.11 -15.12 -46.99
N ALA A 1274 24.70 -16.27 -46.67
CA ALA A 1274 26.14 -16.41 -46.76
C ALA A 1274 26.61 -16.89 -48.13
N ASN A 1275 25.71 -17.38 -48.98
CA ASN A 1275 26.13 -17.73 -50.32
C ASN A 1275 26.52 -16.46 -51.09
N LYS A 1276 27.73 -16.44 -51.59
CA LYS A 1276 28.28 -15.26 -52.25
C LYS A 1276 29.37 -15.72 -53.19
N THR A 1277 29.84 -14.79 -54.00
CA THR A 1277 30.95 -15.01 -54.91
C THR A 1277 32.13 -15.64 -54.21
N LEU A 1278 32.92 -16.44 -54.92
CA LEU A 1278 33.89 -17.32 -54.27
C LEU A 1278 34.82 -16.57 -53.34
N PHE A 1279 35.41 -15.46 -53.79
CA PHE A 1279 36.43 -14.80 -52.97
C PHE A 1279 35.81 -14.11 -51.77
N LYS A 1280 34.60 -13.57 -51.92
CA LYS A 1280 33.89 -13.09 -50.74
C LYS A 1280 33.59 -14.24 -49.79
N THR A 1281 33.39 -15.45 -50.32
CA THR A 1281 33.14 -16.57 -49.44
C THR A 1281 34.39 -16.94 -48.66
N ILE A 1282 35.53 -17.04 -49.32
CA ILE A 1282 36.71 -17.42 -48.55
C ILE A 1282 37.18 -16.29 -47.64
N ASP A 1283 36.77 -15.03 -47.92
CA ASP A 1283 37.03 -13.98 -46.94
C ASP A 1283 36.09 -14.09 -45.75
N GLU A 1284 34.82 -14.40 -45.99
CA GLU A 1284 33.88 -14.66 -44.90
C GLU A 1284 34.36 -15.81 -44.04
N TYR A 1285 34.98 -16.81 -44.67
CA TYR A 1285 35.43 -17.98 -43.93
C TYR A 1285 36.58 -17.63 -42.99
N LEU A 1286 37.32 -16.56 -43.27
CA LEU A 1286 38.40 -16.20 -42.39
C LEU A 1286 38.00 -15.24 -41.27
N LEU A 1287 36.78 -14.68 -41.32
CA LEU A 1287 36.39 -13.68 -40.34
C LEU A 1287 35.32 -14.22 -39.47
N ARG A 1288 34.19 -14.70 -40.02
CA ARG A 1288 33.10 -15.16 -39.16
C ARG A 1288 33.16 -16.64 -38.85
N ALA A 1289 33.60 -17.47 -39.81
CA ALA A 1289 33.43 -18.92 -39.70
C ALA A 1289 33.91 -19.50 -38.38
N LYS A 1290 34.69 -18.76 -37.62
CA LYS A 1290 35.14 -19.20 -36.31
C LYS A 1290 33.97 -19.31 -35.35
N ASP A 1291 34.09 -20.25 -34.39
CA ASP A 1291 33.04 -20.51 -33.40
C ASP A 1291 33.68 -20.52 -32.01
N CYS A 1292 33.69 -19.37 -31.34
CA CYS A 1292 34.35 -19.30 -30.04
C CYS A 1292 33.77 -20.33 -29.09
N ILE A 1293 34.65 -20.97 -28.31
CA ILE A 1293 34.25 -21.96 -27.31
C ILE A 1293 35.14 -21.81 -26.08
N ARG A 1294 34.51 -21.73 -24.91
CA ARG A 1294 35.26 -21.57 -23.68
C ARG A 1294 36.05 -22.85 -23.35
N GLY A 1295 37.26 -22.67 -22.84
CA GLY A 1295 38.18 -23.78 -22.68
C GLY A 1295 38.49 -24.27 -21.27
N ASP A 1296 38.13 -23.52 -20.25
CA ASP A 1296 38.44 -23.91 -18.87
C ASP A 1296 37.29 -24.63 -18.18
N THR A 1297 36.09 -24.60 -18.74
CA THR A 1297 35.00 -25.35 -18.14
C THR A 1297 35.02 -26.79 -18.63
N ASP A 1298 34.39 -27.66 -17.85
CA ASP A 1298 34.23 -29.05 -18.24
C ASP A 1298 33.43 -29.15 -19.52
N THR A 1299 32.17 -28.73 -19.47
CA THR A 1299 31.32 -28.74 -20.66
C THR A 1299 31.64 -27.53 -21.52
N GLN A 1300 31.33 -27.64 -22.81
CA GLN A 1300 31.60 -26.54 -23.72
C GLN A 1300 30.59 -25.41 -23.53
N TYR A 1301 31.08 -24.19 -23.51
CA TYR A 1301 30.26 -23.00 -23.47
C TYR A 1301 30.76 -22.03 -24.54
N VAL A 1302 29.83 -21.33 -25.17
CA VAL A 1302 30.21 -20.31 -26.13
C VAL A 1302 30.92 -19.19 -25.39
N CYS A 1303 32.12 -18.86 -25.84
CA CYS A 1303 32.94 -17.90 -25.12
C CYS A 1303 32.37 -16.50 -25.25
N VAL A 1304 32.88 -15.60 -24.41
CA VAL A 1304 32.58 -14.18 -24.57
C VAL A 1304 33.20 -13.70 -25.87
N GLU A 1305 32.34 -13.38 -26.85
CA GLU A 1305 32.74 -13.41 -28.25
C GLU A 1305 34.02 -12.60 -28.50
N GLY A 1306 35.02 -13.28 -29.05
CA GLY A 1306 36.28 -12.68 -29.41
C GLY A 1306 37.28 -12.52 -28.29
N THR A 1307 36.97 -13.00 -27.08
CA THR A 1307 37.90 -12.83 -25.98
C THR A 1307 39.10 -13.77 -26.08
N GLU A 1308 38.85 -15.02 -26.44
CA GLU A 1308 39.89 -16.04 -26.57
C GLU A 1308 40.26 -16.25 -28.03
N GLN A 1309 41.11 -17.24 -28.26
CA GLN A 1309 41.43 -17.65 -29.63
C GLN A 1309 40.19 -18.16 -30.32
N LEU A 1310 39.97 -17.68 -31.55
CA LEU A 1310 38.84 -18.19 -32.31
C LEU A 1310 39.15 -19.57 -32.86
N ILE A 1311 38.14 -20.44 -32.85
CA ILE A 1311 38.29 -21.84 -33.24
C ILE A 1311 37.84 -21.96 -34.68
N GLU A 1312 38.71 -22.48 -35.55
CA GLU A 1312 38.30 -22.67 -36.93
C GLU A 1312 37.69 -24.05 -37.15
N ASN A 1313 36.76 -24.12 -38.08
CA ASN A 1313 35.87 -25.28 -38.23
C ASN A 1313 35.74 -25.62 -39.72
N PRO A 1314 36.69 -26.38 -40.27
CA PRO A 1314 36.69 -26.60 -41.73
C PRO A 1314 35.40 -27.20 -42.25
N CYS A 1315 34.69 -27.99 -41.43
CA CYS A 1315 33.43 -28.55 -41.89
C CYS A 1315 32.40 -27.46 -42.17
N ARG A 1316 32.55 -26.30 -41.54
CA ARG A 1316 31.57 -25.24 -41.73
C ARG A 1316 31.56 -24.71 -43.15
N LEU A 1317 32.71 -24.73 -43.83
CA LEU A 1317 32.74 -24.22 -45.19
C LEU A 1317 32.04 -25.16 -46.17
N THR A 1318 32.20 -26.47 -45.99
CA THR A 1318 31.57 -27.46 -46.84
C THR A 1318 30.24 -27.95 -46.31
N GLN A 1319 29.84 -27.53 -45.11
CA GLN A 1319 28.57 -27.92 -44.51
C GLN A 1319 28.39 -29.43 -44.49
N GLU A 1320 29.44 -30.13 -44.08
CA GLU A 1320 29.45 -31.58 -44.00
C GLU A 1320 29.93 -31.99 -42.61
N ALA A 1321 29.98 -33.30 -42.39
CA ALA A 1321 30.49 -33.85 -41.15
C ALA A 1321 31.24 -35.12 -41.47
N LEU A 1322 32.29 -35.38 -40.70
CA LEU A 1322 33.19 -36.50 -40.99
C LEU A 1322 32.77 -37.72 -40.19
N PRO A 1323 32.48 -38.85 -40.80
CA PRO A 1323 32.14 -40.03 -40.02
C PRO A 1323 33.35 -40.50 -39.23
N ILE A 1324 33.07 -41.21 -38.14
CA ILE A 1324 34.09 -41.76 -37.27
C ILE A 1324 33.83 -43.25 -37.16
N LEU A 1325 34.80 -43.95 -36.60
CA LEU A 1325 34.62 -45.38 -36.38
C LEU A 1325 33.46 -45.62 -35.46
N SER A 1326 32.48 -46.39 -35.94
CA SER A 1326 31.32 -46.72 -35.12
C SER A 1326 30.84 -48.10 -35.51
N THR A 1327 30.74 -48.97 -34.52
CA THR A 1327 30.40 -50.36 -34.76
C THR A 1327 29.13 -50.65 -34.00
N THR A 1328 28.30 -51.50 -34.57
CA THR A 1328 27.07 -51.86 -33.88
C THR A 1328 27.32 -52.84 -32.76
N THR A 1329 28.32 -53.70 -32.90
CA THR A 1329 28.51 -54.78 -31.95
C THR A 1329 29.97 -54.94 -31.60
N LEU A 1330 30.22 -55.50 -30.43
CA LEU A 1330 31.59 -55.59 -29.93
C LEU A 1330 32.45 -56.50 -30.79
N ALA A 1331 31.85 -57.48 -31.45
CA ALA A 1331 32.63 -58.40 -32.26
C ALA A 1331 33.35 -57.67 -33.36
N LEU A 1332 32.68 -56.71 -33.99
CA LEU A 1332 33.30 -55.94 -35.06
C LEU A 1332 34.33 -54.97 -34.50
N MET A 1333 34.11 -54.46 -33.29
CA MET A 1333 35.08 -53.57 -32.68
C MET A 1333 36.36 -54.31 -32.30
N GLU A 1334 36.25 -55.58 -31.92
CA GLU A 1334 37.44 -56.35 -31.59
C GLU A 1334 38.28 -56.68 -32.82
N THR A 1335 37.62 -56.98 -33.94
CA THR A 1335 38.37 -57.24 -35.15
C THR A 1335 39.17 -56.01 -35.57
N LYS A 1336 38.65 -54.82 -35.27
CA LYS A 1336 39.39 -53.61 -35.62
C LYS A 1336 40.63 -53.45 -34.75
N LEU A 1337 40.47 -53.56 -33.42
CA LEU A 1337 41.62 -53.43 -32.54
C LEU A 1337 42.66 -54.50 -32.84
N LYS A 1338 42.22 -55.68 -33.26
CA LYS A 1338 43.12 -56.76 -33.56
C LYS A 1338 43.84 -56.60 -34.90
N GLY A 1339 43.31 -55.76 -35.78
CA GLY A 1339 43.72 -55.76 -37.18
C GLY A 1339 44.95 -54.92 -37.47
N GLY A 1340 45.16 -54.67 -38.76
CA GLY A 1340 46.36 -54.04 -39.25
C GLY A 1340 46.34 -52.53 -39.13
N ALA A 1341 47.31 -51.91 -39.81
CA ALA A 1341 47.40 -50.45 -39.81
C ALA A 1341 46.23 -49.82 -40.54
N GLY A 1342 45.70 -50.50 -41.55
CA GLY A 1342 44.57 -49.99 -42.29
C GLY A 1342 43.24 -50.43 -41.78
N ALA A 1343 43.19 -51.12 -40.64
CA ALA A 1343 41.99 -51.85 -40.26
C ALA A 1343 40.84 -50.91 -39.93
N PHE A 1344 41.13 -49.67 -39.58
CA PHE A 1344 40.05 -48.78 -39.16
C PHE A 1344 39.33 -48.15 -40.34
N ALA A 1345 40.01 -47.95 -41.46
CA ALA A 1345 39.39 -47.23 -42.56
C ALA A 1345 38.35 -48.07 -43.28
N THR A 1346 38.51 -49.39 -43.32
CA THR A 1346 37.61 -50.23 -44.10
C THR A 1346 36.32 -50.53 -43.32
N SER A 1347 35.19 -50.41 -44.00
CA SER A 1347 33.89 -50.68 -43.40
C SER A 1347 33.38 -52.07 -43.79
N GLU A 1348 32.60 -52.67 -42.90
CA GLU A 1348 32.17 -54.05 -43.04
C GLU A 1348 30.75 -54.18 -42.50
N THR A 1349 30.07 -55.28 -42.86
CA THR A 1349 28.68 -55.50 -42.47
C THR A 1349 28.47 -56.96 -42.09
N HIS A 1350 27.41 -57.21 -41.30
CA HIS A 1350 27.07 -58.58 -40.89
C HIS A 1350 25.56 -58.66 -40.65
N PHE A 1351 24.81 -58.79 -41.74
CA PHE A 1351 23.40 -59.16 -41.77
C PHE A 1351 22.49 -58.13 -41.13
N GLY A 1352 23.02 -57.39 -40.19
CA GLY A 1352 22.34 -56.26 -39.63
C GLY A 1352 23.30 -55.24 -39.13
N ASN A 1353 24.40 -55.71 -38.56
CA ASN A 1353 25.33 -54.82 -37.88
C ASN A 1353 26.37 -54.32 -38.88
N TYR A 1354 27.09 -53.30 -38.47
CA TYR A 1354 27.98 -52.64 -39.41
C TYR A 1354 29.15 -52.05 -38.65
N VAL A 1355 30.16 -51.68 -39.42
CA VAL A 1355 31.25 -50.82 -38.97
C VAL A 1355 31.35 -49.67 -39.93
N VAL A 1356 31.35 -48.45 -39.42
CA VAL A 1356 31.49 -47.26 -40.24
C VAL A 1356 32.94 -46.83 -40.12
N GLY A 1357 33.71 -47.05 -41.18
CA GLY A 1357 35.12 -46.71 -41.14
C GLY A 1357 35.34 -45.21 -41.10
N GLU A 1358 36.38 -44.79 -40.38
CA GLU A 1358 36.72 -43.38 -40.28
C GLU A 1358 37.36 -42.87 -41.57
N ILE A 1359 36.99 -41.65 -41.97
CA ILE A 1359 37.48 -41.07 -43.21
C ILE A 1359 38.92 -40.57 -43.07
N ILE A 1360 39.32 -40.16 -41.86
CA ILE A 1360 40.65 -39.59 -41.62
C ILE A 1360 41.30 -40.36 -40.49
N PRO A 1361 42.52 -40.85 -40.66
CA PRO A 1361 43.10 -41.77 -39.68
C PRO A 1361 43.74 -41.05 -38.50
N LEU A 1362 42.92 -40.32 -37.72
CA LEU A 1362 43.42 -39.83 -36.45
C LEU A 1362 43.42 -40.91 -35.39
N GLN A 1363 42.42 -41.80 -35.42
CA GLN A 1363 42.43 -42.90 -34.46
C GLN A 1363 43.58 -43.87 -34.75
N GLN A 1364 44.04 -43.94 -35.99
CA GLN A 1364 45.21 -44.74 -36.28
C GLN A 1364 46.51 -44.01 -35.93
N SER A 1365 46.54 -42.69 -36.11
CA SER A 1365 47.80 -41.95 -36.10
C SER A 1365 48.00 -41.15 -34.83
N MET A 1366 47.13 -40.19 -34.56
CA MET A 1366 47.42 -39.20 -33.52
C MET A 1366 47.68 -39.85 -32.18
N LEU A 1367 46.97 -40.94 -31.89
CA LEU A 1367 47.12 -41.60 -30.61
C LEU A 1367 48.35 -42.49 -30.58
N PHE A 1368 48.35 -43.55 -31.40
CA PHE A 1368 49.41 -44.56 -31.32
C PHE A 1368 50.77 -43.97 -31.66
N ASN A 1369 50.80 -43.00 -32.58
CA ASN A 1369 52.06 -42.33 -32.89
C ASN A 1369 52.58 -41.58 -31.68
N SER A 1370 51.69 -40.90 -30.96
CA SER A 1370 52.06 -40.14 -29.77
C SER A 1370 53.18 -39.15 -30.05
N MET B 1 17.58 59.22 9.26
CA MET B 1 17.44 60.24 8.22
C MET B 1 18.79 60.62 7.65
N GLU B 2 18.89 61.81 7.06
CA GLU B 2 20.12 62.32 6.50
C GLU B 2 20.62 63.49 7.35
N ASN B 3 21.90 63.46 7.70
CA ASN B 3 22.45 64.52 8.53
C ASN B 3 22.63 65.79 7.71
N TRP B 4 21.86 66.80 8.06
CA TRP B 4 22.07 68.13 7.53
C TRP B 4 23.03 68.84 8.46
N SER B 5 23.23 70.14 8.26
CA SER B 5 23.97 71.01 9.17
C SER B 5 25.46 70.72 9.18
N ALA B 6 25.88 69.53 8.75
CA ALA B 6 27.21 69.38 8.19
C ALA B 6 27.28 70.24 6.95
N LEU B 7 26.14 70.35 6.29
CA LEU B 7 26.04 71.05 5.03
C LEU B 7 26.07 72.56 5.21
N GLU B 8 25.62 73.07 6.36
CA GLU B 8 25.68 74.50 6.56
C GLU B 8 27.03 74.98 7.07
N LEU B 9 27.90 74.05 7.44
CA LEU B 9 29.22 74.39 7.94
C LEU B 9 30.33 73.98 6.99
N LEU B 10 30.19 72.85 6.31
CA LEU B 10 31.19 72.45 5.33
C LEU B 10 31.12 73.37 4.13
N PRO B 11 32.19 74.03 3.75
CA PRO B 11 32.15 74.96 2.62
C PRO B 11 31.58 74.33 1.36
N LYS B 12 30.47 74.86 0.89
CA LYS B 12 29.87 74.38 -0.35
C LYS B 12 30.31 75.21 -1.54
N VAL B 13 30.23 74.62 -2.74
CA VAL B 13 30.83 75.22 -3.92
C VAL B 13 30.17 76.54 -4.29
N GLY B 14 28.85 76.53 -4.43
CA GLY B 14 28.13 77.69 -4.91
C GLY B 14 27.98 77.64 -6.42
N ILE B 15 26.75 77.55 -6.91
CA ILE B 15 26.53 77.33 -8.34
C ILE B 15 25.21 77.96 -8.76
N PRO B 16 25.15 78.61 -9.92
CA PRO B 16 23.86 79.05 -10.45
C PRO B 16 22.85 77.91 -10.55
N THR B 17 21.76 78.00 -9.79
CA THR B 17 20.73 76.98 -9.78
C THR B 17 19.64 77.29 -10.80
N ASP B 18 18.92 76.24 -11.21
CA ASP B 18 17.83 76.39 -12.16
C ASP B 18 16.81 75.29 -11.89
N PHE B 19 15.62 75.69 -11.44
CA PHE B 19 14.47 74.79 -11.35
C PHE B 19 13.30 75.54 -11.95
N LEU B 20 12.57 74.89 -12.86
CA LEU B 20 11.40 75.52 -13.43
C LEU B 20 10.42 75.71 -12.28
N THR B 21 9.60 76.74 -12.35
CA THR B 21 8.62 77.05 -11.30
C THR B 21 9.21 77.10 -9.89
N HIS B 22 10.29 77.88 -9.74
CA HIS B 22 10.98 78.09 -8.45
C HIS B 22 11.49 76.85 -7.70
N VAL B 23 11.77 77.05 -6.41
CA VAL B 23 12.30 76.03 -5.52
C VAL B 23 11.29 75.52 -4.51
N LYS B 24 10.45 76.39 -3.96
CA LYS B 24 9.58 75.91 -2.90
C LYS B 24 8.61 74.86 -3.42
N THR B 25 8.09 75.02 -4.63
CA THR B 25 7.19 73.99 -5.12
C THR B 25 7.91 72.69 -5.36
N SER B 26 9.06 72.70 -6.02
CA SER B 26 9.72 71.44 -6.35
C SER B 26 10.39 70.80 -5.14
N ALA B 27 10.47 71.52 -4.02
CA ALA B 27 10.77 70.92 -2.74
C ALA B 27 9.52 70.45 -2.03
N GLY B 28 8.36 70.98 -2.42
CA GLY B 28 7.12 70.66 -1.77
C GLY B 28 6.34 69.56 -2.44
N GLU B 29 6.49 69.41 -3.75
CA GLU B 29 5.85 68.32 -4.48
C GLU B 29 6.72 67.07 -4.52
N GLU B 30 7.74 66.99 -3.68
CA GLU B 30 8.64 65.85 -3.63
C GLU B 30 9.20 65.54 -5.02
N MET B 31 10.00 66.48 -5.53
CA MET B 31 10.88 66.13 -6.64
C MET B 31 12.17 65.51 -6.13
N PHE B 32 12.68 65.98 -5.00
CA PHE B 32 13.95 65.54 -4.45
C PHE B 32 13.71 64.52 -3.35
N GLU B 33 14.68 63.61 -3.18
CA GLU B 33 14.54 62.54 -2.21
C GLU B 33 14.39 63.05 -0.79
N ALA B 34 15.42 63.70 -0.27
CA ALA B 34 15.42 64.19 1.09
C ALA B 34 15.47 65.71 1.08
N LEU B 35 14.79 66.32 2.04
CA LEU B 35 14.77 67.77 2.11
C LEU B 35 14.39 68.18 3.52
N ARG B 36 14.77 69.39 3.88
CA ARG B 36 14.34 70.00 5.12
C ARG B 36 14.39 71.50 4.94
N ILE B 37 13.32 72.17 5.36
CA ILE B 37 13.18 73.61 5.24
C ILE B 37 12.88 74.18 6.60
N TYR B 38 13.67 75.16 7.02
CA TYR B 38 13.48 75.84 8.29
C TYR B 38 13.33 77.34 8.08
N TYR B 39 12.54 77.98 8.93
CA TYR B 39 12.08 79.33 8.63
C TYR B 39 12.83 80.42 9.39
N GLY B 40 13.14 80.23 10.65
CA GLY B 40 13.75 81.31 11.38
C GLY B 40 15.24 81.23 11.18
N ASP B 41 15.95 80.90 12.25
CA ASP B 41 17.35 80.53 12.14
C ASP B 41 17.57 79.40 13.13
N ASP B 42 17.46 78.17 12.65
CA ASP B 42 17.61 76.99 13.49
C ASP B 42 19.03 76.94 14.04
N PRO B 43 19.20 76.98 15.35
CA PRO B 43 20.55 77.08 15.91
C PRO B 43 21.28 75.75 15.89
N GLU B 44 20.71 74.77 15.20
CA GLU B 44 21.36 73.47 15.08
C GLU B 44 22.69 73.59 14.35
N ARG B 45 22.80 74.52 13.40
CA ARG B 45 24.07 74.77 12.75
C ARG B 45 25.15 75.11 13.76
N TYR B 46 24.76 75.63 14.93
CA TYR B 46 25.72 76.09 15.92
C TYR B 46 26.06 75.01 16.93
N ASN B 47 25.14 74.08 17.17
CA ASN B 47 25.45 72.96 18.06
C ASN B 47 26.36 71.98 17.34
N ILE B 48 27.50 71.69 17.95
CA ILE B 48 28.40 70.67 17.41
C ILE B 48 28.70 69.66 18.50
N HIS B 49 27.89 68.61 18.58
CA HIS B 49 28.23 67.49 19.44
C HIS B 49 29.18 66.57 18.69
N PHE B 50 30.08 65.94 19.43
CA PHE B 50 30.92 64.90 18.87
C PHE B 50 31.24 63.87 19.93
N GLU B 51 31.26 62.61 19.53
CA GLU B 51 31.55 61.50 20.42
C GLU B 51 32.98 61.05 20.18
N ALA B 52 33.82 61.16 21.20
CA ALA B 52 35.26 61.08 21.02
C ALA B 52 35.75 59.68 21.30
N ILE B 53 36.48 59.11 20.35
CA ILE B 53 37.20 57.86 20.55
C ILE B 53 38.62 58.21 20.93
N PHE B 54 39.02 57.85 22.14
CA PHE B 54 40.43 57.87 22.50
C PHE B 54 41.10 56.61 21.98
N GLY B 55 42.36 56.43 22.36
CA GLY B 55 43.17 55.41 21.73
C GLY B 55 42.54 54.03 21.81
N THR B 56 42.70 53.26 20.75
CA THR B 56 42.35 51.85 20.79
C THR B 56 43.53 51.01 21.25
N PHE B 57 43.23 49.96 22.01
CA PHE B 57 44.27 49.20 22.70
C PHE B 57 44.19 47.74 22.30
N CYS B 58 45.35 47.15 22.03
CA CYS B 58 45.45 45.74 21.71
C CYS B 58 46.26 45.04 22.78
N ASN B 59 45.79 43.86 23.19
CA ASN B 59 46.51 43.06 24.16
C ASN B 59 47.81 42.56 23.57
N ARG B 60 48.85 42.54 24.39
CA ARG B 60 50.19 42.12 23.96
C ARG B 60 50.46 40.69 24.42
N LEU B 61 50.70 39.80 23.46
CA LEU B 61 50.95 38.41 23.80
C LEU B 61 52.34 38.23 24.41
N GLU B 62 52.49 37.16 25.19
CA GLU B 62 53.76 36.76 25.78
C GLU B 62 54.07 35.34 25.37
N TRP B 63 55.26 35.12 24.81
CA TRP B 63 55.67 33.80 24.40
C TRP B 63 56.23 33.00 25.57
N VAL B 64 56.04 31.69 25.53
CA VAL B 64 56.70 30.77 26.44
C VAL B 64 57.27 29.62 25.63
N TYR B 65 58.36 29.04 26.11
CA TYR B 65 59.04 27.96 25.42
C TYR B 65 59.22 26.79 26.37
N PHE B 66 59.45 25.61 25.80
CA PHE B 66 59.50 24.40 26.61
C PHE B 66 60.75 24.35 27.47
N LEU B 67 61.91 24.57 26.86
CA LEU B 67 63.15 24.37 27.59
C LEU B 67 63.34 25.41 28.69
N THR B 68 62.85 26.64 28.47
CA THR B 68 63.03 27.68 29.48
C THR B 68 62.29 27.33 30.77
N SER B 69 61.29 26.47 30.70
CA SER B 69 60.55 26.08 31.89
C SER B 69 61.39 25.16 32.78
N GLY B 70 61.04 25.11 34.06
CA GLY B 70 61.73 24.24 34.98
C GLY B 70 61.25 22.80 34.96
N LEU B 71 60.01 22.57 34.56
CA LEU B 71 59.53 21.22 34.34
C LEU B 71 60.35 20.50 33.28
N ALA B 72 60.95 21.23 32.36
CA ALA B 72 61.83 20.60 31.38
C ALA B 72 63.01 19.92 32.04
N ALA B 73 63.28 20.21 33.32
CA ALA B 73 64.33 19.46 33.99
C ALA B 73 64.03 17.98 34.04
N ALA B 74 62.75 17.61 34.16
CA ALA B 74 62.40 16.20 34.21
C ALA B 74 62.61 15.51 32.87
N ALA B 75 62.27 16.18 31.78
CA ALA B 75 62.42 15.56 30.47
C ALA B 75 63.86 15.65 29.99
N HIS B 76 64.17 14.85 28.98
CA HIS B 76 65.50 14.77 28.39
C HIS B 76 65.36 14.82 26.87
N ALA B 77 64.67 15.86 26.39
CA ALA B 77 64.12 15.88 25.04
C ALA B 77 65.18 15.57 23.99
N ILE B 78 64.78 14.84 22.96
CA ILE B 78 65.67 14.38 21.91
C ILE B 78 64.91 14.38 20.60
N LYS B 79 65.36 15.17 19.64
CA LYS B 79 64.67 15.22 18.35
C LYS B 79 65.01 13.98 17.53
N PHE B 80 64.02 13.48 16.79
CA PHE B 80 64.20 12.29 15.99
C PHE B 80 63.32 12.40 14.75
N HIS B 81 63.94 12.45 13.57
CA HIS B 81 63.21 12.76 12.35
C HIS B 81 62.41 11.58 11.82
N ASP B 82 62.83 10.35 12.14
CA ASP B 82 62.13 9.16 11.67
C ASP B 82 61.14 8.63 12.68
N LEU B 83 60.55 9.51 13.50
CA LEU B 83 59.76 9.05 14.64
C LEU B 83 58.46 8.38 14.21
N ASN B 84 57.87 8.80 13.11
CA ASN B 84 56.61 8.19 12.70
C ASN B 84 56.82 6.79 12.16
N LYS B 85 58.07 6.44 11.82
CA LYS B 85 58.34 5.08 11.37
C LYS B 85 58.40 4.11 12.52
N LEU B 86 58.93 4.52 13.66
CA LEU B 86 59.34 3.58 14.70
C LEU B 86 58.11 3.11 15.46
N THR B 87 57.96 1.78 15.56
CA THR B 87 56.84 1.21 16.30
C THR B 87 56.97 1.48 17.79
N THR B 88 58.04 0.99 18.40
CA THR B 88 58.26 1.15 19.83
C THR B 88 59.76 1.18 20.09
N GLY B 89 60.11 1.62 21.29
CA GLY B 89 61.48 1.57 21.73
C GLY B 89 61.54 0.71 22.97
N LYS B 90 62.60 -0.04 23.14
CA LYS B 90 62.76 -0.88 24.31
C LYS B 90 64.14 -0.67 24.89
N MET B 91 64.24 -0.67 26.21
CA MET B 91 65.52 -0.69 26.90
C MET B 91 65.54 -1.93 27.78
N LEU B 92 66.60 -2.74 27.65
CA LEU B 92 66.66 -4.05 28.29
C LEU B 92 67.75 -4.06 29.35
N PHE B 93 67.39 -4.50 30.55
CA PHE B 93 68.24 -4.42 31.73
C PHE B 93 68.54 -5.82 32.24
N HIS B 94 69.79 -6.05 32.63
CA HIS B 94 70.28 -7.35 33.10
C HIS B 94 71.08 -7.15 34.38
N VAL B 95 70.45 -7.35 35.53
CA VAL B 95 71.13 -7.22 36.82
C VAL B 95 71.10 -8.53 37.58
N GLN B 96 72.27 -9.07 37.90
CA GLN B 96 72.38 -10.16 38.86
C GLN B 96 72.32 -9.62 40.28
N VAL B 97 71.96 -10.50 41.21
CA VAL B 97 71.78 -10.16 42.61
C VAL B 97 72.91 -10.77 43.42
N PRO B 98 73.55 -10.01 44.32
CA PRO B 98 74.55 -10.62 45.20
C PRO B 98 73.89 -11.48 46.25
N ARG B 99 74.62 -12.47 46.75
CA ARG B 99 74.08 -13.41 47.71
C ARG B 99 75.04 -13.65 48.87
N VAL B 100 74.49 -13.70 50.08
CA VAL B 100 75.28 -13.89 51.29
C VAL B 100 75.59 -15.37 51.50
N ALA B 101 76.72 -15.64 52.17
CA ALA B 101 77.17 -17.01 52.36
C ALA B 101 76.35 -17.72 53.42
N SER B 102 76.02 -18.98 53.16
CA SER B 102 75.18 -19.74 54.06
C SER B 102 75.98 -20.39 55.17
N GLY B 103 75.31 -20.63 56.29
CA GLY B 103 75.93 -21.25 57.44
C GLY B 103 75.84 -22.76 57.40
N ALA B 104 76.26 -23.38 58.49
CA ALA B 104 76.16 -24.82 58.61
C ALA B 104 74.71 -25.26 58.66
N GLY B 105 74.39 -26.29 57.88
CA GLY B 105 73.09 -26.90 57.92
C GLY B 105 71.97 -26.15 57.24
N LEU B 106 72.23 -24.94 56.74
CA LEU B 106 71.21 -24.10 56.14
C LEU B 106 71.34 -24.16 54.63
N PRO B 107 70.25 -24.33 53.90
CA PRO B 107 70.34 -24.49 52.44
C PRO B 107 70.89 -23.24 51.77
N THR B 108 71.83 -23.44 50.85
CA THR B 108 72.48 -22.34 50.16
C THR B 108 71.55 -21.71 49.13
N SER B 109 71.91 -20.51 48.70
CA SER B 109 71.14 -19.77 47.72
C SER B 109 71.88 -19.77 46.40
N ARG B 110 71.22 -20.24 45.34
CA ARG B 110 71.80 -20.17 44.00
C ARG B 110 71.63 -18.77 43.42
N GLN B 111 72.61 -18.37 42.60
CA GLN B 111 72.61 -17.01 42.07
C GLN B 111 71.44 -16.82 41.11
N THR B 112 70.95 -15.60 41.00
CA THR B 112 69.71 -15.32 40.28
C THR B 112 69.94 -14.17 39.31
N THR B 113 70.02 -14.48 38.02
CA THR B 113 70.02 -13.40 37.04
C THR B 113 68.60 -12.97 36.72
N ILE B 114 68.38 -11.66 36.65
CA ILE B 114 67.07 -11.11 36.39
C ILE B 114 67.18 -10.21 35.17
N MET B 115 66.16 -10.21 34.33
CA MET B 115 66.16 -9.39 33.13
C MET B 115 64.79 -8.74 32.98
N VAL B 116 64.80 -7.44 32.66
CA VAL B 116 63.58 -6.64 32.60
C VAL B 116 63.67 -5.72 31.40
N THR B 117 62.54 -5.12 31.04
CA THR B 117 62.47 -4.38 29.79
C THR B 117 61.44 -3.28 29.83
N LYS B 118 61.82 -2.07 29.44
CA LYS B 118 60.90 -0.95 29.34
C LYS B 118 60.41 -0.79 27.89
N TYR B 119 59.42 0.08 27.72
CA TYR B 119 58.87 0.38 26.40
C TYR B 119 58.60 1.85 26.26
N SER B 120 58.38 2.29 25.02
CA SER B 120 58.00 3.67 24.76
C SER B 120 56.48 3.84 24.82
N GLU B 121 56.04 5.07 24.99
CA GLU B 121 54.64 5.42 24.89
C GLU B 121 54.47 6.62 23.99
N LYS B 122 53.47 6.59 23.13
CA LYS B 122 53.27 7.59 22.10
C LYS B 122 52.12 8.52 22.44
N SER B 123 52.28 9.81 22.14
CA SER B 123 51.29 10.80 22.54
C SER B 123 51.27 12.04 21.66
N PRO B 124 50.80 11.97 20.42
CA PRO B 124 50.92 13.11 19.51
C PRO B 124 49.97 14.24 19.88
N ILE B 125 50.33 15.45 19.45
CA ILE B 125 49.60 16.66 19.81
C ILE B 125 49.30 17.49 18.56
N THR B 126 48.13 18.12 18.53
CA THR B 126 47.60 18.80 17.35
C THR B 126 46.92 20.10 17.74
N ILE B 127 47.08 21.14 16.92
CA ILE B 127 46.43 22.43 17.14
C ILE B 127 45.97 22.97 15.79
N PRO B 128 44.72 23.43 15.63
CA PRO B 128 44.30 24.11 14.40
C PRO B 128 44.34 25.63 14.43
N PHE B 129 44.68 26.25 13.30
CA PHE B 129 44.44 27.66 13.08
C PHE B 129 43.82 27.84 11.70
N GLU B 130 42.81 28.71 11.59
CA GLU B 130 42.04 28.82 10.37
C GLU B 130 42.18 30.19 9.76
N LEU B 131 42.26 30.23 8.42
CA LEU B 131 42.34 31.47 7.66
C LEU B 131 41.19 31.54 6.67
N SER B 132 40.40 32.60 6.77
CA SER B 132 39.22 32.74 5.92
C SER B 132 39.64 32.94 4.48
N ALA B 133 38.78 32.49 3.55
CA ALA B 133 39.11 32.59 2.14
C ALA B 133 39.17 34.03 1.69
N ALA B 134 38.37 34.92 2.29
CA ALA B 134 38.51 36.33 2.00
C ALA B 134 39.87 36.85 2.43
N CYS B 135 40.46 36.27 3.48
CA CYS B 135 41.83 36.60 3.81
C CYS B 135 42.79 36.09 2.76
N LEU B 136 42.58 34.87 2.27
CA LEU B 136 43.50 34.28 1.31
C LEU B 136 43.51 35.06 0.01
N THR B 137 42.34 35.50 -0.46
CA THR B 137 42.31 36.15 -1.76
C THR B 137 43.04 37.49 -1.73
N TYR B 138 43.01 38.19 -0.60
CA TYR B 138 43.85 39.37 -0.45
C TYR B 138 45.29 39.02 -0.11
N LEU B 139 45.55 37.78 0.30
CA LEU B 139 46.92 37.41 0.58
C LEU B 139 47.76 37.32 -0.68
N ARG B 140 47.14 37.02 -1.82
CA ARG B 140 47.85 36.97 -3.09
C ARG B 140 47.35 38.01 -4.08
N GLU B 141 46.07 38.00 -4.40
CA GLU B 141 45.57 38.81 -5.50
C GLU B 141 45.54 40.28 -5.12
N THR B 142 45.85 41.14 -6.09
CA THR B 142 45.87 42.57 -5.86
C THR B 142 45.03 43.24 -6.94
N PHE B 143 44.13 44.10 -6.51
CA PHE B 143 43.28 44.80 -7.44
C PHE B 143 43.95 46.13 -7.78
N GLU B 144 43.18 47.07 -8.32
CA GLU B 144 43.73 48.41 -8.52
C GLU B 144 44.26 48.93 -7.20
N GLY B 145 45.58 49.03 -7.11
CA GLY B 145 46.17 49.25 -5.80
C GLY B 145 45.94 50.65 -5.33
N THR B 146 44.84 50.85 -4.64
CA THR B 146 44.54 52.14 -4.06
C THR B 146 45.05 52.13 -2.63
N ILE B 147 44.84 53.23 -1.92
CA ILE B 147 45.18 53.22 -0.50
C ILE B 147 44.22 52.30 0.23
N LEU B 148 42.97 52.21 -0.25
CA LEU B 148 41.97 51.37 0.39
C LEU B 148 42.29 49.90 0.28
N ASP B 149 42.96 49.50 -0.79
CA ASP B 149 43.26 48.08 -0.95
C ASP B 149 44.60 47.67 -0.36
N LYS B 150 45.62 48.53 -0.45
CA LYS B 150 46.89 48.18 0.16
C LYS B 150 46.72 47.96 1.66
N ILE B 151 45.77 48.67 2.26
CA ILE B 151 45.39 48.42 3.65
C ILE B 151 45.04 46.95 3.83
N LEU B 152 44.16 46.43 2.97
CA LEU B 152 43.69 45.06 3.13
C LEU B 152 44.77 44.06 2.79
N ASN B 153 45.60 44.36 1.79
CA ASN B 153 46.69 43.45 1.46
C ASN B 153 47.65 43.32 2.63
N VAL B 154 47.91 44.42 3.34
CA VAL B 154 48.80 44.38 4.47
C VAL B 154 48.13 43.72 5.66
N GLU B 155 46.83 43.96 5.83
CA GLU B 155 46.11 43.40 6.98
C GLU B 155 46.02 41.89 6.88
N ALA B 156 45.78 41.35 5.68
CA ALA B 156 45.77 39.90 5.54
C ALA B 156 47.12 39.27 5.87
N MET B 157 48.20 39.91 5.44
CA MET B 157 49.52 39.39 5.76
C MET B 157 49.76 39.44 7.26
N HIS B 158 49.34 40.52 7.92
CA HIS B 158 49.41 40.56 9.37
C HIS B 158 48.59 39.47 10.01
N THR B 159 47.44 39.14 9.42
CA THR B 159 46.60 38.09 10.00
C THR B 159 47.29 36.73 9.95
N VAL B 160 47.96 36.44 8.84
CA VAL B 160 48.64 35.15 8.75
C VAL B 160 49.81 35.09 9.72
N LEU B 161 50.58 36.18 9.82
CA LEU B 161 51.72 36.15 10.74
C LEU B 161 51.25 36.05 12.18
N ARG B 162 50.16 36.73 12.53
CA ARG B 162 49.63 36.65 13.88
C ARG B 162 49.17 35.23 14.20
N ALA B 163 48.41 34.62 13.27
CA ALA B 163 47.90 33.28 13.49
C ALA B 163 48.98 32.22 13.45
N LEU B 164 50.16 32.53 12.94
CA LEU B 164 51.28 31.59 12.97
C LEU B 164 52.11 31.74 14.24
N LYS B 165 52.42 32.96 14.67
CA LYS B 165 53.08 33.13 15.96
C LYS B 165 52.26 32.54 17.09
N ASN B 166 50.94 32.80 17.09
CA ASN B 166 50.13 32.25 18.16
C ASN B 166 50.02 30.74 18.10
N THR B 167 50.10 30.14 16.91
CA THR B 167 50.03 28.70 16.85
C THR B 167 51.32 28.06 17.31
N ALA B 168 52.47 28.60 16.91
CA ALA B 168 53.73 28.06 17.44
C ALA B 168 53.80 28.19 18.96
N ASP B 169 53.37 29.34 19.49
CA ASP B 169 53.36 29.48 20.95
C ASP B 169 52.44 28.45 21.59
N ALA B 170 51.24 28.27 21.04
CA ALA B 170 50.34 27.28 21.60
C ALA B 170 50.92 25.88 21.48
N MET B 171 51.78 25.66 20.49
CA MET B 171 52.45 24.38 20.34
C MET B 171 53.43 24.13 21.47
N GLU B 172 54.22 25.15 21.82
CA GLU B 172 55.13 24.98 22.96
C GLU B 172 54.34 24.70 24.24
N ARG B 173 53.26 25.44 24.45
CA ARG B 173 52.47 25.17 25.64
C ARG B 173 51.85 23.78 25.60
N GLY B 174 51.49 23.29 24.42
CA GLY B 174 50.92 21.96 24.33
C GLY B 174 51.94 20.88 24.60
N LEU B 175 53.18 21.12 24.20
CA LEU B 175 54.27 20.20 24.54
C LEU B 175 54.49 20.14 26.04
N ILE B 176 54.49 21.30 26.69
CA ILE B 176 54.55 21.33 28.15
C ILE B 176 53.37 20.56 28.75
N HIS B 177 52.18 20.81 28.20
CA HIS B 177 50.94 20.21 28.69
C HIS B 177 50.97 18.69 28.61
N SER B 178 51.41 18.15 27.48
CA SER B 178 51.39 16.70 27.30
C SER B 178 52.50 16.04 28.08
N PHE B 179 53.66 16.68 28.18
CA PHE B 179 54.67 16.16 29.08
C PHE B 179 54.19 16.14 30.52
N LEU B 180 53.34 17.08 30.90
CA LEU B 180 52.85 17.06 32.27
C LEU B 180 51.78 16.00 32.46
N GLN B 181 50.93 15.81 31.47
CA GLN B 181 49.95 14.74 31.54
C GLN B 181 50.62 13.40 31.68
N THR B 182 51.76 13.21 30.99
CA THR B 182 52.48 11.95 31.09
C THR B 182 53.00 11.71 32.50
N LEU B 183 53.50 12.76 33.14
CA LEU B 183 53.94 12.63 34.52
C LEU B 183 52.79 12.39 35.48
N LEU B 184 51.62 12.95 35.18
CA LEU B 184 50.46 12.68 36.03
C LEU B 184 49.96 11.26 35.84
N ARG B 185 50.32 10.60 34.73
CA ARG B 185 49.99 9.20 34.58
C ARG B 185 51.09 8.27 35.12
N LYS B 186 52.30 8.77 35.33
CA LYS B 186 53.40 7.95 35.83
C LYS B 186 53.81 8.34 37.24
N ALA B 187 52.88 8.84 38.05
CA ALA B 187 53.18 9.31 39.40
C ALA B 187 52.14 8.79 40.37
N PRO B 188 52.47 7.75 41.13
CA PRO B 188 51.54 7.24 42.13
C PRO B 188 51.26 8.29 43.17
N PRO B 189 50.12 8.19 43.86
CA PRO B 189 49.83 9.11 44.97
C PRO B 189 50.84 8.94 46.08
N TYR B 190 50.86 9.91 46.99
CA TYR B 190 51.89 9.89 48.03
C TYR B 190 51.82 8.63 48.85
N PHE B 191 50.64 8.28 49.35
CA PHE B 191 50.58 7.21 50.35
C PHE B 191 51.08 5.89 49.79
N VAL B 192 50.95 5.68 48.49
CA VAL B 192 51.45 4.45 47.89
C VAL B 192 52.97 4.39 47.98
N VAL B 193 53.64 5.43 47.50
CA VAL B 193 55.10 5.46 47.56
C VAL B 193 55.58 5.40 48.99
N GLN B 194 54.86 6.04 49.92
CA GLN B 194 55.31 6.02 51.29
C GLN B 194 55.23 4.61 51.88
N THR B 195 54.11 3.92 51.64
CA THR B 195 54.01 2.56 52.13
C THR B 195 55.10 1.68 51.53
N LEU B 196 55.32 1.79 50.21
CA LEU B 196 56.34 0.96 49.58
C LEU B 196 57.73 1.28 50.10
N VAL B 197 58.00 2.54 50.42
CA VAL B 197 59.33 2.93 50.88
C VAL B 197 59.52 2.67 52.35
N GLU B 198 58.45 2.37 53.06
CA GLU B 198 58.56 1.96 54.45
C GLU B 198 58.62 0.45 54.61
N ASN B 199 58.05 -0.29 53.66
CA ASN B 199 58.05 -1.75 53.67
C ASN B 199 59.00 -2.34 52.64
N ALA B 200 60.07 -1.63 52.26
CA ALA B 200 60.99 -2.16 51.27
C ALA B 200 61.78 -3.34 51.80
N THR B 201 62.18 -3.30 53.07
CA THR B 201 63.15 -4.28 53.58
C THR B 201 62.58 -5.68 53.66
N LEU B 202 61.36 -5.82 54.19
CA LEU B 202 60.90 -7.15 54.59
C LEU B 202 60.63 -8.04 53.38
N ALA B 203 60.16 -7.49 52.28
CA ALA B 203 59.67 -8.29 51.15
C ALA B 203 60.81 -8.60 50.18
N ARG B 204 61.69 -9.51 50.60
CA ARG B 204 62.83 -9.89 49.78
C ARG B 204 62.42 -10.80 48.63
N GLN B 205 61.23 -11.38 48.70
CA GLN B 205 60.67 -12.19 47.63
C GLN B 205 59.34 -11.55 47.20
N ALA B 206 58.64 -12.20 46.28
CA ALA B 206 57.28 -11.79 45.98
C ALA B 206 56.42 -11.94 47.24
N LEU B 207 55.73 -10.87 47.60
CA LEU B 207 55.31 -10.71 48.99
C LEU B 207 54.32 -11.77 49.42
N ASN B 208 54.50 -12.26 50.64
CA ASN B 208 53.68 -13.30 51.20
C ASN B 208 52.25 -12.80 51.33
N ARG B 209 51.33 -13.73 51.56
CA ARG B 209 49.93 -13.37 51.76
C ARG B 209 49.78 -12.33 52.85
N ILE B 210 50.60 -12.41 53.89
CA ILE B 210 50.49 -11.49 55.02
C ILE B 210 51.09 -10.11 54.70
N GLN B 211 52.15 -10.07 53.90
CA GLN B 211 52.75 -8.78 53.59
C GLN B 211 51.83 -7.91 52.76
N ARG B 212 51.04 -8.52 51.89
CA ARG B 212 50.01 -7.74 51.20
C ARG B 212 49.01 -7.16 52.19
N SER B 213 48.72 -7.88 53.27
CA SER B 213 47.82 -7.36 54.29
C SER B 213 48.43 -6.15 54.98
N ASN B 214 49.73 -6.21 55.30
CA ASN B 214 50.39 -5.05 55.90
C ASN B 214 50.43 -3.87 54.93
N ILE B 215 50.64 -4.14 53.66
CA ILE B 215 50.61 -3.09 52.66
C ILE B 215 49.24 -2.43 52.65
N LEU B 216 48.18 -3.22 52.66
CA LEU B 216 46.84 -2.64 52.65
C LEU B 216 46.57 -1.85 53.92
N GLN B 217 47.01 -2.35 55.06
CA GLN B 217 46.80 -1.59 56.30
C GLN B 217 47.48 -0.25 56.23
N SER B 218 48.71 -0.22 55.72
CA SER B 218 49.41 1.04 55.61
C SER B 218 48.74 1.97 54.61
N PHE B 219 48.24 1.43 53.49
CA PHE B 219 47.56 2.28 52.51
C PHE B 219 46.37 2.98 53.15
N LYS B 220 45.54 2.20 53.83
CA LYS B 220 44.33 2.76 54.42
C LYS B 220 44.65 3.77 55.50
N ALA B 221 45.69 3.52 56.29
CA ALA B 221 46.01 4.46 57.35
C ALA B 221 46.59 5.75 56.79
N LYS B 222 47.44 5.65 55.75
CA LYS B 222 48.07 6.84 55.20
C LYS B 222 47.08 7.68 54.41
N MET B 223 46.10 7.05 53.74
CA MET B 223 45.19 7.83 52.92
C MET B 223 44.32 8.76 53.76
N LEU B 224 43.86 8.31 54.92
CA LEU B 224 43.03 9.16 55.75
C LEU B 224 43.83 10.19 56.53
N ALA B 225 45.13 9.96 56.69
CA ALA B 225 45.98 10.84 57.48
C ALA B 225 46.80 11.77 56.61
N THR B 226 46.68 11.67 55.29
CA THR B 226 47.45 12.49 54.38
C THR B 226 46.63 13.14 53.29
N LEU B 227 45.29 13.20 53.42
CA LEU B 227 44.48 13.51 52.24
C LEU B 227 44.60 14.96 51.79
N PHE B 228 44.58 15.92 52.71
CA PHE B 228 44.84 17.31 52.36
C PHE B 228 45.71 17.88 53.45
N LEU B 229 46.82 18.50 53.08
CA LEU B 229 47.86 18.83 54.04
C LEU B 229 47.81 20.31 54.42
N LEU B 230 47.93 21.22 53.47
CA LEU B 230 47.96 22.61 53.83
C LEU B 230 46.65 23.04 54.47
N ASN B 231 45.60 22.22 54.31
CA ASN B 231 44.35 22.55 54.98
C ASN B 231 44.44 22.31 56.48
N ARG B 232 44.98 21.17 56.92
CA ARG B 232 44.88 20.86 58.34
C ARG B 232 46.09 21.34 59.12
N THR B 233 47.24 20.75 58.87
CA THR B 233 48.46 21.25 59.47
C THR B 233 49.11 22.25 58.53
N ARG B 234 49.56 23.37 59.09
CA ARG B 234 50.47 24.25 58.40
C ARG B 234 51.73 24.47 59.21
N ASP B 235 52.10 23.48 60.03
CA ASP B 235 53.38 23.51 60.70
C ASP B 235 54.48 23.56 59.67
N ARG B 236 55.48 24.39 59.94
CA ARG B 236 56.66 24.43 59.10
C ARG B 236 57.49 23.16 59.26
N ASP B 237 57.64 22.69 60.49
CA ASP B 237 58.46 21.52 60.76
C ASP B 237 57.82 20.23 60.28
N TYR B 238 56.51 20.22 60.09
CA TYR B 238 55.88 19.02 59.53
C TYR B 238 55.84 19.08 58.02
N VAL B 239 55.52 20.25 57.46
CA VAL B 239 55.48 20.39 56.01
C VAL B 239 56.85 20.19 55.40
N LEU B 240 57.91 20.66 56.06
CA LEU B 240 59.25 20.43 55.53
C LEU B 240 59.57 18.94 55.54
N LYS B 241 59.22 18.24 56.61
CA LYS B 241 59.50 16.82 56.64
C LYS B 241 58.68 16.08 55.61
N PHE B 242 57.45 16.50 55.37
CA PHE B 242 56.65 15.84 54.34
C PHE B 242 57.25 16.06 52.96
N LEU B 243 57.77 17.26 52.69
CA LEU B 243 58.32 17.52 51.37
C LEU B 243 59.67 16.84 51.18
N THR B 244 60.53 16.83 52.21
CA THR B 244 61.76 16.08 52.11
C THR B 244 61.50 14.59 52.03
N ARG B 245 60.37 14.13 52.56
CA ARG B 245 60.02 12.73 52.45
C ARG B 245 59.51 12.39 51.06
N LEU B 246 58.76 13.29 50.45
CA LEU B 246 58.33 13.11 49.06
C LEU B 246 59.51 13.00 48.14
N ALA B 247 60.55 13.81 48.37
CA ALA B 247 61.76 13.73 47.56
C ALA B 247 62.57 12.49 47.88
N GLU B 248 62.63 12.08 49.15
CA GLU B 248 63.42 10.91 49.51
C GLU B 248 62.78 9.63 49.00
N ALA B 249 61.49 9.66 48.72
CA ALA B 249 60.79 8.47 48.27
C ALA B 249 60.79 8.30 46.75
N ALA B 250 61.42 9.19 46.01
CA ALA B 250 61.53 9.05 44.57
C ALA B 250 62.83 8.35 44.20
N THR B 251 62.74 7.32 43.37
CA THR B 251 63.93 6.58 42.97
C THR B 251 64.71 7.34 41.91
N ASP B 252 66.00 7.07 41.85
CA ASP B 252 66.87 7.72 40.88
C ASP B 252 66.51 7.30 39.47
N SER B 253 66.81 8.17 38.51
CA SER B 253 66.71 7.83 37.11
C SER B 253 67.88 6.93 36.70
N ILE B 254 67.78 6.38 35.49
CA ILE B 254 68.89 5.58 34.97
C ILE B 254 70.11 6.45 34.73
N LEU B 255 69.92 7.60 34.09
CA LEU B 255 71.03 8.35 33.55
C LEU B 255 71.02 9.76 34.10
N ASP B 256 72.21 10.25 34.43
CA ASP B 256 72.39 11.59 34.94
C ASP B 256 73.61 12.20 34.25
N ASN B 257 73.40 13.33 33.61
CA ASN B 257 74.51 14.12 33.10
C ASN B 257 74.91 15.13 34.16
N PRO B 258 76.15 15.09 34.66
CA PRO B 258 76.56 16.08 35.65
C PRO B 258 76.46 17.50 35.12
N THR B 259 76.55 17.68 33.81
CA THR B 259 76.61 19.00 33.22
C THR B 259 75.28 19.74 33.36
N THR B 260 74.19 19.11 32.94
CA THR B 260 72.92 19.83 32.84
C THR B 260 72.31 20.06 34.22
N TYR B 261 71.67 21.22 34.38
CA TYR B 261 71.02 21.59 35.63
C TYR B 261 71.99 21.51 36.79
N THR B 262 73.18 22.06 36.59
CA THR B 262 74.15 22.27 37.64
C THR B 262 74.01 23.71 38.09
N THR B 263 73.53 23.92 39.31
CA THR B 263 73.45 25.27 39.84
C THR B 263 74.84 25.88 39.83
N SER B 264 74.91 27.19 39.65
CA SER B 264 76.16 27.89 39.89
C SER B 264 76.68 27.50 41.27
N SER B 265 78.00 27.48 41.40
CA SER B 265 78.68 26.99 42.61
C SER B 265 78.42 25.51 42.82
N GLY B 266 78.18 24.78 41.72
CA GLY B 266 78.26 23.33 41.76
C GLY B 266 77.12 22.61 42.41
N ALA B 267 76.13 23.32 42.95
CA ALA B 267 74.96 22.64 43.51
C ALA B 267 74.27 21.87 42.41
N LYS B 268 73.86 20.64 42.72
CA LYS B 268 73.34 19.72 41.72
C LYS B 268 71.88 19.44 42.00
N ILE B 269 71.03 19.78 41.03
CA ILE B 269 69.59 19.62 41.17
C ILE B 269 69.21 18.16 41.03
N SER B 270 68.29 17.70 41.86
CA SER B 270 67.77 16.36 41.77
C SER B 270 66.25 16.42 41.81
N GLY B 271 65.65 16.61 40.63
CA GLY B 271 64.22 16.69 40.51
C GLY B 271 63.67 18.10 40.50
N VAL B 272 62.35 18.16 40.36
CA VAL B 272 61.60 19.42 40.33
C VAL B 272 60.20 19.09 40.81
N MET B 273 59.59 20.04 41.52
CA MET B 273 58.21 19.86 41.92
C MET B 273 57.40 21.04 41.43
N VAL B 274 56.11 20.79 41.19
CA VAL B 274 55.23 21.77 40.60
C VAL B 274 53.89 21.73 41.30
N SER B 275 53.19 22.86 41.27
CA SER B 275 51.85 22.95 41.82
C SER B 275 51.21 24.24 41.31
N THR B 276 50.03 24.54 41.83
CA THR B 276 49.36 25.79 41.52
C THR B 276 49.99 26.94 42.27
N ALA B 277 49.69 28.17 41.82
CA ALA B 277 50.30 29.35 42.42
C ALA B 277 49.84 29.55 43.86
N ASN B 278 48.59 29.24 44.18
CA ASN B 278 48.11 29.44 45.53
C ASN B 278 48.75 28.48 46.52
N VAL B 279 49.27 27.35 46.05
CA VAL B 279 50.06 26.48 46.93
C VAL B 279 51.48 26.99 47.05
N MET B 280 52.15 27.24 45.92
CA MET B 280 53.54 27.67 45.97
C MET B 280 53.68 28.96 46.75
N GLN B 281 52.68 29.84 46.71
CA GLN B 281 52.74 31.03 47.54
C GLN B 281 52.68 30.69 49.02
N ILE B 282 52.02 29.58 49.39
CA ILE B 282 51.98 29.18 50.79
C ILE B 282 53.29 28.54 51.20
N ILE B 283 53.85 27.70 50.33
CA ILE B 283 55.12 27.05 50.64
C ILE B 283 56.24 28.07 50.67
N MET B 284 56.15 29.11 49.84
CA MET B 284 57.13 30.19 49.91
C MET B 284 57.08 30.89 51.25
N SER B 285 55.91 30.92 51.87
CA SER B 285 55.83 31.51 53.20
C SER B 285 56.35 30.56 54.26
N LEU B 286 55.95 29.29 54.18
CA LEU B 286 56.28 28.36 55.26
C LEU B 286 57.76 28.06 55.32
N LEU B 287 58.46 28.07 54.19
CA LEU B 287 59.86 27.64 54.17
C LEU B 287 60.76 28.69 53.53
N SER B 288 60.44 29.98 53.69
CA SER B 288 61.25 31.01 53.05
C SER B 288 62.71 30.92 53.48
N SER B 289 62.98 30.26 54.59
CA SER B 289 64.36 30.06 55.03
C SER B 289 65.13 29.14 54.09
N HIS B 290 64.43 28.27 53.36
CA HIS B 290 65.10 27.29 52.51
C HIS B 290 65.09 27.68 51.03
N ILE B 291 64.08 28.42 50.59
CA ILE B 291 63.99 28.79 49.19
C ILE B 291 65.13 29.74 48.85
N THR B 292 65.78 29.49 47.71
CA THR B 292 66.93 30.29 47.30
C THR B 292 66.89 30.45 45.78
N LYS B 293 66.76 31.69 45.31
CA LYS B 293 66.74 31.90 43.87
C LYS B 293 68.13 31.75 43.28
N GLU B 294 68.23 30.98 42.20
CA GLU B 294 69.52 30.55 41.69
C GLU B 294 69.52 30.47 40.17
N THR B 295 70.73 30.46 39.60
CA THR B 295 70.93 30.45 38.15
C THR B 295 71.27 29.04 37.71
N VAL B 296 70.27 28.31 37.22
CA VAL B 296 70.45 26.94 36.79
C VAL B 296 71.01 26.89 35.37
N SER B 297 71.90 25.94 35.12
CA SER B 297 72.56 25.81 33.81
C SER B 297 71.81 24.81 32.94
N ALA B 298 70.65 25.23 32.45
CA ALA B 298 69.78 24.33 31.70
C ALA B 298 70.20 24.27 30.24
N PRO B 299 69.99 23.12 29.59
CA PRO B 299 70.36 22.99 28.17
C PRO B 299 69.45 23.78 27.26
N ALA B 300 70.01 24.22 26.14
CA ALA B 300 69.37 25.18 25.25
C ALA B 300 68.77 24.58 23.99
N THR B 301 68.99 23.31 23.70
CA THR B 301 68.52 22.76 22.44
C THR B 301 68.28 21.27 22.58
N TYR B 302 67.31 20.77 21.81
CA TYR B 302 67.00 19.36 21.80
C TYR B 302 68.17 18.55 21.29
N GLY B 303 68.33 17.34 21.81
CA GLY B 303 69.25 16.41 21.21
C GLY B 303 68.66 15.84 19.95
N ASN B 304 69.46 15.06 19.24
CA ASN B 304 68.91 14.33 18.11
C ASN B 304 69.56 12.97 18.04
N PHE B 305 68.86 12.05 17.37
CA PHE B 305 69.25 10.66 17.31
C PHE B 305 69.25 10.22 15.85
N VAL B 306 70.38 10.43 15.17
CA VAL B 306 70.48 10.10 13.76
C VAL B 306 70.72 8.61 13.59
N LEU B 307 70.15 8.04 12.53
CA LEU B 307 70.36 6.63 12.20
C LEU B 307 71.75 6.40 11.62
N SER B 308 72.32 5.26 11.94
CA SER B 308 73.53 4.83 11.27
C SER B 308 73.16 4.18 9.94
N PRO B 309 74.05 4.21 8.94
CA PRO B 309 73.76 3.48 7.71
C PRO B 309 73.61 1.98 7.94
N GLU B 310 74.32 1.41 8.92
CA GLU B 310 74.14 0.00 9.24
C GLU B 310 72.73 -0.27 9.73
N ASN B 311 72.09 0.72 10.35
CA ASN B 311 70.72 0.54 10.82
C ASN B 311 69.74 0.35 9.67
N ALA B 312 70.05 0.89 8.49
CA ALA B 312 69.09 0.83 7.40
C ALA B 312 68.76 -0.60 7.00
N VAL B 313 69.77 -1.45 6.86
CA VAL B 313 69.53 -2.82 6.43
C VAL B 313 68.72 -3.57 7.48
N THR B 314 69.05 -3.37 8.75
CA THR B 314 68.33 -4.09 9.80
C THR B 314 66.90 -3.57 9.97
N ALA B 315 66.66 -2.29 9.68
CA ALA B 315 65.30 -1.76 9.79
C ALA B 315 64.40 -2.34 8.72
N ILE B 316 64.95 -2.63 7.54
CA ILE B 316 64.17 -3.13 6.43
C ILE B 316 64.05 -4.64 6.48
N SER B 317 65.18 -5.33 6.53
CA SER B 317 65.16 -6.78 6.47
C SER B 317 64.68 -7.41 7.77
N TYR B 318 64.98 -6.79 8.92
CA TYR B 318 64.60 -7.38 10.20
C TYR B 318 63.62 -6.56 11.01
N HIS B 319 63.14 -5.43 10.49
CA HIS B 319 62.17 -4.58 11.19
C HIS B 319 62.66 -4.20 12.58
N SER B 320 63.95 -3.96 12.71
CA SER B 320 64.51 -3.71 14.03
C SER B 320 65.70 -2.77 13.93
N ILE B 321 65.88 -1.97 14.97
CA ILE B 321 66.90 -0.94 15.02
C ILE B 321 67.45 -0.93 16.44
N LEU B 322 68.71 -1.34 16.60
CA LEU B 322 69.37 -1.15 17.87
C LEU B 322 70.39 -0.03 17.74
N ALA B 323 70.37 0.88 18.71
CA ALA B 323 71.21 2.07 18.64
C ALA B 323 72.69 1.69 18.71
N ASP B 324 73.51 2.40 17.93
CA ASP B 324 74.95 2.19 17.87
C ASP B 324 75.28 0.77 17.44
N PHE B 325 74.72 0.36 16.30
CA PHE B 325 75.09 -0.93 15.72
C PHE B 325 76.59 -1.00 15.47
N ASN B 326 77.22 0.13 15.20
CA ASN B 326 78.65 0.14 14.93
C ASN B 326 79.47 -0.07 16.20
N SER B 327 78.94 0.33 17.35
CA SER B 327 79.70 0.21 18.59
C SER B 327 79.70 -1.22 19.10
N TYR B 328 78.58 -1.92 18.99
CA TYR B 328 78.55 -3.32 19.37
C TYR B 328 79.47 -4.15 18.48
N LYS B 329 79.57 -3.81 17.20
CA LYS B 329 80.43 -4.55 16.30
C LYS B 329 81.89 -4.51 16.74
N ALA B 330 82.30 -3.40 17.35
CA ALA B 330 83.67 -3.26 17.82
C ALA B 330 83.86 -3.86 19.21
N HIS B 331 82.89 -3.66 20.10
CA HIS B 331 83.06 -4.17 21.46
C HIS B 331 82.94 -5.69 21.49
N LEU B 332 82.22 -6.28 20.54
CA LEU B 332 82.21 -7.74 20.43
C LEU B 332 83.48 -8.26 19.80
N THR B 333 84.08 -7.50 18.88
CA THR B 333 85.36 -7.91 18.32
C THR B 333 86.45 -7.87 19.37
N SER B 334 86.51 -6.80 20.16
CA SER B 334 87.54 -6.71 21.17
C SER B 334 87.20 -7.48 22.43
N GLY B 335 85.95 -7.91 22.59
CA GLY B 335 85.58 -8.69 23.75
C GLY B 335 85.36 -7.90 25.01
N GLN B 336 85.40 -6.58 24.96
CA GLN B 336 85.15 -5.78 26.14
C GLN B 336 83.65 -5.75 26.44
N PRO B 337 83.24 -6.08 27.65
CA PRO B 337 81.81 -6.21 27.95
C PRO B 337 81.13 -4.88 28.22
N HIS B 338 81.85 -3.91 28.75
CA HIS B 338 81.20 -2.69 29.20
C HIS B 338 81.21 -1.64 28.11
N LEU B 339 80.05 -1.03 27.88
CA LEU B 339 79.91 0.09 26.98
C LEU B 339 79.93 1.38 27.80
N PRO B 340 80.67 2.39 27.38
CA PRO B 340 80.78 3.61 28.19
C PRO B 340 79.48 4.36 28.36
N ASN B 341 78.61 4.34 27.34
CA ASN B 341 77.42 5.18 27.31
C ASN B 341 76.37 4.51 26.43
N ASP B 342 75.09 4.72 26.73
CA ASP B 342 74.04 3.95 26.08
C ASP B 342 73.13 4.83 25.25
N SER B 343 73.75 5.68 24.45
CA SER B 343 73.19 6.37 23.29
C SER B 343 72.08 7.35 23.62
N LEU B 344 71.29 7.08 24.66
CA LEU B 344 70.28 8.06 25.04
C LEU B 344 70.91 9.15 25.86
N SER B 345 71.93 8.82 26.64
CA SER B 345 72.78 9.85 27.20
C SER B 345 73.70 10.42 26.14
N GLN B 346 73.89 9.68 25.04
CA GLN B 346 74.84 10.09 24.01
C GLN B 346 74.24 11.09 23.05
N ALA B 347 72.93 11.30 23.13
CA ALA B 347 72.23 12.20 22.22
C ALA B 347 72.00 13.56 22.86
N GLY B 348 72.68 14.56 22.33
CA GLY B 348 72.33 15.93 22.61
C GLY B 348 72.93 16.52 23.86
N ALA B 349 72.44 17.72 24.19
CA ALA B 349 72.79 18.45 25.40
C ALA B 349 74.24 18.92 25.38
N HIS B 350 74.68 19.48 24.25
CA HIS B 350 75.98 20.13 24.21
C HIS B 350 75.90 21.59 24.64
N SER B 351 74.89 22.31 24.18
CA SER B 351 74.73 23.71 24.52
C SER B 351 74.20 23.86 25.93
N LEU B 352 74.49 25.01 26.54
CA LEU B 352 74.03 25.31 27.89
C LEU B 352 73.74 26.79 28.01
N THR B 353 72.71 27.11 28.77
CA THR B 353 72.34 28.48 29.06
C THR B 353 71.90 28.60 30.50
N PRO B 354 72.23 29.69 31.18
CA PRO B 354 71.67 29.92 32.51
C PRO B 354 70.24 30.43 32.42
N LEU B 355 69.46 30.08 33.44
CA LEU B 355 68.10 30.59 33.58
C LEU B 355 67.72 30.50 35.05
N SER B 356 66.97 31.49 35.51
CA SER B 356 66.70 31.60 36.94
C SER B 356 65.60 30.65 37.37
N MET B 357 65.77 30.05 38.53
CA MET B 357 64.78 29.19 39.16
C MET B 357 64.80 29.47 40.65
N ASP B 358 63.79 28.99 41.36
CA ASP B 358 63.87 28.87 42.80
C ASP B 358 64.16 27.43 43.16
N VAL B 359 64.98 27.22 44.18
CA VAL B 359 65.30 25.87 44.63
C VAL B 359 65.08 25.80 46.13
N ILE B 360 64.96 24.57 46.63
CA ILE B 360 64.80 24.33 48.05
C ILE B 360 65.70 23.19 48.48
N ARG B 361 66.27 23.34 49.67
CA ARG B 361 67.13 22.36 50.28
C ARG B 361 66.27 21.37 51.07
N LEU B 362 66.39 20.10 50.75
CA LEU B 362 65.57 19.05 51.34
C LEU B 362 66.47 17.97 51.93
N GLY B 363 67.45 18.36 52.73
CA GLY B 363 68.45 17.40 53.14
C GLY B 363 69.34 17.03 51.99
N GLU B 364 70.14 18.00 51.54
CA GLU B 364 71.16 17.84 50.53
C GLU B 364 70.58 17.63 49.13
N LYS B 365 69.26 17.53 49.01
CA LYS B 365 68.63 17.66 47.70
C LYS B 365 68.30 19.13 47.44
N THR B 366 68.49 19.58 46.21
CA THR B 366 68.15 20.97 45.85
C THR B 366 67.07 20.91 44.78
N VAL B 367 65.83 20.69 45.21
CA VAL B 367 64.73 20.51 44.27
C VAL B 367 64.25 21.86 43.76
N ILE B 368 64.04 21.94 42.47
CA ILE B 368 63.46 23.13 41.86
C ILE B 368 62.03 23.29 42.33
N MET B 369 61.55 24.52 42.37
CA MET B 369 60.13 24.81 42.54
C MET B 369 59.68 25.60 41.34
N GLU B 370 58.61 25.17 40.70
CA GLU B 370 58.15 25.86 39.50
C GLU B 370 56.64 25.86 39.46
N ASN B 371 56.07 27.06 39.49
CA ASN B 371 54.65 27.26 39.25
C ASN B 371 54.40 27.32 37.76
N LEU B 372 53.28 26.76 37.32
CA LEU B 372 53.01 26.67 35.90
C LEU B 372 51.82 27.51 35.44
N ARG B 373 51.21 28.29 36.33
CA ARG B 373 50.04 29.07 35.93
C ARG B 373 50.36 30.06 34.82
N ARG B 374 51.61 30.49 34.68
CA ARG B 374 51.96 31.42 33.62
C ARG B 374 51.61 30.88 32.23
N VAL B 375 51.72 29.57 32.02
CA VAL B 375 51.43 29.01 30.70
C VAL B 375 49.94 28.81 30.48
N TYR B 376 49.12 29.01 31.50
CA TYR B 376 47.71 28.66 31.41
C TYR B 376 46.77 29.86 31.50
N LYS B 377 47.28 31.08 31.58
CA LYS B 377 46.37 32.21 31.72
C LYS B 377 45.57 32.43 30.45
N ASN B 378 44.27 32.68 30.63
CA ASN B 378 43.35 33.01 29.55
C ASN B 378 43.13 31.87 28.58
N THR B 379 43.81 30.75 28.75
CA THR B 379 43.58 29.63 27.85
C THR B 379 42.24 28.99 28.14
N ASP B 380 41.73 28.26 27.16
CA ASP B 380 40.51 27.48 27.37
C ASP B 380 40.79 26.09 27.90
N THR B 381 42.05 25.75 28.18
CA THR B 381 42.42 24.40 28.62
C THR B 381 42.66 24.38 30.13
N LYS B 382 42.01 23.44 30.80
CA LYS B 382 42.10 23.33 32.24
C LYS B 382 43.52 22.97 32.67
N ASP B 383 43.94 23.53 33.80
CA ASP B 383 45.24 23.20 34.36
C ASP B 383 45.25 21.74 34.81
N PRO B 384 46.23 20.94 34.37
CA PRO B 384 46.26 19.53 34.81
C PRO B 384 46.52 19.38 36.29
N LEU B 385 47.18 20.35 36.91
CA LEU B 385 47.47 20.24 38.33
C LEU B 385 46.21 20.48 39.18
N GLU B 386 45.36 21.40 38.77
CA GLU B 386 44.07 21.53 39.43
C GLU B 386 43.18 20.36 39.05
N ARG B 387 42.58 19.73 40.05
CA ARG B 387 41.91 18.45 39.90
C ARG B 387 40.67 18.46 40.78
N ASN B 388 39.98 17.32 40.80
CA ASN B 388 38.95 17.08 41.79
C ASN B 388 39.08 15.66 42.30
N VAL B 389 38.41 15.39 43.43
CA VAL B 389 38.48 14.09 44.09
C VAL B 389 37.09 13.66 44.51
N ASP B 390 36.66 12.48 44.06
CA ASP B 390 35.42 11.89 44.54
C ASP B 390 35.66 11.17 45.86
N LEU B 391 34.70 11.26 46.77
CA LEU B 391 34.76 10.58 48.07
C LEU B 391 33.38 10.00 48.37
N THR B 392 33.27 8.67 48.36
CA THR B 392 32.00 8.05 48.70
C THR B 392 31.82 7.98 50.21
N PHE B 393 30.69 8.47 50.70
CA PHE B 393 30.32 8.39 52.10
C PHE B 393 29.15 7.43 52.24
N PHE B 394 28.86 7.01 53.46
CA PHE B 394 27.69 6.17 53.66
C PHE B 394 27.16 6.36 55.08
N PHE B 395 25.85 6.52 55.19
CA PHE B 395 25.22 6.79 56.47
C PHE B 395 23.95 5.97 56.63
N PRO B 396 23.68 5.44 57.81
CA PRO B 396 22.45 4.67 58.03
C PRO B 396 21.26 5.56 58.28
N VAL B 397 20.08 5.02 58.00
CA VAL B 397 18.85 5.71 58.36
C VAL B 397 17.81 4.66 58.72
N GLY B 398 17.24 4.79 59.91
CA GLY B 398 16.19 3.89 60.33
C GLY B 398 16.61 2.62 61.02
N LEU B 399 17.71 2.62 61.75
CA LEU B 399 18.20 1.38 62.36
C LEU B 399 17.38 1.03 63.58
N TYR B 400 17.83 0.01 64.32
CA TYR B 400 17.16 -0.41 65.53
C TYR B 400 18.24 -0.99 66.43
N LEU B 401 18.69 -0.20 67.39
CA LEU B 401 19.73 -0.67 68.29
C LEU B 401 19.11 -1.56 69.35
N PRO B 402 19.70 -2.74 69.61
CA PRO B 402 19.00 -3.76 70.38
C PRO B 402 18.65 -3.28 71.77
N GLU B 403 17.43 -3.62 72.19
CA GLU B 403 16.96 -3.22 73.51
C GLU B 403 17.55 -4.10 74.61
N ASP B 404 17.96 -5.32 74.27
CA ASP B 404 18.47 -6.24 75.27
C ASP B 404 19.69 -5.66 75.96
N ARG B 405 20.77 -5.46 75.21
CA ARG B 405 21.98 -4.84 75.75
C ARG B 405 22.00 -3.36 75.39
N GLY B 406 20.93 -2.66 75.77
CA GLY B 406 20.88 -1.23 75.56
C GLY B 406 21.66 -0.48 76.60
N TYR B 407 22.07 0.75 76.25
CA TYR B 407 22.97 1.50 77.11
C TYR B 407 22.96 2.95 76.67
N THR B 408 23.57 3.80 77.50
CA THR B 408 23.46 5.25 77.32
C THR B 408 24.63 5.96 77.99
N THR B 409 25.52 6.50 77.19
CA THR B 409 26.63 7.34 77.61
C THR B 409 26.13 8.71 78.04
N VAL B 410 26.21 9.66 77.11
CA VAL B 410 26.00 11.10 77.30
C VAL B 410 24.80 11.55 78.13
N GLU B 411 23.93 10.64 78.55
CA GLU B 411 22.66 11.02 79.16
C GLU B 411 22.76 12.25 80.07
N SER B 412 23.92 12.54 80.65
CA SER B 412 24.00 13.76 81.46
C SER B 412 23.77 15.01 80.61
N LYS B 413 24.04 14.96 79.32
CA LYS B 413 23.77 16.10 78.45
C LYS B 413 22.33 16.20 77.97
N VAL B 414 21.88 15.25 77.16
CA VAL B 414 20.56 15.35 76.55
C VAL B 414 19.51 14.72 77.45
N LYS B 415 18.26 15.11 77.22
CA LYS B 415 17.11 14.45 77.82
C LYS B 415 15.94 14.59 76.85
N LEU B 416 15.70 13.55 76.06
CA LEU B 416 14.63 13.60 75.09
C LEU B 416 13.28 13.36 75.76
N ASN B 417 12.25 13.97 75.21
CA ASN B 417 10.91 13.82 75.75
C ASN B 417 10.45 12.38 75.60
N ASP B 418 9.73 11.88 76.61
CA ASP B 418 9.28 10.50 76.56
C ASP B 418 8.13 10.38 75.55
N THR B 419 8.37 9.64 74.49
CA THR B 419 7.44 9.47 73.38
C THR B 419 7.95 8.30 72.57
N VAL B 420 7.03 7.55 71.95
CA VAL B 420 7.49 6.42 71.16
C VAL B 420 8.26 6.91 69.95
N ARG B 421 7.96 8.10 69.48
CA ARG B 421 8.70 8.64 68.35
C ARG B 421 10.16 8.88 68.73
N ASN B 422 10.43 9.25 69.97
CA ASN B 422 11.82 9.34 70.42
C ASN B 422 12.48 7.98 70.54
N ALA B 423 11.70 6.91 70.67
CA ALA B 423 12.27 5.60 70.88
C ALA B 423 12.79 5.01 69.58
N LEU B 424 11.92 4.89 68.60
CA LEU B 424 12.32 4.34 67.30
C LEU B 424 12.83 5.44 66.39
N PRO B 425 14.08 5.36 65.92
CA PRO B 425 14.53 6.30 64.90
C PRO B 425 13.94 6.01 63.55
N THR B 426 13.51 7.07 62.88
CA THR B 426 12.88 6.95 61.57
C THR B 426 13.55 7.88 60.60
N THR B 427 14.16 8.95 61.09
CA THR B 427 14.82 9.95 60.27
C THR B 427 16.32 9.91 60.55
N ALA B 428 17.05 10.80 59.88
CA ALA B 428 18.45 11.03 60.16
C ALA B 428 18.75 12.47 59.80
N TYR B 429 19.78 13.01 60.44
CA TYR B 429 20.09 14.42 60.29
C TYR B 429 21.56 14.54 59.89
N LEU B 430 21.80 15.44 58.96
CA LEU B 430 23.08 15.60 58.28
C LEU B 430 23.35 17.08 58.15
N LEU B 431 24.33 17.48 57.33
CA LEU B 431 24.46 18.90 57.09
C LEU B 431 25.00 19.15 55.68
N ASN B 432 24.75 20.36 55.20
CA ASN B 432 25.02 20.78 53.84
C ASN B 432 26.52 21.04 53.65
N ARG B 433 26.87 21.61 52.51
CA ARG B 433 28.22 22.14 52.34
C ARG B 433 28.51 23.20 53.39
N ASP B 434 27.60 24.15 53.56
CA ASP B 434 27.63 25.00 54.74
C ASP B 434 26.92 24.31 55.90
N ARG B 435 27.42 24.53 57.12
CA ARG B 435 26.89 23.81 58.27
C ARG B 435 25.44 24.17 58.51
N ALA B 436 24.57 23.18 58.41
CA ALA B 436 23.16 23.44 58.64
C ALA B 436 22.43 22.12 58.73
N VAL B 437 21.57 21.99 59.73
CA VAL B 437 20.92 20.72 59.99
C VAL B 437 20.03 20.36 58.82
N GLN B 438 20.07 19.10 58.43
CA GLN B 438 19.33 18.60 57.30
C GLN B 438 18.70 17.26 57.69
N LYS B 439 17.63 16.90 57.00
CA LYS B 439 16.80 15.80 57.43
C LYS B 439 16.55 14.87 56.26
N ILE B 440 16.47 13.58 56.55
CA ILE B 440 16.12 12.58 55.55
C ILE B 440 15.11 11.62 56.15
N ASP B 441 13.87 11.70 55.69
CA ASP B 441 12.81 10.84 56.17
C ASP B 441 12.68 9.64 55.24
N PHE B 442 11.74 8.76 55.57
CA PHE B 442 11.45 7.70 54.63
C PHE B 442 10.71 8.21 53.41
N VAL B 443 9.97 9.31 53.54
CA VAL B 443 9.18 9.80 52.42
C VAL B 443 10.05 10.13 51.23
N ASP B 444 11.25 10.66 51.48
CA ASP B 444 12.12 11.00 50.37
C ASP B 444 12.61 9.77 49.62
N ALA B 445 12.72 8.62 50.29
CA ALA B 445 13.09 7.41 49.58
C ALA B 445 11.95 6.89 48.72
N LEU B 446 10.81 7.59 48.70
CA LEU B 446 9.64 7.08 48.02
C LEU B 446 9.83 6.98 46.52
N LYS B 447 10.70 7.79 45.93
CA LYS B 447 10.95 7.64 44.51
C LYS B 447 11.67 6.34 44.23
N THR B 448 12.44 5.83 45.20
CA THR B 448 13.16 4.59 44.99
C THR B 448 12.63 3.41 45.78
N LEU B 449 11.92 3.64 46.90
CA LEU B 449 11.30 2.52 47.59
C LEU B 449 10.21 1.88 46.74
N CYS B 450 9.62 2.63 45.83
CA CYS B 450 8.39 2.25 45.16
C CYS B 450 8.62 1.75 43.75
N HIS B 451 9.84 1.85 43.23
CA HIS B 451 10.05 1.60 41.81
C HIS B 451 9.79 0.14 41.48
N PRO B 452 9.18 -0.16 40.34
CA PRO B 452 8.81 -1.56 40.04
C PRO B 452 9.98 -2.51 40.02
N VAL B 453 11.21 -2.01 39.85
CA VAL B 453 12.37 -2.90 39.89
C VAL B 453 12.59 -3.42 41.29
N LEU B 454 12.14 -2.68 42.31
CA LEU B 454 12.40 -3.14 43.66
C LEU B 454 11.54 -4.34 44.01
N HIS B 455 10.37 -4.44 43.40
CA HIS B 455 9.39 -5.42 43.83
C HIS B 455 9.25 -6.61 42.91
N GLU B 456 10.04 -6.72 41.85
CA GLU B 456 9.99 -7.92 41.05
C GLU B 456 11.30 -8.68 41.12
N PRO B 457 11.29 -9.92 41.62
CA PRO B 457 12.52 -10.69 41.77
C PRO B 457 12.90 -11.54 40.58
N ALA B 458 12.38 -11.26 39.39
CA ALA B 458 12.77 -12.00 38.20
C ALA B 458 14.29 -12.07 38.03
N PRO B 459 15.06 -10.98 38.16
CA PRO B 459 16.51 -11.14 38.04
C PRO B 459 17.09 -11.99 39.15
N CYS B 460 16.56 -11.88 40.35
CA CYS B 460 17.12 -12.60 41.50
C CYS B 460 16.83 -14.09 41.41
N LEU B 461 15.67 -14.46 40.91
CA LEU B 461 15.32 -15.87 40.81
C LEU B 461 16.25 -16.59 39.84
N GLN B 462 16.59 -15.92 38.74
CA GLN B 462 17.49 -16.53 37.78
C GLN B 462 18.87 -16.73 38.35
N THR B 463 19.41 -15.71 39.03
CA THR B 463 20.73 -15.85 39.61
C THR B 463 20.75 -16.89 40.72
N PHE B 464 19.60 -17.11 41.37
CA PHE B 464 19.50 -18.13 42.40
C PHE B 464 19.41 -19.53 41.81
N THR B 465 18.65 -19.69 40.72
CA THR B 465 18.51 -21.00 40.08
C THR B 465 19.76 -21.38 39.29
N GLU B 466 20.53 -20.39 38.84
CA GLU B 466 21.65 -20.67 37.95
C GLU B 466 22.75 -21.41 38.69
N ARG B 467 23.07 -20.96 39.90
CA ARG B 467 24.10 -21.67 40.66
C ARG B 467 23.62 -23.05 41.09
N GLY B 468 22.35 -23.15 41.48
CA GLY B 468 21.80 -24.44 41.82
C GLY B 468 22.05 -24.82 43.25
N PRO B 469 21.92 -26.12 43.55
CA PRO B 469 22.03 -26.58 44.92
C PRO B 469 23.44 -26.44 45.44
N PRO B 470 23.61 -26.19 46.73
CA PRO B 470 24.94 -26.24 47.33
C PRO B 470 25.46 -27.66 47.35
N SER B 471 26.73 -27.82 46.98
CA SER B 471 27.33 -29.15 46.90
C SER B 471 27.92 -29.62 48.22
N GLU B 472 27.89 -28.82 49.26
CA GLU B 472 28.39 -29.26 50.56
C GLU B 472 27.44 -30.30 51.15
N PRO B 473 27.94 -31.31 51.86
CA PRO B 473 27.05 -32.18 52.61
C PRO B 473 26.36 -31.46 53.75
N ALA B 474 27.03 -30.49 54.36
CA ALA B 474 26.47 -29.79 55.51
C ALA B 474 25.21 -29.03 55.17
N MET B 475 24.96 -28.77 53.89
CA MET B 475 23.76 -28.09 53.44
C MET B 475 22.68 -29.06 52.97
N GLN B 476 22.94 -30.36 52.94
CA GLN B 476 21.97 -31.29 52.39
C GLN B 476 20.67 -31.28 53.19
N ARG B 477 20.76 -31.21 54.51
CA ARG B 477 19.56 -31.17 55.34
C ARG B 477 18.67 -30.01 54.95
N LEU B 478 19.25 -28.99 54.34
CA LEU B 478 18.56 -27.77 53.97
C LEU B 478 17.85 -27.91 52.63
N LEU B 479 18.35 -28.80 51.77
CA LEU B 479 17.93 -28.84 50.39
C LEU B 479 16.61 -29.58 50.21
N GLU B 480 16.35 -30.61 51.00
CA GLU B 480 15.29 -31.57 50.73
C GLU B 480 14.08 -31.33 51.61
N CYS B 481 12.96 -31.02 50.96
CA CYS B 481 11.62 -31.03 51.56
C CYS B 481 10.66 -30.99 50.40
N ARG B 482 9.71 -31.92 50.38
CA ARG B 482 8.91 -32.21 49.19
C ARG B 482 7.50 -31.72 49.42
N PHE B 483 7.20 -30.53 48.92
CA PHE B 483 5.84 -30.04 48.98
C PHE B 483 5.00 -30.74 47.93
N GLN B 484 3.79 -31.09 48.31
CA GLN B 484 2.96 -31.95 47.48
C GLN B 484 1.52 -31.49 47.55
N GLN B 485 0.96 -31.19 46.39
CA GLN B 485 -0.44 -30.81 46.30
C GLN B 485 -1.33 -32.03 46.40
N GLU B 486 -2.36 -31.95 47.21
CA GLU B 486 -3.24 -33.08 47.37
C GLU B 486 -4.68 -32.62 47.35
N PRO B 487 -5.57 -33.40 46.74
CA PRO B 487 -6.99 -33.04 46.72
C PRO B 487 -7.59 -33.06 48.12
N MET B 488 -8.54 -32.16 48.37
CA MET B 488 -9.15 -31.99 49.69
C MET B 488 -10.37 -32.87 49.90
N GLY B 489 -10.59 -33.89 49.07
CA GLY B 489 -11.81 -34.67 49.21
C GLY B 489 -11.95 -35.30 50.59
N GLY B 490 -10.98 -36.09 51.01
CA GLY B 490 -11.17 -36.81 52.24
C GLY B 490 -10.36 -36.24 53.39
N ALA B 491 -9.99 -34.96 53.28
CA ALA B 491 -8.99 -34.41 54.18
C ALA B 491 -9.39 -34.60 55.64
N ALA B 492 -10.57 -34.13 56.02
CA ALA B 492 -10.96 -34.12 57.42
C ALA B 492 -10.95 -35.53 58.02
N ARG B 493 -11.45 -36.50 57.27
CA ARG B 493 -11.55 -37.85 57.80
C ARG B 493 -10.27 -38.65 57.60
N ARG B 494 -9.57 -38.44 56.49
CA ARG B 494 -8.40 -39.27 56.21
C ARG B 494 -7.16 -38.78 56.94
N ILE B 495 -7.20 -37.58 57.53
CA ILE B 495 -6.08 -37.04 58.28
C ILE B 495 -5.36 -38.02 59.20
N PRO B 496 -6.02 -38.88 59.99
CA PRO B 496 -5.23 -39.77 60.85
C PRO B 496 -4.39 -40.76 60.05
N HIS B 497 -4.78 -41.06 58.82
CA HIS B 497 -4.00 -41.97 57.99
C HIS B 497 -2.61 -41.41 57.69
N PHE B 498 -2.48 -40.08 57.67
CA PHE B 498 -1.16 -39.50 57.49
C PHE B 498 -0.26 -39.79 58.68
N TYR B 499 -0.80 -39.69 59.88
CA TYR B 499 0.04 -39.89 61.05
C TYR B 499 0.30 -41.36 61.34
N ARG B 500 -0.25 -42.27 60.54
CA ARG B 500 -0.02 -43.69 60.77
C ARG B 500 1.44 -44.05 60.52
N VAL B 501 2.02 -43.54 59.44
CA VAL B 501 3.43 -43.75 59.20
C VAL B 501 4.24 -43.04 60.30
N ARG B 502 5.26 -43.71 60.79
CA ARG B 502 6.12 -43.10 61.80
C ARG B 502 7.34 -42.46 61.18
N ARG B 503 7.43 -42.42 59.85
CA ARG B 503 8.62 -41.87 59.23
C ARG B 503 8.69 -40.37 59.48
N GLU B 504 9.90 -39.89 59.77
CA GLU B 504 10.10 -38.51 60.16
C GLU B 504 9.92 -37.56 58.99
N VAL B 505 9.44 -36.36 59.28
CA VAL B 505 9.08 -35.38 58.27
C VAL B 505 10.10 -34.25 58.31
N PRO B 506 10.76 -33.93 57.20
CA PRO B 506 11.82 -32.92 57.22
C PRO B 506 11.27 -31.52 57.45
N ARG B 507 12.13 -30.66 58.01
CA ARG B 507 11.79 -29.27 58.26
C ARG B 507 11.79 -28.46 56.98
N THR B 508 11.11 -27.31 57.02
CA THR B 508 11.25 -26.32 55.97
C THR B 508 12.46 -25.44 56.26
N VAL B 509 12.74 -24.51 55.35
CA VAL B 509 13.90 -23.64 55.50
C VAL B 509 13.58 -22.48 56.45
N ASN B 510 12.45 -21.80 56.23
CA ASN B 510 12.12 -20.71 57.13
C ASN B 510 11.71 -21.20 58.51
N GLU B 511 11.51 -22.51 58.67
CA GLU B 511 11.37 -23.03 60.02
C GLU B 511 12.69 -22.92 60.75
N MET B 512 13.77 -23.41 60.15
CA MET B 512 15.05 -23.40 60.84
C MET B 512 15.67 -22.02 60.80
N LYS B 513 15.21 -21.14 59.91
CA LYS B 513 15.76 -19.81 59.84
C LYS B 513 15.47 -18.99 61.10
N GLN B 514 14.46 -19.39 61.89
CA GLN B 514 14.06 -18.59 63.04
C GLN B 514 14.96 -18.78 64.24
N ASP B 515 15.47 -20.01 64.45
CA ASP B 515 16.04 -20.34 65.76
C ASP B 515 17.31 -19.56 66.06
N PHE B 516 17.87 -18.87 65.07
CA PHE B 516 19.05 -18.05 65.30
C PHE B 516 18.70 -16.77 66.04
N VAL B 517 19.57 -16.38 66.97
CA VAL B 517 19.46 -15.09 67.65
C VAL B 517 19.97 -13.99 66.74
N VAL B 518 19.45 -12.77 66.92
CA VAL B 518 19.64 -11.71 65.93
C VAL B 518 21.11 -11.35 65.77
N THR B 519 21.94 -11.67 66.74
CA THR B 519 23.37 -11.43 66.57
C THR B 519 24.08 -12.61 65.92
N ASP B 520 23.44 -13.77 65.87
CA ASP B 520 24.02 -14.96 65.26
C ASP B 520 23.51 -15.20 63.85
N PHE B 521 22.44 -14.53 63.44
CA PHE B 521 21.92 -14.71 62.10
C PHE B 521 22.96 -14.37 61.05
N TYR B 522 23.87 -13.45 61.35
CA TYR B 522 24.85 -13.01 60.36
C TYR B 522 26.14 -13.80 60.39
N LYS B 523 26.42 -14.56 61.45
CA LYS B 523 27.66 -15.30 61.49
C LYS B 523 27.59 -16.48 60.53
N VAL B 524 28.77 -16.97 60.16
CA VAL B 524 28.90 -17.95 59.08
C VAL B 524 28.21 -19.26 59.39
N GLY B 525 27.94 -19.55 60.65
CA GLY B 525 27.29 -20.81 60.97
C GLY B 525 25.88 -20.93 60.44
N ASN B 526 25.25 -19.81 60.10
CA ASN B 526 23.94 -19.85 59.51
C ASN B 526 24.02 -20.48 58.12
N ILE B 527 23.38 -21.64 57.96
CA ILE B 527 23.41 -22.34 56.69
C ILE B 527 22.35 -21.82 55.74
N THR B 528 21.38 -21.06 56.24
CA THR B 528 20.26 -20.58 55.45
C THR B 528 20.50 -19.18 54.91
N LEU B 529 21.71 -18.64 55.08
CA LEU B 529 21.95 -17.23 54.74
C LEU B 529 21.69 -16.98 53.27
N TYR B 530 22.17 -17.87 52.40
CA TYR B 530 22.05 -17.66 50.96
C TYR B 530 20.62 -17.64 50.48
N THR B 531 19.70 -18.14 51.30
CA THR B 531 18.28 -18.03 51.00
C THR B 531 17.79 -16.59 51.18
N GLU B 532 18.44 -15.82 52.06
CA GLU B 532 18.04 -14.43 52.28
C GLU B 532 18.61 -13.53 51.19
N LEU B 533 17.91 -13.53 50.06
CA LEU B 533 18.29 -12.66 48.95
C LEU B 533 17.49 -11.37 48.91
N HIS B 534 16.22 -11.40 49.29
CA HIS B 534 15.35 -10.27 48.95
C HIS B 534 14.27 -10.09 50.00
N PRO B 535 14.16 -8.92 50.63
CA PRO B 535 13.23 -8.77 51.76
C PRO B 535 11.79 -9.07 51.45
N PHE B 536 11.37 -8.90 50.21
CA PHE B 536 9.97 -9.13 49.89
C PHE B 536 9.69 -10.53 49.36
N PHE B 537 10.68 -11.39 49.22
CA PHE B 537 10.46 -12.68 48.55
C PHE B 537 11.28 -13.75 49.25
N ASP B 538 10.61 -14.77 49.78
CA ASP B 538 11.32 -15.90 50.37
C ASP B 538 11.71 -16.91 49.30
N PHE B 539 12.90 -17.48 49.45
CA PHE B 539 13.44 -18.45 48.51
C PHE B 539 13.65 -19.79 49.19
N THR B 540 13.68 -20.86 48.38
CA THR B 540 13.94 -22.20 48.90
C THR B 540 14.16 -23.15 47.74
N HIS B 541 14.57 -24.36 48.08
CA HIS B 541 14.75 -25.45 47.11
C HIS B 541 13.78 -26.56 47.48
N CYS B 542 12.55 -26.48 46.97
CA CYS B 542 11.62 -27.57 47.20
C CYS B 542 12.11 -28.79 46.44
N GLN B 543 11.66 -29.95 46.87
CA GLN B 543 12.04 -31.21 46.27
C GLN B 543 10.90 -31.67 45.38
N GLU B 544 11.05 -31.53 44.07
CA GLU B 544 10.09 -32.10 43.14
C GLU B 544 10.48 -33.53 42.83
N ASN B 545 9.86 -34.12 41.82
CA ASN B 545 10.01 -35.54 41.55
C ASN B 545 11.45 -35.79 41.11
N SER B 546 12.32 -36.03 42.10
CA SER B 546 13.75 -36.20 41.88
C SER B 546 14.37 -34.96 41.25
N GLU B 547 13.97 -33.80 41.76
CA GLU B 547 14.49 -32.50 41.36
C GLU B 547 14.60 -31.61 42.59
N THR B 548 15.43 -30.59 42.51
CA THR B 548 15.53 -29.60 43.58
C THR B 548 15.25 -28.20 43.05
N VAL B 549 14.16 -28.05 42.31
CA VAL B 549 13.86 -26.78 41.64
C VAL B 549 13.61 -25.69 42.67
N ALA B 550 14.10 -24.49 42.37
CA ALA B 550 13.97 -23.36 43.28
C ALA B 550 12.55 -22.83 43.27
N LEU B 551 12.18 -22.14 44.35
CA LEU B 551 10.80 -21.71 44.57
C LEU B 551 10.80 -20.29 45.15
N CYS B 552 10.71 -19.30 44.27
CA CYS B 552 10.45 -17.94 44.71
C CYS B 552 8.99 -17.82 45.13
N THR B 553 8.76 -17.05 46.17
CA THR B 553 7.41 -16.91 46.72
C THR B 553 7.34 -15.62 47.49
N PRO B 554 6.39 -14.73 47.20
CA PRO B 554 6.38 -13.44 47.87
C PRO B 554 6.17 -13.61 49.36
N ARG B 555 6.86 -12.79 50.13
CA ARG B 555 6.38 -12.50 51.47
C ARG B 555 5.22 -11.54 51.30
N ILE B 556 4.25 -11.63 52.18
CA ILE B 556 3.06 -10.82 51.98
C ILE B 556 2.97 -9.79 53.09
N VAL B 557 2.99 -10.25 54.33
CA VAL B 557 2.94 -9.34 55.47
C VAL B 557 4.33 -9.07 56.00
N ILE B 558 4.48 -7.96 56.71
CA ILE B 558 5.79 -7.62 57.24
C ILE B 558 6.22 -8.60 58.31
N GLY B 559 5.29 -9.35 58.88
CA GLY B 559 5.72 -10.22 59.95
C GLY B 559 6.46 -11.44 59.51
N ASN B 560 6.39 -11.79 58.23
CA ASN B 560 7.08 -12.98 57.75
C ASN B 560 8.59 -12.83 57.79
N LEU B 561 9.10 -11.61 57.91
CA LEU B 561 10.54 -11.42 57.98
C LEU B 561 11.09 -12.19 59.17
N PRO B 562 12.24 -12.83 59.00
CA PRO B 562 12.72 -13.76 60.03
C PRO B 562 13.04 -13.05 61.33
N ASP B 563 12.82 -13.75 62.43
CA ASP B 563 13.06 -13.15 63.74
C ASP B 563 14.52 -12.70 63.90
N GLY B 564 15.39 -13.07 62.97
CA GLY B 564 16.73 -12.49 62.97
C GLY B 564 16.77 -11.08 62.44
N LEU B 565 15.99 -10.77 61.42
CA LEU B 565 16.01 -9.44 60.81
C LEU B 565 14.87 -8.55 61.26
N ALA B 566 13.90 -9.10 61.97
CA ALA B 566 12.83 -8.32 62.57
C ALA B 566 12.50 -8.96 63.90
N PRO B 567 13.26 -8.65 64.95
CA PRO B 567 13.09 -9.35 66.22
C PRO B 567 11.72 -9.08 66.82
N GLY B 568 11.35 -9.91 67.81
CA GLY B 568 10.12 -9.73 68.54
C GLY B 568 9.95 -8.38 69.22
N PRO B 569 10.97 -7.87 69.89
CA PRO B 569 10.87 -6.50 70.40
C PRO B 569 10.66 -5.46 69.33
N PHE B 570 11.16 -5.70 68.11
CA PHE B 570 11.03 -4.68 67.07
C PHE B 570 9.58 -4.45 66.70
N HIS B 571 8.80 -5.52 66.54
CA HIS B 571 7.40 -5.34 66.15
C HIS B 571 6.59 -4.73 67.27
N GLU B 572 6.95 -4.99 68.51
CA GLU B 572 6.23 -4.37 69.60
C GLU B 572 6.54 -2.87 69.68
N LEU B 573 7.79 -2.49 69.46
CA LEU B 573 8.08 -1.06 69.40
C LEU B 573 7.38 -0.41 68.23
N ARG B 574 7.37 -1.09 67.08
CA ARG B 574 6.72 -0.53 65.90
C ARG B 574 5.22 -0.38 66.11
N THR B 575 4.62 -1.28 66.88
CA THR B 575 3.20 -1.15 67.18
C THR B 575 2.95 -0.06 68.21
N TRP B 576 3.91 0.18 69.09
CA TRP B 576 3.79 1.34 69.94
C TRP B 576 3.85 2.61 69.14
N GLU B 577 4.61 2.62 68.05
CA GLU B 577 4.57 3.77 67.16
C GLU B 577 3.17 4.01 66.63
N ILE B 578 2.46 2.95 66.27
CA ILE B 578 1.15 3.12 65.64
C ILE B 578 0.10 3.48 66.68
N MET B 579 0.14 2.85 67.84
CA MET B 579 -0.78 3.23 68.91
C MET B 579 -0.48 4.63 69.41
N GLU B 580 0.76 5.08 69.34
CA GLU B 580 1.07 6.47 69.64
C GLU B 580 0.50 7.39 68.59
N HIS B 581 0.56 6.97 67.32
CA HIS B 581 0.08 7.78 66.23
C HIS B 581 -1.43 7.88 66.23
N MET B 582 -2.10 6.87 66.78
CA MET B 582 -3.56 6.80 66.84
C MET B 582 -4.14 7.40 68.12
N ARG B 583 -3.34 8.11 68.91
CA ARG B 583 -3.79 8.74 70.15
C ARG B 583 -4.22 7.71 71.19
N LEU B 584 -3.60 6.53 71.17
CA LEU B 584 -3.88 5.47 72.13
C LEU B 584 -2.66 5.17 73.01
N ARG B 585 -1.80 6.17 73.24
CA ARG B 585 -0.56 5.88 73.95
C ARG B 585 -0.81 5.26 75.31
N PRO B 586 -1.71 5.76 76.16
CA PRO B 586 -2.27 4.91 77.20
C PRO B 586 -3.39 4.06 76.63
N PRO B 587 -3.16 2.75 76.45
CA PRO B 587 -4.18 1.92 75.83
C PRO B 587 -5.39 1.82 76.74
N PRO B 588 -6.56 1.53 76.17
CA PRO B 588 -7.76 1.36 77.01
C PRO B 588 -7.63 0.21 77.99
N ASP B 589 -8.33 0.33 79.11
CA ASP B 589 -8.20 -0.60 80.23
C ASP B 589 -9.25 -1.70 80.10
N TYR B 590 -8.96 -2.68 79.23
CA TYR B 590 -9.77 -3.87 79.09
C TYR B 590 -9.12 -5.08 79.72
N GLU B 591 -8.02 -4.90 80.45
CA GLU B 591 -7.23 -6.06 80.86
C GLU B 591 -7.98 -6.97 81.81
N GLU B 592 -8.89 -6.43 82.61
CA GLU B 592 -9.63 -7.29 83.53
C GLU B 592 -10.46 -8.32 82.77
N THR B 593 -10.99 -7.94 81.61
CA THR B 593 -11.73 -8.87 80.77
C THR B 593 -10.81 -9.88 80.12
N LEU B 594 -9.63 -9.44 79.71
CA LEU B 594 -8.70 -10.33 79.07
C LEU B 594 -8.12 -11.36 80.03
N ARG B 595 -7.97 -11.01 81.31
CA ARG B 595 -7.56 -12.01 82.28
C ARG B 595 -8.60 -13.12 82.35
N LEU B 596 -9.88 -12.75 82.36
CA LEU B 596 -10.94 -13.73 82.36
C LEU B 596 -10.97 -14.54 81.07
N PHE B 597 -10.61 -13.92 79.94
CA PHE B 597 -10.63 -14.63 78.67
C PHE B 597 -9.48 -15.63 78.54
N LYS B 598 -8.27 -15.24 78.94
CA LYS B 598 -7.18 -16.20 78.94
C LYS B 598 -7.38 -17.27 80.00
N THR B 599 -8.10 -16.94 81.07
CA THR B 599 -8.37 -17.93 82.09
C THR B 599 -9.34 -18.98 81.60
N THR B 600 -10.43 -18.56 80.94
CA THR B 600 -11.39 -19.53 80.41
C THR B 600 -10.83 -20.27 79.21
N VAL B 601 -9.93 -19.65 78.46
CA VAL B 601 -9.48 -20.25 77.21
C VAL B 601 -8.35 -21.24 77.43
N THR B 602 -7.74 -21.26 78.61
CA THR B 602 -6.74 -22.28 78.89
C THR B 602 -7.28 -23.42 79.75
N SER B 603 -8.41 -23.25 80.42
CA SER B 603 -8.76 -24.13 81.53
C SER B 603 -9.19 -25.50 81.04
N PRO B 604 -8.62 -26.57 81.61
CA PRO B 604 -8.99 -27.93 81.19
C PRO B 604 -10.42 -28.30 81.49
N ASN B 605 -11.02 -27.71 82.51
CA ASN B 605 -12.41 -28.00 82.86
C ASN B 605 -13.39 -27.28 81.96
N TYR B 606 -12.92 -26.81 80.82
CA TYR B 606 -13.78 -26.10 79.89
C TYR B 606 -14.96 -26.99 79.50
N PRO B 607 -16.19 -26.49 79.59
CA PRO B 607 -17.36 -27.37 79.43
C PRO B 607 -17.46 -27.92 78.02
N GLU B 608 -17.80 -29.20 77.94
CA GLU B 608 -17.86 -29.88 76.65
C GLU B 608 -19.17 -29.66 75.92
N LEU B 609 -20.21 -29.21 76.63
CA LEU B 609 -21.42 -28.80 75.93
C LEU B 609 -21.14 -27.64 74.99
N CYS B 610 -20.24 -26.75 75.39
CA CYS B 610 -20.06 -25.51 74.65
C CYS B 610 -19.66 -25.75 73.21
N TYR B 611 -18.94 -26.83 72.93
CA TYR B 611 -18.63 -27.15 71.56
C TYR B 611 -19.85 -27.61 70.79
N LEU B 612 -20.66 -28.50 71.37
CA LEU B 612 -21.81 -29.01 70.63
C LEU B 612 -22.78 -27.89 70.26
N VAL B 613 -22.95 -26.91 71.14
CA VAL B 613 -23.76 -25.75 70.77
C VAL B 613 -23.10 -24.99 69.64
N ASP B 614 -21.77 -24.94 69.62
CA ASP B 614 -21.09 -24.20 68.56
C ASP B 614 -21.31 -24.86 67.21
N VAL B 615 -21.58 -26.16 67.20
CA VAL B 615 -21.85 -26.83 65.94
C VAL B 615 -23.33 -26.75 65.59
N LEU B 616 -24.21 -26.85 66.58
CA LEU B 616 -25.63 -26.75 66.29
C LEU B 616 -26.02 -25.33 65.84
N VAL B 617 -25.28 -24.32 66.28
CA VAL B 617 -25.67 -22.96 65.95
C VAL B 617 -25.22 -22.57 64.54
N HIS B 618 -24.00 -22.92 64.16
CA HIS B 618 -23.42 -22.57 62.87
C HIS B 618 -23.32 -21.07 62.66
N GLY B 619 -23.35 -20.28 63.71
CA GLY B 619 -23.35 -18.84 63.56
C GLY B 619 -24.69 -18.24 63.23
N ASN B 620 -25.72 -19.05 63.04
CA ASN B 620 -27.04 -18.52 62.70
C ASN B 620 -27.55 -17.62 63.82
N VAL B 621 -28.23 -16.55 63.45
CA VAL B 621 -28.91 -15.73 64.45
C VAL B 621 -30.21 -16.39 64.88
N ASP B 622 -31.01 -16.83 63.91
CA ASP B 622 -32.30 -17.38 64.25
C ASP B 622 -32.19 -18.73 64.94
N ALA B 623 -31.13 -19.49 64.65
CA ALA B 623 -30.91 -20.73 65.39
C ALA B 623 -30.52 -20.42 66.83
N PHE B 624 -29.77 -19.35 67.05
CA PHE B 624 -29.40 -18.96 68.40
C PHE B 624 -30.60 -18.48 69.19
N LEU B 625 -31.53 -17.79 68.54
CA LEU B 625 -32.64 -17.18 69.27
C LEU B 625 -33.54 -18.24 69.90
N LEU B 626 -33.47 -19.49 69.43
CA LEU B 626 -34.12 -20.59 70.14
C LEU B 626 -33.42 -20.91 71.44
N ILE B 627 -32.08 -20.86 71.45
CA ILE B 627 -31.29 -21.31 72.59
C ILE B 627 -31.11 -20.22 73.63
N ARG B 628 -31.63 -19.02 73.37
CA ARG B 628 -31.24 -17.85 74.14
C ARG B 628 -31.48 -18.05 75.64
N THR B 629 -32.66 -18.52 76.01
CA THR B 629 -32.95 -18.74 77.42
C THR B 629 -32.14 -19.89 78.00
N PHE B 630 -31.64 -20.79 77.16
CA PHE B 630 -30.82 -21.91 77.58
C PHE B 630 -29.35 -21.53 77.74
N VAL B 631 -28.80 -20.79 76.79
CA VAL B 631 -27.44 -20.29 76.94
C VAL B 631 -27.38 -19.29 78.09
N ALA B 632 -28.50 -18.63 78.38
CA ALA B 632 -28.53 -17.79 79.58
C ALA B 632 -28.27 -18.59 80.84
N ARG B 633 -28.92 -19.75 81.01
CA ARG B 633 -28.63 -20.59 82.17
C ARG B 633 -27.20 -21.08 82.12
N CYS B 634 -26.73 -21.46 80.92
CA CYS B 634 -25.38 -21.99 80.80
C CYS B 634 -24.37 -21.00 81.36
N ILE B 635 -24.37 -19.78 80.83
CA ILE B 635 -23.30 -18.85 81.16
C ILE B 635 -23.27 -18.53 82.64
N VAL B 636 -24.43 -18.33 83.26
CA VAL B 636 -24.42 -17.95 84.65
C VAL B 636 -24.11 -19.14 85.54
N ASN B 637 -24.69 -20.32 85.27
CA ASN B 637 -24.40 -21.48 86.11
C ASN B 637 -22.96 -21.88 86.00
N MET B 638 -22.31 -21.54 84.90
CA MET B 638 -20.88 -21.85 84.80
C MET B 638 -20.06 -20.81 85.51
N PHE B 639 -20.30 -19.53 85.25
CA PHE B 639 -19.53 -18.47 85.90
C PHE B 639 -19.66 -18.53 87.42
N HIS B 640 -20.88 -18.69 87.94
CA HIS B 640 -21.05 -18.77 89.39
C HIS B 640 -20.34 -19.98 89.97
N THR B 641 -20.22 -21.06 89.20
CA THR B 641 -19.61 -22.30 89.69
C THR B 641 -18.13 -22.40 89.35
N ARG B 642 -17.79 -22.41 88.07
CA ARG B 642 -16.41 -22.22 87.63
C ARG B 642 -16.21 -20.78 87.22
N GLN B 643 -15.11 -20.18 87.62
CA GLN B 643 -15.00 -18.75 87.33
C GLN B 643 -14.70 -18.44 85.87
N LEU B 644 -14.71 -19.43 84.99
CA LEU B 644 -14.39 -19.19 83.59
C LEU B 644 -15.57 -18.68 82.79
N LEU B 645 -15.30 -17.73 81.91
CA LEU B 645 -16.30 -17.18 81.00
C LEU B 645 -16.54 -18.14 79.84
N VAL B 646 -17.80 -18.39 79.55
CA VAL B 646 -18.17 -19.50 78.69
C VAL B 646 -18.44 -19.00 77.29
N PHE B 647 -18.32 -19.92 76.32
CA PHE B 647 -18.49 -19.66 74.90
C PHE B 647 -17.47 -18.67 74.37
N ALA B 648 -16.31 -18.59 75.02
CA ALA B 648 -15.24 -17.70 74.59
C ALA B 648 -14.39 -18.27 73.49
N HIS B 649 -14.56 -19.55 73.15
CA HIS B 649 -13.81 -20.13 72.06
C HIS B 649 -14.34 -19.71 70.69
N SER B 650 -15.61 -19.32 70.59
CA SER B 650 -16.26 -19.10 69.31
C SER B 650 -16.60 -17.63 69.12
N TYR B 651 -16.20 -17.07 67.98
CA TYR B 651 -16.59 -15.69 67.66
C TYR B 651 -18.06 -15.59 67.33
N ALA B 652 -18.60 -16.59 66.60
CA ALA B 652 -19.99 -16.52 66.16
C ALA B 652 -20.94 -16.52 67.34
N LEU B 653 -20.50 -17.02 68.49
CA LEU B 653 -21.28 -16.96 69.71
C LEU B 653 -20.94 -15.74 70.56
N VAL B 654 -19.65 -15.43 70.69
CA VAL B 654 -19.24 -14.28 71.48
C VAL B 654 -19.80 -13.00 70.87
N THR B 655 -20.21 -13.05 69.61
CA THR B 655 -20.79 -11.88 68.96
C THR B 655 -22.28 -11.75 69.28
N LEU B 656 -23.02 -12.86 69.16
CA LEU B 656 -24.45 -12.81 69.47
C LEU B 656 -24.68 -12.55 70.95
N ILE B 657 -23.86 -13.15 71.82
CA ILE B 657 -24.02 -12.90 73.24
C ILE B 657 -23.84 -11.41 73.54
N ALA B 658 -22.98 -10.74 72.80
CA ALA B 658 -22.81 -9.30 73.02
C ALA B 658 -23.97 -8.49 72.48
N GLU B 659 -24.84 -9.09 71.68
CA GLU B 659 -25.98 -8.39 71.10
C GLU B 659 -27.31 -8.96 71.57
N HIS B 660 -27.53 -10.27 71.43
CA HIS B 660 -28.87 -10.80 71.68
C HIS B 660 -29.16 -10.92 73.17
N LEU B 661 -28.19 -11.28 73.98
CA LEU B 661 -28.39 -11.37 75.40
C LEU B 661 -28.22 -10.03 76.10
N ALA B 662 -28.13 -8.94 75.35
CA ALA B 662 -27.93 -7.63 75.95
C ALA B 662 -29.13 -7.22 76.79
N ASP B 663 -30.34 -7.41 76.27
CA ASP B 663 -31.51 -6.82 76.89
C ASP B 663 -31.71 -7.30 78.33
N GLY B 664 -31.61 -8.60 78.53
CA GLY B 664 -31.85 -9.17 79.85
C GLY B 664 -31.31 -10.58 79.89
N ALA B 665 -31.58 -11.25 81.01
CA ALA B 665 -31.19 -12.65 81.24
C ALA B 665 -29.70 -12.82 81.35
N LEU B 666 -28.93 -11.74 81.42
CA LEU B 666 -27.51 -11.81 81.71
C LEU B 666 -27.19 -10.71 82.70
N PRO B 667 -26.68 -11.02 83.88
CA PRO B 667 -26.31 -9.96 84.82
C PRO B 667 -25.27 -9.07 84.20
N PRO B 668 -25.38 -7.74 84.38
CA PRO B 668 -24.60 -6.83 83.55
C PRO B 668 -23.10 -7.06 83.67
N GLN B 669 -22.66 -7.55 84.83
CA GLN B 669 -21.25 -7.84 85.04
C GLN B 669 -20.77 -8.87 84.04
N LEU B 670 -21.52 -9.96 83.87
CA LEU B 670 -21.16 -10.99 82.89
C LEU B 670 -21.26 -10.46 81.46
N LEU B 671 -22.25 -9.63 81.17
CA LEU B 671 -22.41 -9.14 79.81
C LEU B 671 -21.27 -8.23 79.41
N PHE B 672 -20.79 -7.45 80.37
CA PHE B 672 -19.78 -6.45 80.06
C PHE B 672 -18.52 -7.09 79.52
N HIS B 673 -18.23 -8.32 79.92
CA HIS B 673 -17.04 -8.99 79.40
C HIS B 673 -17.19 -9.30 77.92
N TYR B 674 -18.38 -9.70 77.47
CA TYR B 674 -18.57 -9.91 76.04
C TYR B 674 -18.53 -8.59 75.27
N ARG B 675 -19.17 -7.56 75.83
CA ARG B 675 -19.13 -6.25 75.17
C ARG B 675 -17.69 -5.76 75.04
N ASN B 676 -16.88 -6.01 76.08
CA ASN B 676 -15.48 -5.63 76.03
C ASN B 676 -14.67 -6.49 75.06
N LEU B 677 -15.07 -7.75 74.86
CA LEU B 677 -14.36 -8.54 73.85
C LEU B 677 -14.60 -8.00 72.46
N VAL B 678 -15.84 -7.63 72.16
CA VAL B 678 -16.07 -6.98 70.88
C VAL B 678 -15.33 -5.66 70.81
N ALA B 679 -15.19 -4.98 71.95
CA ALA B 679 -14.42 -3.74 71.97
C ALA B 679 -12.96 -3.97 71.64
N VAL B 680 -12.38 -5.08 72.09
CA VAL B 680 -10.97 -5.36 71.78
C VAL B 680 -10.82 -5.65 70.30
N LEU B 681 -11.75 -6.42 69.73
CA LEU B 681 -11.70 -6.59 68.28
C LEU B 681 -11.78 -5.24 67.57
N ARG B 682 -12.60 -4.33 68.08
CA ARG B 682 -12.71 -3.01 67.47
C ARG B 682 -11.42 -2.22 67.60
N LEU B 683 -10.77 -2.27 68.77
CA LEU B 683 -9.52 -1.55 68.96
C LEU B 683 -8.49 -1.99 67.96
N VAL B 684 -8.40 -3.30 67.74
CA VAL B 684 -7.44 -3.79 66.77
C VAL B 684 -7.80 -3.34 65.36
N THR B 685 -9.10 -3.33 65.04
CA THR B 685 -9.46 -2.88 63.70
C THR B 685 -9.14 -1.41 63.51
N ARG B 686 -9.15 -0.63 64.59
CA ARG B 686 -8.81 0.79 64.46
C ARG B 686 -7.32 0.99 64.30
N ILE B 687 -6.52 0.09 64.86
CA ILE B 687 -5.06 0.20 64.68
C ILE B 687 -4.61 -0.38 63.33
N SER B 688 -5.38 -1.28 62.73
CA SER B 688 -4.92 -1.98 61.53
C SER B 688 -4.95 -1.10 60.28
N ALA B 689 -5.95 -0.24 60.15
CA ALA B 689 -6.30 0.29 58.85
C ALA B 689 -5.61 1.61 58.49
N LEU B 690 -5.00 2.30 59.45
CA LEU B 690 -4.60 3.69 59.28
C LEU B 690 -5.79 4.53 58.85
N PRO B 691 -6.80 4.72 59.68
CA PRO B 691 -8.00 5.44 59.23
C PRO B 691 -7.72 6.82 58.67
N GLY B 692 -6.59 7.43 58.99
CA GLY B 692 -6.42 8.78 58.51
C GLY B 692 -6.01 8.92 57.07
N LEU B 693 -5.51 7.87 56.44
CA LEU B 693 -4.92 7.97 55.10
C LEU B 693 -5.64 7.12 54.07
N ASN B 694 -6.43 6.15 54.47
CA ASN B 694 -7.10 5.27 53.54
C ASN B 694 -8.39 5.94 53.07
N ASN B 695 -8.43 6.24 51.78
CA ASN B 695 -9.60 6.80 51.12
C ASN B 695 -9.47 6.40 49.66
N GLY B 696 -10.53 6.61 48.92
CA GLY B 696 -10.53 6.17 47.54
C GLY B 696 -10.41 4.66 47.43
N GLN B 697 -9.81 4.20 46.34
CA GLN B 697 -9.73 2.77 46.05
C GLN B 697 -8.86 2.56 44.83
N LEU B 698 -8.21 1.40 44.71
CA LEU B 698 -7.49 1.07 43.49
C LEU B 698 -8.23 -0.01 42.71
N ALA B 699 -8.99 0.44 41.72
CA ALA B 699 -9.71 -0.30 40.70
C ALA B 699 -10.91 -1.10 41.20
N GLU B 700 -10.93 -1.51 42.47
CA GLU B 700 -12.18 -1.68 43.19
C GLU B 700 -11.95 -1.55 44.68
N GLU B 701 -10.73 -1.89 45.09
CA GLU B 701 -10.46 -2.26 46.47
C GLU B 701 -10.23 -1.01 47.31
N PRO B 702 -10.85 -0.90 48.47
CA PRO B 702 -10.62 0.27 49.31
C PRO B 702 -9.17 0.34 49.73
N LEU B 703 -8.68 1.57 49.90
CA LEU B 703 -7.25 1.74 50.10
C LEU B 703 -6.77 1.03 51.35
N SER B 704 -7.64 0.86 52.34
CA SER B 704 -7.23 0.15 53.56
C SER B 704 -6.92 -1.30 53.29
N ALA B 705 -7.41 -1.87 52.19
CA ALA B 705 -7.18 -3.27 51.91
C ALA B 705 -5.72 -3.53 51.58
N TYR B 706 -5.05 -2.58 50.95
CA TYR B 706 -3.64 -2.74 50.67
C TYR B 706 -2.78 -2.54 51.89
N VAL B 707 -3.20 -1.70 52.83
CA VAL B 707 -2.33 -1.35 53.94
C VAL B 707 -2.15 -2.51 54.89
N ASN B 708 -3.15 -3.37 55.02
CA ASN B 708 -3.04 -4.46 55.98
C ASN B 708 -3.78 -5.68 55.45
N ALA B 709 -3.07 -6.80 55.40
CA ALA B 709 -3.65 -8.03 54.86
C ALA B 709 -4.80 -8.52 55.70
N LEU B 710 -4.92 -8.03 56.92
CA LEU B 710 -6.07 -8.33 57.74
C LEU B 710 -7.35 -7.71 57.19
N HIS B 711 -7.25 -6.78 56.25
CA HIS B 711 -8.45 -6.12 55.77
C HIS B 711 -8.94 -6.62 54.42
N ASP B 712 -8.06 -6.96 53.48
CA ASP B 712 -8.52 -7.41 52.18
C ASP B 712 -9.20 -8.78 52.28
N HIS B 713 -10.10 -9.04 51.33
CA HIS B 713 -10.95 -10.22 51.42
C HIS B 713 -10.20 -11.54 51.21
N ARG B 714 -9.04 -11.52 50.57
CA ARG B 714 -8.40 -12.77 50.18
C ARG B 714 -7.91 -13.57 51.37
N LEU B 715 -7.53 -12.91 52.46
CA LEU B 715 -7.23 -13.64 53.69
C LEU B 715 -8.53 -14.01 54.39
N TRP B 716 -8.58 -15.22 54.91
CA TRP B 716 -9.82 -15.72 55.49
C TRP B 716 -9.59 -16.16 56.94
N PRO B 717 -10.58 -15.96 57.80
CA PRO B 717 -10.44 -16.43 59.16
C PRO B 717 -10.30 -17.95 59.18
N PRO B 718 -9.49 -18.49 60.07
CA PRO B 718 -9.22 -19.93 60.04
C PRO B 718 -10.46 -20.78 60.10
N PHE B 719 -11.51 -20.31 60.74
CA PHE B 719 -12.79 -20.98 60.76
C PHE B 719 -13.81 -20.12 60.03
N VAL B 720 -14.57 -20.77 59.16
CA VAL B 720 -15.54 -20.10 58.32
C VAL B 720 -16.89 -20.74 58.61
N THR B 721 -17.88 -19.92 58.93
CA THR B 721 -19.25 -20.37 59.06
C THR B 721 -20.18 -19.71 58.07
N HIS B 722 -19.71 -18.72 57.32
CA HIS B 722 -20.43 -18.11 56.22
C HIS B 722 -19.43 -17.72 55.16
N LEU B 723 -19.76 -17.96 53.90
CA LEU B 723 -18.88 -17.54 52.84
C LEU B 723 -18.86 -16.02 52.77
N PRO B 724 -17.74 -15.42 52.38
CA PRO B 724 -17.65 -13.98 52.45
C PRO B 724 -18.57 -13.32 51.44
N ARG B 725 -18.82 -12.03 51.65
CA ARG B 725 -19.74 -11.32 50.76
C ARG B 725 -19.16 -11.18 49.37
N ASN B 726 -17.86 -10.97 49.26
CA ASN B 726 -17.26 -10.73 47.97
C ASN B 726 -16.05 -11.62 47.78
N MET B 727 -15.76 -11.93 46.53
CA MET B 727 -14.50 -12.53 46.15
C MET B 727 -14.29 -12.28 44.66
N GLU B 728 -13.05 -11.95 44.32
CA GLU B 728 -12.73 -11.70 42.92
C GLU B 728 -11.78 -12.76 42.43
N GLY B 729 -10.65 -12.94 43.11
CA GLY B 729 -9.78 -14.01 42.71
C GLY B 729 -9.97 -15.31 43.44
N VAL B 730 -10.74 -15.32 44.52
CA VAL B 730 -10.86 -16.50 45.37
C VAL B 730 -11.51 -17.65 44.60
N GLN B 731 -10.99 -18.86 44.81
CA GLN B 731 -11.56 -20.07 44.27
C GLN B 731 -11.61 -21.14 45.37
N VAL B 732 -12.71 -21.18 46.13
CA VAL B 732 -12.87 -22.25 47.11
C VAL B 732 -12.88 -23.60 46.39
N VAL B 733 -12.24 -24.61 46.96
CA VAL B 733 -12.32 -25.95 46.41
C VAL B 733 -12.57 -26.94 47.55
N ALA B 734 -13.40 -27.95 47.27
CA ALA B 734 -13.71 -28.95 48.27
C ALA B 734 -13.37 -30.37 47.84
N ASP B 735 -13.35 -30.66 46.54
CA ASP B 735 -12.81 -31.93 46.08
C ASP B 735 -11.56 -31.76 45.23
N ARG B 736 -11.68 -31.06 44.10
CA ARG B 736 -10.53 -30.80 43.25
C ARG B 736 -10.71 -29.61 42.33
N GLN B 737 -11.93 -29.18 42.09
CA GLN B 737 -12.16 -28.13 41.11
C GLN B 737 -12.79 -26.95 41.82
N PRO B 738 -12.42 -25.73 41.46
CA PRO B 738 -12.89 -24.57 42.21
C PRO B 738 -14.39 -24.57 42.36
N LEU B 739 -14.83 -24.40 43.60
CA LEU B 739 -16.24 -24.36 43.96
C LEU B 739 -16.87 -23.03 43.60
N ASN B 740 -16.22 -22.24 42.76
CA ASN B 740 -16.80 -20.98 42.29
C ASN B 740 -18.21 -21.10 41.72
N PRO B 741 -18.62 -22.19 41.07
CA PRO B 741 -20.00 -22.27 40.61
C PRO B 741 -21.01 -21.92 41.69
N ALA B 742 -21.99 -21.12 41.31
CA ALA B 742 -23.21 -21.03 42.08
C ALA B 742 -24.08 -22.26 41.90
N ASN B 743 -23.79 -23.09 40.89
CA ASN B 743 -24.50 -24.34 40.72
C ASN B 743 -24.17 -25.32 41.85
N ILE B 744 -23.02 -25.13 42.49
CA ILE B 744 -22.56 -26.07 43.51
C ILE B 744 -22.96 -25.65 44.93
N GLU B 745 -23.51 -24.46 45.13
CA GLU B 745 -23.91 -24.02 46.47
C GLU B 745 -25.41 -23.73 46.56
N ALA B 746 -26.09 -24.40 47.49
CA ALA B 746 -27.44 -24.03 47.93
C ALA B 746 -27.79 -24.84 49.18
N ARG B 747 -28.67 -24.29 50.02
CA ARG B 747 -29.01 -24.93 51.29
C ARG B 747 -30.42 -24.54 51.72
N HIS B 748 -31.06 -25.46 52.46
CA HIS B 748 -32.42 -25.29 52.98
C HIS B 748 -32.50 -25.74 54.42
N HIS B 749 -33.22 -24.95 55.24
CA HIS B 749 -33.19 -25.08 56.69
C HIS B 749 -34.60 -25.20 57.22
N GLY B 750 -34.75 -25.79 58.40
CA GLY B 750 -36.06 -25.87 59.01
C GLY B 750 -37.06 -26.70 58.25
N VAL B 751 -36.62 -27.44 57.24
CA VAL B 751 -37.45 -28.25 56.35
C VAL B 751 -36.85 -29.66 56.33
N SER B 752 -37.68 -30.66 56.07
CA SER B 752 -37.13 -31.99 55.92
C SER B 752 -36.21 -32.05 54.71
N ASP B 753 -34.95 -32.41 54.95
CA ASP B 753 -33.97 -32.56 53.87
C ASP B 753 -33.24 -33.88 54.04
N VAL B 754 -33.84 -34.94 53.50
CA VAL B 754 -33.12 -36.21 53.36
C VAL B 754 -32.01 -36.14 52.31
N PRO B 755 -32.18 -35.47 51.17
CA PRO B 755 -31.07 -35.43 50.21
C PRO B 755 -29.81 -34.82 50.80
N ARG B 756 -29.93 -33.68 51.48
CA ARG B 756 -28.77 -33.08 52.11
C ARG B 756 -28.24 -33.94 53.25
N LEU B 757 -29.14 -34.54 54.02
CA LEU B 757 -28.71 -35.31 55.18
C LEU B 757 -27.98 -36.57 54.79
N GLY B 758 -28.37 -37.19 53.68
CA GLY B 758 -27.56 -38.27 53.14
C GLY B 758 -26.28 -37.74 52.52
N ALA B 759 -26.33 -36.53 51.96
CA ALA B 759 -25.16 -35.94 51.32
C ALA B 759 -24.03 -35.70 52.31
N MET B 760 -24.29 -35.81 53.61
CA MET B 760 -23.21 -35.71 54.57
C MET B 760 -22.14 -36.74 54.26
N ASP B 761 -20.88 -36.36 54.45
CA ASP B 761 -19.67 -37.11 54.11
C ASP B 761 -19.33 -37.00 52.61
N ALA B 762 -20.03 -36.16 51.86
CA ALA B 762 -19.71 -35.96 50.45
C ALA B 762 -19.24 -34.53 50.22
N ASP B 763 -18.22 -34.36 49.38
CA ASP B 763 -17.68 -33.05 49.08
C ASP B 763 -18.19 -32.50 47.73
N GLU B 764 -19.42 -32.01 47.72
CA GLU B 764 -20.03 -31.45 46.51
C GLU B 764 -20.72 -30.14 46.88
N PRO B 765 -22.02 -30.02 46.56
CA PRO B 765 -22.77 -28.81 46.92
C PRO B 765 -22.67 -28.71 48.43
N LEU B 766 -21.66 -27.98 48.91
CA LEU B 766 -21.40 -27.89 50.34
C LEU B 766 -22.63 -27.45 51.13
N PHE B 767 -23.67 -26.95 50.44
CA PHE B 767 -24.86 -26.52 51.15
C PHE B 767 -24.53 -25.39 52.12
N VAL B 768 -24.23 -24.21 51.58
CA VAL B 768 -23.85 -23.07 52.42
C VAL B 768 -25.09 -22.26 52.73
N ASP B 769 -25.24 -21.91 54.00
CA ASP B 769 -26.35 -21.10 54.47
C ASP B 769 -26.42 -19.78 53.73
N ASP B 770 -27.65 -19.35 53.45
CA ASP B 770 -27.95 -18.23 52.57
C ASP B 770 -27.11 -16.97 52.82
N TYR B 771 -27.12 -16.46 54.03
CA TYR B 771 -26.54 -15.16 54.33
C TYR B 771 -25.02 -15.21 54.27
N ARG B 772 -24.42 -14.36 53.42
CA ARG B 772 -22.97 -14.23 53.33
C ARG B 772 -22.43 -13.19 54.30
N ALA B 773 -21.22 -13.42 54.77
CA ALA B 773 -20.63 -12.52 55.77
C ALA B 773 -20.29 -11.17 55.15
N THR B 774 -20.75 -10.10 55.80
CA THR B 774 -20.42 -8.76 55.38
C THR B 774 -18.96 -8.44 55.66
N ASP B 775 -18.41 -7.48 54.95
CA ASP B 775 -16.97 -7.24 55.01
C ASP B 775 -16.51 -6.80 56.39
N ASP B 776 -17.32 -5.98 57.07
CA ASP B 776 -16.89 -5.48 58.37
C ASP B 776 -16.71 -6.61 59.38
N GLU B 777 -17.72 -7.47 59.54
CA GLU B 777 -17.59 -8.57 60.49
C GLU B 777 -16.71 -9.67 59.93
N TRP B 778 -16.59 -9.75 58.61
CA TRP B 778 -15.59 -10.65 58.05
C TRP B 778 -14.20 -10.28 58.52
N THR B 779 -13.91 -8.98 58.59
CA THR B 779 -12.61 -8.56 59.11
C THR B 779 -12.51 -8.79 60.60
N LEU B 780 -13.61 -8.62 61.33
CA LEU B 780 -13.57 -8.86 62.76
C LEU B 780 -13.28 -10.32 63.07
N GLN B 781 -13.78 -11.24 62.24
CA GLN B 781 -13.46 -12.65 62.46
C GLN B 781 -11.97 -12.90 62.32
N LYS B 782 -11.32 -12.24 61.36
CA LYS B 782 -9.88 -12.39 61.21
C LYS B 782 -9.13 -11.72 62.35
N VAL B 783 -9.68 -10.64 62.89
CA VAL B 783 -9.07 -10.05 64.06
C VAL B 783 -9.15 -11.01 65.24
N PHE B 784 -10.24 -11.73 65.36
CA PHE B 784 -10.47 -12.58 66.51
C PHE B 784 -9.69 -13.87 66.39
N TYR B 785 -10.02 -14.69 65.38
CA TYR B 785 -9.48 -16.04 65.32
C TYR B 785 -7.99 -16.03 65.01
N LEU B 786 -7.48 -14.96 64.44
CA LEU B 786 -6.13 -14.96 63.93
C LEU B 786 -5.17 -14.10 64.74
N CYS B 787 -5.68 -13.15 65.52
CA CYS B 787 -4.84 -12.33 66.38
C CYS B 787 -5.15 -12.59 67.84
N LEU B 788 -6.44 -12.55 68.19
CA LEU B 788 -6.81 -12.68 69.59
C LEU B 788 -6.58 -14.09 70.10
N MET B 789 -7.09 -15.08 69.41
CA MET B 789 -7.06 -16.44 69.93
C MET B 789 -5.65 -17.01 70.09
N PRO B 790 -4.76 -16.94 69.10
CA PRO B 790 -3.42 -17.47 69.35
C PRO B 790 -2.66 -16.71 70.42
N ALA B 791 -2.87 -15.40 70.52
CA ALA B 791 -2.15 -14.65 71.53
C ALA B 791 -2.66 -14.94 72.93
N MET B 792 -3.93 -15.33 73.07
CA MET B 792 -4.42 -15.68 74.40
C MET B 792 -4.31 -17.18 74.71
N THR B 793 -4.05 -18.03 73.72
CA THR B 793 -3.85 -19.45 73.98
C THR B 793 -2.44 -19.92 73.74
N ASN B 794 -1.55 -19.08 73.23
CA ASN B 794 -0.16 -19.45 72.96
C ASN B 794 -0.10 -20.70 72.10
N ASN B 795 -0.83 -20.70 70.99
CA ASN B 795 -0.82 -21.78 70.00
C ASN B 795 -1.38 -23.10 70.53
N ARG B 796 -2.12 -23.08 71.62
CA ARG B 796 -2.59 -24.32 72.21
C ARG B 796 -4.02 -24.70 71.79
N ALA B 797 -4.75 -23.82 71.12
CA ALA B 797 -6.07 -24.19 70.64
C ALA B 797 -5.95 -25.17 69.49
N CYS B 798 -7.05 -25.89 69.21
CA CYS B 798 -7.02 -26.79 68.06
C CYS B 798 -8.44 -27.00 67.54
N GLY B 799 -8.55 -27.24 66.24
CA GLY B 799 -9.85 -27.44 65.62
C GLY B 799 -10.30 -28.89 65.68
N LEU B 800 -11.61 -29.10 65.83
CA LEU B 800 -12.17 -30.43 65.91
C LEU B 800 -13.60 -30.46 65.37
N GLY B 801 -13.96 -31.56 64.70
CA GLY B 801 -15.28 -31.71 64.15
C GLY B 801 -16.06 -32.79 64.87
N LEU B 802 -17.39 -32.74 64.72
CA LEU B 802 -18.26 -33.71 65.34
C LEU B 802 -19.08 -34.45 64.29
N ASN B 803 -19.15 -35.77 64.41
CA ASN B 803 -19.98 -36.62 63.55
C ASN B 803 -21.42 -36.46 64.00
N LEU B 804 -22.10 -35.47 63.43
CA LEU B 804 -23.44 -35.12 63.88
C LEU B 804 -24.46 -36.19 63.55
N LYS B 805 -24.37 -36.81 62.38
CA LYS B 805 -25.39 -37.77 61.99
C LYS B 805 -25.46 -38.93 62.98
N THR B 806 -24.32 -39.35 63.52
CA THR B 806 -24.33 -40.41 64.53
C THR B 806 -24.43 -39.88 65.95
N LEU B 807 -24.25 -38.58 66.16
CA LEU B 807 -24.25 -38.00 67.49
C LEU B 807 -25.66 -37.58 67.90
N LEU B 808 -26.33 -36.78 67.06
CA LEU B 808 -27.68 -36.34 67.41
C LEU B 808 -28.64 -37.50 67.51
N VAL B 809 -28.51 -38.50 66.64
CA VAL B 809 -29.33 -39.69 66.72
C VAL B 809 -29.04 -40.45 68.01
N ASP B 810 -27.84 -40.28 68.57
CA ASP B 810 -27.46 -41.00 69.78
C ASP B 810 -27.93 -40.30 71.05
N LEU B 811 -27.70 -38.98 71.18
CA LEU B 811 -28.16 -38.28 72.38
C LEU B 811 -29.68 -38.24 72.45
N PHE B 812 -30.31 -37.88 71.34
CA PHE B 812 -31.76 -37.79 71.23
C PHE B 812 -32.30 -39.09 70.66
N TYR B 813 -33.53 -39.06 70.16
CA TYR B 813 -34.17 -40.22 69.57
C TYR B 813 -34.48 -41.26 70.63
N ARG B 814 -35.12 -40.81 71.70
CA ARG B 814 -35.73 -41.59 72.74
C ARG B 814 -37.18 -41.16 72.90
N PRO B 815 -38.06 -42.05 73.31
CA PRO B 815 -39.43 -41.65 73.59
C PRO B 815 -39.54 -40.40 74.44
N ALA B 816 -38.51 -40.11 75.24
CA ALA B 816 -38.52 -38.90 76.04
C ALA B 816 -38.51 -37.65 75.17
N PHE B 817 -37.89 -37.71 73.99
CA PHE B 817 -37.87 -36.60 73.05
C PHE B 817 -38.79 -36.80 71.86
N LEU B 818 -38.91 -38.04 71.39
CA LEU B 818 -39.82 -38.32 70.29
C LEU B 818 -41.26 -38.07 70.69
N LEU B 819 -41.57 -38.24 71.97
CA LEU B 819 -42.85 -37.82 72.51
C LEU B 819 -42.61 -36.60 73.38
N MET B 820 -42.90 -35.43 72.82
CA MET B 820 -42.73 -34.20 73.56
C MET B 820 -44.10 -33.59 73.82
N PRO B 821 -44.50 -33.41 75.07
CA PRO B 821 -45.81 -32.81 75.35
C PRO B 821 -45.82 -31.34 74.97
N ALA B 822 -47.03 -30.81 74.80
CA ALA B 822 -47.21 -29.40 74.49
C ALA B 822 -46.98 -28.51 75.71
N SER B 845 -39.81 -37.01 88.71
CA SER B 845 -38.79 -37.19 89.73
C SER B 845 -37.53 -36.44 89.38
N ILE B 846 -36.47 -36.72 90.13
CA ILE B 846 -35.17 -36.13 89.85
C ILE B 846 -34.23 -37.12 89.17
N ALA B 847 -34.26 -38.39 89.56
CA ALA B 847 -33.47 -39.43 88.90
C ALA B 847 -34.27 -40.20 87.87
N ALA B 848 -35.59 -40.29 88.02
CA ALA B 848 -36.38 -41.01 87.04
C ALA B 848 -36.28 -40.37 85.67
N GLN B 849 -36.13 -39.04 85.62
CA GLN B 849 -35.97 -38.33 84.35
C GLN B 849 -34.58 -38.50 83.77
N ARG B 850 -33.61 -38.88 84.58
CA ARG B 850 -32.27 -39.12 84.04
C ARG B 850 -32.28 -40.28 83.07
N GLN B 851 -33.10 -41.30 83.32
CA GLN B 851 -33.26 -42.36 82.34
C GLN B 851 -33.86 -41.84 81.04
N ALA B 852 -34.81 -40.91 81.15
CA ALA B 852 -35.45 -40.38 79.95
C ALA B 852 -34.44 -39.69 79.05
N VAL B 853 -33.47 -38.98 79.62
CA VAL B 853 -32.49 -38.27 78.79
C VAL B 853 -31.24 -39.09 78.50
N GLY B 854 -31.00 -40.17 79.22
CA GLY B 854 -29.90 -41.04 78.88
C GLY B 854 -28.58 -40.62 79.48
N GLU B 855 -27.70 -41.60 79.63
CA GLU B 855 -26.41 -41.41 80.27
C GLU B 855 -25.53 -40.47 79.47
N MET B 856 -25.68 -40.47 78.15
CA MET B 856 -24.80 -39.69 77.30
C MET B 856 -25.08 -38.19 77.41
N LEU B 857 -26.36 -37.82 77.37
CA LEU B 857 -26.75 -36.42 77.48
C LEU B 857 -26.75 -35.94 78.92
N THR B 858 -26.87 -36.84 79.89
CA THR B 858 -26.80 -36.42 81.27
C THR B 858 -25.45 -35.82 81.61
N GLU B 859 -24.36 -36.42 81.13
CA GLU B 859 -23.04 -35.91 81.50
C GLU B 859 -22.84 -34.48 81.02
N LEU B 860 -23.58 -34.06 80.00
CA LEU B 860 -23.50 -32.69 79.51
C LEU B 860 -24.47 -31.76 80.20
N VAL B 861 -25.73 -32.13 80.34
CA VAL B 861 -26.70 -31.13 80.75
C VAL B 861 -26.84 -31.01 82.27
N GLU B 862 -26.46 -32.05 83.03
CA GLU B 862 -26.88 -32.09 84.43
C GLU B 862 -26.38 -30.89 85.23
N ASP B 863 -25.07 -30.74 85.38
CA ASP B 863 -24.55 -29.61 86.13
C ASP B 863 -24.32 -28.39 85.25
N VAL B 864 -24.00 -28.61 83.97
CA VAL B 864 -23.56 -27.52 83.11
C VAL B 864 -24.69 -26.54 82.82
N ALA B 865 -25.90 -27.02 82.59
CA ALA B 865 -26.99 -26.11 82.32
C ALA B 865 -28.30 -26.60 82.93
N THR B 866 -28.59 -26.18 84.15
CA THR B 866 -29.90 -26.38 84.73
C THR B 866 -30.08 -25.41 85.90
N ASP B 867 -31.25 -24.83 86.00
CA ASP B 867 -31.63 -24.05 87.17
C ASP B 867 -32.17 -25.00 88.23
N ALA B 868 -31.93 -24.66 89.49
CA ALA B 868 -32.55 -25.43 90.56
C ALA B 868 -34.07 -25.43 90.42
N HIS B 869 -34.63 -24.37 89.84
CA HIS B 869 -36.07 -24.32 89.64
C HIS B 869 -36.51 -25.14 88.43
N THR B 870 -35.62 -25.35 87.44
CA THR B 870 -36.01 -26.04 86.20
C THR B 870 -35.41 -27.43 86.15
N PRO B 871 -36.21 -28.46 85.95
CA PRO B 871 -35.69 -29.83 85.96
C PRO B 871 -34.78 -30.08 84.77
N LEU B 872 -34.26 -31.31 84.73
CA LEU B 872 -33.36 -31.71 83.67
C LEU B 872 -34.04 -31.72 82.31
N LEU B 873 -35.22 -32.33 82.21
CA LEU B 873 -35.84 -32.43 80.89
C LEU B 873 -36.17 -31.08 80.29
N GLN B 874 -36.66 -30.15 81.11
CA GLN B 874 -36.98 -28.83 80.61
C GLN B 874 -35.72 -28.17 80.04
N ALA B 875 -34.55 -28.55 80.53
CA ALA B 875 -33.31 -27.96 80.06
C ALA B 875 -32.78 -28.65 78.82
N CYS B 876 -32.65 -29.96 78.84
CA CYS B 876 -32.09 -30.64 77.68
C CYS B 876 -33.05 -30.61 76.49
N ARG B 877 -34.34 -30.41 76.73
CA ARG B 877 -35.26 -30.23 75.61
C ARG B 877 -35.09 -28.87 74.95
N GLU B 878 -34.59 -27.88 75.68
CA GLU B 878 -34.25 -26.61 75.05
C GLU B 878 -33.16 -26.76 74.01
N LEU B 879 -32.19 -27.65 74.27
CA LEU B 879 -31.17 -27.97 73.28
C LEU B 879 -31.75 -28.64 72.06
N PHE B 880 -32.76 -29.49 72.27
CA PHE B 880 -33.31 -30.29 71.18
C PHE B 880 -33.86 -29.41 70.07
N LEU B 881 -34.14 -28.15 70.37
CA LEU B 881 -34.76 -27.28 69.38
C LEU B 881 -33.78 -26.80 68.33
N ALA B 882 -32.49 -26.81 68.60
CA ALA B 882 -31.53 -26.47 67.54
C ALA B 882 -31.37 -27.61 66.53
N VAL B 883 -31.94 -28.79 66.81
CA VAL B 883 -31.72 -29.94 65.94
C VAL B 883 -32.23 -29.66 64.53
N GLN B 884 -33.20 -28.77 64.39
CA GLN B 884 -33.64 -28.44 63.04
C GLN B 884 -32.59 -27.69 62.26
N PHE B 885 -31.49 -27.29 62.90
CA PHE B 885 -30.47 -26.48 62.27
C PHE B 885 -29.18 -27.24 61.99
N VAL B 886 -29.23 -28.58 61.97
CA VAL B 886 -28.02 -29.36 61.76
C VAL B 886 -27.37 -28.98 60.45
N GLY B 887 -26.03 -28.97 60.44
CA GLY B 887 -25.27 -28.77 59.24
C GLY B 887 -24.38 -29.98 58.96
N GLU B 888 -23.78 -29.95 57.78
CA GLU B 888 -22.99 -31.08 57.32
C GLU B 888 -21.78 -31.30 58.22
N HIS B 889 -21.24 -32.52 58.17
CA HIS B 889 -20.03 -32.82 58.91
C HIS B 889 -18.91 -31.88 58.48
N VAL B 890 -17.89 -31.78 59.36
CA VAL B 890 -16.78 -30.86 59.15
C VAL B 890 -16.02 -31.18 57.88
N LYS B 891 -15.71 -30.15 57.10
CA LYS B 891 -14.90 -30.30 55.90
C LYS B 891 -13.92 -29.15 55.79
N VAL B 892 -12.70 -29.46 55.34
CA VAL B 892 -11.71 -28.43 55.10
C VAL B 892 -11.89 -27.83 53.71
N LEU B 893 -11.72 -26.52 53.60
CA LEU B 893 -11.88 -25.78 52.36
C LEU B 893 -10.58 -25.10 52.03
N GLU B 894 -10.14 -25.24 50.79
CA GLU B 894 -8.97 -24.56 50.28
C GLU B 894 -9.42 -23.33 49.50
N VAL B 895 -8.61 -22.27 49.58
CA VAL B 895 -8.97 -20.98 49.01
C VAL B 895 -7.76 -20.50 48.21
N ARG B 896 -7.73 -20.80 46.92
CA ARG B 896 -6.61 -20.44 46.07
C ARG B 896 -6.83 -19.02 45.56
N ALA B 897 -6.38 -18.05 46.35
CA ALA B 897 -6.63 -16.65 46.07
C ALA B 897 -5.36 -15.97 45.61
N PRO B 898 -5.23 -15.58 44.34
CA PRO B 898 -4.08 -14.79 43.92
C PRO B 898 -4.08 -13.42 44.56
N LEU B 899 -2.88 -12.91 44.82
CA LEU B 899 -2.69 -11.65 45.52
C LEU B 899 -3.18 -10.46 44.69
N ASP B 900 -3.30 -9.31 45.36
CA ASP B 900 -3.86 -8.13 44.74
C ASP B 900 -2.94 -7.55 43.68
N HIS B 901 -3.47 -6.58 42.95
CA HIS B 901 -2.82 -6.10 41.73
C HIS B 901 -1.51 -5.39 42.00
N ALA B 902 -1.34 -4.83 43.20
CA ALA B 902 -0.08 -4.18 43.51
C ALA B 902 1.00 -5.19 43.87
N GLN B 903 0.62 -6.37 44.34
CA GLN B 903 1.59 -7.36 44.78
C GLN B 903 1.84 -8.48 43.77
N ARG B 904 0.95 -8.66 42.80
CA ARG B 904 1.22 -9.63 41.77
C ARG B 904 2.04 -9.03 40.62
N GLN B 905 2.69 -7.90 40.85
CA GLN B 905 3.62 -7.36 39.87
C GLN B 905 4.76 -8.33 39.59
N GLY B 906 5.58 -8.62 40.59
CA GLY B 906 6.54 -9.69 40.45
C GLY B 906 5.91 -11.00 40.86
N LEU B 907 6.28 -12.07 40.15
CA LEU B 907 5.67 -13.38 40.31
C LEU B 907 4.15 -13.29 40.17
N PRO B 908 3.64 -12.91 39.00
CA PRO B 908 2.19 -12.78 38.84
C PRO B 908 1.46 -14.10 38.89
N ASP B 909 2.08 -15.19 38.46
CA ASP B 909 1.42 -16.49 38.50
C ASP B 909 1.30 -17.04 39.91
N PHE B 910 1.53 -16.23 40.93
CA PHE B 910 1.42 -16.69 42.30
C PHE B 910 -0.02 -16.96 42.68
N ILE B 911 -0.23 -17.97 43.52
CA ILE B 911 -1.54 -18.32 44.05
C ILE B 911 -1.39 -18.71 45.51
N SER B 912 -2.09 -18.02 46.39
CA SER B 912 -1.91 -18.19 47.84
C SER B 912 -2.89 -19.22 48.37
N ARG B 913 -2.40 -20.39 48.75
CA ARG B 913 -3.29 -21.42 49.31
C ARG B 913 -3.71 -21.07 50.72
N GLN B 914 -4.95 -21.43 51.07
CA GLN B 914 -5.46 -21.30 52.42
C GLN B 914 -6.21 -22.56 52.76
N HIS B 915 -6.46 -22.78 54.03
CA HIS B 915 -7.04 -24.05 54.41
C HIS B 915 -8.09 -23.85 55.51
N VAL B 916 -9.04 -22.95 55.28
CA VAL B 916 -10.05 -22.67 56.30
C VAL B 916 -10.87 -23.92 56.55
N LEU B 917 -11.53 -23.97 57.69
CA LEU B 917 -12.27 -25.15 58.13
C LEU B 917 -13.75 -24.84 58.16
N TYR B 918 -14.47 -25.20 57.10
CA TYR B 918 -15.90 -24.96 57.09
C TYR B 918 -16.59 -25.89 58.08
N ASN B 919 -17.47 -25.33 58.88
CA ASN B 919 -18.28 -26.09 59.82
C ASN B 919 -17.42 -26.89 60.81
N GLY B 920 -16.58 -26.17 61.54
CA GLY B 920 -15.81 -26.77 62.61
C GLY B 920 -15.97 -25.95 63.86
N CYS B 921 -15.37 -26.44 64.94
CA CYS B 921 -15.28 -25.68 66.19
C CYS B 921 -13.83 -25.59 66.66
N CYS B 922 -13.47 -24.43 67.18
CA CYS B 922 -12.21 -24.28 67.92
C CYS B 922 -12.31 -25.11 69.19
N VAL B 923 -11.18 -25.43 69.79
CA VAL B 923 -11.14 -26.33 70.94
C VAL B 923 -10.09 -25.88 71.92
N VAL B 924 -10.50 -25.69 73.17
CA VAL B 924 -9.56 -25.56 74.27
C VAL B 924 -9.04 -26.93 74.70
N THR B 925 -9.93 -27.92 74.86
CA THR B 925 -9.51 -29.21 75.38
C THR B 925 -10.35 -30.35 74.82
N ALA B 926 -9.85 -31.57 75.00
CA ALA B 926 -10.53 -32.73 74.49
C ALA B 926 -11.87 -32.93 75.19
N PRO B 927 -12.96 -33.08 74.44
CA PRO B 927 -14.24 -33.36 75.09
C PRO B 927 -14.28 -34.78 75.66
N LYS B 928 -14.59 -34.88 76.95
CA LYS B 928 -14.52 -36.15 77.64
C LYS B 928 -15.63 -37.11 77.20
N THR B 929 -16.83 -36.59 77.00
CA THR B 929 -17.97 -37.44 76.67
C THR B 929 -18.21 -37.59 75.17
N LEU B 930 -17.84 -36.57 74.39
CA LEU B 930 -17.94 -36.64 72.95
C LEU B 930 -16.69 -37.22 72.31
N ILE B 931 -15.89 -37.95 73.09
CA ILE B 931 -14.63 -38.47 72.58
C ILE B 931 -14.88 -39.48 71.47
N GLU B 932 -15.99 -40.21 71.53
CA GLU B 932 -16.22 -41.26 70.55
C GLU B 932 -16.57 -40.70 69.19
N TYR B 933 -17.10 -39.47 69.13
CA TYR B 933 -17.53 -38.88 67.87
C TYR B 933 -16.64 -37.73 67.42
N SER B 934 -15.58 -37.42 68.15
CA SER B 934 -14.77 -36.26 67.80
C SER B 934 -13.85 -36.58 66.62
N LEU B 935 -13.33 -35.51 66.01
CA LEU B 935 -12.42 -35.63 64.88
C LEU B 935 -11.38 -34.52 64.96
N PRO B 936 -10.23 -34.81 65.54
CA PRO B 936 -9.16 -33.81 65.55
C PRO B 936 -8.68 -33.52 64.15
N VAL B 937 -8.64 -32.24 63.79
CA VAL B 937 -8.19 -31.86 62.47
C VAL B 937 -7.21 -30.71 62.62
N PRO B 938 -5.94 -30.99 62.91
CA PRO B 938 -4.93 -29.93 62.88
C PRO B 938 -4.66 -29.50 61.46
N PHE B 939 -4.86 -28.21 61.19
CA PHE B 939 -4.73 -27.72 59.84
C PHE B 939 -3.86 -26.48 59.71
N HIS B 940 -3.91 -25.61 60.71
CA HIS B 940 -3.33 -24.29 60.59
C HIS B 940 -1.98 -24.20 61.30
N ARG B 941 -1.33 -23.04 61.14
CA ARG B 941 -0.07 -22.80 61.83
C ARG B 941 -0.25 -22.85 63.34
N PHE B 942 -1.27 -22.15 63.85
CA PHE B 942 -1.85 -22.43 65.15
C PHE B 942 -2.92 -23.48 64.94
N TYR B 943 -3.77 -23.69 65.95
CA TYR B 943 -4.86 -24.65 65.82
C TYR B 943 -4.33 -26.03 65.45
N SER B 944 -3.13 -26.33 65.93
CA SER B 944 -2.45 -27.56 65.61
C SER B 944 -1.81 -28.10 66.87
N ASN B 945 -2.58 -28.17 67.95
CA ASN B 945 -2.03 -28.51 69.24
C ASN B 945 -1.88 -30.01 69.34
N PRO B 946 -0.67 -30.53 69.57
CA PRO B 946 -0.55 -31.98 69.70
C PRO B 946 -1.21 -32.51 70.95
N THR B 947 -1.38 -31.68 71.99
CA THR B 947 -1.96 -32.20 73.23
C THR B 947 -3.46 -32.38 73.11
N ILE B 948 -4.13 -31.54 72.31
CA ILE B 948 -5.53 -31.81 71.98
C ILE B 948 -5.64 -32.98 71.02
N CYS B 949 -4.92 -32.93 69.90
CA CYS B 949 -5.10 -33.86 68.81
C CYS B 949 -4.60 -35.24 69.18
N ALA B 950 -3.68 -35.32 70.13
CA ALA B 950 -3.18 -36.59 70.60
C ALA B 950 -4.19 -37.31 71.47
N ALA B 951 -5.06 -36.55 72.15
CA ALA B 951 -6.03 -37.17 73.04
C ALA B 951 -7.16 -37.84 72.29
N LEU B 952 -7.34 -37.50 71.02
CA LEU B 952 -8.52 -37.92 70.27
C LEU B 952 -8.24 -39.00 69.25
N SER B 953 -6.98 -39.41 69.08
CA SER B 953 -6.69 -40.43 68.10
C SER B 953 -5.44 -41.18 68.54
N ASP B 954 -5.46 -42.50 68.37
CA ASP B 954 -4.24 -43.25 68.60
C ASP B 954 -3.26 -43.08 67.45
N ASP B 955 -3.76 -42.80 66.25
CA ASP B 955 -2.85 -42.60 65.13
C ASP B 955 -1.92 -41.43 65.38
N ILE B 956 -2.41 -40.36 66.00
CA ILE B 956 -1.52 -39.26 66.36
C ILE B 956 -0.83 -39.51 67.70
N LYS B 957 -1.47 -40.23 68.61
CA LYS B 957 -0.83 -40.49 69.89
C LYS B 957 0.43 -41.31 69.73
N ARG B 958 0.37 -42.40 68.96
CA ARG B 958 1.56 -43.19 68.69
C ARG B 958 2.60 -42.35 67.98
N TYR B 959 2.17 -41.47 67.10
CA TYR B 959 3.10 -40.69 66.29
C TYR B 959 3.83 -39.66 67.12
N VAL B 960 3.20 -39.16 68.18
CA VAL B 960 3.89 -38.24 69.08
C VAL B 960 4.73 -39.00 70.10
N THR B 961 4.22 -40.12 70.61
CA THR B 961 5.02 -40.88 71.57
C THR B 961 6.26 -41.45 70.93
N GLU B 962 6.26 -41.66 69.61
CA GLU B 962 7.51 -42.05 68.97
C GLU B 962 8.43 -40.86 68.79
N PHE B 963 7.86 -39.67 68.59
CA PHE B 963 8.64 -38.45 68.40
C PHE B 963 8.18 -37.44 69.43
N PRO B 964 8.68 -37.53 70.66
CA PRO B 964 8.24 -36.58 71.68
C PRO B 964 8.55 -35.16 71.33
N HIS B 965 9.59 -34.91 70.53
CA HIS B 965 9.97 -33.54 70.22
C HIS B 965 8.92 -32.82 69.40
N TYR B 966 7.88 -33.51 68.98
CA TYR B 966 6.79 -32.90 68.26
C TYR B 966 5.71 -32.36 69.17
N HIS B 967 5.88 -32.49 70.49
CA HIS B 967 4.97 -31.80 71.37
C HIS B 967 5.12 -30.28 71.31
N ARG B 968 6.05 -29.78 70.53
CA ARG B 968 6.18 -28.34 70.36
C ARG B 968 4.89 -27.74 69.85
N HIS B 969 4.45 -26.69 70.52
CA HIS B 969 3.44 -25.79 70.01
C HIS B 969 4.05 -24.59 69.29
N ASP B 970 5.35 -24.37 69.46
CA ASP B 970 6.03 -23.26 68.83
C ASP B 970 6.05 -23.40 67.31
N GLY B 971 6.92 -24.28 66.83
CA GLY B 971 6.85 -24.69 65.45
C GLY B 971 6.04 -25.95 65.34
N GLY B 972 4.98 -25.91 64.54
CA GLY B 972 4.02 -26.98 64.58
C GLY B 972 4.65 -28.33 64.32
N PHE B 973 4.08 -29.34 64.93
CA PHE B 973 4.37 -30.69 64.52
C PHE B 973 3.72 -30.90 63.15
N PRO B 974 4.39 -31.58 62.23
CA PRO B 974 4.03 -31.42 60.81
C PRO B 974 2.58 -31.77 60.53
N LEU B 975 1.90 -30.83 59.89
CA LEU B 975 0.56 -31.03 59.40
C LEU B 975 0.60 -31.95 58.19
N PRO B 976 -0.52 -32.54 57.80
CA PRO B 976 -0.51 -33.48 56.67
C PRO B 976 0.03 -32.82 55.41
N THR B 977 0.51 -33.65 54.49
CA THR B 977 1.02 -33.13 53.24
C THR B 977 -0.03 -32.32 52.49
N ALA B 978 -1.30 -32.52 52.83
CA ALA B 978 -2.34 -31.69 52.21
C ALA B 978 -2.23 -30.25 52.67
N PHE B 979 -2.07 -30.02 53.97
CA PHE B 979 -2.06 -28.69 54.54
C PHE B 979 -0.68 -28.15 54.79
N ALA B 980 0.36 -28.94 54.56
CA ALA B 980 1.73 -28.50 54.81
C ALA B 980 2.32 -27.87 53.54
N HIS B 981 1.85 -26.65 53.28
CA HIS B 981 2.39 -25.82 52.20
C HIS B 981 2.79 -24.50 52.84
N GLU B 982 4.01 -24.45 53.37
CA GLU B 982 4.39 -23.34 54.23
C GLU B 982 4.57 -22.05 53.46
N TYR B 983 5.13 -22.13 52.25
CA TYR B 983 5.48 -20.92 51.53
C TYR B 983 4.26 -20.20 50.98
N HIS B 984 3.28 -20.95 50.48
CA HIS B 984 2.16 -20.31 49.82
C HIS B 984 1.14 -19.76 50.80
N ASN B 985 1.18 -20.16 52.06
CA ASN B 985 0.29 -19.59 53.06
C ASN B 985 0.63 -18.11 53.29
N TRP B 986 -0.34 -17.36 53.80
CA TRP B 986 -0.11 -15.95 54.08
C TRP B 986 0.73 -15.74 55.34
N LEU B 987 0.60 -16.63 56.32
CA LEU B 987 1.26 -16.47 57.61
C LEU B 987 2.30 -17.57 57.75
N ARG B 988 3.57 -17.21 57.62
CA ARG B 988 4.62 -18.20 57.70
C ARG B 988 5.12 -18.32 59.13
N SER B 989 6.23 -19.03 59.32
CA SER B 989 6.63 -19.50 60.65
C SER B 989 6.77 -18.40 61.69
N PRO B 990 7.32 -17.22 61.40
CA PRO B 990 7.49 -16.23 62.47
C PRO B 990 6.22 -15.94 63.24
N PHE B 991 5.04 -16.11 62.64
CA PHE B 991 3.82 -15.91 63.40
C PHE B 991 3.65 -16.95 64.51
N SER B 992 3.88 -18.22 64.21
CA SER B 992 3.77 -19.22 65.26
C SER B 992 4.90 -19.07 66.26
N ARG B 993 6.08 -18.69 65.80
CA ARG B 993 7.17 -18.46 66.73
C ARG B 993 6.84 -17.33 67.70
N TYR B 994 6.16 -16.30 67.21
CA TYR B 994 5.92 -15.13 68.03
C TYR B 994 4.72 -15.29 68.95
N SER B 995 3.67 -15.97 68.50
CA SER B 995 2.56 -16.23 69.39
C SER B 995 2.92 -17.22 70.47
N ALA B 996 3.92 -18.07 70.21
CA ALA B 996 4.24 -19.16 71.13
C ALA B 996 4.80 -18.66 72.45
N THR B 997 5.45 -17.51 72.46
CA THR B 997 6.01 -16.96 73.69
C THR B 997 5.42 -15.62 74.07
N CYS B 998 4.52 -15.06 73.27
CA CYS B 998 4.02 -13.73 73.56
C CYS B 998 3.22 -13.74 74.88
N PRO B 999 3.44 -12.77 75.75
CA PRO B 999 2.63 -12.68 76.96
C PRO B 999 1.20 -12.28 76.64
N ASN B 1000 0.25 -12.89 77.36
CA ASN B 1000 -1.17 -12.73 77.08
C ASN B 1000 -1.64 -11.35 77.57
N VAL B 1001 -1.17 -10.33 76.87
CA VAL B 1001 -1.46 -8.93 77.20
C VAL B 1001 -2.00 -8.27 75.95
N LEU B 1002 -2.87 -7.27 76.13
CA LEU B 1002 -3.58 -6.70 75.00
C LEU B 1002 -2.63 -6.15 73.95
N HIS B 1003 -1.55 -5.50 74.37
CA HIS B 1003 -0.60 -4.97 73.40
C HIS B 1003 0.03 -6.08 72.57
N SER B 1004 0.25 -7.25 73.17
CA SER B 1004 0.74 -8.40 72.43
C SER B 1004 -0.31 -8.98 71.51
N VAL B 1005 -1.56 -8.56 71.63
CA VAL B 1005 -2.55 -8.86 70.59
C VAL B 1005 -2.51 -7.80 69.52
N MET B 1006 -2.33 -6.54 69.92
CA MET B 1006 -2.17 -5.45 68.97
C MET B 1006 -1.02 -5.74 68.02
N THR B 1007 0.07 -6.29 68.53
CA THR B 1007 1.26 -6.46 67.71
C THR B 1007 1.08 -7.46 66.60
N LEU B 1008 0.17 -8.42 66.72
CA LEU B 1008 -0.03 -9.32 65.59
C LEU B 1008 -0.62 -8.59 64.40
N ALA B 1009 -1.59 -7.72 64.64
CA ALA B 1009 -2.19 -6.98 63.54
C ALA B 1009 -1.16 -6.08 62.86
N ALA B 1010 -0.28 -5.47 63.65
CA ALA B 1010 0.80 -4.68 63.05
C ALA B 1010 1.90 -5.56 62.49
N MET B 1011 1.94 -6.83 62.86
CA MET B 1011 2.74 -7.80 62.13
C MET B 1011 2.07 -8.17 60.82
N LEU B 1012 0.80 -7.81 60.63
CA LEU B 1012 0.06 -8.16 59.43
C LEU B 1012 0.04 -7.09 58.34
N TYR B 1013 0.80 -6.02 58.46
CA TYR B 1013 0.84 -5.01 57.41
C TYR B 1013 1.51 -5.56 56.16
N LYS B 1014 0.91 -5.30 55.00
CA LYS B 1014 1.41 -5.88 53.75
C LYS B 1014 2.63 -5.12 53.26
N ILE B 1015 3.48 -5.82 52.50
CA ILE B 1015 4.65 -5.19 51.89
C ILE B 1015 4.38 -4.86 50.42
N SER B 1016 3.12 -4.62 50.09
CA SER B 1016 2.79 -4.06 48.80
C SER B 1016 3.48 -2.70 48.63
N PRO B 1017 3.84 -2.30 47.41
CA PRO B 1017 4.39 -0.96 47.23
C PRO B 1017 3.43 0.15 47.56
N VAL B 1018 2.12 -0.01 47.31
CA VAL B 1018 1.21 1.03 47.76
C VAL B 1018 1.02 0.93 49.27
N SER B 1019 1.22 -0.26 49.83
CA SER B 1019 1.28 -0.35 51.28
C SER B 1019 2.42 0.49 51.83
N LEU B 1020 3.58 0.44 51.19
CA LEU B 1020 4.72 1.21 51.66
C LEU B 1020 4.52 2.69 51.46
N VAL B 1021 3.99 3.08 50.30
CA VAL B 1021 3.73 4.49 50.04
C VAL B 1021 2.73 5.03 51.04
N LEU B 1022 1.76 4.21 51.41
CA LEU B 1022 0.74 4.67 52.35
C LEU B 1022 1.28 4.70 53.77
N GLN B 1023 2.10 3.72 54.12
CA GLN B 1023 2.60 3.61 55.48
C GLN B 1023 3.65 4.67 55.77
N THR B 1024 4.38 5.10 54.75
CA THR B 1024 5.41 6.11 54.95
C THR B 1024 4.82 7.49 55.19
N LYS B 1025 3.68 7.79 54.56
CA LYS B 1025 3.04 9.09 54.77
C LYS B 1025 2.69 9.29 56.23
N ALA B 1026 2.34 8.21 56.94
CA ALA B 1026 2.02 8.33 58.36
C ALA B 1026 3.26 8.46 59.22
N HIS B 1027 4.44 8.25 58.67
CA HIS B 1027 5.71 8.21 59.38
C HIS B 1027 5.81 7.01 60.31
N ILE B 1028 5.03 5.97 60.06
CA ILE B 1028 5.27 4.67 60.65
C ILE B 1028 6.52 4.07 60.03
N HIS B 1029 7.19 3.20 60.76
CA HIS B 1029 8.44 2.63 60.29
C HIS B 1029 8.21 1.23 59.75
N PRO B 1030 8.32 1.00 58.45
CA PRO B 1030 8.29 -0.36 57.92
C PRO B 1030 9.56 -1.11 58.33
N GLY B 1031 9.57 -2.41 58.07
CA GLY B 1031 10.55 -3.29 58.68
C GLY B 1031 12.00 -2.94 58.38
N PHE B 1032 12.29 -2.52 57.16
CA PHE B 1032 13.68 -2.38 56.73
C PHE B 1032 14.25 -1.01 57.07
N ALA B 1033 15.58 -0.91 57.03
CA ALA B 1033 16.32 0.33 57.16
C ALA B 1033 17.04 0.65 55.85
N LEU B 1034 17.59 1.85 55.77
CA LEU B 1034 18.32 2.31 54.59
C LEU B 1034 19.76 2.64 54.97
N THR B 1035 20.67 2.53 54.00
CA THR B 1035 22.09 2.86 54.22
C THR B 1035 22.68 3.69 53.09
N ALA B 1036 22.04 4.81 52.79
CA ALA B 1036 22.39 5.61 51.62
C ALA B 1036 23.88 5.90 51.52
N VAL B 1037 24.42 5.70 50.34
CA VAL B 1037 25.79 6.07 50.02
C VAL B 1037 25.75 7.26 49.08
N ARG B 1038 26.79 8.07 49.11
CA ARG B 1038 26.73 9.37 48.44
C ARG B 1038 28.14 9.85 48.14
N THR B 1039 28.48 9.97 46.87
CA THR B 1039 29.79 10.50 46.52
C THR B 1039 29.76 12.03 46.53
N ASP B 1040 30.88 12.62 46.93
CA ASP B 1040 31.02 14.06 47.02
C ASP B 1040 32.32 14.50 46.36
N THR B 1041 32.25 15.56 45.55
CA THR B 1041 33.37 15.98 44.74
C THR B 1041 34.04 17.22 45.32
N PHE B 1042 35.35 17.14 45.53
CA PHE B 1042 36.13 18.26 46.07
C PHE B 1042 37.08 18.73 44.98
N GLU B 1043 36.93 19.97 44.55
CA GLU B 1043 37.97 20.61 43.77
C GLU B 1043 39.20 20.79 44.64
N VAL B 1044 40.38 20.58 44.07
CA VAL B 1044 41.58 20.48 44.89
C VAL B 1044 42.82 20.79 44.05
N ASP B 1045 43.79 21.44 44.68
CA ASP B 1045 45.12 21.57 44.13
C ASP B 1045 45.94 20.35 44.49
N MET B 1046 47.02 20.15 43.76
CA MET B 1046 47.77 18.92 43.84
C MET B 1046 49.20 19.17 43.36
N LEU B 1047 50.18 18.73 44.14
CA LEU B 1047 51.57 19.08 43.89
C LEU B 1047 52.32 17.84 43.45
N LEU B 1048 52.87 17.89 42.25
CA LEU B 1048 53.64 16.80 41.66
C LEU B 1048 55.11 16.97 41.97
N TYR B 1049 55.85 15.86 41.96
CA TYR B 1049 57.31 15.88 42.02
C TYR B 1049 57.83 14.85 41.05
N SER B 1050 58.93 15.17 40.37
CA SER B 1050 59.55 14.20 39.48
C SER B 1050 61.05 14.42 39.44
N GLY B 1051 61.79 13.34 39.27
CA GLY B 1051 63.23 13.40 39.35
C GLY B 1051 63.86 13.98 38.12
N LYS B 1052 65.13 14.35 38.24
CA LYS B 1052 65.83 14.94 37.11
C LYS B 1052 66.09 13.87 36.06
N SER B 1053 65.74 14.19 34.82
CA SER B 1053 65.86 13.26 33.70
C SER B 1053 65.19 11.93 34.03
N CYS B 1054 64.00 12.01 34.62
CA CYS B 1054 63.24 10.80 34.87
C CYS B 1054 62.77 10.16 33.58
N THR B 1055 62.57 10.94 32.53
CA THR B 1055 61.98 10.43 31.31
C THR B 1055 62.45 11.25 30.13
N SER B 1056 62.57 10.61 28.98
CA SER B 1056 62.86 11.30 27.74
C SER B 1056 61.59 11.50 26.94
N VAL B 1057 61.60 12.55 26.12
CA VAL B 1057 60.52 12.81 25.18
C VAL B 1057 61.14 13.01 23.81
N ILE B 1058 61.25 11.95 23.02
CA ILE B 1058 61.72 12.11 21.66
C ILE B 1058 60.60 12.67 20.81
N ILE B 1059 60.95 13.63 19.95
CA ILE B 1059 59.98 14.44 19.22
C ILE B 1059 60.45 14.58 17.78
N ASN B 1060 59.52 14.76 16.87
CA ASN B 1060 59.87 15.07 15.49
C ASN B 1060 59.51 16.52 15.15
N ASN B 1061 59.91 16.95 13.97
CA ASN B 1061 59.52 18.27 13.50
C ASN B 1061 58.01 18.33 13.29
N PRO B 1062 57.36 19.42 13.69
CA PRO B 1062 55.93 19.55 13.45
C PRO B 1062 55.63 19.61 11.96
N ILE B 1063 54.38 19.29 11.61
CA ILE B 1063 53.97 19.19 10.22
C ILE B 1063 52.59 19.80 10.08
N VAL B 1064 52.26 20.23 8.86
CA VAL B 1064 51.03 20.99 8.61
C VAL B 1064 50.19 20.26 7.57
N THR B 1065 49.12 19.62 8.01
CA THR B 1065 48.07 19.18 7.12
C THR B 1065 47.06 20.29 6.88
N LYS B 1066 46.37 20.19 5.74
CA LYS B 1066 45.49 21.24 5.27
C LYS B 1066 44.07 20.69 5.09
N GLU B 1067 43.08 21.47 5.49
CA GLU B 1067 41.70 21.10 5.28
C GLU B 1067 40.97 22.32 4.77
N GLU B 1068 39.81 22.08 4.15
CA GLU B 1068 39.10 23.16 3.49
C GLU B 1068 37.61 23.03 3.78
N ARG B 1069 37.05 24.02 4.46
CA ARG B 1069 35.62 24.12 4.64
C ARG B 1069 34.97 25.06 3.66
N ASP B 1070 35.76 25.61 2.74
CA ASP B 1070 35.28 26.44 1.63
C ASP B 1070 34.77 27.81 2.08
N ILE B 1071 34.49 27.98 3.37
CA ILE B 1071 34.34 29.33 3.89
C ILE B 1071 35.66 29.78 4.52
N SER B 1072 36.45 28.82 4.99
CA SER B 1072 37.76 29.08 5.55
C SER B 1072 38.51 27.77 5.63
N THR B 1073 39.80 27.82 5.35
CA THR B 1073 40.64 26.63 5.26
C THR B 1073 41.37 26.44 6.59
N THR B 1074 40.85 25.57 7.44
CA THR B 1074 41.57 25.26 8.66
C THR B 1074 42.88 24.58 8.33
N TYR B 1075 43.87 24.72 9.19
CA TYR B 1075 45.10 23.96 9.06
C TYR B 1075 45.31 23.18 10.35
N HIS B 1076 46.20 22.21 10.29
CA HIS B 1076 46.51 21.42 11.47
C HIS B 1076 48.02 21.26 11.54
N VAL B 1077 48.55 21.46 12.74
CA VAL B 1077 50.01 21.42 12.90
C VAL B 1077 50.31 20.38 13.96
N THR B 1078 50.46 19.15 13.51
CA THR B 1078 50.60 18.04 14.42
C THR B 1078 52.06 17.87 14.80
N GLN B 1079 52.34 16.86 15.60
CA GLN B 1079 53.68 16.56 16.06
C GLN B 1079 53.60 15.26 16.83
N ASN B 1080 54.61 14.40 16.68
CA ASN B 1080 54.64 13.11 17.33
C ASN B 1080 55.60 13.18 18.49
N ILE B 1081 55.24 12.57 19.60
CA ILE B 1081 56.12 12.53 20.76
C ILE B 1081 56.07 11.13 21.36
N ASN B 1082 57.24 10.65 21.78
CA ASN B 1082 57.35 9.35 22.42
C ASN B 1082 58.02 9.50 23.77
N THR B 1083 57.51 8.82 24.77
CA THR B 1083 57.97 8.94 26.15
C THR B 1083 58.53 7.60 26.63
N VAL B 1084 59.82 7.39 26.43
CA VAL B 1084 60.49 6.29 27.12
C VAL B 1084 60.70 6.67 28.57
N ASP B 1085 60.58 5.70 29.47
CA ASP B 1085 60.91 5.95 30.86
C ASP B 1085 62.41 5.80 31.06
N MET B 1086 62.91 6.40 32.12
CA MET B 1086 64.30 6.27 32.46
C MET B 1086 64.44 5.98 33.95
N GLY B 1087 63.63 5.05 34.43
CA GLY B 1087 63.69 4.66 35.81
C GLY B 1087 63.03 3.31 36.01
N LEU B 1088 63.64 2.48 36.83
CA LEU B 1088 63.08 1.16 37.13
C LEU B 1088 61.92 1.31 38.10
N GLY B 1089 62.17 1.89 39.27
CA GLY B 1089 61.11 2.21 40.20
C GLY B 1089 60.36 3.47 39.78
N TYR B 1090 59.41 3.87 40.61
CA TYR B 1090 58.71 5.13 40.37
C TYR B 1090 59.65 6.30 40.62
N THR B 1091 59.91 7.11 39.57
CA THR B 1091 60.75 8.29 39.73
C THR B 1091 59.96 9.53 40.08
N SER B 1092 58.66 9.42 40.33
CA SER B 1092 57.85 10.58 40.62
C SER B 1092 56.81 10.24 41.66
N ASN B 1093 56.18 11.27 42.22
CA ASN B 1093 55.01 11.05 43.07
C ASN B 1093 54.20 12.33 43.14
N THR B 1094 53.08 12.26 43.84
CA THR B 1094 52.17 13.38 43.92
C THR B 1094 51.56 13.41 45.29
N CYS B 1095 51.19 14.59 45.77
CA CYS B 1095 50.37 14.65 46.96
C CYS B 1095 49.29 15.69 46.77
N VAL B 1096 48.09 15.37 47.24
CA VAL B 1096 46.98 16.31 47.21
C VAL B 1096 47.14 17.28 48.36
N ALA B 1097 47.38 18.55 48.05
CA ALA B 1097 47.85 19.48 49.06
C ALA B 1097 46.67 20.24 49.61
N TYR B 1098 45.91 20.97 48.81
CA TYR B 1098 44.97 21.96 49.35
C TYR B 1098 43.61 21.83 48.69
N VAL B 1099 42.57 21.66 49.51
CA VAL B 1099 41.18 21.66 49.05
C VAL B 1099 40.68 23.09 49.11
N ASN B 1100 40.21 23.60 47.97
CA ASN B 1100 39.60 24.92 47.98
C ASN B 1100 38.13 24.85 48.38
N ARG B 1101 37.37 23.97 47.77
CA ARG B 1101 35.92 24.10 47.81
C ARG B 1101 35.27 22.74 47.60
N VAL B 1102 33.96 22.69 47.88
CA VAL B 1102 33.14 21.51 47.63
C VAL B 1102 32.15 21.84 46.53
N ARG B 1103 32.25 21.13 45.42
CA ARG B 1103 31.28 21.31 44.34
C ARG B 1103 29.94 20.70 44.72
N THR B 1104 29.95 19.51 45.32
CA THR B 1104 28.74 18.77 45.59
C THR B 1104 27.89 19.44 46.65
N ASP B 1105 26.58 19.24 46.57
CA ASP B 1105 25.65 19.85 47.50
C ASP B 1105 25.82 19.32 48.91
N MET B 1106 26.18 18.05 49.07
CA MET B 1106 26.23 17.36 50.36
C MET B 1106 24.85 17.25 51.02
N GLY B 1107 23.79 17.36 50.23
CA GLY B 1107 22.43 17.18 50.73
C GLY B 1107 22.03 15.73 50.70
N VAL B 1108 20.71 15.48 50.74
CA VAL B 1108 20.26 14.10 50.69
C VAL B 1108 19.63 13.78 49.34
N ARG B 1109 18.38 14.19 49.11
CA ARG B 1109 17.78 14.13 47.79
C ARG B 1109 17.99 12.81 47.08
N VAL B 1110 17.48 11.69 47.60
CA VAL B 1110 17.87 10.38 47.11
C VAL B 1110 17.48 10.23 45.64
N GLN B 1111 18.26 9.43 44.93
CA GLN B 1111 18.13 9.33 43.48
C GLN B 1111 16.79 8.73 43.08
N ASP B 1112 16.16 9.34 42.08
CA ASP B 1112 14.86 8.88 41.57
C ASP B 1112 15.08 7.73 40.60
N LEU B 1113 14.80 6.50 41.03
CA LEU B 1113 14.92 5.39 40.11
C LEU B 1113 13.94 5.50 38.95
N PHE B 1114 12.88 6.29 39.11
CA PHE B 1114 11.91 6.46 38.03
C PHE B 1114 12.56 7.08 36.80
N ARG B 1115 13.66 7.80 36.96
CA ARG B 1115 14.41 8.29 35.82
C ARG B 1115 15.62 7.43 35.49
N VAL B 1116 16.13 6.63 36.42
CA VAL B 1116 17.21 5.72 36.09
C VAL B 1116 16.70 4.56 35.25
N PHE B 1117 15.51 4.05 35.55
CA PHE B 1117 14.90 2.95 34.80
C PHE B 1117 13.58 3.44 34.23
N PRO B 1118 13.61 4.33 33.25
CA PRO B 1118 12.37 4.92 32.76
C PRO B 1118 11.43 3.91 32.14
N MET B 1119 11.94 2.78 31.69
CA MET B 1119 11.08 1.84 30.97
C MET B 1119 10.15 1.08 31.89
N ASN B 1120 10.59 0.75 33.10
CA ASN B 1120 9.77 -0.09 33.97
C ASN B 1120 8.49 0.61 34.36
N VAL B 1121 7.38 -0.13 34.31
CA VAL B 1121 6.10 0.36 34.77
C VAL B 1121 5.31 -0.83 35.30
N TYR B 1122 4.39 -0.55 36.21
CA TYR B 1122 3.58 -1.60 36.79
C TYR B 1122 2.67 -2.21 35.74
N ARG B 1123 2.43 -3.50 35.85
CA ARG B 1123 1.60 -4.17 34.87
C ARG B 1123 0.17 -3.64 34.90
N HIS B 1124 -0.38 -3.44 36.08
CA HIS B 1124 -1.70 -2.85 36.20
C HIS B 1124 -1.64 -1.37 35.86
N ASP B 1125 -2.73 -0.83 35.32
CA ASP B 1125 -2.71 0.55 34.88
C ASP B 1125 -3.04 1.52 36.00
N GLU B 1126 -4.18 1.33 36.66
CA GLU B 1126 -4.60 2.23 37.71
C GLU B 1126 -3.58 2.33 38.83
N VAL B 1127 -2.92 1.21 39.13
CA VAL B 1127 -1.95 1.21 40.22
C VAL B 1127 -0.76 2.07 39.87
N ASP B 1128 -0.29 2.00 38.63
CA ASP B 1128 0.78 2.91 38.24
C ASP B 1128 0.29 4.35 38.20
N ARG B 1129 -0.97 4.58 37.81
CA ARG B 1129 -1.49 5.93 37.87
C ARG B 1129 -1.35 6.49 39.27
N TRP B 1130 -1.71 5.68 40.27
CA TRP B 1130 -1.68 6.14 41.65
C TRP B 1130 -0.27 6.22 42.20
N ILE B 1131 0.63 5.36 41.74
CA ILE B 1131 2.00 5.37 42.26
C ILE B 1131 2.78 6.54 41.69
N ARG B 1132 2.62 6.81 40.40
CA ARG B 1132 3.26 7.97 39.81
C ARG B 1132 2.81 9.25 40.51
N HIS B 1133 1.53 9.32 40.86
CA HIS B 1133 1.04 10.48 41.58
C HIS B 1133 1.68 10.60 42.96
N ALA B 1134 1.96 9.47 43.62
CA ALA B 1134 2.43 9.51 45.00
C ALA B 1134 3.94 9.70 45.09
N ALA B 1135 4.70 8.92 44.35
CA ALA B 1135 6.14 9.09 44.33
C ALA B 1135 6.57 10.40 43.71
N GLY B 1136 5.69 11.06 42.95
CA GLY B 1136 5.95 12.37 42.42
C GLY B 1136 6.47 12.44 40.99
N VAL B 1137 6.55 11.32 40.29
CA VAL B 1137 7.01 11.27 38.91
C VAL B 1137 5.82 10.92 38.05
N GLU B 1138 5.70 11.55 36.88
CA GLU B 1138 4.59 11.19 36.00
C GLU B 1138 4.89 11.43 34.52
N ARG B 1159 15.46 17.78 33.17
CA ARG B 1159 15.50 19.22 33.35
C ARG B 1159 16.01 19.57 34.74
N ASN B 1160 16.92 20.52 34.81
CA ASN B 1160 17.53 20.92 36.07
C ASN B 1160 16.65 21.91 36.83
N ALA B 1161 16.94 22.03 38.12
CA ALA B 1161 16.18 22.94 38.98
C ALA B 1161 16.24 24.36 38.44
N ALA B 1162 15.24 25.17 38.80
CA ALA B 1162 15.21 26.54 38.32
C ALA B 1162 16.37 27.36 38.85
N ALA B 1163 16.81 27.11 40.08
CA ALA B 1163 17.88 27.90 40.69
C ALA B 1163 18.58 27.03 41.74
N THR B 1164 19.86 26.77 41.54
CA THR B 1164 20.64 25.96 42.47
C THR B 1164 21.68 26.84 43.15
N VAL B 1165 21.60 26.89 44.48
CA VAL B 1165 22.55 27.66 45.29
C VAL B 1165 23.66 26.78 45.87
N HIS B 1166 23.49 25.45 45.86
CA HIS B 1166 24.52 24.56 46.36
C HIS B 1166 25.23 23.76 45.27
N GLY B 1167 24.66 23.62 44.08
CA GLY B 1167 25.33 22.89 43.03
C GLY B 1167 24.89 21.44 42.91
N GLN B 1168 25.78 20.63 42.33
CA GLN B 1168 25.44 19.25 42.05
C GLN B 1168 25.00 18.53 43.32
N LYS B 1169 24.07 17.60 43.17
CA LYS B 1169 23.49 16.86 44.28
C LYS B 1169 23.37 15.38 43.94
N ALA B 1170 23.64 14.49 44.89
CA ALA B 1170 23.39 13.07 44.70
C ALA B 1170 23.18 12.35 46.03
N ALA B 1171 22.43 11.25 45.99
CA ALA B 1171 22.47 10.21 47.02
C ALA B 1171 22.04 8.90 46.38
N CYS B 1172 22.19 7.81 47.14
CA CYS B 1172 21.92 6.47 46.65
C CYS B 1172 21.11 5.78 47.73
N GLU B 1173 20.93 4.46 47.61
CA GLU B 1173 19.85 3.84 48.37
C GLU B 1173 20.02 2.33 48.44
N LEU B 1174 20.19 1.79 49.65
CA LEU B 1174 20.42 0.36 49.87
C LEU B 1174 19.48 -0.09 50.97
N ILE B 1175 18.45 -0.87 50.60
CA ILE B 1175 17.59 -1.47 51.62
C ILE B 1175 18.39 -2.46 52.44
N LEU B 1176 18.26 -2.38 53.76
CA LEU B 1176 19.16 -3.04 54.70
C LEU B 1176 18.38 -3.55 55.90
N THR B 1177 18.92 -4.54 56.52
CA THR B 1177 18.20 -5.06 57.67
C THR B 1177 18.32 -4.07 58.82
N PRO B 1178 17.30 -3.94 59.66
CA PRO B 1178 17.45 -3.03 60.80
C PRO B 1178 18.43 -3.54 61.84
N VAL B 1179 18.53 -4.85 62.03
CA VAL B 1179 19.40 -5.40 63.07
C VAL B 1179 20.87 -5.32 62.73
N THR B 1180 21.23 -4.66 61.63
CA THR B 1180 22.64 -4.45 61.31
C THR B 1180 23.37 -3.83 62.49
N MET B 1181 24.51 -4.40 62.85
CA MET B 1181 25.38 -3.72 63.80
C MET B 1181 25.93 -2.47 63.14
N ASP B 1182 25.94 -1.38 63.88
CA ASP B 1182 26.64 -0.20 63.40
C ASP B 1182 28.02 -0.03 63.99
N VAL B 1183 28.22 -0.42 65.25
CA VAL B 1183 29.50 -0.21 65.91
C VAL B 1183 30.62 -0.87 65.14
N ASN B 1184 30.38 -2.08 64.65
CA ASN B 1184 31.36 -2.75 63.81
C ASN B 1184 31.29 -2.27 62.38
N TYR B 1185 30.24 -1.55 61.99
CA TYR B 1185 30.05 -1.27 60.58
C TYR B 1185 29.91 0.18 60.18
N PHE B 1186 29.31 1.03 61.00
CA PHE B 1186 29.09 2.40 60.56
C PHE B 1186 30.01 3.41 61.19
N LYS B 1187 30.63 3.10 62.33
CA LYS B 1187 31.53 4.05 62.97
C LYS B 1187 32.86 4.15 62.25
N ILE B 1188 33.27 3.12 61.52
CA ILE B 1188 34.58 3.10 60.87
C ILE B 1188 34.35 2.98 59.37
N PRO B 1189 35.34 3.37 58.55
CA PRO B 1189 35.19 3.19 57.10
C PRO B 1189 35.04 1.72 56.75
N ASN B 1190 34.12 1.44 55.83
CA ASN B 1190 33.73 0.06 55.59
C ASN B 1190 32.99 -0.03 54.26
N ASN B 1191 32.70 -1.26 53.85
CA ASN B 1191 32.06 -1.49 52.57
C ASN B 1191 30.55 -1.35 52.66
N PRO B 1192 29.93 -0.49 51.84
CA PRO B 1192 28.46 -0.42 51.83
C PRO B 1192 27.79 -1.69 51.34
N ARG B 1193 28.50 -2.57 50.64
CA ARG B 1193 27.92 -3.82 50.17
C ARG B 1193 27.53 -4.76 51.30
N GLY B 1194 28.18 -4.64 52.44
CA GLY B 1194 27.99 -5.55 53.55
C GLY B 1194 28.99 -6.69 53.64
N ARG B 1195 29.98 -6.74 52.77
CA ARG B 1195 31.01 -7.76 52.82
C ARG B 1195 32.22 -7.29 52.03
N ALA B 1196 33.37 -7.25 52.70
CA ALA B 1196 34.54 -6.59 52.11
C ALA B 1196 35.03 -7.33 50.88
N SER B 1197 35.54 -6.56 49.91
CA SER B 1197 35.98 -7.08 48.63
C SER B 1197 37.27 -6.40 48.17
N CYS B 1198 38.21 -6.19 49.09
CA CYS B 1198 39.45 -5.50 48.76
C CYS B 1198 40.36 -6.48 48.04
N MET B 1199 40.34 -6.44 46.70
CA MET B 1199 41.07 -7.44 45.93
C MET B 1199 42.58 -7.35 46.11
N LEU B 1200 43.07 -6.34 46.83
CA LEU B 1200 44.48 -6.37 47.22
C LEU B 1200 44.75 -7.53 48.17
N ALA B 1201 43.77 -7.91 48.99
CA ALA B 1201 44.00 -9.01 49.92
C ALA B 1201 44.12 -10.35 49.20
N VAL B 1202 43.38 -10.54 48.12
CA VAL B 1202 43.28 -11.84 47.46
C VAL B 1202 44.55 -12.10 46.65
N ASP B 1203 44.89 -13.38 46.51
CA ASP B 1203 46.04 -13.76 45.72
C ASP B 1203 45.82 -13.34 44.28
N PRO B 1204 46.80 -12.72 43.64
CA PRO B 1204 46.57 -12.15 42.31
C PRO B 1204 46.35 -13.23 41.27
N TYR B 1205 45.54 -12.90 40.26
CA TYR B 1205 45.27 -13.79 39.13
C TYR B 1205 44.73 -15.12 39.59
N ASP B 1206 43.88 -15.09 40.61
CA ASP B 1206 43.20 -16.28 41.09
C ASP B 1206 41.72 -15.94 41.19
N THR B 1207 41.01 -16.08 40.06
CA THR B 1207 39.60 -15.73 40.02
C THR B 1207 38.75 -16.70 40.83
N GLU B 1208 39.12 -17.97 40.85
CA GLU B 1208 38.30 -18.96 41.55
C GLU B 1208 38.26 -18.69 43.06
N ALA B 1209 39.35 -18.17 43.62
CA ALA B 1209 39.37 -17.79 45.02
C ALA B 1209 39.01 -16.34 45.23
N ALA B 1210 39.15 -15.50 44.21
CA ALA B 1210 38.72 -14.12 44.31
C ALA B 1210 37.21 -13.99 44.31
N THR B 1211 36.51 -14.89 43.64
CA THR B 1211 35.05 -14.86 43.69
C THR B 1211 34.50 -15.50 44.94
N LYS B 1212 35.26 -16.38 45.60
CA LYS B 1212 34.82 -16.93 46.88
C LYS B 1212 34.82 -15.86 47.96
N ALA B 1213 35.87 -15.06 48.02
CA ALA B 1213 36.03 -14.11 49.12
C ALA B 1213 35.01 -13.00 49.06
N ILE B 1214 34.52 -12.70 47.86
CA ILE B 1214 33.60 -11.59 47.65
C ILE B 1214 32.14 -12.02 47.66
N TYR B 1215 31.87 -13.30 47.43
CA TYR B 1215 30.51 -13.82 47.30
C TYR B 1215 30.15 -14.92 48.29
N ASP B 1216 30.99 -15.93 48.42
CA ASP B 1216 30.62 -17.13 49.17
C ASP B 1216 30.46 -16.82 50.64
N HIS B 1217 29.38 -17.33 51.24
CA HIS B 1217 29.07 -17.03 52.62
C HIS B 1217 29.41 -18.15 53.58
N ARG B 1218 29.72 -19.34 53.08
CA ARG B 1218 30.30 -20.35 53.95
C ARG B 1218 31.76 -20.06 54.26
N GLU B 1219 32.45 -19.36 53.37
CA GLU B 1219 33.79 -18.88 53.71
C GLU B 1219 33.70 -17.61 54.54
N ALA B 1220 34.57 -17.53 55.54
CA ALA B 1220 34.50 -16.46 56.53
C ALA B 1220 34.92 -15.14 55.92
N ASP B 1221 34.29 -14.07 56.37
CA ASP B 1221 34.47 -12.76 55.77
C ASP B 1221 35.84 -12.18 56.09
N ALA B 1222 36.20 -11.13 55.36
CA ALA B 1222 37.34 -10.25 55.57
C ALA B 1222 37.20 -9.51 56.91
N GLN B 1223 37.16 -8.17 56.86
CA GLN B 1223 37.30 -7.26 58.03
C GLN B 1223 36.56 -7.79 59.26
N THR B 1224 35.24 -7.89 59.26
CA THR B 1224 34.56 -8.57 60.36
C THR B 1224 34.37 -10.04 60.02
N PHE B 1225 34.67 -10.92 60.95
CA PHE B 1225 34.66 -12.32 60.61
C PHE B 1225 33.26 -12.94 60.64
N ALA B 1226 32.23 -12.13 60.86
CA ALA B 1226 30.86 -12.53 60.56
C ALA B 1226 30.65 -12.61 59.06
N ALA B 1227 29.91 -13.62 58.62
CA ALA B 1227 29.88 -13.94 57.18
C ALA B 1227 29.33 -12.80 56.35
N THR B 1228 28.32 -12.10 56.84
CA THR B 1228 27.61 -11.13 56.01
C THR B 1228 26.95 -10.11 56.92
N HIS B 1229 27.43 -8.88 56.92
CA HIS B 1229 26.81 -7.91 57.82
C HIS B 1229 25.44 -7.46 57.31
N ASN B 1230 25.20 -7.61 56.01
CA ASN B 1230 23.86 -7.38 55.46
C ASN B 1230 23.53 -8.37 54.34
N PRO B 1231 22.65 -9.35 54.56
CA PRO B 1231 22.44 -10.35 53.52
C PRO B 1231 21.69 -9.84 52.30
N TRP B 1232 20.99 -8.74 52.37
CA TRP B 1232 20.23 -8.32 51.20
C TRP B 1232 21.07 -7.60 50.16
N ALA B 1233 22.32 -7.26 50.46
CA ALA B 1233 23.21 -6.63 49.50
C ALA B 1233 24.47 -7.42 49.23
N SER B 1234 24.85 -8.31 50.13
CA SER B 1234 26.08 -9.06 50.01
C SER B 1234 25.97 -10.28 49.11
N GLN B 1235 24.80 -10.89 49.03
CA GLN B 1235 24.63 -12.11 48.26
C GLN B 1235 24.81 -11.82 46.77
N ALA B 1236 25.25 -12.83 46.03
CA ALA B 1236 25.21 -12.74 44.58
C ALA B 1236 23.78 -12.97 44.10
N GLY B 1237 23.22 -11.99 43.41
CA GLY B 1237 21.82 -12.03 43.06
C GLY B 1237 20.89 -11.47 44.10
N CYS B 1238 21.42 -10.87 45.16
CA CYS B 1238 20.59 -10.16 46.12
C CYS B 1238 19.92 -8.97 45.44
N LEU B 1239 18.94 -8.36 46.13
CA LEU B 1239 18.19 -7.30 45.47
C LEU B 1239 19.11 -6.18 45.00
N SER B 1240 20.03 -5.73 45.85
CA SER B 1240 20.86 -4.59 45.47
C SER B 1240 21.93 -4.97 44.48
N ASP B 1241 22.23 -6.26 44.34
CA ASP B 1241 23.13 -6.66 43.27
C ASP B 1241 22.42 -6.54 41.92
N VAL B 1242 21.23 -7.13 41.80
CA VAL B 1242 20.48 -7.02 40.56
C VAL B 1242 20.05 -5.58 40.30
N LEU B 1243 20.06 -4.75 41.34
CA LEU B 1243 19.71 -3.35 41.20
C LEU B 1243 20.91 -2.45 40.93
N TYR B 1244 22.14 -2.87 41.23
CA TYR B 1244 23.28 -1.97 41.05
C TYR B 1244 24.46 -2.56 40.29
N ASN B 1245 24.69 -3.86 40.36
CA ASN B 1245 25.70 -4.44 39.51
C ASN B 1245 25.35 -4.15 38.06
N THR B 1246 26.30 -3.55 37.33
CA THR B 1246 26.00 -3.14 35.96
C THR B 1246 25.74 -4.33 35.05
N ARG B 1247 26.36 -5.47 35.31
CA ARG B 1247 26.10 -6.63 34.46
C ARG B 1247 24.68 -7.14 34.64
N HIS B 1248 24.11 -6.99 35.83
CA HIS B 1248 22.69 -7.29 36.01
C HIS B 1248 21.83 -6.15 35.48
N ARG B 1249 22.23 -4.91 35.77
CA ARG B 1249 21.44 -3.75 35.37
C ARG B 1249 21.32 -3.65 33.86
N GLU B 1250 22.28 -4.22 33.14
CA GLU B 1250 22.20 -4.26 31.69
C GLU B 1250 20.99 -5.03 31.20
N ARG B 1251 20.65 -6.15 31.85
CA ARG B 1251 19.49 -6.92 31.45
C ARG B 1251 18.23 -6.07 31.47
N LEU B 1252 18.18 -5.09 32.37
CA LEU B 1252 17.09 -4.15 32.41
C LEU B 1252 17.44 -2.92 31.58
N GLY B 1253 16.41 -2.28 31.01
CA GLY B 1253 16.64 -1.06 30.28
C GLY B 1253 16.86 0.09 31.24
N TYR B 1254 17.89 0.89 30.97
CA TYR B 1254 18.23 1.94 31.90
C TYR B 1254 19.04 3.00 31.18
N ASN B 1255 18.97 4.22 31.73
CA ASN B 1255 19.77 5.32 31.23
C ASN B 1255 21.19 5.17 31.76
N SER B 1256 22.14 5.07 30.84
CA SER B 1256 23.54 5.01 31.23
C SER B 1256 24.10 6.37 31.58
N LYS B 1257 23.40 7.44 31.21
CA LYS B 1257 23.88 8.78 31.48
C LYS B 1257 23.88 9.09 32.96
N PHE B 1258 22.95 8.52 33.71
CA PHE B 1258 22.91 8.76 35.14
C PHE B 1258 24.11 8.13 35.83
N TYR B 1259 24.67 8.86 36.78
CA TYR B 1259 25.83 8.40 37.54
C TYR B 1259 25.38 7.85 38.87
N SER B 1260 25.85 6.65 39.19
CA SER B 1260 25.42 5.95 40.40
C SER B 1260 26.62 5.67 41.28
N PRO B 1261 26.70 6.28 42.46
CA PRO B 1261 27.90 6.11 43.30
C PRO B 1261 28.07 4.71 43.83
N CYS B 1262 26.97 3.96 44.02
CA CYS B 1262 27.09 2.63 44.57
C CYS B 1262 27.66 1.63 43.58
N ALA B 1263 27.57 1.93 42.29
CA ALA B 1263 27.88 0.93 41.28
C ALA B 1263 29.30 0.40 41.42
N GLN B 1264 30.25 1.25 41.83
CA GLN B 1264 31.64 0.82 41.92
C GLN B 1264 31.83 -0.28 42.93
N TYR B 1265 30.95 -0.37 43.91
CA TYR B 1265 31.06 -1.44 44.90
C TYR B 1265 30.41 -2.71 44.41
N PHE B 1266 29.43 -2.60 43.52
CA PHE B 1266 28.64 -3.75 43.12
C PHE B 1266 29.00 -4.23 41.72
N ASN B 1267 29.90 -3.52 41.02
CA ASN B 1267 30.41 -3.99 39.73
C ASN B 1267 31.43 -5.09 39.97
N THR B 1268 30.92 -6.22 40.47
CA THR B 1268 31.78 -7.34 40.82
C THR B 1268 32.53 -7.88 39.62
N GLU B 1269 31.93 -7.89 38.44
CA GLU B 1269 32.62 -8.47 37.30
C GLU B 1269 33.90 -7.71 36.96
N GLU B 1270 33.94 -6.40 37.23
CA GLU B 1270 35.13 -5.64 36.88
C GLU B 1270 36.15 -5.65 38.01
N ILE B 1271 35.72 -5.88 39.25
CA ILE B 1271 36.70 -5.94 40.33
C ILE B 1271 37.25 -7.35 40.50
N ILE B 1272 36.51 -8.39 40.11
CA ILE B 1272 37.11 -9.71 40.08
C ILE B 1272 38.30 -9.71 39.13
N ALA B 1273 38.18 -8.99 38.02
CA ALA B 1273 39.22 -8.97 37.01
C ALA B 1273 40.35 -8.01 37.33
N ALA B 1274 40.11 -7.04 38.23
CA ALA B 1274 41.13 -6.06 38.53
C ALA B 1274 42.11 -6.52 39.61
N ASN B 1275 41.85 -7.64 40.28
CA ASN B 1275 42.86 -8.13 41.20
C ASN B 1275 44.07 -8.61 40.41
N LYS B 1276 45.20 -7.94 40.61
CA LYS B 1276 46.40 -8.24 39.85
C LYS B 1276 47.58 -7.90 40.72
N THR B 1277 48.77 -8.27 40.28
CA THR B 1277 49.97 -8.04 41.07
C THR B 1277 50.03 -6.59 41.52
N LEU B 1278 50.60 -6.36 42.69
CA LEU B 1278 50.45 -5.07 43.36
C LEU B 1278 50.74 -3.90 42.43
N PHE B 1279 51.82 -3.96 41.67
CA PHE B 1279 52.20 -2.81 40.86
C PHE B 1279 51.32 -2.68 39.62
N LYS B 1280 50.84 -3.79 39.07
CA LYS B 1280 49.82 -3.66 38.04
C LYS B 1280 48.56 -3.06 38.60
N THR B 1281 48.25 -3.33 39.86
CA THR B 1281 47.05 -2.75 40.45
C THR B 1281 47.22 -1.24 40.62
N ILE B 1282 48.37 -0.80 41.11
CA ILE B 1282 48.53 0.64 41.28
C ILE B 1282 48.87 1.31 39.94
N ASP B 1283 49.09 0.53 38.88
CA ASP B 1283 49.14 1.13 37.55
C ASP B 1283 47.75 1.27 36.95
N GLU B 1284 46.86 0.33 37.23
CA GLU B 1284 45.46 0.49 36.83
C GLU B 1284 44.81 1.62 37.62
N TYR B 1285 45.21 1.79 38.88
CA TYR B 1285 44.61 2.82 39.71
C TYR B 1285 44.83 4.20 39.11
N LEU B 1286 45.90 4.37 38.35
CA LEU B 1286 46.18 5.67 37.80
C LEU B 1286 45.49 5.93 36.46
N LEU B 1287 44.90 4.90 35.83
CA LEU B 1287 44.35 5.07 34.48
C LEU B 1287 42.85 4.95 34.52
N ARG B 1288 42.29 3.80 34.91
CA ARG B 1288 40.86 3.62 34.81
C ARG B 1288 40.13 3.88 36.12
N ALA B 1289 40.85 3.83 37.25
CA ALA B 1289 40.21 4.07 38.54
C ALA B 1289 39.50 5.41 38.60
N LYS B 1290 39.76 6.30 37.65
CA LYS B 1290 39.01 7.54 37.54
C LYS B 1290 37.55 7.26 37.22
N ASP B 1291 36.68 8.16 37.67
CA ASP B 1291 35.25 8.14 37.29
C ASP B 1291 34.81 9.56 36.92
N CYS B 1292 34.84 9.87 35.63
CA CYS B 1292 34.44 11.18 35.13
C CYS B 1292 33.01 11.51 35.54
N ILE B 1293 32.76 12.80 35.80
CA ILE B 1293 31.43 13.32 36.07
C ILE B 1293 31.29 14.68 35.39
N ARG B 1294 30.20 14.89 34.67
CA ARG B 1294 29.98 16.17 34.02
C ARG B 1294 29.74 17.26 35.07
N GLY B 1295 30.34 18.43 34.84
CA GLY B 1295 30.43 19.44 35.87
C GLY B 1295 29.53 20.66 35.78
N ASP B 1296 28.87 20.90 34.65
CA ASP B 1296 27.97 22.04 34.57
C ASP B 1296 26.52 21.68 34.84
N THR B 1297 26.15 20.43 34.69
CA THR B 1297 24.77 20.04 34.96
C THR B 1297 24.49 20.10 36.46
N ASP B 1298 23.24 20.42 36.79
CA ASP B 1298 22.78 20.41 38.17
C ASP B 1298 22.94 19.02 38.77
N THR B 1299 22.28 18.03 38.20
CA THR B 1299 22.51 16.65 38.62
C THR B 1299 23.79 16.12 37.97
N GLN B 1300 24.37 15.10 38.62
CA GLN B 1300 25.58 14.49 38.11
C GLN B 1300 25.27 13.54 36.95
N TYR B 1301 26.18 13.46 36.00
CA TYR B 1301 26.01 12.58 34.86
C TYR B 1301 27.36 12.05 34.44
N VAL B 1302 27.34 10.86 33.84
CA VAL B 1302 28.52 10.37 33.15
C VAL B 1302 28.92 11.38 32.09
N CYS B 1303 30.19 11.77 32.10
CA CYS B 1303 30.63 12.94 31.38
C CYS B 1303 30.84 12.63 29.91
N VAL B 1304 30.67 13.65 29.07
CA VAL B 1304 31.00 13.50 27.66
C VAL B 1304 32.50 13.59 27.51
N GLU B 1305 33.06 12.68 26.74
CA GLU B 1305 34.50 12.44 26.80
C GLU B 1305 35.30 13.66 26.38
N GLY B 1306 36.43 13.84 27.06
CA GLY B 1306 37.35 14.90 26.74
C GLY B 1306 36.94 16.29 27.15
N THR B 1307 35.65 16.54 27.38
CA THR B 1307 35.23 17.88 27.80
C THR B 1307 35.67 18.17 29.24
N GLU B 1308 35.92 17.14 30.03
CA GLU B 1308 36.34 17.32 31.42
C GLU B 1308 37.55 16.46 31.72
N GLN B 1309 38.22 16.80 32.81
CA GLN B 1309 39.21 15.90 33.41
C GLN B 1309 38.50 14.79 34.14
N LEU B 1310 39.16 13.64 34.22
CA LEU B 1310 38.66 12.55 35.05
C LEU B 1310 38.84 12.89 36.52
N ILE B 1311 37.91 12.42 37.34
CA ILE B 1311 37.93 12.64 38.79
C ILE B 1311 38.40 11.35 39.44
N GLU B 1312 39.45 11.43 40.23
CA GLU B 1312 39.99 10.22 40.84
C GLU B 1312 39.22 9.87 42.11
N ASN B 1313 39.18 8.57 42.42
CA ASN B 1313 38.34 8.04 43.49
C ASN B 1313 39.20 7.18 44.40
N PRO B 1314 39.78 7.77 45.45
CA PRO B 1314 40.60 6.97 46.38
C PRO B 1314 39.84 5.83 46.99
N CYS B 1315 38.55 6.00 47.24
CA CYS B 1315 37.76 4.91 47.83
C CYS B 1315 37.63 3.74 46.87
N ARG B 1316 37.76 3.97 45.56
CA ARG B 1316 37.64 2.86 44.63
C ARG B 1316 38.80 1.90 44.74
N LEU B 1317 39.97 2.35 45.19
CA LEU B 1317 41.07 1.41 45.32
C LEU B 1317 40.84 0.42 46.45
N THR B 1318 40.38 0.90 47.60
CA THR B 1318 40.19 0.00 48.73
C THR B 1318 38.77 -0.54 48.83
N GLN B 1319 37.84 -0.12 47.97
CA GLN B 1319 36.46 -0.60 48.02
C GLN B 1319 35.84 -0.40 49.39
N GLU B 1320 35.93 0.82 49.92
CA GLU B 1320 35.31 1.15 51.19
C GLU B 1320 34.75 2.57 51.16
N ALA B 1321 33.86 2.87 52.10
CA ALA B 1321 33.19 4.15 52.15
C ALA B 1321 33.34 4.77 53.53
N LEU B 1322 33.41 6.10 53.55
CA LEU B 1322 33.79 6.83 54.75
C LEU B 1322 32.55 7.31 55.49
N PRO B 1323 32.42 7.07 56.79
CA PRO B 1323 31.28 7.61 57.53
C PRO B 1323 31.32 9.14 57.58
N ILE B 1324 30.15 9.73 57.78
CA ILE B 1324 29.98 11.16 57.96
C ILE B 1324 29.18 11.40 59.22
N LEU B 1325 29.10 12.66 59.62
CA LEU B 1325 28.28 13.03 60.76
C LEU B 1325 26.81 12.80 60.46
N SER B 1326 26.14 12.06 61.33
CA SER B 1326 24.74 11.74 61.14
C SER B 1326 24.14 11.30 62.46
N THR B 1327 22.99 11.84 62.77
CA THR B 1327 22.38 11.60 64.08
C THR B 1327 20.94 11.19 63.87
N THR B 1328 20.43 10.38 64.77
CA THR B 1328 19.03 10.03 64.71
C THR B 1328 18.13 11.17 65.17
N THR B 1329 18.60 12.00 66.10
CA THR B 1329 17.74 13.03 66.67
C THR B 1329 18.49 14.35 66.70
N LEU B 1330 17.71 15.43 66.80
CA LEU B 1330 18.27 16.77 66.83
C LEU B 1330 19.06 17.02 68.11
N ALA B 1331 18.73 16.31 69.19
CA ALA B 1331 19.38 16.58 70.46
C ALA B 1331 20.86 16.23 70.40
N LEU B 1332 21.19 15.07 69.84
CA LEU B 1332 22.59 14.71 69.66
C LEU B 1332 23.28 15.64 68.68
N MET B 1333 22.52 16.28 67.79
CA MET B 1333 23.11 17.24 66.87
C MET B 1333 23.43 18.56 67.56
N GLU B 1334 22.54 19.04 68.42
CA GLU B 1334 22.77 20.30 69.10
C GLU B 1334 24.07 20.26 69.87
N THR B 1335 24.35 19.14 70.53
CA THR B 1335 25.62 19.00 71.24
C THR B 1335 26.80 19.04 70.26
N LYS B 1336 26.62 18.52 69.05
CA LYS B 1336 27.74 18.47 68.11
C LYS B 1336 28.10 19.87 67.63
N LEU B 1337 27.10 20.69 67.28
CA LEU B 1337 27.36 22.08 66.94
C LEU B 1337 27.85 22.84 68.15
N LYS B 1338 27.38 22.46 69.33
CA LYS B 1338 27.65 23.16 70.58
C LYS B 1338 29.04 22.89 71.14
N GLY B 1339 29.65 21.76 70.79
CA GLY B 1339 30.91 21.37 71.38
C GLY B 1339 32.10 22.04 70.72
N GLY B 1340 33.28 21.67 71.21
CA GLY B 1340 34.52 22.25 70.75
C GLY B 1340 34.96 21.68 69.42
N ALA B 1341 36.23 21.93 69.11
CA ALA B 1341 36.78 21.48 67.84
C ALA B 1341 36.72 19.97 67.70
N GLY B 1342 36.72 19.25 68.81
CA GLY B 1342 36.74 17.81 68.75
C GLY B 1342 35.39 17.13 68.80
N ALA B 1343 34.30 17.88 68.85
CA ALA B 1343 33.01 17.25 69.11
C ALA B 1343 32.48 16.48 67.91
N PHE B 1344 32.86 16.89 66.70
CA PHE B 1344 32.29 16.24 65.51
C PHE B 1344 32.79 14.83 65.31
N ALA B 1345 33.95 14.48 65.85
CA ALA B 1345 34.50 13.14 65.63
C ALA B 1345 33.91 12.11 66.58
N THR B 1346 33.68 12.46 67.84
CA THR B 1346 33.30 11.47 68.84
C THR B 1346 31.86 11.00 68.66
N SER B 1347 31.65 9.70 68.84
CA SER B 1347 30.33 9.09 68.69
C SER B 1347 29.66 8.89 70.04
N GLU B 1348 28.33 8.77 70.01
CA GLU B 1348 27.53 8.63 71.23
C GLU B 1348 26.29 7.80 70.93
N THR B 1349 25.65 7.31 72.00
CA THR B 1349 24.43 6.51 71.90
C THR B 1349 23.50 6.86 73.06
N HIS B 1350 22.20 6.77 72.82
CA HIS B 1350 21.19 7.10 73.83
C HIS B 1350 19.97 6.21 73.57
N PHE B 1351 20.03 4.99 74.10
CA PHE B 1351 18.89 4.09 74.29
C PHE B 1351 18.30 3.69 72.95
N GLY B 1352 18.37 4.53 71.92
CA GLY B 1352 18.04 4.15 70.56
C GLY B 1352 18.81 4.93 69.56
N ASN B 1353 19.08 6.18 69.88
CA ASN B 1353 19.62 7.14 68.94
C ASN B 1353 21.15 7.14 69.01
N TYR B 1354 21.79 7.54 67.93
CA TYR B 1354 23.23 7.39 67.86
C TYR B 1354 23.82 8.53 67.07
N VAL B 1355 25.12 8.71 67.23
CA VAL B 1355 25.88 9.65 66.43
C VAL B 1355 27.04 8.92 65.80
N VAL B 1356 27.16 9.04 64.48
CA VAL B 1356 28.20 8.39 63.72
C VAL B 1356 29.28 9.42 63.47
N GLY B 1357 30.32 9.43 64.30
CA GLY B 1357 31.34 10.44 64.19
C GLY B 1357 32.15 10.28 62.92
N GLU B 1358 32.44 11.42 62.28
CA GLU B 1358 33.14 11.41 60.99
C GLU B 1358 34.62 11.06 61.15
N ILE B 1359 35.16 10.39 60.13
CA ILE B 1359 36.53 9.90 60.17
C ILE B 1359 37.52 10.97 59.71
N ILE B 1360 37.10 11.86 58.82
CA ILE B 1360 38.01 12.88 58.30
C ILE B 1360 37.41 14.24 58.64
N PRO B 1361 38.09 15.04 59.40
CA PRO B 1361 37.48 16.24 60.00
C PRO B 1361 37.31 17.38 59.01
N LEU B 1362 36.60 17.10 57.91
CA LEU B 1362 36.36 18.16 56.93
C LEU B 1362 35.20 19.06 57.35
N GLN B 1363 34.16 18.49 57.97
CA GLN B 1363 33.05 19.31 58.43
C GLN B 1363 33.50 20.33 59.45
N GLN B 1364 34.55 20.01 60.21
CA GLN B 1364 35.10 20.98 61.16
C GLN B 1364 36.15 21.89 60.52
N SER B 1365 36.88 21.40 59.52
CA SER B 1365 38.07 22.10 59.07
C SER B 1365 37.84 22.88 57.78
N MET B 1366 37.43 22.21 56.71
CA MET B 1366 37.36 22.90 55.42
C MET B 1366 36.42 24.08 55.48
N LEU B 1367 35.31 23.94 56.20
CA LEU B 1367 34.38 25.04 56.33
C LEU B 1367 34.91 26.11 57.29
N PHE B 1368 35.21 25.71 58.53
CA PHE B 1368 35.45 26.70 59.58
C PHE B 1368 36.76 27.45 59.34
N ASN B 1369 37.74 26.80 58.73
CA ASN B 1369 38.96 27.50 58.36
C ASN B 1369 38.67 28.59 57.35
N SER B 1370 37.84 28.29 56.35
CA SER B 1370 37.52 29.19 55.26
C SER B 1370 38.78 29.55 54.46
N MET C 1 31.08 6.76 -53.83
CA MET C 1 31.86 5.63 -54.31
C MET C 1 33.13 6.16 -54.96
N GLU C 2 33.84 5.28 -55.66
CA GLU C 2 35.17 5.60 -56.18
C GLU C 2 35.03 6.23 -57.56
N ASN C 3 35.62 7.40 -57.74
CA ASN C 3 35.58 8.07 -59.05
C ASN C 3 36.57 7.43 -60.01
N TRP C 4 36.09 7.08 -61.20
CA TRP C 4 36.88 6.25 -62.11
C TRP C 4 37.65 7.07 -63.13
N SER C 5 36.95 7.90 -63.88
CA SER C 5 37.53 8.68 -64.97
C SER C 5 38.89 9.27 -64.66
N ALA C 6 39.01 9.93 -63.50
CA ALA C 6 40.28 10.52 -63.11
C ALA C 6 41.40 9.49 -62.98
N LEU C 7 41.05 8.22 -62.79
CA LEU C 7 42.07 7.19 -62.92
C LEU C 7 42.46 6.99 -64.37
N GLU C 8 41.52 7.05 -65.31
CA GLU C 8 41.90 6.86 -66.69
C GLU C 8 42.61 8.06 -67.27
N LEU C 9 42.66 9.16 -66.53
CA LEU C 9 43.37 10.36 -66.99
C LEU C 9 44.64 10.67 -66.20
N LEU C 10 44.68 10.41 -64.91
CA LEU C 10 45.86 10.73 -64.11
C LEU C 10 47.01 9.81 -64.48
N PRO C 11 48.20 10.34 -64.73
CA PRO C 11 49.33 9.47 -65.07
C PRO C 11 49.56 8.40 -64.03
N LYS C 12 49.37 7.14 -64.41
CA LYS C 12 49.52 6.02 -63.50
C LYS C 12 50.92 5.40 -63.63
N VAL C 13 51.37 4.78 -62.55
CA VAL C 13 52.77 4.34 -62.46
C VAL C 13 53.07 3.20 -63.43
N GLY C 14 52.30 2.12 -63.37
CA GLY C 14 52.59 0.94 -64.17
C GLY C 14 53.43 -0.10 -63.45
N ILE C 15 52.88 -1.29 -63.28
CA ILE C 15 53.52 -2.34 -62.47
C ILE C 15 53.17 -3.69 -63.07
N PRO C 16 54.13 -4.63 -63.20
CA PRO C 16 53.78 -6.00 -63.60
C PRO C 16 52.78 -6.66 -62.68
N THR C 17 51.60 -7.02 -63.21
CA THR C 17 50.55 -7.58 -62.39
C THR C 17 50.77 -9.07 -62.14
N ASP C 18 50.08 -9.59 -61.14
CA ASP C 18 50.05 -11.03 -60.90
C ASP C 18 48.84 -11.38 -60.08
N PHE C 19 47.88 -12.07 -60.69
CA PHE C 19 46.75 -12.68 -59.99
C PHE C 19 46.50 -14.02 -60.65
N LEU C 20 46.44 -15.09 -59.86
CA LEU C 20 46.02 -16.36 -60.41
C LEU C 20 44.55 -16.12 -60.82
N THR C 21 44.09 -16.81 -61.88
CA THR C 21 42.75 -16.68 -62.50
C THR C 21 42.61 -15.33 -63.24
N HIS C 22 42.67 -15.42 -64.56
CA HIS C 22 42.69 -14.26 -65.45
C HIS C 22 41.99 -13.07 -64.81
N VAL C 23 42.61 -11.90 -64.81
CA VAL C 23 41.98 -10.76 -64.16
C VAL C 23 40.48 -10.73 -64.25
N LYS C 24 39.90 -11.15 -65.36
CA LYS C 24 38.46 -11.01 -65.39
C LYS C 24 37.78 -11.93 -64.39
N THR C 25 38.41 -13.06 -64.05
CA THR C 25 37.79 -13.87 -63.02
C THR C 25 37.86 -13.20 -61.66
N SER C 26 38.98 -12.57 -61.31
CA SER C 26 39.05 -11.94 -60.00
C SER C 26 38.29 -10.62 -59.95
N ALA C 27 37.92 -10.08 -61.09
CA ALA C 27 36.94 -9.00 -61.12
C ALA C 27 35.53 -9.53 -61.13
N GLY C 28 35.35 -10.79 -61.49
CA GLY C 28 34.02 -11.35 -61.59
C GLY C 28 33.63 -12.05 -60.31
N GLU C 29 34.61 -12.63 -59.61
CA GLU C 29 34.37 -13.25 -58.33
C GLU C 29 34.65 -12.32 -57.17
N GLU C 30 34.57 -11.01 -57.39
CA GLU C 30 34.57 -9.99 -56.35
C GLU C 30 35.75 -10.16 -55.40
N MET C 31 36.95 -10.20 -55.99
CA MET C 31 38.15 -10.24 -55.18
C MET C 31 38.43 -8.89 -54.54
N PHE C 32 38.24 -7.81 -55.27
CA PHE C 32 38.49 -6.48 -54.79
C PHE C 32 37.19 -5.75 -54.53
N GLU C 33 37.24 -4.77 -53.64
CA GLU C 33 36.05 -4.09 -53.16
C GLU C 33 35.27 -3.42 -54.27
N ALA C 34 35.87 -2.45 -54.95
CA ALA C 34 35.21 -1.70 -56.01
C ALA C 34 35.87 -2.00 -57.35
N LEU C 35 35.05 -2.07 -58.39
CA LEU C 35 35.57 -2.44 -59.70
C LEU C 35 34.59 -2.01 -60.78
N ARG C 36 35.11 -1.81 -61.99
CA ARG C 36 34.26 -1.61 -63.14
C ARG C 36 35.03 -1.94 -64.41
N ILE C 37 34.33 -2.55 -65.37
CA ILE C 37 34.91 -2.90 -66.66
C ILE C 37 34.00 -2.35 -67.75
N TYR C 38 34.59 -1.73 -68.76
CA TYR C 38 33.89 -1.30 -69.95
C TYR C 38 34.60 -1.86 -71.18
N TYR C 39 33.84 -2.25 -72.19
CA TYR C 39 34.44 -2.97 -73.30
C TYR C 39 34.86 -2.08 -74.46
N GLY C 40 34.06 -1.11 -74.86
CA GLY C 40 34.44 -0.41 -76.06
C GLY C 40 35.41 0.69 -75.68
N ASP C 41 35.01 1.93 -75.88
CA ASP C 41 35.81 3.04 -75.39
C ASP C 41 34.83 4.05 -74.84
N ASP C 42 34.58 3.98 -73.54
CA ASP C 42 33.61 4.85 -72.89
C ASP C 42 34.05 6.30 -73.04
N PRO C 43 33.25 7.15 -73.66
CA PRO C 43 33.66 8.55 -73.81
C PRO C 43 33.47 9.35 -72.54
N GLU C 44 33.23 8.64 -71.44
CA GLU C 44 33.11 9.28 -70.15
C GLU C 44 34.43 9.84 -69.67
N ARG C 45 35.55 9.28 -70.10
CA ARG C 45 36.85 9.79 -69.69
C ARG C 45 37.12 11.17 -70.29
N TYR C 46 36.57 11.45 -71.47
CA TYR C 46 36.84 12.72 -72.15
C TYR C 46 36.03 13.86 -71.55
N ASN C 47 34.86 13.54 -71.03
CA ASN C 47 34.04 14.55 -70.37
C ASN C 47 34.71 15.01 -69.09
N ILE C 48 34.96 16.30 -68.98
CA ILE C 48 35.50 16.85 -67.75
C ILE C 48 34.61 17.99 -67.29
N HIS C 49 33.63 17.66 -66.45
CA HIS C 49 32.85 18.67 -65.77
C HIS C 49 33.55 19.10 -64.50
N PHE C 50 33.48 20.38 -64.18
CA PHE C 50 33.95 20.87 -62.90
C PHE C 50 33.05 21.99 -62.43
N GLU C 51 32.85 22.06 -61.12
CA GLU C 51 31.97 23.03 -60.50
C GLU C 51 32.81 24.02 -59.71
N ALA C 52 32.73 25.29 -60.08
CA ALA C 52 33.71 26.27 -59.68
C ALA C 52 33.25 27.02 -58.44
N ILE C 53 34.12 27.10 -57.45
CA ILE C 53 33.92 27.94 -56.28
C ILE C 53 34.81 29.16 -56.45
N PHE C 54 34.22 30.27 -56.84
CA PHE C 54 34.93 31.53 -56.86
C PHE C 54 35.13 32.01 -55.42
N GLY C 55 35.60 33.24 -55.28
CA GLY C 55 36.09 33.69 -53.99
C GLY C 55 35.11 33.43 -52.86
N THR C 56 35.66 33.02 -51.71
CA THR C 56 34.92 33.05 -50.46
C THR C 56 35.02 34.44 -49.84
N PHE C 57 33.93 34.86 -49.19
CA PHE C 57 33.80 36.25 -48.74
C PHE C 57 33.43 36.31 -47.26
N CYS C 58 33.92 37.34 -46.58
CA CYS C 58 33.70 37.52 -45.15
C CYS C 58 33.07 38.87 -44.88
N ASN C 59 32.21 38.92 -43.87
CA ASN C 59 31.71 40.19 -43.34
C ASN C 59 32.82 40.90 -42.60
N ARG C 60 33.03 42.17 -42.93
CA ARG C 60 34.03 42.99 -42.26
C ARG C 60 33.32 43.87 -41.24
N LEU C 61 33.59 43.65 -39.97
CA LEU C 61 32.86 44.30 -38.89
C LEU C 61 33.26 45.76 -38.75
N GLU C 62 32.38 46.54 -38.14
CA GLU C 62 32.62 47.95 -37.85
C GLU C 62 32.58 48.17 -36.34
N TRP C 63 33.66 48.71 -35.78
CA TRP C 63 33.68 49.01 -34.35
C TRP C 63 33.12 50.40 -34.07
N VAL C 64 32.43 50.52 -32.93
CA VAL C 64 31.91 51.80 -32.46
C VAL C 64 32.38 52.03 -31.03
N TYR C 65 32.62 53.29 -30.69
CA TYR C 65 33.16 53.65 -29.39
C TYR C 65 32.20 54.59 -28.68
N PHE C 66 32.18 54.49 -27.35
CA PHE C 66 31.23 55.26 -26.57
C PHE C 66 31.53 56.75 -26.65
N LEU C 67 32.80 57.12 -26.45
CA LEU C 67 33.17 58.53 -26.45
C LEU C 67 33.11 59.13 -27.85
N THR C 68 33.32 58.32 -28.89
CA THR C 68 33.17 58.82 -30.25
C THR C 68 31.72 59.21 -30.53
N SER C 69 30.78 58.55 -29.88
CA SER C 69 29.37 58.83 -30.11
C SER C 69 29.02 60.23 -29.60
N GLY C 70 28.04 60.85 -30.24
CA GLY C 70 27.57 62.12 -29.77
C GLY C 70 26.69 62.06 -28.56
N LEU C 71 26.14 60.88 -28.27
CA LEU C 71 25.33 60.70 -27.07
C LEU C 71 26.15 60.89 -25.81
N ALA C 72 27.46 60.68 -25.87
CA ALA C 72 28.30 61.01 -24.73
C ALA C 72 28.27 62.49 -24.39
N ALA C 73 27.65 63.31 -25.23
CA ALA C 73 27.46 64.71 -24.87
C ALA C 73 26.59 64.85 -23.64
N ALA C 74 25.78 63.84 -23.32
CA ALA C 74 25.00 63.90 -22.09
C ALA C 74 25.78 63.37 -20.89
N ALA C 75 26.62 62.36 -21.08
CA ALA C 75 27.34 61.75 -19.98
C ALA C 75 28.64 62.48 -19.68
N HIS C 76 29.15 62.25 -18.47
CA HIS C 76 30.35 62.91 -17.98
C HIS C 76 31.27 61.85 -17.38
N ALA C 77 31.58 60.84 -18.17
CA ALA C 77 32.13 59.57 -17.68
C ALA C 77 33.38 59.77 -16.84
N ILE C 78 33.44 59.03 -15.73
CA ILE C 78 34.53 59.12 -14.76
C ILE C 78 34.86 57.71 -14.28
N LYS C 79 36.09 57.27 -14.49
CA LYS C 79 36.48 55.97 -13.95
C LYS C 79 36.64 56.07 -12.43
N PHE C 80 36.35 54.96 -11.75
CA PHE C 80 36.43 54.94 -10.29
C PHE C 80 36.68 53.49 -9.88
N HIS C 81 37.95 53.13 -9.66
CA HIS C 81 38.31 51.72 -9.61
C HIS C 81 37.76 51.00 -8.38
N ASP C 82 37.43 51.74 -7.32
CA ASP C 82 36.82 51.15 -6.13
C ASP C 82 35.30 51.29 -6.15
N LEU C 83 34.71 51.23 -7.35
CA LEU C 83 33.27 51.49 -7.48
C LEU C 83 32.43 50.40 -6.84
N ASN C 84 32.90 49.16 -6.84
CA ASN C 84 32.08 48.11 -6.24
C ASN C 84 31.92 48.32 -4.74
N LYS C 85 32.88 48.98 -4.09
CA LYS C 85 32.75 49.20 -2.65
C LYS C 85 31.65 50.20 -2.35
N LEU C 86 31.58 51.30 -3.11
CA LEU C 86 30.76 52.43 -2.71
C LEU C 86 29.30 52.06 -2.81
N THR C 87 28.55 52.32 -1.73
CA THR C 87 27.13 52.00 -1.72
C THR C 87 26.34 52.99 -2.56
N THR C 88 26.34 54.25 -2.17
CA THR C 88 25.59 55.25 -2.91
C THR C 88 26.31 56.59 -2.81
N GLY C 89 26.08 57.42 -3.81
CA GLY C 89 26.69 58.73 -3.87
C GLY C 89 25.63 59.79 -3.81
N LYS C 90 25.82 60.78 -2.97
CA LYS C 90 24.82 61.78 -2.70
C LYS C 90 25.42 63.16 -2.84
N MET C 91 24.64 64.10 -3.36
CA MET C 91 25.04 65.50 -3.48
C MET C 91 23.99 66.36 -2.80
N LEU C 92 24.44 67.33 -1.99
CA LEU C 92 23.55 68.09 -1.12
C LEU C 92 23.59 69.56 -1.52
N PHE C 93 22.40 70.18 -1.57
CA PHE C 93 22.24 71.54 -2.07
C PHE C 93 21.56 72.43 -1.03
N HIS C 94 22.09 73.64 -0.86
CA HIS C 94 21.61 74.57 0.16
C HIS C 94 21.33 75.93 -0.48
N VAL C 95 20.10 76.15 -0.93
CA VAL C 95 19.73 77.38 -1.63
C VAL C 95 18.77 78.18 -0.78
N GLN C 96 19.17 79.40 -0.42
CA GLN C 96 18.28 80.33 0.24
C GLN C 96 17.49 81.14 -0.78
N VAL C 97 16.28 81.52 -0.40
CA VAL C 97 15.30 82.10 -1.31
C VAL C 97 15.25 83.61 -1.08
N PRO C 98 15.35 84.43 -2.12
CA PRO C 98 15.29 85.88 -1.91
C PRO C 98 13.85 86.32 -1.75
N ARG C 99 13.63 87.26 -0.83
CA ARG C 99 12.30 87.64 -0.39
C ARG C 99 12.10 89.13 -0.52
N VAL C 100 10.94 89.52 -1.07
CA VAL C 100 10.63 90.93 -1.31
C VAL C 100 10.09 91.57 -0.03
N ALA C 101 10.41 92.85 0.15
CA ALA C 101 10.02 93.59 1.35
C ALA C 101 8.56 94.04 1.27
N SER C 102 7.85 93.93 2.41
CA SER C 102 6.40 94.08 2.42
C SER C 102 5.94 95.48 2.81
N GLY C 103 4.64 95.73 2.57
CA GLY C 103 4.03 97.02 2.82
C GLY C 103 3.24 97.08 4.12
N ALA C 104 2.61 98.24 4.33
CA ALA C 104 1.94 98.51 5.59
C ALA C 104 0.69 97.66 5.79
N GLY C 105 0.61 97.00 6.93
CA GLY C 105 -0.55 96.20 7.25
C GLY C 105 -0.60 94.83 6.61
N LEU C 106 0.44 94.40 5.91
CA LEU C 106 0.49 93.10 5.28
C LEU C 106 1.57 92.26 5.94
N PRO C 107 1.32 90.99 6.19
CA PRO C 107 2.31 90.16 6.90
C PRO C 107 3.58 90.00 6.10
N THR C 108 4.71 90.13 6.77
CA THR C 108 6.01 90.03 6.12
C THR C 108 6.37 88.57 5.85
N SER C 109 7.44 88.38 5.09
CA SER C 109 7.86 87.05 4.64
C SER C 109 9.09 86.60 5.43
N ARG C 110 8.98 85.44 6.07
CA ARG C 110 10.15 84.85 6.71
C ARG C 110 11.04 84.17 5.68
N GLN C 111 12.35 84.31 5.85
CA GLN C 111 13.29 83.69 4.92
C GLN C 111 13.33 82.18 5.13
N THR C 112 13.57 81.45 4.05
CA THR C 112 13.46 79.99 4.05
C THR C 112 14.71 79.40 3.41
N THR C 113 15.57 78.79 4.22
CA THR C 113 16.63 77.94 3.67
C THR C 113 16.02 76.61 3.22
N ILE C 114 16.49 76.10 2.09
CA ILE C 114 16.00 74.84 1.56
C ILE C 114 17.20 73.93 1.37
N MET C 115 17.02 72.66 1.68
CA MET C 115 18.08 71.68 1.49
C MET C 115 17.51 70.48 0.75
N VAL C 116 18.34 69.88 -0.10
CA VAL C 116 17.91 68.77 -0.95
C VAL C 116 19.13 67.90 -1.23
N THR C 117 18.88 66.72 -1.79
CA THR C 117 19.92 65.73 -1.99
C THR C 117 19.59 64.81 -3.14
N LYS C 118 20.54 64.62 -4.07
CA LYS C 118 20.40 63.61 -5.11
C LYS C 118 21.10 62.31 -4.68
N TYR C 119 20.71 61.22 -5.36
CA TYR C 119 21.27 59.90 -5.08
C TYR C 119 21.63 59.19 -6.37
N SER C 120 22.75 58.47 -6.37
CA SER C 120 23.21 57.72 -7.53
C SER C 120 22.49 56.38 -7.67
N GLU C 121 22.44 55.89 -8.90
CA GLU C 121 21.76 54.64 -9.23
C GLU C 121 22.65 53.73 -10.05
N LYS C 122 22.67 52.44 -9.70
CA LYS C 122 23.56 51.44 -10.27
C LYS C 122 22.85 50.66 -11.38
N SER C 123 23.62 50.27 -12.41
CA SER C 123 23.03 49.51 -13.51
C SER C 123 24.03 48.75 -14.34
N PRO C 124 24.64 47.68 -13.83
CA PRO C 124 25.78 47.06 -14.52
C PRO C 124 25.38 46.24 -15.75
N ILE C 125 26.40 45.86 -16.53
CA ILE C 125 26.23 45.19 -17.82
C ILE C 125 27.17 43.99 -17.92
N THR C 126 26.82 43.05 -18.81
CA THR C 126 27.56 41.80 -18.95
C THR C 126 27.32 41.17 -20.32
N ILE C 127 28.39 40.62 -20.92
CA ILE C 127 28.34 39.91 -22.20
C ILE C 127 29.07 38.57 -22.12
N PRO C 128 28.46 37.46 -22.49
CA PRO C 128 29.20 36.18 -22.51
C PRO C 128 29.87 35.89 -23.84
N PHE C 129 31.13 35.46 -23.86
CA PHE C 129 31.74 34.95 -25.09
C PHE C 129 32.40 33.61 -24.81
N GLU C 130 32.24 32.66 -25.72
CA GLU C 130 32.60 31.28 -25.44
C GLU C 130 33.58 30.73 -26.46
N LEU C 131 34.42 29.82 -25.99
CA LEU C 131 35.43 29.17 -26.82
C LEU C 131 35.29 27.66 -26.73
N SER C 132 35.18 27.00 -27.88
CA SER C 132 35.11 25.54 -27.86
C SER C 132 36.42 24.98 -27.35
N ALA C 133 36.34 23.87 -26.61
CA ALA C 133 37.55 23.23 -26.11
C ALA C 133 38.44 22.76 -27.25
N ALA C 134 37.85 22.37 -28.37
CA ALA C 134 38.66 22.01 -29.52
C ALA C 134 39.47 23.19 -30.01
N CYS C 135 38.96 24.40 -29.83
CA CYS C 135 39.73 25.58 -30.16
C CYS C 135 40.87 25.80 -29.18
N LEU C 136 40.60 25.67 -27.88
CA LEU C 136 41.65 25.91 -26.89
C LEU C 136 42.76 24.87 -27.00
N THR C 137 42.41 23.63 -27.33
CA THR C 137 43.41 22.57 -27.29
C THR C 137 44.45 22.72 -28.37
N TYR C 138 44.10 23.36 -29.49
CA TYR C 138 45.10 23.73 -30.47
C TYR C 138 45.80 25.02 -30.11
N LEU C 139 45.26 25.80 -29.18
CA LEU C 139 45.94 27.01 -28.77
C LEU C 139 47.19 26.72 -27.94
N ARG C 140 47.12 25.73 -27.05
CA ARG C 140 48.18 25.49 -26.09
C ARG C 140 48.94 24.21 -26.40
N GLU C 141 48.25 23.08 -26.51
CA GLU C 141 48.90 21.87 -26.98
C GLU C 141 49.20 21.98 -28.46
N THR C 142 50.30 21.38 -28.88
CA THR C 142 50.67 21.33 -30.29
C THR C 142 51.33 20.01 -30.58
N PHE C 143 50.78 19.29 -31.54
CA PHE C 143 51.17 17.93 -31.84
C PHE C 143 52.30 17.93 -32.86
N GLU C 144 52.58 16.76 -33.43
CA GLU C 144 53.58 16.66 -34.46
C GLU C 144 53.40 17.75 -35.50
N GLY C 145 54.38 18.64 -35.62
CA GLY C 145 54.15 19.85 -36.39
C GLY C 145 54.13 19.60 -37.88
N THR C 146 52.93 19.62 -38.43
CA THR C 146 52.65 19.19 -39.78
C THR C 146 51.81 20.25 -40.47
N ILE C 147 52.10 20.50 -41.74
CA ILE C 147 51.48 21.56 -42.52
C ILE C 147 49.99 21.64 -42.28
N LEU C 148 49.36 20.50 -42.05
CA LEU C 148 47.92 20.51 -41.80
C LEU C 148 47.62 20.94 -40.37
N ASP C 149 48.57 20.73 -39.47
CA ASP C 149 48.36 21.08 -38.07
C ASP C 149 48.61 22.55 -37.78
N LYS C 150 49.64 23.13 -38.39
CA LYS C 150 49.89 24.56 -38.20
C LYS C 150 48.69 25.40 -38.61
N ILE C 151 47.92 24.93 -39.59
CA ILE C 151 46.72 25.65 -39.99
C ILE C 151 45.76 25.76 -38.81
N LEU C 152 45.52 24.66 -38.11
CA LEU C 152 44.65 24.73 -36.95
C LEU C 152 45.29 25.51 -35.82
N ASN C 153 46.61 25.43 -35.67
CA ASN C 153 47.28 26.20 -34.62
C ASN C 153 47.09 27.69 -34.83
N VAL C 154 47.02 28.12 -36.09
CA VAL C 154 46.81 29.53 -36.39
C VAL C 154 45.32 29.88 -36.35
N GLU C 155 44.47 28.95 -36.78
CA GLU C 155 43.04 29.21 -36.77
C GLU C 155 42.51 29.36 -35.35
N ALA C 156 43.06 28.62 -34.39
CA ALA C 156 42.64 28.80 -33.01
C ALA C 156 42.99 30.20 -32.50
N MET C 157 44.18 30.67 -32.83
CA MET C 157 44.60 32.02 -32.43
C MET C 157 43.70 33.08 -33.06
N HIS C 158 43.34 32.89 -34.32
CA HIS C 158 42.47 33.87 -34.96
C HIS C 158 41.06 33.84 -34.37
N THR C 159 40.56 32.66 -34.02
CA THR C 159 39.26 32.59 -33.37
C THR C 159 39.28 33.26 -32.01
N VAL C 160 40.39 33.14 -31.27
CA VAL C 160 40.48 33.83 -29.99
C VAL C 160 40.48 35.34 -30.18
N LEU C 161 41.25 35.83 -31.16
CA LEU C 161 41.27 37.27 -31.42
C LEU C 161 39.91 37.78 -31.86
N ARG C 162 39.19 37.01 -32.67
CA ARG C 162 37.87 37.44 -33.10
C ARG C 162 36.90 37.46 -31.94
N ALA C 163 36.95 36.44 -31.09
CA ALA C 163 36.05 36.39 -29.95
C ALA C 163 36.38 37.44 -28.91
N LEU C 164 37.57 38.04 -28.95
CA LEU C 164 37.91 39.12 -28.04
C LEU C 164 37.57 40.49 -28.61
N LYS C 165 37.88 40.73 -29.88
CA LYS C 165 37.50 42.00 -30.49
C LYS C 165 35.99 42.16 -30.53
N ASN C 166 35.24 41.12 -30.89
CA ASN C 166 33.80 41.27 -30.93
C ASN C 166 33.20 41.48 -29.56
N THR C 167 33.81 40.95 -28.52
CA THR C 167 33.30 41.13 -27.16
C THR C 167 33.62 42.52 -26.64
N ALA C 168 34.81 43.04 -26.94
CA ALA C 168 35.07 44.43 -26.61
C ALA C 168 34.08 45.36 -27.29
N ASP C 169 33.81 45.13 -28.57
CA ASP C 169 32.85 45.99 -29.25
C ASP C 169 31.45 45.84 -28.67
N ALA C 170 31.06 44.62 -28.31
CA ALA C 170 29.77 44.44 -27.68
C ALA C 170 29.72 45.18 -26.36
N MET C 171 30.86 45.31 -25.69
CA MET C 171 30.90 46.04 -24.43
C MET C 171 30.68 47.53 -24.66
N GLU C 172 31.32 48.09 -25.68
CA GLU C 172 31.07 49.49 -26.00
C GLU C 172 29.63 49.73 -26.40
N ARG C 173 29.06 48.84 -27.21
CA ARG C 173 27.67 49.03 -27.60
C ARG C 173 26.74 48.85 -26.42
N GLY C 174 27.10 48.01 -25.46
CA GLY C 174 26.27 47.87 -24.27
C GLY C 174 26.35 49.07 -23.38
N LEU C 175 27.51 49.72 -23.32
CA LEU C 175 27.61 50.96 -22.57
C LEU C 175 26.77 52.05 -23.21
N ILE C 176 26.80 52.14 -24.54
CA ILE C 176 25.93 53.08 -25.24
C ILE C 176 24.47 52.77 -24.92
N HIS C 177 24.10 51.51 -25.02
CA HIS C 177 22.74 51.08 -24.78
C HIS C 177 22.30 51.42 -23.36
N SER C 178 23.16 51.20 -22.37
CA SER C 178 22.77 51.46 -21.00
C SER C 178 22.65 52.94 -20.73
N PHE C 179 23.54 53.75 -21.33
CA PHE C 179 23.37 55.18 -21.14
C PHE C 179 22.12 55.69 -21.82
N LEU C 180 21.63 55.00 -22.85
CA LEU C 180 20.37 55.42 -23.42
C LEU C 180 19.19 54.93 -22.58
N GLN C 181 19.33 53.74 -22.00
CA GLN C 181 18.29 53.23 -21.12
C GLN C 181 18.14 54.12 -19.90
N THR C 182 19.24 54.70 -19.42
CA THR C 182 19.14 55.61 -18.29
C THR C 182 18.35 56.87 -18.62
N LEU C 183 18.61 57.47 -19.78
CA LEU C 183 17.85 58.66 -20.14
C LEU C 183 16.41 58.33 -20.40
N LEU C 184 16.11 57.16 -20.98
CA LEU C 184 14.71 56.84 -21.22
C LEU C 184 13.96 56.57 -19.92
N ARG C 185 14.66 56.35 -18.80
CA ARG C 185 13.98 56.28 -17.52
C ARG C 185 13.95 57.62 -16.81
N LYS C 186 14.79 58.58 -17.18
CA LYS C 186 14.76 59.88 -16.52
C LYS C 186 14.19 60.98 -17.40
N ALA C 187 13.40 60.63 -18.40
CA ALA C 187 12.96 61.58 -19.42
C ALA C 187 11.45 61.61 -19.49
N PRO C 188 10.83 62.57 -18.81
CA PRO C 188 9.38 62.65 -18.84
C PRO C 188 8.89 63.03 -20.22
N PRO C 189 7.67 62.64 -20.57
CA PRO C 189 7.15 62.91 -21.91
C PRO C 189 7.01 64.39 -22.17
N TYR C 190 6.82 64.75 -23.44
CA TYR C 190 6.86 66.15 -23.81
C TYR C 190 5.80 66.97 -23.08
N PHE C 191 4.56 66.47 -23.04
CA PHE C 191 3.48 67.28 -22.49
C PHE C 191 3.69 67.57 -21.02
N VAL C 192 4.37 66.68 -20.30
CA VAL C 192 4.62 66.92 -18.89
C VAL C 192 5.56 68.08 -18.69
N VAL C 193 6.70 68.05 -19.37
CA VAL C 193 7.65 69.15 -19.27
C VAL C 193 7.03 70.44 -19.78
N GLN C 194 6.19 70.37 -20.81
CA GLN C 194 5.64 71.61 -21.32
C GLN C 194 4.64 72.21 -20.35
N THR C 195 3.79 71.37 -19.74
CA THR C 195 2.87 71.92 -18.78
C THR C 195 3.61 72.56 -17.62
N LEU C 196 4.68 71.91 -17.15
CA LEU C 196 5.46 72.54 -16.08
C LEU C 196 6.11 73.84 -16.54
N VAL C 197 6.52 73.92 -17.81
CA VAL C 197 7.19 75.11 -18.31
C VAL C 197 6.22 76.22 -18.64
N GLU C 198 4.93 75.92 -18.69
CA GLU C 198 3.92 76.93 -18.88
C GLU C 198 3.30 77.40 -17.57
N ASN C 199 3.20 76.52 -16.58
CA ASN C 199 2.61 76.86 -15.30
C ASN C 199 3.66 77.03 -14.22
N ALA C 200 4.88 77.47 -14.58
CA ALA C 200 5.92 77.64 -13.59
C ALA C 200 5.66 78.84 -12.68
N THR C 201 5.04 79.89 -13.22
CA THR C 201 4.90 81.13 -12.44
C THR C 201 3.97 80.95 -11.27
N LEU C 202 2.78 80.39 -11.53
CA LEU C 202 1.68 80.53 -10.58
C LEU C 202 1.91 79.74 -9.30
N ALA C 203 2.76 78.71 -9.33
CA ALA C 203 2.87 77.78 -8.21
C ALA C 203 4.05 78.13 -7.31
N ARG C 204 3.90 79.26 -6.60
CA ARG C 204 4.99 79.75 -5.75
C ARG C 204 5.16 78.89 -4.50
N GLN C 205 4.17 78.07 -4.18
CA GLN C 205 4.17 77.20 -3.02
C GLN C 205 3.80 75.79 -3.48
N ALA C 206 3.81 74.82 -2.56
CA ALA C 206 3.18 73.54 -2.87
C ALA C 206 1.78 73.79 -3.38
N LEU C 207 1.45 73.20 -4.52
CA LEU C 207 0.37 73.77 -5.32
C LEU C 207 -0.99 73.50 -4.69
N ASN C 208 -1.85 74.51 -4.82
CA ASN C 208 -3.17 74.53 -4.22
C ASN C 208 -4.05 73.44 -4.82
N ARG C 209 -5.18 73.17 -4.16
CA ARG C 209 -6.10 72.16 -4.65
C ARG C 209 -6.54 72.45 -6.08
N ILE C 210 -6.64 73.73 -6.43
CA ILE C 210 -7.12 74.12 -7.77
C ILE C 210 -6.01 74.00 -8.83
N GLN C 211 -4.78 74.37 -8.48
CA GLN C 211 -3.71 74.34 -9.47
C GLN C 211 -3.48 72.94 -9.97
N ARG C 212 -3.67 71.95 -9.11
CA ARG C 212 -3.55 70.58 -9.57
C ARG C 212 -4.55 70.28 -10.68
N SER C 213 -5.75 70.85 -10.58
CA SER C 213 -6.76 70.64 -11.62
C SER C 213 -6.39 71.34 -12.91
N ASN C 214 -5.83 72.55 -12.79
CA ASN C 214 -5.35 73.24 -14.01
C ASN C 214 -4.24 72.44 -14.68
N ILE C 215 -3.33 71.89 -13.89
CA ILE C 215 -2.21 71.14 -14.43
C ILE C 215 -2.71 69.86 -15.08
N LEU C 216 -3.65 69.17 -14.43
CA LEU C 216 -4.19 67.96 -15.01
C LEU C 216 -4.91 68.23 -16.32
N GLN C 217 -5.70 69.32 -16.37
CA GLN C 217 -6.36 69.68 -17.61
C GLN C 217 -5.34 69.93 -18.71
N SER C 218 -4.25 70.62 -18.39
CA SER C 218 -3.26 70.88 -19.41
C SER C 218 -2.55 69.61 -19.85
N PHE C 219 -2.29 68.68 -18.93
CA PHE C 219 -1.73 67.38 -19.33
C PHE C 219 -2.62 66.71 -20.36
N LYS C 220 -3.91 66.61 -20.05
CA LYS C 220 -4.83 65.91 -20.92
C LYS C 220 -4.96 66.59 -22.27
N ALA C 221 -4.95 67.93 -22.28
CA ALA C 221 -5.06 68.61 -23.57
C ALA C 221 -3.80 68.40 -24.40
N LYS C 222 -2.63 68.55 -23.80
CA LYS C 222 -1.41 68.44 -24.56
C LYS C 222 -1.20 67.02 -25.08
N MET C 223 -1.74 66.03 -24.37
CA MET C 223 -1.54 64.65 -24.77
C MET C 223 -2.20 64.33 -26.11
N LEU C 224 -3.43 64.79 -26.32
CA LEU C 224 -4.17 64.45 -27.54
C LEU C 224 -3.76 65.31 -28.72
N ALA C 225 -3.11 66.44 -28.49
CA ALA C 225 -2.71 67.34 -29.56
C ALA C 225 -1.22 67.26 -29.82
N THR C 226 -0.49 66.42 -29.11
CA THR C 226 0.93 66.25 -29.35
C THR C 226 1.34 64.79 -29.50
N LEU C 227 0.39 63.88 -29.70
CA LEU C 227 0.72 62.46 -29.58
C LEU C 227 1.61 61.98 -30.70
N PHE C 228 1.31 62.31 -31.94
CA PHE C 228 2.19 61.98 -33.05
C PHE C 228 2.38 63.25 -33.85
N LEU C 229 3.63 63.65 -34.05
CA LEU C 229 3.91 64.97 -34.58
C LEU C 229 4.28 64.91 -36.05
N LEU C 230 5.28 64.12 -36.42
CA LEU C 230 5.60 63.97 -37.82
C LEU C 230 4.50 63.23 -38.55
N ASN C 231 3.61 62.56 -37.82
CA ASN C 231 2.51 61.88 -38.49
C ASN C 231 1.43 62.86 -38.93
N ARG C 232 1.04 63.81 -38.09
CA ARG C 232 -0.04 64.69 -38.50
C ARG C 232 0.50 65.92 -39.20
N THR C 233 1.26 66.71 -38.48
CA THR C 233 1.75 67.96 -39.04
C THR C 233 3.15 67.77 -39.62
N ARG C 234 3.47 68.61 -40.60
CA ARG C 234 4.84 68.79 -41.05
C ARG C 234 5.12 70.25 -41.39
N ASP C 235 4.35 71.18 -40.83
CA ASP C 235 4.63 72.59 -41.10
C ASP C 235 5.98 72.97 -40.55
N ARG C 236 6.86 73.45 -41.43
CA ARG C 236 8.24 73.69 -41.02
C ARG C 236 8.32 74.70 -39.89
N ASP C 237 7.55 75.78 -39.97
CA ASP C 237 7.56 76.77 -38.90
C ASP C 237 7.03 76.21 -37.60
N TYR C 238 6.19 75.19 -37.65
CA TYR C 238 5.65 74.60 -36.43
C TYR C 238 6.56 73.52 -35.86
N VAL C 239 7.13 72.68 -36.71
CA VAL C 239 8.09 71.69 -36.22
C VAL C 239 9.31 72.36 -35.64
N LEU C 240 9.75 73.47 -36.24
CA LEU C 240 10.87 74.20 -35.66
C LEU C 240 10.50 74.76 -34.30
N LYS C 241 9.30 75.31 -34.18
CA LYS C 241 8.86 75.84 -32.90
C LYS C 241 8.76 74.75 -31.85
N PHE C 242 8.27 73.57 -32.23
CA PHE C 242 8.17 72.48 -31.28
C PHE C 242 9.55 71.99 -30.85
N LEU C 243 10.50 71.90 -31.78
CA LEU C 243 11.80 71.40 -31.38
C LEU C 243 12.54 72.41 -30.51
N THR C 244 12.49 73.70 -30.84
CA THR C 244 13.09 74.68 -29.94
C THR C 244 12.36 74.75 -28.62
N ARG C 245 11.08 74.39 -28.60
CA ARG C 245 10.32 74.31 -27.38
C ARG C 245 10.79 73.14 -26.52
N LEU C 246 11.22 72.05 -27.16
CA LEU C 246 11.77 70.93 -26.41
C LEU C 246 13.07 71.30 -25.72
N ALA C 247 13.94 72.04 -26.40
CA ALA C 247 15.17 72.50 -25.77
C ALA C 247 14.90 73.56 -24.71
N GLU C 248 13.95 74.46 -24.95
CA GLU C 248 13.70 75.49 -23.96
C GLU C 248 13.03 74.91 -22.72
N ALA C 249 12.42 73.75 -22.84
CA ALA C 249 11.75 73.12 -21.71
C ALA C 249 12.69 72.35 -20.80
N ALA C 250 13.91 72.09 -21.23
CA ALA C 250 14.84 71.30 -20.44
C ALA C 250 15.70 72.19 -19.56
N THR C 251 15.81 71.82 -18.29
CA THR C 251 16.55 72.62 -17.33
C THR C 251 18.05 72.43 -17.48
N ASP C 252 18.79 73.47 -17.12
CA ASP C 252 20.24 73.46 -17.18
C ASP C 252 20.81 72.49 -16.14
N SER C 253 21.94 71.88 -16.50
CA SER C 253 22.66 70.99 -15.60
C SER C 253 23.46 71.78 -14.57
N ILE C 254 23.83 71.10 -13.48
CA ILE C 254 24.52 71.78 -12.39
C ILE C 254 25.88 72.31 -12.83
N LEU C 255 26.65 71.49 -13.54
CA LEU C 255 28.03 71.82 -13.84
C LEU C 255 28.24 71.77 -15.34
N ASP C 256 28.91 72.79 -15.87
CA ASP C 256 29.10 72.92 -17.30
C ASP C 256 30.52 73.41 -17.54
N ASN C 257 31.33 72.57 -18.18
CA ASN C 257 32.72 72.89 -18.42
C ASN C 257 32.84 73.54 -19.78
N PRO C 258 33.25 74.81 -19.86
CA PRO C 258 33.29 75.49 -21.16
C PRO C 258 34.19 74.80 -22.16
N THR C 259 35.19 74.05 -21.70
CA THR C 259 36.21 73.55 -22.60
C THR C 259 35.71 72.35 -23.41
N THR C 260 34.97 71.44 -22.79
CA THR C 260 34.53 70.25 -23.50
C THR C 260 33.37 70.55 -24.43
N TYR C 261 33.33 69.83 -25.55
CA TYR C 261 32.21 69.90 -26.50
C TYR C 261 31.99 71.32 -27.00
N THR C 262 33.06 71.99 -27.38
CA THR C 262 32.96 73.31 -27.97
C THR C 262 33.16 73.18 -29.47
N THR C 263 32.17 73.62 -30.22
CA THR C 263 32.29 73.70 -31.67
C THR C 263 33.42 74.66 -32.02
N SER C 264 34.11 74.39 -33.13
CA SER C 264 35.08 75.35 -33.61
C SER C 264 34.40 76.67 -33.90
N SER C 265 35.17 77.75 -33.81
CA SER C 265 34.66 79.11 -34.03
C SER C 265 33.72 79.56 -32.92
N GLY C 266 34.05 79.26 -31.66
CA GLY C 266 33.44 79.92 -30.53
C GLY C 266 32.06 79.46 -30.15
N ALA C 267 31.48 78.48 -30.86
CA ALA C 267 30.16 77.99 -30.50
C ALA C 267 30.24 77.03 -29.33
N LYS C 268 29.17 76.99 -28.54
CA LYS C 268 29.09 76.19 -27.33
C LYS C 268 27.84 75.31 -27.40
N ILE C 269 28.03 73.99 -27.25
CA ILE C 269 26.95 73.03 -27.38
C ILE C 269 26.07 73.02 -26.12
N SER C 270 24.76 72.76 -26.32
CA SER C 270 23.87 72.50 -25.21
C SER C 270 23.00 71.27 -25.50
N GLY C 271 23.53 70.09 -25.16
CA GLY C 271 22.74 68.86 -25.24
C GLY C 271 22.76 68.17 -26.59
N VAL C 272 22.01 67.07 -26.65
CA VAL C 272 21.97 66.16 -27.79
C VAL C 272 20.57 65.57 -27.86
N MET C 273 20.09 65.32 -29.08
CA MET C 273 18.80 64.68 -29.24
C MET C 273 18.93 63.52 -30.19
N VAL C 274 18.24 62.42 -29.86
CA VAL C 274 18.48 61.14 -30.51
C VAL C 274 17.16 60.57 -30.98
N SER C 275 17.21 59.84 -32.10
CA SER C 275 16.02 59.26 -32.71
C SER C 275 16.43 58.22 -33.73
N THR C 276 15.43 57.52 -34.25
CA THR C 276 15.63 56.54 -35.29
C THR C 276 16.04 57.22 -36.60
N ALA C 277 16.50 56.39 -37.55
CA ALA C 277 16.98 56.94 -38.81
C ALA C 277 15.88 57.64 -39.59
N ASN C 278 14.70 57.01 -39.69
CA ASN C 278 13.65 57.57 -40.53
C ASN C 278 13.10 58.87 -39.95
N VAL C 279 13.35 59.15 -38.68
CA VAL C 279 12.94 60.44 -38.13
C VAL C 279 13.93 61.53 -38.51
N MET C 280 15.23 61.29 -38.25
CA MET C 280 16.21 62.30 -38.60
C MET C 280 16.26 62.55 -40.09
N GLN C 281 15.91 61.55 -40.89
CA GLN C 281 15.83 61.78 -42.34
C GLN C 281 14.70 62.74 -42.68
N ILE C 282 13.63 62.74 -41.89
CA ILE C 282 12.57 63.72 -42.09
C ILE C 282 13.03 65.09 -41.62
N ILE C 283 13.81 65.13 -40.54
CA ILE C 283 14.22 66.41 -39.99
C ILE C 283 15.24 67.10 -40.89
N MET C 284 16.19 66.34 -41.45
CA MET C 284 17.15 66.94 -42.38
C MET C 284 16.44 67.55 -43.57
N SER C 285 15.29 67.01 -43.93
CA SER C 285 14.51 67.60 -45.01
C SER C 285 13.78 68.84 -44.53
N LEU C 286 13.15 68.77 -43.35
CA LEU C 286 12.35 69.90 -42.90
C LEU C 286 13.19 71.07 -42.41
N LEU C 287 14.37 70.80 -41.86
CA LEU C 287 15.15 71.87 -41.25
C LEU C 287 16.54 71.99 -41.87
N SER C 288 16.66 71.70 -43.17
CA SER C 288 17.97 71.73 -43.79
C SER C 288 18.64 73.09 -43.67
N SER C 289 17.85 74.14 -43.44
CA SER C 289 18.43 75.46 -43.32
C SER C 289 19.27 75.61 -42.06
N HIS C 290 18.88 74.96 -40.98
CA HIS C 290 19.50 75.19 -39.67
C HIS C 290 20.61 74.21 -39.35
N ILE C 291 20.49 72.96 -39.81
CA ILE C 291 21.48 71.94 -39.47
C ILE C 291 22.78 72.24 -40.20
N THR C 292 23.89 72.20 -39.46
CA THR C 292 25.20 72.57 -39.97
C THR C 292 26.23 71.62 -39.38
N LYS C 293 26.84 70.78 -40.20
CA LYS C 293 27.85 69.86 -39.71
C LYS C 293 29.06 70.63 -39.22
N GLU C 294 29.58 70.23 -38.06
CA GLU C 294 30.64 70.96 -37.40
C GLU C 294 31.58 69.98 -36.71
N THR C 295 32.72 70.50 -36.24
CA THR C 295 33.75 69.68 -35.62
C THR C 295 33.74 69.92 -34.12
N VAL C 296 33.04 69.04 -33.40
CA VAL C 296 32.88 69.18 -31.96
C VAL C 296 34.11 68.67 -31.24
N SER C 297 34.52 69.37 -30.19
CA SER C 297 35.76 69.05 -29.47
C SER C 297 35.47 68.18 -28.24
N ALA C 298 35.18 66.92 -28.49
CA ALA C 298 34.69 66.08 -27.41
C ALA C 298 35.84 65.65 -26.50
N PRO C 299 35.55 65.30 -25.25
CA PRO C 299 36.60 64.76 -24.38
C PRO C 299 37.04 63.40 -24.88
N ALA C 300 38.33 63.12 -24.72
CA ALA C 300 38.92 61.96 -25.36
C ALA C 300 39.13 60.77 -24.44
N THR C 301 39.03 60.95 -23.13
CA THR C 301 39.33 59.85 -22.22
C THR C 301 38.46 59.94 -20.98
N TYR C 302 38.15 58.77 -20.42
CA TYR C 302 37.48 58.72 -19.14
C TYR C 302 38.29 59.43 -18.08
N GLY C 303 37.60 60.04 -17.13
CA GLY C 303 38.25 60.56 -15.96
C GLY C 303 38.54 59.48 -14.97
N ASN C 304 39.05 59.90 -13.81
CA ASN C 304 39.22 59.00 -12.70
C ASN C 304 38.94 59.77 -11.42
N PHE C 305 38.49 59.05 -10.40
CA PHE C 305 38.19 59.65 -9.10
C PHE C 305 38.98 58.89 -8.04
N VAL C 306 40.23 59.31 -7.86
CA VAL C 306 41.14 58.63 -6.93
C VAL C 306 40.82 59.07 -5.50
N LEU C 307 40.96 58.15 -4.57
CA LEU C 307 40.75 58.46 -3.16
C LEU C 307 41.99 59.09 -2.52
N SER C 308 41.76 60.10 -1.72
CA SER C 308 42.80 60.73 -0.92
C SER C 308 43.19 59.81 0.22
N PRO C 309 44.39 59.98 0.79
CA PRO C 309 44.79 59.13 1.92
C PRO C 309 43.89 59.30 3.12
N GLU C 310 43.37 60.50 3.35
CA GLU C 310 42.51 60.74 4.50
C GLU C 310 41.20 59.99 4.38
N ASN C 311 40.74 59.74 3.14
CA ASN C 311 39.46 59.09 2.95
C ASN C 311 39.49 57.63 3.39
N ALA C 312 40.66 56.98 3.34
CA ALA C 312 40.70 55.60 3.80
C ALA C 312 40.28 55.48 5.26
N VAL C 313 40.65 56.43 6.11
CA VAL C 313 40.27 56.36 7.52
C VAL C 313 38.77 56.57 7.68
N THR C 314 38.23 57.60 7.05
CA THR C 314 36.81 57.88 7.20
C THR C 314 35.95 56.78 6.59
N ALA C 315 36.46 56.07 5.58
CA ALA C 315 35.72 54.95 5.01
C ALA C 315 35.64 53.80 5.99
N ILE C 316 36.68 53.60 6.80
CA ILE C 316 36.75 52.47 7.71
C ILE C 316 36.01 52.74 9.00
N SER C 317 36.32 53.85 9.65
CA SER C 317 35.71 54.15 10.94
C SER C 317 34.25 54.55 10.81
N TYR C 318 33.87 55.23 9.73
CA TYR C 318 32.54 55.83 9.65
C TYR C 318 31.71 55.40 8.47
N HIS C 319 32.24 54.57 7.56
CA HIS C 319 31.49 54.11 6.41
C HIS C 319 30.95 55.27 5.57
N SER C 320 31.78 56.29 5.37
CA SER C 320 31.38 57.44 4.56
C SER C 320 32.59 58.16 4.03
N ILE C 321 32.45 58.76 2.86
CA ILE C 321 33.56 59.35 2.12
C ILE C 321 33.07 60.66 1.52
N LEU C 322 33.66 61.78 1.96
CA LEU C 322 33.39 63.04 1.28
C LEU C 322 34.55 63.35 0.36
N ALA C 323 34.24 63.76 -0.86
CA ALA C 323 35.27 64.06 -1.84
C ALA C 323 36.08 65.27 -1.42
N ASP C 324 37.40 65.20 -1.63
CA ASP C 324 38.31 66.30 -1.32
C ASP C 324 38.19 66.73 0.14
N PHE C 325 38.32 65.75 1.04
CA PHE C 325 38.33 66.03 2.47
C PHE C 325 39.40 67.05 2.82
N ASN C 326 40.52 67.04 2.11
CA ASN C 326 41.65 67.88 2.48
C ASN C 326 41.40 69.34 2.15
N SER C 327 40.56 69.62 1.16
CA SER C 327 40.23 70.99 0.83
C SER C 327 39.27 71.60 1.85
N TYR C 328 38.35 70.80 2.36
CA TYR C 328 37.45 71.26 3.41
C TYR C 328 38.22 71.64 4.67
N LYS C 329 39.25 70.87 5.01
CA LYS C 329 40.05 71.18 6.19
C LYS C 329 40.73 72.53 6.06
N ALA C 330 41.12 72.90 4.84
CA ALA C 330 41.79 74.18 4.64
C ALA C 330 40.80 75.33 4.64
N HIS C 331 39.65 75.14 4.00
CA HIS C 331 38.70 76.25 3.91
C HIS C 331 37.97 76.46 5.23
N LEU C 332 37.82 75.41 6.05
CA LEU C 332 37.26 75.61 7.38
C LEU C 332 38.26 76.28 8.32
N THR C 333 39.53 75.90 8.24
CA THR C 333 40.53 76.56 9.08
C THR C 333 40.71 78.01 8.67
N SER C 334 40.69 78.30 7.37
CA SER C 334 40.89 79.67 6.91
C SER C 334 39.60 80.47 6.89
N GLY C 335 38.45 79.85 7.11
CA GLY C 335 37.20 80.55 7.27
C GLY C 335 36.49 80.95 6.00
N GLN C 336 36.97 80.51 4.85
CA GLN C 336 36.39 80.93 3.58
C GLN C 336 35.16 80.08 3.22
N PRO C 337 34.08 80.69 2.76
CA PRO C 337 32.83 79.94 2.57
C PRO C 337 32.74 79.12 1.30
N HIS C 338 33.28 79.59 0.19
CA HIS C 338 33.02 78.98 -1.09
C HIS C 338 34.12 78.00 -1.47
N LEU C 339 33.77 77.00 -2.27
CA LEU C 339 34.72 76.05 -2.84
C LEU C 339 34.96 76.38 -4.31
N PRO C 340 36.19 76.28 -4.81
CA PRO C 340 36.42 76.54 -6.23
C PRO C 340 35.74 75.55 -7.17
N ASN C 341 35.73 74.28 -6.82
CA ASN C 341 35.16 73.25 -7.70
C ASN C 341 34.72 72.09 -6.84
N ASP C 342 33.66 71.38 -7.24
CA ASP C 342 33.05 70.38 -6.37
C ASP C 342 33.34 68.99 -6.92
N SER C 343 34.60 68.76 -7.27
CA SER C 343 35.28 67.48 -7.42
C SER C 343 34.75 66.60 -8.54
N LEU C 344 33.47 66.73 -8.87
CA LEU C 344 32.97 65.96 -10.00
C LEU C 344 33.28 66.68 -11.30
N SER C 345 33.36 68.00 -11.25
CA SER C 345 33.98 68.73 -12.35
C SER C 345 35.50 68.68 -12.25
N GLN C 346 36.01 68.17 -11.13
CA GLN C 346 37.45 68.13 -10.95
C GLN C 346 38.08 66.96 -11.67
N ALA C 347 37.30 65.95 -12.01
CA ALA C 347 37.83 64.70 -12.50
C ALA C 347 37.41 64.47 -13.94
N GLY C 348 38.39 64.34 -14.82
CA GLY C 348 38.16 63.84 -16.15
C GLY C 348 38.27 64.90 -17.24
N ALA C 349 38.38 64.41 -18.47
CA ALA C 349 38.25 65.21 -19.69
C ALA C 349 39.35 66.28 -19.81
N HIS C 350 40.56 65.93 -19.38
CA HIS C 350 41.66 66.87 -19.58
C HIS C 350 42.13 66.87 -21.03
N SER C 351 41.99 65.74 -21.73
CA SER C 351 42.44 65.61 -23.11
C SER C 351 41.24 65.52 -24.04
N LEU C 352 41.20 66.37 -25.07
CA LEU C 352 40.05 66.51 -25.95
C LEU C 352 40.46 66.25 -27.39
N THR C 353 39.59 65.61 -28.14
CA THR C 353 39.80 65.19 -29.51
C THR C 353 38.62 65.62 -30.38
N PRO C 354 38.85 65.98 -31.65
CA PRO C 354 37.74 66.42 -32.50
C PRO C 354 36.90 65.25 -32.99
N LEU C 355 35.66 65.55 -33.35
CA LEU C 355 34.81 64.59 -34.02
C LEU C 355 33.67 65.33 -34.71
N SER C 356 33.35 64.90 -35.92
CA SER C 356 32.34 65.59 -36.71
C SER C 356 30.95 65.21 -36.22
N MET C 357 30.08 66.21 -36.12
CA MET C 357 28.72 66.01 -35.66
C MET C 357 27.83 66.93 -36.44
N ASP C 358 26.54 66.67 -36.39
CA ASP C 358 25.57 67.63 -36.92
C ASP C 358 24.97 68.41 -35.76
N VAL C 359 24.84 69.71 -35.94
CA VAL C 359 24.25 70.56 -34.91
C VAL C 359 23.12 71.35 -35.55
N ILE C 360 22.21 71.82 -34.70
CA ILE C 360 21.06 72.61 -35.12
C ILE C 360 20.99 73.85 -34.26
N ARG C 361 20.60 74.95 -34.90
CA ARG C 361 20.31 76.20 -34.19
C ARG C 361 18.84 76.16 -33.77
N LEU C 362 18.60 76.35 -32.48
CA LEU C 362 17.26 76.35 -31.91
C LEU C 362 17.01 77.66 -31.18
N GLY C 363 17.32 78.79 -31.81
CA GLY C 363 17.32 80.04 -31.11
C GLY C 363 18.45 80.15 -30.12
N GLU C 364 19.67 80.26 -30.65
CA GLU C 364 20.92 80.46 -29.91
C GLU C 364 21.35 79.20 -29.15
N LYS C 365 20.51 78.16 -29.14
CA LYS C 365 20.93 76.85 -28.70
C LYS C 365 21.52 76.07 -29.88
N THR C 366 22.54 75.25 -29.62
CA THR C 366 23.12 74.40 -30.68
C THR C 366 23.01 72.94 -30.24
N VAL C 367 21.92 72.30 -30.61
CA VAL C 367 21.70 70.92 -30.20
C VAL C 367 22.40 69.96 -31.14
N ILE C 368 23.02 68.93 -30.59
CA ILE C 368 23.59 67.87 -31.41
C ILE C 368 22.47 66.98 -31.91
N MET C 369 22.57 66.56 -33.17
CA MET C 369 21.64 65.61 -33.76
C MET C 369 22.41 64.34 -34.04
N GLU C 370 21.90 63.22 -33.53
CA GLU C 370 22.66 61.98 -33.65
C GLU C 370 21.73 60.81 -33.79
N ASN C 371 21.91 60.08 -34.88
CA ASN C 371 21.25 58.81 -35.09
C ASN C 371 22.06 57.71 -34.42
N LEU C 372 21.36 56.69 -33.92
CA LEU C 372 22.02 55.58 -33.27
C LEU C 372 21.76 54.25 -33.94
N ARG C 373 21.00 54.22 -35.03
CA ARG C 373 20.78 52.96 -35.73
C ARG C 373 22.08 52.36 -36.23
N ARG C 374 23.12 53.17 -36.42
CA ARG C 374 24.43 52.65 -36.79
C ARG C 374 24.89 51.56 -35.84
N VAL C 375 24.66 51.71 -34.53
CA VAL C 375 25.18 50.74 -33.58
C VAL C 375 24.29 49.53 -33.44
N TYR C 376 23.09 49.55 -34.02
CA TYR C 376 22.16 48.45 -33.91
C TYR C 376 22.01 47.65 -35.18
N LYS C 377 22.84 47.89 -36.19
CA LYS C 377 22.77 47.06 -37.39
C LYS C 377 23.15 45.62 -37.07
N ASN C 378 22.29 44.70 -37.50
CA ASN C 378 22.53 43.27 -37.42
C ASN C 378 22.61 42.74 -36.00
N THR C 379 22.43 43.61 -35.02
CA THR C 379 22.37 43.14 -33.65
C THR C 379 21.04 42.46 -33.38
N ASP C 380 21.00 41.71 -32.28
CA ASP C 380 19.79 41.02 -31.86
C ASP C 380 18.98 41.78 -30.83
N THR C 381 19.40 42.99 -30.46
CA THR C 381 18.70 43.79 -29.46
C THR C 381 17.88 44.86 -30.16
N LYS C 382 16.62 44.99 -29.76
CA LYS C 382 15.75 46.02 -30.32
C LYS C 382 16.21 47.40 -29.87
N ASP C 383 16.15 48.36 -30.79
CA ASP C 383 16.54 49.73 -30.52
C ASP C 383 15.71 50.28 -29.36
N PRO C 384 16.34 50.86 -28.33
CA PRO C 384 15.54 51.42 -27.23
C PRO C 384 14.72 52.62 -27.64
N LEU C 385 15.07 53.29 -28.73
CA LEU C 385 14.28 54.46 -29.14
C LEU C 385 13.03 54.05 -29.90
N GLU C 386 13.04 52.92 -30.59
CA GLU C 386 11.80 52.38 -31.11
C GLU C 386 10.98 51.82 -29.95
N ARG C 387 9.72 52.24 -29.88
CA ARG C 387 8.89 51.88 -28.74
C ARG C 387 7.51 51.53 -29.27
N ASN C 388 6.64 51.15 -28.36
CA ASN C 388 5.25 50.94 -28.69
C ASN C 388 4.40 51.72 -27.72
N VAL C 389 3.25 52.17 -28.19
CA VAL C 389 2.34 52.98 -27.39
C VAL C 389 0.97 52.34 -27.43
N ASP C 390 0.46 51.96 -26.26
CA ASP C 390 -0.89 51.47 -26.18
C ASP C 390 -1.89 52.61 -25.99
N LEU C 391 -3.06 52.44 -26.58
CA LEU C 391 -4.17 53.38 -26.40
C LEU C 391 -5.43 52.54 -26.22
N THR C 392 -6.03 52.59 -25.04
CA THR C 392 -7.30 51.93 -24.83
C THR C 392 -8.43 52.78 -25.39
N PHE C 393 -9.33 52.16 -26.16
CA PHE C 393 -10.49 52.82 -26.71
C PHE C 393 -11.75 52.16 -26.18
N PHE C 394 -12.87 52.88 -26.24
CA PHE C 394 -14.07 52.31 -25.67
C PHE C 394 -15.28 52.83 -26.40
N PHE C 395 -16.24 51.95 -26.67
CA PHE C 395 -17.39 52.28 -27.49
C PHE C 395 -18.65 51.60 -26.96
N PRO C 396 -19.78 52.29 -26.91
CA PRO C 396 -21.02 51.64 -26.49
C PRO C 396 -21.61 50.80 -27.60
N VAL C 397 -22.37 49.78 -27.22
CA VAL C 397 -23.06 48.97 -28.22
C VAL C 397 -24.41 48.56 -27.64
N GLY C 398 -25.46 48.89 -28.38
CA GLY C 398 -26.80 48.50 -27.97
C GLY C 398 -27.46 49.42 -26.95
N LEU C 399 -27.21 50.71 -26.98
CA LEU C 399 -27.81 51.64 -26.03
C LEU C 399 -29.26 51.91 -26.36
N TYR C 400 -29.86 52.91 -25.72
CA TYR C 400 -31.23 53.28 -26.03
C TYR C 400 -31.39 54.78 -25.76
N LEU C 401 -31.38 55.56 -26.83
CA LEU C 401 -31.51 57.00 -26.72
C LEU C 401 -32.95 57.37 -26.39
N PRO C 402 -33.18 58.44 -25.62
CA PRO C 402 -34.53 58.72 -25.12
C PRO C 402 -35.51 58.97 -26.24
N GLU C 403 -36.73 58.47 -26.08
CA GLU C 403 -37.78 58.76 -27.04
C GLU C 403 -38.41 60.12 -26.79
N ASP C 404 -38.58 60.49 -25.53
CA ASP C 404 -39.24 61.74 -25.17
C ASP C 404 -38.46 62.93 -25.71
N ARG C 405 -37.23 63.13 -25.25
CA ARG C 405 -36.41 64.24 -25.71
C ARG C 405 -35.62 63.84 -26.95
N GLY C 406 -36.32 63.21 -27.89
CA GLY C 406 -35.65 62.71 -29.08
C GLY C 406 -35.47 63.78 -30.13
N TYR C 407 -34.49 63.59 -30.99
CA TYR C 407 -34.14 64.60 -31.97
C TYR C 407 -33.30 63.98 -33.06
N THR C 408 -33.08 64.73 -34.13
CA THR C 408 -32.55 64.16 -35.37
C THR C 408 -31.92 65.24 -36.23
N THR C 409 -30.60 65.34 -36.17
CA THR C 409 -29.86 66.29 -36.97
C THR C 409 -29.96 65.95 -38.46
N VAL C 410 -28.92 65.30 -38.96
CA VAL C 410 -28.63 65.05 -40.37
C VAL C 410 -29.76 64.61 -41.30
N GLU C 411 -30.91 64.21 -40.75
CA GLU C 411 -31.86 63.33 -41.44
C GLU C 411 -32.01 63.62 -42.93
N SER C 412 -31.70 64.83 -43.40
CA SER C 412 -31.73 65.05 -44.84
C SER C 412 -30.79 64.10 -45.57
N LYS C 413 -29.74 63.61 -44.89
CA LYS C 413 -28.78 62.74 -45.56
C LYS C 413 -29.28 61.31 -45.74
N VAL C 414 -29.46 60.58 -44.64
CA VAL C 414 -29.91 59.19 -44.71
C VAL C 414 -31.43 59.13 -44.63
N LYS C 415 -31.98 57.98 -45.00
CA LYS C 415 -33.41 57.70 -44.80
C LYS C 415 -33.59 56.23 -44.51
N LEU C 416 -33.75 55.89 -43.24
CA LEU C 416 -33.82 54.50 -42.84
C LEU C 416 -35.21 53.93 -43.08
N ASN C 417 -35.26 52.66 -43.49
CA ASN C 417 -36.53 52.00 -43.71
C ASN C 417 -37.30 51.91 -42.41
N ASP C 418 -38.61 52.15 -42.48
CA ASP C 418 -39.42 52.10 -41.28
C ASP C 418 -39.53 50.67 -40.79
N THR C 419 -38.90 50.39 -39.65
CA THR C 419 -38.85 49.04 -39.12
C THR C 419 -38.44 49.18 -37.66
N VAL C 420 -38.90 48.24 -36.83
CA VAL C 420 -38.43 48.24 -35.45
C VAL C 420 -36.98 47.83 -35.38
N ARG C 421 -36.49 47.10 -36.39
CA ARG C 421 -35.07 46.78 -36.43
C ARG C 421 -34.23 48.04 -36.66
N ASN C 422 -34.68 48.95 -37.52
CA ASN C 422 -33.99 50.24 -37.61
C ASN C 422 -34.17 51.08 -36.36
N ALA C 423 -35.17 50.79 -35.53
CA ALA C 423 -35.46 51.65 -34.40
C ALA C 423 -34.50 51.40 -33.26
N LEU C 424 -34.47 50.18 -32.74
CA LEU C 424 -33.60 49.87 -31.62
C LEU C 424 -32.24 49.39 -32.10
N PRO C 425 -31.17 50.06 -31.73
CA PRO C 425 -29.84 49.54 -32.07
C PRO C 425 -29.54 48.30 -31.28
N THR C 426 -29.01 47.30 -31.96
CA THR C 426 -28.67 46.03 -31.34
C THR C 426 -27.22 45.70 -31.66
N THR C 427 -26.73 46.22 -32.78
CA THR C 427 -25.37 45.99 -33.22
C THR C 427 -24.61 47.31 -33.19
N ALA C 428 -23.34 47.25 -33.57
CA ALA C 428 -22.54 48.47 -33.71
C ALA C 428 -21.48 48.20 -34.76
N TYR C 429 -21.03 49.26 -35.40
CA TYR C 429 -20.19 49.14 -36.57
C TYR C 429 -18.92 49.95 -36.40
N LEU C 430 -17.81 49.40 -36.85
CA LEU C 430 -16.49 49.97 -36.69
C LEU C 430 -15.69 49.76 -37.96
N LEU C 431 -14.38 49.93 -37.91
CA LEU C 431 -13.57 49.61 -39.07
C LEU C 431 -12.25 49.01 -38.62
N ASN C 432 -11.67 48.22 -39.51
CA ASN C 432 -10.48 47.43 -39.23
C ASN C 432 -9.25 48.31 -39.23
N ARG C 433 -8.09 47.68 -39.07
CA ARG C 433 -6.83 48.40 -39.26
C ARG C 433 -6.78 49.03 -40.64
N ASP C 434 -7.02 48.24 -41.68
CA ASP C 434 -7.38 48.82 -42.96
C ASP C 434 -8.86 49.15 -42.94
N ARG C 435 -9.22 50.27 -43.55
CA ARG C 435 -10.61 50.70 -43.49
C ARG C 435 -11.51 49.66 -44.14
N ALA C 436 -12.39 49.08 -43.35
CA ALA C 436 -13.33 48.10 -43.85
C ALA C 436 -14.35 47.87 -42.76
N VAL C 437 -15.62 47.84 -43.15
CA VAL C 437 -16.70 47.86 -42.18
C VAL C 437 -16.63 46.61 -41.32
N GLN C 438 -16.88 46.78 -40.05
CA GLN C 438 -16.80 45.70 -39.08
C GLN C 438 -17.99 45.77 -38.16
N LYS C 439 -18.38 44.64 -37.61
CA LYS C 439 -19.66 44.54 -36.95
C LYS C 439 -19.49 43.80 -35.63
N ILE C 440 -20.28 44.20 -34.64
CA ILE C 440 -20.31 43.47 -33.38
C ILE C 440 -21.77 43.31 -32.96
N ASP C 441 -22.31 42.11 -33.18
CA ASP C 441 -23.68 41.82 -32.78
C ASP C 441 -23.67 41.32 -31.35
N PHE C 442 -24.86 41.14 -30.78
CA PHE C 442 -24.89 40.60 -29.44
C PHE C 442 -24.42 39.15 -29.39
N VAL C 443 -24.58 38.42 -30.49
CA VAL C 443 -24.18 37.02 -30.50
C VAL C 443 -22.70 36.88 -30.18
N ASP C 444 -21.89 37.84 -30.64
CA ASP C 444 -20.45 37.73 -30.39
C ASP C 444 -20.10 37.83 -28.91
N ALA C 445 -20.93 38.48 -28.11
CA ALA C 445 -20.66 38.53 -26.69
C ALA C 445 -21.02 37.22 -25.99
N LEU C 446 -21.50 36.22 -26.73
CA LEU C 446 -21.98 35.01 -26.09
C LEU C 446 -20.88 34.24 -25.39
N LYS C 447 -19.61 34.51 -25.74
CA LYS C 447 -18.52 33.88 -25.02
C LYS C 447 -18.30 34.46 -23.64
N THR C 448 -18.82 35.65 -23.37
CA THR C 448 -18.67 36.23 -22.05
C THR C 448 -19.99 36.53 -21.36
N LEU C 449 -21.07 36.75 -22.10
CA LEU C 449 -22.35 36.96 -21.46
C LEU C 449 -22.78 35.74 -20.66
N CYS C 450 -22.27 34.57 -21.02
CA CYS C 450 -22.79 33.31 -20.49
C CYS C 450 -21.87 32.67 -19.46
N HIS C 451 -20.80 33.34 -19.05
CA HIS C 451 -19.87 32.69 -18.15
C HIS C 451 -20.50 32.52 -16.77
N PRO C 452 -20.32 31.37 -16.12
CA PRO C 452 -20.94 31.16 -14.82
C PRO C 452 -20.58 32.22 -13.80
N VAL C 453 -19.37 32.79 -13.90
CA VAL C 453 -18.95 33.78 -12.92
C VAL C 453 -19.76 35.06 -13.06
N LEU C 454 -20.39 35.26 -14.22
CA LEU C 454 -21.20 36.46 -14.40
C LEU C 454 -22.48 36.40 -13.58
N HIS C 455 -23.06 35.22 -13.44
CA HIS C 455 -24.36 35.06 -12.83
C HIS C 455 -24.32 34.56 -11.40
N GLU C 456 -23.15 34.50 -10.78
CA GLU C 456 -23.07 34.23 -9.36
C GLU C 456 -22.61 35.46 -8.61
N PRO C 457 -23.42 35.99 -7.69
CA PRO C 457 -23.04 37.19 -6.93
C PRO C 457 -22.50 36.93 -5.54
N ALA C 458 -21.99 35.75 -5.23
CA ALA C 458 -21.37 35.56 -3.93
C ALA C 458 -20.23 36.54 -3.70
N PRO C 459 -19.27 36.72 -4.61
CA PRO C 459 -18.23 37.73 -4.36
C PRO C 459 -18.77 39.13 -4.27
N CYS C 460 -19.87 39.43 -4.95
CA CYS C 460 -20.51 40.72 -4.78
C CYS C 460 -21.18 40.84 -3.41
N LEU C 461 -21.69 39.71 -2.90
CA LEU C 461 -22.40 39.74 -1.63
C LEU C 461 -21.45 39.89 -0.45
N GLN C 462 -20.26 39.31 -0.53
CA GLN C 462 -19.27 39.52 0.51
C GLN C 462 -18.88 41.00 0.61
N THR C 463 -18.57 41.61 -0.51
CA THR C 463 -18.16 43.01 -0.49
C THR C 463 -19.33 43.91 -0.09
N PHE C 464 -20.56 43.47 -0.35
CA PHE C 464 -21.71 44.24 0.13
C PHE C 464 -21.91 44.08 1.63
N THR C 465 -21.66 42.88 2.16
CA THR C 465 -21.94 42.63 3.58
C THR C 465 -20.85 43.17 4.48
N GLU C 466 -19.59 43.14 4.05
CA GLU C 466 -18.50 43.57 4.92
C GLU C 466 -18.58 45.07 5.21
N ARG C 467 -18.86 45.87 4.19
CA ARG C 467 -18.89 47.32 4.39
C ARG C 467 -19.98 47.74 5.38
N GLY C 468 -21.07 46.99 5.41
CA GLY C 468 -22.10 47.21 6.40
C GLY C 468 -23.10 48.26 6.00
N PRO C 469 -24.07 48.52 6.87
CA PRO C 469 -25.09 49.52 6.57
C PRO C 469 -24.49 50.91 6.61
N PRO C 470 -25.02 51.83 5.81
CA PRO C 470 -24.53 53.21 5.82
C PRO C 470 -24.81 53.90 7.15
N SER C 471 -23.94 54.84 7.50
CA SER C 471 -24.13 55.63 8.72
C SER C 471 -24.81 56.97 8.47
N GLU C 472 -25.02 57.37 7.23
CA GLU C 472 -25.66 58.66 6.98
C GLU C 472 -27.09 58.63 7.48
N PRO C 473 -27.53 59.62 8.25
CA PRO C 473 -28.90 59.57 8.79
C PRO C 473 -29.95 59.56 7.70
N ALA C 474 -29.66 60.22 6.57
CA ALA C 474 -30.60 60.25 5.46
C ALA C 474 -30.90 58.88 4.90
N MET C 475 -30.03 57.91 5.14
CA MET C 475 -30.24 56.54 4.68
C MET C 475 -30.89 55.64 5.72
N GLN C 476 -31.13 56.12 6.94
CA GLN C 476 -31.74 55.26 7.94
C GLN C 476 -33.14 54.83 7.50
N ARG C 477 -33.89 55.74 6.89
CA ARG C 477 -35.20 55.40 6.35
C ARG C 477 -35.11 54.26 5.36
N LEU C 478 -33.94 54.10 4.74
CA LEU C 478 -33.71 53.07 3.74
C LEU C 478 -33.41 51.74 4.38
N LEU C 479 -32.85 51.75 5.58
CA LEU C 479 -32.20 50.56 6.12
C LEU C 479 -33.21 49.58 6.72
N GLU C 480 -34.32 50.07 7.25
CA GLU C 480 -35.19 49.25 8.07
C GLU C 480 -36.46 48.86 7.30
N CYS C 481 -36.63 47.56 7.11
CA CYS C 481 -37.88 46.94 6.67
C CYS C 481 -37.77 45.47 7.03
N ARG C 482 -38.75 44.97 7.75
CA ARG C 482 -38.60 43.71 8.47
C ARG C 482 -39.48 42.64 7.87
N PHE C 483 -38.90 41.83 6.98
CA PHE C 483 -39.64 40.73 6.40
C PHE C 483 -39.77 39.60 7.41
N GLN C 484 -40.92 38.95 7.40
CA GLN C 484 -41.20 37.97 8.45
C GLN C 484 -42.01 36.83 7.87
N GLN C 485 -41.57 35.61 8.14
CA GLN C 485 -42.32 34.44 7.71
C GLN C 485 -43.52 34.23 8.60
N GLU C 486 -44.66 33.87 7.98
CA GLU C 486 -45.87 33.68 8.75
C GLU C 486 -46.62 32.44 8.27
N PRO C 487 -47.26 31.70 9.18
CA PRO C 487 -48.00 30.51 8.76
C PRO C 487 -49.22 30.87 7.92
N MET C 488 -49.55 29.97 7.00
CA MET C 488 -50.63 30.14 6.05
C MET C 488 -51.95 29.56 6.53
N GLY C 489 -52.01 29.05 7.77
CA GLY C 489 -53.20 28.33 8.19
C GLY C 489 -54.47 29.14 8.07
N GLY C 490 -54.55 30.27 8.76
CA GLY C 490 -55.75 31.08 8.78
C GLY C 490 -55.64 32.44 8.13
N ALA C 491 -54.58 32.67 7.34
CA ALA C 491 -54.27 34.01 6.85
C ALA C 491 -55.49 34.72 6.26
N ALA C 492 -56.29 34.00 5.47
CA ALA C 492 -57.44 34.63 4.85
C ALA C 492 -58.41 35.17 5.89
N ARG C 493 -58.63 34.42 6.97
CA ARG C 493 -59.58 34.85 7.99
C ARG C 493 -59.03 36.01 8.81
N ARG C 494 -57.75 35.97 9.15
CA ARG C 494 -57.15 36.97 10.02
C ARG C 494 -56.54 38.13 9.26
N ILE C 495 -56.79 38.26 7.96
CA ILE C 495 -56.29 39.42 7.22
C ILE C 495 -56.87 40.74 7.71
N PRO C 496 -58.10 40.83 8.23
CA PRO C 496 -58.50 42.11 8.85
C PRO C 496 -57.71 42.44 10.10
N HIS C 497 -57.23 41.42 10.82
CA HIS C 497 -56.50 41.66 12.06
C HIS C 497 -55.22 42.45 11.80
N PHE C 498 -54.63 42.33 10.62
CA PHE C 498 -53.44 43.12 10.31
C PHE C 498 -53.75 44.60 10.29
N TYR C 499 -54.89 44.98 9.75
CA TYR C 499 -55.17 46.39 9.55
C TYR C 499 -55.75 47.06 10.79
N ARG C 500 -55.87 46.34 11.90
CA ARG C 500 -56.32 46.97 13.12
C ARG C 500 -55.23 47.82 13.76
N VAL C 501 -53.98 47.36 13.71
CA VAL C 501 -52.88 48.22 14.11
C VAL C 501 -52.79 49.37 13.12
N ARG C 502 -52.75 50.59 13.65
CA ARG C 502 -52.66 51.78 12.80
C ARG C 502 -51.21 52.17 12.53
N ARG C 503 -50.26 51.29 12.79
CA ARG C 503 -48.87 51.64 12.55
C ARG C 503 -48.56 51.63 11.06
N GLU C 504 -47.92 52.69 10.60
CA GLU C 504 -47.58 52.84 9.20
C GLU C 504 -46.43 51.90 8.84
N VAL C 505 -46.45 51.40 7.61
CA VAL C 505 -45.57 50.32 7.19
C VAL C 505 -44.43 50.91 6.38
N PRO C 506 -43.18 50.70 6.77
CA PRO C 506 -42.05 51.30 6.05
C PRO C 506 -41.87 50.67 4.68
N ARG C 507 -41.49 51.50 3.71
CA ARG C 507 -41.35 51.02 2.34
C ARG C 507 -40.08 50.22 2.16
N THR C 508 -40.13 49.28 1.23
CA THR C 508 -38.95 48.52 0.85
C THR C 508 -38.07 49.39 -0.02
N VAL C 509 -36.88 48.89 -0.33
CA VAL C 509 -35.95 49.71 -1.09
C VAL C 509 -36.38 49.78 -2.54
N ASN C 510 -36.65 48.64 -3.17
CA ASN C 510 -36.99 48.68 -4.59
C ASN C 510 -38.36 49.29 -4.84
N GLU C 511 -39.18 49.46 -3.81
CA GLU C 511 -40.33 50.34 -3.96
C GLU C 511 -39.86 51.78 -4.10
N MET C 512 -38.89 52.18 -3.27
CA MET C 512 -38.35 53.53 -3.31
C MET C 512 -37.49 53.76 -4.53
N LYS C 513 -37.10 52.70 -5.22
CA LYS C 513 -36.15 52.82 -6.32
C LYS C 513 -36.83 53.21 -7.63
N GLN C 514 -38.14 53.00 -7.74
CA GLN C 514 -38.80 53.17 -9.01
C GLN C 514 -39.13 54.63 -9.32
N ASP C 515 -39.40 55.43 -8.29
CA ASP C 515 -39.97 56.76 -8.53
C ASP C 515 -39.01 57.69 -9.25
N PHE C 516 -37.73 57.35 -9.34
CA PHE C 516 -36.77 58.20 -10.04
C PHE C 516 -36.96 58.11 -11.54
N VAL C 517 -36.87 59.26 -12.20
CA VAL C 517 -36.89 59.32 -13.65
C VAL C 517 -35.59 58.77 -14.19
N VAL C 518 -35.60 58.42 -15.48
CA VAL C 518 -34.44 57.76 -16.08
C VAL C 518 -33.24 58.69 -16.14
N THR C 519 -33.46 60.00 -16.15
CA THR C 519 -32.35 60.94 -16.14
C THR C 519 -31.88 61.30 -14.74
N ASP C 520 -32.72 61.10 -13.73
CA ASP C 520 -32.35 61.40 -12.36
C ASP C 520 -31.89 60.19 -11.58
N PHE C 521 -32.04 58.99 -12.14
CA PHE C 521 -31.61 57.80 -11.41
C PHE C 521 -30.13 57.88 -11.07
N TYR C 522 -29.33 58.50 -11.95
CA TYR C 522 -27.88 58.49 -11.78
C TYR C 522 -27.37 59.60 -10.88
N LYS C 523 -28.18 60.61 -10.57
CA LYS C 523 -27.67 61.72 -9.81
C LYS C 523 -27.53 61.33 -8.34
N VAL C 524 -26.68 62.06 -7.63
CA VAL C 524 -26.34 61.72 -6.27
C VAL C 524 -27.57 61.71 -5.38
N GLY C 525 -28.60 62.47 -5.73
CA GLY C 525 -29.81 62.52 -4.92
C GLY C 525 -30.50 61.18 -4.79
N ASN C 526 -30.20 60.24 -5.67
CA ASN C 526 -30.65 58.88 -5.46
C ASN C 526 -29.94 58.30 -4.25
N ILE C 527 -30.72 57.86 -3.26
CA ILE C 527 -30.12 57.25 -2.08
C ILE C 527 -30.03 55.75 -2.19
N THR C 528 -30.61 55.16 -3.24
CA THR C 528 -30.56 53.72 -3.43
C THR C 528 -29.53 53.31 -4.47
N LEU C 529 -28.54 54.15 -4.73
CA LEU C 529 -27.57 53.85 -5.77
C LEU C 529 -26.69 52.67 -5.39
N TYR C 530 -26.46 52.48 -4.09
CA TYR C 530 -25.60 51.37 -3.69
C TYR C 530 -26.31 50.04 -3.75
N THR C 531 -27.63 50.04 -3.78
CA THR C 531 -28.37 48.80 -3.91
C THR C 531 -28.25 48.22 -5.33
N GLU C 532 -28.00 49.06 -6.33
CA GLU C 532 -27.82 48.59 -7.71
C GLU C 532 -26.37 48.18 -7.94
N LEU C 533 -25.98 47.06 -7.33
CA LEU C 533 -24.65 46.53 -7.53
C LEU C 533 -24.54 45.64 -8.75
N HIS C 534 -25.65 45.08 -9.24
CA HIS C 534 -25.57 43.95 -10.16
C HIS C 534 -26.90 43.79 -10.86
N PRO C 535 -26.93 43.70 -12.20
CA PRO C 535 -28.22 43.65 -12.90
C PRO C 535 -29.09 42.47 -12.54
N PHE C 536 -28.51 41.27 -12.45
CA PHE C 536 -29.31 40.07 -12.32
C PHE C 536 -29.70 39.74 -10.87
N PHE C 537 -29.29 40.55 -9.89
CA PHE C 537 -29.54 40.21 -8.49
C PHE C 537 -29.82 41.48 -7.71
N ASP C 538 -31.04 41.62 -7.20
CA ASP C 538 -31.35 42.79 -6.40
C ASP C 538 -30.93 42.57 -4.96
N PHE C 539 -30.39 43.63 -4.35
CA PHE C 539 -29.87 43.60 -2.99
C PHE C 539 -30.72 44.48 -2.09
N THR C 540 -30.56 44.31 -0.78
CA THR C 540 -31.19 45.19 0.18
C THR C 540 -30.65 44.90 1.56
N HIS C 541 -31.12 45.67 2.53
CA HIS C 541 -30.77 45.52 3.94
C HIS C 541 -32.05 45.27 4.72
N CYS C 542 -32.46 44.01 4.83
CA CYS C 542 -33.60 43.71 5.67
C CYS C 542 -33.23 43.90 7.13
N GLN C 543 -34.23 44.01 7.99
CA GLN C 543 -34.02 44.18 9.43
C GLN C 543 -34.46 42.89 10.13
N GLU C 544 -33.51 42.09 10.59
CA GLU C 544 -33.86 40.91 11.36
C GLU C 544 -34.01 41.22 12.84
N ASN C 545 -33.98 40.19 13.67
CA ASN C 545 -34.21 40.33 15.11
C ASN C 545 -33.09 41.19 15.70
N SER C 546 -33.25 42.50 15.56
CA SER C 546 -32.25 43.49 15.96
C SER C 546 -30.94 43.29 15.20
N GLU C 547 -31.04 43.00 13.92
CA GLU C 547 -29.91 42.96 13.02
C GLU C 547 -30.32 43.59 11.70
N THR C 548 -29.33 44.01 10.93
CA THR C 548 -29.56 44.60 9.62
C THR C 548 -28.94 43.74 8.53
N VAL C 549 -29.24 42.45 8.57
CA VAL C 549 -28.63 41.48 7.68
C VAL C 549 -28.97 41.80 6.23
N ALA C 550 -27.97 41.69 5.36
CA ALA C 550 -28.17 41.97 3.95
C ALA C 550 -28.76 40.77 3.22
N LEU C 551 -29.49 41.05 2.14
CA LEU C 551 -30.32 40.04 1.47
C LEU C 551 -30.17 40.17 -0.04
N CYS C 552 -29.23 39.42 -0.59
CA CYS C 552 -29.15 39.27 -2.05
C CYS C 552 -30.22 38.31 -2.54
N THR C 553 -30.82 38.62 -3.68
CA THR C 553 -31.96 37.86 -4.17
C THR C 553 -32.01 37.92 -5.69
N PRO C 554 -32.15 36.81 -6.39
CA PRO C 554 -32.15 36.86 -7.85
C PRO C 554 -33.28 37.71 -8.39
N ARG C 555 -32.96 38.54 -9.37
CA ARG C 555 -33.97 39.02 -10.29
C ARG C 555 -34.19 37.90 -11.28
N ILE C 556 -35.44 37.71 -11.68
CA ILE C 556 -35.79 36.52 -12.43
C ILE C 556 -36.24 36.97 -13.81
N VAL C 557 -37.17 37.87 -13.86
CA VAL C 557 -37.66 38.38 -15.13
C VAL C 557 -36.91 39.65 -15.51
N ILE C 558 -36.89 39.96 -16.81
CA ILE C 558 -36.25 41.19 -17.25
C ILE C 558 -37.03 42.40 -16.81
N GLY C 559 -38.28 42.23 -16.40
CA GLY C 559 -39.02 43.39 -15.98
C GLY C 559 -38.64 43.92 -14.62
N ASN C 560 -37.91 43.16 -13.81
CA ASN C 560 -37.59 43.62 -12.47
C ASN C 560 -36.61 44.77 -12.48
N LEU C 561 -35.82 44.93 -13.54
CA LEU C 561 -34.86 46.02 -13.58
C LEU C 561 -35.60 47.34 -13.34
N PRO C 562 -35.04 48.23 -12.55
CA PRO C 562 -35.80 49.41 -12.13
C PRO C 562 -36.17 50.25 -13.33
N ASP C 563 -37.34 50.88 -13.26
CA ASP C 563 -37.72 51.79 -14.33
C ASP C 563 -36.72 52.93 -14.50
N GLY C 564 -35.72 53.01 -13.63
CA GLY C 564 -34.58 53.88 -13.90
C GLY C 564 -33.61 53.30 -14.90
N LEU C 565 -33.50 51.98 -14.96
CA LEU C 565 -32.52 51.32 -15.82
C LEU C 565 -33.13 50.60 -17.02
N ALA C 566 -34.43 50.39 -17.03
CA ALA C 566 -35.13 49.83 -18.18
C ALA C 566 -36.46 50.56 -18.26
N PRO C 567 -36.49 51.73 -18.86
CA PRO C 567 -37.67 52.59 -18.78
C PRO C 567 -38.89 51.95 -19.40
N GLY C 568 -40.06 52.56 -19.16
CA GLY C 568 -41.31 52.05 -19.67
C GLY C 568 -41.44 51.98 -21.18
N PRO C 569 -41.09 53.04 -21.90
CA PRO C 569 -41.10 52.92 -23.38
C PRO C 569 -40.10 51.93 -23.92
N PHE C 570 -39.03 51.65 -23.17
CA PHE C 570 -38.04 50.71 -23.68
C PHE C 570 -38.63 49.32 -23.87
N HIS C 571 -39.44 48.87 -22.92
CA HIS C 571 -40.01 47.54 -23.03
C HIS C 571 -41.01 47.46 -24.17
N GLU C 572 -41.72 48.55 -24.44
CA GLU C 572 -42.64 48.54 -25.56
C GLU C 572 -41.90 48.54 -26.89
N LEU C 573 -40.81 49.29 -26.98
CA LEU C 573 -39.99 49.22 -28.20
C LEU C 573 -39.41 47.83 -28.37
N ARG C 574 -38.99 47.20 -27.28
CA ARG C 574 -38.45 45.84 -27.37
C ARG C 574 -39.53 44.85 -27.79
N THR C 575 -40.77 45.07 -27.36
CA THR C 575 -41.84 44.17 -27.75
C THR C 575 -42.23 44.33 -29.21
N TRP C 576 -42.14 45.55 -29.74
CA TRP C 576 -42.31 45.68 -31.18
C TRP C 576 -41.21 44.96 -31.93
N GLU C 577 -40.03 44.84 -31.33
CA GLU C 577 -38.99 44.00 -31.93
C GLU C 577 -39.44 42.55 -32.02
N ILE C 578 -40.06 42.04 -30.97
CA ILE C 578 -40.42 40.63 -30.92
C ILE C 578 -41.59 40.34 -31.83
N MET C 579 -42.55 41.26 -31.91
CA MET C 579 -43.64 41.09 -32.84
C MET C 579 -43.19 41.29 -34.29
N GLU C 580 -42.13 42.05 -34.51
CA GLU C 580 -41.51 42.05 -35.83
C GLU C 580 -40.88 40.70 -36.13
N HIS C 581 -40.24 40.09 -35.13
CA HIS C 581 -39.56 38.82 -35.36
C HIS C 581 -40.52 37.71 -35.67
N MET C 582 -41.74 37.77 -35.14
CA MET C 582 -42.79 36.79 -35.40
C MET C 582 -43.61 37.11 -36.64
N ARG C 583 -43.24 38.11 -37.42
CA ARG C 583 -44.04 38.56 -38.56
C ARG C 583 -45.44 38.98 -38.12
N LEU C 584 -45.50 39.79 -37.06
CA LEU C 584 -46.74 40.39 -36.57
C LEU C 584 -46.68 41.91 -36.54
N ARG C 585 -45.91 42.53 -37.44
CA ARG C 585 -45.66 43.96 -37.31
C ARG C 585 -46.94 44.77 -37.31
N PRO C 586 -47.90 44.57 -38.21
CA PRO C 586 -49.27 44.96 -37.89
C PRO C 586 -49.93 43.88 -37.07
N PRO C 587 -50.19 44.15 -35.79
CA PRO C 587 -50.74 43.12 -34.92
C PRO C 587 -52.20 42.83 -35.29
N PRO C 588 -52.67 41.64 -34.96
CA PRO C 588 -54.06 41.29 -35.29
C PRO C 588 -55.05 42.23 -34.60
N ASP C 589 -56.19 42.44 -35.27
CA ASP C 589 -57.14 43.48 -34.88
C ASP C 589 -58.18 42.93 -33.91
N TYR C 590 -57.81 42.92 -32.63
CA TYR C 590 -58.71 42.48 -31.57
C TYR C 590 -59.17 43.62 -30.68
N GLU C 591 -58.96 44.88 -31.09
CA GLU C 591 -59.33 46.00 -30.24
C GLU C 591 -60.83 46.05 -29.99
N GLU C 592 -61.63 45.58 -30.93
CA GLU C 592 -63.07 45.69 -30.77
C GLU C 592 -63.57 44.86 -29.60
N THR C 593 -62.90 43.74 -29.33
CA THR C 593 -63.27 42.93 -28.17
C THR C 593 -62.68 43.51 -26.90
N LEU C 594 -61.42 43.96 -26.95
CA LEU C 594 -60.80 44.46 -25.74
C LEU C 594 -61.44 45.74 -25.24
N ARG C 595 -62.05 46.54 -26.12
CA ARG C 595 -62.76 47.71 -25.62
C ARG C 595 -63.97 47.28 -24.80
N LEU C 596 -64.75 46.32 -25.30
CA LEU C 596 -65.87 45.78 -24.53
C LEU C 596 -65.39 45.11 -23.26
N PHE C 597 -64.21 44.53 -23.31
CA PHE C 597 -63.64 43.85 -22.14
C PHE C 597 -63.21 44.86 -21.08
N LYS C 598 -62.57 45.95 -21.48
CA LYS C 598 -62.17 46.96 -20.50
C LYS C 598 -63.40 47.67 -19.96
N THR C 599 -64.44 47.79 -20.78
CA THR C 599 -65.66 48.44 -20.30
C THR C 599 -66.37 47.56 -19.29
N THR C 600 -66.43 46.25 -19.51
CA THR C 600 -67.08 45.37 -18.54
C THR C 600 -66.25 45.19 -17.29
N VAL C 601 -64.93 45.06 -17.42
CA VAL C 601 -64.10 44.72 -16.28
C VAL C 601 -63.84 45.94 -15.40
N THR C 602 -64.19 47.13 -15.88
CA THR C 602 -64.16 48.31 -15.03
C THR C 602 -65.52 48.68 -14.45
N SER C 603 -66.61 48.48 -15.20
CA SER C 603 -67.86 49.21 -14.90
C SER C 603 -68.49 48.71 -13.60
N PRO C 604 -68.92 49.63 -12.72
CA PRO C 604 -69.35 49.21 -11.38
C PRO C 604 -70.58 48.35 -11.35
N ASN C 605 -71.51 48.54 -12.26
CA ASN C 605 -72.74 47.75 -12.24
C ASN C 605 -72.52 46.32 -12.72
N TYR C 606 -71.29 45.82 -12.58
CA TYR C 606 -70.98 44.44 -12.90
C TYR C 606 -71.81 43.51 -12.03
N PRO C 607 -72.54 42.57 -12.61
CA PRO C 607 -73.54 41.83 -11.84
C PRO C 607 -72.90 40.96 -10.78
N GLU C 608 -73.52 40.96 -9.60
CA GLU C 608 -72.96 40.25 -8.45
C GLU C 608 -73.29 38.78 -8.44
N LEU C 609 -74.26 38.35 -9.23
CA LEU C 609 -74.47 36.92 -9.41
C LEU C 609 -73.25 36.26 -10.04
N CYS C 610 -72.61 36.95 -10.98
CA CYS C 610 -71.50 36.36 -11.72
C CYS C 610 -70.38 35.92 -10.80
N TYR C 611 -70.28 36.53 -9.62
CA TYR C 611 -69.35 36.04 -8.62
C TYR C 611 -69.82 34.73 -7.99
N LEU C 612 -71.12 34.60 -7.74
CA LEU C 612 -71.59 33.37 -7.13
C LEU C 612 -71.39 32.18 -8.06
N VAL C 613 -71.58 32.37 -9.37
CA VAL C 613 -71.40 31.25 -10.30
C VAL C 613 -69.93 30.91 -10.46
N ASP C 614 -69.05 31.90 -10.38
CA ASP C 614 -67.63 31.60 -10.46
C ASP C 614 -67.17 30.79 -9.25
N VAL C 615 -67.86 30.90 -8.13
CA VAL C 615 -67.50 30.10 -6.97
C VAL C 615 -68.19 28.75 -7.02
N LEU C 616 -69.41 28.70 -7.58
CA LEU C 616 -70.09 27.41 -7.70
C LEU C 616 -69.48 26.53 -8.79
N VAL C 617 -68.78 27.12 -9.76
CA VAL C 617 -68.29 26.33 -10.88
C VAL C 617 -66.92 25.70 -10.58
N HIS C 618 -66.02 26.46 -9.96
CA HIS C 618 -64.67 25.99 -9.59
C HIS C 618 -63.82 25.59 -10.78
N GLY C 619 -64.22 25.92 -12.00
CA GLY C 619 -63.51 25.41 -13.14
C GLY C 619 -63.89 24.00 -13.54
N ASN C 620 -64.82 23.36 -12.86
CA ASN C 620 -65.34 22.08 -13.30
C ASN C 620 -65.96 22.23 -14.68
N VAL C 621 -65.77 21.22 -15.53
CA VAL C 621 -66.52 21.20 -16.77
C VAL C 621 -67.94 20.70 -16.53
N ASP C 622 -68.07 19.58 -15.83
CA ASP C 622 -69.39 18.99 -15.66
C ASP C 622 -70.29 19.87 -14.82
N ALA C 623 -69.74 20.56 -13.83
CA ALA C 623 -70.58 21.46 -13.04
C ALA C 623 -71.10 22.61 -13.90
N PHE C 624 -70.27 23.11 -14.81
CA PHE C 624 -70.71 24.17 -15.70
C PHE C 624 -71.78 23.69 -16.66
N LEU C 625 -71.67 22.46 -17.13
CA LEU C 625 -72.63 21.99 -18.13
C LEU C 625 -74.05 22.00 -17.60
N LEU C 626 -74.21 21.92 -16.28
CA LEU C 626 -75.52 22.09 -15.66
C LEU C 626 -75.99 23.54 -15.74
N ILE C 627 -75.07 24.49 -15.63
CA ILE C 627 -75.42 25.89 -15.68
C ILE C 627 -75.54 26.41 -17.09
N ARG C 628 -75.38 25.54 -18.10
CA ARG C 628 -75.30 26.03 -19.47
C ARG C 628 -76.54 26.80 -19.86
N THR C 629 -77.72 26.21 -19.71
CA THR C 629 -78.94 26.90 -20.13
C THR C 629 -79.21 28.14 -19.29
N PHE C 630 -78.64 28.20 -18.09
CA PHE C 630 -78.82 29.32 -17.17
C PHE C 630 -77.88 30.47 -17.49
N VAL C 631 -76.59 30.19 -17.62
CA VAL C 631 -75.64 31.24 -17.95
C VAL C 631 -75.88 31.73 -19.37
N ALA C 632 -76.47 30.90 -20.23
CA ALA C 632 -76.82 31.37 -21.56
C ALA C 632 -77.85 32.48 -21.50
N ARG C 633 -78.84 32.39 -20.60
CA ARG C 633 -79.75 33.51 -20.38
C ARG C 633 -79.03 34.68 -19.77
N CYS C 634 -78.15 34.40 -18.80
CA CYS C 634 -77.48 35.49 -18.09
C CYS C 634 -76.75 36.39 -19.06
N ILE C 635 -75.91 35.80 -19.91
CA ILE C 635 -75.01 36.60 -20.75
C ILE C 635 -75.79 37.57 -21.60
N VAL C 636 -76.85 37.12 -22.26
CA VAL C 636 -77.53 38.00 -23.20
C VAL C 636 -78.48 38.94 -22.47
N ASN C 637 -79.19 38.46 -21.45
CA ASN C 637 -80.04 39.37 -20.67
C ASN C 637 -79.22 40.46 -20.03
N MET C 638 -77.92 40.24 -19.85
CA MET C 638 -77.05 41.28 -19.36
C MET C 638 -76.61 42.19 -20.49
N PHE C 639 -76.08 41.61 -21.57
CA PHE C 639 -75.52 42.40 -22.66
C PHE C 639 -76.55 43.32 -23.28
N HIS C 640 -77.80 42.88 -23.39
CA HIS C 640 -78.80 43.76 -23.98
C HIS C 640 -79.16 44.91 -23.04
N THR C 641 -79.09 44.70 -21.73
CA THR C 641 -79.52 45.72 -20.79
C THR C 641 -78.38 46.61 -20.36
N ARG C 642 -77.37 46.03 -19.71
CA ARG C 642 -76.08 46.69 -19.53
C ARG C 642 -75.15 46.26 -20.64
N GLN C 643 -74.52 47.20 -21.31
CA GLN C 643 -73.77 46.78 -22.49
C GLN C 643 -72.52 45.98 -22.18
N LEU C 644 -72.29 45.59 -20.92
CA LEU C 644 -71.06 44.90 -20.58
C LEU C 644 -71.13 43.41 -20.83
N LEU C 645 -70.02 42.86 -21.30
CA LEU C 645 -69.85 41.43 -21.51
C LEU C 645 -69.44 40.73 -20.21
N VAL C 646 -70.10 39.62 -19.90
CA VAL C 646 -70.12 39.11 -18.54
C VAL C 646 -69.25 37.87 -18.40
N PHE C 647 -68.96 37.55 -17.15
CA PHE C 647 -68.16 36.40 -16.75
C PHE C 647 -66.72 36.53 -17.19
N ALA C 648 -66.26 37.75 -17.45
CA ALA C 648 -64.91 38.00 -17.90
C ALA C 648 -63.92 38.12 -16.75
N HIS C 649 -64.38 38.20 -15.51
CA HIS C 649 -63.45 38.29 -14.40
C HIS C 649 -62.73 36.97 -14.11
N SER C 650 -63.21 35.85 -14.63
CA SER C 650 -62.63 34.55 -14.33
C SER C 650 -62.22 33.83 -15.59
N TYR C 651 -60.99 33.30 -15.60
CA TYR C 651 -60.55 32.48 -16.71
C TYR C 651 -61.33 31.18 -16.80
N ALA C 652 -61.73 30.63 -15.65
CA ALA C 652 -62.42 29.35 -15.63
C ALA C 652 -63.70 29.38 -16.43
N LEU C 653 -64.33 30.54 -16.53
CA LEU C 653 -65.57 30.69 -17.28
C LEU C 653 -65.36 31.28 -18.67
N VAL C 654 -64.44 32.22 -18.83
CA VAL C 654 -64.17 32.74 -20.17
C VAL C 654 -63.55 31.67 -21.05
N THR C 655 -63.11 30.57 -20.45
CA THR C 655 -62.75 29.40 -21.24
C THR C 655 -63.98 28.57 -21.61
N LEU C 656 -64.85 28.32 -20.64
CA LEU C 656 -65.98 27.43 -20.90
C LEU C 656 -67.01 28.07 -21.82
N ILE C 657 -67.31 29.36 -21.63
CA ILE C 657 -68.21 30.03 -22.55
C ILE C 657 -67.66 29.99 -23.97
N ALA C 658 -66.34 29.93 -24.11
CA ALA C 658 -65.73 29.97 -25.43
C ALA C 658 -65.81 28.64 -26.15
N GLU C 659 -66.00 27.55 -25.42
CA GLU C 659 -66.03 26.21 -25.99
C GLU C 659 -67.40 25.57 -25.87
N HIS C 660 -67.99 25.55 -24.68
CA HIS C 660 -69.22 24.79 -24.49
C HIS C 660 -70.43 25.51 -25.07
N LEU C 661 -70.54 26.80 -24.85
CA LEU C 661 -71.67 27.54 -25.41
C LEU C 661 -71.49 27.84 -26.89
N ALA C 662 -70.54 27.18 -27.55
CA ALA C 662 -70.27 27.48 -28.95
C ALA C 662 -71.41 27.05 -29.85
N ASP C 663 -72.00 25.89 -29.60
CA ASP C 663 -72.95 25.31 -30.54
C ASP C 663 -74.19 26.18 -30.71
N GLY C 664 -74.74 26.68 -29.60
CA GLY C 664 -75.98 27.44 -29.66
C GLY C 664 -76.19 28.19 -28.36
N ALA C 665 -77.37 28.81 -28.28
CA ALA C 665 -77.85 29.54 -27.11
C ALA C 665 -77.05 30.82 -26.85
N LEU C 666 -76.02 31.10 -27.66
CA LEU C 666 -75.29 32.33 -27.56
C LEU C 666 -75.13 32.87 -28.98
N PRO C 667 -75.72 34.02 -29.30
CA PRO C 667 -75.65 34.51 -30.67
C PRO C 667 -74.21 34.73 -31.09
N PRO C 668 -73.89 34.51 -32.37
CA PRO C 668 -72.49 34.55 -32.78
C PRO C 668 -71.75 35.80 -32.37
N GLN C 669 -72.44 36.94 -32.34
CA GLN C 669 -71.81 38.18 -31.92
C GLN C 669 -71.25 38.07 -30.51
N LEU C 670 -72.07 37.59 -29.58
CA LEU C 670 -71.60 37.46 -28.19
C LEU C 670 -70.54 36.39 -28.07
N LEU C 671 -70.61 35.34 -28.87
CA LEU C 671 -69.60 34.29 -28.78
C LEU C 671 -68.24 34.82 -29.22
N PHE C 672 -68.23 35.67 -30.25
CA PHE C 672 -66.95 36.08 -30.80
C PHE C 672 -66.12 36.86 -29.80
N HIS C 673 -66.74 37.50 -28.81
CA HIS C 673 -65.93 38.19 -27.82
C HIS C 673 -65.17 37.22 -26.92
N TYR C 674 -65.81 36.12 -26.50
CA TYR C 674 -65.08 35.13 -25.71
C TYR C 674 -64.04 34.41 -26.56
N ARG C 675 -64.43 34.00 -27.76
CA ARG C 675 -63.47 33.32 -28.63
C ARG C 675 -62.29 34.22 -28.92
N ASN C 676 -62.53 35.53 -29.08
CA ASN C 676 -61.44 36.45 -29.29
C ASN C 676 -60.60 36.62 -28.04
N LEU C 677 -61.18 36.54 -26.85
CA LEU C 677 -60.34 36.61 -25.67
C LEU C 677 -59.37 35.43 -25.61
N VAL C 678 -59.87 34.24 -25.89
CA VAL C 678 -58.95 33.11 -25.88
C VAL C 678 -57.96 33.21 -27.03
N ALA C 679 -58.36 33.82 -28.15
CA ALA C 679 -57.41 34.03 -29.23
C ALA C 679 -56.34 35.05 -28.85
N VAL C 680 -56.68 36.07 -28.07
CA VAL C 680 -55.68 37.01 -27.62
C VAL C 680 -54.69 36.33 -26.71
N LEU C 681 -55.19 35.44 -25.84
CA LEU C 681 -54.27 34.69 -25.01
C LEU C 681 -53.35 33.83 -25.86
N ARG C 682 -53.87 33.25 -26.93
CA ARG C 682 -53.02 32.54 -27.88
C ARG C 682 -51.97 33.46 -28.48
N LEU C 683 -52.35 34.69 -28.80
CA LEU C 683 -51.38 35.62 -29.37
C LEU C 683 -50.22 35.85 -28.43
N VAL C 684 -50.51 36.06 -27.15
CA VAL C 684 -49.46 36.31 -26.20
C VAL C 684 -48.58 35.06 -26.04
N THR C 685 -49.20 33.88 -26.01
CA THR C 685 -48.38 32.68 -25.90
C THR C 685 -47.56 32.46 -27.16
N ARG C 686 -47.96 33.04 -28.28
CA ARG C 686 -47.13 32.97 -29.47
C ARG C 686 -45.94 33.91 -29.39
N ILE C 687 -46.15 35.08 -28.79
CA ILE C 687 -45.07 36.07 -28.70
C ILE C 687 -44.08 35.73 -27.60
N SER C 688 -44.49 34.97 -26.59
CA SER C 688 -43.57 34.71 -25.48
C SER C 688 -42.47 33.72 -25.85
N ALA C 689 -42.81 32.56 -26.39
CA ALA C 689 -41.94 31.39 -26.27
C ALA C 689 -40.77 31.36 -27.24
N LEU C 690 -40.69 32.28 -28.19
CA LEU C 690 -39.72 32.16 -29.28
C LEU C 690 -39.92 30.83 -29.99
N PRO C 691 -41.00 30.67 -30.76
CA PRO C 691 -41.26 29.36 -31.37
C PRO C 691 -40.21 28.89 -32.34
N GLY C 692 -39.33 29.76 -32.82
CA GLY C 692 -38.41 29.27 -33.81
C GLY C 692 -37.15 28.63 -33.28
N LEU C 693 -36.78 28.93 -32.04
CA LEU C 693 -35.52 28.48 -31.47
C LEU C 693 -35.69 27.55 -30.29
N ASN C 694 -36.89 27.43 -29.75
CA ASN C 694 -37.14 26.53 -28.64
C ASN C 694 -37.32 25.12 -29.18
N ASN C 695 -36.44 24.23 -28.73
CA ASN C 695 -36.47 22.82 -29.08
C ASN C 695 -35.55 22.12 -28.09
N GLY C 696 -35.54 20.80 -28.15
CA GLY C 696 -34.77 20.08 -27.16
C GLY C 696 -35.31 20.39 -25.77
N GLN C 697 -34.44 20.24 -24.77
CA GLN C 697 -34.84 20.42 -23.38
C GLN C 697 -33.63 20.28 -22.48
N LEU C 698 -33.61 20.94 -21.34
CA LEU C 698 -32.52 20.75 -20.40
C LEU C 698 -32.97 19.94 -19.19
N ALA C 699 -32.49 18.70 -19.15
CA ALA C 699 -32.78 17.77 -18.06
C ALA C 699 -34.17 17.21 -18.20
N GLU C 700 -35.17 18.07 -18.03
CA GLU C 700 -36.55 17.65 -18.14
C GLU C 700 -37.46 18.84 -18.40
N GLU C 701 -36.89 20.01 -18.67
CA GLU C 701 -37.77 21.14 -18.92
C GLU C 701 -37.73 21.54 -20.39
N PRO C 702 -38.87 21.85 -21.00
CA PRO C 702 -38.83 22.32 -22.39
C PRO C 702 -38.05 23.61 -22.46
N LEU C 703 -37.40 23.83 -23.59
CA LEU C 703 -36.49 24.95 -23.68
C LEU C 703 -37.24 26.26 -23.60
N SER C 704 -38.51 26.28 -24.01
CA SER C 704 -39.27 27.52 -23.90
C SER C 704 -39.51 27.90 -22.46
N ALA C 705 -39.48 26.94 -21.55
CA ALA C 705 -39.68 27.27 -20.15
C ALA C 705 -38.54 28.12 -19.60
N TYR C 706 -37.35 28.02 -20.19
CA TYR C 706 -36.25 28.89 -19.77
C TYR C 706 -36.35 30.26 -20.39
N VAL C 707 -37.00 30.39 -21.55
CA VAL C 707 -37.00 31.67 -22.25
C VAL C 707 -37.98 32.66 -21.64
N ASN C 708 -39.01 32.19 -20.96
CA ASN C 708 -39.98 33.11 -20.39
C ASN C 708 -40.53 32.54 -19.10
N ALA C 709 -40.49 33.35 -18.04
CA ALA C 709 -41.02 32.89 -16.77
C ALA C 709 -42.49 32.56 -16.87
N LEU C 710 -43.15 33.02 -17.92
CA LEU C 710 -44.55 32.70 -18.13
C LEU C 710 -44.76 31.27 -18.55
N HIS C 711 -43.73 30.58 -19.00
CA HIS C 711 -43.97 29.24 -19.51
C HIS C 711 -43.74 28.15 -18.47
N ASP C 712 -42.76 28.30 -17.59
CA ASP C 712 -42.46 27.20 -16.69
C ASP C 712 -43.46 27.14 -15.55
N HIS C 713 -43.51 25.98 -14.90
CA HIS C 713 -44.55 25.69 -13.92
C HIS C 713 -44.35 26.41 -12.60
N ARG C 714 -43.13 26.76 -12.22
CA ARG C 714 -42.92 27.30 -10.88
C ARG C 714 -43.65 28.61 -10.69
N LEU C 715 -43.83 29.38 -11.75
CA LEU C 715 -44.70 30.55 -11.65
C LEU C 715 -46.14 30.09 -11.75
N TRP C 716 -46.97 30.64 -10.88
CA TRP C 716 -48.35 30.18 -10.81
C TRP C 716 -49.29 31.35 -11.04
N PRO C 717 -50.40 31.12 -11.73
CA PRO C 717 -51.39 32.16 -11.86
C PRO C 717 -51.84 32.58 -10.45
N PRO C 718 -52.21 33.84 -10.29
CA PRO C 718 -52.62 34.26 -8.95
C PRO C 718 -53.77 33.44 -8.42
N PHE C 719 -54.71 33.06 -9.26
CA PHE C 719 -55.88 32.33 -8.79
C PHE C 719 -55.81 30.90 -9.32
N VAL C 720 -56.08 29.96 -8.43
CA VAL C 720 -55.89 28.55 -8.71
C VAL C 720 -57.22 27.86 -8.51
N THR C 721 -57.67 27.14 -9.54
CA THR C 721 -58.81 26.26 -9.43
C THR C 721 -58.46 24.82 -9.67
N HIS C 722 -57.30 24.55 -10.25
CA HIS C 722 -56.74 23.22 -10.37
C HIS C 722 -55.26 23.34 -10.15
N LEU C 723 -54.69 22.38 -9.44
CA LEU C 723 -53.26 22.33 -9.29
C LEU C 723 -52.65 21.82 -10.59
N PRO C 724 -51.42 22.21 -10.91
CA PRO C 724 -50.83 21.79 -12.18
C PRO C 724 -50.57 20.31 -12.17
N ARG C 725 -50.45 19.73 -13.36
CA ARG C 725 -50.15 18.31 -13.40
C ARG C 725 -48.76 18.01 -12.86
N ASN C 726 -47.81 18.93 -13.02
CA ASN C 726 -46.46 18.65 -12.61
C ASN C 726 -45.93 19.75 -11.70
N MET C 727 -45.10 19.31 -10.76
CA MET C 727 -44.32 20.17 -9.89
C MET C 727 -43.07 19.41 -9.52
N GLU C 728 -41.93 20.10 -9.53
CA GLU C 728 -40.69 19.42 -9.23
C GLU C 728 -40.10 19.93 -7.93
N GLY C 729 -39.87 21.24 -7.83
CA GLY C 729 -39.50 21.80 -6.57
C GLY C 729 -40.63 22.35 -5.75
N VAL C 730 -41.80 22.50 -6.37
CA VAL C 730 -42.90 23.20 -5.71
C VAL C 730 -43.33 22.44 -4.47
N GLN C 731 -43.57 23.20 -3.39
CA GLN C 731 -44.16 22.67 -2.16
C GLN C 731 -45.25 23.66 -1.73
N VAL C 732 -46.47 23.41 -2.21
CA VAL C 732 -47.62 24.17 -1.71
C VAL C 732 -47.72 23.99 -0.22
N VAL C 733 -48.09 25.05 0.50
CA VAL C 733 -48.40 24.94 1.91
C VAL C 733 -49.78 25.55 2.15
N ALA C 734 -50.60 24.87 2.93
CA ALA C 734 -51.84 25.46 3.43
C ALA C 734 -51.72 25.83 4.89
N ASP C 735 -50.73 25.26 5.58
CA ASP C 735 -50.39 25.55 6.96
C ASP C 735 -48.88 25.58 7.08
N ARG C 736 -48.34 25.50 8.29
CA ARG C 736 -46.90 25.65 8.48
C ARG C 736 -46.08 24.61 7.75
N GLN C 737 -46.69 23.55 7.24
CA GLN C 737 -45.91 22.49 6.61
C GLN C 737 -46.35 22.27 5.17
N PRO C 738 -45.40 21.88 4.30
CA PRO C 738 -45.69 21.69 2.88
C PRO C 738 -46.81 20.69 2.66
N LEU C 739 -47.59 20.92 1.62
CA LEU C 739 -48.73 20.08 1.34
C LEU C 739 -48.41 19.02 0.32
N ASN C 740 -47.13 18.77 0.07
CA ASN C 740 -46.76 17.76 -0.92
C ASN C 740 -47.39 16.38 -0.70
N PRO C 741 -47.55 15.86 0.52
CA PRO C 741 -47.97 14.46 0.63
C PRO C 741 -49.27 14.23 -0.11
N ALA C 742 -49.24 13.32 -1.09
CA ALA C 742 -50.46 12.97 -1.81
C ALA C 742 -51.50 12.39 -0.87
N ASN C 743 -51.07 12.02 0.32
CA ASN C 743 -52.02 11.56 1.30
C ASN C 743 -52.99 12.65 1.71
N ILE C 744 -52.55 13.90 1.73
CA ILE C 744 -53.37 14.96 2.28
C ILE C 744 -54.39 15.53 1.28
N GLU C 745 -54.30 15.19 0.01
CA GLU C 745 -55.18 15.77 -0.99
C GLU C 745 -56.16 14.73 -1.52
N ALA C 746 -57.47 14.95 -1.32
CA ALA C 746 -58.51 14.18 -1.99
C ALA C 746 -59.84 14.91 -1.92
N ARG C 747 -60.71 14.69 -2.92
CA ARG C 747 -62.01 15.37 -2.95
C ARG C 747 -63.06 14.47 -3.58
N HIS C 748 -64.32 14.65 -3.16
CA HIS C 748 -65.43 13.84 -3.61
C HIS C 748 -66.61 14.73 -4.00
N HIS C 749 -67.07 14.59 -5.24
CA HIS C 749 -68.07 15.50 -5.81
C HIS C 749 -69.27 14.69 -6.27
N GLY C 750 -70.45 15.27 -6.10
CA GLY C 750 -71.70 14.58 -6.39
C GLY C 750 -72.11 13.57 -5.33
N VAL C 751 -71.36 13.44 -4.25
CA VAL C 751 -71.61 12.46 -3.21
C VAL C 751 -71.66 13.19 -1.88
N SER C 752 -72.48 12.69 -0.95
CA SER C 752 -72.61 13.33 0.34
C SER C 752 -71.31 13.21 1.13
N ASP C 753 -70.73 14.35 1.49
CA ASP C 753 -69.57 14.41 2.37
C ASP C 753 -69.90 15.37 3.49
N VAL C 754 -70.57 14.87 4.51
CA VAL C 754 -70.71 15.65 5.73
C VAL C 754 -69.36 15.90 6.40
N PRO C 755 -68.47 14.92 6.50
CA PRO C 755 -67.16 15.23 7.08
C PRO C 755 -66.39 16.31 6.35
N ARG C 756 -66.47 16.34 5.01
CA ARG C 756 -65.83 17.43 4.28
C ARG C 756 -66.52 18.75 4.55
N LEU C 757 -67.85 18.78 4.46
CA LEU C 757 -68.57 20.04 4.67
C LEU C 757 -68.29 20.62 6.05
N GLY C 758 -68.23 19.77 7.07
CA GLY C 758 -67.77 20.25 8.35
C GLY C 758 -66.31 20.67 8.31
N ALA C 759 -65.49 19.92 7.55
CA ALA C 759 -64.06 20.20 7.48
C ALA C 759 -63.77 21.51 6.77
N MET C 760 -64.77 22.19 6.22
CA MET C 760 -64.57 23.54 5.76
C MET C 760 -63.96 24.37 6.87
N ASP C 761 -63.21 25.40 6.48
CA ASP C 761 -62.54 26.33 7.39
C ASP C 761 -61.30 25.71 8.02
N ALA C 762 -60.83 24.57 7.52
CA ALA C 762 -59.64 23.92 8.05
C ALA C 762 -58.54 23.98 7.00
N ASP C 763 -57.35 24.40 7.41
CA ASP C 763 -56.25 24.56 6.47
C ASP C 763 -55.79 23.24 5.91
N GLU C 764 -55.73 22.24 6.80
CA GLU C 764 -55.28 20.87 6.52
C GLU C 764 -55.58 20.36 5.11
N PRO C 765 -56.19 19.15 5.03
CA PRO C 765 -56.60 18.49 3.79
C PRO C 765 -57.36 19.53 3.00
N LEU C 766 -56.83 19.93 1.85
CA LEU C 766 -57.48 21.03 1.14
C LEU C 766 -58.61 20.56 0.23
N PHE C 767 -58.67 19.26 -0.08
CA PHE C 767 -59.72 18.74 -0.94
C PHE C 767 -59.68 19.37 -2.32
N VAL C 768 -58.67 19.03 -3.11
CA VAL C 768 -58.51 19.54 -4.47
C VAL C 768 -59.12 18.55 -5.44
N ASP C 769 -59.83 19.09 -6.43
CA ASP C 769 -60.49 18.34 -7.48
C ASP C 769 -59.53 17.40 -8.21
N ASP C 770 -60.08 16.28 -8.67
CA ASP C 770 -59.32 15.21 -9.32
C ASP C 770 -58.42 15.70 -10.46
N TYR C 771 -58.97 16.38 -11.45
CA TYR C 771 -58.27 16.66 -12.70
C TYR C 771 -57.26 17.78 -12.52
N ARG C 772 -56.03 17.56 -13.00
CA ARG C 772 -54.96 18.56 -12.91
C ARG C 772 -54.80 19.32 -14.22
N ALA C 773 -54.46 20.61 -14.11
CA ALA C 773 -54.36 21.45 -15.30
C ALA C 773 -53.19 21.01 -16.17
N THR C 774 -53.45 20.84 -17.46
CA THR C 774 -52.40 20.55 -18.41
C THR C 774 -51.54 21.78 -18.64
N ASP C 775 -50.24 21.55 -18.86
CA ASP C 775 -49.28 22.66 -18.79
C ASP C 775 -49.62 23.77 -19.77
N ASP C 776 -50.18 23.42 -20.93
CA ASP C 776 -50.47 24.44 -21.93
C ASP C 776 -51.53 25.42 -21.44
N GLU C 777 -52.59 24.92 -20.80
CA GLU C 777 -53.59 25.82 -20.25
C GLU C 777 -53.12 26.39 -18.93
N TRP C 778 -52.22 25.70 -18.24
CA TRP C 778 -51.55 26.33 -17.11
C TRP C 778 -50.85 27.60 -17.54
N THR C 779 -50.28 27.60 -18.74
CA THR C 779 -49.68 28.80 -19.28
C THR C 779 -50.72 29.84 -19.67
N LEU C 780 -51.88 29.41 -20.17
CA LEU C 780 -52.91 30.39 -20.51
C LEU C 780 -53.46 31.08 -19.28
N GLN C 781 -53.54 30.36 -18.15
CA GLN C 781 -53.97 31.00 -16.90
C GLN C 781 -53.02 32.12 -16.51
N LYS C 782 -51.72 31.89 -16.66
CA LYS C 782 -50.75 32.91 -16.33
C LYS C 782 -50.74 34.02 -17.36
N VAL C 783 -51.10 33.71 -18.61
CA VAL C 783 -51.23 34.78 -19.58
C VAL C 783 -52.42 35.66 -19.24
N PHE C 784 -53.49 35.07 -18.72
CA PHE C 784 -54.69 35.84 -18.47
C PHE C 784 -54.60 36.63 -17.18
N TYR C 785 -54.49 35.95 -16.05
CA TYR C 785 -54.58 36.63 -14.76
C TYR C 785 -53.37 37.50 -14.48
N LEU C 786 -52.27 37.24 -15.16
CA LEU C 786 -51.00 37.88 -14.86
C LEU C 786 -50.56 38.89 -15.91
N CYS C 787 -51.10 38.80 -17.13
CA CYS C 787 -50.84 39.80 -18.16
C CYS C 787 -52.10 40.56 -18.54
N LEU C 788 -53.16 39.83 -18.88
CA LEU C 788 -54.36 40.48 -19.40
C LEU C 788 -55.07 41.29 -18.34
N MET C 789 -55.39 40.66 -17.21
CA MET C 789 -56.24 41.33 -16.24
C MET C 789 -55.61 42.57 -15.62
N PRO C 790 -54.38 42.54 -15.11
CA PRO C 790 -53.80 43.79 -14.59
C PRO C 790 -53.64 44.87 -15.63
N ALA C 791 -53.48 44.53 -16.90
CA ALA C 791 -53.32 45.57 -17.91
C ALA C 791 -54.67 46.16 -18.34
N MET C 792 -55.73 45.36 -18.33
CA MET C 792 -57.04 45.91 -18.66
C MET C 792 -57.77 46.49 -17.48
N THR C 793 -57.29 46.25 -16.25
CA THR C 793 -57.91 46.82 -15.06
C THR C 793 -57.04 47.82 -14.32
N ASN C 794 -55.74 47.90 -14.63
CA ASN C 794 -54.85 48.87 -13.98
C ASN C 794 -54.83 48.71 -12.47
N ASN C 795 -54.70 47.46 -12.01
CA ASN C 795 -54.56 47.17 -10.57
C ASN C 795 -55.78 47.56 -9.75
N ARG C 796 -56.95 47.67 -10.40
CA ARG C 796 -58.17 47.95 -9.65
C ARG C 796 -58.79 46.67 -9.10
N ALA C 797 -58.47 45.52 -9.69
CA ALA C 797 -59.07 44.26 -9.25
C ALA C 797 -58.66 43.90 -7.83
N CYS C 798 -59.45 43.04 -7.19
CA CYS C 798 -59.05 42.50 -5.90
C CYS C 798 -59.71 41.15 -5.70
N GLY C 799 -59.04 40.28 -4.94
CA GLY C 799 -59.55 38.95 -4.66
C GLY C 799 -60.36 38.89 -3.39
N LEU C 800 -61.34 37.98 -3.35
CA LEU C 800 -62.20 37.82 -2.19
C LEU C 800 -62.90 36.46 -2.21
N GLY C 801 -63.01 35.85 -1.03
CA GLY C 801 -63.65 34.55 -0.91
C GLY C 801 -65.04 34.66 -0.29
N LEU C 802 -65.91 33.73 -0.67
CA LEU C 802 -67.28 33.73 -0.16
C LEU C 802 -67.42 32.66 0.90
N ASN C 803 -68.15 32.97 1.97
CA ASN C 803 -68.52 32.00 2.99
C ASN C 803 -69.71 31.21 2.47
N LEU C 804 -69.41 30.09 1.81
CA LEU C 804 -70.48 29.28 1.27
C LEU C 804 -71.30 28.59 2.34
N LYS C 805 -70.67 28.22 3.45
CA LYS C 805 -71.38 27.45 4.47
C LYS C 805 -72.61 28.20 4.97
N THR C 806 -72.45 29.48 5.28
CA THR C 806 -73.58 30.27 5.77
C THR C 806 -74.34 30.96 4.65
N LEU C 807 -73.85 30.94 3.41
CA LEU C 807 -74.54 31.61 2.33
C LEU C 807 -75.50 30.65 1.63
N LEU C 808 -75.00 29.51 1.16
CA LEU C 808 -75.87 28.58 0.44
C LEU C 808 -77.01 28.09 1.31
N VAL C 809 -76.74 27.88 2.59
CA VAL C 809 -77.80 27.52 3.53
C VAL C 809 -78.76 28.68 3.70
N ASP C 810 -78.29 29.90 3.48
CA ASP C 810 -79.17 31.05 3.64
C ASP C 810 -80.06 31.26 2.41
N LEU C 811 -79.49 31.26 1.21
CA LEU C 811 -80.29 31.46 0.00
C LEU C 811 -81.24 30.31 -0.22
N PHE C 812 -80.72 29.09 -0.20
CA PHE C 812 -81.53 27.90 -0.37
C PHE C 812 -81.94 27.45 1.01
N TYR C 813 -82.42 26.21 1.13
CA TYR C 813 -83.00 25.74 2.38
C TYR C 813 -84.29 26.47 2.68
N ARG C 814 -85.19 26.48 1.70
CA ARG C 814 -86.57 26.90 1.80
C ARG C 814 -87.43 25.81 1.20
N PRO C 815 -88.65 25.64 1.67
CA PRO C 815 -89.56 24.66 1.04
C PRO C 815 -89.55 24.71 -0.47
N ALA C 816 -89.35 25.90 -1.03
CA ALA C 816 -89.41 26.04 -2.47
C ALA C 816 -88.31 25.24 -3.16
N PHE C 817 -87.18 25.03 -2.49
CA PHE C 817 -86.07 24.28 -3.05
C PHE C 817 -85.95 22.88 -2.48
N LEU C 818 -86.33 22.67 -1.21
CA LEU C 818 -86.40 21.31 -0.69
C LEU C 818 -87.51 20.54 -1.37
N LEU C 819 -88.65 21.17 -1.58
CA LEU C 819 -89.76 20.58 -2.30
C LEU C 819 -89.66 21.06 -3.73
N MET C 820 -89.19 20.18 -4.61
CA MET C 820 -89.04 20.53 -6.00
C MET C 820 -89.67 19.43 -6.84
N PRO C 821 -90.48 19.77 -7.85
CA PRO C 821 -91.03 18.74 -8.72
C PRO C 821 -89.94 18.11 -9.56
N ALA C 822 -90.13 16.85 -9.91
CA ALA C 822 -89.15 16.12 -10.70
C ALA C 822 -88.92 16.81 -12.04
N SER C 845 -98.13 32.91 -9.40
CA SER C 845 -98.03 34.37 -9.48
C SER C 845 -96.64 34.79 -9.87
N ILE C 846 -96.42 36.10 -9.87
CA ILE C 846 -95.08 36.64 -10.03
C ILE C 846 -94.47 37.07 -8.69
N ALA C 847 -95.29 37.60 -7.79
CA ALA C 847 -94.80 38.08 -6.50
C ALA C 847 -94.86 37.01 -5.44
N ALA C 848 -95.87 36.15 -5.50
CA ALA C 848 -95.93 35.03 -4.54
C ALA C 848 -94.76 34.09 -4.74
N GLN C 849 -94.18 34.06 -5.93
CA GLN C 849 -92.98 33.26 -6.15
C GLN C 849 -91.72 34.01 -5.72
N ARG C 850 -91.77 35.34 -5.64
CA ARG C 850 -90.67 36.08 -5.02
C ARG C 850 -90.46 35.64 -3.58
N GLN C 851 -91.56 35.44 -2.84
CA GLN C 851 -91.45 35.00 -1.46
C GLN C 851 -90.81 33.62 -1.37
N ALA C 852 -91.01 32.78 -2.39
CA ALA C 852 -90.55 31.41 -2.31
C ALA C 852 -89.03 31.33 -2.32
N VAL C 853 -88.38 32.13 -3.17
CA VAL C 853 -86.92 32.11 -3.26
C VAL C 853 -86.27 33.10 -2.32
N GLY C 854 -87.03 34.00 -1.71
CA GLY C 854 -86.49 34.86 -0.67
C GLY C 854 -85.93 36.16 -1.20
N GLU C 855 -85.84 37.13 -0.28
CA GLU C 855 -85.36 38.47 -0.62
C GLU C 855 -83.89 38.46 -0.99
N MET C 856 -83.14 37.52 -0.43
CA MET C 856 -81.70 37.51 -0.65
C MET C 856 -81.37 37.09 -2.08
N LEU C 857 -82.10 36.10 -2.61
CA LEU C 857 -81.89 35.62 -3.97
C LEU C 857 -82.67 36.42 -5.00
N THR C 858 -83.77 37.05 -4.59
CA THR C 858 -84.52 37.88 -5.51
C THR C 858 -83.70 39.05 -5.99
N GLU C 859 -82.80 39.57 -5.16
CA GLU C 859 -81.97 40.68 -5.62
C GLU C 859 -81.00 40.24 -6.71
N LEU C 860 -80.63 38.96 -6.72
CA LEU C 860 -79.64 38.45 -7.65
C LEU C 860 -80.24 37.97 -8.96
N VAL C 861 -81.31 37.19 -8.90
CA VAL C 861 -81.79 36.55 -10.13
C VAL C 861 -82.91 37.33 -10.81
N GLU C 862 -83.54 38.28 -10.11
CA GLU C 862 -84.77 38.86 -10.67
C GLU C 862 -84.48 39.53 -12.01
N ASP C 863 -83.62 40.54 -12.05
CA ASP C 863 -83.39 41.22 -13.31
C ASP C 863 -82.19 40.63 -14.04
N VAL C 864 -81.22 40.08 -13.31
CA VAL C 864 -79.98 39.65 -13.95
C VAL C 864 -80.20 38.50 -14.89
N ALA C 865 -80.99 37.51 -14.49
CA ALA C 865 -81.16 36.35 -15.35
C ALA C 865 -82.57 35.78 -15.27
N THR C 866 -83.47 36.26 -16.12
CA THR C 866 -84.78 35.65 -16.30
C THR C 866 -85.41 36.24 -17.56
N ASP C 867 -85.94 35.37 -18.40
CA ASP C 867 -86.58 35.83 -19.62
C ASP C 867 -88.09 35.95 -19.42
N ALA C 868 -88.72 36.72 -20.30
CA ALA C 868 -90.16 36.90 -20.21
C ALA C 868 -90.93 35.59 -20.27
N HIS C 869 -90.32 34.52 -20.80
CA HIS C 869 -91.00 33.22 -20.82
C HIS C 869 -90.51 32.27 -19.74
N THR C 870 -89.55 32.66 -18.91
CA THR C 870 -89.11 31.79 -17.82
C THR C 870 -89.39 32.46 -16.48
N PRO C 871 -90.24 31.88 -15.64
CA PRO C 871 -90.53 32.48 -14.36
C PRO C 871 -89.29 32.52 -13.47
N LEU C 872 -89.40 33.26 -12.38
CA LEU C 872 -88.29 33.38 -11.46
C LEU C 872 -87.87 32.01 -10.92
N LEU C 873 -88.82 31.13 -10.62
CA LEU C 873 -88.44 29.85 -10.04
C LEU C 873 -87.78 28.94 -11.07
N GLN C 874 -88.31 28.88 -12.29
CA GLN C 874 -87.67 28.07 -13.33
C GLN C 874 -86.28 28.56 -13.64
N ALA C 875 -85.99 29.84 -13.37
CA ALA C 875 -84.67 30.38 -13.60
C ALA C 875 -83.73 30.10 -12.44
N CYS C 876 -84.18 30.39 -11.21
CA CYS C 876 -83.31 30.26 -10.05
C CYS C 876 -83.07 28.81 -9.68
N ARG C 877 -83.98 27.90 -10.02
CA ARG C 877 -83.75 26.50 -9.67
C ARG C 877 -82.59 25.91 -10.45
N GLU C 878 -82.37 26.39 -11.68
CA GLU C 878 -81.16 25.99 -12.40
C GLU C 878 -79.91 26.27 -11.59
N LEU C 879 -79.93 27.32 -10.77
CA LEU C 879 -78.82 27.61 -9.89
C LEU C 879 -78.68 26.52 -8.82
N PHE C 880 -79.79 25.98 -8.34
CA PHE C 880 -79.73 25.07 -7.22
C PHE C 880 -78.91 23.84 -7.54
N LEU C 881 -78.90 23.44 -8.81
CA LEU C 881 -78.22 22.22 -9.20
C LEU C 881 -76.71 22.34 -9.11
N ALA C 882 -76.16 23.56 -9.08
CA ALA C 882 -74.74 23.71 -8.87
C ALA C 882 -74.34 23.57 -7.41
N VAL C 883 -75.30 23.44 -6.49
CA VAL C 883 -74.96 23.28 -5.09
C VAL C 883 -74.23 21.96 -4.87
N GLN C 884 -74.43 20.99 -5.75
CA GLN C 884 -73.81 19.69 -5.51
C GLN C 884 -72.31 19.69 -5.77
N PHE C 885 -71.75 20.77 -6.32
CA PHE C 885 -70.33 20.86 -6.63
C PHE C 885 -69.57 21.80 -5.71
N VAL C 886 -70.10 22.08 -4.52
CA VAL C 886 -69.49 23.09 -3.66
C VAL C 886 -68.16 22.61 -3.11
N GLY C 887 -67.19 23.53 -3.05
CA GLY C 887 -65.89 23.20 -2.53
C GLY C 887 -65.62 23.87 -1.20
N GLU C 888 -64.35 23.89 -0.79
CA GLU C 888 -63.96 24.45 0.48
C GLU C 888 -64.14 25.96 0.51
N HIS C 889 -63.89 26.55 1.66
CA HIS C 889 -63.87 28.00 1.79
C HIS C 889 -62.62 28.58 1.17
N VAL C 890 -62.61 29.90 0.98
CA VAL C 890 -61.45 30.57 0.42
C VAL C 890 -60.24 30.39 1.32
N LYS C 891 -59.12 29.99 0.71
CA LYS C 891 -57.87 29.84 1.44
C LYS C 891 -56.70 30.23 0.57
N VAL C 892 -55.70 30.87 1.17
CA VAL C 892 -54.47 31.22 0.47
C VAL C 892 -53.46 30.08 0.58
N LEU C 893 -52.67 29.90 -0.48
CA LEU C 893 -51.64 28.88 -0.54
C LEU C 893 -50.31 29.55 -0.87
N GLU C 894 -49.26 29.15 -0.16
CA GLU C 894 -47.91 29.54 -0.51
C GLU C 894 -47.31 28.49 -1.41
N VAL C 895 -46.42 28.92 -2.29
CA VAL C 895 -45.76 28.02 -3.22
C VAL C 895 -44.27 28.30 -3.09
N ARG C 896 -43.56 27.44 -2.37
CA ARG C 896 -42.12 27.64 -2.16
C ARG C 896 -41.36 26.83 -3.21
N ALA C 897 -41.11 27.47 -4.35
CA ALA C 897 -40.46 26.81 -5.47
C ALA C 897 -39.03 27.29 -5.66
N PRO C 898 -38.04 26.41 -5.61
CA PRO C 898 -36.69 26.81 -6.02
C PRO C 898 -36.65 27.06 -7.52
N LEU C 899 -35.71 27.89 -7.94
CA LEU C 899 -35.55 28.22 -9.35
C LEU C 899 -34.86 27.09 -10.11
N ASP C 900 -34.95 27.16 -11.43
CA ASP C 900 -34.41 26.13 -12.32
C ASP C 900 -32.89 26.10 -12.27
N HIS C 901 -32.34 25.01 -12.80
CA HIS C 901 -30.90 24.77 -12.68
C HIS C 901 -30.07 25.79 -13.44
N ALA C 902 -30.66 26.44 -14.42
CA ALA C 902 -29.94 27.48 -15.14
C ALA C 902 -29.81 28.74 -14.30
N GLN C 903 -30.71 28.95 -13.35
CA GLN C 903 -30.70 30.15 -12.53
C GLN C 903 -30.29 29.92 -11.08
N ARG C 904 -30.45 28.73 -10.55
CA ARG C 904 -30.07 28.49 -9.17
C ARG C 904 -28.56 28.35 -9.01
N GLN C 905 -27.81 28.69 -10.05
CA GLN C 905 -26.35 28.68 -10.00
C GLN C 905 -25.85 29.61 -8.90
N GLY C 906 -26.11 30.90 -9.00
CA GLY C 906 -25.80 31.80 -7.91
C GLY C 906 -26.94 31.81 -6.91
N LEU C 907 -26.59 31.78 -5.63
CA LEU C 907 -27.54 31.61 -4.55
C LEU C 907 -28.38 30.33 -4.73
N PRO C 908 -27.76 29.16 -4.51
CA PRO C 908 -28.52 27.92 -4.69
C PRO C 908 -29.61 27.73 -3.66
N ASP C 909 -29.47 28.30 -2.47
CA ASP C 909 -30.44 28.09 -1.40
C ASP C 909 -31.65 28.99 -1.51
N PHE C 910 -31.77 29.78 -2.57
CA PHE C 910 -32.93 30.63 -2.74
C PHE C 910 -34.18 29.80 -2.97
N ILE C 911 -35.30 30.22 -2.37
CA ILE C 911 -36.60 29.61 -2.62
C ILE C 911 -37.64 30.70 -2.79
N SER C 912 -38.36 30.67 -3.90
CA SER C 912 -39.28 31.72 -4.31
C SER C 912 -40.62 31.56 -3.60
N ARG C 913 -41.04 32.57 -2.87
CA ARG C 913 -42.37 32.58 -2.27
C ARG C 913 -43.44 32.98 -3.29
N GLN C 914 -44.60 32.33 -3.21
CA GLN C 914 -45.78 32.72 -3.97
C GLN C 914 -46.97 32.74 -3.01
N HIS C 915 -48.05 33.41 -3.40
CA HIS C 915 -49.18 33.48 -2.48
C HIS C 915 -50.50 33.33 -3.23
N VAL C 916 -50.62 32.27 -4.03
CA VAL C 916 -51.81 32.10 -4.85
C VAL C 916 -53.04 31.91 -3.98
N LEU C 917 -54.21 32.17 -4.55
CA LEU C 917 -55.48 32.16 -3.83
C LEU C 917 -56.31 30.98 -4.35
N TYR C 918 -56.26 29.87 -3.63
CA TYR C 918 -57.09 28.73 -3.99
C TYR C 918 -58.54 29.02 -3.67
N ASN C 919 -59.43 28.64 -4.59
CA ASN C 919 -60.87 28.69 -4.35
C ASN C 919 -61.36 30.11 -4.10
N GLY C 920 -60.97 31.03 -4.97
CA GLY C 920 -61.34 32.42 -4.84
C GLY C 920 -61.80 32.98 -6.17
N CYS C 921 -62.28 34.22 -6.13
CA CYS C 921 -62.71 34.91 -7.33
C CYS C 921 -62.01 36.26 -7.45
N CYS C 922 -61.63 36.62 -8.68
CA CYS C 922 -61.28 37.99 -8.99
C CYS C 922 -62.51 38.86 -8.77
N VAL C 923 -62.31 40.11 -8.40
CA VAL C 923 -63.41 40.97 -8.02
C VAL C 923 -63.21 42.35 -8.61
N VAL C 924 -64.13 42.73 -9.49
CA VAL C 924 -64.14 44.08 -10.03
C VAL C 924 -64.67 45.06 -9.00
N THR C 925 -65.73 44.69 -8.28
CA THR C 925 -66.34 45.59 -7.31
C THR C 925 -66.97 44.82 -6.16
N ALA C 926 -67.24 45.54 -5.08
CA ALA C 926 -67.80 44.93 -3.88
C ALA C 926 -69.19 44.38 -4.17
N PRO C 927 -69.49 43.15 -3.75
CA PRO C 927 -70.85 42.63 -3.95
C PRO C 927 -71.84 43.33 -3.02
N LYS C 928 -72.89 43.88 -3.61
CA LYS C 928 -73.83 44.69 -2.85
C LYS C 928 -74.65 43.84 -1.89
N THR C 929 -75.16 42.70 -2.34
CA THR C 929 -76.03 41.88 -1.52
C THR C 929 -75.30 40.78 -0.78
N LEU C 930 -74.19 40.29 -1.31
CA LEU C 930 -73.37 39.32 -0.62
C LEU C 930 -72.41 39.97 0.35
N ILE C 931 -72.58 41.27 0.60
CA ILE C 931 -71.60 42.01 1.40
C ILE C 931 -71.53 41.45 2.81
N GLU C 932 -72.60 40.80 3.25
CA GLU C 932 -72.57 40.15 4.55
C GLU C 932 -71.68 38.92 4.54
N TYR C 933 -71.46 38.30 3.38
CA TYR C 933 -70.77 37.01 3.30
C TYR C 933 -69.44 37.06 2.55
N SER C 934 -69.04 38.22 2.03
CA SER C 934 -67.77 38.28 1.32
C SER C 934 -66.60 38.40 2.28
N LEU C 935 -65.40 38.12 1.76
CA LEU C 935 -64.18 38.08 2.58
C LEU C 935 -63.06 38.63 1.74
N PRO C 936 -62.72 39.91 1.94
CA PRO C 936 -61.68 40.54 1.12
C PRO C 936 -60.30 40.05 1.52
N VAL C 937 -59.50 39.68 0.54
CA VAL C 937 -58.17 39.14 0.82
C VAL C 937 -57.18 39.65 -0.22
N PRO C 938 -56.61 40.85 -0.05
CA PRO C 938 -55.56 41.30 -0.95
C PRO C 938 -54.24 40.61 -0.67
N PHE C 939 -53.66 40.02 -1.71
CA PHE C 939 -52.48 39.18 -1.55
C PHE C 939 -51.36 39.46 -2.54
N HIS C 940 -51.69 39.90 -3.74
CA HIS C 940 -50.71 39.99 -4.81
C HIS C 940 -50.23 41.42 -5.00
N ARG C 941 -49.26 41.58 -5.90
CA ARG C 941 -48.83 42.91 -6.33
C ARG C 941 -49.98 43.68 -6.95
N PHE C 942 -50.67 43.08 -7.92
CA PHE C 942 -52.00 43.52 -8.30
C PHE C 942 -53.00 42.81 -7.42
N TYR C 943 -54.29 42.97 -7.73
CA TYR C 943 -55.34 42.29 -6.97
C TYR C 943 -55.28 42.69 -5.50
N SER C 944 -54.93 43.95 -5.25
CA SER C 944 -54.73 44.45 -3.91
C SER C 944 -55.36 45.83 -3.77
N ASN C 945 -56.60 45.98 -4.23
CA ASN C 945 -57.18 47.31 -4.39
C ASN C 945 -57.72 47.79 -3.05
N PRO C 946 -57.33 48.98 -2.59
CA PRO C 946 -57.96 49.54 -1.39
C PRO C 946 -59.44 49.86 -1.56
N THR C 947 -59.89 50.24 -2.76
CA THR C 947 -61.27 50.69 -2.91
C THR C 947 -62.25 49.55 -2.77
N ILE C 948 -61.90 48.37 -3.30
CA ILE C 948 -62.73 47.18 -3.06
C ILE C 948 -62.62 46.73 -1.62
N CYS C 949 -61.40 46.58 -1.11
CA CYS C 949 -61.18 45.94 0.18
C CYS C 949 -61.68 46.79 1.34
N ALA C 950 -61.68 48.10 1.20
CA ALA C 950 -62.21 48.93 2.27
C ALA C 950 -63.73 48.87 2.32
N ALA C 951 -64.37 48.55 1.20
CA ALA C 951 -65.82 48.43 1.18
C ALA C 951 -66.31 47.19 1.89
N LEU C 952 -65.43 46.27 2.24
CA LEU C 952 -65.81 45.01 2.85
C LEU C 952 -65.34 44.87 4.28
N SER C 953 -64.56 45.80 4.80
CA SER C 953 -64.10 45.68 6.18
C SER C 953 -63.93 47.06 6.77
N ASP C 954 -64.52 47.28 7.94
CA ASP C 954 -64.21 48.48 8.69
C ASP C 954 -62.76 48.47 9.16
N ASP C 955 -62.17 47.29 9.29
CA ASP C 955 -60.77 47.24 9.72
C ASP C 955 -59.85 47.87 8.69
N ILE C 956 -60.13 47.67 7.39
CA ILE C 956 -59.34 48.32 6.36
C ILE C 956 -59.85 49.73 6.06
N LYS C 957 -61.13 49.98 6.23
CA LYS C 957 -61.62 51.33 5.99
C LYS C 957 -61.04 52.31 7.00
N ARG C 958 -60.94 51.91 8.27
CA ARG C 958 -60.29 52.79 9.24
C ARG C 958 -58.83 52.95 8.90
N TYR C 959 -58.19 51.88 8.44
CA TYR C 959 -56.79 51.96 8.07
C TYR C 959 -56.57 53.01 6.99
N VAL C 960 -57.42 53.01 5.96
CA VAL C 960 -57.23 53.95 4.85
C VAL C 960 -57.69 55.34 5.24
N THR C 961 -58.74 55.46 6.04
CA THR C 961 -59.21 56.78 6.43
C THR C 961 -58.27 57.46 7.41
N GLU C 962 -57.43 56.70 8.13
CA GLU C 962 -56.31 57.31 8.84
C GLU C 962 -55.14 57.57 7.92
N PHE C 963 -54.95 56.72 6.92
CA PHE C 963 -53.81 56.77 6.01
C PHE C 963 -54.34 56.89 4.59
N PRO C 964 -54.76 58.09 4.19
CA PRO C 964 -55.31 58.24 2.84
C PRO C 964 -54.31 57.91 1.75
N HIS C 965 -53.02 58.10 1.98
CA HIS C 965 -52.07 57.87 0.91
C HIS C 965 -51.91 56.41 0.54
N TYR C 966 -52.40 55.49 1.36
CA TYR C 966 -52.38 54.10 0.96
C TYR C 966 -53.53 53.76 0.04
N HIS C 967 -54.45 54.69 -0.19
CA HIS C 967 -55.51 54.43 -1.16
C HIS C 967 -54.94 54.10 -2.54
N ARG C 968 -53.69 54.49 -2.80
CA ARG C 968 -53.12 54.43 -4.13
C ARG C 968 -52.99 53.01 -4.64
N HIS C 969 -53.33 52.83 -5.93
CA HIS C 969 -53.32 51.51 -6.55
C HIS C 969 -51.93 51.11 -7.02
N ASP C 970 -51.12 52.06 -7.47
CA ASP C 970 -49.81 51.80 -8.07
C ASP C 970 -48.89 50.87 -7.28
N GLY C 971 -48.32 51.36 -6.19
CA GLY C 971 -47.59 50.48 -5.27
C GLY C 971 -48.45 50.22 -4.06
N GLY C 972 -48.89 48.99 -3.91
CA GLY C 972 -50.12 48.74 -3.17
C GLY C 972 -50.08 49.31 -1.78
N PHE C 973 -51.27 49.49 -1.22
CA PHE C 973 -51.31 49.72 0.20
C PHE C 973 -50.75 48.48 0.88
N PRO C 974 -49.93 48.65 1.90
CA PRO C 974 -49.07 47.55 2.35
C PRO C 974 -49.88 46.32 2.71
N LEU C 975 -49.51 45.21 2.10
CA LEU C 975 -50.21 43.96 2.29
C LEU C 975 -49.86 43.37 3.64
N PRO C 976 -50.62 42.38 4.11
CA PRO C 976 -50.28 41.73 5.38
C PRO C 976 -48.85 41.21 5.40
N THR C 977 -48.32 41.11 6.61
CA THR C 977 -46.96 40.63 6.79
C THR C 977 -46.78 39.22 6.24
N ALA C 978 -47.83 38.41 6.25
CA ALA C 978 -47.76 37.14 5.57
C ALA C 978 -47.57 37.33 4.06
N PHE C 979 -48.22 38.35 3.50
CA PHE C 979 -48.22 38.58 2.06
C PHE C 979 -47.19 39.60 1.60
N ALA C 980 -46.50 40.26 2.53
CA ALA C 980 -45.56 41.31 2.18
C ALA C 980 -44.14 40.75 2.13
N HIS C 981 -43.88 40.02 1.05
CA HIS C 981 -42.54 39.52 0.76
C HIS C 981 -42.19 40.04 -0.62
N GLU C 982 -41.68 41.26 -0.67
CA GLU C 982 -41.44 41.89 -1.95
C GLU C 982 -40.32 41.21 -2.72
N TYR C 983 -39.27 40.78 -2.02
CA TYR C 983 -38.07 40.32 -2.70
C TYR C 983 -38.17 38.88 -3.17
N HIS C 984 -38.94 38.04 -2.48
CA HIS C 984 -39.04 36.65 -2.90
C HIS C 984 -40.15 36.41 -3.91
N ASN C 985 -41.00 37.40 -4.16
CA ASN C 985 -41.95 37.29 -5.25
C ASN C 985 -41.24 37.13 -6.57
N TRP C 986 -41.93 36.52 -7.54
CA TRP C 986 -41.42 36.54 -8.91
C TRP C 986 -41.58 37.91 -9.55
N LEU C 987 -42.68 38.60 -9.26
CA LEU C 987 -43.02 39.84 -9.95
C LEU C 987 -42.94 41.00 -8.96
N ARG C 988 -41.90 41.81 -9.08
CA ARG C 988 -41.69 42.88 -8.12
C ARG C 988 -42.28 44.20 -8.59
N SER C 989 -41.96 45.30 -7.91
CA SER C 989 -42.70 46.54 -8.06
C SER C 989 -42.78 47.05 -9.49
N PRO C 990 -41.75 46.98 -10.33
CA PRO C 990 -41.89 47.50 -11.70
C PRO C 990 -43.11 47.00 -12.43
N PHE C 991 -43.62 45.82 -12.10
CA PHE C 991 -44.82 45.34 -12.77
C PHE C 991 -46.04 46.17 -12.41
N SER C 992 -46.20 46.53 -11.13
CA SER C 992 -47.34 47.36 -10.78
C SER C 992 -47.09 48.82 -11.14
N ARG C 993 -45.84 49.25 -11.16
CA ARG C 993 -45.55 50.56 -11.71
C ARG C 993 -45.96 50.63 -13.17
N TYR C 994 -45.83 49.52 -13.89
CA TYR C 994 -46.19 49.56 -15.30
C TYR C 994 -47.67 49.39 -15.51
N SER C 995 -48.30 48.49 -14.77
CA SER C 995 -49.72 48.26 -14.96
C SER C 995 -50.56 49.40 -14.42
N ALA C 996 -49.99 50.23 -13.57
CA ALA C 996 -50.76 51.33 -12.99
C ALA C 996 -51.08 52.40 -14.02
N THR C 997 -50.18 52.67 -14.95
CA THR C 997 -50.39 53.72 -15.94
C THR C 997 -50.56 53.21 -17.36
N CYS C 998 -50.22 51.95 -17.63
CA CYS C 998 -50.19 51.47 -19.00
C CYS C 998 -51.56 51.60 -19.64
N PRO C 999 -51.64 52.03 -20.90
CA PRO C 999 -52.94 52.14 -21.55
C PRO C 999 -53.49 50.77 -21.89
N ASN C 1000 -54.79 50.60 -21.67
CA ASN C 1000 -55.42 49.29 -21.78
C ASN C 1000 -55.56 48.90 -23.26
N VAL C 1001 -54.41 48.73 -23.89
CA VAL C 1001 -54.29 48.44 -25.30
C VAL C 1001 -53.66 47.07 -25.42
N LEU C 1002 -53.93 46.37 -26.53
CA LEU C 1002 -53.41 45.03 -26.68
C LEU C 1002 -51.89 45.00 -26.59
N HIS C 1003 -51.22 45.98 -27.21
CA HIS C 1003 -49.76 45.97 -27.15
C HIS C 1003 -49.27 46.22 -25.74
N SER C 1004 -49.95 47.07 -24.98
CA SER C 1004 -49.64 47.17 -23.57
C SER C 1004 -50.07 45.93 -22.80
N VAL C 1005 -50.81 45.02 -23.43
CA VAL C 1005 -51.05 43.72 -22.82
C VAL C 1005 -49.88 42.78 -23.10
N MET C 1006 -49.38 42.81 -24.34
CA MET C 1006 -48.26 41.97 -24.71
C MET C 1006 -46.99 42.38 -23.99
N THR C 1007 -46.78 43.69 -23.78
CA THR C 1007 -45.52 44.14 -23.22
C THR C 1007 -45.26 43.57 -21.84
N LEU C 1008 -46.30 43.18 -21.10
CA LEU C 1008 -46.03 42.45 -19.87
C LEU C 1008 -45.37 41.11 -20.18
N ALA C 1009 -45.76 40.46 -21.27
CA ALA C 1009 -45.11 39.20 -21.62
C ALA C 1009 -43.65 39.41 -21.94
N ALA C 1010 -43.30 40.55 -22.54
CA ALA C 1010 -41.89 40.86 -22.76
C ALA C 1010 -41.21 41.33 -21.49
N MET C 1011 -41.96 41.84 -20.52
CA MET C 1011 -41.36 42.09 -19.23
C MET C 1011 -41.09 40.79 -18.49
N LEU C 1012 -41.69 39.69 -18.93
CA LEU C 1012 -41.56 38.39 -18.25
C LEU C 1012 -40.41 37.53 -18.74
N TYR C 1013 -39.63 37.96 -19.72
CA TYR C 1013 -38.52 37.15 -20.20
C TYR C 1013 -37.48 36.96 -19.11
N LYS C 1014 -37.03 35.72 -18.92
CA LYS C 1014 -36.15 35.40 -17.80
C LYS C 1014 -34.73 35.84 -18.09
N ILE C 1015 -33.96 35.99 -17.01
CA ILE C 1015 -32.56 36.41 -17.12
C ILE C 1015 -31.63 35.21 -16.88
N SER C 1016 -32.11 34.04 -17.25
CA SER C 1016 -31.26 32.86 -17.25
C SER C 1016 -30.08 33.07 -18.19
N PRO C 1017 -28.94 32.40 -17.98
CA PRO C 1017 -27.93 32.34 -19.03
C PRO C 1017 -28.42 31.63 -20.27
N VAL C 1018 -29.25 30.59 -20.12
CA VAL C 1018 -29.83 29.96 -21.30
C VAL C 1018 -30.88 30.88 -21.90
N SER C 1019 -31.57 31.66 -21.09
CA SER C 1019 -32.45 32.66 -21.65
C SER C 1019 -31.67 33.68 -22.45
N LEU C 1020 -30.48 34.05 -21.98
CA LEU C 1020 -29.67 35.02 -22.70
C LEU C 1020 -29.14 34.45 -24.00
N VAL C 1021 -28.62 33.22 -23.98
CA VAL C 1021 -28.06 32.62 -25.19
C VAL C 1021 -29.17 32.34 -26.20
N LEU C 1022 -30.35 31.98 -25.72
CA LEU C 1022 -31.45 31.71 -26.63
C LEU C 1022 -32.03 32.99 -27.18
N GLN C 1023 -32.16 34.01 -26.33
CA GLN C 1023 -32.75 35.28 -26.72
C GLN C 1023 -31.85 36.05 -27.67
N THR C 1024 -30.55 35.96 -27.47
CA THR C 1024 -29.61 36.71 -28.31
C THR C 1024 -29.51 36.11 -29.70
N LYS C 1025 -29.62 34.79 -29.84
CA LYS C 1025 -29.61 34.20 -31.17
C LYS C 1025 -30.73 34.77 -32.04
N ALA C 1026 -31.83 35.17 -31.40
CA ALA C 1026 -32.96 35.75 -32.12
C ALA C 1026 -32.70 37.17 -32.59
N HIS C 1027 -31.61 37.79 -32.16
CA HIS C 1027 -31.34 39.20 -32.37
C HIS C 1027 -32.35 40.10 -31.66
N ILE C 1028 -33.08 39.55 -30.69
CA ILE C 1028 -33.86 40.36 -29.75
C ILE C 1028 -32.90 41.05 -28.79
N HIS C 1029 -33.31 42.21 -28.29
CA HIS C 1029 -32.45 43.00 -27.42
C HIS C 1029 -32.73 42.66 -25.96
N PRO C 1030 -31.77 42.13 -25.23
CA PRO C 1030 -31.92 41.99 -23.78
C PRO C 1030 -31.68 43.33 -23.09
N GLY C 1031 -32.14 43.42 -21.85
CA GLY C 1031 -32.30 44.71 -21.19
C GLY C 1031 -31.03 45.55 -21.09
N PHE C 1032 -29.87 44.92 -21.04
CA PHE C 1032 -28.63 45.65 -20.79
C PHE C 1032 -27.92 46.05 -22.07
N ALA C 1033 -26.92 46.92 -21.93
CA ALA C 1033 -26.05 47.35 -23.01
C ALA C 1033 -24.60 47.00 -22.70
N LEU C 1034 -23.73 47.09 -23.70
CA LEU C 1034 -22.32 46.79 -23.54
C LEU C 1034 -21.47 48.01 -23.84
N THR C 1035 -20.29 48.10 -23.21
CA THR C 1035 -19.38 49.23 -23.43
C THR C 1035 -17.93 48.78 -23.58
N ALA C 1036 -17.70 47.88 -24.53
CA ALA C 1036 -16.40 47.27 -24.73
C ALA C 1036 -15.25 48.27 -24.69
N VAL C 1037 -14.22 47.92 -23.94
CA VAL C 1037 -12.94 48.61 -24.00
C VAL C 1037 -11.94 47.70 -24.68
N ARG C 1038 -10.94 48.30 -25.32
CA ARG C 1038 -10.07 47.55 -26.20
C ARG C 1038 -8.79 48.34 -26.40
N THR C 1039 -7.67 47.84 -25.90
CA THR C 1039 -6.41 48.52 -26.11
C THR C 1039 -5.84 48.17 -27.47
N ASP C 1040 -5.11 49.12 -28.05
CA ASP C 1040 -4.49 48.95 -29.35
C ASP C 1040 -3.04 49.41 -29.28
N THR C 1041 -2.15 48.60 -29.82
CA THR C 1041 -0.71 48.80 -29.69
C THR C 1041 -0.12 49.32 -30.99
N PHE C 1042 0.63 50.43 -30.91
CA PHE C 1042 1.19 51.10 -32.07
C PHE C 1042 2.70 51.03 -31.99
N GLU C 1043 3.34 50.51 -33.04
CA GLU C 1043 4.77 50.70 -33.21
C GLU C 1043 5.04 52.17 -33.47
N VAL C 1044 6.12 52.70 -32.90
CA VAL C 1044 6.32 54.14 -32.95
C VAL C 1044 7.79 54.47 -32.72
N ASP C 1045 8.19 55.63 -33.18
CA ASP C 1045 9.51 56.14 -32.87
C ASP C 1045 9.43 57.19 -31.77
N MET C 1046 10.52 57.33 -31.05
CA MET C 1046 10.61 58.37 -30.05
C MET C 1046 11.71 59.30 -30.50
N LEU C 1047 11.68 60.53 -30.01
CA LEU C 1047 12.85 61.39 -30.08
C LEU C 1047 13.13 61.84 -28.66
N LEU C 1048 14.31 61.51 -28.18
CA LEU C 1048 14.78 61.95 -26.89
C LEU C 1048 15.60 63.22 -27.04
N TYR C 1049 15.64 64.02 -25.98
CA TYR C 1049 16.56 65.16 -25.91
C TYR C 1049 17.12 65.20 -24.50
N SER C 1050 18.41 65.52 -24.39
CA SER C 1050 19.06 65.55 -23.09
C SER C 1050 20.12 66.63 -23.08
N GLY C 1051 20.32 67.24 -21.93
CA GLY C 1051 21.25 68.34 -21.84
C GLY C 1051 22.67 67.87 -21.80
N LYS C 1052 23.60 68.81 -21.97
CA LYS C 1052 25.01 68.46 -21.89
C LYS C 1052 25.41 68.20 -20.45
N SER C 1053 26.15 67.12 -20.23
CA SER C 1053 26.52 66.68 -18.89
C SER C 1053 25.29 66.50 -18.01
N CYS C 1054 24.30 65.78 -18.54
CA CYS C 1054 23.05 65.62 -17.81
C CYS C 1054 23.14 64.55 -16.74
N THR C 1055 23.99 63.54 -16.93
CA THR C 1055 24.23 62.58 -15.87
C THR C 1055 25.61 61.99 -16.04
N SER C 1056 26.38 62.00 -14.97
CA SER C 1056 27.70 61.39 -15.02
C SER C 1056 27.59 59.89 -14.86
N VAL C 1057 28.48 59.16 -15.50
CA VAL C 1057 28.42 57.70 -15.45
C VAL C 1057 29.76 57.17 -14.98
N ILE C 1058 29.87 56.94 -13.67
CA ILE C 1058 31.11 56.39 -13.15
C ILE C 1058 31.20 54.91 -13.47
N ILE C 1059 32.34 54.47 -13.96
CA ILE C 1059 32.57 53.09 -14.38
C ILE C 1059 33.90 52.63 -13.83
N ASN C 1060 34.01 51.33 -13.59
CA ASN C 1060 35.27 50.72 -13.17
C ASN C 1060 35.76 49.76 -14.24
N ASN C 1061 36.94 49.20 -14.01
CA ASN C 1061 37.51 48.28 -14.99
C ASN C 1061 36.62 47.05 -15.16
N PRO C 1062 36.39 46.60 -16.38
CA PRO C 1062 35.67 45.34 -16.58
C PRO C 1062 36.47 44.18 -16.02
N ILE C 1063 35.77 43.23 -15.42
CA ILE C 1063 36.42 42.05 -14.87
C ILE C 1063 35.80 40.81 -15.49
N VAL C 1064 36.65 39.81 -15.72
CA VAL C 1064 36.32 38.67 -16.56
C VAL C 1064 36.32 37.44 -15.69
N THR C 1065 35.14 36.95 -15.34
CA THR C 1065 35.04 35.65 -14.70
C THR C 1065 34.93 34.55 -15.74
N LYS C 1066 35.24 33.32 -15.33
CA LYS C 1066 35.41 32.23 -16.27
C LYS C 1066 34.65 31.00 -15.81
N GLU C 1067 34.06 30.30 -16.78
CA GLU C 1067 33.30 29.09 -16.52
C GLU C 1067 33.64 28.07 -17.59
N GLU C 1068 33.30 26.82 -17.33
CA GLU C 1068 33.71 25.72 -18.21
C GLU C 1068 32.62 24.67 -18.28
N ARG C 1069 32.16 24.36 -19.49
CA ARG C 1069 31.23 23.26 -19.72
C ARG C 1069 31.95 22.01 -20.21
N ASP C 1070 33.28 22.06 -20.33
CA ASP C 1070 34.17 20.95 -20.68
C ASP C 1070 33.99 20.52 -22.11
N ILE C 1071 32.97 21.06 -22.77
CA ILE C 1071 33.00 21.10 -24.22
C ILE C 1071 33.44 22.47 -24.68
N SER C 1072 33.22 23.49 -23.84
CA SER C 1072 33.56 24.86 -24.19
C SER C 1072 33.61 25.69 -22.91
N THR C 1073 34.46 26.70 -22.93
CA THR C 1073 34.64 27.61 -21.80
C THR C 1073 33.99 28.94 -22.16
N THR C 1074 32.86 29.23 -21.52
CA THR C 1074 32.35 30.59 -21.57
C THR C 1074 33.14 31.46 -20.63
N TYR C 1075 33.32 32.71 -21.04
CA TYR C 1075 33.82 33.74 -20.15
C TYR C 1075 32.80 34.87 -20.11
N HIS C 1076 32.72 35.52 -18.96
CA HIS C 1076 31.72 36.54 -18.73
C HIS C 1076 32.47 37.80 -18.31
N VAL C 1077 32.02 38.94 -18.81
CA VAL C 1077 32.80 40.16 -18.64
C VAL C 1077 31.92 41.25 -18.05
N THR C 1078 31.89 41.34 -16.74
CA THR C 1078 31.01 42.29 -16.10
C THR C 1078 31.62 43.68 -16.15
N GLN C 1079 30.77 44.68 -15.96
CA GLN C 1079 31.22 46.05 -15.82
C GLN C 1079 30.22 46.76 -14.93
N ASN C 1080 30.70 47.71 -14.14
CA ASN C 1080 29.86 48.42 -13.18
C ASN C 1080 29.69 49.85 -13.63
N ILE C 1081 28.46 50.37 -13.53
CA ILE C 1081 28.18 51.75 -13.84
C ILE C 1081 27.17 52.29 -12.84
N ASN C 1082 27.41 53.50 -12.36
CA ASN C 1082 26.49 54.23 -11.52
C ASN C 1082 26.26 55.60 -12.16
N THR C 1083 25.01 56.05 -12.21
CA THR C 1083 24.69 57.29 -12.92
C THR C 1083 24.14 58.31 -11.94
N VAL C 1084 25.04 59.11 -11.35
CA VAL C 1084 24.59 60.29 -10.64
C VAL C 1084 23.94 61.24 -11.63
N ASP C 1085 22.80 61.79 -11.25
CA ASP C 1085 22.18 62.82 -12.06
C ASP C 1085 22.76 64.18 -11.70
N MET C 1086 22.79 65.08 -12.67
CA MET C 1086 23.42 66.36 -12.48
C MET C 1086 22.47 67.45 -12.97
N GLY C 1087 21.23 67.36 -12.53
CA GLY C 1087 20.26 68.39 -12.82
C GLY C 1087 19.16 68.38 -11.79
N LEU C 1088 18.78 69.57 -11.34
CA LEU C 1088 17.75 69.69 -10.31
C LEU C 1088 16.37 69.42 -10.91
N GLY C 1089 16.02 70.17 -11.93
CA GLY C 1089 14.83 69.85 -12.70
C GLY C 1089 15.09 68.66 -13.62
N TYR C 1090 14.13 68.44 -14.50
CA TYR C 1090 14.32 67.48 -15.58
C TYR C 1090 15.25 68.04 -16.65
N THR C 1091 16.40 67.40 -16.84
CA THR C 1091 17.33 67.84 -17.87
C THR C 1091 17.02 67.25 -19.25
N SER C 1092 16.08 66.30 -19.33
CA SER C 1092 15.81 65.59 -20.56
C SER C 1092 14.31 65.46 -20.76
N ASN C 1093 13.91 65.26 -22.02
CA ASN C 1093 12.50 64.98 -22.29
C ASN C 1093 12.36 64.24 -23.62
N THR C 1094 11.11 63.94 -23.96
CA THR C 1094 10.81 62.94 -24.97
C THR C 1094 9.52 63.32 -25.67
N CYS C 1095 9.43 62.99 -26.96
CA CYS C 1095 8.15 63.07 -27.62
C CYS C 1095 7.98 61.91 -28.60
N VAL C 1096 6.75 61.41 -28.68
CA VAL C 1096 6.42 60.42 -29.68
C VAL C 1096 6.43 61.09 -31.04
N ALA C 1097 7.30 60.62 -31.93
CA ALA C 1097 7.52 61.32 -33.17
C ALA C 1097 6.65 60.69 -34.24
N TYR C 1098 6.85 59.43 -34.59
CA TYR C 1098 6.33 58.88 -35.83
C TYR C 1098 5.74 57.49 -35.58
N VAL C 1099 4.46 57.33 -35.89
CA VAL C 1099 3.81 56.02 -35.89
C VAL C 1099 4.04 55.40 -37.26
N ASN C 1100 4.71 54.26 -37.28
CA ASN C 1100 4.94 53.57 -38.55
C ASN C 1100 3.75 52.70 -38.94
N ARG C 1101 3.29 51.86 -38.03
CA ARG C 1101 2.27 50.88 -38.35
C ARG C 1101 1.62 50.42 -37.05
N VAL C 1102 0.49 49.73 -37.19
CA VAL C 1102 -0.29 49.25 -36.06
C VAL C 1102 -0.04 47.76 -35.92
N ARG C 1103 0.27 47.33 -34.70
CA ARG C 1103 0.39 45.90 -34.45
C ARG C 1103 -0.97 45.25 -34.24
N THR C 1104 -1.84 45.90 -33.46
CA THR C 1104 -3.10 45.31 -33.05
C THR C 1104 -4.07 45.19 -34.21
N ASP C 1105 -4.92 44.18 -34.14
CA ASP C 1105 -5.92 43.92 -35.17
C ASP C 1105 -6.89 45.09 -35.31
N MET C 1106 -7.25 45.75 -34.22
CA MET C 1106 -8.37 46.68 -34.20
C MET C 1106 -9.67 46.01 -34.64
N GLY C 1107 -9.76 44.70 -34.52
CA GLY C 1107 -11.00 43.98 -34.72
C GLY C 1107 -11.83 44.05 -33.46
N VAL C 1108 -12.88 43.25 -33.42
CA VAL C 1108 -13.71 43.28 -32.22
C VAL C 1108 -13.47 42.03 -31.37
N ARG C 1109 -13.99 40.89 -31.81
CA ARG C 1109 -13.56 39.60 -31.25
C ARG C 1109 -13.52 39.61 -29.73
N VAL C 1110 -14.65 39.79 -29.06
CA VAL C 1110 -14.65 40.02 -27.62
C VAL C 1110 -14.01 38.85 -26.90
N GLN C 1111 -13.33 39.15 -25.80
CA GLN C 1111 -12.48 38.16 -25.16
C GLN C 1111 -13.30 37.02 -24.57
N ASP C 1112 -12.82 35.80 -24.80
CA ASP C 1112 -13.51 34.60 -24.35
C ASP C 1112 -13.24 34.39 -22.87
N LEU C 1113 -14.20 34.74 -22.03
CA LEU C 1113 -14.01 34.54 -20.61
C LEU C 1113 -13.92 33.07 -20.24
N PHE C 1114 -14.40 32.17 -21.11
CA PHE C 1114 -14.34 30.75 -20.82
C PHE C 1114 -12.91 30.25 -20.73
N ARG C 1115 -11.96 30.94 -21.37
CA ARG C 1115 -10.55 30.62 -21.20
C ARG C 1115 -9.86 31.45 -20.12
N VAL C 1116 -10.39 32.63 -19.78
CA VAL C 1116 -9.79 33.40 -18.70
C VAL C 1116 -10.13 32.79 -17.35
N PHE C 1117 -11.30 32.18 -17.21
CA PHE C 1117 -11.70 31.48 -15.98
C PHE C 1117 -12.00 30.02 -16.31
N PRO C 1118 -10.97 29.21 -16.55
CA PRO C 1118 -11.22 27.84 -17.02
C PRO C 1118 -11.88 26.94 -15.98
N MET C 1119 -11.70 27.21 -14.69
CA MET C 1119 -12.18 26.29 -13.67
C MET C 1119 -13.69 26.33 -13.48
N ASN C 1120 -14.29 27.51 -13.58
CA ASN C 1120 -15.70 27.66 -13.23
C ASN C 1120 -16.59 26.85 -14.18
N VAL C 1121 -17.60 26.19 -13.61
CA VAL C 1121 -18.57 25.45 -14.38
C VAL C 1121 -19.92 25.53 -13.67
N TYR C 1122 -20.99 25.40 -14.43
CA TYR C 1122 -22.32 25.34 -13.85
C TYR C 1122 -22.44 24.09 -12.98
N ARG C 1123 -23.18 24.22 -11.88
CA ARG C 1123 -23.35 23.08 -10.99
C ARG C 1123 -24.05 21.93 -11.71
N HIS C 1124 -25.10 22.23 -12.47
CA HIS C 1124 -25.79 21.21 -13.23
C HIS C 1124 -24.96 20.81 -14.43
N ASP C 1125 -25.01 19.53 -14.78
CA ASP C 1125 -24.14 19.02 -15.83
C ASP C 1125 -24.69 19.32 -17.21
N GLU C 1126 -25.97 18.96 -17.45
CA GLU C 1126 -26.56 19.09 -18.78
C GLU C 1126 -26.59 20.54 -19.24
N VAL C 1127 -26.83 21.46 -18.30
CA VAL C 1127 -26.89 22.87 -18.66
C VAL C 1127 -25.53 23.36 -19.10
N ASP C 1128 -24.46 22.93 -18.43
CA ASP C 1128 -23.15 23.36 -18.88
C ASP C 1128 -22.75 22.69 -20.18
N ARG C 1129 -23.13 21.43 -20.39
CA ARG C 1129 -22.91 20.83 -21.71
C ARG C 1129 -23.57 21.66 -22.79
N TRP C 1130 -24.79 22.12 -22.55
CA TRP C 1130 -25.54 22.88 -23.53
C TRP C 1130 -24.94 24.27 -23.73
N ILE C 1131 -24.41 24.86 -22.66
CA ILE C 1131 -23.89 26.21 -22.75
C ILE C 1131 -22.56 26.22 -23.50
N ARG C 1132 -21.70 25.24 -23.21
CA ARG C 1132 -20.46 25.13 -23.96
C ARG C 1132 -20.73 24.98 -25.45
N HIS C 1133 -21.70 24.13 -25.81
CA HIS C 1133 -21.99 23.91 -27.23
C HIS C 1133 -22.59 25.14 -27.86
N ALA C 1134 -23.27 25.99 -27.09
CA ALA C 1134 -23.85 27.20 -27.65
C ALA C 1134 -22.82 28.31 -27.80
N ALA C 1135 -21.94 28.47 -26.82
CA ALA C 1135 -20.91 29.51 -26.86
C ALA C 1135 -19.70 29.11 -27.70
N GLY C 1136 -19.58 27.84 -28.08
CA GLY C 1136 -18.49 27.42 -28.94
C GLY C 1136 -17.23 26.94 -28.25
N VAL C 1137 -17.22 26.87 -26.92
CA VAL C 1137 -16.05 26.43 -26.16
C VAL C 1137 -16.35 25.04 -25.62
N GLU C 1138 -15.39 24.11 -25.72
CA GLU C 1138 -15.57 22.82 -25.09
C GLU C 1138 -14.22 22.25 -24.66
N ARG C 1139 -14.26 21.36 -23.68
CA ARG C 1139 -13.07 20.70 -23.19
C ARG C 1139 -13.21 19.19 -23.39
N PRO C 1140 -12.18 18.51 -23.88
CA PRO C 1140 -12.29 17.05 -24.00
C PRO C 1140 -11.75 16.35 -22.77
N GLN C 1141 -12.51 15.39 -22.26
CA GLN C 1141 -12.19 14.70 -21.02
C GLN C 1141 -11.07 13.69 -21.22
N LEU C 1142 -9.89 14.22 -21.52
CA LEU C 1142 -8.71 13.39 -21.62
C LEU C 1142 -7.84 13.42 -20.37
N LEU C 1143 -8.06 14.40 -19.49
CA LEU C 1143 -7.21 14.61 -18.33
C LEU C 1143 -5.74 14.68 -18.73
N ASP C 1144 -5.48 15.24 -19.90
CA ASP C 1144 -4.10 15.47 -20.28
C ASP C 1144 -3.49 16.37 -19.22
N THR C 1145 -2.25 16.04 -18.82
CA THR C 1145 -1.57 16.87 -17.83
C THR C 1145 -1.48 18.30 -18.30
N GLU C 1146 -1.62 18.52 -19.59
CA GLU C 1146 -1.75 19.90 -20.05
C GLU C 1146 -3.11 20.46 -19.68
N THR C 1147 -4.18 19.67 -19.78
CA THR C 1147 -5.48 20.15 -19.32
C THR C 1147 -5.48 20.32 -17.80
N ILE C 1148 -4.89 19.37 -17.08
CA ILE C 1148 -4.82 19.52 -15.62
C ILE C 1148 -4.04 20.78 -15.26
N SER C 1149 -2.92 21.03 -15.94
CA SER C 1149 -2.15 22.23 -15.63
C SER C 1149 -2.92 23.48 -15.97
N MET C 1150 -3.58 23.50 -17.13
CA MET C 1150 -4.33 24.69 -17.55
C MET C 1150 -5.41 25.03 -16.56
N LEU C 1151 -6.20 24.04 -16.15
CA LEU C 1151 -7.23 24.30 -15.16
C LEU C 1151 -6.62 24.66 -13.82
N THR C 1152 -5.40 24.18 -13.58
CA THR C 1152 -4.72 24.58 -12.36
C THR C 1152 -4.14 25.98 -12.49
N PHE C 1153 -3.46 26.27 -13.60
CA PHE C 1153 -2.80 27.56 -13.74
C PHE C 1153 -2.32 27.75 -15.17
N GLY C 1154 -2.25 29.02 -15.59
CA GLY C 1154 -1.68 29.39 -16.86
C GLY C 1154 -1.95 28.53 -18.09
N SER C 1155 -0.86 28.03 -18.69
CA SER C 1155 -0.81 27.14 -19.87
C SER C 1155 -1.00 27.80 -21.24
N MET C 1156 -1.26 29.11 -21.30
CA MET C 1156 -1.32 29.83 -22.57
C MET C 1156 -2.25 29.13 -23.55
N SER C 1157 -3.52 29.03 -23.14
CA SER C 1157 -4.40 28.01 -23.69
C SER C 1157 -4.66 28.15 -25.17
N GLU C 1158 -4.63 29.35 -25.73
CA GLU C 1158 -5.31 29.61 -27.00
C GLU C 1158 -4.64 28.92 -28.19
N ARG C 1159 -3.30 28.83 -28.22
CA ARG C 1159 -2.57 28.28 -29.37
C ARG C 1159 -3.03 28.93 -30.69
N ASN C 1160 -2.30 29.95 -31.16
CA ASN C 1160 -2.71 30.84 -32.23
C ASN C 1160 -3.33 30.14 -33.43
N ALA C 1161 -3.98 30.88 -34.34
CA ALA C 1161 -4.88 30.26 -35.30
C ALA C 1161 -4.27 30.28 -36.69
N ALA C 1162 -5.01 29.73 -37.65
CA ALA C 1162 -4.39 29.27 -38.90
C ALA C 1162 -3.56 30.34 -39.60
N ALA C 1163 -4.18 31.45 -39.97
CA ALA C 1163 -3.50 32.49 -40.74
C ALA C 1163 -3.93 33.83 -40.18
N THR C 1164 -3.01 34.52 -39.50
CA THR C 1164 -3.31 35.82 -38.93
C THR C 1164 -3.00 36.87 -39.98
N VAL C 1165 -4.03 37.42 -40.61
CA VAL C 1165 -3.80 38.45 -41.62
C VAL C 1165 -3.82 39.86 -41.06
N HIS C 1166 -4.24 40.04 -39.81
CA HIS C 1166 -4.22 41.38 -39.21
C HIS C 1166 -3.21 41.52 -38.07
N GLY C 1167 -3.33 40.73 -37.02
CA GLY C 1167 -2.36 40.77 -35.96
C GLY C 1167 -3.02 40.51 -34.60
N GLN C 1168 -2.43 41.08 -33.56
CA GLN C 1168 -2.92 40.85 -32.21
C GLN C 1168 -4.32 41.39 -32.04
N LYS C 1169 -5.13 40.70 -31.24
CA LYS C 1169 -6.55 41.00 -31.15
C LYS C 1169 -7.03 40.88 -29.71
N ALA C 1170 -7.98 41.75 -29.34
CA ALA C 1170 -8.71 41.62 -28.08
C ALA C 1170 -9.84 42.64 -28.03
N ALA C 1171 -10.75 42.42 -27.08
CA ALA C 1171 -11.75 43.41 -26.67
C ALA C 1171 -12.23 42.99 -25.29
N CYS C 1172 -12.88 43.91 -24.61
CA CYS C 1172 -13.39 43.62 -23.27
C CYS C 1172 -14.87 43.96 -23.21
N GLU C 1173 -15.48 43.97 -22.04
CA GLU C 1173 -16.94 43.92 -21.98
C GLU C 1173 -17.44 44.36 -20.62
N LEU C 1174 -18.36 45.33 -20.59
CA LEU C 1174 -18.93 45.85 -19.34
C LEU C 1174 -20.45 45.90 -19.49
N ILE C 1175 -21.16 45.00 -18.81
CA ILE C 1175 -22.61 45.04 -18.80
C ILE C 1175 -23.09 46.35 -18.16
N LEU C 1176 -23.98 47.05 -18.85
CA LEU C 1176 -24.30 48.43 -18.50
C LEU C 1176 -25.79 48.71 -18.67
N THR C 1177 -26.21 49.82 -18.13
CA THR C 1177 -27.57 50.30 -18.23
C THR C 1177 -27.81 50.89 -19.62
N PRO C 1178 -28.96 50.63 -20.25
CA PRO C 1178 -29.22 51.28 -21.53
C PRO C 1178 -29.46 52.77 -21.40
N VAL C 1179 -29.90 53.23 -20.22
CA VAL C 1179 -30.20 54.63 -20.00
C VAL C 1179 -28.93 55.49 -20.00
N THR C 1180 -27.77 54.87 -20.08
CA THR C 1180 -26.51 55.61 -19.98
C THR C 1180 -26.49 56.78 -20.97
N MET C 1181 -26.25 57.97 -20.44
CA MET C 1181 -26.03 59.11 -21.31
C MET C 1181 -24.76 58.87 -22.09
N ASP C 1182 -24.76 59.24 -23.37
CA ASP C 1182 -23.50 59.21 -24.11
C ASP C 1182 -22.97 60.60 -24.44
N VAL C 1183 -23.86 61.55 -24.76
CA VAL C 1183 -23.42 62.88 -25.13
C VAL C 1183 -22.54 63.47 -24.05
N ASN C 1184 -22.82 63.14 -22.79
CA ASN C 1184 -21.95 63.51 -21.69
C ASN C 1184 -20.92 62.45 -21.39
N TYR C 1185 -21.04 61.24 -21.96
CA TYR C 1185 -20.15 60.18 -21.53
C TYR C 1185 -19.37 59.48 -22.63
N PHE C 1186 -19.92 59.28 -23.81
CA PHE C 1186 -19.22 58.48 -24.81
C PHE C 1186 -18.57 59.29 -25.92
N LYS C 1187 -19.02 60.53 -26.15
CA LYS C 1187 -18.43 61.33 -27.21
C LYS C 1187 -17.04 61.83 -26.86
N ILE C 1188 -16.73 61.99 -25.58
CA ILE C 1188 -15.47 62.60 -25.15
C ILE C 1188 -14.63 61.53 -24.47
N PRO C 1189 -13.30 61.71 -24.42
CA PRO C 1189 -12.46 60.77 -23.69
C PRO C 1189 -12.81 60.77 -22.20
N ASN C 1190 -13.01 59.59 -21.66
CA ASN C 1190 -13.60 59.46 -20.34
C ASN C 1190 -13.35 58.06 -19.81
N ASN C 1191 -13.77 57.84 -18.57
CA ASN C 1191 -13.49 56.58 -17.89
C ASN C 1191 -14.53 55.52 -18.23
N PRO C 1192 -14.14 54.34 -18.69
CA PRO C 1192 -15.12 53.28 -18.92
C PRO C 1192 -15.83 52.85 -17.66
N ARG C 1193 -15.17 53.01 -16.51
CA ARG C 1193 -15.72 52.52 -15.25
C ARG C 1193 -17.04 53.18 -14.91
N GLY C 1194 -17.29 54.37 -15.41
CA GLY C 1194 -18.46 55.13 -15.02
C GLY C 1194 -18.24 56.17 -13.94
N ARG C 1195 -17.03 56.29 -13.41
CA ARG C 1195 -16.79 57.27 -12.36
C ARG C 1195 -15.32 57.65 -12.36
N ALA C 1196 -15.05 58.94 -12.57
CA ALA C 1196 -13.69 59.38 -12.85
C ALA C 1196 -12.78 59.15 -11.66
N SER C 1197 -11.56 58.70 -11.96
CA SER C 1197 -10.62 58.25 -10.94
C SER C 1197 -9.21 58.76 -11.20
N CYS C 1198 -9.09 60.03 -11.56
CA CYS C 1198 -7.77 60.64 -11.76
C CYS C 1198 -7.22 61.03 -10.41
N MET C 1199 -6.30 60.22 -9.88
CA MET C 1199 -5.70 60.53 -8.59
C MET C 1199 -4.93 61.83 -8.58
N LEU C 1200 -4.69 62.43 -9.74
CA LEU C 1200 -4.00 63.71 -9.78
C LEU C 1200 -4.83 64.82 -9.13
N ALA C 1201 -6.16 64.71 -9.16
CA ALA C 1201 -6.96 65.70 -8.48
C ALA C 1201 -6.94 65.52 -6.97
N VAL C 1202 -6.93 64.28 -6.51
CA VAL C 1202 -7.12 63.96 -5.10
C VAL C 1202 -5.93 64.43 -4.30
N ASP C 1203 -6.19 64.85 -3.06
CA ASP C 1203 -5.13 65.34 -2.20
C ASP C 1203 -4.08 64.24 -2.02
N PRO C 1204 -2.80 64.54 -2.13
CA PRO C 1204 -1.78 63.50 -2.10
C PRO C 1204 -1.73 62.81 -0.75
N TYR C 1205 -1.39 61.53 -0.77
CA TYR C 1205 -1.24 60.74 0.44
C TYR C 1205 -2.50 60.80 1.29
N ASP C 1206 -3.66 60.78 0.65
CA ASP C 1206 -4.94 60.93 1.34
C ASP C 1206 -5.83 59.74 0.97
N THR C 1207 -5.65 58.64 1.69
CA THR C 1207 -6.35 57.40 1.36
C THR C 1207 -7.81 57.47 1.75
N GLU C 1208 -8.11 58.10 2.88
CA GLU C 1208 -9.50 58.24 3.32
C GLU C 1208 -10.32 59.06 2.34
N ALA C 1209 -9.69 60.04 1.69
CA ALA C 1209 -10.35 60.88 0.71
C ALA C 1209 -10.20 60.38 -0.71
N ALA C 1210 -9.15 59.63 -1.00
CA ALA C 1210 -9.05 59.01 -2.32
C ALA C 1210 -10.00 57.83 -2.45
N THR C 1211 -10.33 57.18 -1.35
CA THR C 1211 -11.26 56.07 -1.42
C THR C 1211 -12.70 56.53 -1.56
N LYS C 1212 -13.03 57.74 -1.12
CA LYS C 1212 -14.37 58.26 -1.37
C LYS C 1212 -14.55 58.65 -2.82
N ALA C 1213 -13.59 59.37 -3.37
CA ALA C 1213 -13.77 59.99 -4.68
C ALA C 1213 -13.88 58.94 -5.77
N ILE C 1214 -13.34 57.76 -5.55
CA ILE C 1214 -13.39 56.69 -6.53
C ILE C 1214 -14.52 55.71 -6.28
N TYR C 1215 -15.08 55.70 -5.07
CA TYR C 1215 -16.03 54.68 -4.66
C TYR C 1215 -17.36 55.22 -4.16
N ASP C 1216 -17.35 56.24 -3.31
CA ASP C 1216 -18.57 56.69 -2.67
C ASP C 1216 -19.50 57.33 -3.69
N HIS C 1217 -20.80 57.04 -3.58
CA HIS C 1217 -21.79 57.61 -4.48
C HIS C 1217 -22.60 58.71 -3.84
N ARG C 1218 -22.36 59.02 -2.58
CA ARG C 1218 -22.99 60.20 -2.03
C ARG C 1218 -22.18 61.44 -2.37
N GLU C 1219 -20.86 61.34 -2.37
CA GLU C 1219 -20.04 62.46 -2.80
C GLU C 1219 -20.05 62.57 -4.32
N ALA C 1220 -20.22 63.80 -4.79
CA ALA C 1220 -20.53 64.06 -6.19
C ALA C 1220 -19.30 63.84 -7.06
N ASP C 1221 -19.52 63.26 -8.23
CA ASP C 1221 -18.45 62.80 -9.09
C ASP C 1221 -17.65 63.97 -9.65
N ALA C 1222 -16.48 63.65 -10.19
CA ALA C 1222 -15.57 64.54 -10.90
C ALA C 1222 -16.23 65.06 -12.18
N GLN C 1223 -15.62 64.76 -13.33
CA GLN C 1223 -15.91 65.42 -14.62
C GLN C 1223 -17.39 65.73 -14.77
N THR C 1224 -18.29 64.74 -14.81
CA THR C 1224 -19.71 65.04 -14.67
C THR C 1224 -20.14 64.86 -13.23
N PHE C 1225 -20.91 65.81 -12.72
CA PHE C 1225 -21.16 65.80 -11.28
C PHE C 1225 -22.33 64.90 -10.87
N ALA C 1226 -22.95 64.22 -11.83
CA ALA C 1226 -23.84 63.11 -11.48
C ALA C 1226 -23.04 62.03 -10.76
N ALA C 1227 -23.68 61.34 -9.82
CA ALA C 1227 -22.94 60.45 -8.94
C ALA C 1227 -22.25 59.32 -9.70
N THR C 1228 -22.91 58.76 -10.70
CA THR C 1228 -22.41 57.53 -11.31
C THR C 1228 -23.05 57.35 -12.67
N HIS C 1229 -22.27 57.47 -13.74
CA HIS C 1229 -22.86 57.34 -15.06
C HIS C 1229 -23.22 55.89 -15.37
N ASN C 1230 -22.54 54.94 -14.74
CA ASN C 1230 -22.94 53.52 -14.81
C ASN C 1230 -22.86 52.85 -13.44
N PRO C 1231 -23.97 52.46 -12.82
CA PRO C 1231 -23.88 51.87 -11.47
C PRO C 1231 -23.19 50.52 -11.42
N TRP C 1232 -23.36 49.67 -12.43
CA TRP C 1232 -22.91 48.30 -12.34
C TRP C 1232 -21.40 48.16 -12.44
N ALA C 1233 -20.67 49.24 -12.66
CA ALA C 1233 -19.22 49.20 -12.65
C ALA C 1233 -18.59 50.13 -11.62
N SER C 1234 -19.24 51.24 -11.32
CA SER C 1234 -18.71 52.26 -10.45
C SER C 1234 -18.87 51.97 -8.97
N GLN C 1235 -19.85 51.15 -8.59
CA GLN C 1235 -19.99 50.75 -7.19
C GLN C 1235 -18.79 49.93 -6.77
N ALA C 1236 -18.47 49.96 -5.48
CA ALA C 1236 -17.52 48.99 -4.93
C ALA C 1236 -18.19 47.63 -4.79
N GLY C 1237 -17.56 46.61 -5.35
CA GLY C 1237 -18.14 45.28 -5.31
C GLY C 1237 -19.19 45.00 -6.36
N CYS C 1238 -19.35 45.88 -7.35
CA CYS C 1238 -20.28 45.63 -8.43
C CYS C 1238 -19.81 44.43 -9.25
N LEU C 1239 -20.62 44.04 -10.24
CA LEU C 1239 -20.25 42.87 -11.02
C LEU C 1239 -18.95 43.10 -11.77
N SER C 1240 -18.78 44.29 -12.36
CA SER C 1240 -17.59 44.52 -13.16
C SER C 1240 -16.36 44.68 -12.30
N ASP C 1241 -16.51 45.23 -11.09
CA ASP C 1241 -15.37 45.31 -10.19
C ASP C 1241 -14.93 43.91 -9.79
N VAL C 1242 -15.86 43.10 -9.30
CA VAL C 1242 -15.50 41.73 -8.90
C VAL C 1242 -15.08 40.92 -10.10
N LEU C 1243 -15.40 41.38 -11.30
CA LEU C 1243 -15.03 40.66 -12.51
C LEU C 1243 -13.67 41.04 -13.03
N TYR C 1244 -13.19 42.25 -12.74
CA TYR C 1244 -11.94 42.72 -13.36
C TYR C 1244 -10.93 43.27 -12.38
N ASN C 1245 -11.34 43.63 -11.17
CA ASN C 1245 -10.36 43.92 -10.15
C ASN C 1245 -9.57 42.66 -9.90
N THR C 1246 -8.27 42.69 -10.19
CA THR C 1246 -7.47 41.47 -10.02
C THR C 1246 -7.42 41.03 -8.57
N ARG C 1247 -7.52 41.97 -7.63
CA ARG C 1247 -7.57 41.58 -6.24
C ARG C 1247 -8.79 40.71 -5.97
N HIS C 1248 -9.91 41.02 -6.62
CA HIS C 1248 -11.08 40.15 -6.53
C HIS C 1248 -10.92 38.93 -7.43
N ARG C 1249 -10.30 39.11 -8.58
CA ARG C 1249 -10.22 38.02 -9.55
C ARG C 1249 -9.38 36.87 -9.00
N GLU C 1250 -8.34 37.17 -8.23
CA GLU C 1250 -7.46 36.13 -7.71
C GLU C 1250 -8.21 35.12 -6.87
N ARG C 1251 -9.15 35.56 -6.05
CA ARG C 1251 -9.84 34.64 -5.15
C ARG C 1251 -10.57 33.55 -5.94
N LEU C 1252 -10.99 33.88 -7.15
CA LEU C 1252 -11.42 32.85 -8.09
C LEU C 1252 -10.21 32.41 -8.90
N GLY C 1253 -10.25 31.17 -9.38
CA GLY C 1253 -9.19 30.71 -10.24
C GLY C 1253 -9.27 31.43 -11.57
N TYR C 1254 -8.13 31.97 -12.02
CA TYR C 1254 -8.16 32.66 -13.30
C TYR C 1254 -6.79 32.56 -13.94
N ASN C 1255 -6.80 32.61 -15.26
CA ASN C 1255 -5.57 32.54 -16.05
C ASN C 1255 -4.90 33.89 -16.05
N SER C 1256 -3.66 33.95 -15.59
CA SER C 1256 -2.95 35.21 -15.53
C SER C 1256 -2.21 35.52 -16.82
N LYS C 1257 -2.05 34.55 -17.71
CA LYS C 1257 -1.35 34.82 -18.96
C LYS C 1257 -2.13 35.79 -19.82
N PHE C 1258 -3.45 35.67 -19.84
CA PHE C 1258 -4.27 36.53 -20.68
C PHE C 1258 -4.27 37.95 -20.15
N TYR C 1259 -4.03 38.90 -21.05
CA TYR C 1259 -3.99 40.31 -20.72
C TYR C 1259 -5.39 40.90 -20.92
N SER C 1260 -5.87 41.63 -19.92
CA SER C 1260 -7.21 42.21 -19.96
C SER C 1260 -7.15 43.72 -20.01
N PRO C 1261 -7.59 44.34 -21.10
CA PRO C 1261 -7.41 45.79 -21.24
C PRO C 1261 -8.13 46.59 -20.19
N CYS C 1262 -9.15 46.01 -19.57
CA CYS C 1262 -9.97 46.78 -18.64
C CYS C 1262 -9.36 46.87 -17.26
N ALA C 1263 -8.49 45.92 -16.89
CA ALA C 1263 -8.10 45.79 -15.48
C ALA C 1263 -7.40 47.02 -14.95
N GLN C 1264 -6.70 47.76 -15.79
CA GLN C 1264 -6.02 48.97 -15.33
C GLN C 1264 -6.99 49.99 -14.77
N TYR C 1265 -8.26 49.95 -15.20
CA TYR C 1265 -9.26 50.86 -14.65
C TYR C 1265 -9.78 50.37 -13.32
N PHE C 1266 -9.75 49.06 -13.09
CA PHE C 1266 -10.41 48.47 -11.93
C PHE C 1266 -9.45 47.97 -10.87
N ASN C 1267 -8.14 48.00 -11.12
CA ASN C 1267 -7.16 47.67 -10.08
C ASN C 1267 -7.09 48.83 -9.09
N THR C 1268 -8.22 49.02 -8.41
CA THR C 1268 -8.38 50.17 -7.54
C THR C 1268 -7.44 50.14 -6.35
N GLU C 1269 -7.12 48.95 -5.85
CA GLU C 1269 -6.20 48.89 -4.72
C GLU C 1269 -4.85 49.48 -5.06
N GLU C 1270 -4.43 49.40 -6.31
CA GLU C 1270 -3.15 49.98 -6.69
C GLU C 1270 -3.28 51.47 -6.98
N ILE C 1271 -4.31 51.88 -7.71
CA ILE C 1271 -4.41 53.30 -8.07
C ILE C 1271 -4.72 54.14 -6.85
N ILE C 1272 -5.40 53.59 -5.84
CA ILE C 1272 -5.51 54.30 -4.58
C ILE C 1272 -4.13 54.49 -3.97
N ALA C 1273 -3.24 53.52 -4.16
CA ALA C 1273 -1.90 53.62 -3.63
C ALA C 1273 -0.97 54.44 -4.51
N ALA C 1274 -1.43 54.84 -5.69
CA ALA C 1274 -0.59 55.61 -6.58
C ALA C 1274 -0.65 57.11 -6.31
N ASN C 1275 -1.70 57.60 -5.65
CA ASN C 1275 -1.80 59.04 -5.47
C ASN C 1275 -0.70 59.54 -4.56
N LYS C 1276 0.14 60.39 -5.11
CA LYS C 1276 1.31 60.92 -4.43
C LYS C 1276 1.59 62.27 -5.07
N THR C 1277 2.42 63.06 -4.41
CA THR C 1277 2.76 64.39 -4.88
C THR C 1277 3.21 64.37 -6.33
N LEU C 1278 2.96 65.46 -7.06
CA LEU C 1278 2.98 65.43 -8.51
C LEU C 1278 4.22 64.75 -9.08
N PHE C 1279 5.38 65.02 -8.52
CA PHE C 1279 6.62 64.56 -9.15
C PHE C 1279 6.89 63.10 -8.83
N LYS C 1280 6.50 62.61 -7.65
CA LYS C 1280 6.51 61.17 -7.47
C LYS C 1280 5.58 60.50 -8.47
N THR C 1281 4.48 61.15 -8.82
CA THR C 1281 3.58 60.55 -9.77
C THR C 1281 4.21 60.49 -11.16
N ILE C 1282 4.78 61.59 -11.63
CA ILE C 1282 5.35 61.53 -12.98
C ILE C 1282 6.66 60.76 -13.00
N ASP C 1283 7.25 60.44 -11.83
CA ASP C 1283 8.32 59.46 -11.82
C ASP C 1283 7.79 58.04 -11.86
N GLU C 1284 6.65 57.80 -11.21
CA GLU C 1284 6.00 56.49 -11.26
C GLU C 1284 5.53 56.18 -12.66
N TYR C 1285 5.08 57.20 -13.38
CA TYR C 1285 4.57 57.01 -14.73
C TYR C 1285 5.66 56.57 -15.68
N LEU C 1286 6.92 56.88 -15.36
CA LEU C 1286 7.99 56.44 -16.24
C LEU C 1286 8.51 55.05 -15.90
N LEU C 1287 8.15 54.48 -14.75
CA LEU C 1287 8.81 53.27 -14.28
C LEU C 1287 7.85 52.12 -14.30
N ARG C 1288 6.69 52.21 -13.62
CA ARG C 1288 5.80 51.06 -13.57
C ARG C 1288 4.65 51.16 -14.56
N ALA C 1289 4.26 52.39 -14.95
CA ALA C 1289 3.06 52.57 -15.75
C ALA C 1289 3.03 51.71 -17.00
N LYS C 1290 4.18 51.22 -17.44
CA LYS C 1290 4.24 50.36 -18.61
C LYS C 1290 3.52 49.03 -18.35
N ASP C 1291 3.00 48.43 -19.44
CA ASP C 1291 2.28 47.16 -19.39
C ASP C 1291 2.82 46.24 -20.51
N CYS C 1292 3.75 45.36 -20.16
CA CYS C 1292 4.31 44.41 -21.12
C CYS C 1292 3.22 43.58 -21.79
N ILE C 1293 3.37 43.33 -23.09
CA ILE C 1293 2.42 42.56 -23.87
C ILE C 1293 3.17 41.73 -24.90
N ARG C 1294 2.97 40.41 -24.88
CA ARG C 1294 3.76 39.51 -25.71
C ARG C 1294 3.52 39.77 -27.19
N GLY C 1295 4.61 39.78 -27.96
CA GLY C 1295 4.55 40.35 -29.29
C GLY C 1295 4.51 39.40 -30.48
N ASP C 1296 4.88 38.14 -30.28
CA ASP C 1296 4.92 37.21 -31.40
C ASP C 1296 3.66 36.40 -31.55
N THR C 1297 3.02 36.01 -30.44
CA THR C 1297 1.81 35.23 -30.47
C THR C 1297 0.66 36.04 -31.05
N ASP C 1298 -0.36 35.33 -31.49
CA ASP C 1298 -1.54 35.99 -32.03
C ASP C 1298 -2.16 36.91 -31.00
N THR C 1299 -2.66 36.35 -29.91
CA THR C 1299 -3.35 37.15 -28.92
C THR C 1299 -2.40 37.80 -27.93
N GLN C 1300 -2.87 38.86 -27.30
CA GLN C 1300 -2.07 39.53 -26.30
C GLN C 1300 -1.93 38.67 -25.06
N TYR C 1301 -0.72 38.59 -24.54
CA TYR C 1301 -0.43 37.89 -23.31
C TYR C 1301 0.51 38.76 -22.49
N VAL C 1302 0.50 38.54 -21.18
CA VAL C 1302 1.48 39.19 -20.34
C VAL C 1302 2.85 38.64 -20.68
N CYS C 1303 3.76 39.50 -21.10
CA CYS C 1303 5.10 39.05 -21.43
C CYS C 1303 5.82 38.59 -20.17
N VAL C 1304 6.90 37.84 -20.38
CA VAL C 1304 7.79 37.51 -19.27
C VAL C 1304 8.34 38.82 -18.72
N GLU C 1305 7.89 39.20 -17.52
CA GLU C 1305 7.87 40.60 -17.11
C GLU C 1305 9.21 41.30 -17.35
N GLY C 1306 9.18 42.30 -18.22
CA GLY C 1306 10.34 43.13 -18.48
C GLY C 1306 11.38 42.53 -19.39
N THR C 1307 11.15 41.35 -19.96
CA THR C 1307 12.11 40.79 -20.89
C THR C 1307 12.15 41.59 -22.18
N GLU C 1308 10.99 42.02 -22.65
CA GLU C 1308 10.85 42.75 -23.90
C GLU C 1308 10.86 44.25 -23.64
N GLN C 1309 10.58 45.01 -24.69
CA GLN C 1309 10.21 46.40 -24.50
C GLN C 1309 8.91 46.49 -23.75
N LEU C 1310 8.91 47.24 -22.65
CA LEU C 1310 7.65 47.60 -22.03
C LEU C 1310 6.91 48.58 -22.92
N ILE C 1311 5.59 48.44 -23.00
CA ILE C 1311 4.76 49.29 -23.83
C ILE C 1311 4.23 50.39 -22.94
N GLU C 1312 4.50 51.64 -23.32
CA GLU C 1312 3.96 52.76 -22.57
C GLU C 1312 2.48 52.91 -22.89
N ASN C 1313 1.73 53.43 -21.93
CA ASN C 1313 0.27 53.55 -22.05
C ASN C 1313 -0.19 54.86 -21.42
N PRO C 1314 -0.23 55.94 -22.21
CA PRO C 1314 -0.64 57.23 -21.64
C PRO C 1314 -2.00 57.20 -20.97
N CYS C 1315 -2.93 56.42 -21.50
CA CYS C 1315 -4.26 56.35 -20.91
C CYS C 1315 -4.22 55.87 -19.46
N ARG C 1316 -3.15 55.21 -19.07
CA ARG C 1316 -3.02 54.78 -17.68
C ARG C 1316 -2.77 55.96 -16.76
N LEU C 1317 -2.11 57.01 -17.24
CA LEU C 1317 -1.84 58.14 -16.35
C LEU C 1317 -3.12 58.88 -16.00
N THR C 1318 -4.04 59.02 -16.97
CA THR C 1318 -5.28 59.74 -16.75
C THR C 1318 -6.45 58.84 -16.41
N GLN C 1319 -6.29 57.52 -16.52
CA GLN C 1319 -7.39 56.58 -16.29
C GLN C 1319 -8.60 56.94 -17.12
N GLU C 1320 -8.37 57.27 -18.38
CA GLU C 1320 -9.45 57.56 -19.31
C GLU C 1320 -9.23 56.78 -20.59
N ALA C 1321 -10.25 56.78 -21.46
CA ALA C 1321 -10.18 56.02 -22.69
C ALA C 1321 -10.80 56.84 -23.80
N LEU C 1322 -10.26 56.66 -25.01
CA LEU C 1322 -10.60 57.54 -26.10
C LEU C 1322 -11.72 56.93 -26.91
N PRO C 1323 -12.76 57.69 -27.25
CA PRO C 1323 -13.78 57.14 -28.14
C PRO C 1323 -13.19 56.86 -29.50
N ILE C 1324 -13.70 55.82 -30.15
CA ILE C 1324 -13.38 55.48 -31.52
C ILE C 1324 -14.65 55.52 -32.33
N LEU C 1325 -14.48 55.50 -33.64
CA LEU C 1325 -15.62 55.67 -34.52
C LEU C 1325 -16.60 54.52 -34.36
N SER C 1326 -17.85 54.84 -34.09
CA SER C 1326 -18.86 53.82 -33.88
C SER C 1326 -20.17 54.34 -34.45
N THR C 1327 -20.93 53.44 -35.05
CA THR C 1327 -22.22 53.79 -35.61
C THR C 1327 -23.20 52.69 -35.23
N THR C 1328 -24.45 53.05 -35.02
CA THR C 1328 -25.43 52.02 -34.79
C THR C 1328 -25.78 51.29 -36.08
N THR C 1329 -25.76 51.99 -37.21
CA THR C 1329 -26.27 51.45 -38.45
C THR C 1329 -25.32 51.77 -39.59
N LEU C 1330 -25.48 51.03 -40.68
CA LEU C 1330 -24.61 51.20 -41.83
C LEU C 1330 -24.83 52.54 -42.52
N ALA C 1331 -26.04 53.09 -42.44
CA ALA C 1331 -26.34 54.32 -43.16
C ALA C 1331 -25.50 55.47 -42.64
N LEU C 1332 -25.36 55.57 -41.32
CA LEU C 1332 -24.52 56.60 -40.75
C LEU C 1332 -23.04 56.33 -41.00
N MET C 1333 -22.67 55.08 -41.25
CA MET C 1333 -21.28 54.77 -41.56
C MET C 1333 -20.94 55.12 -43.00
N GLU C 1334 -21.88 54.93 -43.91
CA GLU C 1334 -21.65 55.28 -45.32
C GLU C 1334 -21.39 56.76 -45.46
N THR C 1335 -22.17 57.58 -44.74
CA THR C 1335 -21.99 59.02 -44.81
C THR C 1335 -20.59 59.42 -44.35
N LYS C 1336 -20.00 58.64 -43.44
CA LYS C 1336 -18.66 58.94 -42.98
C LYS C 1336 -17.61 58.62 -44.04
N LEU C 1337 -17.69 57.43 -44.63
CA LEU C 1337 -16.72 57.04 -45.64
C LEU C 1337 -16.86 57.88 -46.90
N LYS C 1338 -18.07 58.36 -47.16
CA LYS C 1338 -18.33 59.23 -48.31
C LYS C 1338 -17.97 60.68 -48.04
N GLY C 1339 -17.76 61.06 -46.79
CA GLY C 1339 -17.62 62.45 -46.42
C GLY C 1339 -16.21 62.99 -46.56
N GLY C 1340 -16.07 64.26 -46.18
CA GLY C 1340 -14.83 64.98 -46.37
C GLY C 1340 -13.75 64.56 -45.40
N ALA C 1341 -12.68 65.35 -45.37
CA ALA C 1341 -11.57 65.04 -44.49
C ALA C 1341 -12.01 65.03 -43.03
N GLY C 1342 -12.74 66.04 -42.60
CA GLY C 1342 -13.16 66.13 -41.22
C GLY C 1342 -14.33 65.26 -40.87
N ALA C 1343 -14.68 64.30 -41.73
CA ALA C 1343 -15.96 63.61 -41.57
C ALA C 1343 -15.99 62.71 -40.35
N PHE C 1344 -14.87 62.08 -40.02
CA PHE C 1344 -14.89 61.06 -38.99
C PHE C 1344 -15.04 61.67 -37.60
N ALA C 1345 -14.64 62.92 -37.42
CA ALA C 1345 -14.63 63.50 -36.08
C ALA C 1345 -16.03 63.93 -35.63
N THR C 1346 -16.91 64.29 -36.55
CA THR C 1346 -18.22 64.81 -36.16
C THR C 1346 -19.15 63.69 -35.73
N SER C 1347 -19.81 63.88 -34.59
CA SER C 1347 -20.78 62.93 -34.10
C SER C 1347 -22.20 63.35 -34.49
N GLU C 1348 -23.07 62.35 -34.67
CA GLU C 1348 -24.40 62.60 -35.20
C GLU C 1348 -25.39 61.64 -34.56
N THR C 1349 -26.68 61.96 -34.72
CA THR C 1349 -27.78 61.24 -34.11
C THR C 1349 -28.93 61.16 -35.11
N HIS C 1350 -29.77 60.14 -34.94
CA HIS C 1350 -30.93 59.97 -35.80
C HIS C 1350 -31.99 59.15 -35.04
N PHE C 1351 -32.73 59.83 -34.18
CA PHE C 1351 -33.92 59.34 -33.49
C PHE C 1351 -33.64 58.20 -32.53
N GLY C 1352 -32.61 57.44 -32.82
CA GLY C 1352 -32.20 56.36 -31.95
C GLY C 1352 -30.77 56.01 -32.15
N ASN C 1353 -30.28 56.27 -33.35
CA ASN C 1353 -28.99 55.79 -33.78
C ASN C 1353 -27.96 56.89 -33.67
N TYR C 1354 -26.71 56.52 -33.44
CA TYR C 1354 -25.71 57.51 -33.15
C TYR C 1354 -24.40 57.14 -33.80
N VAL C 1355 -23.53 58.15 -33.89
CA VAL C 1355 -22.16 58.01 -34.35
C VAL C 1355 -21.27 58.75 -33.36
N VAL C 1356 -20.30 58.05 -32.79
CA VAL C 1356 -19.44 58.63 -31.77
C VAL C 1356 -18.14 59.03 -32.45
N GLY C 1357 -17.97 60.32 -32.68
CA GLY C 1357 -16.81 60.78 -33.42
C GLY C 1357 -15.51 60.59 -32.64
N GLU C 1358 -14.46 60.20 -33.36
CA GLU C 1358 -13.18 59.93 -32.75
C GLU C 1358 -12.53 61.21 -32.23
N ILE C 1359 -11.77 61.08 -31.14
CA ILE C 1359 -11.05 62.21 -30.57
C ILE C 1359 -9.76 62.49 -31.35
N ILE C 1360 -9.16 61.46 -31.93
CA ILE C 1360 -7.86 61.57 -32.58
C ILE C 1360 -7.99 61.10 -34.02
N PRO C 1361 -7.51 61.86 -34.98
CA PRO C 1361 -7.76 61.53 -36.40
C PRO C 1361 -6.78 60.49 -36.94
N LEU C 1362 -6.64 59.38 -36.23
CA LEU C 1362 -5.74 58.34 -36.72
C LEU C 1362 -6.38 57.54 -37.86
N GLN C 1363 -7.70 57.35 -37.82
CA GLN C 1363 -8.38 56.72 -38.94
C GLN C 1363 -8.33 57.59 -40.20
N GLN C 1364 -8.19 58.89 -40.04
CA GLN C 1364 -7.94 59.74 -41.20
C GLN C 1364 -6.48 59.70 -41.63
N SER C 1365 -5.54 59.62 -40.68
CA SER C 1365 -4.14 59.99 -40.94
C SER C 1365 -3.22 58.80 -41.06
N MET C 1366 -3.16 57.94 -40.04
CA MET C 1366 -2.28 56.80 -40.12
C MET C 1366 -2.64 55.90 -41.29
N LEU C 1367 -3.92 55.86 -41.64
CA LEU C 1367 -4.36 55.03 -42.75
C LEU C 1367 -4.18 55.73 -44.10
N PHE C 1368 -4.86 56.86 -44.30
CA PHE C 1368 -4.87 57.50 -45.61
C PHE C 1368 -3.52 58.10 -45.95
N ASN C 1369 -2.80 58.60 -44.94
CA ASN C 1369 -1.49 59.20 -45.19
C ASN C 1369 -0.51 58.16 -45.70
N SER C 1370 -0.49 57.00 -45.07
CA SER C 1370 0.39 55.90 -45.46
C SER C 1370 1.81 56.40 -45.69
N MET D 1 -44.78 -45.61 -5.41
CA MET D 1 -45.46 -44.57 -4.65
C MET D 1 -46.36 -45.18 -3.58
N SER D 2 -47.16 -46.16 -3.98
CA SER D 2 -48.06 -46.87 -3.07
C SER D 2 -47.39 -48.17 -2.66
N LEU D 3 -46.83 -48.21 -1.46
CA LEU D 3 -46.18 -49.42 -0.99
C LEU D 3 -47.19 -50.55 -0.90
N GLN D 4 -46.73 -51.76 -1.18
CA GLN D 4 -47.59 -52.92 -1.27
C GLN D 4 -47.11 -54.00 -0.32
N PHE D 5 -47.97 -54.45 0.57
CA PHE D 5 -47.65 -55.48 1.54
C PHE D 5 -48.64 -56.63 1.38
N ILE D 6 -48.15 -57.86 1.56
CA ILE D 6 -48.99 -59.01 1.22
C ILE D 6 -50.03 -59.26 2.31
N GLY D 7 -49.60 -59.59 3.52
CA GLY D 7 -50.51 -60.12 4.51
C GLY D 7 -50.81 -59.15 5.62
N LEU D 8 -50.60 -57.87 5.36
CA LEU D 8 -50.67 -56.84 6.38
C LEU D 8 -52.00 -56.10 6.28
N GLN D 9 -52.76 -56.11 7.36
CA GLN D 9 -54.02 -55.39 7.42
C GLN D 9 -53.77 -53.89 7.41
N ARG D 10 -54.76 -53.13 6.95
CA ARG D 10 -54.61 -51.69 6.87
C ARG D 10 -54.32 -51.05 8.21
N ARG D 11 -54.70 -51.68 9.32
CA ARG D 11 -54.33 -51.13 10.62
C ARG D 11 -52.82 -51.07 10.78
N ASP D 12 -52.13 -52.07 10.21
CA ASP D 12 -50.67 -52.12 10.31
C ASP D 12 -49.98 -51.39 9.18
N VAL D 13 -50.58 -51.37 7.98
CA VAL D 13 -49.99 -50.60 6.89
C VAL D 13 -50.05 -49.11 7.20
N VAL D 14 -51.18 -48.65 7.74
CA VAL D 14 -51.28 -47.26 8.15
C VAL D 14 -50.23 -46.95 9.21
N ALA D 15 -49.98 -47.88 10.11
CA ALA D 15 -48.91 -47.67 11.10
C ALA D 15 -47.55 -47.61 10.44
N LEU D 16 -47.31 -48.46 9.44
CA LEU D 16 -46.00 -48.49 8.81
C LEU D 16 -45.72 -47.24 8.02
N VAL D 17 -46.75 -46.67 7.38
CA VAL D 17 -46.55 -45.43 6.64
C VAL D 17 -46.53 -44.23 7.59
N ASN D 18 -47.30 -44.29 8.67
CA ASN D 18 -47.24 -43.22 9.67
C ASN D 18 -45.90 -43.22 10.39
N PHE D 19 -45.22 -44.36 10.45
CA PHE D 19 -43.88 -44.37 11.00
C PHE D 19 -42.90 -43.68 10.06
N LEU D 20 -43.15 -43.75 8.75
CA LEU D 20 -42.25 -43.16 7.77
C LEU D 20 -42.49 -41.66 7.64
N ARG D 21 -43.76 -41.25 7.56
CA ARG D 21 -44.05 -39.86 7.24
C ARG D 21 -43.61 -38.92 8.34
N HIS D 22 -43.47 -39.41 9.56
CA HIS D 22 -43.04 -38.58 10.68
C HIS D 22 -41.62 -38.86 11.11
N LEU D 23 -40.79 -39.42 10.23
CA LEU D 23 -39.47 -39.88 10.65
C LEU D 23 -38.58 -38.75 11.12
N THR D 24 -38.71 -37.56 10.52
CA THR D 24 -37.87 -36.45 10.96
C THR D 24 -38.20 -36.02 12.37
N GLN D 25 -39.39 -36.35 12.85
CA GLN D 25 -39.84 -35.90 14.15
C GLN D 25 -39.57 -36.90 15.26
N LYS D 26 -39.10 -38.08 14.94
CA LYS D 26 -38.92 -39.02 16.04
C LYS D 26 -37.46 -39.05 16.47
N PRO D 27 -37.19 -39.21 17.77
CA PRO D 27 -35.83 -39.50 18.19
C PRO D 27 -35.44 -40.89 17.73
N ASP D 28 -34.13 -41.13 17.68
CA ASP D 28 -33.62 -42.46 17.34
C ASP D 28 -34.14 -42.90 15.98
N VAL D 29 -33.72 -42.22 14.92
CA VAL D 29 -34.20 -42.55 13.59
C VAL D 29 -33.37 -43.70 13.08
N ASP D 30 -33.77 -44.92 13.45
CA ASP D 30 -33.19 -46.16 12.94
C ASP D 30 -34.28 -47.21 12.88
N LEU D 31 -34.39 -47.88 11.75
CA LEU D 31 -35.40 -48.92 11.61
C LEU D 31 -35.21 -50.01 12.65
N GLU D 32 -33.95 -50.42 12.87
CA GLU D 32 -33.65 -51.44 13.86
C GLU D 32 -33.91 -50.92 15.27
N ALA D 33 -33.85 -49.60 15.46
CA ALA D 33 -34.09 -49.02 16.77
C ALA D 33 -35.49 -49.32 17.27
N HIS D 34 -36.47 -49.33 16.35
CA HIS D 34 -37.87 -49.56 16.65
C HIS D 34 -38.22 -51.00 16.30
N PRO D 35 -38.09 -51.95 17.23
CA PRO D 35 -38.30 -53.35 16.86
C PRO D 35 -39.74 -53.67 16.56
N LYS D 36 -40.68 -52.91 17.12
CA LYS D 36 -42.10 -53.14 16.84
C LYS D 36 -42.39 -53.03 15.35
N ILE D 37 -41.72 -52.10 14.66
CA ILE D 37 -41.89 -52.00 13.21
C ILE D 37 -41.37 -53.26 12.52
N LEU D 38 -40.24 -53.79 12.98
CA LEU D 38 -39.76 -55.05 12.44
C LEU D 38 -40.72 -56.19 12.73
N LYS D 39 -41.51 -56.08 13.79
CA LYS D 39 -42.49 -57.11 14.09
C LYS D 39 -43.76 -56.97 13.27
N LYS D 40 -44.09 -55.74 12.85
CA LYS D 40 -45.29 -55.52 12.03
C LYS D 40 -45.18 -56.21 10.68
N CYS D 41 -44.00 -56.71 10.32
CA CYS D 41 -43.82 -57.38 9.05
C CYS D 41 -44.60 -58.68 8.94
N GLY D 42 -44.99 -59.27 10.06
CA GLY D 42 -45.64 -60.56 10.06
C GLY D 42 -44.69 -61.72 10.21
N GLU D 43 -43.46 -61.48 10.66
CA GLU D 43 -42.50 -62.56 10.84
C GLU D 43 -42.98 -63.53 11.89
N LYS D 44 -42.66 -64.81 11.68
CA LYS D 44 -43.07 -65.91 12.56
C LYS D 44 -44.59 -66.06 12.61
N ARG D 45 -45.29 -65.38 11.72
CA ARG D 45 -46.74 -65.51 11.63
C ARG D 45 -47.13 -65.80 10.19
N LEU D 46 -46.45 -65.13 9.27
CA LEU D 46 -46.60 -65.40 7.85
C LEU D 46 -45.54 -66.39 7.39
N HIS D 47 -45.77 -66.94 6.20
CA HIS D 47 -44.77 -67.81 5.60
C HIS D 47 -43.49 -67.03 5.30
N ARG D 48 -42.39 -67.76 5.14
CA ARG D 48 -41.09 -67.11 5.01
C ARG D 48 -41.00 -66.24 3.75
N ARG D 49 -41.56 -66.69 2.65
CA ARG D 49 -41.49 -65.91 1.43
C ARG D 49 -42.14 -64.54 1.62
N THR D 50 -43.33 -64.53 2.21
CA THR D 50 -44.02 -63.26 2.43
C THR D 50 -43.32 -62.43 3.49
N VAL D 51 -42.72 -63.09 4.47
CA VAL D 51 -42.01 -62.36 5.52
C VAL D 51 -40.83 -61.60 4.94
N LEU D 52 -40.01 -62.27 4.14
CA LEU D 52 -38.86 -61.58 3.55
C LEU D 52 -39.30 -60.46 2.63
N PHE D 53 -40.44 -60.62 1.97
CA PHE D 53 -40.89 -59.60 1.04
C PHE D 53 -41.39 -58.37 1.77
N ASN D 54 -42.13 -58.55 2.85
CA ASN D 54 -42.54 -57.39 3.63
C ASN D 54 -41.36 -56.70 4.30
N GLU D 55 -40.40 -57.48 4.84
CA GLU D 55 -39.19 -56.84 5.35
C GLU D 55 -38.49 -56.03 4.27
N LEU D 56 -38.44 -56.57 3.05
CA LEU D 56 -37.78 -55.89 1.94
C LEU D 56 -38.51 -54.62 1.55
N MET D 57 -39.85 -54.65 1.54
CA MET D 57 -40.59 -53.43 1.27
C MET D 57 -40.30 -52.38 2.33
N LEU D 58 -40.25 -52.79 3.59
CA LEU D 58 -39.94 -51.83 4.65
C LEU D 58 -38.56 -51.24 4.46
N TRP D 59 -37.58 -52.04 4.08
CA TRP D 59 -36.22 -51.52 3.95
C TRP D 59 -36.10 -50.58 2.77
N LEU D 60 -36.71 -50.93 1.63
CA LEU D 60 -36.67 -50.02 0.48
C LEU D 60 -37.38 -48.71 0.77
N GLY D 61 -38.52 -48.75 1.47
CA GLY D 61 -39.23 -47.53 1.78
C GLY D 61 -38.56 -46.67 2.83
N TYR D 62 -37.85 -47.29 3.77
CA TYR D 62 -37.07 -46.52 4.75
C TYR D 62 -35.85 -45.91 4.11
N TYR D 63 -35.18 -46.67 3.25
CA TYR D 63 -34.07 -46.09 2.52
C TYR D 63 -34.55 -44.91 1.68
N ARG D 64 -35.75 -45.01 1.12
CA ARG D 64 -36.27 -43.89 0.33
C ARG D 64 -36.47 -42.65 1.18
N GLU D 65 -37.08 -42.79 2.37
CA GLU D 65 -37.23 -41.61 3.23
C GLU D 65 -35.89 -41.05 3.64
N LEU D 66 -34.88 -41.91 3.76
CA LEU D 66 -33.54 -41.40 4.03
C LEU D 66 -33.05 -40.54 2.88
N ARG D 67 -33.09 -41.07 1.65
CA ARG D 67 -32.64 -40.31 0.48
C ARG D 67 -33.45 -39.04 0.31
N PHE D 68 -34.71 -39.06 0.72
CA PHE D 68 -35.58 -37.89 0.56
C PHE D 68 -35.20 -36.80 1.55
N HIS D 69 -35.10 -37.15 2.83
CA HIS D 69 -34.84 -36.15 3.86
C HIS D 69 -33.40 -35.66 3.77
N ASN D 70 -32.45 -36.57 3.62
CA ASN D 70 -31.16 -36.26 3.01
C ASN D 70 -30.52 -35.02 3.63
N PRO D 71 -30.01 -35.12 4.84
CA PRO D 71 -29.64 -33.91 5.58
C PRO D 71 -28.59 -33.12 4.83
N ASP D 72 -28.65 -31.81 5.00
CA ASP D 72 -27.81 -30.89 4.22
C ASP D 72 -27.41 -29.76 5.17
N LEU D 73 -26.22 -29.89 5.74
CA LEU D 73 -25.75 -28.98 6.78
C LEU D 73 -25.15 -27.71 6.21
N SER D 74 -25.62 -27.27 5.03
CA SER D 74 -25.00 -26.14 4.35
C SER D 74 -25.05 -24.87 5.18
N SER D 75 -26.20 -24.58 5.81
CA SER D 75 -26.33 -23.33 6.53
C SER D 75 -25.39 -23.29 7.73
N VAL D 76 -25.17 -24.43 8.36
CA VAL D 76 -24.16 -24.51 9.42
C VAL D 76 -22.77 -24.65 8.83
N LEU D 77 -22.66 -25.26 7.66
CA LEU D 77 -21.34 -25.47 7.07
C LEU D 77 -20.67 -24.15 6.76
N GLU D 78 -21.42 -23.16 6.28
CA GLU D 78 -20.82 -21.87 6.00
C GLU D 78 -20.37 -21.16 7.27
N GLU D 79 -21.14 -21.31 8.36
CA GLU D 79 -20.72 -20.73 9.63
C GLU D 79 -19.44 -21.38 10.14
N PHE D 80 -19.31 -22.71 9.97
CA PHE D 80 -18.06 -23.37 10.32
C PHE D 80 -16.91 -22.88 9.47
N GLU D 81 -17.17 -22.66 8.19
CA GLU D 81 -16.15 -22.19 7.27
C GLU D 81 -15.69 -20.79 7.65
N VAL D 82 -16.58 -19.98 8.23
CA VAL D 82 -16.18 -18.66 8.69
C VAL D 82 -15.40 -18.76 10.00
N ARG D 83 -15.88 -19.58 10.94
CA ARG D 83 -15.21 -19.66 12.24
C ARG D 83 -13.81 -20.23 12.14
N CYS D 84 -13.59 -21.16 11.22
CA CYS D 84 -12.22 -21.61 11.02
C CYS D 84 -11.32 -20.48 10.53
N VAL D 85 -11.86 -19.59 9.69
CA VAL D 85 -11.06 -18.48 9.18
C VAL D 85 -10.77 -17.48 10.27
N ALA D 86 -11.69 -17.31 11.22
CA ALA D 86 -11.44 -16.42 12.34
C ALA D 86 -10.39 -16.99 13.29
N VAL D 87 -10.37 -18.31 13.44
CA VAL D 87 -9.46 -18.92 14.40
C VAL D 87 -8.01 -18.56 14.09
N ALA D 88 -7.65 -18.48 12.81
CA ALA D 88 -6.26 -18.16 12.48
C ALA D 88 -5.93 -16.70 12.75
N ARG D 89 -6.87 -15.78 12.51
CA ARG D 89 -6.63 -14.40 12.87
C ARG D 89 -6.47 -14.24 14.38
N ARG D 90 -7.09 -15.13 15.15
CA ARG D 90 -6.85 -15.10 16.59
C ARG D 90 -5.51 -15.70 16.97
N GLY D 91 -5.15 -16.82 16.34
CA GLY D 91 -3.94 -17.52 16.69
C GLY D 91 -2.68 -16.81 16.23
N TYR D 92 -2.81 -15.96 15.22
CA TYR D 92 -1.64 -15.25 14.72
C TYR D 92 -1.17 -14.15 15.67
N THR D 93 -2.10 -13.45 16.33
CA THR D 93 -1.71 -12.34 17.19
C THR D 93 -1.10 -12.82 18.50
N TYR D 94 -1.62 -13.90 19.07
CA TYR D 94 -1.26 -14.30 20.43
C TYR D 94 0.14 -14.89 20.44
N PRO D 95 1.04 -14.40 21.31
CA PRO D 95 2.42 -14.89 21.28
C PRO D 95 2.51 -16.36 21.67
N PHE D 96 3.41 -17.07 21.01
CA PHE D 96 3.56 -18.50 21.21
C PHE D 96 4.96 -18.80 21.71
N GLY D 97 5.05 -19.87 22.50
CA GLY D 97 6.36 -20.33 22.91
C GLY D 97 7.22 -20.71 21.71
N ASP D 98 6.62 -21.35 20.71
CA ASP D 98 7.31 -21.76 19.51
C ASP D 98 6.64 -21.13 18.31
N ARG D 99 7.35 -20.21 17.65
CA ARG D 99 6.80 -19.54 16.48
C ARG D 99 6.61 -20.51 15.33
N GLY D 100 7.51 -21.49 15.19
CA GLY D 100 7.51 -22.36 14.03
C GLY D 100 6.72 -23.64 14.17
N LYS D 101 6.59 -24.14 15.39
CA LYS D 101 5.83 -25.37 15.60
C LYS D 101 4.34 -25.12 15.34
N ALA D 102 3.83 -23.97 15.76
CA ALA D 102 2.46 -23.59 15.48
C ALA D 102 2.25 -23.19 14.02
N ARG D 103 3.32 -22.90 13.30
CA ARG D 103 3.19 -22.54 11.90
C ARG D 103 2.59 -23.67 11.10
N ASP D 104 2.91 -24.92 11.46
CA ASP D 104 2.37 -26.07 10.75
C ASP D 104 0.86 -26.13 10.90
N HIS D 105 0.37 -25.99 12.14
CA HIS D 105 -1.06 -26.07 12.38
C HIS D 105 -1.79 -24.89 11.77
N LEU D 106 -1.20 -23.69 11.81
CA LEU D 106 -1.87 -22.55 11.20
C LEU D 106 -1.94 -22.70 9.69
N ALA D 107 -0.90 -23.24 9.05
CA ALA D 107 -0.97 -23.45 7.61
C ALA D 107 -1.96 -24.56 7.28
N VAL D 108 -2.03 -25.61 8.11
CA VAL D 108 -3.07 -26.60 7.94
C VAL D 108 -4.44 -25.95 8.02
N LEU D 109 -4.59 -24.97 8.91
CA LEU D 109 -5.86 -24.27 9.05
C LEU D 109 -6.15 -23.40 7.83
N ASP D 110 -5.13 -22.82 7.21
CA ASP D 110 -5.36 -22.00 6.02
C ASP D 110 -5.78 -22.84 4.84
N ARG D 111 -5.43 -24.12 4.84
CA ARG D 111 -5.67 -24.99 3.69
C ARG D 111 -7.02 -25.66 3.71
N THR D 112 -7.85 -25.40 4.71
CA THR D 112 -9.16 -26.04 4.74
C THR D 112 -10.02 -25.56 3.59
N GLU D 113 -10.76 -26.49 3.01
CA GLU D 113 -11.71 -26.25 1.93
C GLU D 113 -12.53 -27.53 1.80
N PHE D 114 -13.69 -27.41 1.19
CA PHE D 114 -14.63 -28.53 1.11
C PHE D 114 -14.66 -29.08 -0.29
N ASP D 115 -14.28 -30.35 -0.42
CA ASP D 115 -14.13 -31.00 -1.71
C ASP D 115 -15.47 -31.18 -2.39
N THR D 116 -15.42 -31.32 -3.72
CA THR D 116 -16.64 -31.53 -4.49
C THR D 116 -17.41 -32.76 -4.01
N ASP D 117 -16.70 -33.76 -3.52
CA ASP D 117 -17.36 -34.88 -2.86
C ASP D 117 -17.81 -34.46 -1.47
N VAL D 118 -19.09 -34.72 -1.16
CA VAL D 118 -19.58 -34.44 0.19
C VAL D 118 -18.86 -35.33 1.19
N ARG D 119 -18.49 -36.54 0.78
CA ARG D 119 -17.98 -37.53 1.72
C ARG D 119 -16.64 -37.12 2.31
N HIS D 120 -15.86 -36.33 1.58
CA HIS D 120 -14.60 -35.85 2.12
C HIS D 120 -14.79 -34.83 3.23
N ASP D 121 -15.98 -34.22 3.33
CA ASP D 121 -16.15 -33.12 4.27
C ASP D 121 -15.85 -33.55 5.69
N ALA D 122 -16.37 -34.70 6.12
CA ALA D 122 -16.10 -35.14 7.48
C ALA D 122 -14.61 -35.33 7.73
N GLU D 123 -13.84 -35.72 6.71
CA GLU D 123 -12.40 -35.80 6.88
C GLU D 123 -11.81 -34.42 7.10
N ILE D 124 -12.23 -33.46 6.29
CA ILE D 124 -11.65 -32.11 6.37
C ILE D 124 -11.80 -31.57 7.78
N VAL D 125 -13.04 -31.58 8.28
CA VAL D 125 -13.27 -31.07 9.62
C VAL D 125 -12.40 -31.80 10.62
N GLU D 126 -12.20 -33.11 10.45
CA GLU D 126 -11.31 -33.84 11.33
C GLU D 126 -9.89 -33.28 11.24
N ARG D 127 -9.35 -33.18 10.04
CA ARG D 127 -8.03 -32.59 9.90
C ARG D 127 -8.07 -31.10 10.23
N ALA D 128 -9.25 -30.50 10.23
CA ALA D 128 -9.35 -29.16 10.77
C ALA D 128 -9.17 -29.17 12.27
N LEU D 129 -9.82 -30.09 12.97
CA LEU D 129 -9.84 -30.00 14.43
C LEU D 129 -8.53 -30.43 15.06
N VAL D 130 -7.85 -31.42 14.47
CA VAL D 130 -6.48 -31.71 14.90
C VAL D 130 -5.61 -30.49 14.71
N SER D 131 -5.95 -29.64 13.73
CA SER D 131 -5.23 -28.40 13.51
C SER D 131 -5.44 -27.40 14.64
N ALA D 132 -6.60 -27.43 15.30
CA ALA D 132 -6.98 -26.40 16.25
C ALA D 132 -6.91 -26.85 17.70
N VAL D 133 -7.51 -28.00 18.01
CA VAL D 133 -7.61 -28.43 19.41
C VAL D 133 -6.23 -28.66 20.00
N ILE D 134 -5.28 -29.10 19.19
CA ILE D 134 -3.90 -29.16 19.67
C ILE D 134 -3.35 -27.76 19.91
N LEU D 135 -3.58 -26.86 18.94
CA LEU D 135 -3.01 -25.53 19.02
C LEU D 135 -3.48 -24.75 20.24
N ALA D 136 -4.77 -24.85 20.56
CA ALA D 136 -5.27 -24.16 21.75
C ALA D 136 -4.57 -24.64 23.01
N LYS D 137 -4.13 -25.90 23.04
CA LYS D 137 -3.36 -26.38 24.18
C LYS D 137 -2.06 -25.61 24.34
N MET D 138 -1.36 -25.35 23.22
CA MET D 138 -0.19 -24.51 23.30
C MET D 138 -0.56 -23.10 23.73
N SER D 139 -1.79 -22.69 23.47
CA SER D 139 -2.24 -21.37 23.87
C SER D 139 -2.17 -21.20 25.38
N VAL D 140 -2.55 -22.23 26.14
CA VAL D 140 -2.49 -22.15 27.59
C VAL D 140 -1.19 -22.69 28.16
N ARG D 141 -0.23 -23.03 27.29
CA ARG D 141 1.03 -23.63 27.72
C ARG D 141 0.81 -24.95 28.42
N GLU D 142 -0.34 -25.58 28.18
CA GLU D 142 -0.60 -26.92 28.66
C GLU D 142 0.25 -27.91 27.86
N THR D 143 0.64 -28.99 28.53
CA THR D 143 1.51 -30.00 27.90
C THR D 143 0.63 -31.06 27.26
N LEU D 144 0.35 -30.88 25.97
CA LEU D 144 -0.45 -31.84 25.24
C LEU D 144 0.34 -33.12 24.94
N VAL D 145 -0.38 -34.24 24.89
CA VAL D 145 0.27 -35.54 24.74
C VAL D 145 0.83 -35.71 23.33
N THR D 146 2.01 -36.33 23.26
CA THR D 146 2.72 -36.51 22.00
C THR D 146 3.10 -37.96 21.76
N ALA D 147 2.45 -38.90 22.43
CA ALA D 147 2.68 -40.32 22.16
C ALA D 147 2.14 -40.71 20.79
N ILE D 148 2.90 -41.55 20.09
CA ILE D 148 2.62 -41.82 18.68
C ILE D 148 1.38 -42.71 18.53
N GLY D 149 0.57 -42.42 17.53
CA GLY D 149 -0.62 -43.19 17.21
C GLY D 149 -1.90 -42.74 17.88
N GLN D 150 -1.88 -41.64 18.62
CA GLN D 150 -3.09 -41.20 19.30
C GLN D 150 -3.56 -39.81 18.91
N THR D 151 -2.71 -39.10 18.17
CA THR D 151 -3.01 -37.73 17.72
C THR D 151 -3.44 -36.88 18.91
N GLU D 152 -4.74 -36.59 18.99
CA GLU D 152 -5.29 -35.78 20.07
C GLU D 152 -6.81 -35.92 20.22
N PRO D 153 -7.26 -36.70 21.22
CA PRO D 153 -8.71 -36.76 21.41
C PRO D 153 -9.30 -35.36 21.31
N ILE D 154 -10.36 -35.22 20.52
CA ILE D 154 -11.03 -33.93 20.39
C ILE D 154 -11.78 -33.62 21.67
N ALA D 155 -11.63 -32.39 22.18
CA ALA D 155 -12.26 -32.06 23.44
C ALA D 155 -12.30 -30.56 23.62
N PHE D 156 -13.37 -30.09 24.26
CA PHE D 156 -13.46 -28.69 24.64
C PHE D 156 -12.52 -28.40 25.80
N VAL D 157 -11.89 -27.24 25.76
CA VAL D 157 -10.88 -26.88 26.75
C VAL D 157 -11.38 -25.74 27.63
N HIS D 158 -10.95 -25.77 28.89
CA HIS D 158 -11.27 -24.73 29.88
C HIS D 158 -12.77 -24.47 29.94
N LEU D 159 -13.54 -25.53 30.19
CA LEU D 159 -14.98 -25.42 30.23
C LEU D 159 -15.54 -26.17 31.44
N LYS D 160 -16.65 -25.64 31.92
CA LYS D 160 -17.40 -26.27 32.99
C LYS D 160 -17.85 -27.67 32.60
N ASP D 161 -17.74 -28.59 33.55
CA ASP D 161 -18.29 -29.92 33.33
C ASP D 161 -19.80 -29.87 33.17
N THR D 162 -20.47 -28.96 33.88
CA THR D 162 -21.90 -28.77 33.65
C THR D 162 -22.18 -28.41 32.20
N GLU D 163 -21.27 -27.66 31.58
CA GLU D 163 -21.47 -27.22 30.21
C GLU D 163 -21.08 -28.29 29.20
N VAL D 164 -19.95 -28.96 29.42
CA VAL D 164 -19.52 -30.01 28.50
C VAL D 164 -20.50 -31.18 28.53
N GLN D 165 -21.06 -31.48 29.70
CA GLN D 165 -22.05 -32.55 29.77
C GLN D 165 -23.28 -32.20 28.95
N ARG D 166 -23.74 -30.96 29.05
CA ARG D 166 -24.90 -30.52 28.29
C ARG D 166 -24.62 -30.51 26.79
N ILE D 167 -23.45 -29.99 26.40
CA ILE D 167 -23.13 -29.92 24.98
C ILE D 167 -22.89 -31.31 24.42
N GLU D 168 -22.51 -32.26 25.27
CA GLU D 168 -22.30 -33.62 24.83
C GLU D 168 -23.62 -34.34 24.63
N GLU D 169 -24.56 -34.15 25.56
CA GLU D 169 -25.88 -34.71 25.35
C GLU D 169 -26.55 -34.09 24.13
N ASN D 170 -26.26 -32.81 23.84
CA ASN D 170 -26.78 -32.21 22.61
C ASN D 170 -26.21 -32.87 21.37
N LEU D 171 -24.89 -33.06 21.33
CA LEU D 171 -24.29 -33.70 20.17
C LEU D 171 -24.78 -35.12 20.01
N GLU D 172 -25.06 -35.81 21.12
CA GLU D 172 -25.59 -37.17 21.03
C GLU D 172 -27.01 -37.17 20.48
N GLY D 173 -27.84 -36.24 20.93
CA GLY D 173 -29.18 -36.19 20.40
C GLY D 173 -29.22 -35.78 18.95
N VAL D 174 -28.18 -35.08 18.50
CA VAL D 174 -28.01 -34.84 17.06
C VAL D 174 -27.53 -36.11 16.38
N ARG D 175 -26.71 -36.90 17.08
CA ARG D 175 -26.16 -38.11 16.52
C ARG D 175 -27.26 -39.10 16.15
N ARG D 176 -28.19 -39.33 17.08
CA ARG D 176 -29.25 -40.30 16.79
C ARG D 176 -30.19 -39.81 15.70
N ASN D 177 -30.66 -38.56 15.80
CA ASN D 177 -31.49 -37.96 14.76
C ASN D 177 -30.81 -36.70 14.26
N MET D 178 -30.59 -36.64 12.95
CA MET D 178 -29.74 -35.59 12.37
C MET D 178 -30.51 -34.56 11.57
N PHE D 179 -31.84 -34.63 11.54
CA PHE D 179 -32.60 -33.75 10.68
C PHE D 179 -33.12 -32.54 11.45
N CYS D 180 -33.88 -32.78 12.53
CA CYS D 180 -34.36 -31.69 13.36
C CYS D 180 -33.32 -31.39 14.46
N VAL D 181 -32.29 -30.66 14.06
CA VAL D 181 -31.35 -30.13 15.03
C VAL D 181 -32.05 -29.06 15.85
N LYS D 182 -31.85 -29.08 17.17
CA LYS D 182 -32.50 -28.09 18.01
C LYS D 182 -31.52 -26.99 18.35
N PRO D 183 -31.86 -25.73 18.06
CA PRO D 183 -30.94 -24.64 18.37
C PRO D 183 -30.73 -24.49 19.86
N LEU D 184 -29.46 -24.30 20.24
CA LEU D 184 -29.13 -24.18 21.65
C LEU D 184 -29.51 -22.81 22.18
N ASP D 185 -29.84 -22.75 23.46
CA ASP D 185 -29.90 -21.49 24.18
C ASP D 185 -28.57 -21.10 24.81
N LEU D 186 -27.58 -21.99 24.78
CA LEU D 186 -26.31 -21.74 25.43
C LEU D 186 -25.50 -20.69 24.67
N ASN D 187 -24.69 -19.94 25.42
CA ASN D 187 -23.77 -18.96 24.88
C ASN D 187 -22.37 -19.50 25.12
N LEU D 188 -21.79 -20.10 24.08
CA LEU D 188 -20.57 -20.89 24.24
C LEU D 188 -19.40 -20.03 24.73
N ASP D 189 -19.46 -18.73 24.48
CA ASP D 189 -18.41 -17.84 24.95
C ASP D 189 -18.50 -17.62 26.46
N ARG D 190 -17.35 -17.42 27.09
CA ARG D 190 -17.28 -17.03 28.49
C ARG D 190 -16.24 -15.93 28.60
N HIS D 191 -16.62 -14.81 29.20
CA HIS D 191 -15.66 -13.72 29.37
C HIS D 191 -14.47 -14.16 30.21
N ALA D 192 -14.65 -15.18 31.04
CA ALA D 192 -13.53 -15.71 31.82
C ALA D 192 -12.50 -16.37 30.94
N ASN D 193 -12.93 -17.02 29.86
CA ASN D 193 -11.99 -17.71 28.98
C ASN D 193 -11.25 -16.73 28.10
N THR D 194 -10.07 -17.15 27.64
CA THR D 194 -9.29 -16.36 26.71
C THR D 194 -10.09 -16.07 25.45
N ALA D 195 -9.90 -14.88 24.88
CA ALA D 195 -10.67 -14.48 23.70
C ALA D 195 -10.47 -15.46 22.54
N LEU D 196 -9.25 -16.01 22.40
CA LEU D 196 -9.04 -17.03 21.38
C LEU D 196 -9.80 -18.31 21.71
N VAL D 197 -9.89 -18.66 23.00
CA VAL D 197 -10.48 -19.94 23.36
C VAL D 197 -11.98 -19.93 23.13
N ASN D 198 -12.64 -18.79 23.34
CA ASN D 198 -14.05 -18.71 22.99
C ASN D 198 -14.27 -18.99 21.51
N ALA D 199 -13.34 -18.56 20.67
CA ALA D 199 -13.43 -18.84 19.25
C ALA D 199 -13.14 -20.30 18.95
N VAL D 200 -12.15 -20.88 19.63
CA VAL D 200 -11.88 -22.30 19.40
C VAL D 200 -13.09 -23.13 19.77
N ASN D 201 -13.79 -22.77 20.83
CA ASN D 201 -14.96 -23.54 21.25
C ASN D 201 -16.12 -23.36 20.28
N LYS D 202 -16.37 -22.13 19.84
CA LYS D 202 -17.43 -21.94 18.86
C LYS D 202 -17.09 -22.61 17.53
N LEU D 203 -15.81 -22.85 17.26
CA LEU D 203 -15.44 -23.63 16.09
C LEU D 203 -15.69 -25.11 16.31
N VAL D 204 -15.16 -25.64 17.41
CA VAL D 204 -15.23 -27.07 17.68
C VAL D 204 -16.67 -27.51 17.76
N TYR D 205 -17.57 -26.64 18.22
CA TYR D 205 -18.96 -27.07 18.31
C TYR D 205 -19.53 -27.40 16.93
N THR D 206 -19.44 -26.47 15.99
CA THR D 206 -19.96 -26.75 14.66
C THR D 206 -19.17 -27.87 13.98
N GLY D 207 -17.88 -27.98 14.28
CA GLY D 207 -17.13 -29.09 13.73
C GLY D 207 -17.64 -30.43 14.19
N ARG D 208 -17.92 -30.54 15.50
CA ARG D 208 -18.49 -31.78 16.02
C ARG D 208 -19.85 -32.04 15.42
N LEU D 209 -20.61 -30.96 15.16
CA LEU D 209 -21.93 -31.12 14.56
C LEU D 209 -21.84 -31.71 13.16
N ILE D 210 -21.02 -31.09 12.30
CA ILE D 210 -20.91 -31.58 10.94
C ILE D 210 -20.35 -33.00 10.94
N MET D 211 -19.35 -33.27 11.77
CA MET D 211 -18.81 -34.62 11.81
C MET D 211 -19.88 -35.62 12.22
N ASN D 212 -20.63 -35.33 13.29
CA ASN D 212 -21.60 -36.30 13.79
C ASN D 212 -22.67 -36.59 12.77
N VAL D 213 -23.15 -35.57 12.07
CA VAL D 213 -24.24 -35.81 11.12
C VAL D 213 -23.73 -36.61 9.94
N ARG D 214 -22.58 -36.26 9.38
CA ARG D 214 -22.07 -37.01 8.25
C ARG D 214 -21.76 -38.46 8.63
N ARG D 215 -21.14 -38.66 9.80
CA ARG D 215 -20.84 -40.02 10.24
C ARG D 215 -22.11 -40.84 10.43
N SER D 216 -23.12 -40.28 11.13
CA SER D 216 -24.32 -41.07 11.36
C SER D 216 -25.05 -41.37 10.06
N TRP D 217 -25.07 -40.43 9.12
CA TRP D 217 -25.76 -40.67 7.86
C TRP D 217 -25.09 -41.79 7.08
N GLU D 218 -23.76 -41.70 6.91
CA GLU D 218 -23.04 -42.76 6.25
C GLU D 218 -23.21 -44.08 6.98
N GLU D 219 -23.31 -44.05 8.30
CA GLU D 219 -23.44 -45.28 9.07
C GLU D 219 -24.79 -45.96 8.84
N LEU D 220 -25.86 -45.17 8.70
CA LEU D 220 -27.15 -45.76 8.39
C LEU D 220 -27.19 -46.29 6.96
N GLU D 221 -26.69 -45.50 6.01
CA GLU D 221 -26.77 -45.93 4.62
C GLU D 221 -25.90 -47.17 4.37
N ARG D 222 -24.70 -47.19 4.96
CA ARG D 222 -23.81 -48.33 4.80
C ARG D 222 -24.44 -49.60 5.36
N LYS D 223 -25.39 -49.45 6.28
CA LYS D 223 -26.08 -50.62 6.81
C LYS D 223 -27.24 -51.03 5.93
N CYS D 224 -28.05 -50.07 5.47
CA CYS D 224 -29.21 -50.43 4.66
C CYS D 224 -28.80 -51.06 3.34
N LEU D 225 -27.68 -50.63 2.77
CA LEU D 225 -27.20 -51.27 1.56
C LEU D 225 -26.84 -52.72 1.79
N ALA D 226 -26.50 -53.09 3.03
CA ALA D 226 -26.27 -54.48 3.33
C ALA D 226 -27.59 -55.21 3.59
N ARG D 227 -28.53 -54.52 4.24
CA ARG D 227 -29.80 -55.16 4.57
C ARG D 227 -30.57 -55.56 3.33
N ILE D 228 -30.64 -54.67 2.34
CA ILE D 228 -31.42 -55.02 1.15
C ILE D 228 -30.75 -56.11 0.37
N GLN D 229 -29.42 -56.11 0.31
CA GLN D 229 -28.72 -57.17 -0.39
C GLN D 229 -28.95 -58.52 0.30
N GLU D 230 -29.00 -58.52 1.64
CA GLU D 230 -29.32 -59.76 2.34
C GLU D 230 -30.74 -60.22 2.06
N ARG D 231 -31.70 -59.29 2.03
CA ARG D 231 -33.07 -59.70 1.78
C ARG D 231 -33.23 -60.29 0.38
N CYS D 232 -32.62 -59.67 -0.63
CA CYS D 232 -32.68 -60.27 -1.96
C CYS D 232 -31.90 -61.58 -2.03
N LYS D 233 -30.76 -61.68 -1.33
CA LYS D 233 -30.00 -62.92 -1.34
C LYS D 233 -30.78 -64.08 -0.75
N LEU D 234 -31.59 -63.81 0.27
CA LEU D 234 -32.42 -64.85 0.87
C LEU D 234 -33.69 -65.08 0.08
N LEU D 235 -34.22 -64.04 -0.56
CA LEU D 235 -35.48 -64.19 -1.27
C LEU D 235 -35.31 -64.88 -2.60
N VAL D 236 -34.17 -64.72 -3.27
CA VAL D 236 -33.95 -65.46 -4.51
C VAL D 236 -33.90 -66.94 -4.23
N LYS D 237 -33.37 -67.35 -3.08
CA LYS D 237 -33.41 -68.77 -2.73
C LYS D 237 -34.84 -69.27 -2.63
N GLU D 238 -35.70 -68.55 -1.91
CA GLU D 238 -37.08 -69.02 -1.76
C GLU D 238 -37.80 -69.03 -3.10
N LEU D 239 -37.52 -68.03 -3.95
CA LEU D 239 -38.20 -67.97 -5.23
C LEU D 239 -37.70 -69.02 -6.21
N ARG D 240 -36.48 -69.53 -6.03
CA ARG D 240 -36.01 -70.59 -6.92
C ARG D 240 -36.87 -71.83 -6.79
N MET D 241 -37.45 -72.07 -5.62
CA MET D 241 -38.15 -73.32 -5.36
C MET D 241 -39.37 -73.50 -6.26
N CYS D 242 -40.10 -72.42 -6.51
CA CYS D 242 -41.28 -72.49 -7.36
C CYS D 242 -40.90 -72.17 -8.80
N LEU D 243 -41.41 -72.96 -9.73
CA LEU D 243 -41.22 -72.73 -11.16
C LEU D 243 -42.38 -71.96 -11.78
N SER D 244 -43.34 -71.53 -10.97
CA SER D 244 -44.49 -70.82 -11.51
C SER D 244 -44.03 -69.57 -12.25
N PHE D 245 -44.78 -69.17 -13.27
CA PHE D 245 -44.38 -68.03 -14.07
C PHE D 245 -44.08 -66.82 -13.22
N ASP D 246 -44.93 -66.53 -12.24
CA ASP D 246 -44.67 -65.39 -11.37
C ASP D 246 -43.45 -65.64 -10.47
N SER D 247 -43.19 -66.89 -10.12
CA SER D 247 -42.01 -67.17 -9.32
C SER D 247 -40.73 -66.89 -10.11
N ASN D 248 -40.72 -67.19 -11.41
CA ASN D 248 -39.58 -66.76 -12.20
C ASN D 248 -39.59 -65.26 -12.44
N TYR D 249 -40.77 -64.66 -12.42
CA TYR D 249 -40.88 -63.23 -12.67
C TYR D 249 -40.23 -62.43 -11.57
N CYS D 250 -40.43 -62.83 -10.32
CA CYS D 250 -39.81 -62.07 -9.23
C CYS D 250 -38.30 -62.20 -9.25
N ARG D 251 -37.77 -63.38 -9.57
CA ARG D 251 -36.32 -63.53 -9.64
C ARG D 251 -35.73 -62.59 -10.69
N ASN D 252 -36.43 -62.43 -11.82
CA ASN D 252 -36.01 -61.49 -12.84
C ASN D 252 -36.13 -60.04 -12.38
N ILE D 253 -37.02 -59.75 -11.43
CA ILE D 253 -37.06 -58.40 -10.89
C ILE D 253 -35.93 -58.17 -9.92
N LEU D 254 -35.53 -59.23 -9.22
CA LEU D 254 -34.43 -59.17 -8.26
C LEU D 254 -33.05 -59.29 -8.89
N LYS D 255 -32.96 -59.59 -10.19
CA LYS D 255 -31.64 -59.76 -10.80
C LYS D 255 -30.75 -58.53 -10.65
N HIS D 256 -31.34 -57.35 -10.55
CA HIS D 256 -30.54 -56.13 -10.59
C HIS D 256 -29.94 -55.82 -9.22
N ALA D 257 -28.71 -55.29 -9.24
CA ALA D 257 -27.94 -55.08 -8.02
C ALA D 257 -28.48 -53.90 -7.22
N VAL D 258 -28.47 -54.04 -5.90
CA VAL D 258 -29.02 -53.03 -4.99
C VAL D 258 -28.02 -51.97 -4.58
N GLU D 259 -26.75 -52.17 -4.90
CA GLU D 259 -25.75 -51.14 -4.69
C GLU D 259 -26.19 -49.84 -5.34
N ASN D 260 -25.61 -48.72 -4.88
CA ASN D 260 -25.85 -47.41 -5.47
C ASN D 260 -27.31 -47.02 -5.32
N GLY D 261 -27.65 -46.53 -4.13
CA GLY D 261 -29.05 -46.40 -3.75
C GLY D 261 -30.00 -46.04 -4.86
N ASP D 262 -29.53 -45.36 -5.90
CA ASP D 262 -30.34 -45.13 -7.09
C ASP D 262 -30.97 -46.42 -7.60
N SER D 263 -30.20 -47.50 -7.59
CA SER D 263 -30.78 -48.78 -7.97
C SER D 263 -31.76 -49.26 -6.91
N ALA D 264 -31.54 -48.89 -5.65
CA ALA D 264 -32.49 -49.25 -4.59
C ALA D 264 -33.83 -48.56 -4.80
N ASP D 265 -33.82 -47.38 -5.44
CA ASP D 265 -35.06 -46.68 -5.74
C ASP D 265 -35.69 -47.22 -7.02
N THR D 266 -34.85 -47.56 -8.01
CA THR D 266 -35.37 -48.15 -9.24
C THR D 266 -36.04 -49.48 -8.98
N LEU D 267 -35.41 -50.34 -8.18
CA LEU D 267 -36.02 -51.63 -7.87
C LEU D 267 -37.35 -51.46 -7.17
N LEU D 268 -37.48 -50.46 -6.31
CA LEU D 268 -38.75 -50.28 -5.62
C LEU D 268 -39.82 -49.76 -6.57
N GLU D 269 -39.46 -48.79 -7.42
CA GLU D 269 -40.42 -48.27 -8.38
C GLU D 269 -40.89 -49.36 -9.33
N LEU D 270 -40.00 -50.29 -9.67
CA LEU D 270 -40.39 -51.40 -10.55
C LEU D 270 -41.16 -52.46 -9.79
N LEU D 271 -40.77 -52.72 -8.55
CA LEU D 271 -41.35 -53.79 -7.78
C LEU D 271 -42.77 -53.48 -7.40
N ILE D 272 -43.12 -52.20 -7.33
CA ILE D 272 -44.51 -51.84 -7.08
C ILE D 272 -45.37 -52.05 -8.32
N GLU D 273 -44.91 -51.52 -9.46
CA GLU D 273 -45.78 -51.44 -10.64
C GLU D 273 -46.18 -52.81 -11.15
N ASP D 274 -45.28 -53.78 -11.07
CA ASP D 274 -45.59 -55.14 -11.50
C ASP D 274 -46.00 -56.03 -10.35
N PHE D 275 -46.44 -55.45 -9.23
CA PHE D 275 -46.80 -56.26 -8.07
C PHE D 275 -48.00 -57.15 -8.36
N ASP D 276 -48.90 -56.68 -9.21
CA ASP D 276 -50.17 -57.38 -9.41
C ASP D 276 -49.96 -58.75 -10.05
N ILE D 277 -49.00 -58.85 -10.97
CA ILE D 277 -48.84 -60.09 -11.73
C ILE D 277 -48.28 -61.21 -10.84
N TYR D 278 -47.30 -60.90 -10.00
CA TYR D 278 -46.66 -61.93 -9.20
C TYR D 278 -47.19 -62.03 -7.78
N VAL D 279 -48.11 -61.16 -7.36
CA VAL D 279 -48.68 -61.30 -6.02
C VAL D 279 -49.26 -62.69 -5.84
N ASP D 280 -49.61 -63.36 -6.95
CA ASP D 280 -50.14 -64.72 -6.85
C ASP D 280 -49.10 -65.69 -6.27
N SER D 281 -47.83 -65.32 -6.28
CA SER D 281 -46.80 -66.24 -5.80
C SER D 281 -46.87 -66.46 -4.30
N PHE D 282 -47.06 -65.41 -3.52
CA PHE D 282 -46.89 -65.49 -2.07
C PHE D 282 -48.18 -65.95 -1.39
N PRO D 283 -48.12 -66.92 -0.48
CA PRO D 283 -49.33 -67.30 0.25
C PRO D 283 -49.85 -66.17 1.12
N GLN D 284 -51.16 -66.21 1.41
CA GLN D 284 -51.85 -65.18 2.16
C GLN D 284 -52.56 -65.79 3.36
N SER D 285 -52.43 -65.15 4.52
CA SER D 285 -53.04 -65.62 5.77
C SER D 285 -52.68 -67.06 6.10
N MET E 1 -67.03 -3.86 5.21
CA MET E 1 -66.25 -5.08 5.10
C MET E 1 -67.06 -6.21 4.48
N SER E 2 -68.34 -6.30 4.86
CA SER E 2 -69.24 -7.25 4.23
C SER E 2 -69.56 -6.82 2.81
N LEU E 3 -69.48 -7.76 1.87
CA LEU E 3 -69.89 -7.47 0.51
C LEU E 3 -71.41 -7.46 0.39
N GLN E 4 -71.89 -6.84 -0.69
CA GLN E 4 -73.31 -6.73 -0.96
C GLN E 4 -73.58 -7.13 -2.40
N PHE E 5 -74.77 -7.67 -2.65
CA PHE E 5 -75.17 -8.05 -3.99
C PHE E 5 -76.66 -7.78 -4.13
N ILE E 6 -77.15 -7.79 -5.36
CA ILE E 6 -78.51 -7.30 -5.59
C ILE E 6 -79.48 -8.43 -5.88
N GLY E 7 -79.29 -9.12 -7.00
CA GLY E 7 -80.28 -10.09 -7.45
C GLY E 7 -80.19 -11.43 -6.76
N LEU E 8 -78.98 -11.89 -6.50
CA LEU E 8 -78.76 -13.27 -6.06
C LEU E 8 -79.43 -13.55 -4.72
N GLN E 9 -79.92 -14.78 -4.58
CA GLN E 9 -80.42 -15.26 -3.30
C GLN E 9 -79.27 -15.59 -2.37
N ARG E 10 -79.58 -15.63 -1.08
CA ARG E 10 -78.55 -15.80 -0.05
C ARG E 10 -77.72 -17.06 -0.24
N ARG E 11 -78.25 -18.06 -0.95
CA ARG E 11 -77.46 -19.26 -1.22
C ARG E 11 -76.22 -18.91 -2.04
N ASP E 12 -76.41 -18.14 -3.12
CA ASP E 12 -75.27 -17.79 -3.97
C ASP E 12 -74.38 -16.75 -3.32
N VAL E 13 -74.96 -15.90 -2.48
CA VAL E 13 -74.15 -14.94 -1.74
C VAL E 13 -73.21 -15.68 -0.80
N VAL E 14 -73.74 -16.65 -0.06
CA VAL E 14 -72.89 -17.49 0.78
C VAL E 14 -71.94 -18.31 -0.09
N ALA E 15 -72.35 -18.68 -1.29
CA ALA E 15 -71.45 -19.44 -2.15
C ALA E 15 -70.24 -18.63 -2.53
N LEU E 16 -70.42 -17.35 -2.81
CA LEU E 16 -69.28 -16.50 -3.13
C LEU E 16 -68.45 -16.16 -1.92
N VAL E 17 -69.08 -15.98 -0.76
CA VAL E 17 -68.32 -15.73 0.44
C VAL E 17 -67.44 -16.93 0.76
N ASN E 18 -67.98 -18.14 0.64
CA ASN E 18 -67.17 -19.34 0.86
C ASN E 18 -66.13 -19.54 -0.23
N PHE E 19 -66.45 -19.15 -1.47
CA PHE E 19 -65.45 -19.16 -2.55
C PHE E 19 -64.29 -18.24 -2.23
N LEU E 20 -64.56 -17.17 -1.48
CA LEU E 20 -63.52 -16.20 -1.17
C LEU E 20 -62.78 -16.50 0.12
N ARG E 21 -63.41 -17.19 1.06
CA ARG E 21 -62.71 -17.59 2.27
C ARG E 21 -61.63 -18.61 1.96
N HIS E 22 -61.89 -19.48 0.98
CA HIS E 22 -61.05 -20.61 0.67
C HIS E 22 -60.17 -20.38 -0.56
N LEU E 23 -59.79 -19.13 -0.82
CA LEU E 23 -59.10 -18.82 -2.07
C LEU E 23 -57.71 -19.42 -2.15
N THR E 24 -56.93 -19.32 -1.06
CA THR E 24 -55.55 -19.80 -1.10
C THR E 24 -55.49 -21.31 -1.22
N GLN E 25 -56.40 -22.01 -0.56
CA GLN E 25 -56.41 -23.46 -0.55
C GLN E 25 -57.10 -24.05 -1.77
N LYS E 26 -57.70 -23.21 -2.58
CA LYS E 26 -58.34 -23.66 -3.79
C LYS E 26 -57.29 -23.83 -4.89
N PRO E 27 -57.34 -24.93 -5.66
CA PRO E 27 -56.52 -25.02 -6.86
C PRO E 27 -57.03 -24.05 -7.91
N ASP E 28 -56.15 -23.68 -8.84
CA ASP E 28 -56.49 -22.79 -9.94
C ASP E 28 -57.04 -21.45 -9.44
N VAL E 29 -56.21 -20.67 -8.76
CA VAL E 29 -56.68 -19.41 -8.19
C VAL E 29 -56.74 -18.38 -9.30
N ASP E 30 -57.84 -18.40 -10.03
CA ASP E 30 -58.09 -17.45 -11.10
C ASP E 30 -59.59 -17.42 -11.33
N LEU E 31 -60.19 -16.25 -11.18
CA LEU E 31 -61.64 -16.16 -11.33
C LEU E 31 -62.07 -16.44 -12.75
N GLU E 32 -61.23 -16.11 -13.73
CA GLU E 32 -61.54 -16.43 -15.11
C GLU E 32 -61.36 -17.92 -15.42
N ALA E 33 -60.77 -18.68 -14.51
CA ALA E 33 -60.67 -20.13 -14.64
C ALA E 33 -61.88 -20.85 -14.07
N HIS E 34 -62.82 -20.14 -13.44
CA HIS E 34 -64.02 -20.73 -12.86
C HIS E 34 -65.23 -20.06 -13.47
N PRO E 35 -65.56 -20.40 -14.72
CA PRO E 35 -66.70 -19.75 -15.38
C PRO E 35 -68.01 -19.97 -14.67
N LYS E 36 -68.17 -21.08 -13.95
CA LYS E 36 -69.41 -21.32 -13.23
C LYS E 36 -69.59 -20.33 -12.08
N ILE E 37 -68.49 -19.85 -11.50
CA ILE E 37 -68.60 -18.85 -10.45
C ILE E 37 -69.05 -17.51 -11.04
N LEU E 38 -68.66 -17.21 -12.27
CA LEU E 38 -69.17 -16.02 -12.92
C LEU E 38 -70.61 -16.20 -13.38
N LYS E 39 -70.98 -17.41 -13.79
CA LYS E 39 -72.38 -17.72 -14.06
C LYS E 39 -73.22 -17.59 -12.80
N LYS E 40 -72.61 -17.79 -11.63
CA LYS E 40 -73.32 -17.60 -10.38
C LYS E 40 -73.81 -16.16 -10.26
N CYS E 41 -73.12 -15.23 -10.92
CA CYS E 41 -73.60 -13.85 -10.95
C CYS E 41 -74.97 -13.77 -11.61
N GLY E 42 -75.33 -14.77 -12.41
CA GLY E 42 -76.66 -14.85 -12.94
C GLY E 42 -76.77 -14.10 -14.25
N GLU E 43 -75.71 -14.19 -15.04
CA GLU E 43 -75.74 -13.62 -16.38
C GLU E 43 -76.92 -14.21 -17.14
N LYS E 44 -77.56 -13.37 -17.94
CA LYS E 44 -78.70 -13.72 -18.78
C LYS E 44 -79.95 -13.95 -17.95
N ARG E 45 -79.81 -13.96 -16.62
CA ARG E 45 -80.98 -14.12 -15.76
C ARG E 45 -81.43 -12.81 -15.16
N LEU E 46 -80.51 -11.94 -14.80
CA LEU E 46 -80.84 -10.65 -14.20
C LEU E 46 -80.56 -9.53 -15.19
N HIS E 47 -80.95 -8.33 -14.77
CA HIS E 47 -80.78 -7.16 -15.64
C HIS E 47 -79.31 -6.89 -15.89
N ARG E 48 -79.04 -6.23 -17.01
CA ARG E 48 -77.67 -5.92 -17.39
C ARG E 48 -76.95 -5.15 -16.29
N ARG E 49 -77.64 -4.22 -15.63
CA ARG E 49 -77.02 -3.47 -14.56
C ARG E 49 -76.67 -4.34 -13.37
N THR E 50 -77.60 -5.18 -12.93
CA THR E 50 -77.31 -6.00 -11.76
C THR E 50 -76.23 -7.03 -12.08
N VAL E 51 -76.24 -7.57 -13.29
CA VAL E 51 -75.16 -8.46 -13.70
C VAL E 51 -73.83 -7.73 -13.62
N LEU E 52 -73.75 -6.53 -14.22
CA LEU E 52 -72.52 -5.77 -14.20
C LEU E 52 -72.10 -5.41 -12.79
N PHE E 53 -73.05 -5.19 -11.90
CA PHE E 53 -72.71 -4.72 -10.57
C PHE E 53 -72.23 -5.86 -9.69
N ASN E 54 -72.94 -6.98 -9.69
CA ASN E 54 -72.43 -8.12 -8.94
C ASN E 54 -71.09 -8.58 -9.51
N GLU E 55 -70.86 -8.42 -10.82
CA GLU E 55 -69.56 -8.76 -11.34
C GLU E 55 -68.49 -7.78 -10.86
N LEU E 56 -68.79 -6.49 -10.82
CA LEU E 56 -67.82 -5.53 -10.30
C LEU E 56 -67.51 -5.81 -8.84
N MET E 57 -68.53 -6.17 -8.05
CA MET E 57 -68.25 -6.53 -6.67
C MET E 57 -67.43 -7.81 -6.59
N LEU E 58 -67.69 -8.77 -7.47
CA LEU E 58 -66.89 -9.99 -7.47
C LEU E 58 -65.43 -9.68 -7.75
N TRP E 59 -65.17 -8.84 -8.75
CA TRP E 59 -63.79 -8.55 -9.10
C TRP E 59 -63.12 -7.72 -8.01
N LEU E 60 -63.85 -6.79 -7.40
CA LEU E 60 -63.26 -5.98 -6.35
C LEU E 60 -62.97 -6.79 -5.09
N GLY E 61 -63.88 -7.67 -4.67
CA GLY E 61 -63.60 -8.52 -3.53
C GLY E 61 -62.52 -9.55 -3.83
N TYR E 62 -62.42 -9.99 -5.09
CA TYR E 62 -61.38 -10.93 -5.45
C TYR E 62 -60.01 -10.27 -5.43
N TYR E 63 -59.91 -9.07 -6.00
CA TYR E 63 -58.64 -8.36 -5.96
C TYR E 63 -58.29 -7.99 -4.53
N ARG E 64 -59.28 -7.66 -3.71
CA ARG E 64 -58.99 -7.37 -2.30
C ARG E 64 -58.48 -8.61 -1.59
N GLU E 65 -59.03 -9.79 -1.91
CA GLU E 65 -58.50 -11.00 -1.32
C GLU E 65 -57.09 -11.29 -1.78
N LEU E 66 -56.78 -10.99 -3.04
CA LEU E 66 -55.41 -11.15 -3.50
C LEU E 66 -54.47 -10.28 -2.67
N ARG E 67 -54.80 -9.00 -2.50
CA ARG E 67 -54.00 -8.12 -1.66
C ARG E 67 -53.94 -8.62 -0.22
N PHE E 68 -55.03 -9.24 0.25
CA PHE E 68 -55.09 -9.68 1.63
C PHE E 68 -54.13 -10.84 1.87
N HIS E 69 -54.00 -11.73 0.89
CA HIS E 69 -53.07 -12.84 1.05
C HIS E 69 -51.67 -12.48 0.58
N ASN E 70 -51.53 -12.00 -0.67
CA ASN E 70 -50.31 -11.31 -1.06
C ASN E 70 -49.06 -12.15 -0.80
N PRO E 71 -48.77 -13.14 -1.64
CA PRO E 71 -47.79 -14.18 -1.26
C PRO E 71 -46.39 -13.66 -0.95
N ASP E 72 -46.00 -13.82 0.29
CA ASP E 72 -44.67 -13.42 0.73
C ASP E 72 -43.61 -14.40 0.23
N LEU E 73 -42.45 -13.87 -0.14
CA LEU E 73 -41.33 -14.67 -0.62
C LEU E 73 -40.10 -14.53 0.27
N SER E 74 -40.28 -14.13 1.53
CA SER E 74 -39.13 -13.83 2.38
C SER E 74 -38.25 -15.06 2.63
N SER E 75 -38.87 -16.20 2.94
CA SER E 75 -38.08 -17.35 3.35
C SER E 75 -37.39 -18.01 2.16
N VAL E 76 -38.10 -18.14 1.04
CA VAL E 76 -37.49 -18.75 -0.13
C VAL E 76 -36.46 -17.82 -0.74
N LEU E 77 -36.64 -16.51 -0.63
CA LEU E 77 -35.62 -15.61 -1.17
C LEU E 77 -34.32 -15.73 -0.40
N GLU E 78 -34.38 -15.98 0.91
CA GLU E 78 -33.17 -16.21 1.68
C GLU E 78 -32.63 -17.62 1.52
N GLU E 79 -33.51 -18.61 1.40
CA GLU E 79 -33.07 -19.96 1.09
C GLU E 79 -32.40 -20.02 -0.26
N PHE E 80 -32.79 -19.16 -1.19
CA PHE E 80 -32.18 -19.21 -2.52
C PHE E 80 -30.74 -18.76 -2.46
N GLU E 81 -30.45 -17.74 -1.65
CA GLU E 81 -29.05 -17.35 -1.49
C GLU E 81 -28.28 -18.37 -0.66
N VAL E 82 -28.93 -18.97 0.33
CA VAL E 82 -28.26 -20.00 1.13
C VAL E 82 -27.91 -21.20 0.26
N ARG E 83 -28.82 -21.56 -0.64
CA ARG E 83 -28.57 -22.61 -1.62
C ARG E 83 -27.55 -22.18 -2.63
N CYS E 84 -27.58 -20.92 -3.03
CA CYS E 84 -26.67 -20.41 -4.05
C CYS E 84 -25.24 -20.49 -3.57
N VAL E 85 -24.98 -20.14 -2.32
CA VAL E 85 -23.61 -20.10 -1.83
C VAL E 85 -22.97 -21.47 -1.90
N ALA E 86 -23.78 -22.54 -1.98
CA ALA E 86 -23.20 -23.88 -1.98
C ALA E 86 -22.39 -24.15 -3.24
N VAL E 87 -22.89 -23.73 -4.40
CA VAL E 87 -22.24 -24.12 -5.64
C VAL E 87 -20.83 -23.57 -5.72
N ALA E 88 -20.59 -22.41 -5.12
CA ALA E 88 -19.25 -21.83 -5.19
C ALA E 88 -18.22 -22.74 -4.53
N ARG E 89 -18.51 -23.19 -3.32
CA ARG E 89 -17.56 -24.03 -2.59
C ARG E 89 -17.52 -25.43 -3.15
N ARG E 90 -18.59 -25.85 -3.83
CA ARG E 90 -18.51 -27.11 -4.56
C ARG E 90 -17.64 -27.01 -5.81
N GLY E 91 -17.58 -25.83 -6.44
CA GLY E 91 -16.84 -25.68 -7.68
C GLY E 91 -15.39 -25.29 -7.51
N TYR E 92 -15.01 -24.75 -6.35
CA TYR E 92 -13.63 -24.31 -6.16
C TYR E 92 -12.65 -25.46 -6.32
N THR E 93 -12.93 -26.61 -5.71
CA THR E 93 -12.01 -27.73 -5.76
C THR E 93 -11.99 -28.38 -7.13
N TYR E 94 -13.10 -28.31 -7.86
CA TYR E 94 -13.19 -28.95 -9.15
C TYR E 94 -12.17 -28.33 -10.13
N PRO E 95 -11.53 -29.16 -10.95
CA PRO E 95 -10.60 -28.63 -11.95
C PRO E 95 -11.28 -28.31 -13.28
N PHE E 96 -11.07 -27.10 -13.78
CA PHE E 96 -11.69 -26.66 -15.01
C PHE E 96 -10.61 -26.46 -16.07
N GLY E 97 -11.03 -26.44 -17.34
CA GLY E 97 -10.08 -26.17 -18.41
C GLY E 97 -9.47 -24.79 -18.32
N ASP E 98 -10.31 -23.77 -18.09
CA ASP E 98 -9.88 -22.38 -17.96
C ASP E 98 -10.51 -21.81 -16.69
N ARG E 99 -9.81 -21.97 -15.57
CA ARG E 99 -10.37 -21.65 -14.27
C ARG E 99 -10.81 -20.19 -14.17
N GLY E 100 -10.21 -19.28 -14.94
CA GLY E 100 -10.65 -17.91 -14.89
C GLY E 100 -12.04 -17.72 -15.45
N LYS E 101 -12.36 -18.45 -16.51
CA LYS E 101 -13.70 -18.38 -17.09
C LYS E 101 -14.76 -18.80 -16.09
N ALA E 102 -14.46 -19.79 -15.25
CA ALA E 102 -15.39 -20.26 -14.24
C ALA E 102 -15.33 -19.44 -12.98
N ARG E 103 -14.19 -18.82 -12.68
CA ARG E 103 -14.10 -17.92 -11.55
C ARG E 103 -14.98 -16.70 -11.76
N ASP E 104 -15.10 -16.26 -13.01
CA ASP E 104 -16.10 -15.23 -13.32
C ASP E 104 -17.52 -15.68 -12.96
N HIS E 105 -17.85 -16.94 -13.25
CA HIS E 105 -19.19 -17.42 -12.95
C HIS E 105 -19.41 -17.61 -11.46
N LEU E 106 -18.40 -18.10 -10.75
CA LEU E 106 -18.50 -18.17 -9.29
C LEU E 106 -18.64 -16.78 -8.68
N ALA E 107 -17.99 -15.78 -9.27
CA ALA E 107 -18.10 -14.43 -8.72
C ALA E 107 -19.47 -13.83 -9.01
N VAL E 108 -20.01 -14.07 -10.21
CA VAL E 108 -21.40 -13.68 -10.48
C VAL E 108 -22.34 -14.39 -9.52
N LEU E 109 -21.99 -15.62 -9.14
CA LEU E 109 -22.86 -16.39 -8.26
C LEU E 109 -22.79 -15.89 -6.83
N ASP E 110 -21.63 -15.37 -6.41
CA ASP E 110 -21.43 -14.99 -5.02
C ASP E 110 -21.76 -13.54 -4.71
N ARG E 111 -21.95 -12.70 -5.70
CA ARG E 111 -22.41 -11.34 -5.46
C ARG E 111 -23.92 -11.23 -5.56
N THR E 112 -24.63 -12.34 -5.52
CA THR E 112 -26.07 -12.31 -5.63
C THR E 112 -26.70 -11.73 -4.37
N GLU E 113 -27.73 -10.91 -4.58
CA GLU E 113 -28.45 -10.25 -3.50
C GLU E 113 -29.71 -9.68 -4.11
N PHE E 114 -30.71 -9.44 -3.27
CA PHE E 114 -32.02 -9.01 -3.76
C PHE E 114 -32.30 -7.56 -3.43
N ASP E 115 -32.58 -6.78 -4.46
CA ASP E 115 -32.99 -5.39 -4.30
C ASP E 115 -34.36 -5.33 -3.63
N THR E 116 -34.62 -4.22 -2.92
CA THR E 116 -35.84 -4.12 -2.15
C THR E 116 -37.08 -4.22 -3.04
N ASP E 117 -37.01 -3.67 -4.25
CA ASP E 117 -38.15 -3.73 -5.15
C ASP E 117 -38.42 -5.17 -5.56
N VAL E 118 -39.70 -5.48 -5.76
CA VAL E 118 -40.07 -6.78 -6.29
C VAL E 118 -39.77 -6.86 -7.78
N ARG E 119 -39.57 -5.71 -8.44
CA ARG E 119 -39.32 -5.72 -9.87
C ARG E 119 -37.96 -6.30 -10.21
N HIS E 120 -36.93 -5.93 -9.46
CA HIS E 120 -35.57 -6.38 -9.73
C HIS E 120 -35.28 -7.77 -9.17
N ASP E 121 -36.27 -8.38 -8.53
CA ASP E 121 -36.03 -9.66 -7.87
C ASP E 121 -35.87 -10.79 -8.88
N ALA E 122 -36.67 -10.80 -9.94
CA ALA E 122 -36.63 -11.90 -10.89
C ALA E 122 -35.35 -11.90 -11.71
N GLU E 123 -34.74 -10.72 -11.90
CA GLU E 123 -33.55 -10.64 -12.76
C GLU E 123 -32.34 -11.33 -12.13
N ILE E 124 -32.17 -11.22 -10.81
CA ILE E 124 -31.07 -11.90 -10.16
C ILE E 124 -31.28 -13.41 -10.24
N VAL E 125 -32.53 -13.85 -10.08
CA VAL E 125 -32.83 -15.27 -10.17
C VAL E 125 -32.39 -15.81 -11.51
N GLU E 126 -32.48 -15.02 -12.56
CA GLU E 126 -32.10 -15.51 -13.88
C GLU E 126 -30.61 -15.37 -14.12
N ARG E 127 -30.01 -14.27 -13.69
CA ARG E 127 -28.57 -14.10 -13.93
C ARG E 127 -27.76 -15.11 -13.15
N ALA E 128 -28.12 -15.39 -11.91
CA ALA E 128 -27.40 -16.41 -11.16
C ALA E 128 -27.58 -17.78 -11.79
N LEU E 129 -28.77 -18.07 -12.32
CA LEU E 129 -29.00 -19.39 -12.88
C LEU E 129 -28.25 -19.57 -14.19
N VAL E 130 -28.17 -18.50 -14.99
CA VAL E 130 -27.32 -18.52 -16.17
C VAL E 130 -25.87 -18.74 -15.77
N SER E 131 -25.43 -18.12 -14.67
CA SER E 131 -24.07 -18.31 -14.23
C SER E 131 -23.82 -19.70 -13.68
N ALA E 132 -24.86 -20.39 -13.22
CA ALA E 132 -24.72 -21.67 -12.55
C ALA E 132 -24.84 -22.85 -13.51
N VAL E 133 -25.82 -22.81 -14.42
CA VAL E 133 -25.96 -23.88 -15.40
C VAL E 133 -24.76 -23.92 -16.33
N ILE E 134 -24.26 -22.75 -16.73
CA ILE E 134 -23.05 -22.71 -17.54
C ILE E 134 -21.89 -23.29 -16.78
N LEU E 135 -21.83 -23.02 -15.47
CA LEU E 135 -20.80 -23.62 -14.64
C LEU E 135 -20.91 -25.14 -14.60
N ALA E 136 -22.12 -25.65 -14.41
CA ALA E 136 -22.29 -27.10 -14.36
C ALA E 136 -21.99 -27.75 -15.69
N LYS E 137 -22.27 -27.05 -16.79
CA LYS E 137 -21.94 -27.60 -18.10
C LYS E 137 -20.45 -27.58 -18.36
N MET E 138 -19.74 -26.55 -17.86
CA MET E 138 -18.29 -26.61 -17.90
C MET E 138 -17.77 -27.75 -17.05
N SER E 139 -18.53 -28.12 -16.02
CA SER E 139 -18.13 -29.26 -15.19
C SER E 139 -18.21 -30.58 -15.96
N VAL E 140 -19.13 -30.68 -16.92
CA VAL E 140 -19.28 -31.93 -17.68
C VAL E 140 -18.66 -31.85 -19.05
N ARG E 141 -18.04 -30.73 -19.41
CA ARG E 141 -17.44 -30.53 -20.73
C ARG E 141 -18.49 -30.61 -21.84
N GLU E 142 -19.69 -30.11 -21.57
CA GLU E 142 -20.74 -30.13 -22.57
C GLU E 142 -20.73 -28.85 -23.41
N THR E 143 -21.30 -28.95 -24.60
CA THR E 143 -21.31 -27.86 -25.56
C THR E 143 -21.89 -26.59 -24.94
N LEU E 144 -21.32 -25.44 -25.29
CA LEU E 144 -21.77 -24.16 -24.78
C LEU E 144 -22.15 -23.24 -25.93
N VAL E 145 -23.12 -22.35 -25.67
CA VAL E 145 -23.48 -21.36 -26.66
C VAL E 145 -22.32 -20.39 -26.86
N THR E 146 -22.09 -20.01 -28.12
CA THR E 146 -21.01 -19.10 -28.44
C THR E 146 -21.43 -17.87 -29.23
N ALA E 147 -22.54 -17.94 -29.97
CA ALA E 147 -22.93 -16.81 -30.80
C ALA E 147 -23.19 -15.59 -29.94
N ILE E 148 -22.78 -14.42 -30.43
CA ILE E 148 -22.86 -13.20 -29.65
C ILE E 148 -24.32 -12.91 -29.32
N GLY E 149 -24.57 -12.50 -28.08
CA GLY E 149 -25.90 -12.22 -27.61
C GLY E 149 -26.72 -13.44 -27.25
N GLN E 150 -26.20 -14.64 -27.47
CA GLN E 150 -26.91 -15.86 -27.16
C GLN E 150 -26.56 -16.33 -25.76
N THR E 151 -27.47 -17.08 -25.15
CA THR E 151 -27.31 -17.49 -23.77
C THR E 151 -27.89 -18.88 -23.59
N GLU E 152 -27.29 -19.64 -22.69
CA GLU E 152 -27.79 -20.98 -22.40
C GLU E 152 -29.20 -20.88 -21.81
N PRO E 153 -30.16 -21.64 -22.33
CA PRO E 153 -31.48 -21.67 -21.68
C PRO E 153 -31.41 -22.40 -20.36
N ILE E 154 -32.07 -21.84 -19.35
CA ILE E 154 -32.09 -22.47 -18.05
C ILE E 154 -32.87 -23.78 -18.17
N ALA E 155 -32.19 -24.90 -17.95
CA ALA E 155 -32.85 -26.19 -18.01
C ALA E 155 -32.11 -27.16 -17.11
N PHE E 156 -32.86 -28.07 -16.53
CA PHE E 156 -32.28 -29.04 -15.62
C PHE E 156 -31.31 -29.93 -16.37
N VAL E 157 -30.25 -30.34 -15.69
CA VAL E 157 -29.19 -31.12 -16.33
C VAL E 157 -29.16 -32.54 -15.77
N HIS E 158 -28.99 -33.50 -16.68
CA HIS E 158 -28.88 -34.92 -16.34
C HIS E 158 -30.03 -35.37 -15.46
N LEU E 159 -31.22 -35.24 -15.99
CA LEU E 159 -32.42 -35.68 -15.31
C LEU E 159 -33.31 -36.38 -16.32
N LYS E 160 -34.01 -37.41 -15.85
CA LYS E 160 -34.80 -38.26 -16.72
C LYS E 160 -35.91 -37.47 -17.40
N ASP E 161 -36.33 -37.98 -18.58
CA ASP E 161 -37.46 -37.42 -19.31
C ASP E 161 -38.71 -37.42 -18.46
N THR E 162 -39.00 -38.56 -17.82
CA THR E 162 -40.14 -38.61 -16.90
C THR E 162 -39.94 -37.68 -15.72
N GLU E 163 -38.71 -37.58 -15.21
CA GLU E 163 -38.49 -36.77 -14.02
C GLU E 163 -38.68 -35.28 -14.30
N VAL E 164 -38.23 -34.81 -15.46
CA VAL E 164 -38.45 -33.40 -15.75
C VAL E 164 -39.89 -33.16 -16.15
N GLN E 165 -40.52 -34.11 -16.86
CA GLN E 165 -41.94 -33.96 -17.13
C GLN E 165 -42.75 -33.94 -15.84
N ARG E 166 -42.20 -34.53 -14.77
CA ARG E 166 -42.88 -34.60 -13.50
C ARG E 166 -42.66 -33.34 -12.68
N ILE E 167 -41.45 -32.78 -12.70
CA ILE E 167 -41.21 -31.54 -11.97
C ILE E 167 -41.84 -30.36 -12.70
N GLU E 168 -41.97 -30.43 -14.01
CA GLU E 168 -42.61 -29.32 -14.72
C GLU E 168 -44.11 -29.28 -14.49
N GLU E 169 -44.73 -30.43 -14.20
CA GLU E 169 -46.12 -30.39 -13.75
C GLU E 169 -46.25 -29.64 -12.44
N ASN E 170 -45.27 -29.81 -11.55
CA ASN E 170 -45.26 -29.07 -10.30
C ASN E 170 -45.04 -27.58 -10.56
N LEU E 171 -44.01 -27.24 -11.33
CA LEU E 171 -43.70 -25.84 -11.56
C LEU E 171 -44.83 -25.14 -12.30
N GLU E 172 -45.59 -25.88 -13.10
CA GLU E 172 -46.78 -25.32 -13.72
C GLU E 172 -47.91 -25.17 -12.71
N GLY E 173 -48.08 -26.14 -11.82
CA GLY E 173 -49.11 -26.03 -10.82
C GLY E 173 -48.84 -25.01 -9.75
N VAL E 174 -47.61 -24.49 -9.72
CA VAL E 174 -47.34 -23.29 -8.96
C VAL E 174 -47.98 -22.08 -9.63
N ARG E 175 -47.95 -22.04 -10.97
CA ARG E 175 -48.47 -20.89 -11.69
C ARG E 175 -49.96 -20.73 -11.50
N ARG E 176 -50.70 -21.83 -11.41
CA ARG E 176 -52.15 -21.73 -11.30
C ARG E 176 -52.61 -21.47 -9.87
N ASN E 177 -51.78 -21.74 -8.87
CA ASN E 177 -52.07 -21.34 -7.50
C ASN E 177 -50.78 -21.07 -6.75
N MET E 178 -50.35 -19.82 -6.69
CA MET E 178 -49.02 -19.52 -6.19
C MET E 178 -48.90 -19.60 -4.67
N PHE E 179 -49.96 -19.25 -3.93
CA PHE E 179 -49.81 -19.03 -2.50
C PHE E 179 -49.31 -20.27 -1.78
N CYS E 180 -49.64 -21.46 -2.28
CA CYS E 180 -49.26 -22.70 -1.64
C CYS E 180 -48.58 -23.61 -2.66
N VAL E 181 -47.49 -24.26 -2.24
CA VAL E 181 -46.74 -25.19 -3.07
C VAL E 181 -46.56 -26.48 -2.29
N LYS E 182 -46.64 -27.61 -3.00
CA LYS E 182 -46.40 -28.91 -2.40
C LYS E 182 -45.07 -29.45 -2.88
N PRO E 183 -44.09 -29.63 -1.99
CA PRO E 183 -42.76 -30.07 -2.45
C PRO E 183 -42.83 -31.46 -3.03
N LEU E 184 -42.02 -31.69 -4.08
CA LEU E 184 -42.09 -32.96 -4.78
C LEU E 184 -41.68 -34.12 -3.88
N ASP E 185 -42.42 -35.23 -3.97
CA ASP E 185 -41.94 -36.46 -3.36
C ASP E 185 -40.58 -36.81 -3.91
N LEU E 186 -40.40 -36.62 -5.22
CA LEU E 186 -39.14 -36.89 -5.87
C LEU E 186 -38.07 -35.88 -5.43
N ASN E 187 -36.85 -36.38 -5.18
CA ASN E 187 -35.72 -35.54 -4.84
C ASN E 187 -34.76 -35.46 -6.03
N LEU E 188 -34.31 -34.23 -6.31
CA LEU E 188 -33.42 -33.96 -7.44
C LEU E 188 -32.06 -34.62 -7.30
N ASP E 189 -31.70 -35.07 -6.09
CA ASP E 189 -30.42 -35.73 -5.89
C ASP E 189 -30.31 -36.98 -6.74
N ARG E 190 -29.09 -37.28 -7.19
CA ARG E 190 -28.80 -38.49 -7.94
C ARG E 190 -27.46 -39.04 -7.49
N HIS E 191 -27.36 -40.37 -7.39
CA HIS E 191 -26.06 -40.93 -7.04
C HIS E 191 -25.08 -40.83 -8.19
N ALA E 192 -25.57 -40.83 -9.43
CA ALA E 192 -24.65 -40.73 -10.55
C ALA E 192 -24.08 -39.31 -10.71
N ASN E 193 -24.84 -38.29 -10.33
CA ASN E 193 -24.43 -36.92 -10.61
C ASN E 193 -23.39 -36.42 -9.62
N THR E 194 -22.56 -35.50 -10.09
CA THR E 194 -21.62 -34.79 -9.23
C THR E 194 -22.37 -33.91 -8.24
N ALA E 195 -21.78 -33.69 -7.06
CA ALA E 195 -22.48 -32.89 -6.05
C ALA E 195 -22.77 -31.49 -6.55
N LEU E 196 -21.87 -30.92 -7.34
CA LEU E 196 -22.13 -29.60 -7.88
C LEU E 196 -23.36 -29.62 -8.77
N VAL E 197 -23.55 -30.68 -9.52
CA VAL E 197 -24.70 -30.78 -10.41
C VAL E 197 -25.99 -30.82 -9.62
N ASN E 198 -26.00 -31.55 -8.50
CA ASN E 198 -27.19 -31.60 -7.66
C ASN E 198 -27.48 -30.24 -7.03
N ALA E 199 -26.44 -29.52 -6.61
CA ALA E 199 -26.69 -28.20 -6.05
C ALA E 199 -27.22 -27.26 -7.12
N VAL E 200 -26.72 -27.39 -8.35
CA VAL E 200 -27.17 -26.57 -9.46
C VAL E 200 -28.62 -26.89 -9.79
N ASN E 201 -29.00 -28.17 -9.74
CA ASN E 201 -30.37 -28.56 -10.03
C ASN E 201 -31.33 -28.01 -8.99
N LYS E 202 -30.97 -28.07 -7.71
CA LYS E 202 -31.86 -27.51 -6.69
C LYS E 202 -31.92 -25.99 -6.82
N LEU E 203 -30.82 -25.36 -7.23
CA LEU E 203 -30.84 -23.93 -7.43
C LEU E 203 -31.76 -23.55 -8.59
N VAL E 204 -31.69 -24.29 -9.69
CA VAL E 204 -32.57 -24.05 -10.81
C VAL E 204 -34.01 -24.24 -10.40
N TYR E 205 -34.28 -25.22 -9.54
CA TYR E 205 -35.65 -25.44 -9.12
C TYR E 205 -36.17 -24.25 -8.34
N THR E 206 -35.41 -23.77 -7.36
CA THR E 206 -35.86 -22.59 -6.62
C THR E 206 -35.98 -21.38 -7.52
N GLY E 207 -35.10 -21.25 -8.51
CA GLY E 207 -35.18 -20.11 -9.39
C GLY E 207 -36.43 -20.13 -10.25
N ARG E 208 -36.74 -21.29 -10.84
CA ARG E 208 -37.95 -21.41 -11.66
C ARG E 208 -39.19 -21.26 -10.80
N LEU E 209 -39.11 -21.66 -9.53
CA LEU E 209 -40.25 -21.47 -8.63
C LEU E 209 -40.50 -20.01 -8.35
N ILE E 210 -39.44 -19.26 -8.03
CA ILE E 210 -39.56 -17.83 -7.80
C ILE E 210 -40.10 -17.14 -9.04
N MET E 211 -39.58 -17.50 -10.22
CA MET E 211 -40.02 -16.85 -11.44
C MET E 211 -41.48 -17.15 -11.75
N ASN E 212 -41.91 -18.40 -11.55
CA ASN E 212 -43.31 -18.75 -11.82
C ASN E 212 -44.23 -18.02 -10.87
N VAL E 213 -43.83 -17.83 -9.61
CA VAL E 213 -44.72 -17.16 -8.67
C VAL E 213 -44.82 -15.67 -9.02
N ARG E 214 -43.68 -15.05 -9.27
CA ARG E 214 -43.65 -13.62 -9.55
C ARG E 214 -44.46 -13.27 -10.80
N ARG E 215 -44.17 -13.95 -11.92
CA ARG E 215 -44.81 -13.57 -13.17
C ARG E 215 -46.31 -13.78 -13.11
N SER E 216 -46.76 -14.88 -12.53
CA SER E 216 -48.19 -15.15 -12.48
C SER E 216 -48.89 -14.17 -11.56
N TRP E 217 -48.26 -13.84 -10.42
CA TRP E 217 -48.91 -12.90 -9.52
C TRP E 217 -49.10 -11.55 -10.17
N GLU E 218 -48.04 -11.02 -10.79
CA GLU E 218 -48.19 -9.73 -11.44
C GLU E 218 -49.19 -9.79 -12.59
N GLU E 219 -49.28 -10.94 -13.27
CA GLU E 219 -50.24 -11.03 -14.37
C GLU E 219 -51.67 -10.95 -13.86
N LEU E 220 -51.98 -11.71 -12.80
CA LEU E 220 -53.32 -11.63 -12.23
C LEU E 220 -53.62 -10.24 -11.72
N GLU E 221 -52.63 -9.60 -11.08
CA GLU E 221 -52.88 -8.32 -10.47
C GLU E 221 -53.23 -7.27 -11.51
N ARG E 222 -52.52 -7.24 -12.63
CA ARG E 222 -52.87 -6.26 -13.66
C ARG E 222 -54.18 -6.65 -14.37
N LYS E 223 -54.44 -7.94 -14.52
CA LYS E 223 -55.67 -8.35 -15.21
C LYS E 223 -56.90 -7.93 -14.42
N CYS E 224 -56.84 -8.01 -13.09
CA CYS E 224 -58.00 -7.63 -12.29
C CYS E 224 -58.36 -6.17 -12.51
N LEU E 225 -57.40 -5.27 -12.49
CA LEU E 225 -57.68 -3.87 -12.75
C LEU E 225 -58.14 -3.66 -14.19
N ALA E 226 -57.69 -4.51 -15.11
CA ALA E 226 -58.20 -4.34 -16.47
C ALA E 226 -59.69 -4.65 -16.53
N ARG E 227 -60.11 -5.74 -15.90
CA ARG E 227 -61.53 -6.06 -15.87
C ARG E 227 -62.32 -5.02 -15.09
N ILE E 228 -61.71 -4.38 -14.10
CA ILE E 228 -62.45 -3.42 -13.29
C ILE E 228 -62.78 -2.17 -14.10
N GLN E 229 -61.81 -1.62 -14.83
CA GLN E 229 -62.13 -0.52 -15.73
C GLN E 229 -63.10 -0.98 -16.82
N GLU E 230 -62.93 -2.21 -17.32
CA GLU E 230 -63.88 -2.72 -18.30
C GLU E 230 -65.30 -2.66 -17.77
N ARG E 231 -65.48 -2.96 -16.49
CA ARG E 231 -66.82 -2.96 -15.92
C ARG E 231 -67.32 -1.55 -15.66
N CYS E 232 -66.48 -0.66 -15.14
CA CYS E 232 -66.97 0.65 -14.76
C CYS E 232 -67.32 1.49 -15.99
N LYS E 233 -66.56 1.35 -17.08
CA LYS E 233 -66.88 2.07 -18.30
C LYS E 233 -68.26 1.69 -18.84
N LEU E 234 -68.62 0.41 -18.76
CA LEU E 234 -69.93 -0.03 -19.23
C LEU E 234 -71.02 0.29 -18.24
N LEU E 235 -70.72 0.21 -16.94
CA LEU E 235 -71.73 0.47 -15.94
C LEU E 235 -72.15 1.92 -15.96
N VAL E 236 -71.22 2.84 -16.24
CA VAL E 236 -71.62 4.24 -16.34
C VAL E 236 -72.57 4.45 -17.51
N LYS E 237 -72.29 3.78 -18.64
CA LYS E 237 -73.22 3.88 -19.76
C LYS E 237 -74.59 3.34 -19.38
N GLU E 238 -74.64 2.30 -18.56
CA GLU E 238 -75.94 1.77 -18.17
C GLU E 238 -76.66 2.72 -17.23
N LEU E 239 -75.95 3.30 -16.27
CA LEU E 239 -76.58 4.15 -15.28
C LEU E 239 -77.07 5.46 -15.88
N ARG E 240 -76.39 5.95 -16.91
CA ARG E 240 -76.85 7.18 -17.54
C ARG E 240 -78.23 7.00 -18.15
N MET E 241 -78.59 5.77 -18.51
CA MET E 241 -79.81 5.54 -19.28
C MET E 241 -81.06 5.91 -18.51
N CYS E 242 -81.05 5.80 -17.17
CA CYS E 242 -82.25 6.01 -16.38
C CYS E 242 -81.92 6.87 -15.17
N LEU E 243 -82.12 8.17 -15.31
CA LEU E 243 -81.81 9.10 -14.23
C LEU E 243 -82.82 8.95 -13.10
N SER E 244 -82.32 8.98 -11.87
CA SER E 244 -83.13 9.09 -10.68
C SER E 244 -82.18 9.51 -9.58
N PHE E 245 -82.70 9.62 -8.36
CA PHE E 245 -81.79 9.97 -7.27
C PHE E 245 -80.69 8.95 -7.12
N ASP E 246 -81.03 7.66 -7.12
CA ASP E 246 -80.02 6.65 -6.83
C ASP E 246 -79.20 6.26 -8.05
N SER E 247 -79.79 6.26 -9.24
CA SER E 247 -78.98 6.02 -10.42
C SER E 247 -77.98 7.15 -10.61
N ASN E 248 -78.38 8.38 -10.33
CA ASN E 248 -77.43 9.48 -10.39
C ASN E 248 -76.45 9.46 -9.23
N TYR E 249 -76.73 8.69 -8.18
CA TYR E 249 -75.77 8.58 -7.09
C TYR E 249 -74.63 7.64 -7.44
N CYS E 250 -74.92 6.50 -8.06
CA CYS E 250 -73.85 5.56 -8.38
C CYS E 250 -72.90 6.13 -9.42
N ARG E 251 -73.38 6.98 -10.32
CA ARG E 251 -72.47 7.58 -11.28
C ARG E 251 -71.46 8.49 -10.58
N ASN E 252 -71.92 9.32 -9.66
CA ASN E 252 -70.99 10.18 -8.95
C ASN E 252 -70.02 9.39 -8.10
N ILE E 253 -70.37 8.15 -7.75
CA ILE E 253 -69.39 7.27 -7.14
C ILE E 253 -68.37 6.80 -8.19
N LEU E 254 -68.85 6.48 -9.37
CA LEU E 254 -67.96 5.91 -10.38
C LEU E 254 -67.13 6.95 -11.13
N LYS E 255 -67.31 8.25 -10.84
CA LYS E 255 -66.54 9.27 -11.54
C LYS E 255 -65.04 9.15 -11.28
N HIS E 256 -64.65 8.50 -10.19
CA HIS E 256 -63.27 8.51 -9.72
C HIS E 256 -62.37 7.53 -10.49
N ALA E 257 -61.06 7.74 -10.31
CA ALA E 257 -60.04 6.94 -10.99
C ALA E 257 -60.08 5.49 -10.54
N VAL E 258 -59.65 4.59 -11.44
CA VAL E 258 -59.64 3.16 -11.16
C VAL E 258 -58.25 2.57 -10.92
N GLU E 259 -57.21 3.26 -11.35
CA GLU E 259 -55.82 2.83 -11.23
C GLU E 259 -55.44 2.53 -9.77
N ASN E 260 -54.27 1.93 -9.56
CA ASN E 260 -53.65 1.88 -8.23
C ASN E 260 -54.44 1.13 -7.18
N GLY E 261 -54.50 -0.20 -7.25
CA GLY E 261 -55.49 -1.01 -6.53
C GLY E 261 -55.86 -0.58 -5.12
N ASP E 262 -55.06 0.27 -4.46
CA ASP E 262 -55.57 0.97 -3.28
C ASP E 262 -56.75 1.87 -3.63
N SER E 263 -56.78 2.43 -4.85
CA SER E 263 -57.95 3.16 -5.29
C SER E 263 -59.15 2.24 -5.46
N ALA E 264 -58.93 1.01 -5.93
CA ALA E 264 -60.02 0.05 -5.92
C ALA E 264 -60.47 -0.26 -4.50
N ASP E 265 -59.55 -0.28 -3.55
CA ASP E 265 -59.98 -0.44 -2.16
C ASP E 265 -60.83 0.74 -1.73
N THR E 266 -60.43 1.95 -2.11
CA THR E 266 -61.20 3.14 -1.77
C THR E 266 -62.59 3.05 -2.35
N LEU E 267 -62.68 2.64 -3.61
CA LEU E 267 -63.96 2.53 -4.29
C LEU E 267 -64.83 1.47 -3.65
N LEU E 268 -64.24 0.38 -3.19
CA LEU E 268 -65.05 -0.66 -2.59
C LEU E 268 -65.57 -0.23 -1.23
N GLU E 269 -64.74 0.44 -0.44
CA GLU E 269 -65.20 0.86 0.88
C GLU E 269 -66.25 1.96 0.76
N LEU E 270 -66.04 2.92 -0.12
CA LEU E 270 -67.06 3.94 -0.34
C LEU E 270 -68.31 3.33 -0.97
N LEU E 271 -68.15 2.27 -1.75
CA LEU E 271 -69.30 1.65 -2.40
C LEU E 271 -70.10 0.82 -1.43
N ILE E 272 -69.46 0.26 -0.41
CA ILE E 272 -70.19 -0.50 0.60
C ILE E 272 -70.89 0.43 1.57
N GLU E 273 -70.15 1.41 2.12
CA GLU E 273 -70.74 2.22 3.18
C GLU E 273 -71.94 3.01 2.67
N ASP E 274 -71.95 3.34 1.38
CA ASP E 274 -73.07 4.02 0.74
C ASP E 274 -73.98 3.08 -0.01
N PHE E 275 -73.99 1.79 0.34
CA PHE E 275 -74.82 0.85 -0.41
C PHE E 275 -76.30 1.06 -0.17
N ASP E 276 -76.70 1.37 1.07
CA ASP E 276 -78.11 1.37 1.40
C ASP E 276 -78.90 2.33 0.52
N ILE E 277 -78.23 3.35 0.00
CA ILE E 277 -78.94 4.47 -0.58
C ILE E 277 -79.30 4.23 -2.03
N TYR E 278 -78.46 3.50 -2.77
CA TYR E 278 -78.72 3.25 -4.18
C TYR E 278 -79.10 1.81 -4.49
N VAL E 279 -79.46 1.01 -3.48
CA VAL E 279 -79.80 -0.38 -3.72
C VAL E 279 -81.07 -0.50 -4.56
N ASP E 280 -81.99 0.46 -4.45
CA ASP E 280 -83.21 0.41 -5.23
C ASP E 280 -83.00 0.81 -6.67
N SER E 281 -81.84 1.35 -7.03
CA SER E 281 -81.63 1.73 -8.42
C SER E 281 -81.48 0.54 -9.33
N PHE E 282 -81.07 -0.61 -8.79
CA PHE E 282 -80.81 -1.78 -9.61
C PHE E 282 -82.02 -2.70 -9.59
N PRO E 283 -82.56 -3.07 -10.75
CA PRO E 283 -83.69 -4.01 -10.76
C PRO E 283 -83.27 -5.37 -10.26
N GLN E 284 -84.21 -6.04 -9.59
CA GLN E 284 -84.04 -7.40 -9.11
C GLN E 284 -85.34 -8.15 -9.33
N SER E 285 -85.22 -9.46 -9.45
CA SER E 285 -86.36 -10.33 -9.76
C SER E 285 -87.00 -9.91 -11.08
N MET F 1 -47.09 -26.29 36.81
CA MET F 1 -47.82 -27.32 36.08
C MET F 1 -48.42 -28.34 37.03
N SER F 2 -48.23 -28.12 38.33
CA SER F 2 -48.84 -28.95 39.36
C SER F 2 -49.44 -28.06 40.45
N LEU F 3 -50.13 -27.00 40.02
CA LEU F 3 -50.60 -25.99 40.96
C LEU F 3 -51.76 -26.52 41.79
N GLN F 4 -51.80 -26.09 43.05
CA GLN F 4 -52.84 -26.52 43.97
C GLN F 4 -53.35 -25.31 44.74
N PHE F 5 -54.54 -25.45 45.32
CA PHE F 5 -55.14 -24.38 46.08
C PHE F 5 -55.83 -24.99 47.29
N ILE F 6 -56.06 -24.16 48.30
CA ILE F 6 -56.50 -24.70 49.59
C ILE F 6 -58.01 -24.85 49.64
N GLY F 7 -58.72 -23.73 49.56
CA GLY F 7 -60.15 -23.77 49.80
C GLY F 7 -61.07 -23.69 48.61
N LEU F 8 -60.53 -23.60 47.40
CA LEU F 8 -61.35 -23.33 46.24
C LEU F 8 -62.21 -24.52 45.86
N GLN F 9 -63.41 -24.24 45.38
CA GLN F 9 -64.25 -25.30 44.86
C GLN F 9 -63.66 -25.83 43.55
N ARG F 10 -63.84 -27.13 43.32
CA ARG F 10 -63.17 -27.79 42.22
C ARG F 10 -63.54 -27.16 40.88
N ARG F 11 -64.79 -26.73 40.72
CA ARG F 11 -65.17 -26.04 39.49
C ARG F 11 -64.42 -24.73 39.35
N ASP F 12 -64.19 -24.02 40.46
CA ASP F 12 -63.39 -22.82 40.39
C ASP F 12 -61.93 -23.14 40.11
N VAL F 13 -61.44 -24.28 40.60
CA VAL F 13 -60.07 -24.67 40.28
C VAL F 13 -59.93 -24.98 38.81
N VAL F 14 -61.00 -25.46 38.17
CA VAL F 14 -60.93 -25.74 36.74
C VAL F 14 -60.68 -24.46 35.94
N ALA F 15 -61.42 -23.40 36.25
CA ALA F 15 -61.23 -22.15 35.52
C ALA F 15 -59.84 -21.57 35.76
N LEU F 16 -59.35 -21.64 36.99
CA LEU F 16 -58.03 -21.10 37.28
C LEU F 16 -56.93 -21.90 36.60
N VAL F 17 -57.07 -23.22 36.52
CA VAL F 17 -56.04 -24.01 35.86
C VAL F 17 -56.10 -23.79 34.36
N ASN F 18 -57.30 -23.66 33.80
CA ASN F 18 -57.42 -23.38 32.38
C ASN F 18 -56.95 -21.98 32.03
N PHE F 19 -56.97 -21.05 32.99
CA PHE F 19 -56.44 -19.71 32.72
C PHE F 19 -54.96 -19.75 32.36
N LEU F 20 -54.24 -20.76 32.83
CA LEU F 20 -52.85 -20.91 32.45
C LEU F 20 -52.70 -21.21 30.97
N ARG F 21 -53.52 -22.13 30.45
CA ARG F 21 -53.32 -22.59 29.08
C ARG F 21 -53.85 -21.60 28.04
N HIS F 22 -54.79 -20.73 28.41
CA HIS F 22 -55.37 -19.78 27.48
C HIS F 22 -54.86 -18.36 27.72
N LEU F 23 -53.73 -18.21 28.42
CA LEU F 23 -53.28 -16.91 28.88
C LEU F 23 -52.91 -15.98 27.72
N THR F 24 -51.96 -16.41 26.89
CA THR F 24 -51.43 -15.53 25.85
C THR F 24 -52.45 -15.26 24.75
N GLN F 25 -53.34 -16.21 24.51
CA GLN F 25 -54.29 -16.07 23.41
C GLN F 25 -55.22 -14.88 23.64
N LYS F 26 -55.72 -14.72 24.86
CA LYS F 26 -56.73 -13.70 25.13
C LYS F 26 -56.10 -12.30 25.15
N PRO F 27 -56.90 -11.27 24.88
CA PRO F 27 -56.40 -9.90 25.03
C PRO F 27 -56.26 -9.55 26.50
N ASP F 28 -55.63 -8.40 26.76
CA ASP F 28 -55.43 -7.93 28.12
C ASP F 28 -54.68 -8.94 28.97
N VAL F 29 -53.44 -9.23 28.62
CA VAL F 29 -52.65 -10.18 29.40
C VAL F 29 -52.08 -9.43 30.59
N ASP F 30 -52.85 -9.39 31.68
CA ASP F 30 -52.35 -8.93 32.97
C ASP F 30 -53.29 -9.45 34.04
N LEU F 31 -52.73 -9.82 35.20
CA LEU F 31 -53.56 -10.47 36.20
C LEU F 31 -54.59 -9.51 36.75
N GLU F 32 -54.22 -8.25 36.95
CA GLU F 32 -55.22 -7.29 37.38
C GLU F 32 -56.25 -7.05 36.29
N ALA F 33 -55.83 -7.05 35.02
CA ALA F 33 -56.76 -6.79 33.92
C ALA F 33 -57.93 -7.75 33.97
N HIS F 34 -57.74 -8.91 34.57
CA HIS F 34 -58.83 -9.80 34.87
C HIS F 34 -59.15 -9.76 36.36
N PRO F 35 -60.17 -9.00 36.78
CA PRO F 35 -60.58 -9.06 38.18
C PRO F 35 -61.36 -10.31 38.54
N LYS F 36 -62.15 -10.85 37.61
CA LYS F 36 -62.90 -12.07 37.90
C LYS F 36 -61.98 -13.18 38.40
N ILE F 37 -60.82 -13.32 37.78
CA ILE F 37 -59.90 -14.37 38.18
C ILE F 37 -59.44 -14.17 39.62
N LEU F 38 -59.33 -12.91 40.07
CA LEU F 38 -58.94 -12.65 41.45
C LEU F 38 -60.11 -12.79 42.43
N LYS F 39 -61.34 -12.55 41.98
CA LYS F 39 -62.48 -12.93 42.81
C LYS F 39 -62.58 -14.44 42.92
N LYS F 40 -62.19 -15.15 41.86
CA LYS F 40 -62.05 -16.60 41.93
C LYS F 40 -61.02 -17.04 42.96
N CYS F 41 -60.14 -16.13 43.40
CA CYS F 41 -59.04 -16.55 44.26
C CYS F 41 -59.52 -16.98 45.63
N GLY F 42 -60.58 -16.35 46.14
CA GLY F 42 -61.17 -16.82 47.38
C GLY F 42 -61.35 -15.78 48.46
N GLU F 43 -61.40 -14.50 48.09
CA GLU F 43 -61.66 -13.48 49.10
C GLU F 43 -63.09 -13.61 49.62
N LYS F 44 -63.22 -13.59 50.95
CA LYS F 44 -64.49 -13.56 51.68
C LYS F 44 -65.22 -14.89 51.60
N ARG F 45 -64.75 -15.81 50.77
CA ARG F 45 -65.20 -17.19 50.90
C ARG F 45 -64.27 -17.99 51.79
N LEU F 46 -62.97 -17.69 51.75
CA LEU F 46 -61.97 -18.40 52.52
C LEU F 46 -61.33 -17.44 53.52
N HIS F 47 -60.74 -18.01 54.54
CA HIS F 47 -60.10 -17.21 55.59
C HIS F 47 -58.88 -16.46 55.05
N ARG F 48 -58.53 -15.36 55.70
CA ARG F 48 -57.39 -14.51 55.26
C ARG F 48 -56.12 -15.29 55.04
N ARG F 49 -55.82 -16.25 55.92
CA ARG F 49 -54.64 -17.09 55.71
C ARG F 49 -54.76 -17.89 54.44
N THR F 50 -55.97 -18.26 54.07
CA THR F 50 -56.16 -18.99 52.84
C THR F 50 -56.10 -18.06 51.64
N VAL F 51 -56.63 -16.86 51.78
CA VAL F 51 -56.65 -15.93 50.65
C VAL F 51 -55.25 -15.46 50.31
N LEU F 52 -54.49 -15.03 51.31
CA LEU F 52 -53.14 -14.54 51.04
C LEU F 52 -52.27 -15.65 50.51
N PHE F 53 -52.51 -16.90 50.92
CA PHE F 53 -51.72 -17.98 50.36
C PHE F 53 -52.15 -18.30 48.95
N ASN F 54 -53.46 -18.31 48.71
CA ASN F 54 -53.97 -18.58 47.38
C ASN F 54 -53.41 -17.60 46.36
N GLU F 55 -53.24 -16.34 46.76
CA GLU F 55 -52.70 -15.39 45.80
C GLU F 55 -51.22 -15.64 45.54
N LEU F 56 -50.50 -16.24 46.48
CA LEU F 56 -49.12 -16.63 46.22
C LEU F 56 -49.07 -17.67 45.11
N MET F 57 -49.95 -18.65 45.15
CA MET F 57 -49.96 -19.66 44.11
C MET F 57 -50.29 -19.06 42.76
N LEU F 58 -51.27 -18.15 42.71
CA LEU F 58 -51.67 -17.56 41.45
C LEU F 58 -50.56 -16.69 40.88
N TRP F 59 -49.89 -15.91 41.73
CA TRP F 59 -48.87 -15.02 41.22
C TRP F 59 -47.61 -15.78 40.81
N LEU F 60 -47.21 -16.81 41.55
CA LEU F 60 -46.06 -17.59 41.12
C LEU F 60 -46.37 -18.37 39.86
N GLY F 61 -47.57 -18.94 39.75
CA GLY F 61 -47.93 -19.66 38.54
C GLY F 61 -48.07 -18.75 37.34
N TYR F 62 -48.58 -17.53 37.54
CA TYR F 62 -48.68 -16.57 36.46
C TYR F 62 -47.30 -16.12 35.99
N TYR F 63 -46.42 -15.86 36.95
CA TYR F 63 -45.04 -15.56 36.62
C TYR F 63 -44.38 -16.71 35.90
N ARG F 64 -44.82 -17.95 36.18
CA ARG F 64 -44.27 -19.11 35.50
C ARG F 64 -44.78 -19.20 34.06
N GLU F 65 -46.06 -18.94 33.84
CA GLU F 65 -46.58 -18.94 32.48
C GLU F 65 -45.91 -17.86 31.65
N LEU F 66 -45.67 -16.70 32.25
CA LEU F 66 -45.04 -15.61 31.53
C LEU F 66 -43.63 -15.97 31.07
N ARG F 67 -42.91 -16.75 31.85
CA ARG F 67 -41.55 -17.11 31.47
C ARG F 67 -41.55 -18.29 30.51
N PHE F 68 -42.56 -19.17 30.60
CA PHE F 68 -42.68 -20.22 29.60
C PHE F 68 -42.94 -19.64 28.22
N HIS F 69 -43.85 -18.66 28.18
CA HIS F 69 -44.16 -17.96 26.96
C HIS F 69 -43.12 -16.85 26.85
N ASN F 70 -41.85 -17.21 27.07
CA ASN F 70 -40.73 -16.29 27.02
C ASN F 70 -40.79 -15.50 25.73
N PRO F 71 -41.13 -14.21 25.84
CA PRO F 71 -41.29 -13.44 24.61
C PRO F 71 -39.94 -13.13 23.99
N ASP F 72 -39.78 -13.49 22.72
CA ASP F 72 -38.47 -13.68 22.08
C ASP F 72 -38.38 -12.80 20.84
N LEU F 73 -37.91 -11.57 21.03
CA LEU F 73 -37.86 -10.57 19.98
C LEU F 73 -36.71 -10.76 19.01
N SER F 74 -35.79 -11.69 19.28
CA SER F 74 -34.56 -11.72 18.51
C SER F 74 -34.82 -12.04 17.04
N SER F 75 -35.89 -12.79 16.74
CA SER F 75 -36.22 -13.08 15.34
C SER F 75 -36.58 -11.82 14.59
N VAL F 76 -37.42 -10.98 15.19
CA VAL F 76 -37.74 -9.67 14.62
C VAL F 76 -36.59 -8.70 14.82
N LEU F 77 -35.87 -8.83 15.93
CA LEU F 77 -34.79 -7.91 16.22
C LEU F 77 -33.65 -8.03 15.22
N GLU F 78 -33.47 -9.21 14.61
CA GLU F 78 -32.50 -9.28 13.52
C GLU F 78 -33.01 -8.52 12.31
N GLU F 79 -34.30 -8.66 12.00
CA GLU F 79 -34.87 -7.98 10.85
C GLU F 79 -34.80 -6.46 11.02
N PHE F 80 -34.84 -5.97 12.26
CA PHE F 80 -34.71 -4.54 12.47
C PHE F 80 -33.39 -4.02 11.90
N GLU F 81 -32.32 -4.80 12.03
CA GLU F 81 -31.03 -4.34 11.51
C GLU F 81 -31.01 -4.35 9.99
N VAL F 82 -31.68 -5.32 9.36
CA VAL F 82 -31.83 -5.30 7.91
C VAL F 82 -32.57 -4.04 7.48
N ARG F 83 -33.70 -3.74 8.14
CA ARG F 83 -34.46 -2.55 7.77
C ARG F 83 -33.69 -1.27 8.03
N CYS F 84 -32.88 -1.24 9.09
CA CYS F 84 -32.16 -0.03 9.42
C CYS F 84 -31.04 0.23 8.43
N VAL F 85 -30.28 -0.83 8.09
CA VAL F 85 -29.28 -0.70 7.05
C VAL F 85 -29.94 -0.37 5.73
N ALA F 86 -31.17 -0.83 5.51
CA ALA F 86 -31.91 -0.46 4.30
C ALA F 86 -32.29 1.01 4.29
N VAL F 87 -32.51 1.60 5.47
CA VAL F 87 -32.76 3.04 5.55
C VAL F 87 -31.50 3.82 5.20
N ALA F 88 -30.35 3.40 5.73
CA ALA F 88 -29.11 4.07 5.36
C ALA F 88 -28.79 3.88 3.88
N ARG F 89 -29.19 2.75 3.32
CA ARG F 89 -28.99 2.49 1.90
C ARG F 89 -29.59 3.60 1.04
N ARG F 90 -30.65 4.25 1.54
CA ARG F 90 -31.26 5.37 0.85
C ARG F 90 -30.84 6.73 1.40
N GLY F 91 -30.34 6.78 2.63
CA GLY F 91 -29.90 8.07 3.16
C GLY F 91 -28.70 8.64 2.42
N TYR F 92 -27.85 7.78 1.88
CA TYR F 92 -26.67 8.23 1.15
C TYR F 92 -27.03 8.76 -0.23
N THR F 93 -27.86 8.03 -0.96
CA THR F 93 -28.17 8.43 -2.33
C THR F 93 -29.06 9.67 -2.37
N TYR F 94 -29.92 9.84 -1.38
CA TYR F 94 -30.90 10.92 -1.40
C TYR F 94 -30.26 12.30 -1.23
N PRO F 95 -30.60 13.25 -2.09
CA PRO F 95 -30.05 14.61 -1.94
C PRO F 95 -30.76 15.37 -0.83
N PHE F 96 -30.02 16.30 -0.23
CA PHE F 96 -30.54 17.16 0.82
C PHE F 96 -30.18 18.60 0.48
N GLY F 97 -30.89 19.55 1.09
CA GLY F 97 -30.49 20.93 0.99
C GLY F 97 -29.16 21.18 1.69
N ASP F 98 -29.05 20.79 2.95
CA ASP F 98 -27.78 20.76 3.66
C ASP F 98 -27.43 19.33 4.05
N ARG F 99 -26.35 18.81 3.47
CA ARG F 99 -26.00 17.41 3.69
C ARG F 99 -25.04 17.27 4.87
N GLY F 100 -24.27 18.31 5.17
CA GLY F 100 -23.31 18.16 6.23
C GLY F 100 -23.93 18.02 7.60
N LYS F 101 -25.22 18.31 7.72
CA LYS F 101 -25.95 18.07 8.96
C LYS F 101 -26.55 16.67 8.99
N ALA F 102 -27.12 16.22 7.87
CA ALA F 102 -27.72 14.90 7.81
C ALA F 102 -26.68 13.79 7.82
N ARG F 103 -25.44 14.10 7.46
CA ARG F 103 -24.37 13.12 7.58
C ARG F 103 -24.19 12.68 9.03
N ASP F 104 -24.40 13.59 9.98
CA ASP F 104 -24.37 13.20 11.38
C ASP F 104 -25.44 12.17 11.68
N HIS F 105 -26.63 12.39 11.15
CA HIS F 105 -27.73 11.46 11.38
C HIS F 105 -27.48 10.12 10.71
N LEU F 106 -26.86 10.10 9.53
CA LEU F 106 -26.56 8.83 8.89
C LEU F 106 -25.47 8.06 9.66
N ALA F 107 -24.47 8.79 10.19
CA ALA F 107 -23.47 8.12 11.02
C ALA F 107 -24.10 7.55 12.28
N VAL F 108 -24.97 8.33 12.93
CA VAL F 108 -25.62 7.90 14.17
C VAL F 108 -26.55 6.75 13.91
N LEU F 109 -27.13 6.68 12.72
CA LEU F 109 -27.92 5.52 12.34
C LEU F 109 -27.04 4.30 12.12
N ASP F 110 -25.83 4.49 11.59
CA ASP F 110 -24.93 3.36 11.42
C ASP F 110 -24.48 2.75 12.75
N ARG F 111 -24.65 3.47 13.85
CA ARG F 111 -24.13 2.98 15.14
C ARG F 111 -24.96 1.83 15.69
N THR F 112 -26.27 1.80 15.38
CA THR F 112 -27.20 0.97 16.13
C THR F 112 -26.78 -0.50 16.13
N GLU F 113 -26.84 -1.10 17.33
CA GLU F 113 -26.44 -2.48 17.53
C GLU F 113 -27.35 -3.11 18.58
N PHE F 114 -27.42 -4.43 18.55
CA PHE F 114 -28.24 -5.20 19.47
C PHE F 114 -27.36 -5.92 20.48
N ASP F 115 -27.46 -5.53 21.74
CA ASP F 115 -26.84 -6.32 22.79
C ASP F 115 -27.65 -7.59 23.01
N THR F 116 -26.95 -8.64 23.44
CA THR F 116 -27.62 -9.89 23.78
C THR F 116 -28.56 -9.70 24.97
N ASP F 117 -28.35 -8.66 25.76
CA ASP F 117 -29.20 -8.36 26.90
C ASP F 117 -30.30 -7.39 26.47
N VAL F 118 -31.48 -7.57 27.06
CA VAL F 118 -32.67 -6.95 26.52
C VAL F 118 -32.79 -5.49 26.93
N ARG F 119 -32.30 -5.14 28.12
CA ARG F 119 -32.77 -3.95 28.80
C ARG F 119 -32.31 -2.65 28.16
N HIS F 120 -31.28 -2.67 27.32
CA HIS F 120 -30.81 -1.43 26.73
C HIS F 120 -31.49 -1.07 25.41
N ASP F 121 -32.20 -2.01 24.76
CA ASP F 121 -32.71 -1.77 23.42
C ASP F 121 -33.75 -0.65 23.36
N ALA F 122 -34.60 -0.54 24.39
CA ALA F 122 -35.57 0.55 24.41
C ALA F 122 -34.89 1.91 24.44
N GLU F 123 -33.60 1.95 24.78
CA GLU F 123 -32.85 3.18 24.57
C GLU F 123 -32.35 3.29 23.13
N ILE F 124 -31.73 2.23 22.60
CA ILE F 124 -31.11 2.31 21.28
C ILE F 124 -32.14 2.65 20.23
N VAL F 125 -33.32 2.04 20.30
CA VAL F 125 -34.39 2.37 19.37
C VAL F 125 -34.66 3.87 19.38
N GLU F 126 -34.76 4.46 20.56
CA GLU F 126 -35.04 5.89 20.62
C GLU F 126 -33.89 6.70 20.02
N ARG F 127 -32.65 6.22 20.15
CA ARG F 127 -31.54 6.93 19.54
C ARG F 127 -31.59 6.87 18.03
N ALA F 128 -32.27 5.88 17.47
CA ALA F 128 -32.31 5.68 16.03
C ALA F 128 -33.48 6.42 15.38
N LEU F 129 -34.70 6.16 15.85
CA LEU F 129 -35.88 6.74 15.22
C LEU F 129 -35.83 8.26 15.22
N VAL F 130 -35.42 8.86 16.35
CA VAL F 130 -35.28 10.31 16.38
C VAL F 130 -34.27 10.74 15.33
N SER F 131 -33.15 10.03 15.24
CA SER F 131 -32.18 10.34 14.20
C SER F 131 -32.72 10.01 12.82
N ALA F 132 -33.62 9.04 12.71
CA ALA F 132 -34.11 8.68 11.39
C ALA F 132 -35.19 9.65 10.92
N VAL F 133 -36.14 9.99 11.79
CA VAL F 133 -37.22 10.86 11.39
C VAL F 133 -36.74 12.27 11.11
N ILE F 134 -35.79 12.78 11.90
CA ILE F 134 -35.17 14.06 11.56
C ILE F 134 -34.56 13.99 10.16
N LEU F 135 -34.10 12.81 9.76
CA LEU F 135 -33.72 12.62 8.36
C LEU F 135 -34.94 12.66 7.46
N ALA F 136 -35.96 11.85 7.75
CA ALA F 136 -37.07 11.67 6.83
C ALA F 136 -37.83 12.96 6.58
N LYS F 137 -38.00 13.80 7.61
CA LYS F 137 -38.64 15.08 7.40
C LYS F 137 -37.89 15.93 6.40
N MET F 138 -36.55 15.90 6.46
CA MET F 138 -35.75 16.68 5.52
C MET F 138 -35.89 16.14 4.11
N SER F 139 -36.40 14.93 3.95
CA SER F 139 -36.77 14.46 2.63
C SER F 139 -37.86 15.34 2.03
N VAL F 140 -38.87 15.70 2.83
CA VAL F 140 -39.96 16.54 2.35
C VAL F 140 -39.86 17.96 2.91
N ARG F 141 -38.75 18.31 3.55
CA ARG F 141 -38.48 19.70 3.93
C ARG F 141 -39.49 20.22 4.94
N GLU F 142 -39.74 19.43 5.97
CA GLU F 142 -40.61 19.81 7.08
C GLU F 142 -39.90 20.81 7.98
N THR F 143 -40.66 21.75 8.54
CA THR F 143 -40.08 22.68 9.50
C THR F 143 -39.61 21.94 10.74
N LEU F 144 -38.38 22.24 11.17
CA LEU F 144 -37.74 21.50 12.25
C LEU F 144 -37.48 22.43 13.43
N VAL F 145 -37.82 21.95 14.63
CA VAL F 145 -37.59 22.74 15.83
C VAL F 145 -36.10 22.85 16.10
N THR F 146 -35.65 24.06 16.37
CA THR F 146 -34.26 24.33 16.68
C THR F 146 -34.04 24.58 18.16
N ALA F 147 -35.11 24.68 18.94
CA ALA F 147 -34.99 25.04 20.35
C ALA F 147 -34.31 23.92 21.13
N ILE F 148 -33.22 24.25 21.81
CA ILE F 148 -32.37 23.23 22.41
C ILE F 148 -33.12 22.55 23.56
N GLY F 149 -32.92 21.25 23.67
CA GLY F 149 -33.63 20.44 24.64
C GLY F 149 -34.93 19.86 24.15
N GLN F 150 -35.22 19.94 22.85
CA GLN F 150 -36.47 19.44 22.30
C GLN F 150 -36.19 18.26 21.40
N THR F 151 -36.95 17.18 21.59
CA THR F 151 -36.86 15.99 20.77
C THR F 151 -38.08 15.92 19.88
N GLU F 152 -37.87 15.71 18.59
CA GLU F 152 -39.00 15.59 17.69
C GLU F 152 -39.79 14.34 18.02
N PRO F 153 -41.12 14.41 18.07
CA PRO F 153 -41.90 13.22 18.36
C PRO F 153 -41.70 12.15 17.31
N ILE F 154 -41.92 10.91 17.71
CA ILE F 154 -41.73 9.76 16.84
C ILE F 154 -43.07 9.44 16.20
N ALA F 155 -43.23 9.82 14.94
CA ALA F 155 -44.53 9.69 14.30
C ALA F 155 -44.34 9.35 12.84
N PHE F 156 -45.32 8.68 12.27
CA PHE F 156 -45.25 8.29 10.86
C PHE F 156 -45.40 9.50 9.95
N VAL F 157 -44.61 9.52 8.90
CA VAL F 157 -44.57 10.65 7.98
C VAL F 157 -45.37 10.31 6.74
N HIS F 158 -46.24 11.22 6.35
CA HIS F 158 -47.00 11.10 5.11
C HIS F 158 -47.81 9.80 5.07
N LEU F 159 -48.32 9.39 6.24
CA LEU F 159 -49.31 8.31 6.33
C LEU F 159 -50.60 8.90 6.86
N LYS F 160 -51.69 8.64 6.14
CA LYS F 160 -52.98 9.25 6.43
C LYS F 160 -53.40 8.99 7.88
N ASP F 161 -54.03 10.00 8.48
CA ASP F 161 -54.46 9.92 9.88
C ASP F 161 -55.36 8.73 10.14
N THR F 162 -56.26 8.41 9.21
CA THR F 162 -57.06 7.19 9.34
C THR F 162 -56.19 5.95 9.26
N GLU F 163 -55.15 5.97 8.41
CA GLU F 163 -54.16 4.92 8.42
C GLU F 163 -53.36 4.90 9.72
N VAL F 164 -52.97 6.07 10.21
CA VAL F 164 -52.18 6.12 11.43
C VAL F 164 -53.00 5.56 12.58
N GLN F 165 -54.31 5.79 12.58
CA GLN F 165 -55.16 5.23 13.62
C GLN F 165 -55.12 3.71 13.58
N ARG F 166 -55.24 3.14 12.38
CA ARG F 166 -55.28 1.68 12.27
C ARG F 166 -53.95 1.06 12.63
N ILE F 167 -52.85 1.77 12.39
CA ILE F 167 -51.53 1.20 12.71
C ILE F 167 -51.20 1.38 14.19
N GLU F 168 -51.53 2.52 14.78
CA GLU F 168 -51.31 2.70 16.20
C GLU F 168 -52.27 1.86 17.03
N GLU F 169 -53.45 1.54 16.50
CA GLU F 169 -54.32 0.63 17.21
C GLU F 169 -53.72 -0.75 17.29
N ASN F 170 -53.05 -1.19 16.23
CA ASN F 170 -52.35 -2.47 16.28
C ASN F 170 -51.18 -2.38 17.25
N LEU F 171 -50.49 -1.25 17.29
CA LEU F 171 -49.44 -1.09 18.28
C LEU F 171 -50.00 -1.10 19.69
N GLU F 172 -51.21 -0.58 19.89
CA GLU F 172 -51.78 -0.61 21.24
C GLU F 172 -52.22 -2.01 21.62
N GLY F 173 -52.73 -2.77 20.66
CA GLY F 173 -52.97 -4.18 20.90
C GLY F 173 -51.72 -4.99 21.07
N VAL F 174 -50.57 -4.45 20.64
CA VAL F 174 -49.29 -5.08 20.95
C VAL F 174 -48.87 -4.75 22.37
N ARG F 175 -49.02 -3.50 22.77
CA ARG F 175 -48.75 -3.12 24.15
C ARG F 175 -49.68 -3.85 25.12
N ARG F 176 -50.85 -4.27 24.65
CA ARG F 176 -51.74 -5.07 25.48
C ARG F 176 -51.20 -6.48 25.69
N ASN F 177 -50.54 -7.06 24.69
CA ASN F 177 -50.11 -8.45 24.76
C ASN F 177 -48.93 -8.71 23.84
N MET F 178 -47.76 -8.94 24.43
CA MET F 178 -46.54 -9.00 23.64
C MET F 178 -46.49 -10.25 22.77
N PHE F 179 -47.14 -11.33 23.21
CA PHE F 179 -47.02 -12.60 22.52
C PHE F 179 -47.70 -12.60 21.15
N CYS F 180 -48.78 -11.84 20.98
CA CYS F 180 -49.59 -11.89 19.76
C CYS F 180 -49.19 -10.75 18.83
N VAL F 181 -48.76 -11.10 17.63
CA VAL F 181 -48.26 -10.16 16.63
C VAL F 181 -49.14 -10.25 15.39
N LYS F 182 -49.66 -9.10 14.95
CA LYS F 182 -50.50 -9.01 13.74
C LYS F 182 -49.95 -7.95 12.80
N PRO F 183 -48.86 -8.24 12.09
CA PRO F 183 -48.29 -7.23 11.19
C PRO F 183 -49.04 -7.15 9.86
N LEU F 184 -50.37 -7.07 9.97
CA LEU F 184 -51.26 -7.05 8.82
C LEU F 184 -51.57 -5.63 8.38
N ASP F 185 -50.88 -4.66 8.96
CA ASP F 185 -51.06 -3.24 8.68
C ASP F 185 -50.08 -2.80 7.60
N LEU F 186 -50.39 -3.19 6.36
CA LEU F 186 -49.59 -2.77 5.21
C LEU F 186 -50.51 -2.20 4.14
N ASN F 187 -50.83 -0.91 4.27
CA ASN F 187 -51.64 -0.19 3.30
C ASN F 187 -50.86 0.92 2.62
N LEU F 188 -49.55 0.96 2.82
CA LEU F 188 -48.74 2.05 2.26
C LEU F 188 -48.88 2.08 0.74
N ASP F 189 -48.89 3.29 0.18
CA ASP F 189 -49.22 3.48 -1.21
C ASP F 189 -47.96 3.52 -2.07
N ARG F 190 -48.05 2.86 -3.23
CA ARG F 190 -46.95 2.88 -4.20
C ARG F 190 -46.65 4.29 -4.66
N HIS F 191 -47.69 5.00 -5.09
CA HIS F 191 -47.50 6.36 -5.58
C HIS F 191 -47.28 7.34 -4.44
N ALA F 192 -48.12 7.32 -3.42
CA ALA F 192 -47.95 8.35 -2.43
C ALA F 192 -46.93 7.95 -1.38
N ASN F 193 -45.66 8.20 -1.73
CA ASN F 193 -44.55 8.31 -0.80
C ASN F 193 -43.28 8.50 -1.60
N THR F 194 -42.18 8.79 -0.93
CA THR F 194 -40.92 9.01 -1.61
C THR F 194 -39.89 8.04 -1.03
N ALA F 195 -38.74 7.98 -1.70
CA ALA F 195 -37.79 6.89 -1.53
C ALA F 195 -37.41 6.67 -0.08
N LEU F 196 -37.10 7.75 0.65
CA LEU F 196 -36.76 7.59 2.06
C LEU F 196 -37.97 7.18 2.87
N VAL F 197 -39.07 7.92 2.75
CA VAL F 197 -40.19 7.78 3.66
C VAL F 197 -40.74 6.36 3.61
N ASN F 198 -40.69 5.72 2.45
CA ASN F 198 -41.21 4.37 2.30
C ASN F 198 -40.58 3.41 3.30
N ALA F 199 -39.28 3.55 3.53
CA ALA F 199 -38.59 2.68 4.48
C ALA F 199 -38.54 3.27 5.87
N VAL F 200 -38.51 4.60 5.99
CA VAL F 200 -38.47 5.20 7.31
C VAL F 200 -39.72 4.82 8.10
N ASN F 201 -40.88 4.81 7.44
CA ASN F 201 -42.10 4.45 8.15
C ASN F 201 -42.11 3.01 8.61
N LYS F 202 -41.63 2.08 7.78
CA LYS F 202 -41.60 0.69 8.19
C LYS F 202 -40.59 0.46 9.31
N LEU F 203 -39.47 1.17 9.25
CA LEU F 203 -38.51 1.11 10.34
C LEU F 203 -39.10 1.66 11.62
N VAL F 204 -39.90 2.71 11.53
CA VAL F 204 -40.50 3.28 12.73
C VAL F 204 -41.49 2.30 13.32
N TYR F 205 -42.26 1.63 12.46
CA TYR F 205 -43.23 0.67 12.97
C TYR F 205 -42.54 -0.52 13.64
N THR F 206 -41.46 -1.03 13.05
CA THR F 206 -40.75 -2.13 13.70
C THR F 206 -40.10 -1.71 15.01
N GLY F 207 -39.57 -0.49 15.09
CA GLY F 207 -39.00 -0.04 16.34
C GLY F 207 -40.04 0.18 17.42
N ARG F 208 -41.21 0.68 17.03
CA ARG F 208 -42.32 0.82 17.97
C ARG F 208 -42.82 -0.54 18.43
N LEU F 209 -42.79 -1.54 17.56
CA LEU F 209 -43.18 -2.89 17.94
C LEU F 209 -42.20 -3.45 18.97
N ILE F 210 -40.90 -3.36 18.67
CA ILE F 210 -39.88 -3.92 19.55
C ILE F 210 -39.91 -3.24 20.91
N MET F 211 -40.02 -1.91 20.93
CA MET F 211 -40.01 -1.20 22.20
C MET F 211 -41.29 -1.45 22.97
N ASN F 212 -42.44 -1.53 22.29
CA ASN F 212 -43.69 -1.78 22.99
C ASN F 212 -43.69 -3.14 23.65
N VAL F 213 -43.12 -4.16 22.98
CA VAL F 213 -43.07 -5.48 23.58
C VAL F 213 -42.10 -5.52 24.75
N ARG F 214 -40.94 -4.87 24.61
CA ARG F 214 -40.00 -4.83 25.71
C ARG F 214 -40.62 -4.17 26.94
N ARG F 215 -41.28 -3.02 26.74
CA ARG F 215 -41.90 -2.34 27.86
C ARG F 215 -43.06 -3.12 28.43
N SER F 216 -43.82 -3.83 27.58
CA SER F 216 -44.96 -4.56 28.11
C SER F 216 -44.51 -5.70 29.00
N TRP F 217 -43.48 -6.43 28.58
CA TRP F 217 -42.95 -7.49 29.43
C TRP F 217 -42.33 -6.92 30.69
N GLU F 218 -41.64 -5.78 30.57
CA GLU F 218 -41.04 -5.17 31.75
C GLU F 218 -42.09 -4.76 32.77
N GLU F 219 -43.21 -4.20 32.31
CA GLU F 219 -44.30 -3.88 33.22
C GLU F 219 -44.85 -5.13 33.88
N LEU F 220 -45.01 -6.21 33.11
CA LEU F 220 -45.54 -7.42 33.70
C LEU F 220 -44.64 -7.94 34.79
N GLU F 221 -43.33 -7.98 34.54
CA GLU F 221 -42.42 -8.49 35.56
C GLU F 221 -42.36 -7.56 36.76
N ARG F 222 -42.36 -6.25 36.52
CA ARG F 222 -42.31 -5.29 37.61
C ARG F 222 -43.49 -5.45 38.54
N LYS F 223 -44.68 -5.69 38.00
CA LYS F 223 -45.79 -5.90 38.91
C LYS F 223 -45.75 -7.26 39.57
N CYS F 224 -45.36 -8.30 38.81
CA CYS F 224 -45.38 -9.64 39.38
C CYS F 224 -44.50 -9.73 40.61
N LEU F 225 -43.25 -9.27 40.50
CA LEU F 225 -42.33 -9.45 41.61
C LEU F 225 -42.74 -8.66 42.83
N ALA F 226 -43.16 -7.42 42.65
CA ALA F 226 -43.60 -6.63 43.78
C ALA F 226 -44.84 -7.22 44.42
N ARG F 227 -45.70 -7.89 43.64
CA ARG F 227 -46.88 -8.48 44.26
C ARG F 227 -46.50 -9.73 45.05
N ILE F 228 -45.64 -10.57 44.50
CA ILE F 228 -45.25 -11.79 45.19
C ILE F 228 -44.51 -11.46 46.48
N GLN F 229 -43.59 -10.47 46.42
CA GLN F 229 -42.79 -10.16 47.59
C GLN F 229 -43.65 -9.56 48.70
N GLU F 230 -44.77 -8.93 48.35
CA GLU F 230 -45.69 -8.44 49.38
C GLU F 230 -46.55 -9.55 49.94
N ARG F 231 -47.04 -10.46 49.09
CA ARG F 231 -47.85 -11.56 49.60
C ARG F 231 -47.04 -12.46 50.52
N CYS F 232 -45.76 -12.66 50.24
CA CYS F 232 -44.93 -13.44 51.14
C CYS F 232 -44.81 -12.76 52.50
N LYS F 233 -44.63 -11.44 52.50
CA LYS F 233 -44.53 -10.71 53.77
C LYS F 233 -45.81 -10.78 54.58
N LEU F 234 -46.96 -10.61 53.91
CA LEU F 234 -48.23 -10.72 54.59
C LEU F 234 -48.44 -12.11 55.18
N LEU F 235 -48.10 -13.15 54.43
CA LEU F 235 -48.34 -14.49 54.93
C LEU F 235 -47.39 -14.84 56.06
N VAL F 236 -46.12 -14.44 55.94
CA VAL F 236 -45.17 -14.69 57.00
C VAL F 236 -45.60 -13.98 58.28
N LYS F 237 -46.06 -12.74 58.18
CA LYS F 237 -46.59 -12.08 59.36
C LYS F 237 -47.87 -12.74 59.86
N GLU F 238 -48.59 -13.42 58.97
CA GLU F 238 -49.86 -14.03 59.36
C GLU F 238 -49.65 -15.30 60.18
N LEU F 239 -48.79 -16.21 59.71
CA LEU F 239 -48.60 -17.50 60.38
C LEU F 239 -47.83 -17.38 61.69
N ARG F 240 -47.29 -16.22 62.03
CA ARG F 240 -46.49 -16.10 63.23
C ARG F 240 -47.31 -16.40 64.47
N MET F 241 -48.63 -16.26 64.36
CA MET F 241 -49.48 -16.45 65.52
C MET F 241 -49.57 -17.91 65.93
N CYS F 242 -49.63 -18.82 64.97
CA CYS F 242 -49.81 -20.24 65.28
C CYS F 242 -48.51 -20.87 65.77
N LEU F 243 -48.67 -21.97 66.51
CA LEU F 243 -47.57 -22.73 67.08
C LEU F 243 -47.51 -24.13 66.50
N SER F 244 -48.63 -24.58 65.97
CA SER F 244 -48.74 -25.94 65.49
C SER F 244 -47.79 -26.21 64.34
N PHE F 245 -47.36 -27.47 64.25
CA PHE F 245 -46.31 -27.87 63.33
C PHE F 245 -46.60 -27.48 61.90
N ASP F 246 -47.80 -27.82 61.40
CA ASP F 246 -48.14 -27.61 60.00
C ASP F 246 -48.03 -26.14 59.60
N SER F 247 -48.17 -25.22 60.55
CA SER F 247 -48.03 -23.79 60.23
C SER F 247 -46.57 -23.36 60.22
N ASN F 248 -45.79 -23.80 61.20
CA ASN F 248 -44.38 -23.45 61.22
C ASN F 248 -43.64 -24.00 60.02
N TYR F 249 -44.11 -25.11 59.47
CA TYR F 249 -43.52 -25.59 58.24
C TYR F 249 -43.62 -24.55 57.14
N CYS F 250 -44.65 -23.71 57.17
CA CYS F 250 -44.81 -22.73 56.09
C CYS F 250 -43.82 -21.59 56.26
N ARG F 251 -43.65 -21.06 57.47
CA ARG F 251 -42.66 -20.01 57.64
C ARG F 251 -41.28 -20.52 57.28
N ASN F 252 -40.95 -21.75 57.68
CA ASN F 252 -39.64 -22.27 57.33
C ASN F 252 -39.46 -22.33 55.82
N ILE F 253 -40.55 -22.48 55.07
CA ILE F 253 -40.44 -22.44 53.63
C ILE F 253 -40.26 -21.02 53.14
N LEU F 254 -40.99 -20.08 53.73
CA LEU F 254 -41.09 -18.73 53.20
C LEU F 254 -39.97 -17.80 53.65
N LYS F 255 -39.07 -18.26 54.52
CA LYS F 255 -37.92 -17.43 54.87
C LYS F 255 -37.12 -17.02 53.65
N HIS F 256 -37.07 -17.88 52.64
CA HIS F 256 -36.23 -17.63 51.47
C HIS F 256 -36.77 -16.46 50.69
N ALA F 257 -35.88 -15.58 50.24
CA ALA F 257 -36.31 -14.40 49.52
C ALA F 257 -36.67 -14.76 48.08
N VAL F 258 -37.78 -14.19 47.61
CA VAL F 258 -38.25 -14.46 46.24
C VAL F 258 -37.52 -13.66 45.18
N GLU F 259 -36.65 -12.72 45.55
CA GLU F 259 -36.03 -11.89 44.53
C GLU F 259 -35.06 -12.70 43.69
N ASN F 260 -35.54 -13.13 42.53
CA ASN F 260 -34.75 -13.55 41.39
C ASN F 260 -35.70 -14.01 40.29
N GLY F 261 -35.18 -14.21 39.08
CA GLY F 261 -35.90 -15.01 38.10
C GLY F 261 -36.02 -16.45 38.55
N ASP F 262 -34.92 -17.02 39.04
CA ASP F 262 -34.86 -18.43 39.42
C ASP F 262 -35.43 -18.70 40.80
N SER F 263 -35.56 -17.70 41.65
CA SER F 263 -35.94 -17.99 43.03
C SER F 263 -37.43 -18.21 43.18
N ALA F 264 -38.27 -17.52 42.42
CA ALA F 264 -39.69 -17.81 42.46
C ALA F 264 -39.95 -19.20 41.90
N ASP F 265 -39.23 -19.57 40.85
CA ASP F 265 -39.42 -20.87 40.22
C ASP F 265 -38.90 -21.99 41.10
N THR F 266 -37.91 -21.72 41.95
CA THR F 266 -37.49 -22.69 42.95
C THR F 266 -38.47 -22.78 44.12
N LEU F 267 -38.95 -21.63 44.59
CA LEU F 267 -39.87 -21.61 45.71
C LEU F 267 -41.18 -22.26 45.36
N LEU F 268 -41.61 -22.15 44.11
CA LEU F 268 -42.89 -22.72 43.73
C LEU F 268 -42.81 -24.24 43.67
N GLU F 269 -41.70 -24.77 43.17
CA GLU F 269 -41.55 -26.22 43.22
C GLU F 269 -41.38 -26.72 44.65
N LEU F 270 -40.59 -26.02 45.44
CA LEU F 270 -40.36 -26.41 46.82
C LEU F 270 -41.62 -26.24 47.66
N LEU F 271 -42.52 -25.37 47.20
CA LEU F 271 -43.78 -25.12 47.89
C LEU F 271 -44.88 -26.03 47.37
N ILE F 272 -44.59 -26.74 46.28
CA ILE F 272 -45.54 -27.66 45.68
C ILE F 272 -45.26 -29.10 46.10
N GLU F 273 -43.98 -29.46 46.16
CA GLU F 273 -43.59 -30.81 46.55
C GLU F 273 -43.96 -31.11 47.98
N ASP F 274 -43.98 -30.10 48.83
CA ASP F 274 -44.28 -30.26 50.24
C ASP F 274 -45.68 -29.79 50.58
N PHE F 275 -46.60 -29.77 49.61
CA PHE F 275 -47.93 -29.26 49.89
C PHE F 275 -48.73 -30.19 50.77
N ASP F 276 -48.47 -31.50 50.71
CA ASP F 276 -49.30 -32.44 51.46
C ASP F 276 -49.27 -32.14 52.94
N ILE F 277 -48.19 -31.55 53.41
CA ILE F 277 -47.93 -31.52 54.84
C ILE F 277 -48.40 -30.20 55.48
N TYR F 278 -48.20 -29.06 54.84
CA TYR F 278 -48.59 -27.81 55.47
C TYR F 278 -50.00 -27.35 55.11
N VAL F 279 -50.74 -28.09 54.29
CA VAL F 279 -52.09 -27.67 53.93
C VAL F 279 -53.00 -27.68 55.15
N ASP F 280 -52.67 -28.51 56.15
CA ASP F 280 -53.51 -28.59 57.35
C ASP F 280 -53.62 -27.25 58.06
N SER F 281 -52.54 -26.47 58.05
CA SER F 281 -52.54 -25.22 58.80
C SER F 281 -53.51 -24.20 58.22
N PHE F 282 -53.49 -24.03 56.92
CA PHE F 282 -54.37 -23.05 56.31
C PHE F 282 -55.81 -23.56 56.39
N PRO F 283 -56.72 -22.83 57.02
CA PRO F 283 -58.10 -23.30 57.12
C PRO F 283 -58.84 -23.10 55.81
N GLN F 284 -59.65 -24.09 55.47
CA GLN F 284 -60.28 -24.18 54.16
C GLN F 284 -61.78 -24.32 54.36
N SER F 285 -62.53 -24.07 53.29
CA SER F 285 -63.98 -24.23 53.30
C SER F 285 -64.64 -23.54 54.49
N LYS G 13 -67.21 -53.97 -19.76
CA LYS G 13 -66.22 -53.02 -19.26
C LYS G 13 -64.82 -53.34 -19.82
N ARG G 14 -63.98 -53.92 -18.97
CA ARG G 14 -62.61 -54.26 -19.36
C ARG G 14 -62.55 -55.39 -20.37
N ASP G 15 -63.48 -56.35 -20.31
CA ASP G 15 -63.40 -57.51 -21.20
C ASP G 15 -63.38 -57.09 -22.65
N GLU G 16 -64.01 -55.97 -22.98
CA GLU G 16 -63.89 -55.46 -24.34
C GLU G 16 -62.51 -54.92 -24.62
N LYS G 17 -61.84 -54.34 -23.61
CA LYS G 17 -60.44 -53.97 -23.79
C LYS G 17 -59.57 -55.20 -24.01
N HIS G 18 -59.92 -56.31 -23.34
CA HIS G 18 -59.14 -57.53 -23.51
C HIS G 18 -59.42 -58.18 -24.87
N ARG G 19 -60.66 -58.11 -25.35
CA ARG G 19 -60.94 -58.55 -26.71
C ARG G 19 -60.16 -57.71 -27.70
N HIS G 20 -60.05 -56.41 -27.46
CA HIS G 20 -59.32 -55.55 -28.36
C HIS G 20 -57.84 -55.93 -28.40
N VAL G 21 -57.22 -56.07 -27.23
CA VAL G 21 -55.78 -56.33 -27.19
C VAL G 21 -55.47 -57.72 -27.71
N VAL G 22 -56.29 -58.72 -27.40
CA VAL G 22 -56.03 -60.04 -27.94
C VAL G 22 -56.29 -60.07 -29.44
N ASN G 23 -57.19 -59.22 -29.93
CA ASN G 23 -57.68 -59.33 -31.29
C ASN G 23 -57.21 -58.22 -32.21
N VAL G 24 -57.30 -56.96 -31.78
CA VAL G 24 -56.84 -55.87 -32.65
C VAL G 24 -55.33 -55.74 -32.62
N VAL G 25 -54.68 -56.10 -31.52
CA VAL G 25 -53.27 -55.77 -31.33
C VAL G 25 -52.40 -57.01 -31.50
N LEU G 26 -52.61 -58.01 -30.65
CA LEU G 26 -51.79 -59.20 -30.72
C LEU G 26 -52.08 -60.04 -31.94
N GLU G 27 -53.25 -59.90 -32.55
CA GLU G 27 -53.65 -60.67 -33.73
C GLU G 27 -53.55 -62.17 -33.44
N LEU G 28 -54.04 -62.55 -32.26
CA LEU G 28 -54.01 -63.95 -31.88
C LEU G 28 -55.08 -64.73 -32.65
N PRO G 29 -54.80 -65.95 -33.07
CA PRO G 29 -55.85 -66.77 -33.69
C PRO G 29 -56.91 -67.12 -32.67
N THR G 30 -58.12 -67.43 -33.16
CA THR G 30 -59.22 -67.74 -32.26
C THR G 30 -58.97 -69.00 -31.46
N GLU G 31 -58.07 -69.87 -31.92
CA GLU G 31 -57.76 -71.08 -31.16
C GLU G 31 -57.20 -70.73 -29.79
N ILE G 32 -56.51 -69.60 -29.67
CA ILE G 32 -55.87 -69.22 -28.42
C ILE G 32 -56.95 -68.61 -27.54
N SER G 33 -57.66 -69.46 -26.80
CA SER G 33 -58.56 -68.96 -25.77
C SER G 33 -57.74 -68.28 -24.69
N GLU G 34 -58.16 -67.07 -24.33
CA GLU G 34 -57.46 -66.35 -23.28
C GLU G 34 -57.54 -67.11 -21.97
N ALA G 35 -58.73 -67.62 -21.62
CA ALA G 35 -58.89 -68.40 -20.41
C ALA G 35 -58.05 -69.67 -20.44
N THR G 36 -57.67 -70.13 -21.63
CA THR G 36 -56.74 -71.25 -21.71
C THR G 36 -55.34 -70.87 -21.28
N HIS G 37 -54.90 -69.66 -21.64
CA HIS G 37 -53.51 -69.27 -21.49
C HIS G 37 -53.34 -68.37 -20.27
N PRO G 38 -52.77 -68.88 -19.18
CA PRO G 38 -52.65 -68.04 -17.97
C PRO G 38 -51.58 -66.97 -18.09
N VAL G 39 -50.45 -67.28 -18.72
CA VAL G 39 -49.39 -66.29 -18.92
C VAL G 39 -49.87 -65.18 -19.85
N LEU G 40 -50.88 -65.47 -20.68
CA LEU G 40 -51.56 -64.44 -21.45
C LEU G 40 -52.61 -63.74 -20.60
N ALA G 41 -53.21 -64.45 -19.65
CA ALA G 41 -54.21 -63.84 -18.78
C ALA G 41 -53.62 -62.73 -17.92
N THR G 42 -52.44 -62.97 -17.34
CA THR G 42 -51.88 -62.00 -16.40
C THR G 42 -51.32 -60.77 -17.10
N MET G 43 -50.83 -60.92 -18.33
CA MET G 43 -50.25 -59.79 -19.05
C MET G 43 -51.31 -58.83 -19.56
N LEU G 44 -52.54 -59.29 -19.77
CA LEU G 44 -53.56 -58.41 -20.35
C LEU G 44 -53.94 -57.29 -19.41
N SER G 45 -54.00 -57.56 -18.10
CA SER G 45 -54.27 -56.50 -17.14
C SER G 45 -53.20 -55.42 -17.19
N LYS G 46 -51.97 -55.78 -17.55
CA LYS G 46 -50.91 -54.79 -17.68
C LYS G 46 -50.99 -54.07 -19.02
N TYR G 47 -51.24 -54.80 -20.11
CA TYR G 47 -51.26 -54.18 -21.41
C TYR G 47 -52.41 -53.19 -21.55
N THR G 48 -53.54 -53.46 -20.90
CA THR G 48 -54.65 -52.52 -20.93
C THR G 48 -54.24 -51.17 -20.37
N ARG G 49 -53.34 -51.15 -19.38
CA ARG G 49 -52.93 -49.90 -18.76
C ARG G 49 -52.12 -49.01 -19.71
N MET G 50 -51.69 -49.55 -20.86
CA MET G 50 -50.74 -48.85 -21.73
C MET G 50 -51.52 -48.19 -22.87
N SER G 51 -52.01 -46.97 -22.63
CA SER G 51 -52.79 -46.27 -23.64
C SER G 51 -51.95 -45.93 -24.86
N SER G 52 -50.71 -45.49 -24.64
CA SER G 52 -49.78 -45.32 -25.74
C SER G 52 -49.30 -46.68 -26.22
N LEU G 53 -48.39 -46.66 -27.19
CA LEU G 53 -47.72 -47.83 -27.74
C LEU G 53 -48.65 -48.74 -28.52
N PHE G 54 -49.95 -48.45 -28.57
CA PHE G 54 -50.87 -49.30 -29.31
C PHE G 54 -50.63 -49.21 -30.80
N ASN G 55 -50.07 -48.09 -31.28
CA ASN G 55 -49.79 -47.94 -32.69
C ASN G 55 -48.84 -49.04 -33.19
N ASP G 56 -47.81 -49.36 -32.41
CA ASP G 56 -46.82 -50.37 -32.74
C ASP G 56 -47.28 -51.74 -32.25
N LYS G 57 -47.97 -52.46 -33.13
CA LYS G 57 -48.50 -53.77 -32.76
C LYS G 57 -47.38 -54.80 -32.64
N CYS G 58 -46.24 -54.57 -33.29
CA CYS G 58 -45.17 -55.55 -33.30
C CYS G 58 -44.43 -55.63 -31.97
N ALA G 59 -44.53 -54.60 -31.12
CA ALA G 59 -43.87 -54.66 -29.82
C ALA G 59 -44.59 -55.60 -28.86
N PHE G 60 -45.92 -55.61 -28.90
CA PHE G 60 -46.67 -56.46 -27.97
C PHE G 60 -46.48 -57.92 -28.28
N LYS G 61 -46.28 -58.27 -29.55
CA LYS G 61 -46.03 -59.67 -29.85
C LYS G 61 -44.69 -60.11 -29.31
N LEU G 62 -43.66 -59.28 -29.46
CA LEU G 62 -42.35 -59.65 -28.93
C LEU G 62 -42.35 -59.67 -27.41
N ASP G 63 -43.11 -58.80 -26.77
CA ASP G 63 -43.17 -58.82 -25.31
C ASP G 63 -43.92 -60.04 -24.80
N LEU G 64 -45.03 -60.38 -25.43
CA LEU G 64 -45.72 -61.60 -25.04
C LEU G 64 -44.86 -62.82 -25.33
N LEU G 65 -44.06 -62.75 -26.38
CA LEU G 65 -43.17 -63.84 -26.73
C LEU G 65 -42.13 -64.06 -25.65
N ARG G 66 -41.61 -62.97 -25.07
CA ARG G 66 -40.67 -63.17 -23.97
C ARG G 66 -41.38 -63.57 -22.68
N MET G 67 -42.63 -63.14 -22.46
CA MET G 67 -43.31 -63.57 -21.25
C MET G 67 -43.65 -65.05 -21.28
N VAL G 68 -44.00 -65.58 -22.45
CA VAL G 68 -44.23 -67.02 -22.56
C VAL G 68 -42.97 -67.78 -22.24
N ALA G 69 -41.82 -67.27 -22.69
CA ALA G 69 -40.55 -67.92 -22.39
C ALA G 69 -40.20 -67.83 -20.92
N VAL G 70 -40.51 -66.70 -20.28
CA VAL G 70 -40.28 -66.57 -18.84
C VAL G 70 -41.13 -67.59 -18.10
N SER G 71 -42.31 -67.89 -18.63
CA SER G 71 -43.20 -68.83 -17.96
C SER G 71 -42.68 -70.26 -17.97
N ARG G 72 -41.84 -70.61 -18.93
CA ARG G 72 -41.37 -72.00 -19.06
C ARG G 72 -39.86 -71.97 -19.19
N THR G 73 -39.16 -71.97 -18.06
CA THR G 73 -37.71 -71.93 -18.06
C THR G 73 -37.22 -72.64 -16.81
N ARG G 74 -36.58 -73.79 -17.00
CA ARG G 74 -36.10 -74.57 -15.87
C ARG G 74 -35.06 -73.81 -15.07
N ARG G 75 -34.18 -73.06 -15.74
CA ARG G 75 -33.12 -72.34 -15.07
C ARG G 75 -33.64 -71.26 -14.14
N LYS H 13 -52.81 -51.74 51.25
CA LYS H 13 -52.16 -51.02 50.18
C LYS H 13 -50.96 -50.21 50.66
N ARG H 14 -51.18 -48.91 50.87
CA ARG H 14 -50.12 -48.05 51.37
C ARG H 14 -49.77 -48.32 52.81
N ASP H 15 -50.66 -48.97 53.57
CA ASP H 15 -50.37 -49.21 54.97
C ASP H 15 -49.16 -50.12 55.14
N GLU H 16 -48.91 -51.01 54.18
CA GLU H 16 -47.69 -51.78 54.25
C GLU H 16 -46.46 -50.93 53.97
N LYS H 17 -46.57 -49.99 53.05
CA LYS H 17 -45.47 -49.05 52.83
C LYS H 17 -45.19 -48.23 54.08
N HIS H 18 -46.25 -47.90 54.83
CA HIS H 18 -46.10 -47.12 56.06
C HIS H 18 -45.49 -47.95 57.18
N ARG H 19 -45.95 -49.17 57.38
CA ARG H 19 -45.32 -50.01 58.39
C ARG H 19 -43.87 -50.29 58.02
N HIS H 20 -43.60 -50.40 56.73
CA HIS H 20 -42.24 -50.60 56.26
C HIS H 20 -41.35 -49.44 56.68
N VAL H 21 -41.77 -48.21 56.42
CA VAL H 21 -40.97 -47.06 56.79
C VAL H 21 -40.83 -46.95 58.31
N VAL H 22 -41.91 -47.21 59.05
CA VAL H 22 -41.85 -47.06 60.50
C VAL H 22 -40.94 -48.12 61.12
N ASN H 23 -40.83 -49.29 60.51
CA ASN H 23 -40.07 -50.38 61.12
C ASN H 23 -38.78 -50.69 60.39
N VAL H 24 -38.80 -50.80 59.05
CA VAL H 24 -37.58 -51.12 58.32
C VAL H 24 -36.59 -49.97 58.40
N VAL H 25 -37.09 -48.73 58.46
CA VAL H 25 -36.21 -47.59 58.37
C VAL H 25 -36.12 -46.87 59.71
N LEU H 26 -37.26 -46.37 60.19
CA LEU H 26 -37.23 -45.53 61.37
C LEU H 26 -36.99 -46.31 62.65
N GLU H 27 -37.27 -47.62 62.64
CA GLU H 27 -36.94 -48.47 63.77
C GLU H 27 -37.57 -47.94 65.07
N LEU H 28 -38.78 -47.42 64.95
CA LEU H 28 -39.46 -46.88 66.12
C LEU H 28 -39.95 -48.02 67.01
N PRO H 29 -39.84 -47.90 68.33
CA PRO H 29 -40.33 -48.97 69.20
C PRO H 29 -41.83 -49.14 69.03
N THR H 30 -42.31 -50.36 69.25
CA THR H 30 -43.73 -50.65 69.14
C THR H 30 -44.56 -49.72 70.00
N GLU H 31 -43.95 -49.16 71.04
CA GLU H 31 -44.62 -48.19 71.90
C GLU H 31 -45.04 -46.95 71.12
N ILE H 32 -44.21 -46.50 70.19
CA ILE H 32 -44.58 -45.37 69.36
C ILE H 32 -45.73 -45.76 68.46
N SER H 33 -46.76 -44.93 68.43
CA SER H 33 -47.95 -45.21 67.65
C SER H 33 -48.01 -44.22 66.50
N GLU H 34 -47.90 -44.75 65.27
CA GLU H 34 -48.01 -43.90 64.10
C GLU H 34 -49.34 -43.16 64.10
N ALA H 35 -50.40 -43.80 64.58
CA ALA H 35 -51.66 -43.10 64.78
C ALA H 35 -51.53 -42.00 65.82
N THR H 36 -50.72 -42.23 66.85
CA THR H 36 -50.66 -41.26 67.94
C THR H 36 -49.96 -39.97 67.53
N HIS H 37 -48.79 -40.08 66.90
CA HIS H 37 -47.99 -38.90 66.67
C HIS H 37 -48.32 -38.31 65.32
N PRO H 38 -48.91 -37.12 65.26
CA PRO H 38 -49.30 -36.57 63.95
C PRO H 38 -48.13 -36.05 63.15
N VAL H 39 -47.09 -35.52 63.81
CA VAL H 39 -45.92 -35.05 63.08
C VAL H 39 -45.26 -36.20 62.34
N LEU H 40 -45.47 -37.44 62.83
CA LEU H 40 -45.05 -38.62 62.09
C LEU H 40 -46.13 -39.06 61.11
N ALA H 41 -47.40 -38.84 61.44
CA ALA H 41 -48.47 -39.26 60.55
C ALA H 41 -48.44 -38.52 59.22
N THR H 42 -48.01 -37.26 59.22
CA THR H 42 -47.88 -36.53 57.96
C THR H 42 -46.58 -36.86 57.25
N MET H 43 -45.51 -37.09 58.02
CA MET H 43 -44.18 -37.30 57.43
C MET H 43 -44.09 -38.61 56.66
N LEU H 44 -44.87 -39.63 57.04
CA LEU H 44 -44.77 -40.89 56.33
C LEU H 44 -45.18 -40.74 54.87
N SER H 45 -46.15 -39.89 54.59
CA SER H 45 -46.54 -39.66 53.20
C SER H 45 -45.39 -39.07 52.40
N LYS H 46 -44.61 -38.16 53.01
CA LYS H 46 -43.48 -37.55 52.32
C LYS H 46 -42.35 -38.55 52.14
N TYR H 47 -42.08 -39.36 53.16
CA TYR H 47 -40.97 -40.30 53.08
C TYR H 47 -41.25 -41.43 52.12
N THR H 48 -42.53 -41.78 51.93
CA THR H 48 -42.84 -42.85 51.00
C THR H 48 -42.40 -42.53 49.58
N ARG H 49 -42.53 -41.27 49.15
CA ARG H 49 -42.11 -40.87 47.82
C ARG H 49 -40.61 -40.99 47.63
N MET H 50 -39.85 -41.19 48.69
CA MET H 50 -38.40 -41.32 48.58
C MET H 50 -38.02 -42.80 48.63
N SER H 51 -38.37 -43.52 47.57
CA SER H 51 -38.00 -44.93 47.49
C SER H 51 -36.50 -45.10 47.34
N SER H 52 -35.86 -44.24 46.56
CA SER H 52 -34.41 -44.21 46.49
C SER H 52 -33.85 -43.72 47.82
N LEU H 53 -32.53 -43.85 47.96
CA LEU H 53 -31.82 -43.38 49.15
C LEU H 53 -32.39 -44.04 50.40
N PHE H 54 -32.69 -45.33 50.28
CA PHE H 54 -33.14 -46.14 51.40
C PHE H 54 -31.99 -46.87 52.07
N ASN H 55 -30.81 -46.88 51.44
CA ASN H 55 -29.64 -47.52 52.03
C ASN H 55 -29.20 -46.80 53.29
N ASP H 56 -29.40 -45.49 53.37
CA ASP H 56 -28.99 -44.69 54.51
C ASP H 56 -30.17 -44.54 55.46
N LYS H 57 -30.33 -45.51 56.35
CA LYS H 57 -31.43 -45.48 57.30
C LYS H 57 -31.25 -44.41 58.36
N CYS H 58 -29.99 -44.08 58.68
CA CYS H 58 -29.76 -43.10 59.73
C CYS H 58 -30.38 -41.75 59.41
N ALA H 59 -30.32 -41.35 58.14
CA ALA H 59 -30.78 -40.01 57.78
C ALA H 59 -32.25 -39.82 58.10
N PHE H 60 -33.05 -40.89 58.04
CA PHE H 60 -34.48 -40.73 58.26
C PHE H 60 -34.81 -40.50 59.73
N LYS H 61 -34.08 -41.16 60.64
CA LYS H 61 -34.27 -40.87 62.04
C LYS H 61 -33.97 -39.41 62.34
N LEU H 62 -32.89 -38.88 61.75
CA LEU H 62 -32.51 -37.51 62.03
C LEU H 62 -33.47 -36.53 61.38
N ASP H 63 -34.02 -36.87 60.22
CA ASP H 63 -34.99 -35.99 59.60
C ASP H 63 -36.27 -35.93 60.43
N LEU H 64 -36.75 -37.08 60.91
CA LEU H 64 -37.92 -37.02 61.77
C LEU H 64 -37.59 -36.35 63.09
N LEU H 65 -36.36 -36.47 63.54
CA LEU H 65 -35.94 -35.81 64.77
C LEU H 65 -36.05 -34.30 64.64
N ARG H 66 -35.65 -33.77 63.48
CA ARG H 66 -35.81 -32.33 63.29
C ARG H 66 -37.25 -31.95 62.97
N MET H 67 -38.05 -32.85 62.41
CA MET H 67 -39.46 -32.51 62.20
C MET H 67 -40.21 -32.40 63.53
N VAL H 68 -39.93 -33.31 64.45
CA VAL H 68 -40.56 -33.23 65.77
C VAL H 68 -40.19 -31.93 66.46
N ALA H 69 -38.97 -31.45 66.22
CA ALA H 69 -38.58 -30.16 66.78
C ALA H 69 -39.29 -29.02 66.10
N VAL H 70 -39.51 -29.13 64.78
CA VAL H 70 -40.30 -28.13 64.10
C VAL H 70 -41.67 -28.04 64.74
N SER H 71 -42.20 -29.17 65.20
CA SER H 71 -43.56 -29.17 65.69
C SER H 71 -43.75 -28.43 66.99
N ARG H 72 -42.70 -28.25 67.77
CA ARG H 72 -42.83 -27.73 69.12
C ARG H 72 -41.80 -26.66 69.40
N THR H 73 -41.70 -25.69 68.51
CA THR H 73 -40.96 -24.47 68.75
C THR H 73 -41.91 -23.29 68.67
N ARG H 74 -41.98 -22.50 69.73
CA ARG H 74 -42.87 -21.34 69.73
C ARG H 74 -42.45 -20.30 68.70
N ARG H 75 -41.15 -20.11 68.53
CA ARG H 75 -40.60 -19.07 67.67
C ARG H 75 -41.08 -19.20 66.22
N LYS I 13 -87.06 2.68 18.84
CA LYS I 13 -85.63 2.61 18.55
C LYS I 13 -85.16 3.72 17.60
N ARG I 14 -84.81 3.30 16.38
CA ARG I 14 -84.20 4.22 15.43
C ARG I 14 -85.16 5.33 15.00
N ASP I 15 -86.47 5.13 15.16
CA ASP I 15 -87.41 6.20 14.85
C ASP I 15 -87.13 7.43 15.70
N GLU I 16 -86.56 7.25 16.89
CA GLU I 16 -86.21 8.41 17.70
C GLU I 16 -84.91 9.05 17.23
N LYS I 17 -83.97 8.26 16.72
CA LYS I 17 -82.80 8.84 16.11
C LYS I 17 -83.16 9.66 14.87
N HIS I 18 -84.09 9.16 14.07
CA HIS I 18 -84.50 9.89 12.88
C HIS I 18 -85.25 11.16 13.24
N ARG I 19 -86.04 11.15 14.31
CA ARG I 19 -86.69 12.38 14.71
C ARG I 19 -85.70 13.37 15.26
N HIS I 20 -84.72 12.90 16.03
CA HIS I 20 -83.71 13.78 16.57
C HIS I 20 -82.89 14.41 15.45
N VAL I 21 -82.65 13.68 14.38
CA VAL I 21 -81.93 14.25 13.24
C VAL I 21 -82.82 15.20 12.45
N VAL I 22 -84.08 14.85 12.26
CA VAL I 22 -84.96 15.73 11.51
C VAL I 22 -85.20 17.03 12.26
N ASN I 23 -85.19 17.02 13.59
CA ASN I 23 -85.61 18.19 14.34
C ASN I 23 -84.48 18.84 15.12
N VAL I 24 -83.71 18.08 15.89
CA VAL I 24 -82.64 18.72 16.66
C VAL I 24 -81.56 19.25 15.74
N VAL I 25 -81.36 18.62 14.59
CA VAL I 25 -80.21 18.95 13.75
C VAL I 25 -80.65 19.70 12.50
N LEU I 26 -81.50 19.07 11.69
CA LEU I 26 -81.92 19.72 10.46
C LEU I 26 -82.95 20.81 10.70
N GLU I 27 -83.72 20.73 11.78
CA GLU I 27 -84.65 21.79 12.14
C GLU I 27 -85.64 22.06 11.01
N LEU I 28 -86.05 20.98 10.34
CA LEU I 28 -87.00 21.11 9.25
C LEU I 28 -88.38 21.46 9.80
N PRO I 29 -89.14 22.29 9.09
CA PRO I 29 -90.48 22.63 9.59
C PRO I 29 -91.39 21.40 9.60
N THR I 30 -92.42 21.47 10.44
CA THR I 30 -93.35 20.36 10.57
C THR I 30 -94.03 20.03 9.24
N GLU I 31 -94.12 20.99 8.33
CA GLU I 31 -94.74 20.72 7.03
C GLU I 31 -93.93 19.73 6.23
N ILE I 32 -92.63 19.60 6.51
CA ILE I 32 -91.76 18.69 5.76
C ILE I 32 -91.82 17.34 6.46
N SER I 33 -92.74 16.49 6.00
CA SER I 33 -92.88 15.17 6.60
C SER I 33 -91.75 14.25 6.14
N GLU I 34 -91.32 13.38 7.04
CA GLU I 34 -90.31 12.40 6.70
C GLU I 34 -90.82 11.42 5.67
N ALA I 35 -92.09 10.99 5.80
CA ALA I 35 -92.63 10.02 4.85
C ALA I 35 -92.74 10.62 3.46
N THR I 36 -93.03 11.91 3.37
CA THR I 36 -93.24 12.54 2.07
C THR I 36 -91.94 12.67 1.28
N HIS I 37 -90.84 12.98 1.96
CA HIS I 37 -89.60 13.32 1.29
C HIS I 37 -88.76 12.06 1.08
N PRO I 38 -88.68 11.51 -0.13
CA PRO I 38 -87.91 10.27 -0.32
C PRO I 38 -86.40 10.46 -0.26
N VAL I 39 -85.89 11.54 -0.86
CA VAL I 39 -84.45 11.77 -0.85
C VAL I 39 -83.96 12.02 0.56
N LEU I 40 -84.80 12.59 1.42
CA LEU I 40 -84.48 12.63 2.84
C LEU I 40 -84.71 11.26 3.48
N ALA I 41 -85.68 10.50 2.97
CA ALA I 41 -86.01 9.20 3.55
C ALA I 41 -84.86 8.21 3.42
N THR I 42 -83.99 8.38 2.42
CA THR I 42 -82.83 7.50 2.34
C THR I 42 -81.64 8.04 3.13
N MET I 43 -81.42 9.35 3.10
CA MET I 43 -80.23 9.92 3.74
C MET I 43 -80.29 9.81 5.26
N LEU I 44 -81.47 9.62 5.84
CA LEU I 44 -81.56 9.52 7.29
C LEU I 44 -80.81 8.31 7.81
N SER I 45 -80.86 7.20 7.06
CA SER I 45 -80.09 6.03 7.46
C SER I 45 -78.61 6.36 7.52
N LYS I 46 -78.13 7.23 6.61
CA LYS I 46 -76.71 7.55 6.56
C LYS I 46 -76.32 8.55 7.64
N TYR I 47 -77.17 9.55 7.87
CA TYR I 47 -76.88 10.54 8.90
C TYR I 47 -76.97 9.93 10.29
N THR I 48 -77.78 8.89 10.47
CA THR I 48 -77.83 8.23 11.76
C THR I 48 -76.50 7.59 12.12
N ARG I 49 -75.78 7.07 11.12
CA ARG I 49 -74.52 6.41 11.39
C ARG I 49 -73.53 7.36 12.02
N MET I 50 -73.47 8.60 11.53
CA MET I 50 -72.41 9.52 11.88
C MET I 50 -72.79 10.24 13.18
N SER I 51 -72.91 9.44 14.25
CA SER I 51 -73.46 9.95 15.50
C SER I 51 -72.58 11.05 16.08
N SER I 52 -71.29 11.05 15.74
CA SER I 52 -70.42 12.16 16.08
C SER I 52 -70.73 13.34 15.16
N LEU I 53 -69.97 14.42 15.32
CA LEU I 53 -69.99 15.52 14.36
C LEU I 53 -71.42 16.03 14.14
N PHE I 54 -72.23 15.99 15.19
CA PHE I 54 -73.55 16.62 15.20
C PHE I 54 -73.51 18.04 15.72
N ASN I 55 -72.36 18.47 16.22
CA ASN I 55 -72.25 19.81 16.78
C ASN I 55 -72.43 20.87 15.70
N ASP I 56 -71.86 20.65 14.52
CA ASP I 56 -72.02 21.57 13.40
C ASP I 56 -73.28 21.18 12.62
N LYS I 57 -74.39 21.79 13.02
CA LYS I 57 -75.67 21.54 12.35
C LYS I 57 -75.73 22.20 10.96
N CYS I 58 -74.84 23.16 10.71
CA CYS I 58 -74.86 23.84 9.41
C CYS I 58 -74.35 22.95 8.28
N ALA I 59 -73.63 21.87 8.61
CA ALA I 59 -73.12 20.98 7.58
C ALA I 59 -74.20 20.05 7.04
N PHE I 60 -75.05 19.50 7.90
CA PHE I 60 -76.02 18.53 7.43
C PHE I 60 -77.09 19.19 6.58
N LYS I 61 -77.42 20.45 6.86
CA LYS I 61 -78.38 21.15 6.02
C LYS I 61 -77.86 21.30 4.61
N LEU I 62 -76.61 21.73 4.46
CA LEU I 62 -76.05 21.88 3.13
C LEU I 62 -75.83 20.54 2.45
N ASP I 63 -75.56 19.50 3.23
CA ASP I 63 -75.44 18.17 2.62
C ASP I 63 -76.79 17.71 2.08
N LEU I 64 -77.85 17.89 2.85
CA LEU I 64 -79.15 17.50 2.35
C LEU I 64 -79.57 18.37 1.18
N LEU I 65 -79.16 19.63 1.20
CA LEU I 65 -79.40 20.52 0.08
C LEU I 65 -78.77 19.97 -1.19
N ARG I 66 -77.51 19.55 -1.11
CA ARG I 66 -76.85 19.04 -2.30
C ARG I 66 -77.38 17.66 -2.69
N MET I 67 -77.83 16.86 -1.74
CA MET I 67 -78.41 15.57 -2.15
C MET I 67 -79.75 15.76 -2.84
N VAL I 68 -80.52 16.77 -2.42
CA VAL I 68 -81.74 17.10 -3.14
C VAL I 68 -81.44 17.56 -4.55
N ALA I 69 -80.34 18.30 -4.73
CA ALA I 69 -79.93 18.65 -6.08
C ALA I 69 -79.48 17.44 -6.85
N VAL I 70 -78.89 16.46 -6.17
CA VAL I 70 -78.59 15.18 -6.82
C VAL I 70 -79.87 14.54 -7.30
N SER I 71 -80.96 14.74 -6.57
CA SER I 71 -82.19 14.05 -6.89
C SER I 71 -82.82 14.51 -8.19
N ARG I 72 -82.55 15.74 -8.65
CA ARG I 72 -83.30 16.30 -9.76
C ARG I 72 -82.40 16.90 -10.84
N THR I 73 -81.24 16.30 -11.09
CA THR I 73 -80.33 16.76 -12.13
C THR I 73 -80.45 15.85 -13.35
N ARG I 74 -81.07 16.35 -14.41
CA ARG I 74 -81.29 15.54 -15.60
C ARG I 74 -79.99 15.29 -16.35
N ARG I 75 -79.14 16.29 -16.45
CA ARG I 75 -77.84 16.12 -17.11
C ARG I 75 -77.06 15.04 -16.40
N MET J 1 41.80 40.59 -19.88
CA MET J 1 41.50 39.81 -21.07
C MET J 1 42.47 40.12 -22.20
N ASP J 2 43.50 39.30 -22.32
CA ASP J 2 44.45 39.36 -23.42
C ASP J 2 44.44 38.01 -24.11
N ALA J 3 44.77 38.02 -25.42
CA ALA J 3 44.80 36.76 -26.17
C ALA J 3 45.70 35.73 -25.51
N ARG J 4 46.84 36.17 -24.96
CA ARG J 4 47.73 35.24 -24.30
C ARG J 4 47.12 34.69 -23.01
N ALA J 5 46.28 35.47 -22.35
CA ALA J 5 45.78 35.08 -21.04
C ALA J 5 44.87 33.86 -21.13
N VAL J 6 44.02 33.78 -22.15
CA VAL J 6 43.26 32.56 -22.40
C VAL J 6 44.17 31.44 -22.91
N ALA J 7 45.24 31.80 -23.61
CA ALA J 7 46.13 30.78 -24.15
C ALA J 7 46.94 30.06 -23.09
N LYS J 8 47.01 30.57 -21.86
CA LYS J 8 47.85 29.94 -20.85
C LYS J 8 47.24 28.62 -20.39
N ARG J 9 48.11 27.63 -20.15
CA ARG J 9 47.65 26.38 -19.59
C ARG J 9 47.21 26.59 -18.14
N PRO J 10 46.29 25.76 -17.66
CA PRO J 10 45.87 25.87 -16.26
C PRO J 10 47.02 25.58 -15.32
N ARG J 11 47.08 26.34 -14.23
CA ARG J 11 48.21 26.30 -13.31
C ARG J 11 47.87 25.48 -12.07
N ASP J 12 48.61 24.39 -11.87
CA ASP J 12 48.36 23.48 -10.77
C ASP J 12 48.98 24.02 -9.48
N PRO J 13 48.32 23.82 -8.33
CA PRO J 13 48.80 24.43 -7.08
C PRO J 13 50.21 24.04 -6.66
N ALA J 14 50.67 22.86 -7.03
CA ALA J 14 52.03 22.46 -6.66
C ALA J 14 53.07 23.33 -7.34
N ASP J 15 52.76 23.86 -8.52
CA ASP J 15 53.70 24.73 -9.21
C ASP J 15 53.92 26.02 -8.45
N GLU J 16 52.90 26.52 -7.76
CA GLU J 16 53.05 27.68 -6.91
C GLU J 16 53.43 27.24 -5.51
N ASP J 17 54.29 28.01 -4.86
CA ASP J 17 54.61 27.75 -3.47
C ASP J 17 53.36 27.83 -2.61
N ASN J 18 53.38 27.12 -1.48
CA ASN J 18 52.26 27.12 -0.56
C ASN J 18 51.94 28.54 -0.13
N GLU J 19 50.65 28.79 0.12
CA GLU J 19 50.22 30.12 0.54
C GLU J 19 50.95 30.60 1.78
N LEU J 20 51.23 29.70 2.72
CA LEU J 20 52.04 30.07 3.88
C LEU J 20 53.45 30.43 3.46
N VAL J 21 54.00 29.69 2.49
CA VAL J 21 55.31 30.04 1.98
C VAL J 21 55.25 31.36 1.23
N THR J 22 54.14 31.65 0.57
CA THR J 22 54.02 32.92 -0.15
C THR J 22 54.00 34.10 0.81
N ALA J 23 53.49 33.91 2.01
CA ALA J 23 53.58 34.94 3.02
C ALA J 23 54.98 35.01 3.62
N LEU J 24 55.58 33.85 3.92
CA LEU J 24 56.88 33.87 4.57
C LEU J 24 57.97 34.38 3.64
N LYS J 25 57.84 34.14 2.34
CA LYS J 25 58.78 34.70 1.39
C LYS J 25 58.69 36.23 1.37
N ALA J 26 57.48 36.78 1.49
CA ALA J 26 57.31 38.23 1.52
C ALA J 26 57.82 38.83 2.82
N LYS J 27 57.51 38.20 3.96
CA LYS J 27 57.85 38.77 5.26
C LYS J 27 59.04 38.11 5.95
N ARG J 28 59.56 37.01 5.42
CA ARG J 28 60.87 36.43 5.75
C ARG J 28 60.96 35.86 7.15
N GLU J 29 59.90 35.90 7.96
CA GLU J 29 59.93 35.30 9.28
C GLU J 29 59.92 33.78 9.18
N VAL J 30 60.61 33.14 10.11
CA VAL J 30 60.89 31.71 10.05
C VAL J 30 60.43 31.10 11.36
N ASN J 31 59.28 30.43 11.32
CA ASN J 31 58.78 29.72 12.49
C ASN J 31 59.43 28.35 12.60
N THR J 32 59.28 27.75 13.77
CA THR J 32 59.74 26.38 13.99
C THR J 32 58.98 25.38 13.12
N ILE J 33 57.75 25.71 12.73
CA ILE J 33 56.92 24.77 12.00
C ILE J 33 57.39 24.66 10.56
N SER J 34 57.37 23.45 10.02
CA SER J 34 57.85 23.18 8.66
C SER J 34 56.70 23.35 7.68
N VAL J 35 56.53 24.57 7.19
CA VAL J 35 55.45 24.90 6.26
C VAL J 35 55.97 24.79 4.83
N ARG J 36 57.17 24.23 4.68
CA ARG J 36 57.74 24.02 3.36
C ARG J 36 56.87 23.12 2.51
N TYR J 37 56.21 22.14 3.12
CA TYR J 37 55.34 21.22 2.42
C TYR J 37 54.14 20.95 3.29
N LEU J 38 52.95 21.03 2.72
CA LEU J 38 51.71 20.79 3.44
C LEU J 38 51.28 19.35 3.22
N TYR J 39 50.98 18.67 4.33
CA TYR J 39 50.47 17.31 4.30
C TYR J 39 48.97 17.35 4.04
N HIS J 40 48.41 16.22 3.62
CA HIS J 40 46.99 16.11 3.32
C HIS J 40 46.52 17.12 2.29
N ALA J 41 47.42 17.65 1.46
CA ALA J 41 47.01 18.64 0.48
C ALA J 41 46.44 18.01 -0.79
N ASP J 42 46.57 16.71 -0.98
CA ASP J 42 46.04 16.03 -2.16
C ASP J 42 45.08 14.96 -1.67
N HIS J 43 43.84 15.35 -1.40
CA HIS J 43 42.89 14.40 -0.86
C HIS J 43 41.50 14.73 -1.40
N GLN J 44 41.10 13.99 -2.42
CA GLN J 44 39.73 14.04 -2.89
C GLN J 44 38.76 13.48 -1.86
N ALA J 45 39.28 12.72 -0.90
CA ALA J 45 38.42 12.22 0.17
C ALA J 45 37.97 13.36 1.06
N LEU J 46 36.69 13.36 1.40
CA LEU J 46 36.13 14.28 2.39
C LEU J 46 35.90 13.50 3.67
N THR J 47 36.15 14.14 4.81
CA THR J 47 36.22 13.38 6.05
C THR J 47 35.59 14.15 7.20
N ALA J 48 35.35 13.44 8.28
CA ALA J 48 34.76 14.04 9.47
C ALA J 48 35.20 13.24 10.70
N ARG J 49 35.45 13.95 11.78
CA ARG J 49 35.88 13.32 13.03
C ARG J 49 34.67 13.07 13.90
N PHE J 50 34.56 11.87 14.44
CA PHE J 50 33.46 11.46 15.29
C PHE J 50 34.01 10.92 16.58
N PHE J 51 33.64 11.53 17.70
CA PHE J 51 33.98 10.97 18.98
C PHE J 51 33.10 9.76 19.27
N VAL J 52 33.73 8.62 19.52
CA VAL J 52 33.03 7.37 19.77
C VAL J 52 33.55 6.81 21.08
N PRO J 53 32.68 6.50 22.04
CA PRO J 53 33.15 6.02 23.34
C PRO J 53 33.86 4.67 23.25
N GLU J 54 34.75 4.42 24.23
CA GLU J 54 35.65 3.27 24.17
C GLU J 54 34.93 1.93 24.21
N GLY J 55 33.64 1.91 24.50
CA GLY J 55 32.94 0.65 24.48
C GLY J 55 32.57 0.14 23.12
N LEU J 56 32.82 0.93 22.07
CA LEU J 56 32.47 0.58 20.70
C LEU J 56 33.67 0.46 19.79
N VAL J 57 34.89 0.55 20.33
CA VAL J 57 36.08 0.55 19.48
C VAL J 57 36.39 -0.84 18.94
N GLU J 58 35.93 -1.88 19.62
CA GLU J 58 36.33 -3.24 19.24
C GLU J 58 35.89 -3.57 17.83
N PHE J 59 36.79 -4.21 17.08
CA PHE J 59 36.64 -4.56 15.67
C PHE J 59 36.62 -3.34 14.76
N GLU J 60 36.83 -2.14 15.31
CA GLU J 60 36.98 -0.94 14.50
C GLU J 60 38.41 -0.42 14.47
N ALA J 61 39.28 -0.91 15.35
CA ALA J 61 40.69 -0.57 15.27
C ALA J 61 41.24 -0.88 13.89
N GLN J 62 40.76 -1.93 13.26
CA GLN J 62 41.07 -2.17 11.87
C GLN J 62 40.42 -1.08 11.03
N PRO J 63 41.19 -0.34 10.24
CA PRO J 63 40.59 0.69 9.38
C PRO J 63 39.66 0.06 8.36
N GLY J 64 38.53 0.71 8.17
CA GLY J 64 37.51 0.24 7.24
C GLY J 64 36.39 -0.47 7.97
N ALA J 65 35.31 0.25 8.22
CA ALA J 65 34.14 -0.28 8.91
C ALA J 65 33.07 0.80 8.89
N LEU J 66 31.82 0.42 8.66
CA LEU J 66 30.80 1.43 8.54
C LEU J 66 30.60 2.14 9.87
N LEU J 67 30.30 3.42 9.79
CA LEU J 67 29.80 4.18 10.92
C LEU J 67 28.35 4.53 10.64
N ILE J 68 27.45 4.16 11.55
CA ILE J 68 26.04 4.42 11.37
C ILE J 68 25.50 5.06 12.64
N ARG J 69 24.93 6.25 12.50
CA ARG J 69 24.32 6.90 13.63
C ARG J 69 23.02 6.19 13.99
N MET J 70 22.60 6.32 15.24
CA MET J 70 21.40 5.61 15.69
C MET J 70 20.64 6.52 16.65
N GLU J 71 19.59 7.17 16.17
CA GLU J 71 18.83 8.05 17.05
C GLU J 71 17.98 7.23 18.01
N THR J 72 18.02 7.58 19.29
CA THR J 72 17.18 6.94 20.30
C THR J 72 16.64 7.95 21.32
N GLY J 73 15.44 8.49 21.07
CA GLY J 73 14.62 8.95 22.18
C GLY J 73 15.32 9.89 23.15
N CYS J 74 15.82 9.30 24.24
CA CYS J 74 16.38 10.03 25.37
C CYS J 74 17.25 11.19 24.91
N ASP J 75 17.00 12.39 25.45
CA ASP J 75 17.67 13.58 24.96
C ASP J 75 19.13 13.61 25.39
N SER J 76 19.47 12.91 26.46
CA SER J 76 20.88 12.90 26.87
C SER J 76 21.75 12.11 25.91
N PRO J 77 21.49 10.83 25.62
CA PRO J 77 22.27 10.15 24.58
C PRO J 77 21.59 10.28 23.23
N ARG J 78 21.67 11.49 22.66
CA ARG J 78 20.90 11.82 21.45
C ARG J 78 21.12 10.82 20.33
N HIS J 79 22.32 10.29 20.21
CA HIS J 79 22.65 9.34 19.16
C HIS J 79 23.62 8.34 19.73
N LEU J 80 24.16 7.49 18.87
CA LEU J 80 25.18 6.53 19.21
C LEU J 80 25.73 5.93 17.93
N TYR J 81 27.03 5.71 17.85
CA TYR J 81 27.64 5.41 16.56
C TYR J 81 27.97 3.94 16.46
N ILE J 82 27.04 3.18 15.91
CA ILE J 82 27.17 1.74 15.80
C ILE J 82 28.09 1.40 14.65
N SER J 83 28.88 0.34 14.81
CA SER J 83 29.57 -0.26 13.69
C SER J 83 28.59 -1.13 12.90
N LEU J 84 29.05 -1.63 11.76
CA LEU J 84 28.28 -2.66 11.10
C LEU J 84 28.30 -3.97 11.87
N TYR J 85 29.44 -4.29 12.49
CA TYR J 85 29.56 -5.55 13.22
C TYR J 85 28.64 -5.56 14.44
N LEU J 86 28.61 -4.47 15.18
CA LEU J 86 27.77 -4.43 16.37
C LEU J 86 26.31 -4.60 15.99
N LEU J 87 25.92 -4.15 14.81
CA LEU J 87 24.55 -4.35 14.37
C LEU J 87 24.27 -5.78 13.98
N GLY J 88 25.30 -6.60 13.79
CA GLY J 88 25.09 -7.96 13.38
C GLY J 88 24.43 -8.83 14.42
N ILE J 89 24.58 -8.50 15.70
CA ILE J 89 23.95 -9.32 16.73
C ILE J 89 22.44 -9.28 16.60
N ARG J 90 21.88 -8.15 16.15
CA ARG J 90 20.44 -8.05 16.00
C ARG J 90 19.96 -8.72 14.72
N ALA J 91 20.81 -8.80 13.72
CA ALA J 91 20.41 -9.35 12.42
C ALA J 91 20.04 -10.82 12.53
N SER J 92 19.07 -11.24 11.73
CA SER J 92 18.71 -12.65 11.66
C SER J 92 19.52 -13.41 10.63
N ASN J 93 20.18 -12.71 9.70
CA ASN J 93 21.00 -13.38 8.70
C ASN J 93 22.22 -14.04 9.32
N VAL J 94 22.80 -13.43 10.36
CA VAL J 94 24.09 -13.84 10.89
C VAL J 94 23.98 -15.23 11.51
N SER J 95 25.05 -16.01 11.36
CA SER J 95 25.13 -17.34 11.96
C SER J 95 25.05 -17.23 13.48
N ALA J 96 24.32 -18.17 14.08
CA ALA J 96 24.24 -18.21 15.53
C ALA J 96 25.62 -18.39 16.14
N SER J 97 26.50 -19.13 15.47
CA SER J 97 27.86 -19.27 15.97
C SER J 97 28.61 -17.95 15.88
N THR J 98 28.53 -17.30 14.72
CA THR J 98 29.15 -15.98 14.60
C THR J 98 28.50 -14.97 15.53
N ARG J 99 27.18 -15.06 15.71
CA ARG J 99 26.51 -14.10 16.57
C ARG J 99 26.94 -14.27 18.02
N CYS J 100 26.91 -15.49 18.53
CA CYS J 100 27.39 -15.74 19.88
C CYS J 100 28.88 -15.52 20.01
N LEU J 101 29.62 -15.58 18.91
CA LEU J 101 31.05 -15.33 18.94
C LEU J 101 31.29 -13.85 19.17
N LEU J 102 30.77 -13.02 18.28
CA LEU J 102 31.04 -11.59 18.38
C LEU J 102 30.24 -10.92 19.49
N GLU J 103 29.15 -11.54 19.95
CA GLU J 103 28.37 -10.94 21.03
C GLU J 103 29.15 -10.90 22.33
N SER J 104 30.02 -11.88 22.55
CA SER J 104 30.94 -11.82 23.66
C SER J 104 31.88 -10.62 23.54
N VAL J 105 32.25 -10.24 22.33
CA VAL J 105 33.23 -9.17 22.16
C VAL J 105 32.65 -7.83 22.60
N TYR J 106 31.35 -7.64 22.47
CA TYR J 106 30.70 -6.40 22.91
C TYR J 106 30.13 -6.54 24.32
N THR J 107 30.99 -6.85 25.28
CA THR J 107 30.55 -6.92 26.68
C THR J 107 30.89 -5.60 27.38
N ALA J 108 30.22 -4.54 26.94
CA ALA J 108 30.39 -3.23 27.55
C ALA J 108 29.03 -2.57 27.66
N SER J 109 28.87 -1.78 28.71
CA SER J 109 27.60 -1.10 28.93
C SER J 109 27.28 -0.16 27.79
N ALA J 110 28.30 0.44 27.18
CA ALA J 110 28.09 1.33 26.05
C ALA J 110 27.55 0.58 24.85
N ALA J 111 28.06 -0.62 24.60
CA ALA J 111 27.53 -1.43 23.52
C ALA J 111 26.21 -2.11 23.89
N ARG J 112 26.08 -2.62 25.11
CA ARG J 112 24.83 -3.24 25.50
C ARG J 112 23.69 -2.24 25.44
N ALA J 113 24.00 -0.97 25.69
CA ALA J 113 23.03 0.09 25.47
C ALA J 113 22.48 0.03 24.06
N ALA J 114 23.30 -0.38 23.09
CA ALA J 114 22.84 -0.43 21.71
C ALA J 114 21.79 -1.51 21.52
N LEU J 115 22.00 -2.69 22.11
CA LEU J 115 20.96 -3.71 22.04
C LEU J 115 19.69 -3.25 22.72
N GLN J 116 19.82 -2.53 23.84
CA GLN J 116 18.62 -2.08 24.53
C GLN J 116 17.86 -1.05 23.71
N TRP J 117 18.58 -0.11 23.11
CA TRP J 117 17.95 0.91 22.29
C TRP J 117 17.42 0.36 20.98
N LEU J 118 17.96 -0.77 20.54
CA LEU J 118 17.40 -1.47 19.38
C LEU J 118 16.09 -2.13 19.73
N ASP J 119 16.03 -2.80 20.88
CA ASP J 119 14.79 -3.44 21.32
C ASP J 119 13.71 -2.40 21.64
N LEU J 120 14.11 -1.20 22.04
CA LEU J 120 13.18 -0.30 22.73
C LEU J 120 12.04 0.17 21.83
N GLY J 121 12.30 0.37 20.54
CA GLY J 121 11.39 1.09 19.69
C GLY J 121 10.43 0.23 18.90
N PRO J 122 9.16 0.64 18.87
CA PRO J 122 8.23 -0.04 17.95
C PRO J 122 8.54 0.26 16.48
N HIS J 123 8.92 1.49 16.16
CA HIS J 123 9.17 1.86 14.77
C HIS J 123 10.37 1.11 14.21
N LEU J 124 10.36 0.96 12.88
CA LEU J 124 11.26 0.04 12.18
C LEU J 124 12.71 0.46 12.32
N LEU J 125 13.62 -0.50 12.14
CA LEU J 125 15.04 -0.22 12.32
C LEU J 125 15.56 0.76 11.28
N HIS J 126 15.25 0.55 10.00
CA HIS J 126 15.84 1.36 8.93
C HIS J 126 15.63 2.85 9.14
N ARG J 127 14.65 3.23 9.96
CA ARG J 127 14.41 4.65 10.21
C ARG J 127 15.50 5.27 11.07
N ARG J 128 15.95 4.56 12.10
CA ARG J 128 16.84 5.11 13.10
C ARG J 128 18.28 5.27 12.62
N LEU J 129 18.66 4.69 11.50
CA LEU J 129 20.06 4.69 11.12
C LEU J 129 20.36 5.75 10.07
N GLU J 130 21.62 6.17 10.04
CA GLU J 130 22.11 7.03 8.96
C GLU J 130 23.59 6.72 8.79
N THR J 131 23.92 6.03 7.70
CA THR J 131 25.30 5.61 7.47
C THR J 131 26.20 6.83 7.35
N LEU J 132 27.40 6.74 7.93
CA LEU J 132 28.33 7.85 7.95
C LEU J 132 29.57 7.63 7.12
N GLY J 133 29.86 6.40 6.72
CA GLY J 133 31.07 6.16 5.96
C GLY J 133 31.92 5.10 6.62
N CYS J 134 33.24 5.25 6.58
CA CYS J 134 34.10 4.15 6.99
C CYS J 134 35.19 4.65 7.93
N VAL J 135 35.61 3.78 8.83
CA VAL J 135 36.65 4.12 9.79
C VAL J 135 37.99 4.26 9.08
N LYS J 136 38.83 5.12 9.63
CA LYS J 136 40.26 5.12 9.40
C LYS J 136 40.89 5.93 10.52
N THR J 137 42.17 5.69 10.78
CA THR J 137 42.95 6.43 11.78
C THR J 137 42.23 6.45 13.13
N VAL J 138 42.11 5.26 13.72
CA VAL J 138 41.54 5.16 15.05
C VAL J 138 42.39 5.94 16.03
N SER J 139 41.76 6.83 16.79
CA SER J 139 42.52 7.62 17.76
C SER J 139 42.91 6.78 18.96
N LEU J 140 42.12 5.75 19.26
CA LEU J 140 42.54 4.67 20.13
C LEU J 140 43.01 5.13 21.50
N GLY J 141 42.09 5.66 22.30
CA GLY J 141 42.43 6.14 23.61
C GLY J 141 41.40 5.68 24.62
N ILE J 142 41.35 6.38 25.75
CA ILE J 142 40.20 6.12 26.60
C ILE J 142 38.91 6.40 25.86
N THR J 143 38.93 7.23 24.81
CA THR J 143 37.76 7.45 23.95
C THR J 143 38.21 7.75 22.53
N SER J 144 38.10 6.75 21.67
CA SER J 144 38.52 6.90 20.30
C SER J 144 37.83 8.07 19.59
N LEU J 145 38.59 8.77 18.76
CA LEU J 145 38.12 9.84 17.89
C LEU J 145 38.32 9.34 16.47
N LEU J 146 37.32 8.64 15.97
CA LEU J 146 37.44 7.99 14.67
C LEU J 146 37.28 8.99 13.54
N THR J 147 38.16 8.91 12.56
CA THR J 147 38.03 9.68 11.33
C THR J 147 37.23 8.86 10.34
N CYS J 148 36.23 9.47 9.74
CA CYS J 148 35.30 8.73 8.90
C CYS J 148 35.19 9.42 7.56
N VAL J 149 35.25 8.64 6.50
CA VAL J 149 35.21 9.16 5.15
C VAL J 149 33.77 9.30 4.70
N MET J 150 33.42 10.47 4.18
CA MET J 150 32.11 10.71 3.59
C MET J 150 32.09 10.43 2.10
N ARG J 151 33.22 10.60 1.41
CA ARG J 151 33.29 10.39 -0.02
C ARG J 151 34.75 10.19 -0.41
N GLY J 152 34.96 9.43 -1.47
CA GLY J 152 36.31 9.19 -1.96
C GLY J 152 36.91 7.91 -1.43
N TYR J 153 38.18 7.73 -1.74
CA TYR J 153 38.89 6.52 -1.38
C TYR J 153 39.29 6.50 0.09
N LEU J 154 39.32 5.30 0.65
CA LEU J 154 39.97 5.09 1.92
C LEU J 154 41.44 4.79 1.68
N TYR J 155 42.31 5.47 2.42
CA TYR J 155 43.74 5.21 2.29
C TYR J 155 44.45 5.86 3.46
N ASN J 156 45.72 5.54 3.58
CA ASN J 156 46.55 6.08 4.63
C ASN J 156 46.75 7.57 4.43
N THR J 157 47.21 8.23 5.49
CA THR J 157 47.91 9.49 5.28
C THR J 157 49.18 9.19 4.50
N LEU J 158 49.54 10.10 3.59
CA LEU J 158 50.66 9.92 2.65
C LEU J 158 50.34 8.88 1.58
N LYS J 159 49.12 8.33 1.56
CA LYS J 159 48.70 7.31 0.59
C LYS J 159 49.66 6.12 0.57
N THR J 160 50.26 5.83 1.71
CA THR J 160 51.20 4.72 1.82
C THR J 160 50.49 3.38 1.80
N GLU J 161 49.21 3.34 2.13
CA GLU J 161 48.45 2.10 2.10
C GLU J 161 46.97 2.41 1.88
N VAL J 162 46.28 1.51 1.20
CA VAL J 162 44.86 1.64 0.93
C VAL J 162 44.10 0.77 1.89
N PHE J 163 43.35 1.41 2.77
CA PHE J 163 42.43 0.69 3.63
C PHE J 163 41.35 0.03 2.80
N ALA J 164 40.87 -1.10 3.29
CA ALA J 164 39.93 -1.95 2.57
C ALA J 164 38.63 -2.08 3.36
N LEU J 165 37.51 -2.05 2.66
CA LEU J 165 36.25 -2.28 3.35
C LEU J 165 36.18 -3.73 3.78
N MET J 166 35.78 -3.96 5.02
CA MET J 166 35.61 -5.30 5.57
C MET J 166 34.13 -5.50 5.87
N ILE J 167 33.57 -6.57 5.33
CA ILE J 167 32.15 -6.86 5.48
C ILE J 167 32.01 -8.28 6.01
N PRO J 168 31.41 -8.50 7.18
CA PRO J 168 31.38 -9.86 7.73
C PRO J 168 30.74 -10.82 6.77
N LYS J 169 31.33 -12.03 6.68
CA LYS J 169 31.08 -12.90 5.55
C LYS J 169 29.62 -13.31 5.47
N ASP J 170 28.92 -13.34 6.59
CA ASP J 170 27.53 -13.79 6.58
C ASP J 170 26.61 -12.72 5.97
N MET J 171 27.01 -11.45 6.04
CA MET J 171 26.21 -10.41 5.40
C MET J 171 26.48 -10.31 3.91
N TYR J 172 27.67 -10.68 3.47
CA TYR J 172 28.01 -10.51 2.06
C TYR J 172 27.23 -11.45 1.17
N LEU J 173 26.68 -10.92 0.08
CA LEU J 173 25.97 -11.74 -0.89
C LEU J 173 26.18 -11.21 -2.30
N THR J 174 26.14 -12.13 -3.25
CA THR J 174 26.26 -11.82 -4.67
C THR J 174 25.10 -12.47 -5.39
N TRP J 175 24.38 -11.69 -6.19
CA TRP J 175 23.28 -12.26 -6.97
C TRP J 175 23.79 -13.03 -8.17
N GLU J 176 24.84 -12.54 -8.82
CA GLU J 176 25.18 -12.97 -10.17
C GLU J 176 26.31 -13.98 -10.21
N GLU J 177 26.38 -14.73 -11.30
CA GLU J 177 27.42 -15.74 -11.49
C GLU J 177 28.61 -15.24 -12.28
N THR J 178 28.46 -14.16 -13.05
CA THR J 178 29.53 -13.62 -13.88
C THR J 178 29.75 -12.17 -13.46
N ARG J 179 30.76 -11.94 -12.65
CA ARG J 179 30.96 -10.61 -12.09
C ARG J 179 31.42 -9.62 -13.15
N GLY J 180 30.90 -8.39 -13.07
CA GLY J 180 31.31 -7.36 -13.98
C GLY J 180 32.64 -6.76 -13.62
N ARG J 181 33.15 -5.95 -14.55
CA ARG J 181 34.45 -5.31 -14.33
C ARG J 181 34.40 -4.32 -13.18
N LEU J 182 33.24 -3.73 -12.93
CA LEU J 182 33.02 -2.82 -11.82
C LEU J 182 31.69 -3.18 -11.19
N GLN J 183 31.59 -3.03 -9.87
CA GLN J 183 30.29 -3.31 -9.30
C GLN J 183 30.06 -2.51 -8.05
N TYR J 184 28.81 -2.09 -7.86
CA TYR J 184 28.42 -1.21 -6.80
C TYR J 184 28.01 -1.99 -5.56
N VAL J 185 28.34 -1.43 -4.41
CA VAL J 185 27.98 -2.00 -3.13
C VAL J 185 26.78 -1.25 -2.59
N TYR J 186 25.76 -2.01 -2.19
CA TYR J 186 24.54 -1.49 -1.58
C TYR J 186 24.29 -2.23 -0.29
N LEU J 187 23.83 -1.51 0.73
CA LEU J 187 23.48 -2.07 2.02
C LEU J 187 21.98 -2.29 2.05
N ILE J 188 21.55 -3.47 2.50
CA ILE J 188 20.16 -3.85 2.32
C ILE J 188 19.60 -4.42 3.62
N ILE J 189 18.80 -3.62 4.33
CA ILE J 189 18.02 -4.13 5.44
C ILE J 189 16.70 -4.68 4.91
N VAL J 190 16.31 -5.87 5.37
CA VAL J 190 15.10 -6.54 4.89
C VAL J 190 14.31 -7.12 6.05
N TYR J 191 13.17 -6.50 6.37
CA TYR J 191 12.33 -7.02 7.44
C TYR J 191 11.55 -8.25 6.97
N ASP J 192 11.63 -9.32 7.74
CA ASP J 192 10.75 -10.46 7.57
C ASP J 192 9.78 -10.49 8.73
N TYR J 193 8.48 -10.38 8.41
CA TYR J 193 7.51 -10.12 9.45
C TYR J 193 7.19 -11.37 10.24
N ASP J 194 6.88 -11.17 11.51
CA ASP J 194 6.65 -12.24 12.46
C ASP J 194 5.86 -11.66 13.62
N GLY J 195 5.24 -12.55 14.39
CA GLY J 195 4.23 -12.17 15.33
C GLY J 195 4.65 -11.16 16.38
N PRO J 196 5.55 -11.55 17.28
CA PRO J 196 5.92 -10.62 18.37
C PRO J 196 6.70 -9.42 17.89
N GLU J 197 7.53 -9.60 16.86
CA GLU J 197 8.34 -8.51 16.35
C GLU J 197 8.78 -8.88 14.94
N THR J 198 8.96 -7.86 14.10
CA THR J 198 9.47 -8.04 12.74
C THR J 198 10.98 -8.00 12.81
N ARG J 199 11.60 -9.17 12.82
CA ARG J 199 13.05 -9.25 12.97
C ARG J 199 13.75 -8.83 11.67
N PRO J 200 14.79 -8.00 11.76
CA PRO J 200 15.50 -7.56 10.55
C PRO J 200 16.56 -8.55 10.11
N GLY J 201 16.82 -8.60 8.81
CA GLY J 201 17.96 -9.33 8.28
C GLY J 201 18.88 -8.52 7.39
N ILE J 202 20.09 -8.22 7.86
CA ILE J 202 20.95 -7.30 7.14
C ILE J 202 21.73 -8.03 6.05
N TYR J 203 22.02 -7.34 4.96
CA TYR J 203 22.89 -7.87 3.92
C TYR J 203 23.67 -6.73 3.28
N VAL J 204 24.74 -7.06 2.58
CA VAL J 204 25.49 -6.11 1.75
C VAL J 204 25.63 -6.73 0.37
N LEU J 205 25.05 -6.11 -0.63
CA LEU J 205 24.84 -6.76 -1.93
C LEU J 205 25.62 -6.04 -3.01
N THR J 206 26.86 -6.46 -3.22
CA THR J 206 27.61 -5.95 -4.36
C THR J 206 26.96 -6.43 -5.65
N SER J 207 26.92 -5.55 -6.64
CA SER J 207 26.38 -5.93 -7.93
C SER J 207 26.75 -4.87 -8.95
N SER J 208 26.97 -5.32 -10.19
CA SER J 208 27.22 -4.39 -11.29
C SER J 208 25.98 -3.59 -11.64
N ILE J 209 24.81 -3.97 -11.14
CA ILE J 209 23.60 -3.23 -11.41
C ILE J 209 23.71 -1.83 -10.84
N ALA J 210 23.29 -0.86 -11.61
CA ALA J 210 23.23 0.52 -11.15
C ALA J 210 21.81 1.10 -11.20
N HIS J 211 21.05 0.76 -12.23
CA HIS J 211 19.69 1.26 -12.37
C HIS J 211 18.86 0.80 -11.19
N TRP J 212 18.06 1.71 -10.64
CA TRP J 212 17.28 1.35 -9.46
C TRP J 212 16.19 0.35 -9.79
N GLN J 213 15.49 0.55 -10.91
CA GLN J 213 14.36 -0.33 -11.22
C GLN J 213 14.83 -1.76 -11.46
N THR J 214 15.87 -1.94 -12.25
CA THR J 214 16.35 -3.30 -12.50
C THR J 214 16.91 -3.91 -11.22
N LEU J 215 17.55 -3.10 -10.38
CA LEU J 215 18.08 -3.58 -9.11
C LEU J 215 16.98 -4.11 -8.21
N VAL J 216 15.92 -3.32 -8.00
CA VAL J 216 14.86 -3.80 -7.13
C VAL J 216 14.13 -4.97 -7.75
N ASP J 217 14.05 -5.02 -9.09
CA ASP J 217 13.43 -6.18 -9.72
C ASP J 217 14.21 -7.45 -9.40
N VAL J 218 15.53 -7.42 -9.52
CA VAL J 218 16.27 -8.62 -9.19
C VAL J 218 16.23 -8.89 -7.69
N ALA J 219 16.07 -7.85 -6.87
CA ALA J 219 16.07 -8.05 -5.42
C ALA J 219 14.82 -8.78 -4.95
N ARG J 220 13.67 -8.46 -5.53
CA ARG J 220 12.45 -9.15 -5.16
C ARG J 220 12.52 -10.62 -5.47
N GLY J 221 13.51 -11.04 -6.25
CA GLY J 221 13.68 -12.44 -6.54
C GLY J 221 13.97 -13.20 -5.26
N LYS J 222 15.13 -12.97 -4.65
CA LYS J 222 15.42 -13.67 -3.42
C LYS J 222 14.49 -13.25 -2.29
N PHE J 223 14.02 -12.00 -2.29
CA PHE J 223 13.22 -11.56 -1.16
C PHE J 223 11.73 -11.80 -1.34
N ALA J 224 11.33 -12.62 -2.30
CA ALA J 224 9.92 -12.96 -2.42
C ALA J 224 9.37 -13.54 -1.12
N ARG J 225 10.19 -14.23 -0.35
CA ARG J 225 9.68 -14.84 0.87
C ARG J 225 9.28 -13.77 1.87
N GLU J 226 10.16 -12.79 2.08
CA GLU J 226 9.86 -11.71 3.00
C GLU J 226 8.73 -10.85 2.47
N ARG J 227 8.67 -10.63 1.16
CA ARG J 227 7.62 -9.79 0.60
C ARG J 227 6.25 -10.44 0.76
N CYS J 228 6.17 -11.75 0.50
CA CYS J 228 4.91 -12.46 0.68
C CYS J 228 4.55 -12.53 2.16
N SER J 229 5.53 -12.61 3.04
CA SER J 229 5.21 -12.58 4.47
C SER J 229 4.73 -11.22 4.91
N PHE J 230 5.21 -10.16 4.27
CA PHE J 230 4.68 -8.81 4.55
C PHE J 230 3.25 -8.69 4.06
N VAL J 231 2.97 -9.17 2.86
CA VAL J 231 1.60 -9.17 2.35
C VAL J 231 0.69 -9.99 3.23
N ASN J 232 1.19 -11.12 3.75
CA ASN J 232 0.37 -11.96 4.62
C ASN J 232 0.11 -11.30 5.96
N ARG J 233 1.10 -10.61 6.52
CA ARG J 233 0.84 -9.86 7.74
C ARG J 233 -0.10 -8.70 7.48
N ARG J 234 -0.06 -8.14 6.26
CA ARG J 234 -0.94 -7.02 5.94
C ARG J 234 -2.40 -7.42 6.07
N ILE J 235 -2.76 -8.63 5.64
CA ILE J 235 -4.14 -9.07 5.78
C ILE J 235 -4.41 -9.77 7.11
N THR J 236 -3.39 -10.38 7.73
CA THR J 236 -3.61 -11.09 8.98
C THR J 236 -4.03 -10.12 10.09
N ARG J 237 -3.47 -8.92 10.08
CA ARG J 237 -3.74 -7.94 11.13
C ARG J 237 -4.44 -6.72 10.56
N PRO J 238 -5.64 -6.42 11.00
CA PRO J 238 -6.27 -5.16 10.61
C PRO J 238 -5.74 -4.02 11.45
N ARG J 239 -5.90 -2.80 10.95
CA ARG J 239 -5.47 -1.60 11.68
C ARG J 239 -4.02 -1.72 12.12
N GLN J 240 -3.25 -2.44 11.32
CA GLN J 240 -1.80 -2.48 11.42
C GLN J 240 -1.27 -2.00 10.08
N ILE J 241 -0.35 -1.04 10.14
CA ILE J 241 0.14 -0.40 8.91
C ILE J 241 1.63 -0.63 8.80
N PRO J 242 2.06 -1.87 8.61
CA PRO J 242 3.48 -2.12 8.43
C PRO J 242 3.93 -1.62 7.07
N LEU J 243 5.07 -0.93 7.06
CA LEU J 243 5.66 -0.44 5.83
C LEU J 243 6.83 -1.30 5.39
N CYS J 244 7.57 -0.76 4.42
CA CYS J 244 8.51 -1.43 3.52
C CYS J 244 9.34 -2.57 4.07
N THR J 245 9.61 -3.53 3.23
CA THR J 245 9.99 -4.91 3.48
C THR J 245 11.45 -5.18 3.19
N GLY J 246 12.04 -4.43 2.28
CA GLY J 246 13.48 -4.25 2.28
C GLY J 246 13.71 -2.78 2.05
N VAL J 247 14.91 -2.32 2.40
CA VAL J 247 15.33 -0.97 2.08
C VAL J 247 16.76 -1.01 1.58
N ILE J 248 17.02 -0.35 0.46
CA ILE J 248 18.30 -0.38 -0.19
C ILE J 248 18.89 1.02 -0.19
N GLN J 249 20.17 1.11 0.10
CA GLN J 249 20.85 2.39 0.01
C GLN J 249 22.20 2.17 -0.65
N LYS J 250 22.53 3.02 -1.60
CA LYS J 250 23.80 2.86 -2.30
C LYS J 250 24.93 3.20 -1.36
N LEU J 251 25.86 2.26 -1.21
CA LEU J 251 26.93 2.38 -0.24
C LEU J 251 28.27 2.73 -0.89
N GLY J 252 28.44 2.50 -2.17
CA GLY J 252 29.67 2.89 -2.86
C GLY J 252 29.97 1.93 -4.00
N TRP J 253 31.25 1.77 -4.34
CA TRP J 253 31.57 0.85 -5.42
C TRP J 253 32.97 0.27 -5.26
N CYS J 254 33.20 -0.85 -5.92
CA CYS J 254 34.48 -1.53 -5.92
C CYS J 254 34.66 -2.23 -7.26
N LEU J 255 35.90 -2.59 -7.58
CA LEU J 255 36.15 -3.05 -8.94
C LEU J 255 35.85 -4.53 -9.18
N ALA J 256 35.40 -5.27 -8.17
CA ALA J 256 34.92 -6.64 -8.33
C ALA J 256 36.04 -7.62 -8.65
N ASP J 257 37.23 -7.12 -8.95
CA ASP J 257 38.39 -7.99 -8.89
C ASP J 257 39.02 -7.94 -7.52
N ASP J 258 38.80 -6.86 -6.79
CA ASP J 258 39.37 -6.71 -5.47
C ASP J 258 38.76 -7.66 -4.45
N ILE J 259 37.53 -8.11 -4.69
CA ILE J 259 36.81 -8.87 -3.68
C ILE J 259 37.47 -10.22 -3.44
N HIS J 260 37.66 -10.54 -2.15
CA HIS J 260 38.27 -11.78 -1.71
C HIS J 260 38.11 -11.90 -0.21
N THR J 261 38.13 -13.12 0.29
CA THR J 261 37.91 -13.35 1.71
C THR J 261 39.10 -12.90 2.54
N SER J 262 38.86 -12.77 3.84
CA SER J 262 39.90 -12.45 4.82
C SER J 262 39.30 -12.71 6.21
N PHE J 263 40.01 -12.28 7.24
CA PHE J 263 39.49 -12.34 8.59
C PHE J 263 40.02 -11.17 9.41
N LEU J 264 39.16 -10.63 10.27
CA LEU J 264 39.61 -9.70 11.29
C LEU J 264 40.15 -10.48 12.49
N VAL J 265 41.14 -9.88 13.14
CA VAL J 265 41.91 -10.53 14.19
C VAL J 265 41.89 -9.60 15.39
N HIS J 266 41.16 -9.99 16.42
CA HIS J 266 40.98 -9.11 17.55
C HIS J 266 40.73 -9.95 18.79
N LYS J 267 41.46 -9.66 19.87
CA LYS J 267 41.34 -10.42 21.10
C LYS J 267 41.57 -11.90 20.82
N GLU J 268 42.42 -12.20 19.84
CA GLU J 268 42.66 -13.56 19.36
C GLU J 268 41.35 -14.22 18.96
N LEU J 269 40.56 -13.52 18.14
CA LEU J 269 39.25 -13.99 17.70
C LEU J 269 39.14 -13.77 16.20
N LYS J 270 39.47 -14.79 15.43
CA LYS J 270 39.40 -14.66 13.98
C LYS J 270 37.95 -14.61 13.52
N LEU J 271 37.69 -13.72 12.57
CA LEU J 271 36.33 -13.45 12.09
C LEU J 271 36.36 -13.36 10.58
N SER J 272 35.76 -14.33 9.89
CA SER J 272 35.80 -14.34 8.44
C SER J 272 34.92 -13.25 7.84
N VAL J 273 35.53 -12.42 7.00
CA VAL J 273 34.86 -11.27 6.39
C VAL J 273 35.36 -11.12 4.96
N VAL J 274 34.45 -10.76 4.07
CA VAL J 274 34.83 -10.41 2.71
C VAL J 274 35.47 -9.03 2.69
N ARG J 275 36.42 -8.81 1.77
CA ARG J 275 37.30 -7.67 1.83
C ARG J 275 37.32 -6.98 0.47
N LEU J 276 36.42 -6.01 0.26
CA LEU J 276 36.60 -5.09 -0.84
C LEU J 276 37.80 -4.21 -0.55
N ASP J 277 38.72 -4.13 -1.52
CA ASP J 277 40.01 -3.54 -1.17
C ASP J 277 40.09 -2.04 -1.43
N ASN J 278 39.93 -1.60 -2.67
CA ASN J 278 39.98 -0.17 -2.97
C ASN J 278 38.56 0.39 -3.05
N PHE J 279 37.86 0.33 -1.93
CA PHE J 279 36.45 0.67 -1.89
C PHE J 279 36.29 2.17 -1.73
N SER J 280 35.94 2.84 -2.82
CA SER J 280 35.58 4.24 -2.75
C SER J 280 34.18 4.40 -2.17
N VAL J 281 34.04 5.29 -1.20
CA VAL J 281 32.75 5.56 -0.59
C VAL J 281 32.05 6.66 -1.37
N GLU J 282 30.78 6.42 -1.72
CA GLU J 282 29.90 7.42 -2.30
C GLU J 282 28.50 7.12 -1.74
N LEU J 283 28.15 7.82 -0.67
CA LEU J 283 26.93 7.50 0.05
C LEU J 283 25.69 7.83 -0.77
N GLY J 284 24.63 7.07 -0.54
CA GLY J 284 23.35 7.31 -1.17
C GLY J 284 22.28 7.65 -0.16
N ASP J 285 21.15 6.96 -0.21
CA ASP J 285 20.16 7.08 0.85
C ASP J 285 19.21 5.91 0.81
N PHE J 286 18.62 5.62 1.97
CA PHE J 286 17.65 4.55 2.07
C PHE J 286 16.47 4.80 1.14
N ARG J 287 16.14 3.80 0.34
CA ARG J 287 15.07 3.88 -0.64
C ARG J 287 14.06 2.80 -0.29
N GLU J 288 12.94 3.22 0.27
CA GLU J 288 11.87 2.30 0.63
C GLU J 288 11.41 1.53 -0.59
N PHE J 289 11.08 0.26 -0.39
CA PHE J 289 10.43 -0.50 -1.45
C PHE J 289 9.68 -1.67 -0.84
N VAL J 290 8.69 -2.15 -1.59
CA VAL J 290 7.99 -3.36 -1.21
C VAL J 290 8.75 -4.51 -1.82
N MET K 1 42.06 -3.96 -10.04
CA MET K 1 42.02 -3.91 -11.50
C MET K 1 42.32 -2.50 -11.96
N ALA K 2 42.36 -2.30 -13.27
CA ALA K 2 42.33 -0.96 -13.79
C ALA K 2 40.94 -0.35 -13.60
N ALA K 3 40.90 0.83 -12.96
CA ALA K 3 39.62 1.47 -12.69
C ALA K 3 38.91 1.90 -13.95
N MET K 4 37.61 2.14 -13.82
CA MET K 4 36.80 2.51 -14.97
C MET K 4 37.31 3.77 -15.63
N GLU K 5 37.43 3.67 -16.95
CA GLU K 5 38.08 4.74 -17.76
C GLU K 5 37.11 5.89 -18.07
N ALA K 6 37.64 7.10 -18.07
CA ALA K 6 36.89 8.31 -18.43
C ALA K 6 36.94 8.60 -19.91
N ASN K 7 38.02 8.27 -20.60
CA ASN K 7 38.13 8.50 -22.03
C ASN K 7 38.28 7.17 -22.75
N ILE K 8 37.49 6.97 -23.80
CA ILE K 8 37.37 5.68 -24.46
C ILE K 8 37.44 5.88 -25.96
N PHE K 9 38.32 5.17 -26.62
CA PHE K 9 38.57 5.39 -28.03
C PHE K 9 37.85 4.34 -28.84
N CYS K 10 37.08 4.76 -29.82
CA CYS K 10 36.32 3.86 -30.64
C CYS K 10 36.90 3.82 -32.05
N THR K 11 37.04 2.61 -32.60
CA THR K 11 37.66 2.40 -33.89
C THR K 11 36.69 1.67 -34.78
N PHE K 12 36.42 2.22 -35.95
CA PHE K 12 35.61 1.50 -36.93
C PHE K 12 36.49 0.55 -37.73
N ASP K 13 35.90 -0.54 -38.20
CA ASP K 13 36.60 -1.47 -39.06
C ASP K 13 36.21 -1.33 -40.53
N HIS K 14 34.92 -1.17 -40.80
CA HIS K 14 34.45 -1.05 -42.16
C HIS K 14 34.94 0.25 -42.78
N LYS K 15 35.14 0.22 -44.10
CA LYS K 15 35.67 1.38 -44.80
C LYS K 15 34.69 2.54 -44.71
N LEU K 16 35.20 3.69 -44.29
CA LEU K 16 34.37 4.85 -43.99
C LEU K 16 34.42 5.80 -45.18
N SER K 17 33.27 6.02 -45.79
CA SER K 17 33.23 6.99 -46.87
C SER K 17 33.54 8.37 -46.32
N ILE K 18 34.12 9.21 -47.17
CA ILE K 18 34.38 10.59 -46.81
C ILE K 18 33.07 11.30 -46.49
N ALA K 19 31.96 10.79 -47.00
CA ALA K 19 30.66 11.36 -46.67
C ALA K 19 30.24 11.02 -45.25
N ASP K 20 30.51 9.79 -44.80
CA ASP K 20 29.98 9.30 -43.54
C ASP K 20 30.77 9.76 -42.34
N VAL K 21 32.09 9.88 -42.45
CA VAL K 21 32.86 10.43 -41.34
C VAL K 21 32.40 11.84 -41.05
N GLY K 22 31.82 12.51 -42.05
CA GLY K 22 31.26 13.82 -41.84
C GLY K 22 29.97 13.80 -41.04
N LYS K 23 29.26 12.69 -41.04
CA LYS K 23 28.09 12.58 -40.17
C LYS K 23 28.49 12.55 -38.70
N LEU K 24 29.58 11.84 -38.39
CA LEU K 24 30.04 11.81 -37.01
C LEU K 24 30.64 13.14 -36.59
N THR K 25 31.22 13.90 -37.52
CA THR K 25 31.69 15.23 -37.15
C THR K 25 30.52 16.12 -36.76
N LYS K 26 29.36 15.91 -37.39
CA LYS K 26 28.15 16.58 -36.95
C LYS K 26 27.49 15.87 -35.78
N LEU K 27 27.95 14.68 -35.43
CA LEU K 27 27.40 13.90 -34.35
C LEU K 27 28.13 14.11 -33.02
N VAL K 28 28.99 15.13 -32.95
CA VAL K 28 29.85 15.32 -31.79
C VAL K 28 29.03 15.71 -30.57
N ALA K 29 29.48 15.28 -29.40
CA ALA K 29 28.83 15.56 -28.12
C ALA K 29 27.44 14.93 -28.03
N ALA K 30 27.23 13.83 -28.73
CA ALA K 30 25.99 13.08 -28.62
C ALA K 30 26.07 12.10 -27.47
N VAL K 31 24.92 11.55 -27.09
CA VAL K 31 24.82 10.60 -25.99
C VAL K 31 24.85 9.19 -26.59
N VAL K 32 25.99 8.54 -26.52
CA VAL K 32 26.12 7.20 -27.10
C VAL K 32 26.56 6.20 -26.03
N PRO K 33 25.76 5.18 -25.74
CA PRO K 33 26.13 4.23 -24.70
C PRO K 33 27.04 3.12 -25.22
N ILE K 34 27.78 2.52 -24.29
CA ILE K 34 28.53 1.29 -24.56
C ILE K 34 28.29 0.32 -23.40
N PRO K 35 28.28 -0.98 -23.62
CA PRO K 35 28.13 -1.90 -22.51
C PRO K 35 29.45 -2.21 -21.82
N GLN K 36 30.54 -2.12 -22.59
CA GLN K 36 31.79 -2.74 -22.18
C GLN K 36 32.58 -1.86 -21.22
N ARG K 37 32.89 -0.64 -21.62
CA ARG K 37 33.72 0.28 -20.85
C ARG K 37 35.15 -0.24 -20.68
N LEU K 38 35.82 -0.44 -21.82
CA LEU K 38 37.27 -0.58 -21.89
C LEU K 38 37.85 0.67 -22.54
N HIS K 39 39.19 0.74 -22.57
CA HIS K 39 39.82 1.92 -23.13
C HIS K 39 39.84 1.95 -24.65
N LEU K 40 39.86 0.79 -25.33
CA LEU K 40 39.96 0.80 -26.78
C LEU K 40 38.85 -0.10 -27.32
N ILE K 41 37.67 0.50 -27.50
CA ILE K 41 36.48 -0.24 -27.84
C ILE K 41 36.39 -0.45 -29.33
N LYS K 42 35.73 -1.53 -29.74
CA LYS K 42 35.36 -1.74 -31.12
C LYS K 42 34.17 -0.87 -31.49
N HIS K 43 33.96 -0.71 -32.80
CA HIS K 43 32.76 0.00 -33.23
C HIS K 43 31.52 -0.86 -33.09
N TYR K 44 31.66 -2.18 -33.08
CA TYR K 44 30.49 -3.05 -32.98
C TYR K 44 29.69 -2.77 -31.72
N GLN K 45 30.36 -2.49 -30.61
CA GLN K 45 29.68 -2.27 -29.35
C GLN K 45 29.13 -0.87 -29.18
N LEU K 46 29.37 0.02 -30.15
CA LEU K 46 28.78 1.36 -30.08
C LEU K 46 27.27 1.28 -30.18
N GLY K 47 26.61 2.11 -29.39
CA GLY K 47 25.19 2.35 -29.61
C GLY K 47 24.32 1.15 -29.30
N LEU K 48 23.05 1.32 -29.64
CA LEU K 48 21.99 0.41 -29.28
C LEU K 48 21.83 -0.76 -30.24
N HIS K 49 22.51 -0.72 -31.39
CA HIS K 49 22.19 -1.66 -32.46
C HIS K 49 22.41 -3.11 -32.04
N GLN K 50 23.44 -3.36 -31.25
CA GLN K 50 23.79 -4.73 -30.89
C GLN K 50 22.65 -5.46 -30.19
N PHE K 51 21.70 -4.73 -29.63
CA PHE K 51 20.61 -5.34 -28.88
C PHE K 51 19.33 -5.52 -29.68
N VAL K 52 19.34 -5.18 -30.97
CA VAL K 52 18.23 -5.53 -31.82
C VAL K 52 18.12 -7.04 -31.92
N ASP K 53 16.89 -7.56 -31.86
CA ASP K 53 16.63 -8.99 -31.88
C ASP K 53 15.40 -9.34 -32.71
N HIS K 54 15.28 -10.63 -33.01
CA HIS K 54 14.15 -11.10 -33.80
C HIS K 54 12.84 -10.84 -33.08
N THR K 55 12.87 -10.80 -31.74
CA THR K 55 11.67 -10.50 -30.95
C THR K 55 11.04 -9.17 -31.36
N ARG K 56 11.87 -8.19 -31.75
CA ARG K 56 11.37 -6.90 -32.20
C ARG K 56 10.55 -6.19 -31.14
N GLY K 57 10.97 -6.32 -29.88
CA GLY K 57 10.23 -5.75 -28.76
C GLY K 57 10.84 -4.43 -28.34
N TYR K 58 9.96 -3.46 -28.05
CA TYR K 58 10.44 -2.16 -27.61
C TYR K 58 10.85 -2.18 -26.15
N VAL K 59 10.14 -2.94 -25.32
CA VAL K 59 10.44 -2.94 -23.90
C VAL K 59 11.75 -3.67 -23.62
N ARG K 60 12.10 -4.65 -24.44
CA ARG K 60 13.43 -5.23 -24.30
C ARG K 60 14.49 -4.16 -24.45
N LEU K 61 14.29 -3.25 -25.40
CA LEU K 61 15.22 -2.14 -25.55
C LEU K 61 15.17 -1.20 -24.36
N ARG K 62 13.97 -0.84 -23.89
CA ARG K 62 13.92 0.05 -22.75
C ARG K 62 14.64 -0.54 -21.55
N GLY K 63 14.63 -1.86 -21.43
CA GLY K 63 15.22 -2.53 -20.29
C GLY K 63 16.71 -2.73 -20.43
N LEU K 64 17.17 -3.09 -21.63
CA LEU K 64 18.60 -3.28 -21.81
C LEU K 64 19.33 -1.96 -21.92
N LEU K 65 18.64 -0.89 -22.30
CA LEU K 65 19.27 0.40 -22.41
C LEU K 65 19.59 0.99 -21.05
N ARG K 66 18.84 0.60 -20.02
CA ARG K 66 19.07 1.13 -18.69
C ARG K 66 20.43 0.71 -18.15
N ASN K 67 20.89 -0.49 -18.52
CA ASN K 67 22.15 -0.99 -17.99
C ASN K 67 23.37 -0.43 -18.71
N MET K 68 23.23 0.11 -19.91
CA MET K 68 24.39 0.51 -20.68
C MET K 68 25.04 1.75 -20.10
N THR K 69 26.34 1.89 -20.33
CA THR K 69 27.12 3.02 -19.84
C THR K 69 26.93 4.18 -20.81
N LEU K 70 26.24 5.22 -20.37
CA LEU K 70 26.09 6.40 -21.21
C LEU K 70 27.43 7.10 -21.35
N THR K 71 27.75 7.50 -22.58
CA THR K 71 28.96 8.24 -22.86
C THR K 71 28.61 9.41 -23.76
N LEU K 72 29.40 10.48 -23.66
CA LEU K 72 29.25 11.65 -24.51
C LEU K 72 30.41 11.66 -25.50
N MET K 73 30.09 11.65 -26.79
CA MET K 73 31.12 11.62 -27.81
C MET K 73 31.93 12.90 -27.75
N ARG K 74 33.18 12.83 -28.19
CA ARG K 74 34.05 13.98 -28.10
C ARG K 74 35.20 13.83 -29.08
N ARG K 75 35.61 14.95 -29.67
CA ARG K 75 36.82 15.03 -30.49
C ARG K 75 36.85 13.92 -31.54
N VAL K 76 35.83 13.94 -32.40
CA VAL K 76 35.74 13.01 -33.51
C VAL K 76 36.73 13.36 -34.60
N GLU K 77 37.20 12.36 -35.33
CA GLU K 77 38.08 12.59 -36.46
C GLU K 77 38.12 11.32 -37.31
N GLY K 78 38.80 11.42 -38.44
CA GLY K 78 39.11 10.22 -39.17
C GLY K 78 39.85 9.24 -38.28
N ASN K 79 39.50 7.97 -38.37
CA ASN K 79 40.21 6.88 -37.69
C ASN K 79 39.98 6.86 -36.19
N GLN K 80 39.31 7.85 -35.62
CA GLN K 80 39.21 7.86 -34.17
C GLN K 80 37.91 8.51 -33.73
N ILE K 81 37.34 7.96 -32.66
CA ILE K 81 36.30 8.61 -31.88
C ILE K 81 36.75 8.62 -30.44
N LEU K 82 36.38 9.65 -29.69
CA LEU K 82 36.81 9.76 -28.30
C LEU K 82 35.60 9.97 -27.40
N LEU K 83 34.95 8.87 -27.05
CA LEU K 83 33.84 8.93 -26.10
C LEU K 83 34.33 9.31 -24.73
N HIS K 84 33.53 10.09 -24.04
CA HIS K 84 33.83 10.51 -22.67
C HIS K 84 32.73 9.97 -21.78
N VAL K 85 33.13 9.44 -20.63
CA VAL K 85 32.18 9.04 -19.59
C VAL K 85 31.97 10.24 -18.67
N PRO K 86 30.77 10.79 -18.60
CA PRO K 86 30.56 11.97 -17.76
C PRO K 86 30.66 11.63 -16.28
N THR K 87 31.04 12.61 -15.49
CA THR K 87 31.07 12.49 -14.04
C THR K 87 29.80 13.12 -13.46
N HIS K 88 29.35 12.59 -12.33
CA HIS K 88 28.10 13.07 -11.76
C HIS K 88 28.25 14.50 -11.27
N GLY K 89 27.26 15.33 -11.59
CA GLY K 89 27.19 16.68 -11.10
C GLY K 89 27.95 17.71 -11.91
N LEU K 90 28.70 17.30 -12.91
CA LEU K 90 29.48 18.23 -13.71
C LEU K 90 28.74 18.57 -14.99
N LEU K 91 28.87 19.81 -15.44
CA LEU K 91 28.13 20.30 -16.59
C LEU K 91 28.66 19.70 -17.88
N TYR K 92 27.78 19.62 -18.88
CA TYR K 92 28.13 19.16 -20.21
C TYR K 92 27.11 19.73 -21.17
N THR K 93 27.54 20.05 -22.40
CA THR K 93 26.58 20.26 -23.46
C THR K 93 26.04 18.92 -23.94
N VAL K 94 24.84 18.94 -24.51
CA VAL K 94 24.21 17.73 -25.02
C VAL K 94 23.57 18.06 -26.37
N LEU K 95 24.01 17.41 -27.42
CA LEU K 95 23.43 17.66 -28.74
C LEU K 95 22.02 17.13 -28.82
N ASN K 96 21.14 17.87 -29.50
CA ASN K 96 19.72 17.49 -29.63
C ASN K 96 19.57 16.63 -30.86
N THR K 97 19.65 15.31 -30.68
CA THR K 97 19.46 14.41 -31.80
C THR K 97 18.00 14.34 -32.23
N GLY K 98 17.08 14.17 -31.29
CA GLY K 98 15.69 14.00 -31.61
C GLY K 98 15.00 15.30 -31.98
N PRO K 99 13.90 15.19 -32.71
CA PRO K 99 13.13 16.39 -33.08
C PRO K 99 12.55 17.16 -31.90
N VAL K 100 12.33 16.51 -30.75
CA VAL K 100 11.69 17.18 -29.63
C VAL K 100 12.48 18.42 -29.24
N THR K 101 11.78 19.53 -29.04
CA THR K 101 12.44 20.73 -28.59
C THR K 101 12.56 20.72 -27.06
N TRP K 102 13.63 21.30 -26.55
CA TRP K 102 13.99 21.23 -25.14
C TRP K 102 13.72 22.57 -24.46
N GLU K 103 12.73 22.62 -23.59
CA GLU K 103 12.50 23.81 -22.78
C GLU K 103 13.64 24.03 -21.81
N LYS K 104 13.81 25.29 -21.40
CA LYS K 104 14.81 25.64 -20.40
C LYS K 104 14.43 25.06 -19.05
N GLY K 105 15.40 24.45 -18.38
CA GLY K 105 15.17 23.89 -17.06
C GLY K 105 14.54 22.52 -17.02
N ASP K 106 14.15 21.96 -18.17
CA ASP K 106 13.55 20.63 -18.17
C ASP K 106 14.62 19.57 -17.94
N ALA K 107 14.22 18.50 -17.26
CA ALA K 107 15.08 17.33 -17.12
C ALA K 107 14.91 16.41 -18.32
N LEU K 108 15.88 15.52 -18.50
CA LEU K 108 15.96 14.72 -19.70
C LEU K 108 16.00 13.24 -19.35
N CYS K 109 15.61 12.43 -20.32
CA CYS K 109 15.53 10.99 -20.16
C CYS K 109 16.04 10.32 -21.41
N VAL K 110 16.41 9.06 -21.27
CA VAL K 110 17.03 8.28 -22.33
C VAL K 110 16.11 7.11 -22.62
N LEU K 111 15.52 7.13 -23.81
CA LEU K 111 14.64 6.03 -24.21
C LEU K 111 14.91 5.71 -25.66
N PRO K 112 14.68 4.47 -26.08
CA PRO K 112 14.96 4.10 -27.46
C PRO K 112 14.09 4.87 -28.41
N PRO K 113 14.56 5.12 -29.64
CA PRO K 113 13.87 6.06 -30.54
C PRO K 113 12.45 5.61 -30.89
N LEU K 114 11.62 6.59 -31.23
CA LEU K 114 10.22 6.40 -31.62
C LEU K 114 10.05 7.02 -33.00
N PHE K 115 10.15 6.22 -34.05
CA PHE K 115 10.19 6.80 -35.38
C PHE K 115 8.94 7.62 -35.65
N HIS K 116 9.10 8.68 -36.45
CA HIS K 116 7.99 9.56 -36.78
C HIS K 116 6.86 8.80 -37.48
N GLY K 117 7.19 7.69 -38.14
CA GLY K 117 6.24 7.01 -38.98
C GLY K 117 6.57 7.14 -40.46
N PRO K 118 5.85 8.02 -41.16
CA PRO K 118 6.01 8.11 -42.62
C PRO K 118 7.43 8.36 -43.09
N LEU K 119 8.24 9.07 -42.31
CA LEU K 119 9.58 9.47 -42.75
C LEU K 119 10.62 8.96 -41.77
N ALA K 120 11.81 8.69 -42.30
CA ALA K 120 12.97 8.31 -41.50
C ALA K 120 14.20 9.09 -41.96
N ARG K 121 15.15 9.27 -41.04
CA ARG K 121 16.39 9.96 -41.39
C ARG K 121 17.21 9.13 -42.36
N GLU K 122 17.80 9.81 -43.35
CA GLU K 122 18.63 9.11 -44.32
C GLU K 122 20.01 8.79 -43.77
N ASN K 123 20.62 9.73 -43.02
CA ASN K 123 22.01 9.61 -42.61
C ASN K 123 22.16 8.63 -41.44
N LEU K 124 21.80 7.39 -41.70
CA LEU K 124 21.73 6.39 -40.63
C LEU K 124 23.13 6.00 -40.15
N LEU K 125 24.13 6.09 -41.01
CA LEU K 125 25.47 5.59 -40.75
C LEU K 125 25.43 4.06 -40.78
N THR K 126 24.47 3.51 -41.51
CA THR K 126 24.50 2.09 -41.81
C THR K 126 25.78 1.76 -42.55
N LEU K 127 26.44 0.68 -42.14
CA LEU K 127 27.55 0.13 -42.91
C LEU K 127 27.72 -1.34 -42.56
N GLY K 128 27.95 -2.15 -43.58
CA GLY K 128 28.21 -3.57 -43.39
C GLY K 128 27.08 -4.32 -42.70
N GLN K 129 25.84 -3.94 -42.96
CA GLN K 129 24.67 -4.46 -42.24
C GLN K 129 24.81 -4.21 -40.74
N TRP K 130 25.27 -3.01 -40.40
CA TRP K 130 25.38 -2.54 -39.03
C TRP K 130 24.92 -1.09 -39.02
N GLU K 131 23.68 -0.86 -38.59
CA GLU K 131 23.18 0.49 -38.48
C GLU K 131 23.58 1.09 -37.13
N LEU K 132 23.69 2.41 -37.10
CA LEU K 132 24.05 3.12 -35.87
C LEU K 132 22.78 3.69 -35.24
N VAL K 133 22.13 2.87 -34.42
CA VAL K 133 21.00 3.36 -33.62
C VAL K 133 21.52 4.01 -32.34
N LEU K 134 20.93 5.15 -31.97
CA LEU K 134 21.28 5.81 -30.73
C LEU K 134 20.02 6.16 -29.95
N PRO K 135 20.06 6.11 -28.62
CA PRO K 135 18.87 6.42 -27.84
C PRO K 135 18.48 7.89 -27.92
N TRP K 136 17.17 8.11 -27.96
CA TRP K 136 16.63 9.45 -27.90
C TRP K 136 16.73 10.00 -26.50
N ILE K 137 17.06 11.29 -26.42
CA ILE K 137 16.98 12.06 -25.20
C ILE K 137 15.74 12.94 -25.31
N VAL K 138 14.81 12.77 -24.37
CA VAL K 138 13.51 13.42 -24.45
C VAL K 138 13.29 14.18 -23.15
N PRO K 139 12.43 15.18 -23.11
CA PRO K 139 12.08 15.79 -21.83
C PRO K 139 11.38 14.76 -20.96
N MET K 140 11.49 14.95 -19.65
CA MET K 140 10.90 13.99 -18.71
C MET K 140 9.42 13.74 -18.93
N PRO K 141 8.57 14.74 -19.17
CA PRO K 141 7.14 14.42 -19.32
C PRO K 141 6.84 13.48 -20.47
N LEU K 142 7.52 13.64 -21.61
CA LEU K 142 7.29 12.72 -22.71
C LEU K 142 7.76 11.32 -22.37
N ALA K 143 8.89 11.20 -21.69
CA ALA K 143 9.36 9.88 -21.27
C ALA K 143 8.46 9.26 -20.23
N LEU K 144 7.69 10.08 -19.51
CA LEU K 144 6.71 9.52 -18.60
C LEU K 144 5.52 8.96 -19.37
N GLU K 145 4.97 9.73 -20.29
CA GLU K 145 3.75 9.27 -20.94
C GLU K 145 4.01 8.15 -21.93
N ILE K 146 5.21 8.07 -22.51
CA ILE K 146 5.50 6.89 -23.33
C ILE K 146 5.45 5.61 -22.49
N ASN K 147 5.92 5.67 -21.25
CA ASN K 147 5.89 4.48 -20.39
C ASN K 147 4.50 4.23 -19.86
N GLN K 148 3.75 5.30 -19.58
CA GLN K 148 2.37 5.14 -19.16
C GLN K 148 1.54 4.52 -20.26
N ARG K 149 1.76 4.93 -21.50
CA ARG K 149 1.08 4.29 -22.62
C ARG K 149 1.47 2.84 -22.74
N LEU K 150 2.77 2.54 -22.63
CA LEU K 150 3.20 1.14 -22.73
C LEU K 150 2.59 0.28 -21.64
N LEU K 151 2.52 0.78 -20.42
CA LEU K 151 1.97 -0.01 -19.32
C LEU K 151 0.47 -0.19 -19.47
N ILE K 152 -0.24 0.85 -19.91
CA ILE K 152 -1.67 0.69 -20.14
C ILE K 152 -1.90 -0.31 -21.25
N MET K 153 -1.06 -0.32 -22.27
CA MET K 153 -1.18 -1.35 -23.30
C MET K 153 -0.99 -2.72 -22.70
N GLY K 154 -0.08 -2.85 -21.74
CA GLY K 154 0.14 -4.15 -21.12
C GLY K 154 -0.97 -4.60 -20.21
N LEU K 155 -1.61 -3.66 -19.51
CA LEU K 155 -2.68 -4.02 -18.58
C LEU K 155 -3.98 -4.29 -19.33
N PHE K 156 -4.29 -3.45 -20.32
CA PHE K 156 -5.50 -3.67 -21.11
C PHE K 156 -5.40 -4.93 -21.93
N SER K 157 -4.19 -5.35 -22.31
CA SER K 157 -4.06 -6.49 -23.21
C SER K 157 -4.73 -7.72 -22.63
N LEU K 158 -4.58 -7.96 -21.33
CA LEU K 158 -5.20 -9.12 -20.73
C LEU K 158 -6.66 -8.82 -20.44
N ASP K 159 -7.46 -9.88 -20.40
CA ASP K 159 -8.89 -9.80 -20.13
C ASP K 159 -9.64 -9.02 -21.22
N ARG K 160 -9.10 -8.98 -22.43
CA ARG K 160 -9.80 -8.30 -23.51
C ARG K 160 -9.64 -9.11 -24.79
N SER K 161 -10.70 -9.10 -25.61
CA SER K 161 -10.67 -9.85 -26.86
C SER K 161 -9.63 -9.28 -27.80
N TYR K 162 -8.98 -10.16 -28.57
CA TYR K 162 -7.81 -9.75 -29.33
C TYR K 162 -8.15 -8.68 -30.34
N GLU K 163 -9.39 -8.67 -30.85
CA GLU K 163 -9.76 -7.62 -31.76
C GLU K 163 -9.88 -6.27 -31.06
N GLU K 164 -10.34 -6.27 -29.82
CA GLU K 164 -10.39 -5.02 -29.07
C GLU K 164 -8.98 -4.49 -28.82
N VAL K 165 -8.01 -5.39 -28.63
CA VAL K 165 -6.66 -4.95 -28.34
C VAL K 165 -6.05 -4.25 -29.54
N LYS K 166 -6.40 -4.68 -30.75
CA LYS K 166 -5.90 -3.99 -31.94
C LYS K 166 -6.36 -2.54 -31.97
N ALA K 167 -7.63 -2.30 -31.67
CA ALA K 167 -8.16 -0.94 -31.69
C ALA K 167 -7.52 -0.08 -30.63
N ALA K 168 -7.18 -0.66 -29.49
CA ALA K 168 -6.55 0.14 -28.44
C ALA K 168 -5.11 0.46 -28.78
N VAL K 169 -4.34 -0.56 -29.16
CA VAL K 169 -2.94 -0.34 -29.47
C VAL K 169 -2.78 0.58 -30.66
N GLN K 170 -3.77 0.61 -31.56
CA GLN K 170 -3.66 1.50 -32.72
C GLN K 170 -3.58 2.95 -32.30
N GLN K 171 -4.08 3.30 -31.12
CA GLN K 171 -4.06 4.68 -30.66
C GLN K 171 -3.16 4.92 -29.47
N LEU K 172 -2.94 3.93 -28.62
CA LEU K 172 -2.07 4.12 -27.47
C LEU K 172 -0.63 4.38 -27.88
N GLN K 173 -0.26 4.02 -29.12
CA GLN K 173 1.13 4.18 -29.52
C GLN K 173 1.45 5.59 -30.02
N THR K 174 0.46 6.33 -30.50
CA THR K 174 0.74 7.65 -31.04
C THR K 174 0.69 8.72 -29.96
N ILE K 175 1.67 9.61 -29.98
CA ILE K 175 1.87 10.60 -28.92
C ILE K 175 2.07 11.96 -29.56
N THR K 176 1.32 12.96 -29.08
CA THR K 176 1.35 14.30 -29.65
C THR K 176 2.09 15.28 -28.76
N PHE K 177 3.13 14.86 -28.08
CA PHE K 177 3.81 15.76 -27.16
C PHE K 177 4.42 16.92 -27.93
N ARG K 178 4.21 18.12 -27.41
CA ARG K 178 4.82 19.33 -27.96
C ARG K 178 4.49 19.46 -29.45
N ASP K 179 3.25 19.13 -29.79
CA ASP K 179 2.70 19.36 -31.12
C ASP K 179 3.32 18.46 -32.19
N ALA K 180 4.36 17.71 -31.85
CA ALA K 180 4.85 16.69 -32.78
C ALA K 180 4.21 15.35 -32.46
N THR K 181 3.98 14.53 -33.49
CA THR K 181 3.52 13.18 -33.24
C THR K 181 4.66 12.18 -33.26
N PHE K 182 4.47 11.07 -32.54
CA PHE K 182 5.47 10.02 -32.43
C PHE K 182 4.77 8.70 -32.26
N THR K 183 5.48 7.62 -32.58
CA THR K 183 4.89 6.30 -32.56
C THR K 183 5.88 5.31 -31.99
N ILE K 184 5.41 4.45 -31.09
CA ILE K 184 6.30 3.48 -30.46
C ILE K 184 6.63 2.38 -31.47
N PRO K 185 7.90 2.09 -31.70
CA PRO K 185 8.23 1.07 -32.70
C PRO K 185 7.97 -0.34 -32.21
N ASP K 186 6.92 -0.94 -32.75
CA ASP K 186 6.49 -2.30 -32.46
C ASP K 186 6.43 -2.58 -30.97
N PRO K 187 5.54 -1.94 -30.24
CA PRO K 187 5.34 -2.30 -28.83
C PRO K 187 4.60 -3.62 -28.74
N VAL K 188 5.13 -4.52 -27.93
CA VAL K 188 4.67 -5.91 -27.94
C VAL K 188 4.53 -6.37 -26.50
N ILE K 189 3.42 -7.04 -26.19
CA ILE K 189 3.27 -7.65 -24.89
C ILE K 189 4.21 -8.83 -24.78
N ASP K 190 4.89 -8.93 -23.64
CA ASP K 190 5.98 -9.87 -23.47
C ASP K 190 6.03 -10.30 -22.02
N GLN K 191 7.06 -11.07 -21.70
CA GLN K 191 7.38 -11.34 -20.31
C GLN K 191 7.91 -10.09 -19.63
N HIS K 192 8.65 -9.27 -20.39
CA HIS K 192 9.25 -8.06 -19.84
C HIS K 192 8.19 -7.07 -19.39
N LEU K 193 7.03 -7.09 -20.03
CA LEU K 193 5.89 -6.34 -19.51
C LEU K 193 5.17 -7.13 -18.44
N LEU K 194 5.24 -8.46 -18.50
CA LEU K 194 4.46 -9.28 -17.58
C LEU K 194 4.91 -9.10 -16.15
N ILE K 195 6.22 -9.07 -15.91
CA ILE K 195 6.65 -8.91 -14.52
C ILE K 195 6.27 -7.52 -14.01
N ASP K 196 6.26 -6.54 -14.91
CA ASP K 196 5.82 -5.20 -14.51
C ASP K 196 4.33 -5.15 -14.29
N MET K 197 3.56 -5.96 -15.03
CA MET K 197 2.15 -6.10 -14.73
C MET K 197 1.98 -6.59 -13.30
N LYS K 198 2.74 -7.61 -12.92
CA LYS K 198 2.61 -8.14 -11.57
C LYS K 198 2.98 -7.11 -10.53
N THR K 199 4.08 -6.38 -10.73
CA THR K 199 4.47 -5.42 -9.70
C THR K 199 3.53 -4.23 -9.64
N ALA K 200 2.95 -3.83 -10.77
CA ALA K 200 2.04 -2.69 -10.76
C ALA K 200 0.70 -3.06 -10.14
N CYS K 201 0.15 -4.21 -10.50
CA CYS K 201 -1.08 -4.67 -9.88
C CYS K 201 -0.89 -4.95 -8.40
N LEU K 202 0.28 -5.42 -7.99
CA LEU K 202 0.50 -5.64 -6.57
C LEU K 202 0.59 -4.34 -5.79
N SER K 203 1.38 -3.37 -6.27
CA SER K 203 1.50 -2.11 -5.54
C SER K 203 0.17 -1.37 -5.55
N MET K 204 -0.51 -1.37 -6.70
CA MET K 204 -1.78 -0.65 -6.81
C MET K 204 -2.89 -1.33 -6.03
N SER K 205 -2.79 -2.64 -5.78
CA SER K 205 -3.79 -3.27 -4.92
C SER K 205 -3.46 -3.07 -3.45
N MET K 206 -2.18 -3.01 -3.09
CA MET K 206 -1.85 -2.72 -1.70
C MET K 206 -2.09 -1.27 -1.37
N VAL K 207 -2.16 -0.40 -2.39
CA VAL K 207 -2.62 0.96 -2.17
C VAL K 207 -4.07 0.98 -1.76
N ALA K 208 -4.91 0.15 -2.38
CA ALA K 208 -6.34 0.15 -2.07
C ALA K 208 -6.61 -0.22 -0.63
N ASN K 209 -5.72 -1.00 -0.01
CA ASN K 209 -5.86 -1.42 1.38
C ASN K 209 -4.97 -0.61 2.29
N LEU K 210 -4.74 0.66 1.97
CA LEU K 210 -4.04 1.56 2.86
C LEU K 210 -4.72 2.92 3.03
N ALA K 211 -5.57 3.33 2.09
CA ALA K 211 -6.27 4.60 2.22
C ALA K 211 -7.31 4.55 3.34
N SER K 212 -7.31 5.58 4.18
CA SER K 212 -8.22 5.62 5.31
C SER K 212 -9.66 5.76 4.85
N GLU K 213 -10.58 5.56 5.79
CA GLU K 213 -12.00 5.74 5.47
C GLU K 213 -12.28 7.13 4.94
N LEU K 214 -11.55 8.13 5.42
CA LEU K 214 -11.77 9.52 4.98
C LEU K 214 -10.98 9.83 3.72
N THR K 215 -9.84 9.17 3.53
CA THR K 215 -9.02 9.44 2.36
C THR K 215 -9.74 9.08 1.08
N MET K 216 -10.41 7.92 1.05
CA MET K 216 -11.23 7.60 -0.12
C MET K 216 -12.45 8.50 -0.19
N THR K 217 -13.04 8.84 0.95
CA THR K 217 -14.29 9.58 0.97
C THR K 217 -14.11 11.06 0.65
N TYR K 218 -12.87 11.55 0.55
CA TYR K 218 -12.70 12.99 0.39
C TYR K 218 -13.37 13.52 -0.88
N VAL K 219 -13.32 12.77 -1.98
CA VAL K 219 -13.92 13.26 -3.21
C VAL K 219 -15.43 13.35 -3.08
N ARG K 220 -16.06 12.30 -2.55
CA ARG K 220 -17.49 12.38 -2.29
C ARG K 220 -17.81 13.59 -1.43
N LYS K 221 -17.01 13.81 -0.39
CA LYS K 221 -17.25 14.96 0.48
C LYS K 221 -17.10 16.26 -0.28
N LEU K 222 -16.20 16.30 -1.25
CA LEU K 222 -15.91 17.55 -1.95
C LEU K 222 -16.99 17.90 -2.95
N ALA K 223 -17.42 16.91 -3.75
CA ALA K 223 -18.37 17.17 -4.81
C ALA K 223 -19.75 17.54 -4.26
N LEU K 224 -20.15 16.91 -3.15
CA LEU K 224 -21.44 17.20 -2.53
C LEU K 224 -21.51 18.61 -1.99
N GLU K 225 -20.36 19.27 -1.85
CA GLU K 225 -20.32 20.60 -1.28
C GLU K 225 -19.80 21.66 -2.24
N ASP K 226 -18.84 21.33 -3.10
CA ASP K 226 -18.24 22.32 -3.98
C ASP K 226 -17.98 21.68 -5.34
N SER K 227 -18.01 22.52 -6.38
CA SER K 227 -17.85 21.99 -7.73
C SER K 227 -17.01 22.94 -8.58
N SER K 228 -16.26 22.34 -9.50
CA SER K 228 -15.35 23.05 -10.38
C SER K 228 -15.08 22.12 -11.56
N MET K 229 -14.27 22.61 -12.51
CA MET K 229 -14.01 21.81 -13.70
C MET K 229 -13.22 20.55 -13.40
N LEU K 230 -12.21 20.65 -12.53
CA LEU K 230 -11.43 19.47 -12.17
C LEU K 230 -12.34 18.38 -11.64
N LEU K 231 -13.36 18.76 -10.89
CA LEU K 231 -14.21 17.80 -10.22
C LEU K 231 -15.20 17.16 -11.18
N VAL K 232 -15.50 17.80 -12.32
CA VAL K 232 -16.45 17.22 -13.24
C VAL K 232 -15.94 15.89 -13.81
N LYS K 233 -14.68 15.88 -14.28
CA LYS K 233 -14.13 14.67 -14.89
C LYS K 233 -13.86 13.59 -13.86
N CYS K 234 -13.49 14.00 -12.64
CA CYS K 234 -13.34 13.04 -11.56
C CYS K 234 -14.67 12.43 -11.14
N GLN K 235 -15.77 13.17 -11.31
CA GLN K 235 -17.09 12.57 -11.13
C GLN K 235 -17.37 11.56 -12.22
N GLU K 236 -16.71 11.69 -13.37
CA GLU K 236 -16.93 10.74 -14.45
C GLU K 236 -16.15 9.45 -14.24
N LEU K 237 -14.88 9.56 -13.86
CA LEU K 237 -14.07 8.35 -13.67
C LEU K 237 -14.53 7.51 -12.49
N LEU K 238 -15.38 8.09 -11.64
CA LEU K 238 -15.90 7.39 -10.47
C LEU K 238 -17.08 6.49 -10.85
N MET K 239 -17.19 6.19 -12.14
CA MET K 239 -18.26 5.34 -12.66
C MET K 239 -19.63 5.75 -12.16
N ARG K 240 -20.09 5.11 -11.08
CA ARG K 240 -21.39 5.40 -10.50
C ARG K 240 -21.27 5.65 -9.01
N LEU K 241 -21.76 6.81 -8.58
CA LEU K 241 -21.66 7.29 -7.19
C LEU K 241 -20.30 7.01 -6.57
N ALA L 3 43.16 31.19 -9.68
CA ALA L 3 42.11 31.80 -10.51
C ALA L 3 40.86 32.05 -9.67
N MET L 4 40.00 32.93 -10.16
CA MET L 4 38.82 33.31 -9.39
C MET L 4 37.78 32.18 -9.38
N GLU L 5 37.07 32.07 -8.27
CA GLU L 5 35.96 31.14 -8.17
C GLU L 5 34.78 31.67 -8.96
N ALA L 6 34.04 30.76 -9.60
CA ALA L 6 32.87 31.14 -10.38
C ALA L 6 31.71 31.53 -9.47
N ASN L 7 31.03 32.62 -9.82
CA ASN L 7 29.99 33.19 -8.96
C ASN L 7 28.85 33.69 -9.84
N ILE L 8 27.94 34.45 -9.23
CA ILE L 8 26.77 35.05 -9.90
C ILE L 8 26.56 36.40 -9.23
N PHE L 9 26.80 37.48 -9.96
CA PHE L 9 26.69 38.80 -9.37
C PHE L 9 25.24 39.24 -9.25
N CYS L 10 24.92 39.94 -8.16
CA CYS L 10 23.56 40.41 -7.93
C CYS L 10 23.61 41.87 -7.49
N THR L 11 22.65 42.65 -7.97
CA THR L 11 22.62 44.08 -7.76
C THR L 11 21.25 44.50 -7.28
N PHE L 12 21.21 45.58 -6.53
CA PHE L 12 19.97 46.06 -5.91
C PHE L 12 19.53 47.33 -6.61
N ASP L 13 18.41 47.24 -7.33
CA ASP L 13 17.85 48.41 -7.99
C ASP L 13 17.58 49.52 -6.99
N HIS L 14 17.09 49.16 -5.81
CA HIS L 14 16.85 50.12 -4.76
C HIS L 14 18.11 50.31 -3.92
N LYS L 15 18.33 51.54 -3.45
CA LYS L 15 19.54 51.85 -2.72
C LYS L 15 19.59 51.08 -1.41
N LEU L 16 20.81 50.87 -0.92
CA LEU L 16 21.06 50.12 0.30
C LEU L 16 21.59 51.03 1.39
N SER L 17 21.07 50.86 2.60
CA SER L 17 21.56 51.63 3.73
C SER L 17 22.76 50.95 4.36
N ILE L 18 23.59 51.77 5.03
CA ILE L 18 24.71 51.23 5.79
C ILE L 18 24.21 50.22 6.81
N ALA L 19 23.05 50.48 7.41
CA ALA L 19 22.44 49.53 8.33
C ALA L 19 21.82 48.35 7.59
N ASP L 20 21.47 48.53 6.31
CA ASP L 20 20.94 47.41 5.54
C ASP L 20 22.02 46.44 5.11
N VAL L 21 23.15 46.94 4.61
CA VAL L 21 24.22 46.07 4.13
C VAL L 21 24.79 45.23 5.27
N GLY L 22 24.73 45.74 6.49
CA GLY L 22 25.13 44.92 7.61
C GLY L 22 24.25 43.71 7.82
N LYS L 23 23.02 43.76 7.33
CA LYS L 23 22.13 42.62 7.48
C LYS L 23 22.45 41.51 6.49
N LEU L 24 23.12 41.84 5.39
CA LEU L 24 23.57 40.85 4.42
C LEU L 24 24.79 40.09 4.88
N THR L 25 25.70 40.75 5.60
CA THR L 25 26.86 40.07 6.14
C THR L 25 26.44 38.95 7.08
N LYS L 26 25.23 39.02 7.61
CA LYS L 26 24.73 37.93 8.44
C LYS L 26 24.39 36.71 7.59
N LEU L 27 23.88 36.92 6.39
CA LEU L 27 23.49 35.83 5.51
C LEU L 27 24.58 35.44 4.52
N VAL L 28 25.79 36.00 4.68
CA VAL L 28 26.90 35.66 3.80
C VAL L 28 27.10 34.15 3.64
N ALA L 29 26.64 33.35 4.59
CA ALA L 29 26.85 31.92 4.43
C ALA L 29 25.55 31.13 4.36
N ALA L 30 24.55 31.62 3.64
CA ALA L 30 23.22 31.04 3.67
C ALA L 30 22.74 30.76 2.26
N VAL L 31 21.87 29.75 2.13
CA VAL L 31 21.35 29.40 0.82
C VAL L 31 20.43 30.51 0.33
N VAL L 32 20.52 30.84 -0.95
CA VAL L 32 19.64 31.82 -1.57
C VAL L 32 19.16 31.24 -2.89
N PRO L 33 17.95 30.68 -2.94
CA PRO L 33 17.51 30.03 -4.17
C PRO L 33 17.25 31.04 -5.27
N ILE L 34 17.57 30.64 -6.48
CA ILE L 34 17.45 31.48 -7.68
C ILE L 34 16.54 30.77 -8.67
N PRO L 35 15.63 31.49 -9.32
CA PRO L 35 14.80 30.83 -10.34
C PRO L 35 15.60 30.22 -11.46
N GLN L 36 16.67 30.88 -11.90
CA GLN L 36 17.34 30.39 -13.10
C GLN L 36 18.80 30.78 -13.05
N ARG L 37 19.65 29.84 -13.45
CA ARG L 37 21.06 30.15 -13.55
C ARG L 37 21.30 31.20 -14.62
N LEU L 38 21.94 32.29 -14.22
CA LEU L 38 22.27 33.42 -15.06
C LEU L 38 23.57 33.97 -14.52
N HIS L 39 23.96 35.15 -14.97
CA HIS L 39 25.17 35.70 -14.41
C HIS L 39 24.87 36.94 -13.59
N LEU L 40 24.29 37.95 -14.22
CA LEU L 40 23.82 39.11 -13.48
C LEU L 40 22.35 38.93 -13.12
N ILE L 41 21.99 39.31 -11.90
CA ILE L 41 20.62 39.14 -11.42
C ILE L 41 20.22 40.37 -10.62
N LYS L 42 19.07 40.94 -10.95
CA LYS L 42 18.50 41.97 -10.10
C LYS L 42 18.02 41.34 -8.80
N HIS L 43 17.86 42.16 -7.77
CA HIS L 43 17.38 41.60 -6.52
C HIS L 43 15.96 41.10 -6.64
N TYR L 44 15.18 41.58 -7.59
CA TYR L 44 13.80 41.12 -7.74
C TYR L 44 13.74 39.63 -7.99
N GLN L 45 14.55 39.13 -8.91
CA GLN L 45 14.59 37.70 -9.19
C GLN L 45 15.30 36.92 -8.10
N LEU L 46 15.89 37.60 -7.14
CA LEU L 46 16.59 36.93 -6.05
C LEU L 46 15.60 36.48 -4.99
N GLY L 47 15.87 35.34 -4.37
CA GLY L 47 15.08 34.87 -3.25
C GLY L 47 13.78 34.22 -3.68
N LEU L 48 13.02 33.79 -2.67
CA LEU L 48 11.76 33.10 -2.88
C LEU L 48 10.55 34.02 -2.93
N HIS L 49 10.73 35.32 -2.70
CA HIS L 49 9.58 36.22 -2.55
C HIS L 49 8.79 36.38 -3.84
N GLN L 50 9.43 36.17 -4.98
CA GLN L 50 8.72 36.29 -6.25
C GLN L 50 7.59 35.27 -6.38
N PHE L 51 7.68 34.15 -5.67
CA PHE L 51 6.69 33.09 -5.72
C PHE L 51 5.63 33.20 -4.66
N VAL L 52 5.64 34.25 -3.83
CA VAL L 52 4.55 34.44 -2.90
C VAL L 52 3.26 34.68 -3.68
N ASP L 53 2.18 34.12 -3.18
CA ASP L 53 0.86 34.34 -3.75
C ASP L 53 -0.14 34.45 -2.61
N HIS L 54 -1.34 34.91 -2.95
CA HIS L 54 -2.37 34.99 -1.93
C HIS L 54 -3.15 33.69 -1.89
N THR L 55 -3.74 33.30 -3.02
CA THR L 55 -4.53 32.07 -3.03
C THR L 55 -3.66 30.82 -3.09
N ARG L 56 -2.57 30.84 -3.84
CA ARG L 56 -1.74 29.66 -3.96
C ARG L 56 -0.96 29.44 -2.67
N GLY L 57 -0.82 28.17 -2.28
CA GLY L 57 -0.33 27.79 -0.97
C GLY L 57 1.06 27.20 -0.93
N TYR L 58 1.23 26.26 0.00
CA TYR L 58 2.52 25.63 0.30
C TYR L 58 3.02 24.75 -0.84
N VAL L 59 2.11 24.06 -1.54
CA VAL L 59 2.55 23.13 -2.56
C VAL L 59 3.04 23.85 -3.82
N ARG L 60 2.46 25.01 -4.14
CA ARG L 60 3.04 25.82 -5.22
C ARG L 60 4.49 26.12 -4.95
N LEU L 61 4.78 26.61 -3.74
CA LEU L 61 6.15 26.93 -3.37
C LEU L 61 7.02 25.70 -3.45
N ARG L 62 6.55 24.58 -2.92
CA ARG L 62 7.34 23.34 -2.95
C ARG L 62 7.64 22.89 -4.39
N GLY L 63 6.63 22.94 -5.27
CA GLY L 63 6.80 22.47 -6.62
C GLY L 63 7.68 23.36 -7.47
N LEU L 64 7.64 24.67 -7.24
CA LEU L 64 8.57 25.53 -7.95
C LEU L 64 9.95 25.50 -7.31
N LEU L 65 10.00 25.25 -6.01
CA LEU L 65 11.25 25.22 -5.27
C LEU L 65 12.07 24.01 -5.65
N ARG L 66 11.42 22.93 -6.09
CA ARG L 66 12.18 21.80 -6.57
C ARG L 66 13.07 22.16 -7.75
N ASN L 67 12.59 23.06 -8.61
CA ASN L 67 13.29 23.37 -9.86
C ASN L 67 14.23 24.56 -9.76
N MET L 68 14.12 25.39 -8.73
CA MET L 68 14.99 26.55 -8.63
C MET L 68 16.43 26.10 -8.38
N THR L 69 17.36 26.96 -8.77
CA THR L 69 18.79 26.66 -8.63
C THR L 69 19.27 27.14 -7.27
N LEU L 70 19.63 26.20 -6.40
CA LEU L 70 20.15 26.54 -5.09
C LEU L 70 21.46 27.30 -5.20
N THR L 71 21.67 28.21 -4.26
CA THR L 71 22.82 29.09 -4.34
C THR L 71 23.13 29.67 -2.98
N LEU L 72 24.39 29.63 -2.58
CA LEU L 72 24.81 30.32 -1.38
C LEU L 72 25.17 31.75 -1.68
N MET L 73 24.96 32.64 -0.71
CA MET L 73 25.61 33.93 -0.80
C MET L 73 27.10 33.75 -0.54
N ARG L 74 27.91 34.55 -1.21
CA ARG L 74 29.34 34.35 -1.06
C ARG L 74 30.02 35.54 -0.38
N ARG L 75 29.90 36.74 -0.93
CA ARG L 75 30.62 37.89 -0.39
C ARG L 75 29.89 39.17 -0.76
N VAL L 76 29.38 39.88 0.24
CA VAL L 76 28.80 41.19 -0.01
C VAL L 76 29.88 42.17 -0.44
N GLU L 77 29.58 42.96 -1.45
CA GLU L 77 30.52 43.93 -1.99
C GLU L 77 30.12 45.36 -1.70
N GLY L 78 29.03 45.59 -0.96
CA GLY L 78 28.51 46.93 -0.85
C GLY L 78 27.58 47.23 -2.00
N ASN L 79 28.15 47.39 -3.19
CA ASN L 79 27.30 47.67 -4.34
C ASN L 79 26.93 46.42 -5.13
N GLN L 80 27.43 45.25 -4.74
CA GLN L 80 27.20 44.01 -5.46
C GLN L 80 27.14 42.86 -4.46
N ILE L 81 26.72 41.70 -4.95
CA ILE L 81 26.66 40.47 -4.15
C ILE L 81 27.03 39.29 -5.02
N LEU L 82 27.98 38.47 -4.57
CA LEU L 82 28.32 37.22 -5.23
C LEU L 82 27.46 36.08 -4.72
N LEU L 83 27.26 35.06 -5.56
CA LEU L 83 26.36 33.95 -5.20
C LEU L 83 26.88 32.68 -5.86
N HIS L 84 27.61 31.88 -5.10
CA HIS L 84 28.21 30.69 -5.71
C HIS L 84 27.17 29.61 -5.88
N VAL L 85 27.22 28.94 -7.03
CA VAL L 85 26.34 27.81 -7.31
C VAL L 85 27.05 26.55 -6.84
N PRO L 86 26.49 25.83 -5.87
CA PRO L 86 27.20 24.67 -5.34
C PRO L 86 27.31 23.56 -6.37
N THR L 87 28.41 22.82 -6.30
CA THR L 87 28.64 21.65 -7.14
C THR L 87 28.38 20.39 -6.33
N HIS L 88 27.85 19.37 -6.98
CA HIS L 88 27.64 18.11 -6.29
C HIS L 88 28.97 17.50 -5.87
N GLY L 89 29.05 17.09 -4.60
CA GLY L 89 30.19 16.36 -4.12
C GLY L 89 31.32 17.19 -3.52
N LEU L 90 31.10 18.47 -3.27
CA LEU L 90 32.06 19.33 -2.57
C LEU L 90 31.37 19.94 -1.38
N LEU L 91 32.07 20.05 -0.25
CA LEU L 91 31.43 20.54 0.97
C LEU L 91 31.33 22.06 1.00
N TYR L 92 30.15 22.55 1.35
CA TYR L 92 29.85 23.98 1.46
C TYR L 92 29.28 24.25 2.84
N THR L 93 29.70 25.33 3.47
CA THR L 93 29.08 25.72 4.73
C THR L 93 27.75 26.40 4.47
N VAL L 94 26.80 26.16 5.37
CA VAL L 94 25.48 26.78 5.29
C VAL L 94 25.08 27.30 6.66
N LEU L 95 24.41 28.43 6.66
CA LEU L 95 23.83 29.02 7.85
C LEU L 95 22.52 28.31 8.18
N ASN L 96 22.23 28.21 9.47
CA ASN L 96 21.10 27.43 9.97
C ASN L 96 19.84 28.31 10.02
N THR L 97 19.21 28.49 8.86
CA THR L 97 17.93 29.19 8.81
C THR L 97 16.81 28.33 9.36
N GLY L 98 16.93 27.02 9.29
CA GLY L 98 15.88 26.12 9.75
C GLY L 98 15.66 26.25 11.24
N PRO L 99 14.45 25.90 11.68
CA PRO L 99 14.14 26.03 13.11
C PRO L 99 14.88 25.03 13.98
N VAL L 100 15.19 23.87 13.46
CA VAL L 100 15.63 22.73 14.24
C VAL L 100 17.15 22.63 14.18
N THR L 101 17.77 22.25 15.30
CA THR L 101 19.22 22.07 15.32
C THR L 101 19.62 20.77 14.64
N TRP L 102 20.76 20.83 13.97
CA TRP L 102 21.25 19.76 13.11
C TRP L 102 22.36 19.03 13.84
N GLU L 103 22.20 17.72 14.00
CA GLU L 103 23.36 16.96 14.44
C GLU L 103 24.15 16.47 13.23
N LYS L 104 25.41 16.13 13.48
CA LYS L 104 26.31 15.68 12.44
C LYS L 104 25.81 14.39 11.81
N GLY L 105 25.92 14.31 10.49
CA GLY L 105 25.41 13.19 9.73
C GLY L 105 23.97 13.34 9.25
N ASP L 106 23.28 14.40 9.65
CA ASP L 106 21.90 14.56 9.22
C ASP L 106 21.82 14.79 7.72
N ALA L 107 20.74 14.32 7.11
CA ALA L 107 20.46 14.56 5.71
C ALA L 107 19.46 15.71 5.62
N LEU L 108 19.95 16.90 5.27
CA LEU L 108 19.09 18.07 5.19
C LEU L 108 18.36 18.14 3.85
N CYS L 109 17.28 18.91 3.85
CA CYS L 109 16.57 19.22 2.62
C CYS L 109 15.88 20.57 2.77
N VAL L 110 15.61 21.20 1.63
CA VAL L 110 15.06 22.54 1.55
C VAL L 110 13.55 22.47 1.46
N LEU L 111 12.87 23.37 2.17
CA LEU L 111 11.41 23.44 2.20
C LEU L 111 10.98 24.89 2.22
N PRO L 112 9.77 25.20 1.77
CA PRO L 112 9.27 26.57 1.88
C PRO L 112 9.25 27.01 3.32
N PRO L 113 9.34 28.31 3.59
CA PRO L 113 9.22 28.78 4.96
C PRO L 113 7.81 28.58 5.49
N LEU L 114 7.71 28.21 6.76
CA LEU L 114 6.47 27.76 7.35
C LEU L 114 6.22 28.48 8.68
N PHE L 115 6.47 29.78 8.67
CA PHE L 115 6.28 30.58 9.88
C PHE L 115 4.84 30.52 10.33
N HIS L 116 4.63 30.39 11.63
CA HIS L 116 3.28 30.30 12.18
C HIS L 116 2.87 31.65 12.76
N GLY L 117 1.70 31.71 13.41
CA GLY L 117 0.99 32.94 13.63
C GLY L 117 1.68 33.95 14.54
N PRO L 118 1.83 33.61 15.82
CA PRO L 118 2.52 34.51 16.74
C PRO L 118 3.94 34.81 16.28
N LEU L 119 4.34 36.07 16.42
CA LEU L 119 5.59 36.54 15.86
C LEU L 119 6.80 36.06 16.65
N ALA L 120 7.87 35.75 15.94
CA ALA L 120 9.18 35.49 16.51
C ALA L 120 10.16 36.16 15.54
N ARG L 121 11.46 35.86 15.66
CA ARG L 121 12.41 36.51 14.76
C ARG L 121 12.12 36.11 13.32
N GLU L 122 11.63 37.06 12.54
CA GLU L 122 11.35 36.83 11.14
C GLU L 122 11.83 37.96 10.25
N ASN L 123 11.58 39.20 10.68
CA ASN L 123 11.76 40.34 9.77
C ASN L 123 13.23 40.75 9.72
N LEU L 124 13.79 40.82 8.51
CA LEU L 124 15.16 41.30 8.40
C LEU L 124 15.39 42.40 7.37
N LEU L 125 14.90 42.22 6.14
CA LEU L 125 15.39 42.98 5.00
C LEU L 125 14.23 43.54 4.17
N THR L 126 13.30 44.21 4.82
CA THR L 126 12.35 45.03 4.08
C THR L 126 13.11 45.98 3.17
N LEU L 127 12.72 46.00 1.90
CA LEU L 127 13.40 46.87 0.95
C LEU L 127 12.48 47.23 -0.21
N GLY L 128 11.94 48.43 -0.21
CA GLY L 128 11.06 48.88 -1.28
C GLY L 128 9.83 48.02 -1.48
N GLN L 129 9.13 47.67 -0.41
CA GLN L 129 7.99 46.77 -0.47
C GLN L 129 8.41 45.41 -1.02
N TRP L 130 9.48 44.87 -0.44
CA TRP L 130 10.08 43.64 -0.90
C TRP L 130 10.92 43.07 0.24
N GLU L 131 10.93 41.74 0.36
CA GLU L 131 11.67 41.14 1.46
C GLU L 131 12.30 39.85 0.98
N LEU L 132 13.39 39.47 1.65
CA LEU L 132 14.22 38.36 1.21
C LEU L 132 13.82 37.13 2.01
N VAL L 133 12.73 36.48 1.61
CA VAL L 133 12.32 35.26 2.28
C VAL L 133 13.30 34.16 1.90
N LEU L 134 13.58 33.29 2.86
CA LEU L 134 14.57 32.26 2.67
C LEU L 134 13.97 30.92 3.01
N PRO L 135 14.28 29.88 2.25
CA PRO L 135 13.70 28.57 2.50
C PRO L 135 14.26 27.94 3.77
N TRP L 136 13.39 27.21 4.47
CA TRP L 136 13.83 26.43 5.62
C TRP L 136 14.76 25.31 5.17
N ILE L 137 15.81 25.09 5.94
CA ILE L 137 16.68 23.93 5.79
C ILE L 137 16.41 23.03 6.98
N VAL L 138 15.96 21.81 6.71
CA VAL L 138 15.43 21.00 7.79
C VAL L 138 15.89 19.56 7.62
N PRO L 139 16.11 18.81 8.71
CA PRO L 139 16.42 17.38 8.56
C PRO L 139 15.39 16.64 7.74
N MET L 140 15.83 15.58 7.09
CA MET L 140 14.94 14.80 6.23
C MET L 140 13.70 14.28 6.96
N PRO L 141 13.81 13.64 8.13
CA PRO L 141 12.58 13.12 8.77
C PRO L 141 11.58 14.19 9.11
N LEU L 142 12.03 15.36 9.56
CA LEU L 142 11.08 16.41 9.89
C LEU L 142 10.36 16.88 8.64
N ALA L 143 11.04 16.88 7.49
CA ALA L 143 10.34 17.15 6.26
C ALA L 143 9.34 16.06 5.93
N LEU L 144 9.70 14.79 6.16
CA LEU L 144 8.74 13.73 5.86
C LEU L 144 7.50 13.86 6.72
N GLU L 145 7.65 14.40 7.92
CA GLU L 145 6.54 14.53 8.85
C GLU L 145 5.69 15.76 8.56
N ILE L 146 6.34 16.92 8.35
CA ILE L 146 5.60 18.12 7.98
C ILE L 146 4.84 17.87 6.69
N ASN L 147 5.47 17.17 5.75
CA ASN L 147 4.83 16.93 4.46
C ASN L 147 3.53 16.17 4.62
N GLN L 148 3.40 15.34 5.66
CA GLN L 148 2.16 14.61 5.87
C GLN L 148 1.17 15.37 6.73
N ARG L 149 1.67 16.15 7.69
CA ARG L 149 0.75 16.92 8.53
C ARG L 149 -0.16 17.78 7.67
N LEU L 150 0.41 18.41 6.64
CA LEU L 150 -0.38 19.27 5.78
C LEU L 150 -1.35 18.48 4.95
N LEU L 151 -0.94 17.31 4.47
CA LEU L 151 -1.85 16.51 3.67
C LEU L 151 -3.04 16.03 4.48
N ILE L 152 -2.84 15.76 5.77
CA ILE L 152 -3.96 15.32 6.59
C ILE L 152 -4.85 16.49 6.97
N MET L 153 -4.27 17.65 7.28
CA MET L 153 -5.12 18.82 7.51
C MET L 153 -5.89 19.19 6.25
N GLY L 154 -5.34 18.85 5.08
CA GLY L 154 -6.10 19.06 3.86
C GLY L 154 -7.28 18.12 3.74
N LEU L 155 -7.10 16.85 4.10
CA LEU L 155 -8.22 15.92 4.07
C LEU L 155 -9.27 16.28 5.11
N PHE L 156 -8.88 16.95 6.18
CA PHE L 156 -9.83 17.42 7.18
C PHE L 156 -10.41 18.78 6.87
N SER L 157 -9.85 19.50 5.89
CA SER L 157 -10.37 20.81 5.53
C SER L 157 -11.84 20.77 5.20
N LEU L 158 -12.36 19.63 4.80
CA LEU L 158 -13.78 19.58 4.51
C LEU L 158 -14.61 19.39 5.76
N ASP L 159 -13.99 19.04 6.89
CA ASP L 159 -14.74 18.64 8.09
C ASP L 159 -14.28 19.45 9.31
N ARG L 160 -14.79 20.68 9.41
CA ARG L 160 -14.49 21.54 10.54
C ARG L 160 -15.71 21.75 11.43
N SER L 161 -16.83 21.12 11.07
CA SER L 161 -18.02 21.14 11.92
C SER L 161 -17.84 20.25 13.14
N TYR L 162 -17.05 19.19 13.01
CA TYR L 162 -16.92 18.20 14.06
C TYR L 162 -15.88 18.63 15.09
N GLU L 163 -16.21 18.38 16.36
CA GLU L 163 -15.30 18.75 17.44
C GLU L 163 -14.11 17.82 17.50
N GLU L 164 -14.30 16.57 17.12
CA GLU L 164 -13.22 15.58 17.15
C GLU L 164 -12.17 15.92 16.11
N VAL L 165 -12.60 16.21 14.88
CA VAL L 165 -11.66 16.69 13.88
C VAL L 165 -11.11 18.04 14.27
N LYS L 166 -11.95 18.89 14.88
CA LYS L 166 -11.50 20.19 15.33
C LYS L 166 -10.36 20.08 16.33
N ALA L 167 -10.35 19.01 17.12
CA ALA L 167 -9.27 18.80 18.08
C ALA L 167 -8.09 18.11 17.44
N ALA L 168 -8.32 17.11 16.60
CA ALA L 168 -7.22 16.37 15.97
C ALA L 168 -6.40 17.27 15.07
N VAL L 169 -7.04 18.21 14.38
CA VAL L 169 -6.32 19.19 13.59
C VAL L 169 -5.36 19.97 14.47
N GLN L 170 -5.79 20.35 15.67
CA GLN L 170 -4.92 21.07 16.56
C GLN L 170 -3.73 20.22 16.97
N GLN L 171 -3.92 18.92 17.10
CA GLN L 171 -2.83 18.03 17.48
C GLN L 171 -1.82 17.88 16.35
N LEU L 172 -2.31 17.74 15.12
CA LEU L 172 -1.39 17.72 13.97
C LEU L 172 -0.69 19.06 13.83
N GLN L 173 -1.32 20.13 14.30
CA GLN L 173 -0.81 21.47 14.06
C GLN L 173 0.52 21.71 14.74
N THR L 174 0.74 21.10 15.91
CA THR L 174 1.91 21.38 16.73
C THR L 174 2.79 20.14 16.73
N ILE L 175 3.80 20.13 15.88
CA ILE L 175 4.74 19.03 15.91
C ILE L 175 5.54 19.09 17.21
N THR L 176 5.97 17.92 17.67
CA THR L 176 6.78 17.79 18.88
C THR L 176 8.06 17.08 18.47
N PHE L 177 9.14 17.83 18.31
CA PHE L 177 10.35 17.29 17.68
C PHE L 177 11.43 17.24 18.73
N ARG L 178 12.51 16.53 18.43
CA ARG L 178 13.60 16.54 19.38
C ARG L 178 14.29 17.89 19.27
N ASP L 179 13.60 18.93 19.73
CA ASP L 179 14.12 20.27 19.94
C ASP L 179 12.95 21.15 20.30
N ALA L 180 13.18 22.44 20.49
CA ALA L 180 12.07 23.36 20.70
C ALA L 180 11.03 23.15 19.61
N THR L 181 9.76 23.22 20.01
CA THR L 181 8.68 22.81 19.13
C THR L 181 8.21 23.98 18.28
N PHE L 182 7.71 23.66 17.08
CA PHE L 182 7.29 24.68 16.12
C PHE L 182 5.97 24.27 15.51
N THR L 183 4.89 24.94 15.90
CA THR L 183 3.59 24.64 15.34
C THR L 183 3.54 24.97 13.84
N ILE L 184 2.72 24.21 13.13
CA ILE L 184 2.63 24.29 11.67
C ILE L 184 1.37 25.08 11.31
N PRO L 185 1.46 26.10 10.47
CA PRO L 185 0.27 26.88 10.11
C PRO L 185 -0.78 26.02 9.41
N ASP L 186 -2.03 26.30 9.74
CA ASP L 186 -3.14 25.58 9.15
C ASP L 186 -3.34 26.00 7.70
N PRO L 187 -3.33 25.07 6.74
CA PRO L 187 -3.65 25.46 5.36
C PRO L 187 -5.06 25.98 5.17
N VAL L 188 -6.03 25.43 5.89
CA VAL L 188 -7.40 25.89 5.79
C VAL L 188 -7.50 27.32 6.29
N ILE L 189 -8.31 28.13 5.60
CA ILE L 189 -8.50 29.53 5.96
C ILE L 189 -9.81 29.97 5.35
N ASP L 190 -10.49 30.90 6.02
CA ASP L 190 -11.75 31.46 5.51
C ASP L 190 -12.76 30.36 5.21
N GLN L 191 -12.75 29.30 6.02
CA GLN L 191 -13.61 28.14 5.85
C GLN L 191 -13.34 27.36 4.56
N HIS L 192 -12.36 27.77 3.77
CA HIS L 192 -12.22 27.15 2.46
C HIS L 192 -10.76 26.86 2.13
N LEU L 193 -10.53 25.67 1.59
CA LEU L 193 -9.19 25.18 1.33
C LEU L 193 -8.58 25.87 0.12
N LEU L 194 -7.26 26.04 0.17
CA LEU L 194 -6.56 26.64 -0.96
C LEU L 194 -6.46 25.64 -2.11
N ILE L 195 -6.24 26.19 -3.31
CA ILE L 195 -6.38 25.40 -4.53
C ILE L 195 -5.31 24.34 -4.65
N ASP L 196 -4.10 24.60 -4.15
CA ASP L 196 -3.01 23.65 -4.31
C ASP L 196 -3.27 22.39 -3.49
N MET L 197 -3.55 22.56 -2.20
CA MET L 197 -3.86 21.41 -1.37
C MET L 197 -5.10 20.68 -1.86
N LYS L 198 -6.06 21.41 -2.43
CA LYS L 198 -7.23 20.73 -2.96
C LYS L 198 -6.85 19.85 -4.13
N THR L 199 -6.03 20.36 -5.05
CA THR L 199 -5.60 19.54 -6.17
C THR L 199 -4.74 18.36 -5.71
N ALA L 200 -3.94 18.55 -4.67
CA ALA L 200 -3.11 17.45 -4.20
C ALA L 200 -3.94 16.39 -3.49
N CYS L 201 -4.93 16.82 -2.69
CA CYS L 201 -5.83 15.88 -2.06
C CYS L 201 -6.65 15.13 -3.09
N LEU L 202 -7.01 15.79 -4.20
CA LEU L 202 -7.63 15.05 -5.29
C LEU L 202 -6.67 14.06 -5.90
N SER L 203 -5.41 14.44 -6.05
CA SER L 203 -4.44 13.49 -6.57
C SER L 203 -4.32 12.28 -5.68
N MET L 204 -4.49 12.46 -4.37
CA MET L 204 -4.40 11.30 -3.49
C MET L 204 -5.69 10.49 -3.50
N SER L 205 -6.84 11.14 -3.47
CA SER L 205 -8.10 10.42 -3.34
C SER L 205 -8.49 9.74 -4.64
N MET L 206 -8.11 10.31 -5.79
CA MET L 206 -8.28 9.60 -7.05
C MET L 206 -7.45 8.33 -7.07
N VAL L 207 -6.19 8.41 -6.64
CA VAL L 207 -5.40 7.18 -6.59
C VAL L 207 -5.97 6.20 -5.57
N ALA L 208 -6.62 6.71 -4.52
CA ALA L 208 -7.17 5.82 -3.50
C ALA L 208 -8.46 5.16 -3.94
N ASN L 209 -9.19 5.78 -4.88
CA ASN L 209 -10.52 5.31 -5.23
C ASN L 209 -10.54 4.68 -6.62
N LEU L 210 -9.92 5.32 -7.60
CA LEU L 210 -9.84 4.78 -8.95
C LEU L 210 -9.15 3.43 -8.99
N ALA L 211 -8.21 3.18 -8.09
CA ALA L 211 -7.50 1.90 -8.10
C ALA L 211 -8.36 0.77 -7.56
N SER L 212 -9.23 1.07 -6.59
CA SER L 212 -10.02 0.02 -5.96
C SER L 212 -11.00 -0.61 -6.93
N GLU L 213 -11.66 0.20 -7.75
CA GLU L 213 -12.58 -0.35 -8.72
C GLU L 213 -11.90 -0.94 -9.93
N LEU L 214 -10.65 -0.55 -10.18
CA LEU L 214 -9.97 -0.94 -11.40
C LEU L 214 -9.16 -2.21 -11.26
N THR L 215 -8.44 -2.38 -10.16
CA THR L 215 -7.42 -3.42 -10.10
C THR L 215 -8.00 -4.83 -10.10
N MET L 216 -9.29 -5.00 -9.82
CA MET L 216 -9.81 -6.37 -9.76
C MET L 216 -9.87 -6.99 -11.16
N THR L 217 -10.15 -6.18 -12.19
CA THR L 217 -10.23 -6.74 -13.53
C THR L 217 -8.90 -7.31 -13.97
N TYR L 218 -7.81 -6.85 -13.37
CA TYR L 218 -6.48 -7.34 -13.73
C TYR L 218 -5.99 -8.41 -12.76
N VAL L 219 -6.24 -8.24 -11.46
CA VAL L 219 -5.75 -9.20 -10.49
C VAL L 219 -6.44 -10.55 -10.67
N ARG L 220 -7.72 -10.55 -11.02
CA ARG L 220 -8.41 -11.82 -11.25
C ARG L 220 -7.74 -12.60 -12.36
N LYS L 221 -7.17 -11.91 -13.34
CA LYS L 221 -6.53 -12.59 -14.45
C LYS L 221 -5.09 -12.97 -14.13
N LEU L 222 -4.39 -12.16 -13.34
CA LEU L 222 -3.00 -12.48 -13.02
C LEU L 222 -2.91 -13.61 -12.01
N ALA L 223 -3.88 -13.69 -11.09
CA ALA L 223 -3.79 -14.70 -10.04
C ALA L 223 -3.84 -16.11 -10.60
N LEU L 224 -4.29 -16.26 -11.85
CA LEU L 224 -4.35 -17.58 -12.47
C LEU L 224 -2.98 -18.20 -12.63
N GLU L 225 -1.96 -17.39 -12.92
CA GLU L 225 -0.67 -17.93 -13.35
C GLU L 225 0.05 -18.63 -12.21
N ASP L 226 0.17 -17.95 -11.07
CA ASP L 226 0.71 -18.42 -9.78
C ASP L 226 2.24 -18.37 -9.67
N SER L 227 2.95 -17.80 -10.64
CA SER L 227 4.42 -17.80 -10.55
C SER L 227 4.86 -17.03 -9.32
N SER L 228 4.23 -15.88 -9.08
CA SER L 228 4.60 -15.05 -7.94
C SER L 228 4.11 -15.63 -6.62
N MET L 229 2.90 -16.18 -6.61
CA MET L 229 2.25 -16.93 -5.52
C MET L 229 1.64 -16.06 -4.42
N LEU L 230 1.50 -14.74 -4.61
CA LEU L 230 0.87 -13.88 -3.62
C LEU L 230 -0.36 -13.12 -4.11
N LEU L 231 -0.64 -13.14 -5.41
CA LEU L 231 -1.77 -12.38 -5.93
C LEU L 231 -3.10 -13.01 -5.53
N VAL L 232 -3.11 -14.31 -5.23
CA VAL L 232 -4.30 -14.91 -4.64
C VAL L 232 -4.52 -14.35 -3.25
N LYS L 233 -3.43 -14.23 -2.47
CA LYS L 233 -3.55 -13.59 -1.17
C LYS L 233 -3.93 -12.13 -1.33
N CYS L 234 -3.53 -11.51 -2.44
CA CYS L 234 -3.84 -10.10 -2.69
C CYS L 234 -5.30 -9.90 -3.09
N GLN L 235 -5.92 -10.91 -3.69
CA GLN L 235 -7.34 -10.80 -4.00
C GLN L 235 -8.17 -10.61 -2.74
N GLU L 236 -7.76 -11.25 -1.64
CA GLU L 236 -8.43 -10.99 -0.36
C GLU L 236 -8.04 -9.63 0.20
N LEU L 237 -6.82 -9.17 -0.10
CA LEU L 237 -6.39 -7.83 0.34
C LEU L 237 -7.22 -6.75 -0.32
N LEU L 238 -7.72 -7.01 -1.52
CA LEU L 238 -8.58 -6.05 -2.19
C LEU L 238 -9.86 -5.76 -1.42
N MET L 239 -10.34 -6.68 -0.59
CA MET L 239 -11.67 -6.53 -0.02
C MET L 239 -11.77 -5.28 0.83
N ARG L 240 -10.67 -4.87 1.47
CA ARG L 240 -10.63 -3.70 2.34
C ARG L 240 -11.55 -3.87 3.55
N LEU L 241 -11.80 -5.11 3.95
CA LEU L 241 -12.52 -5.35 5.19
C LEU L 241 -11.59 -5.24 6.38
N ASP L 242 -12.12 -4.74 7.48
CA ASP L 242 -11.31 -4.63 8.68
C ASP L 242 -11.61 -5.78 9.62
N ARG L 243 -12.88 -5.99 9.93
CA ARG L 243 -13.26 -7.16 10.70
C ARG L 243 -13.27 -8.41 9.83
N GLU L 244 -13.19 -9.57 10.48
CA GLU L 244 -13.34 -10.82 9.76
C GLU L 244 -14.72 -10.91 9.13
N ARG L 245 -14.79 -11.53 7.96
CA ARG L 245 -15.99 -11.45 7.15
C ARG L 245 -17.18 -12.04 7.88
N SER L 246 -18.33 -11.39 7.73
CA SER L 246 -19.57 -11.86 8.31
C SER L 246 -20.06 -13.09 7.55
N VAL L 247 -21.15 -13.67 8.02
CA VAL L 247 -21.79 -14.70 7.22
C VAL L 247 -22.75 -13.99 6.28
N GLY L 248 -22.20 -13.37 5.25
CA GLY L 248 -22.98 -12.65 4.28
C GLY L 248 -22.40 -12.69 2.89
N GLU L 249 -22.26 -11.50 2.32
CA GLU L 249 -21.91 -11.37 0.90
C GLU L 249 -20.49 -11.73 0.53
N PRO L 250 -19.45 -11.29 1.23
CA PRO L 250 -18.13 -11.23 0.61
C PRO L 250 -17.50 -12.60 0.49
N ARG L 251 -17.16 -12.97 -0.74
CA ARG L 251 -16.27 -14.11 -0.96
C ARG L 251 -15.21 -13.71 -1.98
N THR L 252 -15.51 -12.68 -2.77
CA THR L 252 -14.64 -12.15 -3.82
C THR L 252 -14.79 -10.64 -3.81
N PRO L 253 -13.75 -9.90 -4.19
CA PRO L 253 -13.87 -8.44 -4.26
C PRO L 253 -14.84 -7.99 -5.33
N ALA L 254 -15.40 -6.80 -5.13
CA ALA L 254 -16.31 -6.23 -6.13
C ALA L 254 -15.54 -5.77 -7.36
N ARG L 255 -16.08 -6.07 -8.53
CA ARG L 255 -15.41 -5.76 -9.79
C ARG L 255 -16.39 -5.03 -10.67
N PRO L 256 -15.91 -4.15 -11.54
CA PRO L 256 -16.82 -3.38 -12.40
C PRO L 256 -17.47 -4.28 -13.42
N GLN L 257 -18.69 -3.93 -13.81
CA GLN L 257 -19.50 -4.76 -14.68
C GLN L 257 -19.58 -4.15 -16.06
N HIS L 258 -19.25 -4.95 -17.07
CA HIS L 258 -19.72 -4.74 -18.43
C HIS L 258 -19.03 -3.57 -19.10
N VAL L 259 -18.06 -2.97 -18.40
CA VAL L 259 -17.59 -1.59 -18.67
C VAL L 259 -17.30 -1.37 -20.15
N SER L 260 -17.76 -0.25 -20.68
CA SER L 260 -17.74 -0.07 -22.12
C SER L 260 -16.29 -0.07 -22.61
N PRO L 261 -16.03 -0.68 -23.78
CA PRO L 261 -14.66 -1.13 -24.11
C PRO L 261 -13.61 -0.06 -24.01
N ASP L 262 -13.96 1.19 -24.29
CA ASP L 262 -12.95 2.22 -24.43
C ASP L 262 -12.76 3.04 -23.16
N ASP L 263 -13.81 3.21 -22.37
CA ASP L 263 -13.69 4.06 -21.21
C ASP L 263 -12.70 3.47 -20.21
N GLU L 264 -12.50 2.15 -20.26
CA GLU L 264 -11.56 1.51 -19.36
C GLU L 264 -10.15 2.01 -19.59
N ILE L 265 -9.82 2.40 -20.83
CA ILE L 265 -8.54 3.02 -21.10
C ILE L 265 -8.47 4.40 -20.45
N ALA L 266 -9.58 5.14 -20.48
CA ALA L 266 -9.54 6.52 -19.97
C ALA L 266 -9.45 6.53 -18.45
N ARG L 267 -10.16 5.63 -17.77
CA ARG L 267 -9.99 5.51 -16.33
C ARG L 267 -8.59 5.05 -15.99
N LEU L 268 -8.04 4.11 -16.77
CA LEU L 268 -6.69 3.65 -16.50
C LEU L 268 -5.70 4.81 -16.60
N SER L 269 -5.80 5.58 -17.68
CA SER L 269 -4.83 6.64 -17.87
C SER L 269 -5.04 7.77 -16.88
N ALA L 270 -6.28 8.02 -16.46
CA ALA L 270 -6.53 9.00 -15.42
C ALA L 270 -6.02 8.56 -14.06
N LEU L 271 -5.88 7.25 -13.84
CA LEU L 271 -5.20 6.82 -12.63
C LEU L 271 -3.73 7.26 -12.67
N PHE L 272 -3.10 7.16 -13.83
CA PHE L 272 -1.71 7.53 -13.97
C PHE L 272 -1.52 9.04 -14.07
N VAL L 273 -2.56 9.78 -14.45
CA VAL L 273 -2.38 11.23 -14.48
C VAL L 273 -2.31 11.79 -13.07
N MET L 274 -2.93 11.13 -12.10
CA MET L 274 -2.97 11.67 -10.75
C MET L 274 -1.67 11.41 -10.00
N LEU L 275 -0.98 10.31 -10.29
CA LEU L 275 0.34 10.11 -9.71
C LEU L 275 1.30 11.21 -10.14
N ARG L 276 1.13 11.75 -11.33
CA ARG L 276 2.03 12.82 -11.76
C ARG L 276 1.77 14.09 -10.98
N GLN L 277 0.51 14.37 -10.65
CA GLN L 277 0.23 15.50 -9.78
C GLN L 277 0.78 15.27 -8.38
N LEU L 278 0.78 14.02 -7.94
CA LEU L 278 1.26 13.68 -6.61
C LEU L 278 2.78 13.58 -6.52
N ASP L 279 3.47 13.49 -7.65
CA ASP L 279 4.88 13.15 -7.61
C ASP L 279 5.73 14.19 -6.90
N ASP L 280 5.32 15.45 -6.93
CA ASP L 280 6.12 16.48 -6.27
C ASP L 280 6.17 16.26 -4.77
N LEU L 281 5.14 15.67 -4.21
CA LEU L 281 5.09 15.39 -2.78
C LEU L 281 5.49 13.97 -2.45
N ILE L 282 5.48 13.06 -3.42
CA ILE L 282 5.78 11.66 -3.12
C ILE L 282 7.19 11.49 -2.59
N ARG L 283 8.18 12.11 -3.24
CA ARG L 283 9.58 11.81 -2.93
C ARG L 283 10.34 13.11 -2.69
N GLU L 284 10.56 13.41 -1.41
CA GLU L 284 11.50 14.44 -1.00
C GLU L 284 12.90 14.02 -1.40
N GLN L 285 13.76 15.01 -1.62
CA GLN L 285 15.12 14.72 -2.01
C GLN L 285 16.09 15.52 -1.16
N VAL L 286 17.13 14.83 -0.71
CA VAL L 286 18.20 15.46 0.06
C VAL L 286 18.95 16.44 -0.83
N VAL L 287 19.42 17.53 -0.23
CA VAL L 287 20.21 18.51 -0.98
C VAL L 287 21.53 18.78 -0.27
N PHE L 288 21.65 18.36 0.98
CA PHE L 288 22.88 18.51 1.73
C PHE L 288 23.01 17.34 2.69
N THR L 289 24.25 17.03 3.05
CA THR L 289 24.49 16.01 4.07
C THR L 289 25.56 16.58 5.00
N VAL L 290 25.14 17.02 6.18
CA VAL L 290 26.04 17.78 7.04
C VAL L 290 27.06 16.84 7.66
N CYS L 291 28.33 17.22 7.61
CA CYS L 291 29.34 16.36 8.21
C CYS L 291 29.64 16.81 9.62
N ASP L 292 30.20 18.00 9.79
CA ASP L 292 30.33 18.58 11.14
C ASP L 292 29.45 19.81 11.28
N VAL L 293 29.09 20.12 12.51
CA VAL L 293 28.28 21.29 12.84
C VAL L 293 29.10 22.23 13.70
N SER L 294 28.91 23.52 13.52
CA SER L 294 29.56 24.50 14.38
C SER L 294 28.93 24.45 15.77
N PRO L 295 29.66 24.85 16.81
CA PRO L 295 29.00 25.06 18.10
C PRO L 295 27.88 26.08 17.97
N ASP L 296 26.89 25.95 18.84
CA ASP L 296 25.62 26.68 18.77
C ASP L 296 24.80 26.26 17.57
N ASN L 297 25.19 25.20 16.86
CA ASN L 297 24.43 24.64 15.74
C ASN L 297 23.98 25.72 14.78
N LYS L 298 24.90 26.65 14.48
CA LYS L 298 24.57 27.85 13.74
C LYS L 298 25.12 27.74 12.33
N SER L 299 26.40 27.47 12.16
CA SER L 299 26.91 27.03 10.87
C SER L 299 26.96 25.51 10.82
N ALA L 300 26.87 24.96 9.62
CA ALA L 300 27.19 23.57 9.40
C ALA L 300 27.96 23.46 8.10
N THR L 301 28.65 22.36 7.90
CA THR L 301 29.44 22.16 6.69
C THR L 301 28.97 20.90 5.99
N CYS L 302 28.12 21.06 4.98
CA CYS L 302 27.42 19.93 4.41
C CYS L 302 28.01 19.61 3.05
N ILE L 303 28.22 18.33 2.77
CA ILE L 303 28.52 17.94 1.41
C ILE L 303 27.25 18.03 0.58
N PHE L 304 27.35 18.69 -0.57
CA PHE L 304 26.16 19.03 -1.35
C PHE L 304 25.67 17.80 -2.12
N LYS L 305 24.35 17.71 -2.27
CA LYS L 305 23.72 16.59 -2.97
C LYS L 305 22.68 17.13 -3.93
N GLY L 306 22.70 16.62 -5.16
CA GLY L 306 21.88 17.15 -6.22
C GLY L 306 22.67 17.79 -7.33
#